data_4KTR
#
_entry.id   4KTR
#
_cell.length_a   109.003
_cell.length_b   263.213
_cell.length_c   138.793
_cell.angle_alpha   90.00
_cell.angle_beta   105.45
_cell.angle_gamma   90.00
#
_symmetry.space_group_name_H-M   'P 1 21 1'
#
loop_
_entity.id
_entity.type
_entity.pdbx_description
1 polymer 'Glycoside hydrolase family 65 central catalytic'
2 non-polymer 5-HYDROXYMETHYL-3,4-DIHYDROXYPIPERIDINE
3 non-polymer 'PENTAETHYLENE GLYCOL'
4 non-polymer GLYCEROL
5 non-polymer 'HEXAETHYLENE GLYCOL'
6 non-polymer 'TRIETHYLENE GLYCOL'
7 non-polymer 'CALCIUM ION'
8 non-polymer 'TETRAETHYLENE GLYCOL'
9 non-polymer 2-(2-(2-(2-(2-(2-ETHOXYETHOXY)ETHOXY)ETHOXY)ETHOXY)ETHOXY)ETHANOL
10 non-polymer 2-{2-[2-(2-{2-[2-(2-ETHOXY-ETHOXY)-ETHOXY]-ETHOXY}-ETHOXY)-ETHOXY]-ETHOXY}-ETHANOL
11 non-polymer 3,6,9,12,15,18,21,24-OCTAOXAHEXACOSAN-1-OL
12 water water
#
_entity_poly.entity_id   1
_entity_poly.type   'polypeptide(L)'
_entity_poly.pdbx_seq_one_letter_code
;MHEIGEHLTTNTGWDIIKNRYEAAQAITEGSNFMIGNGFMGYRGTFAEDGKDAYAACIVTDTWDKADGKWEELSTVPNAL
LTLLHVDGEPFIMSEEAASFERTLDLSQGVTSRKVSQRMKNGATITIHEEKFASYRKKHAVLMKYTVESDQDTDAVLDTG
IDYDVWSINGDHLQGHHYFSHPTGDGVTAKTVSYEDTVTVVETCSLDADASEEDYQNPDGSGRTFSLSLEAGKPVTLEKA
MIIYSSNDVDNPQDEALLEAKHMQSYEEEKAANRLEWDNLWSHYDVTIQNNIIDQVALRFNIYHAIIATPVHKSLPIGAR
GLSCQAYQGAAFWDQEIYNMPMYLYSNPEIARNILKYRHRTLDGARRKAKRLGYEGAYYAWISGKTGDELCPDFFFKDVL
SGRDIRNHFNDWQIHISPDIAYAVKKYHQVTGDDAFIRDYGAEMIFEIARFLASHAVYKPMRGRYEFMRVQGPDQYHENV
DNNAFTNHQAMFTLQAADELLQTLDEKTLSAVKEKIGLSDDEISLWRDMLANTYVPKPDKHGIIEQFDGYYDLETIIPAK
KVTERLIKEDEYYGYPNGVTVRTQCIKQADVIQLFVLHPHLYDRKTVELNYEFYEPRTLHFSSLSPSSYAIVAAQIDKVE
EAYRNFRKSVMIDLLNTNEAVSGGTFIGGIHTAANGASWQMVVNGFGGLSVHGDDIHLSPRLPDAWDGYTFKAIVKGQTL
EVDVTKEQITITNKSEDRKPLTLHIFGEKSVLDSERITKSRLEHHHHHH
;
_entity_poly.pdbx_strand_id   A,B,C,D,E,F,G,H
#
loop_
_chem_comp.id
_chem_comp.type
_chem_comp.name
_chem_comp.formula
1PE non-polymer 'PENTAETHYLENE GLYCOL' 'C10 H22 O6'
7PE non-polymer 2-(2-(2-(2-(2-(2-ETHOXYETHOXY)ETHOXY)ETHOXY)ETHOXY)ETHOXY)ETHANOL 'C14 H30 O7'
CA non-polymer 'CALCIUM ION' 'Ca 2'
GOL non-polymer GLYCEROL 'C3 H8 O3'
IFM non-polymer 5-HYDROXYMETHYL-3,4-DIHYDROXYPIPERIDINE 'C6 H13 N O3'
P6G non-polymer 'HEXAETHYLENE GLYCOL' 'C12 H26 O7'
PE4 non-polymer 2-{2-[2-(2-{2-[2-(2-ETHOXY-ETHOXY)-ETHOXY]-ETHOXY}-ETHOXY)-ETHOXY]-ETHOXY}-ETHANOL 'C16 H34 O8'
PE5 non-polymer 3,6,9,12,15,18,21,24-OCTAOXAHEXACOSAN-1-OL 'C18 H38 O9'
PG4 non-polymer 'TETRAETHYLENE GLYCOL' 'C8 H18 O5'
PGE non-polymer 'TRIETHYLENE GLYCOL' 'C6 H14 O4'
#
# COMPACT_ATOMS: atom_id res chain seq x y z
N MET A 1 9.45 52.25 -26.48
CA MET A 1 8.78 50.98 -26.69
C MET A 1 9.32 49.88 -25.73
N HIS A 2 8.68 49.77 -24.60
CA HIS A 2 8.93 48.73 -23.66
C HIS A 2 9.49 47.34 -24.07
N GLU A 3 8.68 46.49 -24.67
CA GLU A 3 8.78 45.04 -24.38
C GLU A 3 9.81 44.18 -25.15
N ILE A 4 10.82 43.68 -24.41
CA ILE A 4 11.86 42.72 -24.92
C ILE A 4 11.34 41.30 -24.82
N GLY A 5 10.72 40.96 -23.71
CA GLY A 5 10.20 39.62 -23.67
C GLY A 5 9.62 39.31 -22.35
N GLU A 6 10.20 38.29 -21.73
CA GLU A 6 9.76 37.70 -20.48
C GLU A 6 8.88 38.66 -19.67
N HIS A 7 9.56 39.53 -18.96
CA HIS A 7 8.95 40.58 -18.17
C HIS A 7 9.99 41.67 -18.23
N LEU A 8 10.62 41.76 -19.38
CA LEU A 8 11.68 42.64 -19.61
C LEU A 8 11.29 43.79 -20.49
N THR A 9 11.68 44.98 -20.08
CA THR A 9 11.45 46.15 -20.88
C THR A 9 12.69 46.99 -21.04
N THR A 10 12.60 47.94 -21.98
CA THR A 10 13.54 49.05 -22.00
C THR A 10 12.73 50.34 -22.02
N ASN A 11 13.19 51.38 -21.31
CA ASN A 11 12.53 52.70 -21.41
C ASN A 11 13.20 53.66 -22.38
N THR A 12 14.54 53.66 -22.43
CA THR A 12 15.29 54.65 -23.20
C THR A 12 16.16 54.00 -24.27
N GLY A 13 16.17 52.69 -24.33
CA GLY A 13 17.11 52.01 -25.20
C GLY A 13 18.52 51.97 -24.62
N TRP A 14 18.70 52.41 -23.37
CA TRP A 14 20.00 52.24 -22.66
C TRP A 14 19.92 51.36 -21.42
N ASP A 15 18.74 50.85 -21.13
CA ASP A 15 18.48 50.19 -19.88
C ASP A 15 17.71 48.91 -20.08
N ILE A 16 17.99 47.88 -19.26
CA ILE A 16 17.14 46.68 -19.20
C ILE A 16 16.42 46.67 -17.87
N ILE A 17 15.09 46.47 -17.90
CA ILE A 17 14.31 46.52 -16.72
C ILE A 17 13.56 45.23 -16.58
N LYS A 18 13.71 44.62 -15.42
CA LYS A 18 12.87 43.48 -15.11
C LYS A 18 11.90 43.77 -13.96
N ASN A 19 10.62 43.47 -14.14
CA ASN A 19 9.62 43.85 -13.13
C ASN A 19 8.93 42.67 -12.41
N ARG A 20 9.56 41.50 -12.39
CA ARG A 20 9.06 40.36 -11.59
C ARG A 20 10.29 39.76 -10.99
N TYR A 21 10.21 39.35 -9.72
CA TYR A 21 11.35 38.69 -9.13
C TYR A 21 11.16 37.22 -9.43
N GLU A 22 12.14 36.53 -10.02
CA GLU A 22 11.97 35.08 -10.24
C GLU A 22 13.12 34.23 -9.70
N ALA A 23 12.91 33.70 -8.50
CA ALA A 23 13.97 33.01 -7.73
C ALA A 23 14.63 31.98 -8.61
N ALA A 24 13.80 31.26 -9.37
CA ALA A 24 14.25 30.19 -10.27
C ALA A 24 15.16 30.66 -11.40
N GLN A 25 15.25 31.96 -11.68
CA GLN A 25 16.08 32.42 -12.78
C GLN A 25 17.40 32.97 -12.25
N ALA A 26 17.62 32.81 -10.93
CA ALA A 26 18.88 33.23 -10.25
C ALA A 26 20.16 33.20 -11.10
N ILE A 27 20.57 32.05 -11.64
CA ILE A 27 21.79 31.97 -12.48
C ILE A 27 21.75 33.03 -13.63
N THR A 28 20.64 33.12 -14.34
CA THR A 28 20.50 33.97 -15.55
C THR A 28 20.40 35.47 -15.20
N GLU A 29 19.58 35.79 -14.22
CA GLU A 29 19.41 37.17 -13.79
C GLU A 29 20.76 37.66 -13.29
N GLY A 30 21.41 36.89 -12.41
CA GLY A 30 22.74 37.26 -11.91
C GLY A 30 23.81 37.49 -12.97
N SER A 31 23.80 36.71 -14.06
CA SER A 31 24.75 37.02 -15.20
C SER A 31 24.27 38.27 -15.95
N ASN A 32 22.98 38.34 -16.30
CA ASN A 32 22.51 39.33 -17.22
C ASN A 32 22.70 40.73 -16.67
N PHE A 33 22.41 40.87 -15.38
CA PHE A 33 22.49 42.15 -14.71
C PHE A 33 23.81 42.35 -13.90
N MET A 34 24.85 41.59 -14.21
CA MET A 34 26.13 41.81 -13.59
C MET A 34 26.72 43.15 -13.95
N ILE A 35 27.77 43.49 -13.19
CA ILE A 35 28.65 44.67 -13.39
C ILE A 35 30.12 44.19 -13.43
N GLY A 36 31.00 45.03 -13.95
CA GLY A 36 32.40 44.68 -14.11
C GLY A 36 33.13 45.74 -14.89
N ASN A 37 34.41 45.50 -15.14
CA ASN A 37 35.29 46.55 -15.57
C ASN A 37 36.55 45.91 -16.13
N GLY A 38 36.46 44.62 -16.53
CA GLY A 38 37.64 43.89 -17.01
C GLY A 38 38.64 43.37 -15.95
N PHE A 39 38.51 43.80 -14.67
CA PHE A 39 39.41 43.34 -13.57
C PHE A 39 38.58 42.36 -12.76
N MET A 40 37.31 42.68 -12.56
CA MET A 40 36.40 41.77 -11.88
C MET A 40 35.04 41.75 -12.56
N GLY A 41 34.25 40.74 -12.20
CA GLY A 41 32.83 40.75 -12.48
C GLY A 41 32.14 40.50 -11.14
N TYR A 42 31.03 41.21 -10.94
CA TYR A 42 30.24 41.11 -9.74
C TYR A 42 28.84 40.85 -10.19
N ARG A 43 28.28 39.70 -9.83
CA ARG A 43 27.03 39.26 -10.41
C ARG A 43 25.92 40.14 -9.92
N GLY A 44 24.83 40.20 -10.72
CA GLY A 44 23.75 41.15 -10.48
C GLY A 44 22.86 40.64 -9.32
N THR A 45 23.45 40.30 -8.17
CA THR A 45 22.60 39.83 -7.06
C THR A 45 22.17 40.99 -6.18
N PHE A 46 21.33 40.68 -5.18
CA PHE A 46 20.91 41.65 -4.17
C PHE A 46 21.78 41.64 -2.89
N ALA A 47 21.81 42.76 -2.16
CA ALA A 47 22.79 42.90 -1.12
C ALA A 47 22.65 41.78 -0.01
N GLU A 48 21.46 41.25 0.20
CA GLU A 48 21.24 40.17 1.19
C GLU A 48 21.62 38.76 0.69
N ASP A 49 21.99 38.62 -0.59
CA ASP A 49 22.21 37.31 -1.21
C ASP A 49 23.57 36.69 -0.92
N GLY A 50 23.61 35.39 -0.79
CA GLY A 50 24.86 34.70 -0.69
C GLY A 50 24.90 33.52 -1.66
N LYS A 51 25.52 32.48 -1.16
CA LYS A 51 25.98 31.36 -1.99
C LYS A 51 24.76 30.75 -2.68
N ASP A 52 23.68 30.60 -1.94
CA ASP A 52 22.44 30.03 -2.40
C ASP A 52 21.78 30.82 -3.51
N ALA A 53 22.06 32.12 -3.63
CA ALA A 53 21.49 32.92 -4.71
C ALA A 53 22.51 33.07 -5.84
N TYR A 54 23.60 32.30 -5.78
CA TYR A 54 24.74 32.45 -6.70
C TYR A 54 25.37 33.84 -6.75
N ALA A 55 25.47 34.54 -5.60
CA ALA A 55 26.31 35.77 -5.46
C ALA A 55 27.73 35.35 -5.75
N ALA A 56 28.50 36.20 -6.41
CA ALA A 56 29.89 35.93 -6.64
C ALA A 56 30.56 37.17 -7.15
N CYS A 57 31.80 37.36 -6.70
CA CYS A 57 32.69 38.31 -7.33
C CYS A 57 33.90 37.55 -7.86
N ILE A 58 34.08 37.66 -9.18
CA ILE A 58 35.08 36.89 -9.92
C ILE A 58 36.21 37.79 -10.24
N VAL A 59 37.44 37.38 -9.85
CA VAL A 59 38.55 38.32 -9.94
C VAL A 59 39.64 37.83 -10.89
N THR A 60 40.06 38.68 -11.83
CA THR A 60 41.00 38.18 -12.86
C THR A 60 42.34 37.83 -12.18
N ASP A 61 43.19 37.07 -12.85
CA ASP A 61 44.50 36.72 -12.36
C ASP A 61 44.55 36.15 -10.92
N THR A 62 43.56 35.31 -10.56
CA THR A 62 43.51 34.54 -9.30
C THR A 62 43.30 33.05 -9.57
N TRP A 63 43.91 32.56 -10.65
CA TRP A 63 43.67 31.17 -11.14
C TRP A 63 44.04 30.18 -10.07
N ASP A 64 43.29 29.11 -9.97
CA ASP A 64 43.51 28.19 -8.91
C ASP A 64 42.91 26.89 -9.35
N LYS A 65 43.50 25.82 -8.90
CA LYS A 65 43.13 24.48 -9.33
C LYS A 65 43.04 23.55 -8.12
N ALA A 66 42.26 23.96 -7.13
CA ALA A 66 42.00 23.25 -5.88
C ALA A 66 41.51 21.81 -6.02
N ASP A 67 40.60 21.54 -6.96
CA ASP A 67 40.13 20.17 -7.17
C ASP A 67 41.09 19.21 -7.92
N GLY A 68 42.30 19.64 -8.28
CA GLY A 68 43.18 18.77 -9.06
C GLY A 68 42.84 18.71 -10.56
N LYS A 69 41.71 19.28 -10.98
CA LYS A 69 41.26 19.14 -12.39
C LYS A 69 41.02 20.49 -13.10
N TRP A 70 40.18 21.35 -12.52
CA TRP A 70 39.77 22.61 -13.18
C TRP A 70 40.47 23.82 -12.63
N GLU A 71 41.36 24.37 -13.43
CA GLU A 71 42.01 25.60 -13.11
C GLU A 71 41.10 26.79 -13.54
N GLU A 72 40.56 27.50 -12.56
CA GLU A 72 39.58 28.55 -12.81
C GLU A 72 39.97 29.77 -11.94
N LEU A 73 39.44 30.94 -12.29
CA LEU A 73 39.49 32.12 -11.39
C LEU A 73 38.80 31.90 -10.00
N SER A 74 39.28 32.63 -8.99
CA SER A 74 38.67 32.60 -7.64
C SER A 74 37.43 33.49 -7.52
N THR A 75 36.42 33.02 -6.84
CA THR A 75 35.51 33.93 -6.27
C THR A 75 36.03 34.40 -4.89
N VAL A 76 35.79 35.65 -4.53
CA VAL A 76 36.51 36.25 -3.40
C VAL A 76 35.45 36.68 -2.39
N PRO A 77 35.85 36.86 -1.12
CA PRO A 77 34.83 37.29 -0.13
C PRO A 77 34.03 38.53 -0.57
N ASN A 78 32.75 38.47 -0.26
CA ASN A 78 31.77 39.46 -0.67
C ASN A 78 31.64 40.50 0.44
N ALA A 79 32.26 41.67 0.21
CA ALA A 79 32.21 42.80 1.14
C ALA A 79 30.98 43.67 1.00
N LEU A 80 29.96 43.21 0.29
CA LEU A 80 28.72 43.98 0.16
C LEU A 80 27.50 43.39 0.85
N LEU A 81 27.66 42.22 1.47
CA LEU A 81 26.50 41.54 2.10
C LEU A 81 25.89 42.41 3.18
N THR A 82 24.56 42.55 3.11
CA THR A 82 23.78 43.47 3.89
C THR A 82 22.40 42.85 4.05
N LEU A 83 22.05 42.52 5.30
CA LEU A 83 20.71 42.04 5.63
C LEU A 83 20.05 43.06 6.49
N LEU A 84 18.76 43.23 6.29
CA LEU A 84 17.97 44.18 7.01
C LEU A 84 16.99 43.38 7.85
N HIS A 85 16.75 43.82 9.09
CA HIS A 85 15.66 43.26 9.89
C HIS A 85 14.87 44.42 10.38
N VAL A 86 13.57 44.22 10.57
CA VAL A 86 12.64 45.28 10.92
C VAL A 86 11.89 44.78 12.13
N ASP A 87 12.05 45.45 13.26
CA ASP A 87 11.59 44.83 14.47
C ASP A 87 11.84 43.30 14.55
N GLY A 88 13.06 42.87 14.25
CA GLY A 88 13.42 41.48 14.42
C GLY A 88 13.13 40.57 13.23
N GLU A 89 12.36 41.03 12.25
CA GLU A 89 11.98 40.15 11.17
C GLU A 89 12.94 40.33 9.97
N PRO A 90 13.50 39.22 9.45
CA PRO A 90 14.45 39.57 8.35
C PRO A 90 13.69 40.02 7.07
N PHE A 91 14.30 40.86 6.27
CA PHE A 91 13.71 41.27 4.97
C PHE A 91 14.18 40.33 3.90
N ILE A 92 13.28 39.49 3.40
CA ILE A 92 13.61 38.51 2.34
C ILE A 92 12.64 38.68 1.14
N MET A 93 13.16 38.93 -0.06
CA MET A 93 12.34 39.00 -1.28
C MET A 93 11.32 37.88 -1.29
N SER A 94 10.07 38.21 -1.52
CA SER A 94 9.09 37.18 -1.85
C SER A 94 8.63 37.43 -3.27
N GLU A 95 8.43 36.37 -4.03
CA GLU A 95 8.03 36.52 -5.44
C GLU A 95 6.77 37.36 -5.60
N GLU A 96 6.04 37.50 -4.48
CA GLU A 96 4.76 38.19 -4.31
C GLU A 96 4.95 39.49 -3.44
N ALA A 97 5.85 40.40 -3.85
CA ALA A 97 6.18 41.63 -3.09
C ALA A 97 5.44 42.85 -3.63
N ALA A 98 4.80 43.64 -2.75
CA ALA A 98 4.08 44.90 -3.15
C ALA A 98 4.59 45.57 -4.46
N SER A 99 5.91 45.67 -4.64
CA SER A 99 6.42 45.88 -5.98
C SER A 99 7.94 45.75 -6.06
N PHE A 100 8.41 45.39 -7.27
CA PHE A 100 9.81 45.08 -7.53
C PHE A 100 10.25 45.51 -8.94
N GLU A 101 11.43 46.08 -9.05
CA GLU A 101 12.05 46.27 -10.34
C GLU A 101 13.53 46.14 -10.16
N ARG A 102 14.18 45.48 -11.11
CA ARG A 102 15.63 45.59 -11.21
C ARG A 102 15.95 46.22 -12.57
N THR A 103 17.05 46.97 -12.62
CA THR A 103 17.37 47.73 -13.80
C THR A 103 18.87 47.55 -14.00
N LEU A 104 19.31 47.27 -15.23
CA LEU A 104 20.72 47.41 -15.59
C LEU A 104 20.80 48.62 -16.50
N ASP A 105 21.63 49.58 -16.15
CA ASP A 105 21.74 50.82 -16.94
C ASP A 105 23.03 50.68 -17.68
N LEU A 106 22.90 50.36 -18.98
CA LEU A 106 24.05 50.09 -19.85
C LEU A 106 24.91 51.31 -20.12
N SER A 107 24.35 52.52 -20.00
CA SER A 107 25.17 53.74 -20.31
C SER A 107 26.34 53.88 -19.34
N GLN A 108 26.22 53.31 -18.15
CA GLN A 108 27.29 53.51 -17.19
C GLN A 108 27.55 52.28 -16.28
N GLY A 109 27.04 51.11 -16.67
CA GLY A 109 27.31 49.87 -15.93
C GLY A 109 26.94 49.88 -14.47
N VAL A 110 25.74 50.36 -14.20
CA VAL A 110 25.11 50.45 -12.90
C VAL A 110 23.87 49.54 -12.83
N THR A 111 23.90 48.59 -11.89
CA THR A 111 22.84 47.66 -11.71
C THR A 111 22.05 47.97 -10.43
N SER A 112 20.74 47.84 -10.47
CA SER A 112 20.00 48.35 -9.36
C SER A 112 18.78 47.49 -9.00
N ARG A 113 18.28 47.65 -7.77
CA ARG A 113 16.99 47.08 -7.40
C ARG A 113 16.18 48.15 -6.65
N LYS A 114 14.88 48.20 -6.90
CA LYS A 114 13.92 48.82 -6.00
C LYS A 114 12.85 47.82 -5.64
N VAL A 115 12.54 47.75 -4.35
CA VAL A 115 11.54 46.80 -3.87
C VAL A 115 10.83 47.39 -2.62
N SER A 116 9.51 47.18 -2.54
CA SER A 116 8.75 47.39 -1.30
C SER A 116 8.13 46.09 -0.86
N GLN A 117 8.12 45.88 0.45
CA GLN A 117 7.36 44.76 0.99
C GLN A 117 6.78 45.13 2.35
N ARG A 118 5.60 44.65 2.66
CA ARG A 118 4.99 44.94 3.96
C ARG A 118 5.51 43.92 5.00
N MET A 119 5.94 44.36 6.18
CA MET A 119 6.49 43.44 7.19
C MET A 119 5.42 43.06 8.21
N LYS A 120 5.68 42.04 9.03
CA LYS A 120 4.69 41.57 10.00
C LYS A 120 4.16 42.68 10.90
N ASN A 121 5.03 43.57 11.34
CA ASN A 121 4.58 44.66 12.21
C ASN A 121 3.81 45.73 11.44
N GLY A 122 3.48 45.50 10.15
CA GLY A 122 2.66 46.47 9.39
C GLY A 122 3.47 47.53 8.67
N ALA A 123 4.77 47.63 8.91
CA ALA A 123 5.58 48.59 8.21
C ALA A 123 5.80 48.14 6.75
N THR A 124 5.73 49.09 5.83
CA THR A 124 6.10 48.84 4.43
C THR A 124 7.49 49.42 4.26
N ILE A 125 8.45 48.56 3.97
CA ILE A 125 9.84 48.95 3.73
C ILE A 125 10.12 48.96 2.24
N THR A 126 10.86 49.98 1.84
CA THR A 126 11.32 50.11 0.49
C THR A 126 12.83 50.15 0.54
N ILE A 127 13.45 49.37 -0.34
CA ILE A 127 14.90 49.31 -0.50
C ILE A 127 15.24 49.73 -1.91
N HIS A 128 16.07 50.79 -2.07
CA HIS A 128 16.62 51.16 -3.37
C HIS A 128 18.06 50.80 -3.25
N GLU A 129 18.58 49.99 -4.16
CA GLU A 129 19.99 49.68 -4.11
C GLU A 129 20.63 49.77 -5.48
N GLU A 130 21.88 50.14 -5.52
CA GLU A 130 22.55 50.15 -6.81
C GLU A 130 24.06 49.90 -6.62
N LYS A 131 24.70 49.26 -7.61
CA LYS A 131 26.14 48.98 -7.59
C LYS A 131 26.79 49.23 -8.95
N PHE A 132 28.05 49.67 -8.96
CA PHE A 132 28.81 49.61 -10.20
C PHE A 132 30.18 49.10 -9.84
N ALA A 133 30.81 48.43 -10.80
CA ALA A 133 32.25 48.19 -10.71
C ALA A 133 32.95 49.38 -11.32
N SER A 134 33.79 50.06 -10.59
CA SER A 134 34.37 51.27 -11.12
C SER A 134 35.29 51.06 -12.30
N TYR A 135 35.06 51.84 -13.34
CA TYR A 135 35.98 51.79 -14.44
C TYR A 135 37.15 52.75 -14.28
N ARG A 136 37.02 53.72 -13.39
CA ARG A 136 38.12 54.60 -13.06
C ARG A 136 38.99 53.83 -12.12
N LYS A 137 38.38 53.24 -11.08
CA LYS A 137 39.21 52.53 -10.08
C LYS A 137 38.93 51.03 -10.13
N LYS A 138 39.69 50.38 -10.99
CA LYS A 138 39.44 49.01 -11.36
C LYS A 138 39.33 47.99 -10.19
N HIS A 139 40.00 48.25 -9.07
CA HIS A 139 39.93 47.34 -7.93
C HIS A 139 38.75 47.54 -7.04
N ALA A 140 37.81 48.42 -7.41
CA ALA A 140 36.71 48.77 -6.56
C ALA A 140 35.33 48.57 -7.22
N VAL A 141 34.41 47.95 -6.47
CA VAL A 141 33.01 47.93 -6.77
C VAL A 141 32.28 48.59 -5.56
N LEU A 142 31.29 49.40 -5.90
CA LEU A 142 30.67 50.33 -4.96
C LEU A 142 29.19 50.04 -4.87
N MET A 143 28.63 50.29 -3.69
CA MET A 143 27.23 50.12 -3.50
C MET A 143 26.62 51.29 -2.73
N LYS A 144 25.42 51.68 -3.14
CA LYS A 144 24.59 52.56 -2.39
C LYS A 144 23.30 51.89 -2.09
N TYR A 145 22.97 51.77 -0.80
CA TYR A 145 21.84 51.00 -0.33
C TYR A 145 21.00 51.88 0.62
N THR A 146 19.77 52.16 0.21
CA THR A 146 18.91 53.06 0.92
C THR A 146 17.67 52.32 1.39
N VAL A 147 17.25 52.59 2.62
CA VAL A 147 16.10 51.86 3.18
C VAL A 147 15.17 52.88 3.76
N GLU A 148 13.88 52.65 3.66
CA GLU A 148 12.92 53.61 4.17
C GLU A 148 11.71 52.85 4.62
N SER A 149 11.12 53.29 5.73
CA SER A 149 9.84 52.75 6.23
C SER A 149 8.72 53.80 6.09
N ASP A 150 7.50 53.33 5.84
CA ASP A 150 6.35 54.24 5.89
C ASP A 150 5.87 54.36 7.39
N GLN A 151 6.61 53.81 8.35
CA GLN A 151 6.14 53.64 9.74
C GLN A 151 7.40 53.56 10.64
N ASP A 152 7.52 54.43 11.64
CA ASP A 152 8.51 54.33 12.73
C ASP A 152 8.63 52.90 13.20
N THR A 153 9.88 52.42 13.43
CA THR A 153 10.06 51.00 13.76
C THR A 153 11.52 50.84 14.06
N ASP A 154 11.84 49.86 14.92
CA ASP A 154 13.24 49.46 15.15
C ASP A 154 13.65 48.72 13.89
N ALA A 155 14.93 48.80 13.55
CA ALA A 155 15.47 48.01 12.46
C ALA A 155 16.93 47.72 12.77
N VAL A 156 17.49 46.71 12.10
CA VAL A 156 18.90 46.48 12.16
C VAL A 156 19.40 46.23 10.75
N LEU A 157 20.51 46.85 10.47
CA LEU A 157 21.19 46.66 9.25
C LEU A 157 22.53 45.97 9.59
N ASP A 158 22.66 44.74 9.10
CA ASP A 158 23.81 43.94 9.32
C ASP A 158 24.60 43.89 7.99
N THR A 159 25.79 44.50 8.01
CA THR A 159 26.65 44.54 6.83
C THR A 159 28.09 44.08 7.13
N GLY A 160 28.74 43.51 6.11
CA GLY A 160 30.07 42.97 6.37
C GLY A 160 30.64 42.25 5.16
N ILE A 161 31.53 41.28 5.45
CA ILE A 161 32.23 40.50 4.43
C ILE A 161 31.85 39.03 4.59
N ASP A 162 31.27 38.44 3.55
CA ASP A 162 30.91 37.02 3.55
C ASP A 162 32.06 36.20 3.03
N TYR A 163 32.59 35.28 3.84
CA TYR A 163 33.69 34.38 3.32
C TYR A 163 33.13 33.18 2.58
N ASP A 164 31.88 32.85 2.85
CA ASP A 164 31.33 31.59 2.48
C ASP A 164 30.69 31.70 1.06
N VAL A 165 31.51 31.87 0.08
CA VAL A 165 31.00 32.24 -1.25
C VAL A 165 30.85 31.04 -2.23
N TRP A 166 29.96 31.19 -3.22
CA TRP A 166 29.82 30.27 -4.34
C TRP A 166 31.11 30.03 -5.10
N SER A 167 31.53 28.77 -5.17
CA SER A 167 32.66 28.41 -6.06
C SER A 167 32.32 27.14 -6.85
N ILE A 168 32.54 27.12 -8.14
CA ILE A 168 32.09 25.92 -8.91
C ILE A 168 32.99 24.71 -8.62
N ASN A 169 34.31 24.84 -8.76
CA ASN A 169 35.15 23.65 -8.58
C ASN A 169 36.03 23.64 -7.33
N GLY A 170 35.37 23.93 -6.17
CA GLY A 170 35.98 23.86 -4.82
C GLY A 170 36.47 25.22 -4.31
N ASP A 171 36.82 25.27 -3.03
CA ASP A 171 37.32 26.50 -2.40
C ASP A 171 38.66 26.85 -2.94
N HIS A 172 38.85 28.09 -3.38
CA HIS A 172 40.11 28.48 -4.00
C HIS A 172 40.97 29.23 -3.06
N LEU A 173 40.40 29.70 -1.95
CA LEU A 173 41.10 30.53 -0.96
C LEU A 173 41.16 29.85 0.42
N GLN A 174 42.27 30.03 1.14
CA GLN A 174 42.43 29.40 2.47
C GLN A 174 43.16 30.38 3.39
N GLY A 175 43.11 30.11 4.70
CA GLY A 175 43.92 30.86 5.70
C GLY A 175 43.43 32.29 5.89
N HIS A 176 42.15 32.51 5.63
CA HIS A 176 41.52 33.80 5.74
C HIS A 176 41.96 34.44 7.04
N HIS A 177 42.50 35.65 6.94
CA HIS A 177 42.97 36.42 8.08
C HIS A 177 42.17 37.69 8.19
N TYR A 178 41.35 37.73 9.26
CA TYR A 178 40.57 38.91 9.61
C TYR A 178 41.47 40.10 9.98
N PHE A 179 41.16 41.30 9.47
CA PHE A 179 41.70 42.59 10.03
C PHE A 179 40.64 43.71 10.04
N SER A 180 40.88 44.71 10.91
CA SER A 180 40.04 45.91 11.02
C SER A 180 40.81 47.10 10.55
N HIS A 181 40.09 48.14 10.14
CA HIS A 181 40.74 49.39 9.74
C HIS A 181 39.72 50.46 10.02
N PRO A 182 40.06 51.74 9.81
CA PRO A 182 39.11 52.80 10.25
C PRO A 182 37.66 52.72 9.70
N THR A 183 37.53 52.37 8.43
CA THR A 183 36.20 52.48 7.78
C THR A 183 35.50 51.14 7.52
N GLY A 184 36.05 50.04 8.09
CA GLY A 184 35.36 48.78 8.20
C GLY A 184 36.33 47.60 8.30
N ASP A 185 36.02 46.48 7.64
CA ASP A 185 36.81 45.24 7.81
C ASP A 185 37.68 44.99 6.61
N GLY A 186 38.43 43.89 6.69
CA GLY A 186 39.42 43.39 5.77
C GLY A 186 39.53 41.87 5.97
N VAL A 187 39.86 41.14 4.92
CA VAL A 187 40.22 39.72 5.02
C VAL A 187 41.31 39.46 3.99
N THR A 188 42.40 38.85 4.45
CA THR A 188 43.47 38.40 3.58
C THR A 188 43.57 36.89 3.56
N ALA A 189 43.57 36.32 2.35
CA ALA A 189 43.64 34.88 2.23
C ALA A 189 44.74 34.51 1.24
N LYS A 190 45.00 33.22 1.13
CA LYS A 190 45.91 32.69 0.14
C LYS A 190 45.16 31.66 -0.72
N THR A 191 45.53 31.66 -1.97
CA THR A 191 45.07 30.69 -2.97
C THR A 191 45.65 29.27 -2.74
N VAL A 192 44.89 28.23 -3.04
CA VAL A 192 45.33 26.85 -2.74
C VAL A 192 46.48 26.36 -3.62
N SER A 193 46.30 26.33 -4.95
CA SER A 193 47.35 25.83 -5.84
C SER A 193 48.66 26.63 -5.80
N TYR A 194 48.61 27.94 -6.08
CA TYR A 194 49.81 28.76 -6.21
C TYR A 194 50.13 29.63 -5.01
N GLU A 195 49.26 29.67 -4.02
CA GLU A 195 49.54 30.43 -2.80
C GLU A 195 49.76 31.89 -3.09
N ASP A 196 48.96 32.43 -4.01
CA ASP A 196 48.95 33.87 -4.21
C ASP A 196 48.08 34.47 -3.12
N THR A 197 48.44 35.69 -2.75
CA THR A 197 47.75 36.40 -1.71
C THR A 197 46.60 37.26 -2.31
N VAL A 198 45.43 37.13 -1.70
CA VAL A 198 44.27 37.93 -2.10
C VAL A 198 43.74 38.64 -0.88
N THR A 199 43.57 39.95 -1.03
CA THR A 199 42.92 40.73 -0.01
C THR A 199 41.63 41.41 -0.50
N VAL A 200 40.60 41.37 0.33
CA VAL A 200 39.41 42.18 0.15
C VAL A 200 39.27 43.19 1.29
N VAL A 201 39.09 44.44 0.93
CA VAL A 201 38.84 45.47 1.90
C VAL A 201 37.42 46.05 1.73
N GLU A 202 36.74 46.22 2.86
CA GLU A 202 35.38 46.71 2.93
C GLU A 202 35.41 48.11 3.53
N THR A 203 34.80 49.08 2.85
CA THR A 203 34.63 50.42 3.44
C THR A 203 33.15 50.57 3.53
N CYS A 204 32.73 51.34 4.51
CA CYS A 204 31.39 51.32 4.96
C CYS A 204 31.05 52.71 5.56
N SER A 205 29.87 53.22 5.26
CA SER A 205 29.44 54.52 5.73
C SER A 205 27.92 54.56 5.89
N LEU A 206 27.42 55.02 7.02
CA LEU A 206 25.97 55.08 7.23
C LEU A 206 25.64 56.50 7.53
N ASP A 207 24.62 57.09 6.91
CA ASP A 207 24.31 58.50 7.19
C ASP A 207 23.23 58.70 8.28
N ALA A 208 22.85 57.67 9.02
CA ALA A 208 21.86 57.85 10.10
C ALA A 208 22.64 57.67 11.37
N ASP A 209 22.05 58.03 12.51
CA ASP A 209 22.60 57.74 13.85
C ASP A 209 22.24 56.30 14.18
N ALA A 210 23.22 55.52 14.62
CA ALA A 210 22.98 54.10 14.89
C ALA A 210 23.96 53.58 15.92
N SER A 211 23.56 52.54 16.61
CA SER A 211 24.45 51.91 17.51
C SER A 211 25.08 50.70 16.79
N GLU A 212 26.39 50.70 16.75
CA GLU A 212 27.22 49.83 15.96
C GLU A 212 27.94 48.80 16.82
N GLU A 213 27.93 47.53 16.36
CA GLU A 213 28.46 46.39 17.07
C GLU A 213 29.11 45.38 16.10
N ASP A 214 30.44 45.20 16.20
CA ASP A 214 31.27 44.38 15.26
C ASP A 214 31.12 42.92 15.67
N TYR A 215 31.35 41.97 14.77
CA TYR A 215 31.49 40.53 15.08
C TYR A 215 32.50 39.94 14.08
N GLN A 216 33.18 38.86 14.46
CA GLN A 216 34.05 38.16 13.51
C GLN A 216 33.85 36.69 13.75
N ASN A 217 33.32 35.95 12.79
CA ASN A 217 33.41 34.48 12.86
C ASN A 217 34.21 33.78 11.77
N PRO A 218 34.27 32.45 11.84
CA PRO A 218 35.13 31.83 10.82
C PRO A 218 34.56 31.92 9.37
N ASP A 219 33.25 32.13 9.23
CA ASP A 219 32.61 32.43 7.95
C ASP A 219 32.54 33.89 7.44
N GLY A 220 33.14 34.85 8.14
CA GLY A 220 32.99 36.27 7.78
C GLY A 220 32.95 37.25 8.96
N SER A 221 33.06 38.54 8.69
CA SER A 221 32.99 39.55 9.73
C SER A 221 31.99 40.66 9.28
N GLY A 222 31.70 41.59 10.19
CA GLY A 222 30.81 42.71 9.97
C GLY A 222 30.31 43.41 11.22
N ARG A 223 29.17 44.06 11.09
CA ARG A 223 28.66 44.88 12.15
C ARG A 223 27.19 45.04 11.97
N THR A 224 26.53 45.15 13.10
CA THR A 224 25.14 45.48 13.09
C THR A 224 25.04 46.98 13.43
N PHE A 225 24.07 47.64 12.81
CA PHE A 225 23.78 49.01 13.01
C PHE A 225 22.36 48.96 13.49
N SER A 226 22.15 49.21 14.77
CA SER A 226 20.78 49.29 15.30
C SER A 226 20.23 50.68 15.18
N LEU A 227 19.01 50.76 14.68
CA LEU A 227 18.45 52.01 14.20
C LEU A 227 17.08 52.16 14.74
N SER A 228 16.64 53.37 14.71
CA SER A 228 15.24 53.62 14.93
C SER A 228 14.76 54.42 13.68
N LEU A 229 14.10 53.76 12.76
CA LEU A 229 13.71 54.42 11.52
C LEU A 229 12.50 55.30 11.78
N GLU A 230 12.48 56.46 11.15
CA GLU A 230 11.26 57.33 11.22
C GLU A 230 10.52 57.23 9.90
N ALA A 231 9.18 57.12 9.95
CA ALA A 231 8.31 57.17 8.78
C ALA A 231 8.83 58.16 7.74
N GLY A 232 8.96 57.71 6.49
CA GLY A 232 9.37 58.61 5.43
C GLY A 232 10.75 59.20 5.48
N LYS A 233 11.63 58.75 6.40
CA LYS A 233 13.03 59.27 6.42
C LYS A 233 14.04 58.21 5.97
N PRO A 234 14.67 58.45 4.85
CA PRO A 234 15.45 57.29 4.45
C PRO A 234 16.82 57.26 5.11
N VAL A 235 17.41 56.09 5.21
CA VAL A 235 18.74 55.93 5.71
C VAL A 235 19.54 55.29 4.57
N THR A 236 20.77 55.77 4.38
CA THR A 236 21.57 55.31 3.29
C THR A 236 22.87 54.75 3.78
N LEU A 237 23.23 53.58 3.23
CA LEU A 237 24.51 52.93 3.49
C LEU A 237 25.29 52.96 2.21
N GLU A 238 26.51 53.48 2.26
CA GLU A 238 27.47 53.37 1.15
C GLU A 238 28.64 52.43 1.47
N LYS A 239 29.02 51.60 0.51
CA LYS A 239 30.16 50.70 0.66
C LYS A 239 31.02 50.68 -0.54
N ALA A 240 32.27 50.37 -0.34
CA ALA A 240 33.17 49.97 -1.40
C ALA A 240 33.73 48.62 -1.03
N MET A 241 33.90 47.78 -2.03
CA MET A 241 34.60 46.50 -1.92
C MET A 241 35.80 46.60 -2.82
N ILE A 242 36.99 46.42 -2.23
CA ILE A 242 38.28 46.56 -2.93
C ILE A 242 39.08 45.25 -2.90
N ILE A 243 39.65 44.83 -4.05
CA ILE A 243 40.34 43.55 -4.14
C ILE A 243 41.65 43.74 -4.88
N TYR A 244 42.70 43.15 -4.28
CA TYR A 244 44.06 43.09 -4.83
C TYR A 244 44.64 41.68 -4.55
N SER A 245 45.41 41.17 -5.49
CA SER A 245 46.11 39.96 -5.28
C SER A 245 47.62 40.26 -5.41
N SER A 246 48.46 39.29 -5.01
CA SER A 246 49.92 39.36 -5.28
C SER A 246 50.31 39.27 -6.78
N ASN A 247 49.37 38.90 -7.63
CA ASN A 247 49.60 38.89 -9.07
C ASN A 247 49.43 40.28 -9.62
N ASP A 248 48.81 41.18 -8.86
CA ASP A 248 48.65 42.59 -9.35
C ASP A 248 49.73 43.50 -8.82
N VAL A 249 50.03 43.38 -7.52
CA VAL A 249 51.01 44.29 -6.85
C VAL A 249 51.86 43.49 -5.87
N ASP A 250 53.00 44.02 -5.44
CA ASP A 250 53.82 43.32 -4.47
C ASP A 250 53.11 43.20 -3.12
N ASN A 251 52.32 44.22 -2.76
CA ASN A 251 51.73 44.26 -1.40
C ASN A 251 50.22 44.38 -1.40
N PRO A 252 49.53 43.27 -1.59
CA PRO A 252 48.17 43.62 -1.92
C PRO A 252 47.36 44.18 -0.75
N GLN A 253 47.74 43.84 0.48
CA GLN A 253 46.95 44.21 1.65
C GLN A 253 47.12 45.69 1.88
N ASP A 254 48.35 46.15 1.81
CA ASP A 254 48.64 47.57 1.82
C ASP A 254 48.04 48.37 0.64
N GLU A 255 48.01 47.79 -0.54
CA GLU A 255 47.53 48.54 -1.69
C GLU A 255 46.02 48.63 -1.58
N ALA A 256 45.36 47.57 -1.14
CA ALA A 256 43.93 47.67 -0.89
C ALA A 256 43.58 48.72 0.19
N LEU A 257 44.44 48.85 1.20
CA LEU A 257 44.21 49.82 2.27
C LEU A 257 44.34 51.22 1.76
N LEU A 258 45.33 51.42 0.92
CA LEU A 258 45.61 52.69 0.33
C LEU A 258 44.42 53.13 -0.57
N GLU A 259 43.83 52.19 -1.30
CA GLU A 259 42.73 52.54 -2.17
C GLU A 259 41.54 52.85 -1.30
N ALA A 260 41.35 52.09 -0.24
CA ALA A 260 40.29 52.43 0.71
C ALA A 260 40.39 53.88 1.19
N LYS A 261 41.56 54.24 1.68
CA LYS A 261 41.83 55.58 2.16
C LYS A 261 41.47 56.67 1.16
N HIS A 262 41.67 56.45 -0.15
CA HIS A 262 41.48 57.56 -1.12
C HIS A 262 40.18 57.47 -1.88
N MET A 263 39.27 56.62 -1.41
CA MET A 263 37.92 56.43 -1.98
C MET A 263 37.00 57.57 -1.64
N GLN A 264 36.43 58.20 -2.65
CA GLN A 264 35.53 59.29 -2.46
C GLN A 264 34.14 58.74 -2.13
N SER A 265 33.18 59.63 -1.96
CA SER A 265 31.78 59.20 -1.73
C SER A 265 31.28 58.36 -2.92
N TYR A 266 30.18 57.63 -2.72
CA TYR A 266 29.57 56.88 -3.79
C TYR A 266 29.27 57.81 -5.00
N GLU A 267 28.62 58.97 -4.78
CA GLU A 267 28.28 59.87 -5.91
C GLU A 267 29.48 60.40 -6.70
N GLU A 268 30.56 60.77 -6.02
CA GLU A 268 31.79 61.16 -6.70
C GLU A 268 32.39 60.02 -7.51
N GLU A 269 32.42 58.81 -6.92
CA GLU A 269 32.99 57.70 -7.63
C GLU A 269 32.11 57.31 -8.82
N LYS A 270 30.79 57.53 -8.71
CA LYS A 270 29.85 57.21 -9.77
C LYS A 270 30.02 58.22 -10.92
N ALA A 271 30.27 59.48 -10.57
CA ALA A 271 30.46 60.48 -11.61
C ALA A 271 31.74 60.12 -12.37
N ALA A 272 32.79 59.72 -11.66
CA ALA A 272 34.04 59.41 -12.38
C ALA A 272 33.88 58.19 -13.36
N ASN A 273 33.13 57.18 -12.89
CA ASN A 273 32.79 56.02 -13.65
C ASN A 273 31.93 56.38 -14.89
N ARG A 274 30.97 57.30 -14.75
CA ARG A 274 30.11 57.76 -15.87
C ARG A 274 31.00 58.36 -16.95
N LEU A 275 31.97 59.17 -16.55
CA LEU A 275 32.94 59.76 -17.50
C LEU A 275 33.69 58.74 -18.34
N GLU A 276 34.16 57.66 -17.71
CA GLU A 276 34.86 56.58 -18.42
C GLU A 276 33.87 55.90 -19.39
N TRP A 277 32.63 55.70 -18.91
CA TRP A 277 31.60 55.12 -19.75
C TRP A 277 31.22 55.98 -20.95
N ASP A 278 31.22 57.31 -20.79
CA ASP A 278 31.02 58.24 -21.91
C ASP A 278 32.02 57.97 -22.96
N ASN A 279 33.26 57.80 -22.53
CA ASN A 279 34.36 57.59 -23.44
C ASN A 279 34.31 56.22 -24.16
N LEU A 280 33.95 55.19 -23.39
CA LEU A 280 33.79 53.81 -23.92
C LEU A 280 32.68 53.79 -24.98
N TRP A 281 31.49 54.24 -24.60
CA TRP A 281 30.38 54.29 -25.54
C TRP A 281 30.61 55.13 -26.78
N SER A 282 31.40 56.19 -26.66
CA SER A 282 31.73 56.97 -27.84
C SER A 282 32.78 56.19 -28.70
N HIS A 283 33.47 55.20 -28.14
CA HIS A 283 34.20 54.31 -29.05
C HIS A 283 33.34 53.20 -29.65
N TYR A 284 32.40 52.62 -28.89
CA TYR A 284 31.71 51.40 -29.39
C TYR A 284 30.24 51.53 -29.79
N ASP A 285 29.55 52.61 -29.45
CA ASP A 285 28.12 52.55 -29.60
C ASP A 285 27.78 52.34 -31.09
N VAL A 286 26.74 51.57 -31.35
CA VAL A 286 26.27 51.41 -32.70
C VAL A 286 24.78 51.69 -32.65
N THR A 287 24.33 52.60 -33.50
CA THR A 287 22.93 53.08 -33.51
C THR A 287 22.07 52.21 -34.40
N ILE A 288 20.88 51.89 -33.92
CA ILE A 288 19.88 51.32 -34.78
C ILE A 288 18.67 52.26 -34.74
N GLN A 289 18.22 52.63 -35.93
CA GLN A 289 17.23 53.69 -36.07
C GLN A 289 15.86 53.11 -36.07
N ASN A 290 15.03 53.59 -35.11
CA ASN A 290 13.60 53.19 -34.99
C ASN A 290 13.41 51.70 -34.72
N ASN A 291 14.29 51.13 -33.90
CA ASN A 291 13.99 49.81 -33.37
C ASN A 291 14.67 49.66 -31.99
N ILE A 292 13.97 50.12 -30.97
CA ILE A 292 14.58 50.36 -29.65
C ILE A 292 14.97 49.03 -28.96
N ILE A 293 14.18 47.97 -29.22
CA ILE A 293 14.49 46.61 -28.82
C ILE A 293 15.80 46.10 -29.41
N ASP A 294 15.98 46.26 -30.70
CA ASP A 294 17.23 45.85 -31.27
C ASP A 294 18.35 46.77 -30.80
N GLN A 295 18.04 48.05 -30.63
CA GLN A 295 19.04 48.99 -30.15
C GLN A 295 19.52 48.62 -28.75
N VAL A 296 18.61 48.35 -27.83
CA VAL A 296 19.04 48.01 -26.50
C VAL A 296 19.71 46.64 -26.43
N ALA A 297 19.22 45.64 -27.20
CA ALA A 297 19.87 44.30 -27.22
C ALA A 297 21.31 44.37 -27.68
N LEU A 298 21.52 45.14 -28.75
CA LEU A 298 22.84 45.41 -29.27
C LEU A 298 23.73 45.95 -28.16
N ARG A 299 23.26 46.99 -27.48
CA ARG A 299 24.05 47.63 -26.43
C ARG A 299 24.24 46.66 -25.24
N PHE A 300 23.21 45.90 -24.91
CA PHE A 300 23.35 44.90 -23.85
C PHE A 300 24.53 44.01 -24.15
N ASN A 301 24.65 43.63 -25.42
CA ASN A 301 25.70 42.70 -25.87
C ASN A 301 27.12 43.32 -25.85
N ILE A 302 27.24 44.54 -26.36
CA ILE A 302 28.51 45.23 -26.40
C ILE A 302 28.94 45.59 -24.96
N TYR A 303 27.99 46.02 -24.14
CA TYR A 303 28.30 46.27 -22.71
C TYR A 303 29.00 45.03 -22.10
N HIS A 304 28.40 43.83 -22.31
CA HIS A 304 28.96 42.56 -21.79
C HIS A 304 30.32 42.23 -22.26
N ALA A 305 30.56 42.46 -23.55
CA ALA A 305 31.92 42.24 -24.07
C ALA A 305 32.89 43.25 -23.40
N ILE A 306 32.50 44.53 -23.36
CA ILE A 306 33.38 45.54 -22.77
C ILE A 306 33.73 45.09 -21.33
N ILE A 307 32.75 44.74 -20.49
CA ILE A 307 33.11 44.47 -19.09
C ILE A 307 33.91 43.18 -18.92
N ALA A 308 33.83 42.28 -19.91
CA ALA A 308 34.58 41.01 -19.87
C ALA A 308 36.06 41.20 -20.24
N THR A 309 36.41 42.39 -20.78
CA THR A 309 37.73 42.59 -21.39
C THR A 309 38.72 43.29 -20.44
N PRO A 310 39.79 42.59 -20.03
CA PRO A 310 40.80 43.22 -19.14
C PRO A 310 41.60 44.18 -19.91
N VAL A 311 41.73 45.41 -19.41
CA VAL A 311 42.56 46.39 -20.14
C VAL A 311 43.63 46.95 -19.17
N HIS A 312 43.72 46.40 -17.97
CA HIS A 312 44.64 46.88 -16.91
C HIS A 312 45.92 46.08 -16.93
N LYS A 313 45.94 44.96 -17.64
CA LYS A 313 47.06 44.01 -17.57
C LYS A 313 46.88 43.08 -18.77
N SER A 314 47.92 42.33 -19.12
CA SER A 314 47.94 41.41 -20.27
C SER A 314 47.23 40.09 -19.90
N LEU A 315 45.92 40.06 -20.05
CA LEU A 315 45.11 38.98 -19.56
C LEU A 315 44.07 38.61 -20.65
N PRO A 316 43.47 37.37 -20.58
CA PRO A 316 42.57 36.88 -21.61
C PRO A 316 41.18 37.41 -21.44
N ILE A 317 40.43 37.46 -22.54
CA ILE A 317 39.00 37.73 -22.44
C ILE A 317 38.36 36.34 -22.25
N GLY A 318 37.61 36.14 -21.17
CA GLY A 318 37.12 34.80 -20.95
C GLY A 318 35.93 34.49 -21.87
N ALA A 319 35.69 33.21 -22.14
CA ALA A 319 34.52 32.81 -22.96
C ALA A 319 33.23 32.90 -22.20
N ARG A 320 33.28 33.13 -20.87
CA ARG A 320 32.07 33.47 -20.13
C ARG A 320 32.44 34.70 -19.36
N GLY A 321 33.48 35.38 -19.84
CA GLY A 321 33.88 36.67 -19.25
C GLY A 321 34.18 36.42 -17.77
N LEU A 322 33.72 37.35 -16.95
CA LEU A 322 33.86 37.23 -15.49
C LEU A 322 32.48 37.09 -14.85
N SER A 323 31.54 36.49 -15.58
CA SER A 323 30.14 36.41 -15.10
C SER A 323 29.94 35.31 -14.04
N CYS A 324 30.88 34.36 -14.04
CA CYS A 324 30.90 33.23 -13.13
C CYS A 324 32.22 32.51 -13.51
N GLN A 325 32.46 31.35 -12.91
CA GLN A 325 33.72 30.67 -13.11
C GLN A 325 33.77 29.81 -14.37
N ALA A 326 32.62 29.67 -15.04
CA ALA A 326 32.47 28.82 -16.23
C ALA A 326 33.42 29.28 -17.30
N TYR A 327 33.99 28.30 -17.96
CA TYR A 327 35.01 28.47 -18.96
C TYR A 327 36.26 29.12 -18.46
N GLN A 328 36.40 29.27 -17.16
CA GLN A 328 37.80 29.41 -16.58
C GLN A 328 38.45 30.75 -16.70
N GLY A 329 37.66 31.74 -17.07
CA GLY A 329 38.17 33.09 -17.12
C GLY A 329 39.17 33.18 -18.24
N ALA A 330 39.10 32.28 -19.21
CA ALA A 330 40.22 32.06 -20.11
C ALA A 330 39.91 32.34 -21.57
N ALA A 331 40.95 32.60 -22.33
CA ALA A 331 40.87 32.81 -23.81
C ALA A 331 40.68 31.52 -24.54
N PHE A 332 39.64 31.46 -25.35
CA PHE A 332 39.40 30.43 -26.37
C PHE A 332 39.66 31.15 -27.72
N TRP A 333 39.49 30.46 -28.82
CA TRP A 333 39.55 31.04 -30.15
C TRP A 333 38.56 32.15 -30.32
N ASP A 334 37.49 32.13 -29.52
CA ASP A 334 36.47 33.17 -29.41
C ASP A 334 37.08 34.58 -29.37
N GLN A 335 38.20 34.68 -28.63
CA GLN A 335 38.79 35.95 -28.29
C GLN A 335 39.22 36.67 -29.55
N GLU A 336 39.96 35.96 -30.41
CA GLU A 336 40.41 36.57 -31.65
C GLU A 336 39.27 36.69 -32.67
N ILE A 337 38.47 35.63 -32.78
CA ILE A 337 37.57 35.47 -33.89
C ILE A 337 36.23 36.19 -33.61
N TYR A 338 35.77 36.16 -32.37
CA TYR A 338 34.51 36.79 -32.02
C TYR A 338 34.66 38.13 -31.24
N ASN A 339 35.68 38.27 -30.37
CA ASN A 339 35.72 39.53 -29.59
C ASN A 339 36.66 40.57 -30.14
N MET A 340 37.72 40.17 -30.84
CA MET A 340 38.67 41.17 -31.37
C MET A 340 38.10 42.19 -32.41
N PRO A 341 37.20 41.75 -33.29
CA PRO A 341 36.86 42.67 -34.39
C PRO A 341 36.33 44.02 -34.00
N MET A 342 35.48 44.06 -32.98
CA MET A 342 34.97 45.33 -32.52
C MET A 342 36.15 46.23 -32.08
N TYR A 343 37.13 45.64 -31.42
CA TYR A 343 38.28 46.42 -30.94
C TYR A 343 39.19 46.82 -32.07
N LEU A 344 39.52 45.87 -32.95
CA LEU A 344 40.30 46.14 -34.17
C LEU A 344 39.81 47.42 -34.85
N TYR A 345 38.49 47.60 -34.96
CA TYR A 345 37.93 48.67 -35.77
C TYR A 345 37.53 49.88 -34.92
N SER A 346 37.34 49.67 -33.62
CA SER A 346 36.86 50.79 -32.78
C SER A 346 37.93 51.32 -31.85
N ASN A 347 38.93 50.50 -31.53
CA ASN A 347 39.91 50.92 -30.58
C ASN A 347 41.13 50.01 -30.72
N PRO A 348 41.87 50.17 -31.84
CA PRO A 348 42.81 49.08 -32.26
C PRO A 348 43.92 48.75 -31.26
N GLU A 349 44.27 49.67 -30.36
CA GLU A 349 45.25 49.35 -29.30
C GLU A 349 44.82 48.11 -28.43
N ILE A 350 43.52 47.96 -28.18
CA ILE A 350 42.99 46.76 -27.55
C ILE A 350 43.22 45.57 -28.45
N ALA A 351 42.92 45.72 -29.76
CA ALA A 351 43.19 44.63 -30.69
C ALA A 351 44.71 44.31 -30.64
N ARG A 352 45.58 45.33 -30.61
CA ARG A 352 47.02 45.07 -30.55
C ARG A 352 47.41 44.29 -29.27
N ASN A 353 46.77 44.66 -28.17
CA ASN A 353 47.07 44.12 -26.87
C ASN A 353 46.56 42.68 -26.71
N ILE A 354 45.39 42.40 -27.31
CA ILE A 354 44.95 41.00 -27.44
C ILE A 354 46.09 40.13 -28.05
N LEU A 355 46.71 40.61 -29.14
CA LEU A 355 47.73 39.86 -29.85
C LEU A 355 49.03 39.79 -29.05
N LYS A 356 49.30 40.84 -28.29
CA LYS A 356 50.45 40.87 -27.42
C LYS A 356 50.28 39.86 -26.30
N TYR A 357 49.07 39.71 -25.81
CA TYR A 357 48.72 38.61 -24.93
C TYR A 357 49.07 37.27 -25.56
N ARG A 358 48.74 37.11 -26.84
CA ARG A 358 49.09 35.84 -27.50
C ARG A 358 50.62 35.67 -27.64
N HIS A 359 51.29 36.78 -27.91
CA HIS A 359 52.73 36.79 -27.99
C HIS A 359 53.35 36.45 -26.63
N ARG A 360 52.77 37.02 -25.58
CA ARG A 360 53.35 36.91 -24.22
C ARG A 360 53.27 35.43 -23.79
N THR A 361 52.25 34.73 -24.30
CA THR A 361 51.96 33.36 -23.89
C THR A 361 52.46 32.40 -24.98
N LEU A 362 53.24 32.89 -25.94
CA LEU A 362 53.96 31.99 -26.88
C LEU A 362 54.65 30.77 -26.23
N ASP A 363 55.32 30.96 -25.08
CA ASP A 363 56.00 29.79 -24.44
C ASP A 363 55.05 28.66 -24.01
N GLY A 364 53.87 29.00 -23.50
CA GLY A 364 52.85 27.99 -23.21
C GLY A 364 52.47 27.24 -24.48
N ALA A 365 52.32 27.98 -25.58
CA ALA A 365 51.93 27.29 -26.83
C ALA A 365 53.06 26.36 -27.26
N ARG A 366 54.30 26.73 -26.93
CA ARG A 366 55.50 26.00 -27.31
C ARG A 366 55.60 24.77 -26.44
N ARG A 367 55.27 24.90 -25.14
CA ARG A 367 55.24 23.75 -24.25
C ARG A 367 54.15 22.73 -24.64
N LYS A 368 53.00 23.24 -25.09
CA LYS A 368 51.88 22.37 -25.43
C LYS A 368 52.32 21.54 -26.64
N ALA A 369 52.82 22.21 -27.67
CA ALA A 369 53.30 21.56 -28.91
C ALA A 369 54.33 20.47 -28.61
N LYS A 370 55.37 20.86 -27.90
CA LYS A 370 56.39 19.92 -27.44
C LYS A 370 55.80 18.76 -26.58
N ARG A 371 54.95 19.07 -25.59
CA ARG A 371 54.29 18.01 -24.83
C ARG A 371 53.60 16.96 -25.75
N LEU A 372 53.01 17.43 -26.87
CA LEU A 372 52.24 16.51 -27.70
C LEU A 372 53.06 15.97 -28.87
N GLY A 373 54.38 16.18 -28.88
CA GLY A 373 55.23 15.67 -29.95
C GLY A 373 55.34 16.53 -31.19
N TYR A 374 54.91 17.78 -31.13
CA TYR A 374 54.92 18.70 -32.27
C TYR A 374 56.04 19.72 -32.08
N GLU A 375 56.17 20.67 -33.01
CA GLU A 375 57.15 21.74 -32.94
C GLU A 375 56.39 23.08 -33.03
N GLY A 376 57.04 24.22 -32.73
CA GLY A 376 56.40 25.56 -32.85
C GLY A 376 55.26 25.90 -31.89
N ALA A 377 54.23 26.59 -32.38
CA ALA A 377 53.20 26.98 -31.45
C ALA A 377 51.86 26.31 -31.64
N TYR A 378 51.56 25.42 -30.71
CA TYR A 378 50.22 24.84 -30.61
C TYR A 378 49.54 25.56 -29.41
N TYR A 379 48.80 26.61 -29.72
CA TYR A 379 48.17 27.42 -28.69
C TYR A 379 47.18 26.64 -27.89
N ALA A 380 47.09 26.98 -26.59
CA ALA A 380 46.17 26.24 -25.72
C ALA A 380 44.76 26.39 -26.27
N TRP A 381 43.95 25.36 -26.09
CA TRP A 381 42.51 25.50 -26.35
C TRP A 381 41.88 26.44 -25.35
N ILE A 382 42.32 26.34 -24.10
CA ILE A 382 41.78 27.15 -23.00
C ILE A 382 42.99 27.80 -22.33
N SER A 383 43.20 29.09 -22.61
CA SER A 383 44.42 29.81 -22.23
C SER A 383 44.19 30.82 -21.05
N GLY A 384 44.99 30.68 -20.00
CA GLY A 384 44.97 31.50 -18.79
C GLY A 384 46.16 32.42 -18.68
N LYS A 385 46.96 32.24 -17.64
CA LYS A 385 47.99 33.22 -17.35
C LYS A 385 49.23 33.08 -18.24
N THR A 386 49.60 31.84 -18.50
CA THR A 386 50.90 31.59 -19.12
C THR A 386 50.77 31.00 -20.54
N GLY A 387 49.60 30.53 -20.96
CA GLY A 387 49.47 29.88 -22.30
C GLY A 387 49.47 28.37 -22.29
N ASP A 388 49.77 27.80 -21.13
CA ASP A 388 49.70 26.37 -20.94
C ASP A 388 48.26 25.92 -21.02
N GLU A 389 48.05 24.73 -21.53
CA GLU A 389 46.72 24.22 -21.71
C GLU A 389 45.98 24.11 -20.36
N LEU A 390 44.83 24.76 -20.24
CA LEU A 390 43.97 24.51 -19.03
C LEU A 390 42.81 23.61 -19.27
N CYS A 391 42.58 23.21 -20.53
CA CYS A 391 41.44 22.35 -20.87
C CYS A 391 41.76 20.90 -20.44
N PRO A 392 40.92 20.31 -19.61
CA PRO A 392 41.21 18.88 -19.25
C PRO A 392 40.98 17.93 -20.42
N ASP A 393 41.61 16.76 -20.38
CA ASP A 393 41.32 15.67 -21.33
C ASP A 393 39.89 15.21 -21.17
N PHE A 394 39.38 15.16 -19.90
CA PHE A 394 37.99 14.72 -19.61
C PHE A 394 37.18 15.91 -19.21
N PHE A 395 36.51 16.48 -20.19
CA PHE A 395 35.78 17.69 -20.02
C PHE A 395 34.35 17.38 -19.60
N PHE A 396 33.81 16.32 -20.18
CA PHE A 396 32.44 15.99 -20.05
C PHE A 396 32.31 14.57 -19.46
N LYS A 397 31.10 14.18 -19.12
CA LYS A 397 30.77 12.82 -18.69
C LYS A 397 29.73 12.28 -19.64
N ASP A 398 29.60 10.96 -19.65
CA ASP A 398 28.48 10.30 -20.27
C ASP A 398 27.41 10.23 -19.18
N VAL A 399 26.34 11.01 -19.31
CA VAL A 399 25.36 11.07 -18.24
C VAL A 399 24.57 9.77 -18.15
N LEU A 400 24.69 8.91 -19.16
CA LEU A 400 23.98 7.61 -19.10
C LEU A 400 24.70 6.63 -18.13
N SER A 401 25.99 6.80 -17.89
CA SER A 401 26.76 5.88 -17.08
C SER A 401 27.48 6.54 -15.91
N GLY A 402 27.61 7.86 -15.94
CA GLY A 402 28.42 8.59 -14.95
C GLY A 402 29.92 8.57 -15.22
N ARG A 403 30.39 7.88 -16.26
CA ARG A 403 31.84 7.85 -16.47
C ARG A 403 32.26 9.09 -17.21
N ASP A 404 33.52 9.48 -17.04
CA ASP A 404 34.15 10.43 -17.91
C ASP A 404 34.10 10.01 -19.36
N ILE A 405 34.08 10.99 -20.26
CA ILE A 405 34.40 10.72 -21.66
C ILE A 405 35.60 11.59 -21.98
N ARG A 406 36.38 11.18 -22.97
CA ARG A 406 37.57 11.93 -23.36
C ARG A 406 37.15 12.72 -24.60
N ASN A 407 37.25 14.04 -24.55
CA ASN A 407 37.04 14.78 -25.79
C ASN A 407 38.34 15.43 -26.14
N HIS A 408 38.57 15.62 -27.43
CA HIS A 408 39.91 16.08 -27.85
C HIS A 408 39.95 17.56 -28.14
N PHE A 409 39.17 18.32 -27.41
CA PHE A 409 39.17 19.77 -27.58
C PHE A 409 40.59 20.24 -27.45
N ASN A 410 41.36 19.69 -26.48
CA ASN A 410 42.73 20.18 -26.18
C ASN A 410 43.89 19.75 -27.06
N ASP A 411 43.69 18.71 -27.87
CA ASP A 411 44.82 18.25 -28.65
C ASP A 411 44.50 17.77 -30.09
N TRP A 412 43.23 17.73 -30.51
CA TRP A 412 42.93 17.68 -31.97
C TRP A 412 42.31 18.94 -32.54
N GLN A 413 41.90 19.91 -31.70
CA GLN A 413 41.25 21.07 -32.32
C GLN A 413 42.33 22.06 -32.67
N ILE A 414 43.04 21.78 -33.76
CA ILE A 414 44.27 22.51 -34.04
C ILE A 414 44.11 23.92 -34.62
N HIS A 415 42.88 24.28 -35.07
CA HIS A 415 42.65 25.52 -35.81
C HIS A 415 42.92 26.72 -34.93
N ILE A 416 42.82 26.58 -33.61
CA ILE A 416 43.15 27.72 -32.71
C ILE A 416 44.44 28.47 -33.15
N SER A 417 45.47 27.70 -33.52
CA SER A 417 46.75 28.28 -33.84
C SER A 417 46.69 29.12 -35.21
N PRO A 418 46.20 28.53 -36.35
CA PRO A 418 46.17 29.40 -37.52
C PRO A 418 45.12 30.54 -37.39
N ASP A 419 44.10 30.34 -36.57
CA ASP A 419 43.14 31.41 -36.16
C ASP A 419 43.88 32.63 -35.59
N ILE A 420 44.82 32.38 -34.67
CA ILE A 420 45.66 33.45 -34.16
C ILE A 420 46.59 34.06 -35.24
N ALA A 421 47.12 33.27 -36.17
CA ALA A 421 48.01 33.83 -37.18
C ALA A 421 47.09 34.62 -38.14
N TYR A 422 45.90 34.10 -38.41
CA TYR A 422 44.90 34.84 -39.13
C TYR A 422 44.71 36.21 -38.50
N ALA A 423 44.55 36.23 -37.16
CA ALA A 423 44.17 37.43 -36.47
C ALA A 423 45.32 38.46 -36.51
N VAL A 424 46.55 37.95 -36.49
CA VAL A 424 47.72 38.81 -36.59
C VAL A 424 47.74 39.48 -37.96
N LYS A 425 47.49 38.71 -39.01
CA LYS A 425 47.50 39.27 -40.33
C LYS A 425 46.36 40.29 -40.52
N LYS A 426 45.15 39.98 -40.03
CA LYS A 426 44.03 40.93 -40.23
C LYS A 426 44.26 42.24 -39.52
N TYR A 427 44.92 42.14 -38.37
CA TYR A 427 45.24 43.29 -37.60
C TYR A 427 46.26 44.10 -38.36
N HIS A 428 47.29 43.44 -38.91
CA HIS A 428 48.22 44.10 -39.84
C HIS A 428 47.52 44.82 -41.00
N GLN A 429 46.71 44.09 -41.77
CA GLN A 429 46.01 44.73 -42.88
C GLN A 429 45.15 45.95 -42.50
N VAL A 430 44.44 45.90 -41.37
CA VAL A 430 43.51 46.96 -41.02
C VAL A 430 44.22 48.22 -40.50
N THR A 431 45.31 48.04 -39.77
CA THR A 431 45.89 49.18 -39.09
C THR A 431 47.11 49.74 -39.77
N GLY A 432 47.78 48.90 -40.57
CA GLY A 432 49.13 49.17 -41.12
C GLY A 432 50.18 49.17 -40.03
N ASP A 433 49.88 48.60 -38.89
CA ASP A 433 50.88 48.68 -37.82
C ASP A 433 52.08 47.77 -38.12
N ASP A 434 52.98 48.22 -39.00
CA ASP A 434 54.15 47.38 -39.37
C ASP A 434 55.07 47.10 -38.17
N ALA A 435 55.06 47.97 -37.16
CA ALA A 435 55.99 47.76 -36.04
C ALA A 435 55.63 46.50 -35.25
N PHE A 436 54.34 46.36 -34.98
CA PHE A 436 53.81 45.18 -34.34
C PHE A 436 54.29 43.89 -34.99
N ILE A 437 54.25 43.87 -36.33
CA ILE A 437 54.65 42.71 -37.08
C ILE A 437 56.12 42.43 -36.86
N ARG A 438 56.94 43.49 -36.98
CA ARG A 438 58.39 43.38 -36.83
C ARG A 438 58.75 42.80 -35.46
N ASP A 439 58.13 43.34 -34.43
CA ASP A 439 58.51 42.99 -33.06
C ASP A 439 57.79 41.79 -32.45
N TYR A 440 56.56 41.49 -32.93
CA TYR A 440 55.77 40.42 -32.29
C TYR A 440 55.17 39.43 -33.29
N GLY A 441 54.54 39.97 -34.31
CA GLY A 441 53.66 39.21 -35.16
C GLY A 441 54.37 38.21 -36.02
N ALA A 442 55.55 38.58 -36.50
CA ALA A 442 56.27 37.73 -37.42
C ALA A 442 56.67 36.49 -36.68
N GLU A 443 57.15 36.66 -35.43
CA GLU A 443 57.57 35.53 -34.63
C GLU A 443 56.39 34.51 -34.38
N MET A 444 55.21 35.05 -34.08
CA MET A 444 54.00 34.28 -33.85
C MET A 444 53.60 33.48 -35.10
N ILE A 445 53.46 34.18 -36.22
CA ILE A 445 53.09 33.58 -37.49
C ILE A 445 54.07 32.54 -37.90
N PHE A 446 55.36 32.80 -37.67
CA PHE A 446 56.39 31.77 -37.98
C PHE A 446 56.25 30.50 -37.13
N GLU A 447 56.08 30.69 -35.81
CA GLU A 447 55.91 29.58 -34.90
C GLU A 447 54.62 28.79 -35.18
N ILE A 448 53.60 29.47 -35.72
CA ILE A 448 52.33 28.82 -35.93
C ILE A 448 52.48 28.00 -37.21
N ALA A 449 53.15 28.58 -38.23
CA ALA A 449 53.46 27.81 -39.47
C ALA A 449 54.33 26.59 -39.17
N ARG A 450 55.27 26.73 -38.23
CA ARG A 450 56.18 25.64 -37.91
C ARG A 450 55.38 24.52 -37.23
N PHE A 451 54.46 24.91 -36.32
CA PHE A 451 53.48 23.96 -35.78
C PHE A 451 52.69 23.20 -36.83
N LEU A 452 52.06 23.94 -37.73
CA LEU A 452 51.25 23.33 -38.79
C LEU A 452 52.09 22.35 -39.63
N ALA A 453 53.35 22.70 -39.88
CA ALA A 453 54.22 21.81 -40.67
C ALA A 453 54.58 20.56 -39.85
N SER A 454 54.58 20.64 -38.52
CA SER A 454 54.88 19.42 -37.75
C SER A 454 53.61 18.61 -37.61
N HIS A 455 52.43 19.24 -37.77
CA HIS A 455 51.17 18.49 -37.63
C HIS A 455 50.88 17.72 -38.92
N ALA A 456 51.11 18.39 -40.07
CA ALA A 456 50.77 17.86 -41.39
C ALA A 456 51.35 16.50 -41.64
N VAL A 457 50.65 15.66 -42.39
CA VAL A 457 51.25 14.43 -42.88
C VAL A 457 51.49 14.56 -44.39
N TYR A 458 52.58 13.98 -44.86
CA TYR A 458 52.80 13.86 -46.29
C TYR A 458 52.37 12.47 -46.73
N LYS A 459 51.58 12.40 -47.80
CA LYS A 459 51.11 11.09 -48.36
C LYS A 459 51.82 10.83 -49.72
N PRO A 460 52.86 10.00 -49.68
CA PRO A 460 53.77 9.93 -50.81
C PRO A 460 53.13 9.37 -52.12
N MET A 461 52.22 8.41 -51.99
CA MET A 461 51.50 7.88 -53.12
C MET A 461 50.41 8.81 -53.64
N ARG A 462 49.96 9.77 -52.84
CA ARG A 462 49.05 10.78 -53.35
C ARG A 462 49.84 12.03 -53.72
N GLY A 463 51.14 12.06 -53.41
CA GLY A 463 51.96 13.27 -53.57
C GLY A 463 51.34 14.54 -53.02
N ARG A 464 50.73 14.49 -51.82
CA ARG A 464 50.25 15.70 -51.17
C ARG A 464 50.33 15.67 -49.64
N TYR A 465 50.23 16.87 -49.08
CA TYR A 465 50.11 17.05 -47.65
C TYR A 465 48.64 17.04 -47.27
N GLU A 466 48.36 16.55 -46.05
CA GLU A 466 47.02 16.54 -45.45
C GLU A 466 47.11 16.85 -43.95
N PHE A 467 45.95 17.20 -43.39
CA PHE A 467 45.79 17.49 -41.96
C PHE A 467 44.80 16.49 -41.40
N MET A 468 45.36 15.46 -40.75
CA MET A 468 44.57 14.31 -40.30
C MET A 468 44.23 14.43 -38.84
N ARG A 469 43.07 13.85 -38.51
CA ARG A 469 42.67 13.56 -37.17
C ARG A 469 42.57 14.90 -36.42
N VAL A 470 41.68 15.77 -36.92
CA VAL A 470 41.47 17.03 -36.27
C VAL A 470 40.03 17.12 -35.72
N GLN A 471 39.73 18.26 -35.13
CA GLN A 471 38.37 18.61 -34.82
C GLN A 471 38.19 20.06 -35.31
N GLY A 472 37.16 20.31 -36.11
CA GLY A 472 36.82 21.66 -36.56
C GLY A 472 35.95 22.45 -35.59
N PRO A 473 35.60 23.70 -35.99
CA PRO A 473 34.63 24.50 -35.26
C PRO A 473 33.28 23.76 -34.91
N ASP A 474 32.85 22.81 -35.76
CA ASP A 474 31.69 22.01 -35.48
C ASP A 474 32.25 21.05 -34.40
N GLN A 475 32.05 21.36 -33.11
CA GLN A 475 32.68 20.56 -32.02
C GLN A 475 32.28 19.07 -32.04
N TYR A 476 31.12 18.77 -32.59
CA TYR A 476 30.56 17.42 -32.46
C TYR A 476 31.31 16.36 -33.22
N HIS A 477 32.10 16.74 -34.26
CA HIS A 477 32.82 15.73 -35.05
C HIS A 477 34.31 15.66 -34.77
N GLU A 478 34.79 14.62 -34.06
CA GLU A 478 36.19 14.50 -33.74
C GLU A 478 36.88 13.47 -34.60
N ASN A 479 38.22 13.58 -34.75
CA ASN A 479 38.95 12.58 -35.52
C ASN A 479 38.49 12.67 -37.01
N VAL A 480 38.41 13.88 -37.56
CA VAL A 480 38.05 14.02 -38.95
C VAL A 480 39.27 14.46 -39.69
N ASP A 481 39.29 14.14 -40.96
CA ASP A 481 40.44 14.50 -41.80
C ASP A 481 40.13 15.64 -42.71
N ASN A 482 41.12 16.50 -42.89
CA ASN A 482 41.01 17.57 -43.86
C ASN A 482 39.73 18.35 -43.69
N ASN A 483 39.54 18.85 -42.48
CA ASN A 483 38.50 19.83 -42.23
C ASN A 483 38.77 21.04 -43.13
N ALA A 484 37.79 21.41 -43.95
CA ALA A 484 37.99 22.55 -44.90
C ALA A 484 38.45 23.83 -44.24
N PHE A 485 37.75 24.20 -43.18
CA PHE A 485 38.03 25.37 -42.43
C PHE A 485 39.46 25.37 -42.00
N THR A 486 39.89 24.25 -41.40
CA THR A 486 41.25 24.08 -40.92
C THR A 486 42.31 24.17 -42.06
N ASN A 487 42.15 23.39 -43.12
CA ASN A 487 43.19 23.36 -44.18
C ASN A 487 43.30 24.78 -44.84
N HIS A 488 42.18 25.49 -44.93
CA HIS A 488 42.18 26.83 -45.54
C HIS A 488 42.90 27.78 -44.60
N GLN A 489 42.59 27.71 -43.29
CA GLN A 489 43.32 28.48 -42.26
C GLN A 489 44.80 28.16 -42.28
N ALA A 490 45.14 26.87 -42.41
CA ALA A 490 46.59 26.51 -42.46
C ALA A 490 47.28 27.11 -43.69
N MET A 491 46.62 27.03 -44.83
CA MET A 491 47.18 27.63 -46.07
C MET A 491 47.37 29.14 -45.91
N PHE A 492 46.36 29.80 -45.34
CA PHE A 492 46.41 31.23 -45.10
C PHE A 492 47.62 31.62 -44.26
N THR A 493 47.91 30.82 -43.25
CA THR A 493 49.08 31.04 -42.39
C THR A 493 50.36 30.79 -43.14
N LEU A 494 50.40 29.75 -43.98
CA LEU A 494 51.67 29.48 -44.64
C LEU A 494 51.99 30.61 -45.64
N GLN A 495 50.92 31.12 -46.25
CA GLN A 495 50.99 32.22 -47.16
C GLN A 495 51.38 33.54 -46.49
N ALA A 496 50.84 33.85 -45.30
CA ALA A 496 51.29 35.02 -44.54
C ALA A 496 52.76 34.89 -44.14
N ALA A 497 53.20 33.68 -43.77
CA ALA A 497 54.62 33.48 -43.43
C ALA A 497 55.58 33.75 -44.62
N ASP A 498 55.19 33.26 -45.79
CA ASP A 498 55.96 33.38 -47.03
C ASP A 498 55.95 34.87 -47.48
N GLU A 499 54.81 35.57 -47.41
CA GLU A 499 54.82 37.03 -47.58
C GLU A 499 55.81 37.75 -46.61
N LEU A 500 55.84 37.37 -45.32
CA LEU A 500 56.85 37.96 -44.40
C LEU A 500 58.27 37.64 -44.80
N LEU A 501 58.51 36.39 -45.18
CA LEU A 501 59.83 36.01 -45.62
C LEU A 501 60.26 36.90 -46.80
N GLN A 502 59.33 37.44 -47.56
CA GLN A 502 59.69 38.05 -48.81
C GLN A 502 59.68 39.55 -48.76
N THR A 503 59.12 40.11 -47.69
CA THR A 503 58.90 41.54 -47.57
C THR A 503 59.48 42.22 -46.33
N LEU A 504 59.73 41.51 -45.23
CA LEU A 504 60.36 42.20 -44.07
C LEU A 504 61.82 42.58 -44.40
N ASP A 505 62.30 43.65 -43.79
CA ASP A 505 63.70 44.02 -43.91
C ASP A 505 64.65 42.91 -43.39
N GLU A 506 65.86 42.84 -43.97
CA GLU A 506 66.82 41.79 -43.64
C GLU A 506 67.13 41.74 -42.13
N LYS A 507 67.30 42.93 -41.55
CA LYS A 507 67.71 43.06 -40.19
C LYS A 507 66.67 42.41 -39.27
N THR A 508 65.39 42.76 -39.46
CA THR A 508 64.28 42.25 -38.65
C THR A 508 64.16 40.73 -38.88
N LEU A 509 64.33 40.31 -40.12
CA LEU A 509 64.14 38.90 -40.47
C LEU A 509 65.21 38.08 -39.76
N SER A 510 66.46 38.59 -39.68
CA SER A 510 67.56 37.88 -39.01
C SER A 510 67.34 37.80 -37.56
N ALA A 511 66.94 38.91 -36.96
CA ALA A 511 66.71 38.83 -35.54
C ALA A 511 65.64 37.71 -35.24
N VAL A 512 64.54 37.65 -36.03
CA VAL A 512 63.39 36.72 -35.74
C VAL A 512 63.80 35.29 -36.00
N LYS A 513 64.38 35.05 -37.20
CA LYS A 513 64.96 33.74 -37.64
C LYS A 513 65.93 33.15 -36.61
N GLU A 514 66.88 33.97 -36.16
CA GLU A 514 67.74 33.60 -35.04
C GLU A 514 67.02 33.41 -33.68
N LYS A 515 66.05 34.25 -33.34
CA LYS A 515 65.42 34.07 -32.03
C LYS A 515 64.72 32.67 -31.92
N ILE A 516 64.15 32.21 -33.03
CA ILE A 516 63.33 30.99 -33.03
C ILE A 516 64.02 29.84 -33.71
N GLY A 517 65.26 30.03 -34.19
CA GLY A 517 66.00 28.94 -34.84
C GLY A 517 65.37 28.51 -36.16
N LEU A 518 64.78 29.46 -36.87
CA LEU A 518 64.12 29.12 -38.15
C LEU A 518 65.12 28.76 -39.26
N SER A 519 65.16 27.48 -39.63
CA SER A 519 66.11 27.05 -40.67
C SER A 519 65.52 27.15 -42.07
N ASP A 520 66.39 27.11 -43.06
CA ASP A 520 66.01 27.15 -44.45
C ASP A 520 65.28 25.90 -44.90
N ASP A 521 65.65 24.74 -44.32
CA ASP A 521 64.90 23.47 -44.52
C ASP A 521 63.39 23.61 -44.18
N GLU A 522 63.10 24.28 -43.04
CA GLU A 522 61.74 24.57 -42.66
C GLU A 522 61.05 25.43 -43.70
N ILE A 523 61.75 26.45 -44.16
CA ILE A 523 61.18 27.41 -45.08
C ILE A 523 60.84 26.76 -46.43
N SER A 524 61.69 25.86 -46.93
CA SER A 524 61.28 25.19 -48.19
C SER A 524 60.18 24.12 -47.98
N LEU A 525 60.11 23.51 -46.78
CA LEU A 525 58.90 22.71 -46.39
C LEU A 525 57.60 23.53 -46.50
N TRP A 526 57.61 24.75 -45.96
CA TRP A 526 56.42 25.62 -46.03
C TRP A 526 56.00 25.93 -47.45
N ARG A 527 57.01 26.13 -48.31
CA ARG A 527 56.73 26.54 -49.70
C ARG A 527 56.26 25.31 -50.46
N ASP A 528 56.86 24.16 -50.13
CA ASP A 528 56.40 22.92 -50.65
C ASP A 528 54.98 22.54 -50.21
N MET A 529 54.65 22.79 -48.93
CA MET A 529 53.25 22.66 -48.47
C MET A 529 52.25 23.56 -49.21
N LEU A 530 52.64 24.82 -49.43
CA LEU A 530 51.80 25.79 -50.15
C LEU A 530 51.40 25.34 -51.56
N ALA A 531 52.28 24.63 -52.24
CA ALA A 531 51.99 24.21 -53.61
C ALA A 531 51.29 22.84 -53.59
N ASN A 532 51.42 22.05 -52.49
CA ASN A 532 51.01 20.62 -52.50
C ASN A 532 50.10 20.09 -51.36
N THR A 533 49.45 20.98 -50.62
CA THR A 533 48.54 20.57 -49.58
C THR A 533 47.16 20.34 -50.18
N TYR A 534 46.54 19.20 -49.88
CA TYR A 534 45.15 19.06 -50.18
C TYR A 534 44.19 20.05 -49.44
N VAL A 535 43.36 20.73 -50.23
CA VAL A 535 42.44 21.71 -49.73
C VAL A 535 41.06 21.43 -50.27
N PRO A 536 40.11 21.11 -49.38
CA PRO A 536 38.82 20.75 -50.00
C PRO A 536 38.23 21.98 -50.70
N LYS A 537 37.70 21.79 -51.90
CA LYS A 537 37.14 22.92 -52.68
C LYS A 537 35.75 22.66 -53.19
N PRO A 538 35.08 23.67 -53.75
CA PRO A 538 33.70 23.39 -54.13
C PRO A 538 33.64 22.23 -55.04
N ASP A 539 32.71 21.31 -54.83
CA ASP A 539 32.57 20.15 -55.74
C ASP A 539 31.72 20.54 -56.98
N LYS A 540 31.33 19.57 -57.80
CA LYS A 540 30.48 19.83 -58.97
C LYS A 540 29.13 20.47 -58.61
N HIS A 541 28.62 20.28 -57.38
CA HIS A 541 27.42 21.01 -57.01
C HIS A 541 27.71 22.34 -56.41
N GLY A 542 28.98 22.77 -56.33
CA GLY A 542 29.36 24.03 -55.56
C GLY A 542 29.64 23.82 -54.03
N ILE A 543 29.46 22.58 -53.55
CA ILE A 543 29.51 22.34 -52.09
C ILE A 543 30.93 22.02 -51.65
N ILE A 544 31.39 22.69 -50.59
CA ILE A 544 32.66 22.36 -49.98
C ILE A 544 32.40 21.35 -48.86
N GLU A 545 33.00 20.19 -48.97
CA GLU A 545 32.76 19.09 -47.99
C GLU A 545 33.38 19.47 -46.62
N GLN A 546 32.62 19.44 -45.52
CA GLN A 546 33.15 19.96 -44.22
C GLN A 546 34.48 19.25 -43.82
N PHE A 547 34.56 17.92 -44.00
CA PHE A 547 35.76 17.11 -43.69
C PHE A 547 35.63 15.81 -44.51
N ASP A 548 36.70 15.02 -44.63
CA ASP A 548 36.61 13.89 -45.60
C ASP A 548 35.49 12.93 -45.18
N GLY A 549 34.58 12.57 -46.08
CA GLY A 549 33.57 11.58 -45.68
C GLY A 549 32.35 12.15 -44.97
N TYR A 550 32.36 13.45 -44.70
CA TYR A 550 31.15 14.11 -44.19
C TYR A 550 29.94 13.78 -45.09
N TYR A 551 30.15 13.68 -46.40
CA TYR A 551 28.98 13.43 -47.27
C TYR A 551 28.38 12.05 -47.04
N ASP A 552 29.16 11.12 -46.48
CA ASP A 552 28.71 9.74 -46.18
C ASP A 552 27.96 9.55 -44.87
N LEU A 553 27.93 10.55 -43.97
CA LEU A 553 27.16 10.44 -42.75
C LEU A 553 25.68 10.69 -43.01
N GLU A 554 24.86 10.29 -42.05
CA GLU A 554 23.41 10.39 -42.18
C GLU A 554 22.89 11.83 -42.40
N THR A 555 22.07 12.05 -43.40
CA THR A 555 21.34 13.32 -43.56
C THR A 555 20.10 13.43 -42.68
N ILE A 556 20.10 14.44 -41.82
CA ILE A 556 18.93 14.73 -41.03
C ILE A 556 18.51 16.20 -41.15
N ILE A 557 17.40 16.46 -41.84
CA ILE A 557 16.98 17.85 -42.08
C ILE A 557 15.51 17.94 -41.70
N PRO A 558 15.14 18.87 -40.79
CA PRO A 558 16.09 19.77 -40.13
C PRO A 558 16.95 19.00 -39.13
N ALA A 559 18.14 19.51 -38.87
CA ALA A 559 19.08 18.85 -37.98
C ALA A 559 18.46 18.49 -36.60
N LYS A 560 17.54 19.33 -36.10
CA LYS A 560 17.06 19.23 -34.74
C LYS A 560 16.27 17.92 -34.50
N LYS A 561 15.79 17.32 -35.58
CA LYS A 561 15.14 16.02 -35.51
C LYS A 561 16.02 14.99 -34.74
N VAL A 562 17.32 15.07 -34.91
CA VAL A 562 18.23 14.18 -34.24
C VAL A 562 17.99 14.08 -32.71
N THR A 563 17.42 15.11 -32.10
CA THR A 563 17.31 15.11 -30.65
C THR A 563 16.29 14.07 -30.17
N GLU A 564 15.49 13.51 -31.07
CA GLU A 564 14.53 12.45 -30.75
C GLU A 564 15.21 11.19 -30.26
N ARG A 565 16.51 11.09 -30.47
CA ARG A 565 17.26 9.85 -30.25
C ARG A 565 17.89 9.97 -28.89
N LEU A 566 17.71 11.11 -28.22
CA LEU A 566 18.29 11.30 -26.90
C LEU A 566 17.65 10.39 -25.87
N ILE A 567 18.42 9.90 -24.92
CA ILE A 567 17.84 9.14 -23.83
C ILE A 567 17.70 10.10 -22.65
N LYS A 568 18.73 10.91 -22.41
CA LYS A 568 18.58 12.05 -21.51
C LYS A 568 18.83 13.38 -22.23
N GLU A 569 18.12 14.42 -21.83
CA GLU A 569 18.30 15.74 -22.43
C GLU A 569 19.68 16.35 -22.24
N ASP A 570 20.39 15.97 -21.20
CA ASP A 570 21.65 16.66 -20.93
C ASP A 570 22.88 15.81 -21.35
N GLU A 571 22.65 14.81 -22.22
CA GLU A 571 23.79 14.04 -22.75
C GLU A 571 24.56 15.02 -23.58
N TYR A 572 25.87 14.93 -23.53
CA TYR A 572 26.72 15.48 -24.57
C TYR A 572 26.32 14.87 -25.93
N TYR A 573 26.09 15.70 -26.94
CA TYR A 573 25.63 15.25 -28.28
C TYR A 573 26.71 14.71 -29.22
N GLY A 574 27.96 15.01 -28.91
CA GLY A 574 29.07 14.68 -29.81
C GLY A 574 29.84 13.41 -29.45
N TYR A 575 31.13 13.44 -29.74
CA TYR A 575 32.03 12.36 -29.60
C TYR A 575 32.09 11.95 -28.13
N PRO A 576 32.23 10.64 -27.86
CA PRO A 576 32.48 9.58 -28.87
C PRO A 576 31.26 8.90 -29.51
N ASN A 577 30.12 8.91 -28.82
CA ASN A 577 28.98 8.09 -29.29
C ASN A 577 27.63 8.80 -29.12
N GLY A 578 27.69 10.11 -29.13
CA GLY A 578 26.50 10.92 -29.10
C GLY A 578 25.65 10.85 -30.35
N VAL A 579 24.42 11.34 -30.27
CA VAL A 579 23.45 11.24 -31.38
C VAL A 579 23.91 11.87 -32.70
N THR A 580 24.82 12.84 -32.65
CA THR A 580 25.20 13.54 -33.89
C THR A 580 26.35 12.88 -34.63
N VAL A 581 27.09 12.01 -33.92
CA VAL A 581 28.40 11.54 -34.41
C VAL A 581 28.41 11.00 -35.83
N ARG A 582 27.41 10.21 -36.18
CA ARG A 582 27.41 9.60 -37.49
C ARG A 582 26.40 10.27 -38.41
N THR A 583 26.10 11.52 -38.10
CA THR A 583 25.10 12.25 -38.83
C THR A 583 25.81 13.48 -39.35
N GLN A 584 25.13 14.15 -40.26
CA GLN A 584 25.60 15.41 -40.81
C GLN A 584 25.16 16.62 -39.99
N CYS A 585 24.51 16.38 -38.85
CA CYS A 585 24.15 17.47 -37.93
C CYS A 585 25.42 18.07 -37.31
N ILE A 586 25.58 19.40 -37.38
CA ILE A 586 26.76 20.09 -36.89
C ILE A 586 26.35 21.11 -35.87
N LYS A 587 27.25 21.35 -34.95
CA LYS A 587 26.89 22.16 -33.81
C LYS A 587 26.72 23.65 -34.19
N GLN A 588 27.57 24.13 -35.11
CA GLN A 588 27.70 25.58 -35.38
C GLN A 588 28.35 25.73 -36.73
N ALA A 589 28.54 26.96 -37.15
CA ALA A 589 29.23 27.23 -38.42
C ALA A 589 30.61 26.54 -38.54
N ASP A 590 30.88 25.99 -39.72
CA ASP A 590 32.12 25.33 -39.97
C ASP A 590 32.60 25.72 -41.39
N VAL A 591 32.15 25.06 -42.45
CA VAL A 591 32.32 25.69 -43.79
C VAL A 591 31.80 27.18 -43.80
N ILE A 592 30.72 27.47 -43.11
CA ILE A 592 30.20 28.84 -43.16
C ILE A 592 31.19 29.78 -42.45
N GLN A 593 31.82 29.27 -41.39
CA GLN A 593 32.83 30.04 -40.65
C GLN A 593 33.97 30.46 -41.57
N LEU A 594 34.30 29.63 -42.55
CA LEU A 594 35.36 29.99 -43.48
C LEU A 594 34.98 31.22 -44.28
N PHE A 595 33.72 31.31 -44.75
CA PHE A 595 33.28 32.54 -45.48
C PHE A 595 33.28 33.78 -44.61
N VAL A 596 32.97 33.62 -43.32
CA VAL A 596 33.05 34.73 -42.40
C VAL A 596 34.46 35.29 -42.39
N LEU A 597 35.46 34.44 -42.22
CA LEU A 597 36.86 34.89 -42.15
C LEU A 597 37.45 35.33 -43.52
N HIS A 598 37.03 34.72 -44.64
CA HIS A 598 37.55 35.02 -46.02
C HIS A 598 36.41 35.34 -46.98
N PRO A 599 35.80 36.49 -46.81
CA PRO A 599 34.58 36.81 -47.55
C PRO A 599 34.87 37.09 -49.03
N HIS A 600 36.12 37.22 -49.41
CA HIS A 600 36.47 37.46 -50.82
C HIS A 600 36.99 36.26 -51.49
N LEU A 601 37.10 35.15 -50.77
CA LEU A 601 37.74 34.01 -51.35
C LEU A 601 36.88 33.37 -52.39
N TYR A 602 35.63 33.01 -52.08
CA TYR A 602 34.83 32.27 -53.07
C TYR A 602 33.77 33.21 -53.60
N ASP A 603 33.15 32.93 -54.76
CA ASP A 603 32.11 33.82 -55.34
C ASP A 603 30.81 33.68 -54.58
N ARG A 604 29.94 34.64 -54.79
CA ARG A 604 28.66 34.70 -54.13
C ARG A 604 27.75 33.43 -54.32
N LYS A 605 27.69 32.87 -55.53
CA LYS A 605 26.83 31.74 -55.77
C LYS A 605 27.30 30.52 -54.96
N THR A 606 28.61 30.28 -54.92
CA THR A 606 29.25 29.19 -54.14
C THR A 606 28.89 29.36 -52.65
N VAL A 607 29.04 30.60 -52.16
CA VAL A 607 28.74 30.89 -50.77
C VAL A 607 27.25 30.59 -50.59
N GLU A 608 26.40 31.07 -51.51
CA GLU A 608 24.97 30.83 -51.37
C GLU A 608 24.62 29.34 -51.29
N LEU A 609 25.16 28.56 -52.22
CA LEU A 609 24.83 27.14 -52.27
C LEU A 609 25.31 26.44 -50.98
N ASN A 610 26.53 26.72 -50.54
CA ASN A 610 27.01 26.18 -49.25
C ASN A 610 26.10 26.56 -48.07
N TYR A 611 25.59 27.78 -48.10
CA TYR A 611 24.66 28.27 -47.06
C TYR A 611 23.41 27.44 -47.02
N GLU A 612 22.83 27.25 -48.19
CA GLU A 612 21.58 26.50 -48.28
C GLU A 612 21.71 25.02 -47.93
N PHE A 613 22.88 24.47 -48.22
CA PHE A 613 23.19 23.07 -47.95
C PHE A 613 23.41 22.89 -46.45
N TYR A 614 24.19 23.79 -45.81
CA TYR A 614 24.66 23.58 -44.41
C TYR A 614 23.78 24.13 -43.29
N GLU A 615 23.18 25.28 -43.53
CA GLU A 615 22.19 25.83 -42.58
C GLU A 615 21.17 24.84 -42.05
N PRO A 616 20.48 24.06 -42.94
CA PRO A 616 19.45 23.12 -42.38
C PRO A 616 20.06 21.90 -41.70
N ARG A 617 21.34 21.64 -41.93
CA ARG A 617 22.10 20.63 -41.21
C ARG A 617 22.69 21.16 -39.86
N THR A 618 22.46 22.45 -39.55
CA THR A 618 23.09 23.10 -38.40
C THR A 618 22.13 23.22 -37.20
N LEU A 619 22.51 22.63 -36.07
CA LEU A 619 21.68 22.68 -34.85
C LEU A 619 21.67 24.08 -34.27
N HIS A 620 22.74 24.83 -34.49
CA HIS A 620 22.93 26.09 -33.78
C HIS A 620 23.00 25.88 -32.27
N PHE A 621 23.54 24.77 -31.78
CA PHE A 621 23.60 24.55 -30.32
C PHE A 621 24.84 25.19 -29.69
N SER A 622 25.49 26.06 -30.42
CA SER A 622 26.54 26.85 -29.83
C SER A 622 26.13 28.28 -30.00
N SER A 623 26.45 29.07 -29.00
CA SER A 623 26.09 30.48 -28.99
C SER A 623 26.95 31.19 -30.05
N LEU A 624 27.96 30.50 -30.59
CA LEU A 624 28.76 31.07 -31.71
C LEU A 624 28.07 30.99 -33.04
N SER A 625 27.03 30.14 -33.12
CA SER A 625 26.51 29.74 -34.42
C SER A 625 25.74 30.86 -35.17
N PRO A 626 24.69 31.41 -34.57
CA PRO A 626 23.78 32.29 -35.35
C PRO A 626 24.44 33.57 -35.90
N SER A 627 25.35 34.17 -35.13
CA SER A 627 26.07 35.34 -35.63
C SER A 627 26.83 35.03 -36.91
N SER A 628 27.39 33.83 -37.04
CA SER A 628 28.15 33.52 -38.26
C SER A 628 27.23 33.31 -39.50
N TYR A 629 26.11 32.66 -39.28
CA TYR A 629 25.12 32.53 -40.35
C TYR A 629 24.48 33.86 -40.74
N ALA A 630 24.32 34.76 -39.80
CA ALA A 630 23.78 36.11 -40.04
C ALA A 630 24.69 36.83 -41.00
N ILE A 631 25.98 36.76 -40.69
CA ILE A 631 26.94 37.56 -41.35
C ILE A 631 27.06 37.18 -42.81
N VAL A 632 27.06 35.88 -43.07
CA VAL A 632 27.07 35.34 -44.43
C VAL A 632 25.72 35.63 -45.15
N ALA A 633 24.59 35.35 -44.50
CA ALA A 633 23.28 35.51 -45.12
C ALA A 633 23.07 36.94 -45.66
N ALA A 634 23.43 37.91 -44.84
CA ALA A 634 23.29 39.31 -45.08
C ALA A 634 23.82 39.74 -46.48
N GLN A 635 24.90 39.08 -46.90
CA GLN A 635 25.76 39.44 -48.00
C GLN A 635 25.55 38.55 -49.23
N ILE A 636 24.71 37.54 -49.10
CA ILE A 636 24.26 36.78 -50.28
C ILE A 636 22.76 36.96 -50.45
N ASP A 637 22.26 38.15 -50.14
CA ASP A 637 20.84 38.43 -50.38
C ASP A 637 19.84 37.58 -49.56
N LYS A 638 20.18 37.28 -48.31
CA LYS A 638 19.24 36.59 -47.43
C LYS A 638 19.09 37.43 -46.18
N VAL A 639 18.74 38.68 -46.44
CA VAL A 639 18.81 39.72 -45.50
C VAL A 639 17.86 39.51 -44.31
N GLU A 640 16.66 39.02 -44.60
CA GLU A 640 15.65 38.77 -43.58
C GLU A 640 16.00 37.55 -42.73
N GLU A 641 16.68 36.58 -43.34
CA GLU A 641 17.19 35.42 -42.62
C GLU A 641 18.35 35.87 -41.78
N ALA A 642 19.17 36.78 -42.33
CA ALA A 642 20.28 37.31 -41.60
C ALA A 642 19.73 37.98 -40.33
N TYR A 643 18.63 38.69 -40.51
CA TYR A 643 18.04 39.45 -39.43
C TYR A 643 17.43 38.51 -38.35
N ARG A 644 16.81 37.42 -38.76
CA ARG A 644 16.41 36.38 -37.76
C ARG A 644 17.54 35.77 -36.90
N ASN A 645 18.64 35.41 -37.53
CA ASN A 645 19.86 35.06 -36.84
C ASN A 645 20.42 36.14 -35.94
N PHE A 646 20.39 37.41 -36.39
CA PHE A 646 20.77 38.52 -35.55
C PHE A 646 19.91 38.50 -34.28
N ARG A 647 18.59 38.35 -34.45
CA ARG A 647 17.71 38.26 -33.34
C ARG A 647 18.02 37.06 -32.44
N LYS A 648 18.29 35.89 -32.98
CA LYS A 648 18.55 34.75 -32.09
C LYS A 648 19.77 35.05 -31.24
N SER A 649 20.78 35.59 -31.92
CA SER A 649 22.08 35.87 -31.36
C SER A 649 22.01 36.91 -30.26
N VAL A 650 21.29 38.02 -30.49
CA VAL A 650 21.41 39.11 -29.51
C VAL A 650 20.53 38.83 -28.27
N MET A 651 19.69 37.78 -28.34
CA MET A 651 18.71 37.52 -27.29
C MET A 651 19.14 36.31 -26.44
N ILE A 652 20.28 35.72 -26.82
CA ILE A 652 20.75 34.47 -26.20
C ILE A 652 20.76 34.56 -24.65
N ASP A 653 21.34 35.62 -24.07
CA ASP A 653 21.35 35.86 -22.63
C ASP A 653 20.06 36.49 -22.10
N LEU A 654 19.59 37.57 -22.76
CA LEU A 654 18.41 38.33 -22.35
C LEU A 654 17.21 37.42 -22.17
N LEU A 655 17.03 36.56 -23.14
CA LEU A 655 15.89 35.69 -23.13
C LEU A 655 16.29 34.32 -22.68
N ASN A 656 17.54 34.16 -22.23
CA ASN A 656 17.95 32.95 -21.59
C ASN A 656 17.58 31.72 -22.37
N THR A 657 17.93 31.70 -23.67
CA THR A 657 17.49 30.64 -24.61
C THR A 657 18.40 29.41 -24.65
N ASN A 658 19.57 29.43 -23.97
CA ASN A 658 20.52 28.26 -23.96
C ASN A 658 20.45 27.45 -22.60
N GLU A 659 21.32 26.45 -22.35
CA GLU A 659 21.03 25.41 -21.29
C GLU A 659 21.64 25.48 -19.83
N ALA A 660 22.88 25.97 -19.74
CA ALA A 660 23.60 26.00 -18.45
C ALA A 660 24.46 24.74 -18.27
N VAL A 661 23.93 23.59 -18.68
CA VAL A 661 24.48 22.31 -18.24
C VAL A 661 24.41 21.26 -19.36
N SER A 662 25.49 20.52 -19.53
CA SER A 662 25.53 19.53 -20.57
C SER A 662 26.61 18.56 -20.18
N GLY A 663 26.27 17.27 -20.25
CA GLY A 663 27.19 16.18 -19.93
C GLY A 663 27.91 16.36 -18.61
N GLY A 664 27.17 16.84 -17.61
CA GLY A 664 27.68 16.93 -16.25
C GLY A 664 28.55 18.12 -15.98
N THR A 665 28.68 19.00 -16.96
CA THR A 665 29.57 20.17 -16.82
C THR A 665 28.79 21.47 -16.98
N PHE A 666 29.18 22.45 -16.17
CA PHE A 666 28.46 23.70 -16.13
C PHE A 666 29.05 24.58 -17.23
N ILE A 667 28.23 25.00 -18.18
CA ILE A 667 28.75 25.80 -19.32
C ILE A 667 27.93 27.09 -19.50
N GLY A 668 27.13 27.38 -18.48
CA GLY A 668 26.29 28.60 -18.48
C GLY A 668 27.13 29.87 -18.21
N GLY A 669 26.44 30.95 -17.90
CA GLY A 669 27.08 32.23 -17.86
C GLY A 669 26.77 33.12 -19.05
N ILE A 670 27.39 34.29 -19.05
CA ILE A 670 27.23 35.24 -20.15
C ILE A 670 28.04 34.79 -21.39
N HIS A 671 27.45 34.86 -22.58
CA HIS A 671 28.07 34.30 -23.77
C HIS A 671 28.89 35.32 -24.49
N THR A 672 30.13 35.41 -24.02
CA THR A 672 31.05 36.45 -24.44
C THR A 672 31.37 36.55 -25.94
N ALA A 673 31.64 35.44 -26.62
CA ALA A 673 31.75 35.41 -28.12
C ALA A 673 30.49 36.01 -28.79
N ALA A 674 29.30 35.55 -28.41
CA ALA A 674 28.08 36.17 -28.93
C ALA A 674 27.99 37.63 -28.61
N ASN A 675 28.38 38.01 -27.39
CA ASN A 675 28.40 39.44 -27.05
C ASN A 675 29.16 40.28 -28.05
N GLY A 676 30.41 39.88 -28.32
CA GLY A 676 31.30 40.48 -29.31
C GLY A 676 30.67 40.40 -30.68
N ALA A 677 30.15 39.24 -31.06
CA ALA A 677 29.63 39.09 -32.41
C ALA A 677 28.47 40.04 -32.71
N SER A 678 27.73 40.52 -31.69
CA SER A 678 26.61 41.41 -31.93
C SER A 678 27.07 42.64 -32.77
N TRP A 679 28.23 43.21 -32.42
CA TRP A 679 28.83 44.30 -33.12
C TRP A 679 29.08 43.91 -34.59
N GLN A 680 29.67 42.75 -34.82
CA GLN A 680 30.11 42.37 -36.16
C GLN A 680 28.94 42.09 -37.08
N MET A 681 27.83 41.58 -36.54
CA MET A 681 26.67 41.28 -37.36
C MET A 681 26.20 42.59 -38.04
N VAL A 682 26.06 43.65 -37.26
CA VAL A 682 25.77 44.99 -37.77
C VAL A 682 26.78 45.52 -38.73
N VAL A 683 28.05 45.52 -38.32
CA VAL A 683 29.09 46.25 -39.02
C VAL A 683 29.68 45.45 -40.19
N ASN A 684 30.09 44.21 -39.92
CA ASN A 684 30.67 43.39 -40.94
C ASN A 684 29.58 42.71 -41.70
N GLY A 685 28.44 42.47 -41.05
CA GLY A 685 27.43 41.66 -41.67
C GLY A 685 26.47 42.49 -42.52
N PHE A 686 25.59 43.27 -41.89
CA PHE A 686 24.70 44.12 -42.64
C PHE A 686 25.53 45.20 -43.41
N GLY A 687 26.56 45.73 -42.77
CA GLY A 687 27.39 46.80 -43.30
C GLY A 687 28.31 46.29 -44.36
N GLY A 688 28.71 45.01 -44.23
CA GLY A 688 29.57 44.40 -45.25
C GLY A 688 30.97 44.99 -45.16
N LEU A 689 31.29 45.67 -44.07
CA LEU A 689 32.69 46.14 -43.88
C LEU A 689 33.69 45.02 -43.93
N SER A 690 34.60 45.11 -44.88
CA SER A 690 35.84 44.34 -44.82
C SER A 690 37.04 45.06 -45.52
N VAL A 691 38.22 44.55 -45.25
CA VAL A 691 39.45 45.03 -45.81
C VAL A 691 40.05 43.86 -46.55
N HIS A 692 40.35 44.04 -47.83
CA HIS A 692 40.91 43.03 -48.74
C HIS A 692 42.18 43.63 -49.32
N GLY A 693 43.31 43.28 -48.72
CA GLY A 693 44.58 43.90 -49.04
C GLY A 693 44.58 45.36 -48.64
N ASP A 694 44.65 46.23 -49.64
CA ASP A 694 44.59 47.68 -49.45
C ASP A 694 43.16 48.15 -49.71
N ASP A 695 42.29 47.22 -50.08
CA ASP A 695 40.94 47.58 -50.44
C ASP A 695 40.03 47.62 -49.18
N ILE A 696 39.44 48.79 -48.91
CA ILE A 696 38.34 48.87 -47.98
C ILE A 696 37.07 48.55 -48.73
N HIS A 697 36.28 47.59 -48.24
CA HIS A 697 34.94 47.30 -48.81
C HIS A 697 33.78 47.64 -47.92
N LEU A 698 32.67 48.00 -48.53
CA LEU A 698 31.38 48.12 -47.86
C LEU A 698 30.26 47.61 -48.74
N SER A 699 29.25 46.94 -48.16
CA SER A 699 28.04 46.60 -48.91
C SER A 699 26.79 46.76 -48.10
N PRO A 700 26.36 47.98 -47.88
CA PRO A 700 25.41 48.00 -46.79
C PRO A 700 24.05 47.50 -47.15
N ARG A 701 23.59 46.50 -46.39
CA ARG A 701 22.25 45.99 -46.45
C ARG A 701 21.47 46.53 -45.26
N LEU A 702 20.14 46.42 -45.33
CA LEU A 702 19.20 46.97 -44.36
C LEU A 702 18.02 46.02 -44.20
N PRO A 703 17.86 45.42 -43.01
CA PRO A 703 16.64 44.60 -42.89
C PRO A 703 15.39 45.45 -42.66
N ASP A 704 14.24 44.88 -42.92
CA ASP A 704 12.99 45.61 -42.79
C ASP A 704 12.74 46.08 -41.38
N ALA A 705 13.34 45.47 -40.36
CA ALA A 705 12.91 45.82 -39.00
C ALA A 705 13.53 47.18 -38.60
N TRP A 706 14.48 47.70 -39.41
CA TRP A 706 15.23 48.94 -39.04
C TRP A 706 15.07 50.04 -40.05
N ASP A 707 15.07 51.30 -39.60
CA ASP A 707 15.10 52.41 -40.60
C ASP A 707 16.50 52.82 -40.96
N GLY A 708 17.51 52.34 -40.22
CA GLY A 708 18.88 52.74 -40.48
C GLY A 708 19.80 52.20 -39.40
N TYR A 709 21.11 52.33 -39.61
CA TYR A 709 22.05 52.12 -38.52
C TYR A 709 23.23 52.98 -38.85
N THR A 710 24.00 53.27 -37.82
CA THR A 710 25.19 54.07 -37.91
C THR A 710 26.28 53.48 -37.02
N PHE A 711 27.51 53.47 -37.52
CA PHE A 711 28.65 52.85 -36.85
C PHE A 711 29.89 53.57 -37.30
N LYS A 712 30.97 53.35 -36.55
CA LYS A 712 32.28 53.91 -36.80
C LYS A 712 33.15 52.76 -37.05
N ALA A 713 34.11 52.92 -37.95
CA ALA A 713 35.18 51.96 -38.05
C ALA A 713 36.46 52.73 -38.39
N ILE A 714 37.57 52.29 -37.83
CA ILE A 714 38.86 52.90 -38.04
C ILE A 714 39.67 51.98 -38.96
N VAL A 715 40.18 52.53 -40.03
CA VAL A 715 40.95 51.75 -41.00
C VAL A 715 42.17 52.52 -41.42
N LYS A 716 43.33 51.92 -41.20
CA LYS A 716 44.63 52.55 -41.42
C LYS A 716 44.73 53.93 -40.76
N GLY A 717 44.18 54.07 -39.56
CA GLY A 717 44.27 55.29 -38.76
C GLY A 717 43.14 56.26 -39.04
N GLN A 718 42.33 56.02 -40.07
CA GLN A 718 41.25 56.93 -40.42
C GLN A 718 39.93 56.49 -39.76
N THR A 719 39.32 57.36 -38.94
CA THR A 719 38.02 57.11 -38.33
C THR A 719 36.87 57.45 -39.33
N LEU A 720 36.19 56.43 -39.82
CA LEU A 720 35.02 56.61 -40.66
C LEU A 720 33.71 56.36 -39.92
N GLU A 721 32.78 57.29 -40.07
CA GLU A 721 31.41 57.11 -39.66
C GLU A 721 30.54 56.75 -40.86
N VAL A 722 29.84 55.64 -40.73
CA VAL A 722 29.02 55.08 -41.78
C VAL A 722 27.52 55.08 -41.38
N ASP A 723 26.73 55.91 -42.05
CA ASP A 723 25.29 56.02 -41.83
C ASP A 723 24.53 55.28 -42.92
N VAL A 724 23.61 54.39 -42.53
CA VAL A 724 22.82 53.61 -43.51
C VAL A 724 21.36 53.85 -43.31
N THR A 725 20.69 54.20 -44.42
CA THR A 725 19.24 54.48 -44.41
C THR A 725 18.74 53.70 -45.57
N LYS A 726 17.43 53.69 -45.78
CA LYS A 726 16.87 52.92 -46.89
C LYS A 726 17.51 53.29 -48.23
N GLU A 727 17.71 54.58 -48.47
CA GLU A 727 18.13 54.96 -49.85
C GLU A 727 19.59 55.39 -49.99
N GLN A 728 20.25 55.77 -48.88
CA GLN A 728 21.66 56.13 -49.03
C GLN A 728 22.65 55.65 -47.95
N ILE A 729 23.93 55.75 -48.30
CA ILE A 729 25.04 55.51 -47.41
C ILE A 729 25.75 56.81 -47.28
N THR A 730 25.99 57.25 -46.05
CA THR A 730 26.80 58.45 -45.83
C THR A 730 28.09 58.04 -45.11
N ILE A 731 29.22 58.41 -45.72
CA ILE A 731 30.52 58.19 -45.11
C ILE A 731 31.19 59.50 -44.74
N THR A 732 31.42 59.69 -43.46
CA THR A 732 32.14 60.88 -43.07
C THR A 732 33.44 60.48 -42.38
N ASN A 733 34.51 61.10 -42.82
CA ASN A 733 35.81 60.87 -42.24
C ASN A 733 35.97 61.77 -41.05
N LYS A 734 35.89 61.20 -39.85
CA LYS A 734 35.99 62.01 -38.63
C LYS A 734 37.43 62.14 -38.16
N SER A 735 38.43 61.83 -38.99
CA SER A 735 39.83 61.92 -38.51
C SER A 735 40.29 63.35 -38.21
N GLU A 736 41.14 63.48 -37.18
CA GLU A 736 41.88 64.71 -36.91
C GLU A 736 42.87 65.11 -38.03
N ASP A 737 43.48 64.15 -38.73
CA ASP A 737 44.28 64.40 -39.96
C ASP A 737 43.84 63.45 -41.03
N ARG A 738 42.94 63.92 -41.89
CA ARG A 738 42.43 63.13 -42.99
C ARG A 738 43.50 62.81 -43.98
N LYS A 739 43.44 61.60 -44.51
CA LYS A 739 44.26 61.12 -45.59
C LYS A 739 43.27 60.43 -46.50
N PRO A 740 43.59 60.35 -47.81
CA PRO A 740 42.58 59.89 -48.75
C PRO A 740 42.49 58.37 -48.76
N LEU A 741 41.32 57.81 -49.06
CA LEU A 741 41.16 56.35 -49.05
C LEU A 741 40.47 55.90 -50.28
N THR A 742 40.78 54.71 -50.77
CA THR A 742 39.96 54.22 -51.86
C THR A 742 38.52 53.98 -51.37
N LEU A 743 38.16 52.75 -51.04
CA LEU A 743 36.75 52.38 -50.75
C LEU A 743 36.02 51.72 -51.92
N HIS A 744 35.73 50.44 -51.82
CA HIS A 744 34.76 49.81 -52.72
C HIS A 744 33.39 49.77 -52.06
N ILE A 745 32.36 50.20 -52.78
CA ILE A 745 31.00 50.14 -52.30
C ILE A 745 30.17 49.34 -53.29
N PHE A 746 29.64 48.21 -52.80
CA PHE A 746 29.12 47.16 -53.65
C PHE A 746 30.10 46.81 -54.76
N GLY A 747 31.37 46.74 -54.45
CA GLY A 747 32.33 46.29 -55.44
C GLY A 747 32.74 47.37 -56.44
N GLU A 748 32.43 48.64 -56.18
CA GLU A 748 32.93 49.69 -57.04
C GLU A 748 33.57 50.93 -56.39
N LYS A 749 34.75 51.30 -56.89
CA LYS A 749 35.06 52.70 -57.30
C LYS A 749 35.52 53.63 -56.21
N SER A 750 34.73 54.69 -55.99
CA SER A 750 34.96 55.77 -55.01
C SER A 750 36.39 55.93 -54.46
N VAL A 751 36.89 57.17 -54.39
CA VAL A 751 38.05 57.51 -53.57
C VAL A 751 37.46 58.48 -52.57
N LEU A 752 37.64 58.24 -51.28
CA LEU A 752 36.93 59.07 -50.31
C LEU A 752 37.50 60.50 -50.37
N ASP A 753 38.68 60.77 -49.82
CA ASP A 753 39.28 62.14 -49.95
C ASP A 753 38.26 63.29 -49.87
N SER A 754 38.09 63.85 -48.67
CA SER A 754 37.06 64.87 -48.29
C SER A 754 36.27 64.40 -47.05
N GLU A 755 35.79 65.35 -46.25
CA GLU A 755 35.11 65.03 -45.02
C GLU A 755 33.87 64.07 -45.12
N ARG A 756 33.14 64.10 -46.24
CA ARG A 756 31.78 63.55 -46.28
C ARG A 756 31.24 63.33 -47.69
N ILE A 757 31.06 62.07 -48.06
CA ILE A 757 30.28 61.72 -49.26
C ILE A 757 29.00 60.90 -49.00
N THR A 758 28.03 61.09 -49.91
CA THR A 758 26.77 60.41 -49.88
C THR A 758 26.56 59.73 -51.20
N LYS A 759 26.40 58.41 -51.14
CA LYS A 759 26.19 57.59 -52.31
C LYS A 759 24.79 56.99 -52.21
N SER A 760 24.16 56.76 -53.35
CA SER A 760 22.91 56.02 -53.41
C SER A 760 23.07 54.53 -53.01
N ARG A 761 22.13 54.01 -52.22
CA ARG A 761 22.14 52.59 -51.86
C ARG A 761 21.29 51.70 -52.80
N LEU A 762 20.38 52.31 -53.58
CA LEU A 762 19.53 51.67 -54.63
C LEU A 762 19.95 50.26 -55.05
N MET B 1 44.98 -42.70 -15.57
CA MET B 1 44.38 -41.83 -14.55
C MET B 1 43.28 -41.25 -15.38
N HIS B 2 42.39 -40.44 -14.81
CA HIS B 2 41.33 -39.99 -15.62
C HIS B 2 40.61 -38.73 -15.33
N GLU B 3 40.74 -38.14 -14.17
CA GLU B 3 39.88 -37.01 -13.83
C GLU B 3 40.38 -35.69 -14.46
N ILE B 4 39.67 -35.19 -15.44
CA ILE B 4 40.06 -33.94 -16.07
C ILE B 4 39.50 -32.75 -15.34
N GLY B 5 38.30 -32.86 -14.81
CA GLY B 5 37.72 -31.66 -14.24
C GLY B 5 36.31 -32.00 -13.91
N GLU B 6 35.47 -30.97 -14.05
CA GLU B 6 34.03 -31.04 -13.82
C GLU B 6 33.63 -32.43 -13.38
N HIS B 7 33.02 -33.16 -14.31
CA HIS B 7 32.73 -34.57 -14.17
C HIS B 7 33.21 -35.13 -15.47
N LEU B 8 34.41 -34.70 -15.87
CA LEU B 8 34.97 -35.10 -17.13
C LEU B 8 36.13 -35.99 -16.88
N THR B 9 36.20 -37.11 -17.60
CA THR B 9 37.36 -38.01 -17.54
C THR B 9 37.84 -38.43 -18.95
N THR B 10 38.98 -39.12 -18.96
CA THR B 10 39.49 -39.83 -20.15
C THR B 10 39.89 -41.21 -19.65
N ASN B 11 39.70 -42.25 -20.43
CA ASN B 11 40.20 -43.56 -20.05
C ASN B 11 41.49 -43.92 -20.79
N THR B 12 41.65 -43.48 -22.03
CA THR B 12 42.74 -43.95 -22.86
C THR B 12 43.67 -42.85 -23.29
N GLY B 13 43.31 -41.62 -23.01
CA GLY B 13 44.06 -40.49 -23.50
C GLY B 13 43.65 -40.16 -24.93
N TRP B 14 42.61 -40.86 -25.44
CA TRP B 14 42.05 -40.63 -26.79
C TRP B 14 40.59 -40.25 -26.80
N ASP B 15 40.02 -40.12 -25.60
CA ASP B 15 38.60 -40.04 -25.41
C ASP B 15 38.28 -39.06 -24.31
N ILE B 16 37.21 -38.31 -24.49
CA ILE B 16 36.70 -37.42 -23.45
C ILE B 16 35.33 -37.93 -23.10
N ILE B 17 35.10 -38.06 -21.80
CA ILE B 17 33.89 -38.71 -21.25
C ILE B 17 33.29 -37.80 -20.20
N LYS B 18 31.97 -37.59 -20.27
CA LYS B 18 31.24 -36.70 -19.40
C LYS B 18 30.15 -37.60 -18.85
N ASN B 19 30.10 -37.73 -17.52
CA ASN B 19 29.23 -38.78 -16.98
C ASN B 19 28.05 -38.31 -16.10
N ARG B 20 27.72 -37.02 -16.21
CA ARG B 20 26.52 -36.38 -15.65
C ARG B 20 25.87 -35.48 -16.77
N TYR B 21 24.53 -35.51 -16.88
CA TYR B 21 23.85 -34.65 -17.81
C TYR B 21 23.57 -33.36 -17.07
N GLU B 22 23.88 -32.23 -17.71
CA GLU B 22 23.51 -30.92 -17.19
C GLU B 22 22.98 -29.98 -18.26
N ALA B 23 21.66 -29.89 -18.25
CA ALA B 23 20.96 -29.12 -19.25
C ALA B 23 21.59 -27.76 -19.43
N ALA B 24 21.89 -27.05 -18.35
CA ALA B 24 22.52 -25.71 -18.43
C ALA B 24 23.84 -25.58 -19.26
N GLN B 25 24.56 -26.68 -19.47
CA GLN B 25 25.83 -26.62 -20.17
C GLN B 25 25.69 -26.99 -21.67
N ALA B 26 24.43 -27.18 -22.11
CA ALA B 26 24.08 -27.58 -23.46
C ALA B 26 24.68 -26.44 -24.19
N ILE B 27 25.31 -26.64 -25.33
CA ILE B 27 25.92 -25.41 -25.90
C ILE B 27 27.43 -25.44 -25.80
N THR B 28 27.97 -25.41 -24.56
CA THR B 28 29.36 -25.76 -24.35
C THR B 28 29.53 -27.21 -24.72
N GLU B 29 28.62 -28.05 -24.27
CA GLU B 29 28.74 -29.47 -24.62
C GLU B 29 28.52 -29.76 -26.10
N GLY B 30 27.62 -29.02 -26.76
CA GLY B 30 27.33 -29.23 -28.20
C GLY B 30 28.56 -28.85 -29.01
N SER B 31 29.31 -27.87 -28.51
CA SER B 31 30.53 -27.47 -29.16
C SER B 31 31.61 -28.47 -28.90
N ASN B 32 31.83 -28.78 -27.61
CA ASN B 32 32.96 -29.60 -27.16
C ASN B 32 32.88 -30.97 -27.73
N PHE B 33 31.66 -31.49 -27.82
CA PHE B 33 31.44 -32.90 -28.27
C PHE B 33 31.00 -33.05 -29.76
N MET B 34 31.11 -31.98 -30.53
CA MET B 34 30.71 -32.00 -31.96
C MET B 34 31.61 -32.88 -32.81
N ILE B 35 31.25 -33.03 -34.09
CA ILE B 35 32.00 -33.82 -35.06
C ILE B 35 31.97 -33.02 -36.36
N GLY B 36 32.86 -33.36 -37.32
CA GLY B 36 32.92 -32.56 -38.51
C GLY B 36 34.10 -33.00 -39.32
N ASN B 37 34.40 -32.29 -40.40
CA ASN B 37 35.37 -32.81 -41.34
C ASN B 37 35.78 -31.74 -42.31
N GLY B 38 35.67 -30.51 -41.89
CA GLY B 38 36.12 -29.38 -42.73
C GLY B 38 35.07 -28.93 -43.71
N PHE B 39 34.12 -29.84 -44.00
CA PHE B 39 33.02 -29.52 -44.88
C PHE B 39 31.86 -29.02 -44.05
N MET B 40 31.60 -29.74 -42.95
CA MET B 40 30.55 -29.34 -42.03
C MET B 40 30.93 -29.53 -40.55
N GLY B 41 30.16 -28.92 -39.67
CA GLY B 41 30.19 -29.24 -38.25
C GLY B 41 28.80 -29.62 -37.80
N TYR B 42 28.72 -30.71 -37.06
CA TYR B 42 27.47 -31.18 -36.52
C TYR B 42 27.63 -31.14 -35.01
N ARG B 43 26.82 -30.34 -34.31
CA ARG B 43 27.05 -30.15 -32.87
C ARG B 43 26.76 -31.43 -32.11
N GLY B 44 27.43 -31.65 -30.99
CA GLY B 44 27.27 -32.95 -30.27
C GLY B 44 25.99 -32.98 -29.43
N THR B 45 24.85 -32.80 -30.09
CA THR B 45 23.56 -32.85 -29.43
C THR B 45 23.10 -34.32 -29.50
N PHE B 46 22.01 -34.63 -28.82
CA PHE B 46 21.39 -35.98 -28.85
C PHE B 46 20.32 -36.07 -29.93
N ALA B 47 19.98 -37.27 -30.35
CA ALA B 47 19.14 -37.44 -31.52
C ALA B 47 17.79 -36.66 -31.44
N GLU B 48 17.20 -36.57 -30.23
CA GLU B 48 15.94 -35.89 -29.99
C GLU B 48 16.01 -34.36 -29.82
N ASP B 49 17.17 -33.76 -29.99
CA ASP B 49 17.34 -32.31 -29.77
C ASP B 49 17.00 -31.46 -31.01
N GLY B 50 16.46 -30.28 -30.75
CA GLY B 50 16.16 -29.31 -31.76
C GLY B 50 16.76 -27.98 -31.34
N LYS B 51 16.13 -26.90 -31.76
CA LYS B 51 16.76 -25.64 -31.61
C LYS B 51 16.98 -25.18 -30.16
N ASP B 52 16.13 -25.61 -29.27
CA ASP B 52 16.16 -25.27 -27.84
C ASP B 52 17.36 -25.85 -27.14
N ALA B 53 17.93 -26.88 -27.71
CA ALA B 53 19.16 -27.47 -27.14
C ALA B 53 20.37 -27.13 -28.07
N TYR B 54 20.13 -26.21 -28.99
CA TYR B 54 21.18 -25.68 -29.85
C TYR B 54 21.73 -26.68 -30.83
N ALA B 55 20.90 -27.62 -31.27
CA ALA B 55 21.26 -28.54 -32.38
C ALA B 55 21.57 -27.70 -33.62
N ALA B 56 22.58 -28.09 -34.40
CA ALA B 56 22.94 -27.38 -35.60
C ALA B 56 23.87 -28.18 -36.47
N CYS B 57 23.61 -28.14 -37.79
CA CYS B 57 24.62 -28.61 -38.69
C CYS B 57 25.07 -27.38 -39.49
N ILE B 58 26.32 -26.97 -39.25
CA ILE B 58 26.85 -25.80 -39.95
C ILE B 58 27.58 -26.26 -41.21
N VAL B 59 27.30 -25.62 -42.32
CA VAL B 59 27.88 -26.08 -43.56
C VAL B 59 28.67 -25.00 -44.30
N THR B 60 29.92 -25.31 -44.66
CA THR B 60 30.75 -24.41 -45.41
C THR B 60 30.11 -23.96 -46.73
N ASP B 61 30.53 -22.76 -47.16
CA ASP B 61 30.18 -22.15 -48.43
C ASP B 61 28.69 -22.07 -48.63
N THR B 62 28.01 -21.76 -47.52
CA THR B 62 26.63 -21.44 -47.50
C THR B 62 26.37 -20.05 -46.95
N TRP B 63 27.31 -19.14 -47.16
CA TRP B 63 27.16 -17.81 -46.60
C TRP B 63 25.86 -17.12 -46.98
N ASP B 64 25.33 -16.35 -46.04
CA ASP B 64 24.03 -15.73 -46.16
C ASP B 64 23.91 -14.54 -45.20
N LYS B 65 23.35 -13.45 -45.72
CA LYS B 65 23.13 -12.21 -45.01
C LYS B 65 21.65 -11.81 -44.92
N ALA B 66 20.80 -12.75 -44.59
CA ALA B 66 19.37 -12.55 -44.24
C ALA B 66 19.00 -11.36 -43.37
N ASP B 67 19.75 -11.06 -42.31
CA ASP B 67 19.38 -9.92 -41.46
C ASP B 67 19.91 -8.59 -41.96
N GLY B 68 20.45 -8.52 -43.16
CA GLY B 68 21.05 -7.27 -43.67
C GLY B 68 22.34 -6.85 -43.00
N LYS B 69 22.86 -7.65 -42.07
CA LYS B 69 24.04 -7.15 -41.38
C LYS B 69 25.18 -8.17 -41.23
N TRP B 70 24.85 -9.34 -40.69
CA TRP B 70 25.80 -10.38 -40.41
C TRP B 70 25.88 -11.45 -41.45
N GLU B 71 26.93 -11.48 -42.27
CA GLU B 71 27.04 -12.55 -43.22
C GLU B 71 27.70 -13.78 -42.58
N GLU B 72 26.97 -14.88 -42.54
CA GLU B 72 27.43 -16.06 -41.78
C GLU B 72 27.02 -17.38 -42.52
N LEU B 73 27.60 -18.52 -42.14
CA LEU B 73 27.23 -19.80 -42.73
C LEU B 73 25.80 -20.13 -42.39
N SER B 74 25.18 -21.00 -43.21
CA SER B 74 23.82 -21.46 -42.93
C SER B 74 23.85 -22.67 -42.06
N THR B 75 22.88 -22.75 -41.20
CA THR B 75 22.56 -24.01 -40.58
C THR B 75 21.45 -24.60 -41.42
N VAL B 76 21.50 -25.92 -41.59
CA VAL B 76 20.70 -26.66 -42.53
C VAL B 76 19.76 -27.61 -41.82
N PRO B 77 18.68 -27.97 -42.50
CA PRO B 77 17.80 -29.01 -41.96
C PRO B 77 18.53 -30.24 -41.36
N ASN B 78 18.01 -30.73 -40.23
CA ASN B 78 18.62 -31.80 -39.50
C ASN B 78 17.93 -33.12 -39.80
N ALA B 79 18.64 -33.98 -40.56
CA ALA B 79 18.09 -35.26 -41.09
C ALA B 79 18.32 -36.38 -40.10
N LEU B 80 18.64 -36.05 -38.87
CA LEU B 80 18.90 -37.08 -37.89
C LEU B 80 17.97 -37.04 -36.70
N LEU B 81 17.06 -36.06 -36.67
CA LEU B 81 16.12 -35.95 -35.55
C LEU B 81 15.42 -37.26 -35.37
N THR B 82 15.37 -37.68 -34.11
CA THR B 82 14.82 -38.95 -33.75
C THR B 82 14.24 -38.83 -32.32
N LEU B 83 12.91 -38.96 -32.17
CA LEU B 83 12.27 -38.89 -30.87
C LEU B 83 11.73 -40.24 -30.55
N LEU B 84 11.76 -40.57 -29.27
CA LEU B 84 11.27 -41.83 -28.76
C LEU B 84 10.13 -41.54 -27.79
N HIS B 85 9.04 -42.27 -27.98
CA HIS B 85 7.97 -42.29 -27.01
C HIS B 85 7.81 -43.70 -26.56
N VAL B 86 7.54 -43.86 -25.28
CA VAL B 86 7.35 -45.19 -24.73
C VAL B 86 6.00 -45.19 -24.00
N ASP B 87 5.08 -45.98 -24.56
CA ASP B 87 3.67 -45.93 -24.10
C ASP B 87 3.21 -44.47 -24.03
N GLY B 88 3.39 -43.75 -25.14
CA GLY B 88 3.02 -42.35 -25.21
C GLY B 88 3.82 -41.36 -24.36
N GLU B 89 4.80 -41.83 -23.59
CA GLU B 89 5.64 -40.89 -22.83
C GLU B 89 6.90 -40.53 -23.64
N PRO B 90 7.20 -39.23 -23.75
CA PRO B 90 8.42 -38.88 -24.49
C PRO B 90 9.70 -39.26 -23.73
N PHE B 91 10.74 -39.73 -24.42
CA PHE B 91 12.00 -39.98 -23.71
C PHE B 91 12.81 -38.66 -23.67
N ILE B 92 12.87 -38.00 -22.52
CA ILE B 92 13.57 -36.71 -22.38
C ILE B 92 14.66 -36.81 -21.30
N MET B 93 15.93 -36.54 -21.64
CA MET B 93 17.04 -36.56 -20.66
C MET B 93 16.63 -35.94 -19.32
N SER B 94 16.65 -36.70 -18.23
CA SER B 94 16.55 -36.12 -16.87
C SER B 94 17.93 -35.91 -16.22
N GLU B 95 18.17 -34.79 -15.55
CA GLU B 95 19.41 -34.66 -14.76
C GLU B 95 19.53 -35.81 -13.75
N GLU B 96 18.42 -36.34 -13.27
CA GLU B 96 18.41 -37.62 -12.52
C GLU B 96 18.23 -38.91 -13.34
N ALA B 97 18.75 -38.98 -14.57
CA ALA B 97 18.68 -40.21 -15.36
C ALA B 97 19.39 -41.33 -14.61
N ALA B 98 18.76 -42.50 -14.54
CA ALA B 98 19.36 -43.68 -13.88
C ALA B 98 20.84 -43.85 -14.20
N SER B 99 21.28 -43.30 -15.33
CA SER B 99 22.52 -43.74 -15.92
C SER B 99 22.83 -42.93 -17.20
N PHE B 100 23.91 -42.16 -17.22
CA PHE B 100 24.25 -41.35 -18.39
C PHE B 100 25.76 -41.26 -18.64
N GLU B 101 26.17 -41.50 -19.85
CA GLU B 101 27.58 -41.31 -20.18
C GLU B 101 27.66 -40.73 -21.58
N ARG B 102 28.60 -39.83 -21.81
CA ARG B 102 28.75 -39.22 -23.11
C ARG B 102 30.23 -39.23 -23.43
N THR B 103 30.60 -39.58 -24.66
CA THR B 103 31.99 -39.74 -24.99
C THR B 103 32.29 -39.14 -26.33
N LEU B 104 33.38 -38.40 -26.39
CA LEU B 104 33.92 -38.00 -27.64
C LEU B 104 35.21 -38.81 -27.81
N ASP B 105 35.25 -39.58 -28.90
CA ASP B 105 36.39 -40.36 -29.27
C ASP B 105 37.30 -39.61 -30.26
N LEU B 106 38.37 -39.03 -29.74
CA LEU B 106 39.19 -38.18 -30.53
C LEU B 106 39.91 -38.93 -31.58
N SER B 107 40.02 -40.26 -31.46
CA SER B 107 40.90 -41.00 -32.39
C SER B 107 40.23 -41.12 -33.74
N GLN B 108 38.92 -40.89 -33.78
CA GLN B 108 38.18 -41.06 -35.03
C GLN B 108 36.96 -40.14 -35.20
N GLY B 109 36.84 -39.11 -34.35
CA GLY B 109 35.77 -38.13 -34.47
C GLY B 109 34.40 -38.78 -34.43
N VAL B 110 34.19 -39.69 -33.47
CA VAL B 110 32.92 -40.32 -33.21
C VAL B 110 32.44 -39.88 -31.83
N THR B 111 31.23 -39.34 -31.79
CA THR B 111 30.63 -38.79 -30.60
C THR B 111 29.39 -39.67 -30.30
N SER B 112 29.22 -40.01 -29.03
CA SER B 112 28.27 -41.02 -28.59
C SER B 112 27.58 -40.68 -27.25
N ARG B 113 26.49 -41.37 -26.98
CA ARG B 113 25.80 -41.29 -25.69
C ARG B 113 25.34 -42.71 -25.34
N LYS B 114 25.39 -43.05 -24.07
CA LYS B 114 24.73 -44.23 -23.52
C LYS B 114 23.93 -43.73 -22.33
N VAL B 115 22.62 -43.98 -22.37
CA VAL B 115 21.73 -43.51 -21.30
C VAL B 115 20.60 -44.51 -21.00
N SER B 116 20.31 -44.64 -19.72
CA SER B 116 19.20 -45.46 -19.22
C SER B 116 18.34 -44.61 -18.29
N GLN B 117 17.03 -44.73 -18.47
CA GLN B 117 16.07 -43.95 -17.68
C GLN B 117 14.78 -44.78 -17.52
N ARG B 118 14.27 -44.82 -16.29
CA ARG B 118 13.00 -45.48 -16.00
C ARG B 118 11.83 -44.66 -16.51
N MET B 119 10.93 -45.25 -17.31
CA MET B 119 9.71 -44.54 -17.74
C MET B 119 8.55 -44.66 -16.73
N LYS B 120 7.42 -43.96 -17.00
CA LYS B 120 6.22 -43.98 -16.13
C LYS B 120 5.54 -45.34 -16.11
N ASN B 121 5.54 -46.07 -17.24
CA ASN B 121 4.98 -47.42 -17.25
C ASN B 121 5.87 -48.42 -16.53
N GLY B 122 6.97 -47.96 -15.92
CA GLY B 122 7.96 -48.85 -15.28
C GLY B 122 9.07 -49.49 -16.11
N ALA B 123 9.06 -49.28 -17.44
CA ALA B 123 10.08 -49.86 -18.30
C ALA B 123 11.38 -49.00 -18.19
N THR B 124 12.55 -49.63 -18.10
CA THR B 124 13.78 -48.86 -18.16
C THR B 124 14.25 -48.86 -19.60
N ILE B 125 14.43 -47.68 -20.18
CA ILE B 125 14.91 -47.59 -21.58
C ILE B 125 16.40 -47.25 -21.60
N THR B 126 17.13 -47.99 -22.42
CA THR B 126 18.51 -47.69 -22.69
C THR B 126 18.63 -47.28 -24.16
N ILE B 127 19.24 -46.10 -24.38
CA ILE B 127 19.64 -45.68 -25.71
C ILE B 127 21.18 -45.64 -25.89
N HIS B 128 21.72 -46.28 -26.94
CA HIS B 128 23.13 -46.16 -27.37
C HIS B 128 23.10 -45.47 -28.70
N GLU B 129 23.78 -44.32 -28.75
CA GLU B 129 23.77 -43.54 -29.93
C GLU B 129 25.20 -43.16 -30.25
N GLU B 130 25.56 -43.23 -31.53
CA GLU B 130 26.84 -42.67 -31.93
C GLU B 130 26.72 -42.01 -33.31
N LYS B 131 27.53 -40.98 -33.57
CA LYS B 131 27.53 -40.23 -34.83
C LYS B 131 28.95 -39.86 -35.23
N PHE B 132 29.21 -39.77 -36.54
CA PHE B 132 30.46 -39.24 -37.03
C PHE B 132 30.21 -38.55 -38.32
N ALA B 133 30.98 -37.49 -38.57
CA ALA B 133 30.92 -36.83 -39.87
C ALA B 133 32.06 -37.43 -40.68
N SER B 134 31.73 -38.14 -41.76
CA SER B 134 32.74 -38.88 -42.52
C SER B 134 33.86 -38.03 -43.07
N TYR B 135 35.10 -38.43 -42.78
CA TYR B 135 36.24 -37.81 -43.43
C TYR B 135 36.49 -38.41 -44.83
N ARG B 136 35.94 -39.59 -45.08
CA ARG B 136 35.99 -40.19 -46.43
C ARG B 136 34.95 -39.55 -47.36
N LYS B 137 33.71 -39.48 -46.91
CA LYS B 137 32.69 -38.84 -47.72
C LYS B 137 32.27 -37.58 -46.98
N LYS B 138 32.88 -36.47 -47.40
CA LYS B 138 32.75 -35.20 -46.65
C LYS B 138 31.32 -34.68 -46.53
N HIS B 139 30.46 -35.06 -47.48
CA HIS B 139 29.10 -34.55 -47.52
C HIS B 139 28.19 -35.33 -46.64
N ALA B 140 28.69 -36.33 -45.91
CA ALA B 140 27.84 -37.21 -45.12
C ALA B 140 28.17 -37.18 -43.62
N VAL B 141 27.12 -37.08 -42.82
CA VAL B 141 27.20 -37.39 -41.40
C VAL B 141 26.21 -38.53 -41.09
N LEU B 142 26.65 -39.47 -40.28
CA LEU B 142 25.95 -40.73 -40.08
C LEU B 142 25.64 -40.99 -38.60
N MET B 143 24.52 -41.66 -38.33
CA MET B 143 24.10 -42.02 -37.00
C MET B 143 23.73 -43.51 -36.89
N LYS B 144 24.08 -44.11 -35.77
CA LYS B 144 23.60 -45.42 -35.37
C LYS B 144 22.98 -45.19 -34.00
N TYR B 145 21.75 -45.65 -33.81
CA TYR B 145 20.93 -45.36 -32.69
C TYR B 145 20.23 -46.67 -32.34
N THR B 146 20.40 -47.08 -31.10
CA THR B 146 19.92 -48.35 -30.63
C THR B 146 19.17 -48.13 -29.37
N VAL B 147 17.91 -48.56 -29.36
CA VAL B 147 17.06 -48.48 -28.19
C VAL B 147 16.75 -49.93 -27.70
N GLU B 148 16.79 -50.12 -26.39
CA GLU B 148 16.34 -51.35 -25.79
C GLU B 148 15.54 -51.09 -24.50
N SER B 149 14.52 -51.93 -24.29
CA SER B 149 13.74 -51.90 -23.03
C SER B 149 14.01 -53.13 -22.20
N ASP B 150 13.87 -53.00 -20.87
CA ASP B 150 13.93 -54.17 -19.99
C ASP B 150 12.53 -54.73 -19.79
N GLN B 151 11.56 -54.15 -20.51
CA GLN B 151 10.14 -54.51 -20.37
C GLN B 151 9.39 -54.47 -21.72
N ASP B 152 8.66 -55.52 -22.03
CA ASP B 152 7.76 -55.54 -23.20
C ASP B 152 6.98 -54.24 -23.19
N THR B 153 6.96 -53.49 -24.32
CA THR B 153 6.20 -52.21 -24.31
C THR B 153 5.94 -51.69 -25.70
N ASP B 154 4.90 -50.87 -25.77
CA ASP B 154 4.53 -50.10 -26.91
C ASP B 154 5.56 -48.99 -27.00
N ALA B 155 6.02 -48.66 -28.22
CA ALA B 155 6.91 -47.50 -28.32
C ALA B 155 6.62 -46.86 -29.64
N VAL B 156 7.04 -45.62 -29.81
CA VAL B 156 7.00 -45.02 -31.15
C VAL B 156 8.37 -44.39 -31.43
N LEU B 157 8.93 -44.70 -32.59
CA LEU B 157 10.15 -44.08 -32.97
C LEU B 157 9.83 -43.14 -34.09
N ASP B 158 10.06 -41.86 -33.85
CA ASP B 158 9.75 -40.85 -34.87
C ASP B 158 11.03 -40.19 -35.39
N THR B 159 11.34 -40.39 -36.67
CA THR B 159 12.61 -39.93 -37.26
C THR B 159 12.35 -39.16 -38.57
N GLY B 160 13.22 -38.20 -38.89
CA GLY B 160 13.01 -37.29 -39.98
C GLY B 160 14.03 -36.17 -40.16
N ILE B 161 13.59 -35.14 -40.89
CA ILE B 161 14.32 -33.92 -41.16
C ILE B 161 13.58 -32.77 -40.53
N ASP B 162 14.27 -32.05 -39.64
CA ASP B 162 13.78 -30.89 -38.94
C ASP B 162 14.21 -29.64 -39.70
N TYR B 163 13.26 -28.79 -40.11
CA TYR B 163 13.63 -27.57 -40.83
C TYR B 163 13.78 -26.37 -39.91
N ASP B 164 13.34 -26.55 -38.66
CA ASP B 164 13.18 -25.47 -37.73
C ASP B 164 14.41 -25.43 -36.81
N VAL B 165 15.54 -25.08 -37.39
CA VAL B 165 16.83 -25.21 -36.71
C VAL B 165 17.33 -23.90 -36.15
N TRP B 166 18.27 -23.99 -35.22
CA TRP B 166 18.86 -22.83 -34.61
C TRP B 166 19.64 -22.07 -35.62
N SER B 167 19.36 -20.76 -35.74
CA SER B 167 20.19 -19.87 -36.55
C SER B 167 20.43 -18.58 -35.84
N ILE B 168 21.68 -18.20 -35.63
CA ILE B 168 21.93 -17.04 -34.74
C ILE B 168 21.36 -15.72 -35.33
N ASN B 169 21.66 -15.39 -36.60
CA ASN B 169 21.21 -14.12 -37.16
C ASN B 169 20.15 -14.26 -38.28
N GLY B 170 19.06 -14.97 -38.00
CA GLY B 170 17.98 -15.18 -39.00
C GLY B 170 18.06 -16.53 -39.73
N ASP B 171 16.92 -16.97 -40.17
CA ASP B 171 16.80 -18.12 -41.07
C ASP B 171 17.53 -17.80 -42.34
N HIS B 172 18.37 -18.70 -42.80
CA HIS B 172 19.12 -18.44 -44.03
C HIS B 172 18.54 -19.14 -45.26
N LEU B 173 17.60 -20.04 -45.02
CA LEU B 173 17.05 -20.88 -46.07
C LEU B 173 15.55 -20.61 -46.19
N GLN B 174 15.05 -20.50 -47.40
CA GLN B 174 13.59 -20.32 -47.59
C GLN B 174 13.13 -21.30 -48.69
N GLY B 175 11.81 -21.45 -48.83
CA GLY B 175 11.14 -22.15 -49.94
C GLY B 175 11.42 -23.64 -49.95
N HIS B 176 11.53 -24.21 -48.77
CA HIS B 176 11.82 -25.61 -48.58
C HIS B 176 10.93 -26.45 -49.46
N HIS B 177 11.51 -27.40 -50.18
CA HIS B 177 10.70 -28.29 -51.00
C HIS B 177 10.91 -29.73 -50.60
N TYR B 178 9.89 -30.37 -50.05
CA TYR B 178 9.89 -31.78 -49.78
C TYR B 178 10.05 -32.68 -51.02
N PHE B 179 10.80 -33.77 -50.89
CA PHE B 179 10.79 -34.88 -51.84
C PHE B 179 11.14 -36.18 -51.14
N SER B 180 10.73 -37.31 -51.72
CA SER B 180 11.07 -38.61 -51.20
C SER B 180 11.93 -39.44 -52.18
N HIS B 181 12.48 -40.54 -51.67
CA HIS B 181 13.42 -41.33 -52.46
C HIS B 181 13.42 -42.69 -51.83
N PRO B 182 14.05 -43.71 -52.46
CA PRO B 182 13.81 -45.10 -51.99
C PRO B 182 14.23 -45.40 -50.55
N THR B 183 15.09 -44.59 -49.93
CA THR B 183 15.48 -44.87 -48.54
C THR B 183 15.13 -43.75 -47.56
N GLY B 184 14.36 -42.75 -48.01
CA GLY B 184 13.89 -41.74 -47.06
C GLY B 184 13.47 -40.41 -47.65
N ASP B 185 13.72 -39.32 -46.91
CA ASP B 185 13.28 -37.96 -47.31
C ASP B 185 14.36 -37.09 -47.89
N GLY B 186 13.95 -35.96 -48.44
CA GLY B 186 14.87 -34.98 -48.94
C GLY B 186 14.22 -33.66 -48.71
N VAL B 187 15.03 -32.60 -48.70
CA VAL B 187 14.52 -31.22 -48.80
C VAL B 187 15.55 -30.38 -49.56
N THR B 188 15.04 -29.52 -50.43
CA THR B 188 15.85 -28.57 -51.19
C THR B 188 15.34 -27.18 -50.91
N ALA B 189 16.23 -26.27 -50.55
CA ALA B 189 15.78 -24.92 -50.25
C ALA B 189 16.78 -23.98 -50.92
N LYS B 190 16.50 -22.70 -50.83
CA LYS B 190 17.40 -21.70 -51.40
C LYS B 190 17.76 -20.72 -50.27
N THR B 191 18.94 -20.15 -50.39
CA THR B 191 19.41 -19.19 -49.44
C THR B 191 18.75 -17.88 -49.71
N VAL B 192 18.55 -17.13 -48.63
CA VAL B 192 17.85 -15.88 -48.64
C VAL B 192 18.58 -14.81 -49.45
N SER B 193 19.89 -14.62 -49.23
CA SER B 193 20.62 -13.50 -49.90
C SER B 193 21.01 -13.72 -51.35
N TYR B 194 21.66 -14.84 -51.62
CA TYR B 194 22.26 -15.09 -52.95
C TYR B 194 21.50 -16.22 -53.67
N GLU B 195 20.46 -16.79 -53.05
CA GLU B 195 19.63 -17.80 -53.67
C GLU B 195 20.46 -18.96 -54.21
N ASP B 196 21.36 -19.45 -53.35
CA ASP B 196 22.05 -20.69 -53.61
C ASP B 196 21.13 -21.83 -53.17
N THR B 197 21.33 -22.99 -53.79
CA THR B 197 20.51 -24.12 -53.57
C THR B 197 21.17 -25.06 -52.56
N VAL B 198 20.39 -25.47 -51.56
CA VAL B 198 20.89 -26.38 -50.58
C VAL B 198 19.99 -27.57 -50.44
N THR B 199 20.56 -28.76 -50.52
CA THR B 199 19.73 -29.96 -50.42
C THR B 199 20.26 -30.81 -49.29
N VAL B 200 19.34 -31.30 -48.49
CA VAL B 200 19.72 -32.25 -47.51
C VAL B 200 18.94 -33.53 -47.80
N VAL B 201 19.66 -34.64 -47.92
CA VAL B 201 18.99 -35.93 -48.07
C VAL B 201 19.19 -36.75 -46.80
N GLU B 202 18.09 -37.26 -46.27
CA GLU B 202 18.09 -38.27 -45.22
C GLU B 202 18.03 -39.71 -45.80
N THR B 203 18.85 -40.62 -45.30
CA THR B 203 18.57 -42.04 -45.46
C THR B 203 18.20 -42.64 -44.11
N CYS B 204 17.32 -43.63 -44.15
CA CYS B 204 16.75 -44.17 -42.97
C CYS B 204 16.73 -45.66 -43.14
N SER B 205 16.99 -46.39 -42.06
CA SER B 205 16.92 -47.81 -42.06
C SER B 205 16.68 -48.38 -40.63
N LEU B 206 15.73 -49.29 -40.48
CA LEU B 206 15.32 -49.80 -39.18
C LEU B 206 15.35 -51.29 -39.27
N ASP B 207 16.01 -51.94 -38.31
CA ASP B 207 16.19 -53.39 -38.40
C ASP B 207 15.07 -54.18 -37.70
N ALA B 208 13.90 -53.58 -37.55
CA ALA B 208 12.82 -54.25 -36.83
C ALA B 208 11.55 -53.97 -37.58
N ASP B 209 10.57 -54.80 -37.27
CA ASP B 209 9.26 -54.81 -37.86
C ASP B 209 8.45 -53.70 -37.20
N ALA B 210 7.79 -52.88 -38.01
CA ALA B 210 7.07 -51.72 -37.45
C ALA B 210 5.99 -51.23 -38.37
N SER B 211 4.98 -50.61 -37.79
CA SER B 211 4.00 -49.85 -38.58
C SER B 211 4.52 -48.39 -38.84
N GLU B 212 4.85 -48.12 -40.10
CA GLU B 212 5.44 -46.89 -40.56
C GLU B 212 4.44 -45.99 -41.27
N GLU B 213 4.21 -44.78 -40.74
CA GLU B 213 3.68 -43.75 -41.65
C GLU B 213 4.33 -42.37 -41.71
N ASP B 214 4.39 -41.88 -42.95
CA ASP B 214 5.06 -40.64 -43.30
C ASP B 214 4.22 -39.43 -42.92
N TYR B 215 4.85 -38.27 -42.84
CA TYR B 215 4.17 -37.02 -42.62
C TYR B 215 5.12 -35.95 -43.19
N GLN B 216 4.52 -34.89 -43.70
CA GLN B 216 5.25 -33.73 -44.20
C GLN B 216 4.47 -32.52 -43.68
N ASN B 217 5.19 -31.52 -43.22
CA ASN B 217 4.53 -30.31 -42.82
C ASN B 217 5.49 -29.15 -43.09
N PRO B 218 5.10 -27.94 -42.70
CA PRO B 218 5.98 -26.82 -43.03
C PRO B 218 7.29 -26.80 -42.21
N ASP B 219 7.36 -27.56 -41.09
CA ASP B 219 8.49 -27.52 -40.16
C ASP B 219 9.51 -28.69 -40.29
N GLY B 220 9.20 -29.66 -41.16
CA GLY B 220 9.98 -30.88 -41.32
C GLY B 220 9.16 -32.03 -41.86
N SER B 221 9.83 -33.13 -42.12
CA SER B 221 9.13 -34.29 -42.61
C SER B 221 9.68 -35.45 -41.87
N GLY B 222 9.01 -36.58 -41.99
CA GLY B 222 9.59 -37.79 -41.48
C GLY B 222 8.62 -38.93 -41.43
N ARG B 223 8.84 -39.81 -40.46
CA ARG B 223 7.99 -40.97 -40.32
C ARG B 223 7.92 -41.44 -38.89
N THR B 224 6.83 -42.14 -38.59
CA THR B 224 6.58 -42.63 -37.27
C THR B 224 6.64 -44.16 -37.45
N PHE B 225 7.40 -44.84 -36.60
CA PHE B 225 7.54 -46.29 -36.59
C PHE B 225 6.92 -46.77 -35.29
N SER B 226 5.75 -47.43 -35.36
CA SER B 226 5.11 -47.96 -34.11
C SER B 226 5.53 -49.37 -33.85
N LEU B 227 5.90 -49.65 -32.61
CA LEU B 227 6.56 -50.94 -32.29
C LEU B 227 6.03 -51.43 -31.00
N SER B 228 6.06 -52.73 -30.81
CA SER B 228 6.20 -53.23 -29.42
C SER B 228 7.62 -53.67 -29.27
N LEU B 229 8.30 -53.06 -28.30
CA LEU B 229 9.62 -53.53 -27.92
C LEU B 229 9.47 -54.80 -27.11
N GLU B 230 10.26 -55.83 -27.41
CA GLU B 230 10.39 -56.95 -26.45
C GLU B 230 11.55 -56.80 -25.46
N ALA B 231 11.27 -57.08 -24.20
CA ALA B 231 12.30 -57.03 -23.13
C ALA B 231 13.63 -57.58 -23.64
N GLY B 232 14.69 -56.80 -23.50
CA GLY B 232 16.02 -57.25 -23.92
C GLY B 232 16.24 -57.44 -25.41
N LYS B 233 15.37 -56.90 -26.25
CA LYS B 233 15.61 -57.06 -27.68
C LYS B 233 15.88 -55.69 -28.28
N PRO B 234 17.14 -55.39 -28.64
CA PRO B 234 17.42 -54.02 -29.11
C PRO B 234 16.92 -53.70 -30.52
N VAL B 235 16.48 -52.47 -30.75
CA VAL B 235 16.16 -52.03 -32.10
C VAL B 235 17.12 -50.93 -32.56
N THR B 236 17.52 -51.01 -33.82
CA THR B 236 18.60 -50.15 -34.35
C THR B 236 18.17 -49.43 -35.61
N LEU B 237 18.34 -48.12 -35.54
CA LEU B 237 18.05 -47.22 -36.58
C LEU B 237 19.42 -46.77 -37.09
N GLU B 238 19.65 -46.88 -38.40
CA GLU B 238 20.81 -46.24 -39.03
C GLU B 238 20.38 -45.15 -40.00
N LYS B 239 21.13 -44.03 -39.97
CA LYS B 239 20.82 -42.88 -40.77
C LYS B 239 22.04 -42.24 -41.33
N ALA B 240 21.85 -41.63 -42.49
CA ALA B 240 22.87 -40.81 -43.09
C ALA B 240 22.16 -39.48 -43.43
N MET B 241 22.88 -38.38 -43.23
CA MET B 241 22.43 -37.06 -43.60
C MET B 241 23.49 -36.55 -44.56
N ILE B 242 23.05 -36.02 -45.68
CA ILE B 242 23.96 -35.69 -46.74
C ILE B 242 23.62 -34.31 -47.20
N ILE B 243 24.63 -33.43 -47.32
CA ILE B 243 24.40 -32.05 -47.71
C ILE B 243 25.20 -31.67 -48.95
N TYR B 244 24.53 -30.99 -49.88
CA TYR B 244 25.26 -30.40 -51.08
C TYR B 244 24.66 -29.02 -51.34
N SER B 245 25.44 -28.08 -51.84
CA SER B 245 24.87 -26.80 -52.23
C SER B 245 25.31 -26.57 -53.66
N SER B 246 24.67 -25.65 -54.35
CA SER B 246 25.15 -25.25 -55.64
C SER B 246 26.51 -24.60 -55.60
N ASN B 247 27.08 -24.34 -54.43
CA ASN B 247 28.46 -23.76 -54.43
C ASN B 247 29.47 -24.88 -54.46
N ASP B 248 29.00 -26.10 -54.19
CA ASP B 248 29.79 -27.29 -54.35
C ASP B 248 29.69 -27.88 -55.78
N VAL B 249 28.50 -28.01 -56.34
CA VAL B 249 28.29 -28.77 -57.60
C VAL B 249 27.15 -28.07 -58.37
N ASP B 250 27.11 -28.32 -59.68
CA ASP B 250 26.05 -27.76 -60.49
C ASP B 250 24.65 -28.23 -60.09
N ASN B 251 24.52 -29.50 -59.72
CA ASN B 251 23.18 -30.08 -59.45
C ASN B 251 23.13 -30.77 -58.07
N PRO B 252 22.90 -30.00 -57.00
CA PRO B 252 23.18 -30.54 -55.63
C PRO B 252 22.20 -31.61 -55.22
N GLN B 253 20.98 -31.41 -55.66
CA GLN B 253 19.91 -32.38 -55.44
C GLN B 253 20.30 -33.74 -55.99
N ASP B 254 20.76 -33.78 -57.22
CA ASP B 254 21.09 -35.09 -57.81
C ASP B 254 22.37 -35.68 -57.24
N GLU B 255 23.31 -34.79 -56.93
CA GLU B 255 24.60 -35.24 -56.44
C GLU B 255 24.37 -35.80 -55.01
N ALA B 256 23.49 -35.17 -54.25
CA ALA B 256 23.10 -35.70 -52.94
C ALA B 256 22.38 -37.05 -53.00
N LEU B 257 21.44 -37.16 -53.95
CA LEU B 257 20.78 -38.44 -54.27
C LEU B 257 21.78 -39.49 -54.74
N LEU B 258 22.73 -39.08 -55.60
CA LEU B 258 23.75 -40.02 -56.08
C LEU B 258 24.63 -40.47 -54.89
N GLU B 259 25.00 -39.53 -53.99
CA GLU B 259 25.72 -39.88 -52.78
C GLU B 259 24.93 -40.90 -51.93
N ALA B 260 23.64 -40.63 -51.68
CA ALA B 260 22.79 -41.56 -50.93
C ALA B 260 22.82 -42.99 -51.53
N LYS B 261 22.71 -43.05 -52.87
CA LYS B 261 22.62 -44.30 -53.61
C LYS B 261 23.87 -45.14 -53.40
N HIS B 262 25.03 -44.51 -53.37
CA HIS B 262 26.24 -45.26 -53.09
C HIS B 262 26.68 -45.34 -51.66
N MET B 263 25.82 -45.02 -50.70
CA MET B 263 26.23 -45.15 -49.29
C MET B 263 26.29 -46.59 -48.83
N GLN B 264 27.37 -46.98 -48.13
CA GLN B 264 27.49 -48.32 -47.56
C GLN B 264 26.84 -48.39 -46.18
N SER B 265 27.00 -49.50 -45.44
CA SER B 265 26.34 -49.53 -44.12
C SER B 265 27.12 -48.63 -43.16
N TYR B 266 26.48 -48.33 -42.05
CA TYR B 266 27.07 -47.56 -41.02
C TYR B 266 28.50 -48.06 -40.74
N GLU B 267 28.66 -49.36 -40.48
CA GLU B 267 29.93 -49.88 -39.99
C GLU B 267 31.02 -49.82 -41.03
N GLU B 268 30.62 -49.96 -42.28
CA GLU B 268 31.53 -49.89 -43.39
C GLU B 268 31.92 -48.39 -43.50
N GLU B 269 30.97 -47.47 -43.28
CA GLU B 269 31.31 -46.05 -43.46
C GLU B 269 32.23 -45.56 -42.33
N LYS B 270 32.05 -46.16 -41.16
CA LYS B 270 32.80 -45.84 -39.96
C LYS B 270 34.23 -46.35 -40.10
N ALA B 271 34.37 -47.50 -40.77
CA ALA B 271 35.66 -48.18 -40.96
C ALA B 271 36.49 -47.31 -41.87
N ALA B 272 35.87 -46.81 -42.92
CA ALA B 272 36.58 -45.98 -43.84
C ALA B 272 36.93 -44.62 -43.19
N ASN B 273 36.04 -44.06 -42.37
CA ASN B 273 36.34 -42.81 -41.63
C ASN B 273 37.60 -42.97 -40.73
N ARG B 274 37.68 -44.13 -40.07
CA ARG B 274 38.74 -44.50 -39.13
C ARG B 274 40.08 -44.56 -39.79
N LEU B 275 40.09 -45.08 -41.01
CA LEU B 275 41.27 -45.04 -41.87
C LEU B 275 41.73 -43.64 -42.15
N GLU B 276 40.79 -42.79 -42.57
CA GLU B 276 41.12 -41.39 -42.70
C GLU B 276 41.79 -40.86 -41.40
N TRP B 277 41.16 -41.09 -40.24
CA TRP B 277 41.67 -40.54 -38.96
C TRP B 277 43.01 -41.14 -38.53
N ASP B 278 43.22 -42.43 -38.81
CA ASP B 278 44.55 -43.00 -38.66
C ASP B 278 45.53 -42.17 -39.42
N ASN B 279 45.24 -41.90 -40.68
CA ASN B 279 46.20 -41.06 -41.43
C ASN B 279 46.38 -39.57 -40.86
N LEU B 280 45.27 -38.97 -40.41
CA LEU B 280 45.30 -37.61 -39.85
C LEU B 280 46.22 -37.57 -38.60
N TRP B 281 46.02 -38.52 -37.69
CA TRP B 281 46.79 -38.57 -36.45
C TRP B 281 48.21 -38.95 -36.66
N SER B 282 48.51 -39.65 -37.76
CA SER B 282 49.91 -39.97 -37.98
C SER B 282 50.62 -38.70 -38.48
N HIS B 283 49.86 -37.70 -38.93
CA HIS B 283 50.51 -36.41 -39.28
C HIS B 283 50.62 -35.53 -38.06
N TYR B 284 49.63 -35.56 -37.17
CA TYR B 284 49.49 -34.47 -36.23
C TYR B 284 49.68 -34.82 -34.77
N ASP B 285 49.61 -36.11 -34.41
CA ASP B 285 49.69 -36.46 -33.02
C ASP B 285 51.01 -35.98 -32.38
N VAL B 286 50.91 -35.48 -31.16
CA VAL B 286 52.05 -34.98 -30.38
C VAL B 286 51.90 -35.69 -29.07
N THR B 287 52.95 -36.38 -28.62
CA THR B 287 52.80 -37.13 -27.36
C THR B 287 53.42 -36.38 -26.17
N ILE B 288 52.74 -36.42 -25.05
CA ILE B 288 53.24 -35.90 -23.81
C ILE B 288 53.40 -37.12 -22.92
N GLN B 289 54.61 -37.34 -22.41
CA GLN B 289 54.93 -38.52 -21.63
C GLN B 289 54.52 -38.35 -20.17
N ASN B 290 53.71 -39.30 -19.70
CA ASN B 290 53.27 -39.40 -18.30
C ASN B 290 52.42 -38.25 -17.78
N ASN B 291 51.44 -37.86 -18.59
CA ASN B 291 50.46 -36.88 -18.11
C ASN B 291 49.28 -36.96 -19.04
N ILE B 292 48.45 -37.93 -18.71
CA ILE B 292 47.36 -38.30 -19.52
C ILE B 292 46.29 -37.21 -19.70
N ILE B 293 46.13 -36.36 -18.70
CA ILE B 293 45.19 -35.26 -18.77
C ILE B 293 45.67 -34.30 -19.87
N ASP B 294 46.93 -33.93 -19.81
CA ASP B 294 47.52 -32.97 -20.74
C ASP B 294 47.59 -33.58 -22.14
N GLN B 295 47.85 -34.88 -22.17
CA GLN B 295 47.85 -35.61 -23.43
C GLN B 295 46.47 -35.54 -24.13
N VAL B 296 45.39 -35.65 -23.36
CA VAL B 296 44.06 -35.72 -23.94
C VAL B 296 43.62 -34.28 -24.32
N ALA B 297 43.96 -33.31 -23.47
CA ALA B 297 43.58 -31.97 -23.73
C ALA B 297 44.20 -31.49 -25.02
N LEU B 298 45.49 -31.80 -25.24
CA LEU B 298 46.20 -31.43 -26.44
C LEU B 298 45.55 -32.03 -27.68
N ARG B 299 45.20 -33.29 -27.57
CA ARG B 299 44.55 -34.01 -28.63
C ARG B 299 43.15 -33.45 -28.92
N PHE B 300 42.41 -33.06 -27.87
CA PHE B 300 41.11 -32.43 -27.99
C PHE B 300 41.22 -31.13 -28.80
N ASN B 301 42.26 -30.33 -28.52
CA ASN B 301 42.46 -29.10 -29.26
C ASN B 301 42.84 -29.38 -30.73
N ILE B 302 43.72 -30.34 -30.92
CA ILE B 302 44.19 -30.62 -32.27
C ILE B 302 43.06 -31.13 -33.14
N TYR B 303 42.25 -32.01 -32.58
CA TYR B 303 41.10 -32.59 -33.23
C TYR B 303 40.12 -31.48 -33.65
N HIS B 304 39.89 -30.48 -32.77
CA HIS B 304 39.04 -29.38 -33.14
C HIS B 304 39.62 -28.57 -34.25
N ALA B 305 40.92 -28.37 -34.24
CA ALA B 305 41.53 -27.62 -35.32
C ALA B 305 41.34 -28.34 -36.68
N ILE B 306 41.48 -29.67 -36.65
CA ILE B 306 41.36 -30.51 -37.84
C ILE B 306 39.95 -30.39 -38.44
N ILE B 307 38.92 -30.67 -37.64
CA ILE B 307 37.57 -30.72 -38.17
C ILE B 307 37.08 -29.33 -38.61
N ALA B 308 37.74 -28.28 -38.14
CA ALA B 308 37.42 -26.92 -38.56
C ALA B 308 38.10 -26.50 -39.86
N THR B 309 39.06 -27.32 -40.36
CA THR B 309 39.87 -26.95 -41.51
C THR B 309 39.31 -27.54 -42.81
N PRO B 310 38.88 -26.67 -43.74
CA PRO B 310 38.39 -27.17 -45.02
C PRO B 310 39.57 -27.61 -45.84
N VAL B 311 39.49 -28.80 -46.43
CA VAL B 311 40.51 -29.36 -47.33
C VAL B 311 39.91 -29.83 -48.65
N HIS B 312 38.59 -29.70 -48.79
CA HIS B 312 37.85 -30.12 -49.98
C HIS B 312 37.78 -29.01 -50.99
N LYS B 313 37.99 -27.76 -50.57
CA LYS B 313 37.86 -26.59 -51.43
C LYS B 313 38.67 -25.39 -50.87
N SER B 314 38.94 -24.36 -51.68
CA SER B 314 39.69 -23.20 -51.20
C SER B 314 38.82 -22.32 -50.27
N LEU B 315 38.76 -22.68 -48.99
CA LEU B 315 37.86 -22.08 -48.00
C LEU B 315 38.58 -21.63 -46.68
N PRO B 316 38.09 -20.59 -45.97
CA PRO B 316 38.80 -20.17 -44.74
C PRO B 316 38.62 -21.12 -43.52
N ILE B 317 39.57 -21.11 -42.59
CA ILE B 317 39.31 -21.81 -41.33
C ILE B 317 38.57 -20.80 -40.44
N GLY B 318 37.39 -21.12 -39.95
CA GLY B 318 36.65 -20.09 -39.18
C GLY B 318 37.24 -19.89 -37.78
N ALA B 319 37.17 -18.68 -37.26
CA ALA B 319 37.65 -18.44 -35.95
C ALA B 319 36.80 -19.12 -34.86
N ARG B 320 35.64 -19.70 -35.22
CA ARG B 320 34.99 -20.62 -34.35
C ARG B 320 34.71 -21.91 -35.10
N GLY B 321 35.55 -22.18 -36.10
CA GLY B 321 35.35 -23.37 -36.92
C GLY B 321 33.92 -23.44 -37.43
N LEU B 322 33.38 -24.66 -37.39
CA LEU B 322 32.03 -24.98 -37.79
C LEU B 322 31.20 -25.40 -36.60
N SER B 323 31.62 -24.99 -35.41
CA SER B 323 30.93 -25.36 -34.14
C SER B 323 29.56 -24.66 -33.96
N CYS B 324 29.36 -23.50 -34.61
CA CYS B 324 28.12 -22.74 -34.53
C CYS B 324 28.40 -21.61 -35.49
N GLN B 325 27.51 -20.63 -35.59
CA GLN B 325 27.70 -19.58 -36.64
C GLN B 325 28.56 -18.43 -36.18
N ALA B 326 28.94 -18.44 -34.90
CA ALA B 326 29.76 -17.34 -34.34
C ALA B 326 31.00 -17.20 -35.16
N TYR B 327 31.37 -15.95 -35.38
CA TYR B 327 32.49 -15.58 -36.21
C TYR B 327 32.40 -16.00 -37.67
N GLN B 328 31.20 -16.35 -38.11
CA GLN B 328 30.87 -16.22 -39.52
C GLN B 328 31.56 -17.25 -40.43
N GLY B 329 32.13 -18.28 -39.80
CA GLY B 329 32.85 -19.32 -40.52
C GLY B 329 33.99 -18.80 -41.33
N ALA B 330 34.54 -17.69 -40.89
CA ALA B 330 35.43 -16.87 -41.71
C ALA B 330 36.82 -16.83 -41.12
N ALA B 331 37.80 -16.55 -41.98
CA ALA B 331 39.22 -16.46 -41.62
C ALA B 331 39.47 -15.11 -41.01
N PHE B 332 40.08 -15.15 -39.82
CA PHE B 332 40.70 -13.99 -39.20
C PHE B 332 42.25 -14.13 -39.34
N TRP B 333 43.03 -13.22 -38.77
CA TRP B 333 44.47 -13.37 -38.73
C TRP B 333 44.85 -14.61 -37.95
N ASP B 334 43.95 -15.06 -37.06
CA ASP B 334 44.06 -16.37 -36.36
C ASP B 334 44.50 -17.46 -37.33
N GLN B 335 43.94 -17.44 -38.53
CA GLN B 335 44.15 -18.54 -39.47
C GLN B 335 45.63 -18.72 -39.74
N GLU B 336 46.34 -17.64 -40.08
CA GLU B 336 47.77 -17.74 -40.41
C GLU B 336 48.67 -17.87 -39.17
N ILE B 337 48.36 -17.13 -38.09
CA ILE B 337 49.27 -16.93 -37.00
C ILE B 337 49.03 -17.99 -35.96
N TYR B 338 47.79 -18.42 -35.79
CA TYR B 338 47.46 -19.46 -34.83
C TYR B 338 47.20 -20.82 -35.44
N ASN B 339 46.54 -20.91 -36.61
CA ASN B 339 46.22 -22.24 -37.08
C ASN B 339 47.19 -22.79 -38.10
N MET B 340 47.86 -21.96 -38.86
CA MET B 340 48.71 -22.47 -39.92
C MET B 340 49.99 -23.20 -39.42
N PRO B 341 50.66 -22.73 -38.34
CA PRO B 341 51.97 -23.48 -38.00
C PRO B 341 51.90 -24.99 -37.92
N MET B 342 50.88 -25.54 -37.27
CA MET B 342 50.83 -27.01 -37.20
C MET B 342 50.89 -27.67 -38.61
N TYR B 343 50.25 -27.03 -39.61
CA TYR B 343 50.15 -27.62 -40.94
C TYR B 343 51.48 -27.40 -41.60
N LEU B 344 52.01 -26.19 -41.42
CA LEU B 344 53.27 -25.75 -42.00
C LEU B 344 54.37 -26.84 -41.77
N TYR B 345 54.48 -27.29 -40.54
CA TYR B 345 55.45 -28.26 -40.07
C TYR B 345 54.97 -29.68 -40.16
N SER B 346 53.67 -29.91 -40.14
CA SER B 346 53.20 -31.29 -40.11
C SER B 346 52.69 -31.75 -41.43
N ASN B 347 52.21 -30.84 -42.28
CA ASN B 347 51.59 -31.25 -43.55
C ASN B 347 51.64 -30.06 -44.51
N PRO B 348 52.83 -29.75 -45.04
CA PRO B 348 52.91 -28.36 -45.51
C PRO B 348 51.94 -28.00 -46.66
N GLU B 349 51.42 -28.98 -47.36
CA GLU B 349 50.54 -28.68 -48.49
C GLU B 349 49.31 -27.89 -48.01
N ILE B 350 48.79 -28.24 -46.84
CA ILE B 350 47.70 -27.47 -46.22
C ILE B 350 48.07 -26.02 -45.91
N ALA B 351 49.28 -25.78 -45.38
CA ALA B 351 49.72 -24.45 -45.17
C ALA B 351 49.73 -23.74 -46.52
N ARG B 352 50.20 -24.43 -47.56
CA ARG B 352 50.34 -23.83 -48.87
C ARG B 352 48.91 -23.48 -49.34
N ASN B 353 47.97 -24.37 -49.09
CA ASN B 353 46.60 -24.07 -49.47
C ASN B 353 45.96 -22.95 -48.65
N ILE B 354 46.33 -22.82 -47.35
CA ILE B 354 45.84 -21.67 -46.63
C ILE B 354 46.23 -20.41 -47.38
N LEU B 355 47.49 -20.32 -47.77
CA LEU B 355 47.98 -19.13 -48.43
C LEU B 355 47.41 -18.95 -49.83
N LYS B 356 47.10 -20.07 -50.50
CA LYS B 356 46.50 -19.97 -51.83
C LYS B 356 45.08 -19.44 -51.65
N TYR B 357 44.37 -19.84 -50.61
CA TYR B 357 43.10 -19.15 -50.30
C TYR B 357 43.30 -17.63 -50.24
N ARG B 358 44.37 -17.15 -49.57
CA ARG B 358 44.61 -15.70 -49.50
C ARG B 358 44.99 -15.09 -50.89
N HIS B 359 45.68 -15.85 -51.73
CA HIS B 359 45.96 -15.37 -53.09
C HIS B 359 44.65 -15.30 -53.83
N ARG B 360 43.81 -16.31 -53.68
CA ARG B 360 42.57 -16.38 -54.42
C ARG B 360 41.57 -15.25 -54.06
N THR B 361 41.64 -14.75 -52.80
CA THR B 361 40.80 -13.67 -52.33
C THR B 361 41.55 -12.31 -52.36
N LEU B 362 42.67 -12.24 -53.08
CA LEU B 362 43.40 -10.95 -53.21
C LEU B 362 42.57 -9.79 -53.75
N ASP B 363 41.73 -10.06 -54.74
CA ASP B 363 40.80 -9.02 -55.26
C ASP B 363 39.89 -8.44 -54.17
N GLY B 364 39.40 -9.26 -53.24
CA GLY B 364 38.63 -8.73 -52.09
C GLY B 364 39.48 -7.78 -51.26
N ALA B 365 40.75 -8.13 -51.04
CA ALA B 365 41.68 -7.26 -50.30
C ALA B 365 41.97 -5.97 -51.05
N ARG B 366 42.07 -6.13 -52.38
CA ARG B 366 42.21 -4.97 -53.30
C ARG B 366 40.98 -4.07 -53.29
N ARG B 367 39.79 -4.63 -53.29
CA ARG B 367 38.61 -3.79 -53.17
C ARG B 367 38.52 -3.05 -51.83
N LYS B 368 38.81 -3.75 -50.72
CA LYS B 368 38.74 -3.12 -49.38
C LYS B 368 39.73 -1.94 -49.35
N ALA B 369 40.96 -2.16 -49.80
CA ALA B 369 41.98 -1.09 -49.76
C ALA B 369 41.45 0.10 -50.58
N LYS B 370 40.93 -0.18 -51.77
CA LYS B 370 40.46 0.93 -52.65
C LYS B 370 39.29 1.66 -52.01
N ARG B 371 38.35 0.90 -51.45
CA ARG B 371 37.17 1.53 -50.88
C ARG B 371 37.60 2.51 -49.74
N LEU B 372 38.71 2.22 -49.06
CA LEU B 372 39.13 3.01 -47.89
C LEU B 372 40.15 4.08 -48.24
N GLY B 373 40.44 4.25 -49.54
CA GLY B 373 41.36 5.28 -50.01
C GLY B 373 42.84 4.87 -50.03
N TYR B 374 43.10 3.57 -49.91
CA TYR B 374 44.48 3.09 -49.95
C TYR B 374 44.71 2.46 -51.31
N GLU B 375 45.89 1.87 -51.46
CA GLU B 375 46.32 1.03 -52.56
C GLU B 375 46.75 -0.36 -52.06
N GLY B 376 46.87 -1.31 -52.98
CA GLY B 376 47.43 -2.58 -52.64
C GLY B 376 46.36 -3.48 -52.06
N ALA B 377 46.79 -4.38 -51.20
CA ALA B 377 45.87 -5.31 -50.64
C ALA B 377 45.80 -5.01 -49.12
N TYR B 378 44.64 -4.54 -48.70
CA TYR B 378 44.26 -4.48 -47.27
C TYR B 378 43.32 -5.62 -47.01
N TYR B 379 43.86 -6.71 -46.49
CA TYR B 379 43.03 -7.89 -46.31
C TYR B 379 41.83 -7.65 -45.36
N ALA B 380 40.77 -8.39 -45.61
CA ALA B 380 39.62 -8.32 -44.76
C ALA B 380 39.96 -8.82 -43.33
N TRP B 381 39.41 -8.13 -42.33
CA TRP B 381 39.48 -8.55 -40.94
C TRP B 381 38.76 -9.88 -40.81
N ILE B 382 37.61 -9.98 -41.50
CA ILE B 382 36.74 -11.17 -41.47
C ILE B 382 36.47 -11.58 -42.94
N SER B 383 37.04 -12.71 -43.35
CA SER B 383 37.15 -13.05 -44.77
C SER B 383 36.44 -14.34 -45.02
N GLY B 384 35.46 -14.25 -45.92
CA GLY B 384 34.63 -15.39 -46.32
C GLY B 384 34.99 -15.95 -47.71
N LYS B 385 34.00 -15.98 -48.60
CA LYS B 385 34.16 -16.55 -49.92
C LYS B 385 35.12 -15.73 -50.77
N THR B 386 35.00 -14.41 -50.76
CA THR B 386 35.66 -13.63 -51.82
C THR B 386 36.79 -12.79 -51.34
N GLY B 387 36.83 -12.54 -50.02
CA GLY B 387 37.85 -11.69 -49.42
C GLY B 387 37.33 -10.30 -49.16
N ASP B 388 36.09 -10.00 -49.61
CA ASP B 388 35.44 -8.75 -49.26
C ASP B 388 35.19 -8.77 -47.74
N GLU B 389 35.23 -7.60 -47.13
CA GLU B 389 35.10 -7.47 -45.67
C GLU B 389 33.73 -7.91 -45.18
N LEU B 390 33.69 -8.90 -44.30
CA LEU B 390 32.43 -9.30 -43.65
C LEU B 390 32.27 -8.69 -42.27
N CYS B 391 33.31 -8.06 -41.73
CA CYS B 391 33.20 -7.46 -40.37
C CYS B 391 32.37 -6.19 -40.43
N PRO B 392 31.26 -6.16 -39.73
CA PRO B 392 30.42 -4.91 -39.81
C PRO B 392 31.13 -3.75 -39.10
N ASP B 393 30.73 -2.51 -39.45
CA ASP B 393 31.21 -1.31 -38.72
C ASP B 393 30.75 -1.31 -37.25
N PHE B 394 29.55 -1.84 -37.08
CA PHE B 394 28.84 -1.99 -35.81
C PHE B 394 28.86 -3.44 -35.27
N PHE B 395 29.92 -3.80 -34.62
CA PHE B 395 30.07 -5.19 -34.17
C PHE B 395 29.34 -5.33 -32.85
N PHE B 396 29.36 -4.28 -32.02
CA PHE B 396 28.88 -4.43 -30.65
C PHE B 396 27.83 -3.32 -30.36
N LYS B 397 27.08 -3.49 -29.27
CA LYS B 397 26.25 -2.44 -28.66
C LYS B 397 26.91 -1.92 -27.35
N ASP B 398 26.61 -0.69 -26.95
CA ASP B 398 26.92 -0.24 -25.60
C ASP B 398 25.72 -0.72 -24.79
N VAL B 399 25.90 -1.72 -23.92
CA VAL B 399 24.77 -2.33 -23.24
C VAL B 399 24.21 -1.39 -22.14
N LEU B 400 24.84 -0.24 -21.92
CA LEU B 400 24.32 0.72 -20.93
C LEU B 400 23.19 1.53 -21.56
N SER B 401 23.39 1.99 -22.81
CA SER B 401 22.43 2.81 -23.55
C SER B 401 21.58 2.04 -24.57
N GLY B 402 21.96 0.81 -24.95
CA GLY B 402 21.32 0.13 -26.09
C GLY B 402 21.74 0.62 -27.50
N ARG B 403 22.61 1.63 -27.60
CA ARG B 403 23.13 2.12 -28.93
C ARG B 403 24.27 1.30 -29.51
N ASP B 404 24.25 1.16 -30.82
CA ASP B 404 25.42 0.65 -31.48
C ASP B 404 26.65 1.45 -31.00
N ILE B 405 27.80 0.78 -30.88
CA ILE B 405 29.06 1.49 -30.98
C ILE B 405 29.80 1.12 -32.26
N ARG B 406 30.71 1.98 -32.67
CA ARG B 406 31.54 1.80 -33.83
C ARG B 406 32.91 1.36 -33.37
N ASN B 407 33.28 0.11 -33.63
CA ASN B 407 34.65 -0.32 -33.44
C ASN B 407 35.33 -0.46 -34.81
N HIS B 408 36.64 -0.30 -34.82
CA HIS B 408 37.41 -0.28 -36.06
C HIS B 408 38.18 -1.54 -36.41
N PHE B 409 37.69 -2.71 -35.95
CA PHE B 409 38.25 -3.98 -36.36
C PHE B 409 38.43 -3.97 -37.90
N ASN B 410 37.41 -3.47 -38.60
CA ASN B 410 37.39 -3.61 -40.06
C ASN B 410 38.24 -2.59 -40.85
N ASP B 411 38.72 -1.52 -40.23
CA ASP B 411 39.43 -0.54 -41.03
C ASP B 411 40.62 0.16 -40.37
N TRP B 412 40.85 -0.05 -39.07
CA TRP B 412 42.11 0.40 -38.50
C TRP B 412 43.04 -0.72 -38.04
N GLN B 413 42.51 -1.94 -37.93
CA GLN B 413 43.35 -3.04 -37.48
C GLN B 413 44.05 -3.55 -38.75
N ILE B 414 45.03 -2.77 -39.23
CA ILE B 414 45.79 -3.08 -40.45
C ILE B 414 46.78 -4.25 -40.43
N HIS B 415 47.24 -4.70 -39.23
CA HIS B 415 48.27 -5.80 -39.19
C HIS B 415 47.88 -7.09 -39.88
N ILE B 416 46.59 -7.32 -40.08
CA ILE B 416 46.08 -8.47 -40.85
C ILE B 416 46.91 -8.63 -42.17
N SER B 417 47.18 -7.52 -42.88
CA SER B 417 47.91 -7.61 -44.17
C SER B 417 49.36 -8.10 -44.05
N PRO B 418 50.24 -7.37 -43.34
CA PRO B 418 51.61 -7.85 -43.17
C PRO B 418 51.63 -9.17 -42.31
N ASP B 419 50.59 -9.49 -41.54
CA ASP B 419 50.51 -10.85 -40.92
C ASP B 419 50.55 -11.94 -41.99
N ILE B 420 49.70 -11.78 -42.99
CA ILE B 420 49.64 -12.63 -44.17
C ILE B 420 50.98 -12.66 -44.91
N ALA B 421 51.64 -11.50 -45.05
CA ALA B 421 52.86 -11.44 -45.80
C ALA B 421 53.96 -12.16 -45.01
N TYR B 422 53.91 -12.01 -43.70
CA TYR B 422 54.75 -12.75 -42.77
C TYR B 422 54.60 -14.29 -42.93
N ALA B 423 53.36 -14.75 -42.97
CA ALA B 423 53.09 -16.15 -43.19
C ALA B 423 53.59 -16.68 -44.59
N VAL B 424 53.59 -15.83 -45.62
CA VAL B 424 54.08 -16.25 -46.95
C VAL B 424 55.58 -16.53 -46.82
N LYS B 425 56.27 -15.65 -46.14
CA LYS B 425 57.68 -15.67 -46.08
C LYS B 425 58.13 -16.84 -45.19
N LYS B 426 57.43 -17.06 -44.07
CA LYS B 426 57.67 -18.23 -43.22
C LYS B 426 57.44 -19.51 -43.96
N TYR B 427 56.33 -19.57 -44.68
CA TYR B 427 56.03 -20.78 -45.47
C TYR B 427 57.26 -21.07 -46.37
N HIS B 428 57.80 -20.04 -47.03
CA HIS B 428 58.98 -20.13 -47.89
C HIS B 428 60.23 -20.51 -47.13
N GLN B 429 60.49 -19.91 -45.98
CA GLN B 429 61.72 -20.26 -45.30
C GLN B 429 61.61 -21.71 -44.82
N VAL B 430 60.43 -22.15 -44.40
CA VAL B 430 60.36 -23.47 -43.85
C VAL B 430 60.47 -24.56 -44.91
N THR B 431 59.81 -24.38 -46.06
CA THR B 431 59.55 -25.47 -46.99
C THR B 431 60.52 -25.42 -48.13
N GLY B 432 61.02 -24.22 -48.45
CA GLY B 432 61.88 -24.02 -49.62
C GLY B 432 61.06 -23.99 -50.89
N ASP B 433 59.75 -23.83 -50.78
CA ASP B 433 58.91 -23.86 -51.94
C ASP B 433 58.98 -22.55 -52.84
N ASP B 434 60.06 -22.40 -53.61
CA ASP B 434 60.26 -21.26 -54.54
C ASP B 434 59.14 -21.06 -55.55
N ALA B 435 58.58 -22.17 -56.01
CA ALA B 435 57.48 -22.14 -56.94
C ALA B 435 56.29 -21.39 -56.34
N PHE B 436 55.95 -21.73 -55.10
CA PHE B 436 54.87 -20.98 -54.46
C PHE B 436 55.13 -19.48 -54.51
N ILE B 437 56.37 -19.10 -54.18
CA ILE B 437 56.72 -17.72 -54.15
C ILE B 437 56.61 -17.11 -55.55
N ARG B 438 57.11 -17.83 -56.56
CA ARG B 438 57.05 -17.34 -57.95
C ARG B 438 55.63 -17.18 -58.47
N ASP B 439 54.77 -18.15 -58.22
CA ASP B 439 53.46 -18.10 -58.79
C ASP B 439 52.41 -17.33 -57.98
N TYR B 440 52.62 -17.17 -56.67
CA TYR B 440 51.60 -16.59 -55.76
C TYR B 440 52.19 -15.61 -54.72
N GLY B 441 53.20 -16.04 -53.96
CA GLY B 441 53.70 -15.34 -52.77
C GLY B 441 54.27 -13.96 -53.01
N ALA B 442 55.07 -13.80 -54.08
CA ALA B 442 55.61 -12.50 -54.43
C ALA B 442 54.50 -11.49 -54.77
N GLU B 443 53.51 -11.90 -55.57
CA GLU B 443 52.41 -10.96 -55.87
C GLU B 443 51.77 -10.47 -54.49
N MET B 444 51.42 -11.40 -53.61
CA MET B 444 50.83 -11.07 -52.29
C MET B 444 51.68 -10.09 -51.50
N ILE B 445 52.96 -10.42 -51.39
CA ILE B 445 53.88 -9.64 -50.59
C ILE B 445 54.04 -8.27 -51.21
N PHE B 446 54.16 -8.22 -52.53
CA PHE B 446 54.24 -6.89 -53.19
C PHE B 446 52.96 -6.08 -52.94
N GLU B 447 51.79 -6.70 -53.07
CA GLU B 447 50.56 -5.90 -52.91
C GLU B 447 50.42 -5.43 -51.43
N ILE B 448 50.92 -6.24 -50.49
CA ILE B 448 50.75 -5.92 -49.05
C ILE B 448 51.73 -4.80 -48.76
N ALA B 449 52.96 -4.91 -49.33
CA ALA B 449 53.94 -3.85 -49.25
C ALA B 449 53.36 -2.49 -49.76
N ARG B 450 52.67 -2.54 -50.89
CA ARG B 450 52.03 -1.36 -51.52
C ARG B 450 50.96 -0.77 -50.59
N PHE B 451 50.13 -1.63 -50.04
CA PHE B 451 49.20 -1.18 -49.03
C PHE B 451 49.92 -0.39 -47.88
N LEU B 452 50.94 -1.01 -47.27
CA LEU B 452 51.67 -0.36 -46.17
C LEU B 452 52.15 1.00 -46.64
N ALA B 453 52.61 1.06 -47.90
CA ALA B 453 53.19 2.31 -48.37
C ALA B 453 52.11 3.34 -48.55
N SER B 454 50.87 2.92 -48.85
CA SER B 454 49.80 3.89 -49.01
C SER B 454 49.22 4.31 -47.64
N HIS B 455 49.37 3.48 -46.63
CA HIS B 455 48.83 3.79 -45.28
C HIS B 455 49.78 4.73 -44.53
N ALA B 456 51.09 4.45 -44.55
CA ALA B 456 52.05 5.23 -43.83
C ALA B 456 51.93 6.75 -44.03
N VAL B 457 52.37 7.50 -43.03
CA VAL B 457 52.44 8.93 -43.18
C VAL B 457 53.91 9.31 -43.07
N TYR B 458 54.33 10.25 -43.90
CA TYR B 458 55.67 10.72 -43.84
C TYR B 458 55.60 11.99 -43.00
N LYS B 459 56.51 12.12 -42.03
CA LYS B 459 56.55 13.30 -41.13
C LYS B 459 57.84 14.08 -41.42
N PRO B 460 57.70 15.16 -42.22
CA PRO B 460 58.88 15.79 -42.78
C PRO B 460 59.70 16.41 -41.71
N MET B 461 59.10 16.95 -40.69
CA MET B 461 60.06 17.44 -39.69
C MET B 461 60.69 16.34 -38.89
N ARG B 462 60.07 15.16 -38.82
CA ARG B 462 60.74 14.15 -38.00
C ARG B 462 61.68 13.37 -38.90
N GLY B 463 61.54 13.56 -40.21
CA GLY B 463 62.23 12.77 -41.22
C GLY B 463 62.00 11.28 -41.16
N ARG B 464 60.77 10.83 -40.92
CA ARG B 464 60.56 9.40 -40.85
C ARG B 464 59.12 9.13 -41.21
N TYR B 465 58.78 7.85 -41.47
CA TYR B 465 57.47 7.39 -41.76
C TYR B 465 56.91 6.76 -40.51
N GLU B 466 55.58 6.83 -40.34
CA GLU B 466 54.88 6.34 -39.13
C GLU B 466 53.59 5.68 -39.54
N PHE B 467 53.02 4.86 -38.66
CA PHE B 467 51.76 4.23 -38.91
C PHE B 467 50.79 4.70 -37.89
N MET B 468 49.94 5.63 -38.32
CA MET B 468 49.01 6.35 -37.42
C MET B 468 47.62 5.73 -37.39
N ARG B 469 46.94 5.87 -36.24
CA ARG B 469 45.53 5.56 -36.18
C ARG B 469 45.28 4.10 -36.53
N VAL B 470 45.93 3.17 -35.82
CA VAL B 470 45.64 1.77 -36.07
C VAL B 470 45.01 1.16 -34.85
N GLN B 471 44.78 -0.15 -34.88
CA GLN B 471 44.38 -0.92 -33.72
C GLN B 471 45.32 -2.14 -33.75
N GLY B 472 45.98 -2.46 -32.63
CA GLY B 472 46.88 -3.59 -32.63
C GLY B 472 46.23 -4.88 -32.13
N PRO B 473 47.03 -5.93 -31.91
CA PRO B 473 46.40 -7.14 -31.38
C PRO B 473 45.64 -6.93 -30.11
N ASP B 474 46.03 -5.98 -29.26
CA ASP B 474 45.25 -5.75 -28.01
C ASP B 474 44.04 -4.96 -28.53
N GLN B 475 42.92 -5.63 -28.67
CA GLN B 475 41.76 -5.04 -29.32
C GLN B 475 41.24 -3.82 -28.64
N TYR B 476 41.43 -3.75 -27.31
CA TYR B 476 40.75 -2.74 -26.49
C TYR B 476 41.10 -1.34 -26.84
N HIS B 477 42.31 -1.16 -27.39
CA HIS B 477 42.83 0.20 -27.71
C HIS B 477 42.83 0.54 -29.16
N GLU B 478 41.94 1.45 -29.56
CA GLU B 478 41.82 1.88 -30.97
C GLU B 478 42.27 3.33 -31.14
N ASN B 479 42.70 3.63 -32.36
CA ASN B 479 43.23 4.95 -32.68
C ASN B 479 44.59 5.20 -32.00
N VAL B 480 45.55 4.31 -32.17
CA VAL B 480 46.88 4.45 -31.51
C VAL B 480 47.87 4.60 -32.65
N ASP B 481 48.98 5.29 -32.38
CA ASP B 481 50.03 5.44 -33.39
C ASP B 481 51.20 4.54 -33.09
N ASN B 482 51.75 3.92 -34.13
CA ASN B 482 52.99 3.18 -34.05
C ASN B 482 52.89 2.06 -33.04
N ASN B 483 51.80 1.29 -33.19
CA ASN B 483 51.74 0.02 -32.50
C ASN B 483 53.02 -0.73 -32.82
N ALA B 484 53.74 -1.16 -31.77
CA ALA B 484 55.08 -1.76 -31.97
C ALA B 484 54.93 -2.97 -32.86
N PHE B 485 53.99 -3.85 -32.51
CA PHE B 485 53.72 -5.06 -33.33
C PHE B 485 53.49 -4.75 -34.85
N THR B 486 52.58 -3.84 -35.14
CA THR B 486 52.28 -3.42 -36.49
C THR B 486 53.49 -2.87 -37.22
N ASN B 487 54.26 -1.97 -36.60
CA ASN B 487 55.44 -1.39 -37.25
C ASN B 487 56.49 -2.42 -37.54
N HIS B 488 56.71 -3.34 -36.60
CA HIS B 488 57.62 -4.47 -36.86
C HIS B 488 57.14 -5.33 -38.04
N GLN B 489 55.88 -5.72 -38.01
CA GLN B 489 55.29 -6.56 -39.06
C GLN B 489 55.40 -5.86 -40.44
N ALA B 490 55.17 -4.54 -40.47
CA ALA B 490 55.25 -3.74 -41.68
C ALA B 490 56.67 -3.77 -42.24
N MET B 491 57.65 -3.56 -41.37
CA MET B 491 59.07 -3.64 -41.73
C MET B 491 59.49 -5.00 -42.20
N PHE B 492 58.96 -6.07 -41.59
CA PHE B 492 59.25 -7.41 -42.06
C PHE B 492 58.78 -7.61 -43.51
N THR B 493 57.57 -7.10 -43.80
CA THR B 493 56.99 -7.16 -45.10
C THR B 493 57.89 -6.41 -46.08
N LEU B 494 58.27 -5.18 -45.75
CA LEU B 494 59.04 -4.38 -46.67
C LEU B 494 60.38 -5.06 -46.97
N GLN B 495 61.01 -5.63 -45.93
CA GLN B 495 62.28 -6.33 -46.04
C GLN B 495 62.10 -7.56 -46.92
N ALA B 496 60.96 -8.25 -46.78
CA ALA B 496 60.71 -9.41 -47.63
C ALA B 496 60.52 -8.96 -49.07
N ALA B 497 59.82 -7.86 -49.26
CA ALA B 497 59.57 -7.33 -50.58
C ALA B 497 60.91 -6.98 -51.26
N ASP B 498 61.81 -6.35 -50.52
CA ASP B 498 63.10 -6.01 -51.04
C ASP B 498 64.00 -7.20 -51.38
N GLU B 499 64.08 -8.17 -50.47
CA GLU B 499 64.70 -9.46 -50.75
C GLU B 499 64.20 -10.10 -52.06
N LEU B 500 62.90 -10.22 -52.21
CA LEU B 500 62.33 -10.79 -53.42
C LEU B 500 62.80 -10.02 -54.68
N LEU B 501 62.78 -8.69 -54.63
CA LEU B 501 63.20 -7.85 -55.74
C LEU B 501 64.68 -8.07 -56.14
N GLN B 502 65.51 -8.37 -55.14
CA GLN B 502 66.93 -8.52 -55.30
C GLN B 502 67.27 -9.99 -55.52
N THR B 503 66.28 -10.88 -55.52
CA THR B 503 66.54 -12.30 -55.38
C THR B 503 65.79 -13.15 -56.37
N LEU B 504 64.65 -12.68 -56.89
CA LEU B 504 63.93 -13.44 -57.90
C LEU B 504 64.61 -13.30 -59.29
N ASP B 505 64.31 -14.22 -60.19
CA ASP B 505 64.87 -14.19 -61.54
C ASP B 505 64.05 -13.16 -62.29
N GLU B 506 64.68 -12.53 -63.30
CA GLU B 506 64.07 -11.36 -63.96
C GLU B 506 62.75 -11.65 -64.70
N LYS B 507 62.53 -12.88 -65.13
CA LYS B 507 61.29 -13.18 -65.87
C LYS B 507 60.10 -13.29 -64.91
N THR B 508 60.33 -13.84 -63.71
CA THR B 508 59.31 -13.85 -62.67
C THR B 508 59.00 -12.40 -62.22
N LEU B 509 60.04 -11.64 -61.87
CA LEU B 509 59.88 -10.26 -61.48
C LEU B 509 59.13 -9.43 -62.50
N SER B 510 59.55 -9.43 -63.76
CA SER B 510 58.79 -8.77 -64.86
C SER B 510 57.37 -9.17 -64.96
N ALA B 511 57.06 -10.48 -64.90
CA ALA B 511 55.68 -10.95 -64.99
C ALA B 511 54.87 -10.38 -63.80
N VAL B 512 55.45 -10.48 -62.59
CA VAL B 512 54.76 -9.99 -61.38
C VAL B 512 54.57 -8.47 -61.40
N LYS B 513 55.66 -7.75 -61.66
CA LYS B 513 55.58 -6.26 -61.73
C LYS B 513 54.52 -5.82 -62.77
N GLU B 514 54.45 -6.54 -63.88
CA GLU B 514 53.52 -6.25 -64.95
C GLU B 514 52.08 -6.52 -64.50
N LYS B 515 51.85 -7.69 -63.92
CA LYS B 515 50.51 -8.03 -63.43
C LYS B 515 49.87 -6.97 -62.49
N ILE B 516 50.68 -6.27 -61.71
CA ILE B 516 50.15 -5.46 -60.62
C ILE B 516 50.61 -4.02 -60.85
N GLY B 517 51.38 -3.76 -61.90
CA GLY B 517 51.68 -2.35 -62.22
C GLY B 517 52.68 -1.73 -61.27
N LEU B 518 53.57 -2.56 -60.74
CA LEU B 518 54.58 -2.09 -59.83
C LEU B 518 55.66 -1.23 -60.49
N SER B 519 55.83 0.02 -60.02
CA SER B 519 56.72 0.93 -60.72
C SER B 519 57.97 1.17 -59.89
N ASP B 520 58.98 1.69 -60.57
CA ASP B 520 60.25 2.07 -59.95
C ASP B 520 60.04 3.05 -58.75
N ASP B 521 59.18 4.03 -58.96
CA ASP B 521 58.78 5.00 -57.92
C ASP B 521 58.22 4.26 -56.68
N GLU B 522 57.39 3.23 -56.85
CA GLU B 522 56.91 2.52 -55.67
C GLU B 522 58.07 1.84 -54.92
N ILE B 523 58.98 1.24 -55.69
CA ILE B 523 60.13 0.51 -55.13
C ILE B 523 61.08 1.42 -54.34
N SER B 524 61.42 2.62 -54.88
CA SER B 524 62.16 3.67 -54.14
C SER B 524 61.46 4.10 -52.86
N LEU B 525 60.15 4.33 -52.95
CA LEU B 525 59.33 4.56 -51.74
C LEU B 525 59.57 3.44 -50.71
N TRP B 526 59.37 2.19 -51.10
CA TRP B 526 59.62 1.10 -50.17
C TRP B 526 60.98 1.10 -49.54
N ARG B 527 62.03 1.35 -50.32
CA ARG B 527 63.39 1.29 -49.78
C ARG B 527 63.71 2.54 -48.93
N ASP B 528 63.10 3.66 -49.27
CA ASP B 528 63.15 4.80 -48.34
C ASP B 528 62.46 4.48 -46.97
N MET B 529 61.39 3.70 -47.01
CA MET B 529 60.62 3.40 -45.82
C MET B 529 61.46 2.39 -45.04
N LEU B 530 62.12 1.47 -45.74
CA LEU B 530 62.97 0.46 -45.13
C LEU B 530 63.99 1.12 -44.23
N ALA B 531 64.48 2.29 -44.65
CA ALA B 531 65.54 2.97 -43.97
C ALA B 531 65.02 4.01 -42.97
N ASN B 532 63.77 4.46 -43.13
CA ASN B 532 63.32 5.65 -42.44
C ASN B 532 61.96 5.54 -41.69
N THR B 533 61.48 4.33 -41.47
CA THR B 533 60.26 4.15 -40.73
C THR B 533 60.56 4.11 -39.23
N TYR B 534 59.82 4.86 -38.43
CA TYR B 534 59.92 4.73 -36.99
C TYR B 534 59.52 3.33 -36.55
N VAL B 535 60.39 2.66 -35.80
CA VAL B 535 60.02 1.36 -35.24
C VAL B 535 60.23 1.39 -33.72
N PRO B 536 59.15 1.25 -32.93
CA PRO B 536 59.36 1.32 -31.48
C PRO B 536 60.34 0.24 -31.03
N LYS B 537 61.25 0.63 -30.16
CA LYS B 537 62.29 -0.30 -29.74
C LYS B 537 62.44 -0.21 -28.20
N PRO B 538 63.25 -1.11 -27.63
CA PRO B 538 63.42 -1.07 -26.16
C PRO B 538 63.92 0.26 -25.63
N ASP B 539 63.25 0.83 -24.61
CA ASP B 539 63.70 2.07 -24.01
C ASP B 539 64.76 1.76 -22.88
N LYS B 540 65.00 2.71 -21.98
CA LYS B 540 66.10 2.55 -21.01
C LYS B 540 65.84 1.49 -19.96
N HIS B 541 64.59 1.13 -19.68
CA HIS B 541 64.40 -0.02 -18.82
C HIS B 541 64.24 -1.26 -19.61
N GLY B 542 64.49 -1.19 -20.92
CA GLY B 542 64.38 -2.38 -21.79
C GLY B 542 62.98 -2.70 -22.32
N ILE B 543 62.07 -1.75 -22.15
CA ILE B 543 60.65 -1.99 -22.42
C ILE B 543 60.28 -1.40 -23.78
N ILE B 544 59.56 -2.16 -24.60
CA ILE B 544 59.00 -1.63 -25.87
C ILE B 544 57.57 -1.14 -25.58
N GLU B 545 57.36 0.16 -25.77
CA GLU B 545 56.04 0.76 -25.60
C GLU B 545 55.07 0.20 -26.65
N GLN B 546 53.89 -0.22 -26.19
CA GLN B 546 52.96 -0.96 -27.01
C GLN B 546 52.45 -0.09 -28.17
N PHE B 547 52.24 1.20 -27.88
CA PHE B 547 51.91 2.21 -28.91
C PHE B 547 52.29 3.54 -28.30
N ASP B 548 52.30 4.63 -29.10
CA ASP B 548 52.67 5.98 -28.62
C ASP B 548 51.68 6.42 -27.49
N GLY B 549 52.23 6.73 -26.33
CA GLY B 549 51.39 7.27 -25.26
C GLY B 549 50.88 6.16 -24.34
N TYR B 550 51.07 4.89 -24.74
CA TYR B 550 50.68 3.78 -23.85
C TYR B 550 51.21 4.07 -22.42
N TYR B 551 52.44 4.55 -22.28
CA TYR B 551 53.02 4.79 -20.95
C TYR B 551 52.24 5.85 -20.13
N ASP B 552 51.48 6.71 -20.78
CA ASP B 552 50.70 7.76 -20.13
C ASP B 552 49.35 7.28 -19.62
N LEU B 553 49.00 6.02 -19.84
CA LEU B 553 47.62 5.60 -19.50
C LEU B 553 47.66 5.07 -18.05
N GLU B 554 46.51 4.92 -17.40
CA GLU B 554 46.49 4.42 -16.03
C GLU B 554 47.07 2.98 -15.82
N THR B 555 48.13 2.87 -15.00
CA THR B 555 48.60 1.55 -14.56
C THR B 555 47.66 0.89 -13.57
N ILE B 556 47.19 -0.30 -13.93
CA ILE B 556 46.39 -1.10 -13.07
C ILE B 556 46.94 -2.53 -13.01
N ILE B 557 47.52 -2.88 -11.86
CA ILE B 557 48.07 -4.20 -11.62
C ILE B 557 47.56 -4.79 -10.30
N PRO B 558 46.94 -5.98 -10.35
CA PRO B 558 46.74 -6.83 -11.47
C PRO B 558 45.64 -6.26 -12.40
N ALA B 559 45.75 -6.53 -13.68
CA ALA B 559 44.85 -5.92 -14.66
C ALA B 559 43.40 -6.07 -14.31
N LYS B 560 43.08 -7.20 -13.75
CA LYS B 560 41.72 -7.62 -13.46
C LYS B 560 40.96 -6.74 -12.47
N LYS B 561 41.67 -6.01 -11.64
CA LYS B 561 41.01 -4.99 -10.80
C LYS B 561 40.10 -4.03 -11.58
N VAL B 562 40.43 -3.80 -12.85
CA VAL B 562 39.67 -2.84 -13.65
C VAL B 562 38.21 -3.34 -13.78
N THR B 563 37.99 -4.64 -13.60
CA THR B 563 36.62 -5.12 -13.70
C THR B 563 35.68 -4.53 -12.62
N GLU B 564 36.27 -4.03 -11.52
CA GLU B 564 35.55 -3.35 -10.45
C GLU B 564 34.84 -2.09 -10.96
N ARG B 565 35.28 -1.49 -12.07
CA ARG B 565 34.58 -0.31 -12.58
C ARG B 565 33.36 -0.65 -13.46
N LEU B 566 33.17 -1.92 -13.81
CA LEU B 566 32.07 -2.24 -14.68
C LEU B 566 30.72 -1.96 -14.04
N ILE B 567 29.73 -1.60 -14.86
CA ILE B 567 28.37 -1.41 -14.40
C ILE B 567 27.52 -2.61 -14.78
N LYS B 568 27.74 -3.19 -15.96
CA LYS B 568 27.09 -4.46 -16.35
C LYS B 568 28.18 -5.41 -16.77
N GLU B 569 28.07 -6.71 -16.42
CA GLU B 569 29.14 -7.67 -16.73
C GLU B 569 29.38 -7.90 -18.21
N ASP B 570 28.33 -7.76 -19.02
CA ASP B 570 28.39 -8.03 -20.43
C ASP B 570 28.76 -6.76 -21.24
N GLU B 571 29.23 -5.71 -20.57
CA GLU B 571 29.75 -4.55 -21.32
C GLU B 571 30.92 -4.97 -22.22
N TYR B 572 31.09 -4.26 -23.31
CA TYR B 572 32.31 -4.33 -24.04
C TYR B 572 33.36 -3.49 -23.28
N TYR B 573 34.58 -4.02 -23.13
CA TYR B 573 35.58 -3.44 -22.23
C TYR B 573 36.40 -2.46 -22.96
N GLY B 574 36.33 -2.47 -24.30
CA GLY B 574 37.22 -1.58 -25.03
C GLY B 574 36.63 -0.28 -25.59
N TYR B 575 37.24 0.21 -26.67
CA TYR B 575 36.76 1.43 -27.39
C TYR B 575 35.23 1.40 -27.64
N PRO B 576 34.55 2.55 -27.51
CA PRO B 576 35.21 3.87 -27.33
C PRO B 576 35.35 4.33 -25.89
N ASN B 577 34.53 3.79 -24.99
CA ASN B 577 34.58 4.31 -23.60
C ASN B 577 34.54 3.18 -22.57
N GLY B 578 35.00 1.96 -22.92
CA GLY B 578 34.97 0.84 -22.00
C GLY B 578 35.94 1.06 -20.84
N VAL B 579 35.82 0.29 -19.79
CA VAL B 579 36.68 0.57 -18.61
C VAL B 579 38.14 0.47 -18.95
N THR B 580 38.54 -0.24 -20.00
CA THR B 580 40.02 -0.38 -20.16
C THR B 580 40.68 0.72 -20.95
N VAL B 581 39.86 1.56 -21.62
CA VAL B 581 40.37 2.47 -22.64
C VAL B 581 41.37 3.46 -22.09
N ARG B 582 41.11 4.04 -20.96
CA ARG B 582 42.13 4.97 -20.48
C ARG B 582 43.22 4.34 -19.62
N THR B 583 43.27 3.01 -19.64
CA THR B 583 44.17 2.24 -18.79
C THR B 583 45.21 1.46 -19.62
N GLN B 584 46.23 0.94 -18.93
CA GLN B 584 47.24 0.08 -19.59
C GLN B 584 46.82 -1.42 -19.63
N CYS B 585 45.63 -1.75 -19.13
CA CYS B 585 45.06 -3.08 -19.25
C CYS B 585 44.89 -3.43 -20.74
N ILE B 586 45.42 -4.58 -21.13
CA ILE B 586 45.33 -5.04 -22.49
C ILE B 586 44.61 -6.37 -22.52
N LYS B 587 44.01 -6.69 -23.67
CA LYS B 587 43.15 -7.83 -23.76
C LYS B 587 44.01 -9.11 -23.86
N GLN B 588 45.16 -8.99 -24.51
CA GLN B 588 45.90 -10.16 -25.02
C GLN B 588 47.29 -9.72 -25.44
N ALA B 589 48.13 -10.66 -25.82
CA ALA B 589 49.48 -10.35 -26.19
C ALA B 589 49.52 -9.35 -27.34
N ASP B 590 50.50 -8.46 -27.29
CA ASP B 590 50.66 -7.42 -28.30
C ASP B 590 52.13 -7.24 -28.51
N VAL B 591 52.82 -6.56 -27.59
CA VAL B 591 54.29 -6.62 -27.59
C VAL B 591 54.75 -8.06 -27.43
N ILE B 592 54.05 -8.86 -26.64
CA ILE B 592 54.53 -10.25 -26.47
C ILE B 592 54.30 -11.04 -27.79
N GLN B 593 53.31 -10.63 -28.58
CA GLN B 593 52.99 -11.33 -29.82
C GLN B 593 54.12 -11.19 -30.84
N LEU B 594 54.78 -10.03 -30.81
CA LEU B 594 55.89 -9.66 -31.60
C LEU B 594 57.03 -10.65 -31.39
N PHE B 595 57.34 -11.00 -30.13
CA PHE B 595 58.35 -12.00 -29.83
C PHE B 595 57.93 -13.43 -30.25
N VAL B 596 56.64 -13.75 -30.22
CA VAL B 596 56.23 -15.05 -30.70
C VAL B 596 56.61 -15.17 -32.20
N LEU B 597 56.53 -14.09 -32.96
CA LEU B 597 56.66 -14.15 -34.43
C LEU B 597 58.09 -13.95 -34.89
N HIS B 598 58.85 -13.15 -34.15
CA HIS B 598 60.25 -12.83 -34.41
C HIS B 598 61.07 -13.23 -33.20
N PRO B 599 61.20 -14.52 -32.96
CA PRO B 599 61.83 -14.89 -31.66
C PRO B 599 63.33 -14.59 -31.58
N HIS B 600 63.98 -14.33 -32.69
CA HIS B 600 65.45 -14.08 -32.67
C HIS B 600 65.75 -12.60 -32.68
N LEU B 601 64.73 -11.75 -32.69
CA LEU B 601 65.01 -10.37 -32.95
C LEU B 601 65.57 -9.69 -31.70
N TYR B 602 65.03 -9.98 -30.54
CA TYR B 602 65.53 -9.32 -29.34
C TYR B 602 66.23 -10.34 -28.44
N ASP B 603 67.23 -9.86 -27.68
CA ASP B 603 67.97 -10.70 -26.77
C ASP B 603 66.99 -11.11 -25.69
N ARG B 604 67.35 -12.18 -25.01
CA ARG B 604 66.49 -12.85 -24.08
C ARG B 604 66.19 -11.95 -22.85
N LYS B 605 67.12 -11.09 -22.46
CA LYS B 605 66.90 -10.18 -21.33
C LYS B 605 65.83 -9.13 -21.66
N THR B 606 65.91 -8.54 -22.86
CA THR B 606 64.85 -7.67 -23.32
C THR B 606 63.47 -8.38 -23.31
N VAL B 607 63.39 -9.62 -23.82
CA VAL B 607 62.12 -10.35 -23.88
C VAL B 607 61.58 -10.52 -22.47
N GLU B 608 62.50 -10.83 -21.58
CA GLU B 608 62.17 -11.14 -20.23
C GLU B 608 61.57 -9.89 -19.55
N LEU B 609 62.24 -8.76 -19.69
CA LEU B 609 61.76 -7.52 -19.12
C LEU B 609 60.41 -7.11 -19.69
N ASN B 610 60.21 -7.30 -20.99
CA ASN B 610 58.88 -6.96 -21.52
C ASN B 610 57.78 -7.90 -21.03
N TYR B 611 58.12 -9.17 -20.89
CA TYR B 611 57.15 -10.15 -20.38
C TYR B 611 56.69 -9.75 -18.92
N GLU B 612 57.68 -9.39 -18.12
CA GLU B 612 57.46 -8.96 -16.71
C GLU B 612 56.69 -7.69 -16.59
N PHE B 613 56.98 -6.79 -17.51
CA PHE B 613 56.19 -5.58 -17.60
C PHE B 613 54.74 -5.85 -18.03
N TYR B 614 54.55 -6.56 -19.14
CA TYR B 614 53.21 -6.63 -19.78
C TYR B 614 52.28 -7.69 -19.23
N GLU B 615 52.80 -8.83 -18.79
CA GLU B 615 51.89 -9.89 -18.30
C GLU B 615 50.96 -9.42 -17.13
N PRO B 616 51.49 -8.74 -16.10
CA PRO B 616 50.53 -8.28 -15.06
C PRO B 616 49.53 -7.22 -15.54
N ARG B 617 49.84 -6.55 -16.67
CA ARG B 617 48.90 -5.65 -17.32
C ARG B 617 47.90 -6.34 -18.26
N THR B 618 48.02 -7.67 -18.39
CA THR B 618 47.25 -8.38 -19.39
C THR B 618 46.08 -9.07 -18.79
N LEU B 619 44.88 -8.73 -19.26
CA LEU B 619 43.67 -9.41 -18.79
C LEU B 619 43.54 -10.85 -19.26
N HIS B 620 44.12 -11.19 -20.42
CA HIS B 620 43.89 -12.51 -21.05
C HIS B 620 42.44 -12.73 -21.29
N PHE B 621 41.75 -11.68 -21.78
CA PHE B 621 40.34 -11.88 -21.97
C PHE B 621 40.10 -12.29 -23.38
N SER B 622 41.15 -12.61 -24.13
CA SER B 622 40.91 -13.27 -25.43
C SER B 622 41.47 -14.68 -25.31
N SER B 623 40.81 -15.65 -25.93
CA SER B 623 41.34 -17.01 -26.01
C SER B 623 42.70 -17.09 -26.72
N LEU B 624 43.15 -16.02 -27.37
CA LEU B 624 44.44 -16.09 -28.11
C LEU B 624 45.58 -15.79 -27.19
N SER B 625 45.28 -15.25 -26.00
CA SER B 625 46.35 -14.67 -25.16
C SER B 625 47.22 -15.65 -24.40
N PRO B 626 46.63 -16.59 -23.62
CA PRO B 626 47.51 -17.46 -22.79
C PRO B 626 48.56 -18.24 -23.61
N SER B 627 48.18 -18.79 -24.79
CA SER B 627 49.21 -19.55 -25.60
C SER B 627 50.35 -18.65 -25.98
N SER B 628 50.09 -17.41 -26.36
CA SER B 628 51.21 -16.53 -26.70
C SER B 628 52.14 -16.23 -25.54
N TYR B 629 51.58 -15.94 -24.36
CA TYR B 629 52.41 -15.80 -23.16
C TYR B 629 53.18 -17.11 -22.80
N ALA B 630 52.55 -18.27 -22.97
CA ALA B 630 53.19 -19.59 -22.69
C ALA B 630 54.42 -19.80 -23.57
N ILE B 631 54.26 -19.51 -24.85
CA ILE B 631 55.37 -19.69 -25.76
C ILE B 631 56.58 -18.83 -25.36
N VAL B 632 56.35 -17.58 -25.01
CA VAL B 632 57.46 -16.69 -24.63
C VAL B 632 58.03 -17.06 -23.23
N ALA B 633 57.16 -17.33 -22.23
CA ALA B 633 57.59 -17.69 -20.88
C ALA B 633 58.51 -18.91 -20.92
N ALA B 634 58.18 -19.85 -21.79
CA ALA B 634 58.95 -21.09 -21.85
C ALA B 634 60.42 -20.84 -22.20
N GLN B 635 60.72 -19.83 -23.02
CA GLN B 635 62.03 -19.60 -23.56
C GLN B 635 62.78 -18.52 -22.80
N ILE B 636 62.18 -17.96 -21.76
CA ILE B 636 62.93 -17.07 -20.91
C ILE B 636 63.02 -17.56 -19.47
N ASP B 637 63.06 -18.88 -19.28
CA ASP B 637 63.25 -19.51 -17.97
C ASP B 637 62.08 -19.21 -17.04
N LYS B 638 60.87 -19.16 -17.61
CA LYS B 638 59.67 -19.09 -16.82
C LYS B 638 58.82 -20.29 -17.20
N VAL B 639 59.36 -21.47 -16.93
CA VAL B 639 58.83 -22.72 -17.49
C VAL B 639 57.54 -23.14 -16.74
N GLU B 640 57.54 -23.05 -15.42
CA GLU B 640 56.34 -23.40 -14.71
C GLU B 640 55.18 -22.42 -15.06
N GLU B 641 55.51 -21.15 -15.18
CA GLU B 641 54.55 -20.14 -15.58
C GLU B 641 54.06 -20.43 -17.01
N ALA B 642 54.98 -20.82 -17.87
CA ALA B 642 54.52 -21.24 -19.19
C ALA B 642 53.54 -22.38 -19.08
N TYR B 643 53.84 -23.36 -18.23
CA TYR B 643 52.96 -24.50 -18.11
C TYR B 643 51.55 -24.11 -17.63
N ARG B 644 51.46 -23.08 -16.81
CA ARG B 644 50.19 -22.71 -16.21
C ARG B 644 49.37 -22.04 -17.32
N ASN B 645 50.04 -21.33 -18.21
CA ASN B 645 49.38 -20.74 -19.36
C ASN B 645 49.00 -21.79 -20.37
N PHE B 646 49.85 -22.81 -20.53
CA PHE B 646 49.53 -23.95 -21.37
C PHE B 646 48.19 -24.48 -20.87
N ARG B 647 48.09 -24.67 -19.55
CA ARG B 647 46.89 -25.25 -18.96
C ARG B 647 45.70 -24.36 -19.19
N LYS B 648 45.91 -23.05 -19.09
CA LYS B 648 44.82 -22.14 -19.31
C LYS B 648 44.32 -22.25 -20.75
N SER B 649 45.23 -22.25 -21.74
CA SER B 649 44.86 -22.34 -23.14
C SER B 649 44.21 -23.64 -23.49
N VAL B 650 44.75 -24.81 -23.05
CA VAL B 650 44.15 -26.11 -23.46
C VAL B 650 42.80 -26.48 -22.93
N MET B 651 42.41 -25.82 -21.85
CA MET B 651 41.15 -26.14 -21.14
C MET B 651 40.08 -25.12 -21.44
N ILE B 652 40.41 -24.07 -22.22
CA ILE B 652 39.44 -23.00 -22.47
C ILE B 652 38.04 -23.57 -22.84
N ASP B 653 37.96 -24.53 -23.75
CA ASP B 653 36.65 -25.10 -24.15
C ASP B 653 36.22 -26.22 -23.20
N LEU B 654 37.11 -27.16 -22.89
CA LEU B 654 36.75 -28.34 -22.06
C LEU B 654 36.17 -27.89 -20.73
N LEU B 655 36.77 -26.89 -20.09
CA LEU B 655 36.31 -26.61 -18.74
C LEU B 655 35.49 -25.37 -18.80
N ASN B 656 35.12 -24.94 -20.01
CA ASN B 656 34.14 -23.87 -20.23
C ASN B 656 34.46 -22.55 -19.51
N THR B 657 35.68 -22.01 -19.70
CA THR B 657 36.19 -20.89 -18.87
C THR B 657 36.03 -19.46 -19.48
N ASN B 658 35.56 -19.36 -20.72
CA ASN B 658 35.29 -18.02 -21.29
C ASN B 658 33.81 -17.59 -21.13
N GLU B 659 33.50 -16.38 -21.60
CA GLU B 659 32.13 -15.85 -21.60
C GLU B 659 31.51 -16.09 -23.03
N ALA B 660 30.19 -16.24 -23.16
CA ALA B 660 29.61 -16.51 -24.48
C ALA B 660 29.19 -15.22 -25.25
N VAL B 661 29.04 -14.13 -24.52
CA VAL B 661 28.20 -13.05 -24.98
C VAL B 661 28.86 -11.77 -24.49
N SER B 662 28.97 -10.77 -25.36
CA SER B 662 29.58 -9.51 -24.92
C SER B 662 29.07 -8.37 -25.82
N GLY B 663 28.87 -7.18 -25.27
CA GLY B 663 28.41 -6.04 -26.09
C GLY B 663 27.18 -6.39 -26.95
N GLY B 664 26.30 -7.23 -26.41
CA GLY B 664 25.16 -7.79 -27.11
C GLY B 664 25.43 -8.74 -28.28
N THR B 665 26.71 -9.15 -28.47
CA THR B 665 27.08 -10.07 -29.55
C THR B 665 27.52 -11.44 -29.01
N PHE B 666 27.12 -12.53 -29.68
CA PHE B 666 27.53 -13.89 -29.29
C PHE B 666 28.86 -14.22 -29.89
N ILE B 667 29.75 -14.71 -29.06
CA ILE B 667 31.16 -14.79 -29.36
C ILE B 667 31.69 -16.15 -28.92
N GLY B 668 30.74 -17.03 -28.51
CA GLY B 668 31.04 -18.36 -28.02
C GLY B 668 31.28 -19.38 -29.17
N GLY B 669 31.24 -20.66 -28.86
CA GLY B 669 31.66 -21.69 -29.77
C GLY B 669 33.10 -22.15 -29.42
N ILE B 670 33.57 -23.11 -30.17
CA ILE B 670 34.91 -23.65 -30.04
C ILE B 670 35.94 -22.64 -30.46
N HIS B 671 37.00 -22.55 -29.64
CA HIS B 671 38.04 -21.55 -29.83
C HIS B 671 39.16 -22.01 -30.76
N THR B 672 38.95 -21.80 -32.06
CA THR B 672 39.80 -22.45 -33.06
C THR B 672 41.28 -22.07 -32.96
N ALA B 673 41.58 -20.78 -32.86
CA ALA B 673 42.94 -20.27 -32.71
C ALA B 673 43.63 -20.95 -31.50
N ALA B 674 42.94 -21.01 -30.37
CA ALA B 674 43.53 -21.64 -29.22
C ALA B 674 43.77 -23.09 -29.56
N ASN B 675 42.80 -23.70 -30.24
CA ASN B 675 42.86 -25.12 -30.62
C ASN B 675 44.15 -25.36 -31.39
N GLY B 676 44.44 -24.44 -32.30
CA GLY B 676 45.62 -24.57 -33.10
C GLY B 676 46.89 -24.30 -32.32
N ALA B 677 46.83 -23.35 -31.38
CA ALA B 677 47.98 -22.93 -30.62
C ALA B 677 48.42 -24.03 -29.63
N SER B 678 47.56 -24.99 -29.38
CA SER B 678 47.88 -26.03 -28.43
C SER B 678 49.12 -26.73 -28.94
N TRP B 679 49.13 -27.03 -30.25
CA TRP B 679 50.28 -27.65 -30.86
C TRP B 679 51.52 -26.77 -30.78
N GLN B 680 51.38 -25.51 -31.15
CA GLN B 680 52.53 -24.60 -31.11
C GLN B 680 53.11 -24.52 -29.72
N MET B 681 52.26 -24.55 -28.70
CA MET B 681 52.77 -24.45 -27.33
C MET B 681 53.79 -25.55 -27.03
N VAL B 682 53.51 -26.78 -27.51
CA VAL B 682 54.42 -27.89 -27.21
C VAL B 682 55.64 -27.73 -28.09
N VAL B 683 55.42 -27.44 -29.37
CA VAL B 683 56.49 -27.56 -30.38
C VAL B 683 57.41 -26.34 -30.51
N ASN B 684 56.78 -25.16 -30.70
CA ASN B 684 57.57 -23.93 -30.72
C ASN B 684 57.82 -23.39 -29.28
N GLY B 685 56.87 -23.56 -28.39
CA GLY B 685 57.05 -22.99 -27.06
C GLY B 685 58.05 -23.78 -26.19
N PHE B 686 57.60 -24.90 -25.63
CA PHE B 686 58.49 -25.76 -24.90
C PHE B 686 59.70 -26.25 -25.71
N GLY B 687 59.43 -26.76 -26.92
CA GLY B 687 60.47 -27.23 -27.82
C GLY B 687 61.37 -26.15 -28.39
N GLY B 688 60.83 -24.94 -28.58
CA GLY B 688 61.60 -23.86 -29.03
C GLY B 688 61.98 -23.99 -30.50
N LEU B 689 61.20 -24.74 -31.26
CA LEU B 689 61.41 -24.91 -32.69
C LEU B 689 61.12 -23.63 -33.44
N SER B 690 62.11 -23.15 -34.19
CA SER B 690 61.99 -22.02 -35.04
C SER B 690 62.96 -22.21 -36.16
N VAL B 691 62.69 -21.51 -37.24
CA VAL B 691 63.59 -21.45 -38.38
C VAL B 691 63.94 -19.98 -38.56
N HIS B 692 65.20 -19.69 -38.38
CA HIS B 692 65.67 -18.34 -38.49
C HIS B 692 66.15 -18.11 -39.92
N GLY B 693 67.42 -18.30 -40.24
CA GLY B 693 67.75 -17.97 -41.66
C GLY B 693 67.47 -19.19 -42.51
N ASP B 694 68.56 -19.87 -42.83
CA ASP B 694 68.44 -21.25 -43.16
C ASP B 694 68.83 -22.03 -41.94
N ASP B 695 68.84 -21.36 -40.78
CA ASP B 695 69.13 -22.00 -39.48
C ASP B 695 67.90 -22.62 -38.79
N ILE B 696 68.03 -23.89 -38.43
CA ILE B 696 67.02 -24.52 -37.66
C ILE B 696 67.33 -24.46 -36.16
N HIS B 697 66.37 -24.01 -35.34
CA HIS B 697 66.59 -23.88 -33.89
C HIS B 697 65.74 -24.75 -33.07
N LEU B 698 66.34 -25.26 -31.99
CA LEU B 698 65.62 -25.97 -30.92
C LEU B 698 66.18 -25.53 -29.57
N SER B 699 65.31 -25.39 -28.55
CA SER B 699 65.70 -25.04 -27.17
C SER B 699 64.74 -25.73 -26.26
N PRO B 700 64.83 -27.03 -26.17
CA PRO B 700 63.78 -27.75 -25.45
C PRO B 700 63.71 -27.47 -23.97
N ARG B 701 62.51 -27.11 -23.50
CA ARG B 701 62.23 -26.94 -22.07
C ARG B 701 61.26 -27.98 -21.66
N LEU B 702 61.17 -28.21 -20.36
CA LEU B 702 60.27 -29.24 -19.90
C LEU B 702 59.62 -28.83 -18.55
N PRO B 703 58.30 -28.69 -18.51
CA PRO B 703 57.64 -28.48 -17.24
C PRO B 703 57.70 -29.74 -16.34
N ASP B 704 57.67 -29.53 -15.02
CA ASP B 704 57.74 -30.65 -14.05
C ASP B 704 56.62 -31.59 -14.22
N ALA B 705 55.51 -31.14 -14.83
CA ALA B 705 54.32 -31.97 -14.92
C ALA B 705 54.46 -33.09 -15.93
N TRP B 706 55.50 -33.05 -16.74
CA TRP B 706 55.63 -34.00 -17.84
C TRP B 706 56.96 -34.72 -17.71
N ASP B 707 57.05 -35.98 -18.12
CA ASP B 707 58.36 -36.67 -18.24
C ASP B 707 59.04 -36.48 -19.58
N GLY B 708 58.32 -35.92 -20.56
CA GLY B 708 58.84 -35.82 -21.91
C GLY B 708 57.75 -35.36 -22.88
N TYR B 709 58.14 -35.13 -24.14
CA TYR B 709 57.19 -34.92 -25.19
C TYR B 709 57.93 -35.34 -26.39
N THR B 710 57.16 -35.64 -27.41
CA THR B 710 57.75 -36.03 -28.66
C THR B 710 56.86 -35.64 -29.83
N PHE B 711 57.44 -35.02 -30.87
CA PHE B 711 56.65 -34.53 -31.96
C PHE B 711 57.37 -34.68 -33.32
N LYS B 712 56.60 -34.56 -34.41
CA LYS B 712 57.26 -34.50 -35.69
C LYS B 712 57.28 -33.09 -36.30
N ALA B 713 58.34 -32.71 -37.00
CA ALA B 713 58.34 -31.44 -37.71
C ALA B 713 59.06 -31.56 -39.03
N ILE B 714 58.50 -31.01 -40.11
CA ILE B 714 59.12 -31.16 -41.42
C ILE B 714 59.78 -29.85 -41.72
N VAL B 715 61.08 -29.86 -41.99
CA VAL B 715 61.76 -28.70 -42.47
C VAL B 715 62.44 -29.00 -43.80
N LYS B 716 62.17 -28.13 -44.79
CA LYS B 716 62.74 -28.29 -46.15
C LYS B 716 62.61 -29.70 -46.68
N GLY B 717 61.42 -30.29 -46.54
CA GLY B 717 61.15 -31.65 -46.98
C GLY B 717 61.68 -32.76 -46.05
N GLN B 718 62.55 -32.40 -45.10
CA GLN B 718 63.07 -33.39 -44.15
C GLN B 718 62.17 -33.51 -42.89
N THR B 719 61.63 -34.71 -42.65
CA THR B 719 60.81 -34.98 -41.46
C THR B 719 61.72 -35.32 -40.28
N LEU B 720 61.85 -34.41 -39.33
CA LEU B 720 62.53 -34.61 -38.04
C LEU B 720 61.56 -35.10 -36.94
N GLU B 721 61.92 -36.14 -36.19
CA GLU B 721 61.20 -36.53 -34.99
C GLU B 721 62.04 -36.02 -33.81
N VAL B 722 61.44 -35.18 -32.96
CA VAL B 722 62.15 -34.57 -31.81
C VAL B 722 61.64 -35.20 -30.52
N ASP B 723 62.50 -35.82 -29.71
CA ASP B 723 62.01 -36.50 -28.47
C ASP B 723 62.70 -35.79 -27.34
N VAL B 724 61.94 -35.34 -26.34
CA VAL B 724 62.59 -34.53 -25.32
C VAL B 724 62.27 -35.20 -24.00
N THR B 725 63.29 -35.43 -23.16
CA THR B 725 63.02 -35.90 -21.76
C THR B 725 63.76 -34.96 -20.80
N LYS B 726 63.85 -35.31 -19.53
CA LYS B 726 64.38 -34.36 -18.51
C LYS B 726 65.85 -34.17 -18.69
N GLU B 727 66.53 -35.19 -19.16
CA GLU B 727 67.99 -35.07 -19.30
C GLU B 727 68.48 -34.90 -20.75
N GLN B 728 67.62 -35.09 -21.74
CA GLN B 728 68.12 -35.17 -23.14
C GLN B 728 67.14 -34.67 -24.21
N ILE B 729 67.66 -34.38 -25.41
CA ILE B 729 66.87 -34.29 -26.64
C ILE B 729 67.51 -35.21 -27.67
N THR B 730 66.66 -35.90 -28.41
CA THR B 730 67.07 -36.64 -29.55
C THR B 730 66.34 -36.12 -30.80
N ILE B 731 67.10 -35.88 -31.84
CA ILE B 731 66.50 -35.58 -33.10
C ILE B 731 66.85 -36.70 -34.08
N THR B 732 65.83 -37.28 -34.69
CA THR B 732 66.01 -38.33 -35.65
C THR B 732 65.39 -37.87 -36.94
N ASN B 733 66.14 -38.07 -38.02
CA ASN B 733 65.71 -37.77 -39.37
C ASN B 733 65.11 -39.02 -40.01
N LYS B 734 63.78 -39.11 -40.06
CA LYS B 734 63.06 -40.09 -40.91
C LYS B 734 63.22 -39.39 -42.21
N SER B 735 62.39 -39.60 -43.19
CA SER B 735 62.63 -38.87 -44.48
C SER B 735 63.05 -40.03 -45.29
N GLU B 736 62.29 -40.38 -46.33
CA GLU B 736 62.71 -41.42 -47.29
C GLU B 736 64.15 -41.17 -47.71
N ASP B 737 64.53 -39.95 -48.04
CA ASP B 737 65.97 -39.78 -48.27
C ASP B 737 66.59 -38.54 -47.64
N ARG B 738 67.51 -38.81 -46.71
CA ARG B 738 68.09 -37.81 -45.86
C ARG B 738 69.08 -36.91 -46.59
N LYS B 739 69.01 -35.63 -46.28
CA LYS B 739 70.04 -34.68 -46.65
C LYS B 739 70.60 -34.27 -45.30
N PRO B 740 71.81 -33.73 -45.25
CA PRO B 740 72.27 -33.39 -43.89
C PRO B 740 71.73 -32.00 -43.50
N LEU B 741 71.60 -31.76 -42.19
CA LEU B 741 71.09 -30.50 -41.65
C LEU B 741 71.98 -29.97 -40.57
N THR B 742 72.08 -28.67 -40.47
CA THR B 742 72.67 -28.07 -39.29
C THR B 742 71.58 -27.44 -38.40
N LEU B 743 71.63 -27.81 -37.13
CA LEU B 743 70.63 -27.50 -36.17
C LEU B 743 71.33 -26.57 -35.20
N HIS B 744 70.58 -25.67 -34.57
CA HIS B 744 71.11 -24.95 -33.43
C HIS B 744 70.37 -25.41 -32.22
N ILE B 745 71.08 -25.97 -31.25
CA ILE B 745 70.42 -26.44 -30.05
C ILE B 745 70.91 -25.65 -28.85
N PHE B 746 70.02 -24.87 -28.24
CA PHE B 746 70.38 -23.90 -27.18
C PHE B 746 71.43 -22.96 -27.74
N GLY B 747 71.30 -22.60 -29.02
CA GLY B 747 72.32 -21.75 -29.66
C GLY B 747 73.59 -22.43 -30.21
N GLU B 748 73.88 -23.66 -29.81
CA GLU B 748 75.07 -24.33 -30.36
C GLU B 748 74.85 -25.16 -31.63
N LYS B 749 75.69 -24.89 -32.62
CA LYS B 749 75.65 -25.62 -33.88
C LYS B 749 75.92 -27.11 -33.73
N SER B 750 75.07 -27.94 -34.33
CA SER B 750 75.33 -29.37 -34.42
C SER B 750 74.82 -29.92 -35.72
N VAL B 751 75.61 -30.78 -36.34
CA VAL B 751 75.31 -31.25 -37.69
C VAL B 751 74.49 -32.49 -37.56
N LEU B 752 73.33 -32.52 -38.19
CA LEU B 752 72.55 -33.76 -38.27
C LEU B 752 72.88 -34.27 -39.66
N ASP B 753 74.04 -34.90 -39.74
CA ASP B 753 74.44 -35.78 -40.83
C ASP B 753 74.29 -37.04 -40.04
N SER B 754 74.08 -38.15 -40.72
CA SER B 754 73.47 -39.33 -40.04
C SER B 754 71.94 -39.09 -39.95
N GLU B 755 71.42 -39.96 -39.10
CA GLU B 755 70.05 -40.20 -38.92
C GLU B 755 69.60 -39.57 -37.60
N ARG B 756 70.53 -39.42 -36.65
CA ARG B 756 70.10 -39.18 -35.30
C ARG B 756 71.20 -38.47 -34.49
N ILE B 757 70.75 -37.68 -33.53
CA ILE B 757 71.65 -36.98 -32.67
C ILE B 757 70.97 -36.87 -31.33
N THR B 758 71.74 -37.10 -30.29
CA THR B 758 71.32 -36.93 -28.96
C THR B 758 72.21 -35.90 -28.24
N LYS B 759 71.62 -35.02 -27.45
CA LYS B 759 72.34 -33.99 -26.72
C LYS B 759 71.70 -33.86 -25.33
N SER B 760 72.51 -33.74 -24.29
CA SER B 760 71.95 -33.53 -22.94
C SER B 760 71.19 -32.16 -22.72
N ARG B 761 70.18 -32.15 -21.82
CA ARG B 761 69.04 -31.14 -21.62
C ARG B 761 67.77 -31.30 -22.53
N MET C 1 -11.21 58.45 16.23
CA MET C 1 -12.53 58.54 16.93
C MET C 1 -12.92 57.25 17.60
N HIS C 2 -12.24 56.11 17.27
CA HIS C 2 -12.94 54.80 17.03
C HIS C 2 -12.17 53.51 16.98
N GLU C 3 -11.36 53.32 15.97
CA GLU C 3 -10.88 51.99 15.64
C GLU C 3 -9.56 51.58 16.37
N ILE C 4 -9.64 50.56 17.21
CA ILE C 4 -8.49 50.16 17.99
C ILE C 4 -7.74 49.10 17.20
N GLY C 5 -8.45 48.11 16.66
CA GLY C 5 -7.82 47.08 15.88
C GLY C 5 -8.84 46.13 15.34
N GLU C 6 -8.57 44.86 15.54
CA GLU C 6 -9.41 43.74 15.08
C GLU C 6 -10.89 43.84 15.45
N HIS C 7 -11.68 44.59 14.66
CA HIS C 7 -13.11 44.86 14.92
C HIS C 7 -13.37 45.44 16.30
N LEU C 8 -12.36 46.06 16.90
CA LEU C 8 -12.47 46.66 18.22
C LEU C 8 -12.50 48.16 18.07
N THR C 9 -13.51 48.78 18.69
CA THR C 9 -13.57 50.19 18.73
C THR C 9 -13.81 50.75 20.18
N THR C 10 -13.69 52.07 20.30
CA THR C 10 -14.21 52.81 21.44
C THR C 10 -15.09 53.92 20.84
N ASN C 11 -16.21 54.23 21.52
CA ASN C 11 -16.98 55.42 21.14
C ASN C 11 -16.66 56.61 22.00
N THR C 12 -16.32 56.37 23.26
CA THR C 12 -16.22 57.56 24.09
C THR C 12 -14.87 57.79 24.68
N GLY C 13 -13.96 56.84 24.53
CA GLY C 13 -12.72 56.85 25.30
C GLY C 13 -12.82 56.17 26.67
N TRP C 14 -14.02 55.66 27.02
CA TRP C 14 -14.34 54.88 28.24
C TRP C 14 -14.87 53.52 27.94
N ASP C 15 -14.97 53.16 26.67
CA ASP C 15 -15.59 51.88 26.36
C ASP C 15 -14.79 51.16 25.29
N ILE C 16 -14.73 49.85 25.44
CA ILE C 16 -14.17 49.01 24.39
C ILE C 16 -15.33 48.19 23.79
N ILE C 17 -15.43 48.25 22.46
CA ILE C 17 -16.51 47.61 21.70
C ILE C 17 -16.00 46.63 20.68
N LYS C 18 -16.50 45.40 20.77
CA LYS C 18 -16.28 44.42 19.71
C LYS C 18 -17.59 44.12 19.00
N ASN C 19 -17.58 44.26 17.68
CA ASN C 19 -18.83 44.16 16.93
C ASN C 19 -18.98 42.88 16.07
N ARG C 20 -18.19 41.88 16.39
CA ARG C 20 -18.26 40.57 15.73
C ARG C 20 -17.99 39.46 16.76
N TYR C 21 -18.71 38.34 16.64
CA TYR C 21 -18.46 37.18 17.49
C TYR C 21 -17.54 36.20 16.80
N GLU C 22 -16.45 35.83 17.48
CA GLU C 22 -15.44 34.88 16.98
C GLU C 22 -15.16 33.85 18.10
N ALA C 23 -15.77 32.66 18.05
CA ALA C 23 -15.68 31.66 19.12
C ALA C 23 -14.22 31.29 19.51
N ALA C 24 -13.32 31.44 18.53
CA ALA C 24 -11.89 31.14 18.66
C ALA C 24 -11.15 32.09 19.62
N GLN C 25 -11.76 33.25 19.92
CA GLN C 25 -11.10 34.24 20.77
C GLN C 25 -11.50 34.12 22.26
N ALA C 26 -12.10 33.00 22.63
CA ALA C 26 -12.79 32.93 23.91
C ALA C 26 -11.87 33.19 25.09
N ILE C 27 -10.70 32.56 25.12
CA ILE C 27 -9.76 32.80 26.21
C ILE C 27 -9.49 34.30 26.34
N THR C 28 -9.21 34.97 25.22
CA THR C 28 -8.73 36.34 25.26
C THR C 28 -9.84 37.28 25.58
N GLU C 29 -10.98 37.00 24.95
CA GLU C 29 -12.20 37.78 25.17
C GLU C 29 -12.73 37.70 26.63
N GLY C 30 -12.64 36.52 27.21
CA GLY C 30 -13.10 36.34 28.55
C GLY C 30 -12.25 37.12 29.51
N SER C 31 -10.97 37.29 29.15
CA SER C 31 -10.09 38.03 30.01
C SER C 31 -10.36 39.51 29.87
N ASN C 32 -10.37 39.97 28.62
CA ASN C 32 -10.39 41.40 28.38
C ASN C 32 -11.65 42.06 28.81
N PHE C 33 -12.78 41.35 28.64
CA PHE C 33 -14.10 41.96 28.87
C PHE C 33 -14.58 41.53 30.25
N MET C 34 -13.66 40.99 31.06
CA MET C 34 -14.05 40.50 32.42
C MET C 34 -14.49 41.68 33.30
N ILE C 35 -15.11 41.34 34.42
CA ILE C 35 -15.36 42.27 35.50
C ILE C 35 -14.82 41.79 36.83
N GLY C 36 -14.77 42.69 37.81
CA GLY C 36 -14.36 42.23 39.12
C GLY C 36 -14.17 43.37 40.06
N ASN C 37 -13.50 43.10 41.17
CA ASN C 37 -13.50 44.13 42.20
C ASN C 37 -12.52 43.89 43.33
N GLY C 38 -11.39 43.23 43.00
CA GLY C 38 -10.33 42.93 43.98
C GLY C 38 -10.68 41.75 44.85
N PHE C 39 -11.99 41.42 44.95
CA PHE C 39 -12.34 40.25 45.72
C PHE C 39 -12.57 39.07 44.81
N MET C 40 -13.19 39.31 43.66
CA MET C 40 -13.39 38.26 42.70
C MET C 40 -13.05 38.80 41.31
N GLY C 41 -12.87 37.92 40.33
CA GLY C 41 -12.86 38.26 38.93
C GLY C 41 -13.89 37.36 38.27
N TYR C 42 -14.73 37.96 37.44
CA TYR C 42 -15.77 37.16 36.74
C TYR C 42 -15.49 37.33 35.28
N ARG C 43 -15.23 36.23 34.59
CA ARG C 43 -14.82 36.34 33.20
C ARG C 43 -15.95 36.88 32.27
N GLY C 44 -15.59 37.65 31.26
CA GLY C 44 -16.59 38.28 30.40
C GLY C 44 -17.15 37.25 29.41
N THR C 45 -17.72 36.15 29.89
CA THR C 45 -18.42 35.22 29.07
C THR C 45 -19.91 35.61 28.99
N PHE C 46 -20.70 34.84 28.25
CA PHE C 46 -22.15 35.14 28.14
C PHE C 46 -22.96 34.23 29.07
N ALA C 47 -24.18 34.62 29.43
CA ALA C 47 -24.96 33.91 30.45
C ALA C 47 -25.10 32.42 30.15
N GLU C 48 -25.14 32.06 28.87
CA GLU C 48 -25.32 30.64 28.51
C GLU C 48 -24.02 29.85 28.61
N ASP C 49 -22.88 30.52 28.86
CA ASP C 49 -21.56 29.85 28.72
C ASP C 49 -21.19 28.98 29.87
N GLY C 50 -20.53 27.86 29.55
CA GLY C 50 -19.94 27.00 30.58
C GLY C 50 -18.45 26.80 30.39
N LYS C 51 -17.93 25.71 30.97
CA LYS C 51 -16.56 25.17 30.84
C LYS C 51 -15.92 25.39 29.50
N ASP C 52 -16.62 24.96 28.44
CA ASP C 52 -16.07 24.94 27.08
C ASP C 52 -15.87 26.36 26.54
N ALA C 53 -16.44 27.34 27.20
CA ALA C 53 -16.09 28.72 26.79
C ALA C 53 -15.22 29.46 27.81
N TYR C 54 -14.60 28.70 28.73
CA TYR C 54 -13.71 29.27 29.75
C TYR C 54 -14.38 30.25 30.67
N ALA C 55 -15.63 29.95 31.02
CA ALA C 55 -16.35 30.73 32.04
C ALA C 55 -15.68 30.49 33.38
N ALA C 56 -15.55 31.54 34.23
CA ALA C 56 -14.99 31.30 35.57
C ALA C 56 -15.23 32.44 36.43
N CYS C 57 -15.55 32.14 37.67
CA CYS C 57 -15.46 33.14 38.70
C CYS C 57 -14.30 32.73 39.66
N ILE C 58 -13.27 33.58 39.75
CA ILE C 58 -12.04 33.33 40.47
C ILE C 58 -12.16 34.13 41.77
N VAL C 59 -12.08 33.47 42.91
CA VAL C 59 -12.31 34.12 44.18
C VAL C 59 -11.03 34.15 45.04
N THR C 60 -10.65 35.34 45.49
CA THR C 60 -9.51 35.53 46.38
C THR C 60 -9.61 34.67 47.65
N ASP C 61 -8.45 34.29 48.21
CA ASP C 61 -8.37 33.57 49.49
C ASP C 61 -9.13 32.25 49.43
N THR C 62 -9.06 31.60 48.27
CA THR C 62 -9.52 30.24 48.12
C THR C 62 -8.44 29.30 47.60
N TRP C 63 -7.18 29.57 47.96
CA TRP C 63 -6.05 28.72 47.57
C TRP C 63 -6.21 27.28 47.91
N ASP C 64 -5.85 26.44 46.95
CA ASP C 64 -6.04 25.00 47.03
C ASP C 64 -5.02 24.35 46.14
N LYS C 65 -4.51 23.20 46.57
CA LYS C 65 -3.50 22.44 45.82
C LYS C 65 -4.04 21.05 45.61
N ALA C 66 -5.23 20.92 45.02
CA ALA C 66 -5.78 19.59 44.72
C ALA C 66 -4.80 18.71 43.99
N ASP C 67 -4.07 19.21 42.98
CA ASP C 67 -3.21 18.31 42.18
C ASP C 67 -1.87 17.94 42.86
N GLY C 68 -1.65 18.35 44.11
CA GLY C 68 -0.36 18.13 44.82
C GLY C 68 0.84 18.93 44.32
N LYS C 69 0.66 19.92 43.41
CA LYS C 69 1.79 20.71 42.88
C LYS C 69 1.49 22.18 42.75
N TRP C 70 0.41 22.51 42.04
CA TRP C 70 0.03 23.88 41.83
C TRP C 70 -0.99 24.41 42.79
N GLU C 71 -0.57 25.32 43.70
CA GLU C 71 -1.51 25.89 44.64
C GLU C 71 -2.04 27.20 44.04
N GLU C 72 -3.34 27.25 43.74
CA GLU C 72 -3.95 28.31 42.92
C GLU C 72 -5.31 28.63 43.56
N LEU C 73 -5.89 29.75 43.20
CA LEU C 73 -7.26 30.07 43.68
C LEU C 73 -8.29 29.10 43.07
N SER C 74 -9.43 28.95 43.75
CA SER C 74 -10.56 28.14 43.26
C SER C 74 -11.41 28.94 42.33
N THR C 75 -11.87 28.33 41.23
CA THR C 75 -13.03 28.83 40.54
C THR C 75 -14.31 28.26 41.18
N VAL C 76 -15.34 29.09 41.33
CA VAL C 76 -16.47 28.66 42.14
C VAL C 76 -17.69 28.36 41.27
N PRO C 77 -18.69 27.63 41.81
CA PRO C 77 -19.97 27.44 41.09
C PRO C 77 -20.57 28.76 40.56
N ASN C 78 -21.02 28.70 39.30
CA ASN C 78 -21.47 29.84 38.51
C ASN C 78 -22.98 30.04 38.61
N ALA C 79 -23.37 30.98 39.45
CA ALA C 79 -24.81 31.26 39.73
C ALA C 79 -25.56 32.12 38.68
N LEU C 80 -24.89 32.43 37.56
CA LEU C 80 -25.48 33.29 36.57
C LEU C 80 -25.78 32.51 35.29
N LEU C 81 -25.50 31.19 35.29
CA LEU C 81 -25.81 30.38 34.13
C LEU C 81 -27.30 30.53 33.70
N THR C 82 -27.52 30.91 32.44
CA THR C 82 -28.90 31.13 31.92
C THR C 82 -28.96 30.68 30.45
N LEU C 83 -29.78 29.66 30.16
CA LEU C 83 -29.94 29.12 28.78
C LEU C 83 -31.36 29.40 28.25
N LEU C 84 -31.47 29.89 27.03
CA LEU C 84 -32.79 30.15 26.46
C LEU C 84 -33.10 29.10 25.40
N HIS C 85 -34.34 28.65 25.43
CA HIS C 85 -34.90 27.81 24.39
C HIS C 85 -36.09 28.48 23.81
N VAL C 86 -36.18 28.44 22.49
CA VAL C 86 -37.30 29.07 21.80
C VAL C 86 -38.00 27.98 21.04
N ASP C 87 -39.22 27.66 21.46
CA ASP C 87 -39.87 26.44 20.95
C ASP C 87 -38.95 25.20 21.02
N GLY C 88 -38.31 24.98 22.17
CA GLY C 88 -37.33 23.90 22.32
C GLY C 88 -35.98 23.95 21.54
N GLU C 89 -35.76 24.95 20.69
CA GLU C 89 -34.46 25.18 20.11
C GLU C 89 -33.63 26.02 21.08
N PRO C 90 -32.41 25.53 21.47
CA PRO C 90 -31.52 26.34 22.33
C PRO C 90 -30.99 27.59 21.61
N PHE C 91 -30.99 28.73 22.29
CA PHE C 91 -30.34 29.94 21.74
C PHE C 91 -28.82 29.88 21.84
N ILE C 92 -28.16 29.71 20.70
CA ILE C 92 -26.73 29.50 20.59
C ILE C 92 -26.05 30.53 19.66
N MET C 93 -25.08 31.29 20.18
CA MET C 93 -24.39 32.32 19.37
C MET C 93 -23.80 31.73 18.09
N SER C 94 -24.09 32.34 16.95
CA SER C 94 -23.52 31.93 15.65
C SER C 94 -22.60 33.02 15.08
N GLU C 95 -21.51 32.61 14.45
CA GLU C 95 -20.63 33.59 13.80
C GLU C 95 -21.31 34.32 12.66
N GLU C 96 -22.34 33.73 12.06
CA GLU C 96 -23.23 34.47 11.14
C GLU C 96 -24.57 34.78 11.83
N ALA C 97 -24.53 35.66 12.83
CA ALA C 97 -25.72 36.03 13.61
C ALA C 97 -26.08 37.47 13.39
N ALA C 98 -27.27 37.66 12.81
CA ALA C 98 -27.82 38.96 12.37
C ALA C 98 -27.24 40.22 13.05
N SER C 99 -26.86 40.13 14.32
CA SER C 99 -26.47 41.33 15.06
C SER C 99 -25.83 41.00 16.41
N PHE C 100 -24.51 41.17 16.51
CA PHE C 100 -23.75 41.07 17.77
C PHE C 100 -22.86 42.31 18.08
N GLU C 101 -22.97 42.82 19.30
CA GLU C 101 -21.87 43.64 19.87
C GLU C 101 -21.70 43.38 21.37
N ARG C 102 -20.44 43.40 21.82
CA ARG C 102 -20.15 43.28 23.27
C ARG C 102 -19.45 44.58 23.64
N THR C 103 -19.78 45.11 24.81
CA THR C 103 -19.15 46.29 25.31
C THR C 103 -18.59 46.06 26.71
N LEU C 104 -17.37 46.59 26.93
CA LEU C 104 -16.89 46.85 28.29
C LEU C 104 -16.87 48.35 28.53
N ASP C 105 -17.71 48.79 29.46
CA ASP C 105 -17.71 50.14 29.96
C ASP C 105 -16.72 50.29 31.14
N LEU C 106 -15.55 50.81 30.83
CA LEU C 106 -14.47 51.06 31.76
C LEU C 106 -14.85 52.02 32.86
N SER C 107 -15.85 52.88 32.59
CA SER C 107 -16.14 53.99 33.56
C SER C 107 -16.79 53.40 34.79
N GLN C 108 -17.31 52.20 34.67
CA GLN C 108 -17.98 51.60 35.83
C GLN C 108 -17.90 50.07 35.91
N GLY C 109 -17.07 49.45 35.06
CA GLY C 109 -16.86 48.01 35.15
C GLY C 109 -18.09 47.17 34.83
N VAL C 110 -18.83 47.59 33.81
CA VAL C 110 -20.01 46.82 33.39
C VAL C 110 -19.68 46.22 32.05
N THR C 111 -19.83 44.92 31.95
CA THR C 111 -19.62 44.27 30.71
C THR C 111 -20.96 43.79 30.13
N SER C 112 -21.12 43.90 28.81
CA SER C 112 -22.46 43.71 28.21
C SER C 112 -22.44 43.08 26.84
N ARG C 113 -23.59 42.50 26.47
CA ARG C 113 -23.82 41.98 25.11
C ARG C 113 -25.22 42.42 24.58
N LYS C 114 -25.32 42.79 23.29
CA LYS C 114 -26.60 42.87 22.57
C LYS C 114 -26.53 41.97 21.37
N VAL C 115 -27.47 41.07 21.27
CA VAL C 115 -27.40 40.09 20.17
C VAL C 115 -28.79 39.73 19.64
N SER C 116 -28.83 39.51 18.34
CA SER C 116 -30.04 39.09 17.62
C SER C 116 -29.82 37.92 16.66
N GLN C 117 -30.64 36.87 16.74
CA GLN C 117 -30.59 35.80 15.75
C GLN C 117 -31.98 35.34 15.46
N ARG C 118 -32.14 34.87 14.23
CA ARG C 118 -33.40 34.29 13.78
C ARG C 118 -33.40 32.82 14.19
N MET C 119 -34.44 32.41 14.92
CA MET C 119 -34.59 30.99 15.28
C MET C 119 -35.26 30.16 14.15
N LYS C 120 -35.18 28.84 14.21
CA LYS C 120 -35.85 27.96 13.24
C LYS C 120 -37.37 28.17 13.11
N ASN C 121 -38.03 28.60 14.19
CA ASN C 121 -39.49 28.80 14.15
C ASN C 121 -39.81 30.12 13.44
N GLY C 122 -38.77 30.81 12.97
CA GLY C 122 -38.90 32.10 12.29
C GLY C 122 -38.81 33.32 13.19
N ALA C 123 -38.88 33.12 14.51
CA ALA C 123 -38.77 34.25 15.44
C ALA C 123 -37.34 34.78 15.59
N THR C 124 -37.22 36.09 15.66
CA THR C 124 -35.95 36.75 15.81
C THR C 124 -35.83 37.10 17.29
N ILE C 125 -34.78 36.59 17.91
CA ILE C 125 -34.62 36.78 19.34
C ILE C 125 -33.55 37.84 19.57
N THR C 126 -33.80 38.78 20.47
CA THR C 126 -32.81 39.78 20.87
C THR C 126 -32.52 39.60 22.35
N ILE C 127 -31.22 39.53 22.67
CA ILE C 127 -30.74 39.47 24.09
C ILE C 127 -29.85 40.70 24.42
N HIS C 128 -30.24 41.49 25.44
CA HIS C 128 -29.42 42.56 26.05
C HIS C 128 -29.03 41.94 27.38
N GLU C 129 -27.72 41.77 27.58
CA GLU C 129 -27.25 41.25 28.84
C GLU C 129 -26.15 42.15 29.35
N GLU C 130 -26.22 42.49 30.64
CA GLU C 130 -25.17 43.24 31.27
C GLU C 130 -24.86 42.70 32.65
N LYS C 131 -23.59 42.77 33.04
CA LYS C 131 -23.11 42.26 34.35
C LYS C 131 -22.10 43.22 34.92
N PHE C 132 -22.01 43.28 36.25
CA PHE C 132 -20.92 44.00 36.91
C PHE C 132 -20.67 43.36 38.27
N ALA C 133 -19.41 43.41 38.71
CA ALA C 133 -19.03 42.88 40.04
C ALA C 133 -19.13 44.03 40.93
N SER C 134 -19.98 43.96 41.96
CA SER C 134 -20.17 45.17 42.73
C SER C 134 -18.87 45.67 43.44
N TYR C 135 -18.55 46.94 43.29
CA TYR C 135 -17.48 47.50 44.08
C TYR C 135 -17.96 47.99 45.47
N ARG C 136 -19.27 48.16 45.62
CA ARG C 136 -19.84 48.56 46.91
C ARG C 136 -19.99 47.32 47.73
N LYS C 137 -20.59 46.27 47.16
CA LYS C 137 -20.69 44.96 47.83
C LYS C 137 -19.75 43.92 47.20
N LYS C 138 -18.53 43.82 47.76
CA LYS C 138 -17.51 43.02 47.06
C LYS C 138 -17.92 41.59 46.85
N HIS C 139 -18.72 41.03 47.73
CA HIS C 139 -19.05 39.63 47.55
C HIS C 139 -20.08 39.36 46.50
N ALA C 140 -20.59 40.42 45.84
CA ALA C 140 -21.66 40.20 44.88
C ALA C 140 -21.29 40.57 43.46
N VAL C 141 -21.68 39.70 42.54
CA VAL C 141 -21.70 39.98 41.11
C VAL C 141 -23.16 39.85 40.54
N LEU C 142 -23.58 40.83 39.76
CA LEU C 142 -24.96 40.96 39.34
C LEU C 142 -25.15 40.86 37.83
N MET C 143 -26.32 40.37 37.43
CA MET C 143 -26.72 40.34 36.04
C MET C 143 -28.18 40.83 35.77
N LYS C 144 -28.34 41.65 34.71
CA LYS C 144 -29.63 41.96 34.12
C LYS C 144 -29.70 41.30 32.73
N TYR C 145 -30.61 40.35 32.55
CA TYR C 145 -30.73 39.61 31.28
C TYR C 145 -32.16 39.80 30.68
N THR C 146 -32.21 40.41 29.50
CA THR C 146 -33.46 40.79 28.84
C THR C 146 -33.59 40.01 27.52
N VAL C 147 -34.73 39.36 27.32
CA VAL C 147 -34.98 38.72 26.02
C VAL C 147 -36.28 39.24 25.41
N GLU C 148 -36.27 39.35 24.09
CA GLU C 148 -37.41 39.84 23.34
C GLU C 148 -37.48 39.04 22.05
N SER C 149 -38.70 38.61 21.70
CA SER C 149 -39.03 38.04 20.38
C SER C 149 -39.75 39.06 19.48
N ASP C 150 -39.54 38.97 18.17
CA ASP C 150 -40.42 39.72 17.28
C ASP C 150 -41.74 38.93 17.03
N GLN C 151 -41.79 37.65 17.45
CA GLN C 151 -42.92 36.78 17.17
C GLN C 151 -43.44 35.99 18.38
N ASP C 152 -44.76 35.84 18.53
CA ASP C 152 -45.28 35.01 19.65
C ASP C 152 -44.65 33.62 19.67
N THR C 153 -44.30 33.13 20.87
CA THR C 153 -43.63 31.80 20.91
C THR C 153 -43.53 31.24 22.32
N ASP C 154 -43.54 29.91 22.41
CA ASP C 154 -43.12 29.21 23.60
C ASP C 154 -41.61 29.47 23.75
N ALA C 155 -41.17 29.68 24.98
CA ALA C 155 -39.73 29.73 25.30
C ALA C 155 -39.55 29.05 26.65
N VAL C 156 -38.33 28.56 26.88
CA VAL C 156 -37.95 28.12 28.19
C VAL C 156 -36.70 28.90 28.60
N LEU C 157 -36.77 29.49 29.78
CA LEU C 157 -35.61 30.15 30.33
C LEU C 157 -35.11 29.32 31.48
N ASP C 158 -33.93 28.73 31.30
CA ASP C 158 -33.36 27.85 32.30
C ASP C 158 -32.18 28.55 33.06
N THR C 159 -32.35 28.80 34.36
CA THR C 159 -31.36 29.53 35.10
C THR C 159 -31.02 28.89 36.46
N GLY C 160 -29.76 29.04 36.85
CA GLY C 160 -29.31 28.49 38.12
C GLY C 160 -27.80 28.49 38.30
N ILE C 161 -27.30 27.44 38.94
CA ILE C 161 -25.93 27.40 39.43
C ILE C 161 -25.23 26.23 38.80
N ASP C 162 -24.25 26.53 37.94
CA ASP C 162 -23.41 25.50 37.31
C ASP C 162 -22.23 25.08 38.23
N TYR C 163 -22.16 23.80 38.61
CA TYR C 163 -21.03 23.34 39.45
C TYR C 163 -19.83 22.99 38.58
N ASP C 164 -20.11 22.62 37.34
CA ASP C 164 -19.08 22.03 36.48
C ASP C 164 -18.28 23.15 35.81
N VAL C 165 -17.44 23.76 36.61
CA VAL C 165 -16.68 24.92 36.14
C VAL C 165 -15.29 24.59 35.60
N TRP C 166 -14.75 25.48 34.77
CA TRP C 166 -13.36 25.41 34.35
C TRP C 166 -12.39 25.62 35.51
N SER C 167 -11.42 24.71 35.63
CA SER C 167 -10.39 24.78 36.65
C SER C 167 -9.11 24.28 36.03
N ILE C 168 -8.06 25.09 36.07
CA ILE C 168 -6.80 24.73 35.37
C ILE C 168 -6.08 23.53 36.03
N ASN C 169 -5.81 23.57 37.32
CA ASN C 169 -5.04 22.46 37.92
C ASN C 169 -5.83 21.57 38.85
N GLY C 170 -7.02 21.19 38.39
CA GLY C 170 -7.85 20.23 39.11
C GLY C 170 -9.09 20.88 39.70
N ASP C 171 -9.99 20.03 40.13
CA ASP C 171 -11.16 20.47 40.86
C ASP C 171 -10.78 20.88 42.24
N HIS C 172 -11.11 22.12 42.59
CA HIS C 172 -10.71 22.60 43.90
C HIS C 172 -11.72 22.46 44.99
N LEU C 173 -12.98 22.26 44.59
CA LEU C 173 -14.11 22.16 45.56
C LEU C 173 -14.75 20.76 45.52
N GLN C 174 -15.22 20.26 46.64
CA GLN C 174 -15.79 18.91 46.74
C GLN C 174 -16.94 18.97 47.76
N GLY C 175 -17.74 17.90 47.82
CA GLY C 175 -18.84 17.77 48.79
C GLY C 175 -19.95 18.80 48.63
N HIS C 176 -20.16 19.27 47.39
CA HIS C 176 -21.20 20.26 47.08
C HIS C 176 -22.52 19.93 47.75
N HIS C 177 -23.00 20.83 48.58
CA HIS C 177 -24.24 20.60 49.25
C HIS C 177 -25.27 21.63 48.82
N TYR C 178 -26.32 21.14 48.17
CA TYR C 178 -27.49 21.95 47.74
C TYR C 178 -28.35 22.44 48.91
N PHE C 179 -28.82 23.68 48.80
CA PHE C 179 -29.86 24.20 49.65
C PHE C 179 -30.67 25.25 48.88
N SER C 180 -31.89 25.53 49.36
CA SER C 180 -32.75 26.50 48.70
C SER C 180 -33.08 27.59 49.70
N HIS C 181 -33.49 28.73 49.19
CA HIS C 181 -33.84 29.87 50.01
C HIS C 181 -34.94 30.53 49.21
N PRO C 182 -35.64 31.56 49.77
CA PRO C 182 -36.78 32.18 49.09
C PRO C 182 -36.59 32.74 47.66
N THR C 183 -35.39 33.15 47.25
CA THR C 183 -35.21 33.73 45.88
C THR C 183 -34.35 32.94 44.89
N GLY C 184 -34.01 31.72 45.27
CA GLY C 184 -33.29 30.82 44.37
C GLY C 184 -32.55 29.73 45.13
N ASP C 185 -31.39 29.31 44.62
CA ASP C 185 -30.59 28.18 45.16
C ASP C 185 -29.29 28.61 45.80
N GLY C 186 -28.60 27.61 46.31
CA GLY C 186 -27.35 27.82 47.00
C GLY C 186 -26.60 26.52 46.91
N VAL C 187 -25.27 26.61 47.08
CA VAL C 187 -24.43 25.44 47.22
C VAL C 187 -23.29 25.82 48.19
N THR C 188 -22.95 24.86 49.02
CA THR C 188 -21.87 25.00 49.95
C THR C 188 -20.96 23.81 49.73
N ALA C 189 -19.67 24.12 49.54
CA ALA C 189 -18.67 23.11 49.31
C ALA C 189 -17.44 23.39 50.19
N LYS C 190 -16.53 22.41 50.17
CA LYS C 190 -15.24 22.49 50.81
C LYS C 190 -14.13 22.39 49.75
N THR C 191 -13.09 23.12 50.01
CA THR C 191 -11.83 23.13 49.26
C THR C 191 -11.15 21.75 49.62
N VAL C 192 -10.44 21.16 48.66
CA VAL C 192 -9.80 19.86 48.78
C VAL C 192 -8.62 19.86 49.78
N SER C 193 -7.70 20.81 49.70
CA SER C 193 -6.48 20.78 50.53
C SER C 193 -6.76 21.14 51.97
N TYR C 194 -7.32 22.31 52.18
CA TYR C 194 -7.45 22.83 53.55
C TYR C 194 -8.87 22.80 54.03
N GLU C 195 -9.78 22.27 53.21
CA GLU C 195 -11.14 22.10 53.69
C GLU C 195 -11.72 23.42 54.23
N ASP C 196 -11.50 24.49 53.51
CA ASP C 196 -12.20 25.73 53.78
C ASP C 196 -13.56 25.59 53.14
N THR C 197 -14.55 26.19 53.78
CA THR C 197 -15.92 26.21 53.28
C THR C 197 -16.09 27.34 52.28
N VAL C 198 -16.65 27.04 51.11
CA VAL C 198 -17.00 28.05 50.11
C VAL C 198 -18.51 28.03 49.83
N THR C 199 -19.14 29.19 49.78
CA THR C 199 -20.59 29.21 49.58
C THR C 199 -20.93 30.19 48.48
N VAL C 200 -21.71 29.69 47.55
CA VAL C 200 -22.28 30.52 46.53
C VAL C 200 -23.78 30.47 46.66
N VAL C 201 -24.38 31.66 46.80
CA VAL C 201 -25.85 31.85 46.80
C VAL C 201 -26.27 32.56 45.49
N GLU C 202 -27.30 32.01 44.85
CA GLU C 202 -27.99 32.66 43.70
C GLU C 202 -29.34 33.29 44.14
N THR C 203 -29.49 34.59 43.91
CA THR C 203 -30.82 35.19 43.83
C THR C 203 -31.28 35.40 42.37
N CYS C 204 -32.59 35.36 42.20
CA CYS C 204 -33.22 35.27 40.90
C CYS C 204 -34.58 35.98 40.93
N SER C 205 -34.79 36.91 40.02
CA SER C 205 -36.08 37.57 39.89
C SER C 205 -36.51 37.58 38.43
N LEU C 206 -37.73 37.15 38.11
CA LEU C 206 -38.22 37.21 36.71
C LEU C 206 -39.45 38.12 36.64
N ASP C 207 -39.54 39.01 35.65
CA ASP C 207 -40.67 39.95 35.63
C ASP C 207 -41.88 39.51 34.76
N ALA C 208 -41.95 38.21 34.42
CA ALA C 208 -43.08 37.66 33.65
C ALA C 208 -43.78 36.53 34.41
N ASP C 209 -44.92 36.10 33.87
CA ASP C 209 -45.60 34.92 34.37
C ASP C 209 -44.95 33.70 33.70
N ALA C 210 -44.68 32.66 34.48
CA ALA C 210 -44.10 31.40 33.96
C ALA C 210 -44.47 30.28 34.88
N SER C 211 -44.51 29.03 34.40
CA SER C 211 -44.52 27.91 35.37
C SER C 211 -43.09 27.51 35.64
N GLU C 212 -42.77 27.44 36.94
CA GLU C 212 -41.44 27.20 37.47
C GLU C 212 -41.27 25.73 37.86
N GLU C 213 -40.32 25.05 37.23
CA GLU C 213 -39.89 23.72 37.71
C GLU C 213 -38.43 23.69 38.14
N ASP C 214 -38.20 23.58 39.45
CA ASP C 214 -36.84 23.40 39.99
C ASP C 214 -36.23 22.05 39.60
N TYR C 215 -34.89 21.96 39.67
CA TYR C 215 -34.17 20.68 39.54
C TYR C 215 -32.83 20.79 40.28
N GLN C 216 -32.27 19.65 40.70
CA GLN C 216 -30.95 19.54 41.37
C GLN C 216 -30.26 18.25 40.88
N ASN C 217 -29.03 18.41 40.35
CA ASN C 217 -28.22 17.32 39.78
C ASN C 217 -26.89 17.31 40.52
N PRO C 218 -26.05 16.31 40.23
CA PRO C 218 -24.65 16.40 40.70
C PRO C 218 -23.86 17.57 40.03
N ASP C 219 -24.29 18.05 38.86
CA ASP C 219 -23.57 19.10 38.14
C ASP C 219 -24.13 20.52 38.34
N GLY C 220 -25.11 20.66 39.20
CA GLY C 220 -25.79 21.95 39.31
C GLY C 220 -27.28 21.88 39.57
N SER C 221 -27.80 22.99 40.03
CA SER C 221 -29.20 23.07 40.31
C SER C 221 -29.70 24.33 39.62
N GLY C 222 -31.03 24.41 39.51
CA GLY C 222 -31.72 25.62 39.08
C GLY C 222 -33.21 25.39 38.80
N ARG C 223 -33.74 26.07 37.79
CA ARG C 223 -35.18 26.04 37.55
C ARG C 223 -35.44 26.46 36.14
N THR C 224 -36.44 25.82 35.54
CA THR C 224 -36.91 26.19 34.22
C THR C 224 -38.13 27.08 34.43
N PHE C 225 -38.25 28.07 33.55
CA PHE C 225 -39.34 29.00 33.53
C PHE C 225 -39.97 28.79 32.15
N SER C 226 -41.14 28.14 32.10
CA SER C 226 -41.84 27.97 30.81
C SER C 226 -42.70 29.16 30.60
N LEU C 227 -42.60 29.79 29.43
CA LEU C 227 -43.31 31.07 29.22
C LEU C 227 -43.89 31.14 27.84
N SER C 228 -44.86 32.02 27.67
CA SER C 228 -45.32 32.40 26.35
C SER C 228 -44.79 33.82 26.09
N LEU C 229 -43.80 33.95 25.19
CA LEU C 229 -43.35 35.28 24.79
C LEU C 229 -44.33 35.92 23.82
N GLU C 230 -44.69 37.15 24.15
CA GLU C 230 -45.48 37.98 23.28
C GLU C 230 -44.55 38.89 22.48
N ALA C 231 -44.77 38.94 21.16
CA ALA C 231 -44.14 39.89 20.25
C ALA C 231 -43.90 41.32 20.82
N GLY C 232 -42.65 41.77 20.79
CA GLY C 232 -42.27 43.14 21.24
C GLY C 232 -42.37 43.39 22.74
N LYS C 233 -42.62 42.34 23.52
CA LYS C 233 -42.69 42.45 24.97
C LYS C 233 -41.48 41.74 25.63
N PRO C 234 -40.53 42.54 26.18
CA PRO C 234 -39.28 42.05 26.78
C PRO C 234 -39.54 41.35 28.10
N VAL C 235 -38.71 40.37 28.43
CA VAL C 235 -38.82 39.67 29.72
C VAL C 235 -37.43 39.89 30.32
N THR C 236 -37.40 40.19 31.61
CA THR C 236 -36.17 40.56 32.25
C THR C 236 -35.93 39.70 33.46
N LEU C 237 -34.74 39.08 33.49
CA LEU C 237 -34.28 38.29 34.60
C LEU C 237 -33.14 39.06 35.29
N GLU C 238 -33.31 39.32 36.59
CA GLU C 238 -32.27 39.90 37.43
C GLU C 238 -31.74 38.81 38.39
N LYS C 239 -30.39 38.79 38.56
CA LYS C 239 -29.67 37.81 39.35
C LYS C 239 -28.53 38.48 40.14
N ALA C 240 -28.37 38.03 41.37
CA ALA C 240 -27.10 38.20 42.07
C ALA C 240 -26.44 36.85 42.32
N MET C 241 -25.09 36.84 42.21
CA MET C 241 -24.21 35.75 42.66
C MET C 241 -23.33 36.27 43.74
N ILE C 242 -23.36 35.54 44.85
CA ILE C 242 -22.79 36.03 46.09
C ILE C 242 -21.87 34.93 46.57
N ILE C 243 -20.61 35.28 46.82
CA ILE C 243 -19.63 34.29 47.32
C ILE C 243 -19.02 34.76 48.62
N TYR C 244 -18.93 33.82 49.57
CA TYR C 244 -18.17 33.96 50.84
C TYR C 244 -17.47 32.65 51.12
N SER C 245 -16.29 32.71 51.75
CA SER C 245 -15.63 31.51 52.20
C SER C 245 -15.34 31.63 53.70
N SER C 246 -15.00 30.52 54.34
CA SER C 246 -14.58 30.53 55.76
C SER C 246 -13.31 31.33 56.00
N ASN C 247 -12.59 31.67 54.93
CA ASN C 247 -11.44 32.59 55.08
C ASN C 247 -11.84 34.06 55.11
N ASP C 248 -13.09 34.33 54.77
CA ASP C 248 -13.61 35.67 54.85
C ASP C 248 -14.33 35.94 56.19
N VAL C 249 -15.19 35.00 56.59
CA VAL C 249 -16.09 35.16 57.74
C VAL C 249 -16.19 33.81 58.41
N ASP C 250 -16.56 33.83 59.69
CA ASP C 250 -16.79 32.60 60.47
C ASP C 250 -17.93 31.78 59.90
N ASN C 251 -18.96 32.44 59.38
CA ASN C 251 -20.15 31.70 58.90
C ASN C 251 -20.52 32.06 57.45
N PRO C 252 -19.86 31.42 56.47
CA PRO C 252 -20.03 31.82 55.06
C PRO C 252 -21.44 31.67 54.48
N GLN C 253 -22.09 30.55 54.75
CA GLN C 253 -23.51 30.33 54.36
C GLN C 253 -24.46 31.42 54.90
N ASP C 254 -24.39 31.72 56.21
CA ASP C 254 -25.28 32.76 56.78
C ASP C 254 -24.97 34.15 56.25
N GLU C 255 -23.69 34.43 56.08
CA GLU C 255 -23.26 35.70 55.60
C GLU C 255 -23.67 35.87 54.14
N ALA C 256 -23.62 34.80 53.36
CA ALA C 256 -24.04 34.96 51.98
C ALA C 256 -25.56 35.20 51.89
N LEU C 257 -26.30 34.42 52.68
CA LEU C 257 -27.77 34.54 52.82
C LEU C 257 -28.15 35.92 53.37
N LEU C 258 -27.44 36.37 54.40
CA LEU C 258 -27.70 37.73 54.90
C LEU C 258 -27.55 38.69 53.73
N GLU C 259 -26.46 38.54 52.97
CA GLU C 259 -26.13 39.45 51.88
C GLU C 259 -27.27 39.47 50.85
N ALA C 260 -27.75 38.26 50.48
CA ALA C 260 -28.95 38.08 49.65
C ALA C 260 -30.15 38.85 50.16
N LYS C 261 -30.53 38.60 51.42
CA LYS C 261 -31.66 39.30 52.05
C LYS C 261 -31.55 40.79 51.77
N HIS C 262 -30.34 41.36 51.85
CA HIS C 262 -30.17 42.82 51.66
C HIS C 262 -29.93 43.33 50.26
N MET C 263 -30.01 42.47 49.24
CA MET C 263 -29.75 42.93 47.88
C MET C 263 -30.84 43.84 47.34
N GLN C 264 -30.48 45.06 46.93
CA GLN C 264 -31.38 45.94 46.16
C GLN C 264 -31.63 45.40 44.75
N SER C 265 -32.49 46.06 43.99
CA SER C 265 -32.70 45.66 42.59
C SER C 265 -31.38 45.91 41.81
N TYR C 266 -31.27 45.24 40.66
CA TYR C 266 -30.12 45.41 39.81
C TYR C 266 -29.77 46.91 39.61
N GLU C 267 -30.76 47.72 39.21
CA GLU C 267 -30.50 49.13 38.92
C GLU C 267 -30.00 49.94 40.13
N GLU C 268 -30.50 49.67 41.34
CA GLU C 268 -30.01 50.37 42.53
C GLU C 268 -28.56 49.94 42.85
N GLU C 269 -28.29 48.63 42.80
CA GLU C 269 -26.95 48.13 43.13
C GLU C 269 -25.97 48.74 42.10
N LYS C 270 -26.44 48.81 40.84
CA LYS C 270 -25.67 49.40 39.77
C LYS C 270 -25.32 50.83 40.06
N ALA C 271 -26.26 51.54 40.67
CA ALA C 271 -26.03 52.96 40.86
C ALA C 271 -25.02 53.17 42.01
N ALA C 272 -25.06 52.30 43.01
CA ALA C 272 -24.04 52.23 44.08
C ALA C 272 -22.59 51.97 43.54
N ASN C 273 -22.50 50.98 42.68
CA ASN C 273 -21.26 50.66 41.99
C ASN C 273 -20.71 51.83 41.16
N ARG C 274 -21.60 52.51 40.49
CA ARG C 274 -21.21 53.65 39.67
C ARG C 274 -20.56 54.73 40.54
N LEU C 275 -21.14 54.96 41.72
CA LEU C 275 -20.58 55.94 42.65
C LEU C 275 -19.15 55.54 43.11
N GLU C 276 -18.92 54.25 43.42
CA GLU C 276 -17.58 53.78 43.78
C GLU C 276 -16.61 54.05 42.63
N TRP C 277 -17.06 53.78 41.38
CA TRP C 277 -16.24 53.96 40.17
C TRP C 277 -15.87 55.39 39.87
N ASP C 278 -16.84 56.29 40.09
CA ASP C 278 -16.52 57.74 40.03
C ASP C 278 -15.39 58.08 40.98
N ASN C 279 -15.45 57.54 42.20
CA ASN C 279 -14.40 57.81 43.21
C ASN C 279 -13.04 57.19 42.73
N LEU C 280 -13.10 55.98 42.22
CA LEU C 280 -11.92 55.27 41.71
C LEU C 280 -11.22 56.11 40.61
N TRP C 281 -11.97 56.55 39.59
CA TRP C 281 -11.37 57.28 38.46
C TRP C 281 -10.95 58.63 38.86
N SER C 282 -11.53 59.21 39.90
CA SER C 282 -10.96 60.49 40.30
C SER C 282 -9.57 60.28 40.98
N HIS C 283 -9.28 59.09 41.49
CA HIS C 283 -7.87 58.86 41.87
C HIS C 283 -6.94 58.56 40.72
N TYR C 284 -7.33 57.71 39.78
CA TYR C 284 -6.36 57.07 38.90
C TYR C 284 -6.36 57.55 37.46
N ASP C 285 -7.41 58.25 37.01
CA ASP C 285 -7.54 58.61 35.61
C ASP C 285 -6.39 59.48 35.18
N VAL C 286 -5.87 59.18 34.03
CA VAL C 286 -4.87 60.00 33.43
C VAL C 286 -5.37 60.37 32.03
N THR C 287 -5.24 61.64 31.67
CA THR C 287 -5.74 62.14 30.40
C THR C 287 -4.66 62.16 29.32
N ILE C 288 -4.98 61.65 28.15
CA ILE C 288 -4.14 61.82 26.98
C ILE C 288 -4.95 62.74 26.03
N GLN C 289 -4.38 63.86 25.62
CA GLN C 289 -5.10 64.84 24.80
C GLN C 289 -4.99 64.48 23.35
N ASN C 290 -6.14 64.31 22.68
CA ASN C 290 -6.20 64.19 21.21
C ASN C 290 -5.62 62.89 20.69
N ASN C 291 -5.85 61.82 21.46
CA ASN C 291 -5.52 60.46 21.01
C ASN C 291 -6.40 59.54 21.80
N ILE C 292 -7.59 59.34 21.24
CA ILE C 292 -8.62 58.67 21.90
C ILE C 292 -8.30 57.16 22.00
N ILE C 293 -7.56 56.61 21.03
CA ILE C 293 -7.14 55.19 21.11
C ILE C 293 -6.14 54.97 22.29
N ASP C 294 -5.08 55.78 22.35
CA ASP C 294 -4.16 55.77 23.49
C ASP C 294 -4.90 56.00 24.80
N GLN C 295 -5.90 56.89 24.76
CA GLN C 295 -6.64 57.28 25.92
C GLN C 295 -7.42 56.08 26.46
N VAL C 296 -8.02 55.31 25.55
CA VAL C 296 -8.92 54.24 25.99
C VAL C 296 -8.05 53.06 26.42
N ALA C 297 -6.92 52.90 25.74
CA ALA C 297 -6.05 51.78 26.03
C ALA C 297 -5.38 51.96 27.43
N LEU C 298 -4.97 53.16 27.74
CA LEU C 298 -4.51 53.53 29.08
C LEU C 298 -5.50 53.17 30.19
N ARG C 299 -6.74 53.60 30.01
CA ARG C 299 -7.86 53.28 30.94
C ARG C 299 -8.17 51.83 31.04
N PHE C 300 -8.06 51.10 29.91
CA PHE C 300 -8.33 49.67 29.94
C PHE C 300 -7.27 48.96 30.82
N ASN C 301 -6.01 49.34 30.66
CA ASN C 301 -4.97 48.86 31.54
C ASN C 301 -5.23 49.29 32.98
N ILE C 302 -5.45 50.59 33.21
CA ILE C 302 -5.74 51.01 34.60
C ILE C 302 -6.92 50.26 35.26
N TYR C 303 -7.96 50.02 34.46
CA TYR C 303 -9.17 49.35 34.94
C TYR C 303 -8.82 47.94 35.41
N HIS C 304 -7.96 47.34 34.64
CA HIS C 304 -7.52 46.02 34.93
C HIS C 304 -6.69 45.96 36.20
N ALA C 305 -5.76 46.88 36.36
CA ALA C 305 -4.98 46.87 37.56
C ALA C 305 -5.86 47.00 38.79
N ILE C 306 -6.83 47.91 38.70
CA ILE C 306 -7.84 48.11 39.79
C ILE C 306 -8.58 46.87 40.19
N ILE C 307 -9.22 46.19 39.23
CA ILE C 307 -10.06 45.08 39.61
C ILE C 307 -9.26 43.89 40.12
N ALA C 308 -8.00 43.88 39.76
CA ALA C 308 -7.11 42.87 40.17
C ALA C 308 -6.60 43.15 41.63
N THR C 309 -6.77 44.36 42.15
CA THR C 309 -6.20 44.72 43.47
C THR C 309 -7.13 44.43 44.68
N PRO C 310 -6.78 43.46 45.54
CA PRO C 310 -7.74 43.29 46.64
C PRO C 310 -7.67 44.50 47.57
N VAL C 311 -8.82 45.09 47.96
CA VAL C 311 -8.75 46.18 48.95
C VAL C 311 -9.58 45.84 50.20
N HIS C 312 -10.16 44.65 50.23
CA HIS C 312 -11.01 44.30 51.36
C HIS C 312 -10.30 43.50 52.41
N LYS C 313 -9.02 43.20 52.20
CA LYS C 313 -8.30 42.22 52.98
C LYS C 313 -6.81 42.30 52.61
N SER C 314 -5.94 41.90 53.55
CA SER C 314 -4.49 41.89 53.31
C SER C 314 -4.14 40.75 52.36
N LEU C 315 -4.18 41.03 51.07
CA LEU C 315 -4.03 39.95 50.08
C LEU C 315 -3.19 40.38 48.88
N PRO C 316 -2.51 39.42 48.20
CA PRO C 316 -1.63 39.90 47.13
C PRO C 316 -2.41 40.35 45.83
N ILE C 317 -1.78 41.19 45.03
CA ILE C 317 -2.25 41.44 43.67
C ILE C 317 -1.67 40.35 42.74
N GLY C 318 -2.53 39.54 42.14
CA GLY C 318 -2.04 38.39 41.33
C GLY C 318 -1.36 38.86 40.03
N ALA C 319 -0.31 38.19 39.62
CA ALA C 319 0.38 38.54 38.40
C ALA C 319 -0.44 38.31 37.07
N ARG C 320 -1.59 37.63 37.17
CA ARG C 320 -2.63 37.60 36.13
C ARG C 320 -3.93 37.97 36.85
N GLY C 321 -3.76 38.63 37.99
CA GLY C 321 -4.91 39.08 38.79
C GLY C 321 -5.88 37.97 39.02
N LEU C 322 -7.14 38.28 38.79
CA LEU C 322 -8.23 37.34 39.02
C LEU C 322 -8.92 36.92 37.69
N SER C 323 -8.13 36.99 36.61
CA SER C 323 -8.65 36.83 35.25
C SER C 323 -8.83 35.39 34.95
N CYS C 324 -8.11 34.57 35.69
CA CYS C 324 -8.15 33.14 35.52
C CYS C 324 -7.18 32.67 36.56
N GLN C 325 -6.98 31.35 36.67
CA GLN C 325 -6.12 30.81 37.70
C GLN C 325 -4.62 30.95 37.43
N ALA C 326 -4.25 31.37 36.21
CA ALA C 326 -2.86 31.48 35.85
C ALA C 326 -2.13 32.42 36.82
N TYR C 327 -0.90 32.04 37.14
CA TYR C 327 -0.03 32.72 38.08
C TYR C 327 -0.56 32.75 39.52
N GLN C 328 -1.59 31.94 39.77
CA GLN C 328 -1.89 31.46 41.10
C GLN C 328 -2.50 32.51 42.08
N GLY C 329 -2.83 33.68 41.51
CA GLY C 329 -3.53 34.71 42.24
C GLY C 329 -2.58 35.37 43.20
N ALA C 330 -1.30 35.25 42.89
CA ALA C 330 -0.27 35.48 43.86
C ALA C 330 0.61 36.59 43.44
N ALA C 331 1.18 37.25 44.42
CA ALA C 331 2.15 38.34 44.26
C ALA C 331 3.51 37.83 43.75
N PHE C 332 4.08 38.61 42.84
CA PHE C 332 5.42 38.40 42.35
C PHE C 332 6.11 39.71 42.67
N TRP C 333 7.36 39.89 42.28
CA TRP C 333 7.94 41.20 42.35
C TRP C 333 7.19 42.25 41.54
N ASP C 334 6.41 41.77 40.57
CA ASP C 334 5.45 42.65 39.84
C ASP C 334 4.71 43.56 40.77
N GLN C 335 4.28 43.02 41.91
CA GLN C 335 3.37 43.72 42.79
C GLN C 335 3.94 45.06 43.23
N GLU C 336 5.19 45.02 43.72
CA GLU C 336 5.88 46.26 44.14
C GLU C 336 6.38 47.11 42.97
N ILE C 337 7.02 46.46 42.00
CA ILE C 337 7.78 47.20 41.03
C ILE C 337 6.86 47.66 39.88
N TYR C 338 5.78 46.96 39.62
CA TYR C 338 4.92 47.34 38.49
C TYR C 338 3.55 47.87 38.96
N ASN C 339 2.95 47.24 39.98
CA ASN C 339 1.64 47.64 40.35
C ASN C 339 1.59 48.74 41.42
N MET C 340 2.62 48.85 42.28
CA MET C 340 2.60 49.75 43.44
C MET C 340 2.75 51.23 43.13
N PRO C 341 3.56 51.60 42.12
CA PRO C 341 3.72 53.05 41.85
C PRO C 341 2.42 53.88 41.64
N MET C 342 1.47 53.39 40.86
CA MET C 342 0.23 54.18 40.63
C MET C 342 -0.49 54.49 41.98
N TYR C 343 -0.55 53.48 42.85
CA TYR C 343 -1.11 53.64 44.17
C TYR C 343 -0.26 54.54 45.02
N LEU C 344 1.06 54.39 44.94
CA LEU C 344 1.96 55.20 45.73
C LEU C 344 1.64 56.69 45.52
N TYR C 345 1.43 57.05 44.25
CA TYR C 345 1.24 58.50 43.91
C TYR C 345 -0.24 58.93 43.82
N SER C 346 -1.19 58.00 43.80
CA SER C 346 -2.59 58.37 43.53
C SER C 346 -3.46 58.08 44.74
N ASN C 347 -3.07 57.08 45.54
CA ASN C 347 -3.79 56.61 46.73
C ASN C 347 -2.84 55.86 47.69
N PRO C 348 -1.94 56.59 48.37
CA PRO C 348 -0.80 55.93 49.03
C PRO C 348 -1.13 54.92 50.14
N GLU C 349 -2.34 54.94 50.63
CA GLU C 349 -2.67 53.92 51.65
C GLU C 349 -2.67 52.49 51.08
N ILE C 350 -3.14 52.34 49.83
CA ILE C 350 -3.09 51.01 49.16
C ILE C 350 -1.60 50.57 49.03
N ALA C 351 -0.74 51.49 48.65
CA ALA C 351 0.67 51.18 48.62
C ALA C 351 1.16 50.79 49.98
N ARG C 352 0.72 51.50 51.05
CA ARG C 352 1.14 51.18 52.44
C ARG C 352 0.64 49.77 52.68
N ASN C 353 -0.58 49.52 52.24
CA ASN C 353 -1.18 48.19 52.42
C ASN C 353 -0.51 47.02 51.71
N ILE C 354 -0.03 47.26 50.48
CA ILE C 354 0.82 46.31 49.76
C ILE C 354 2.01 45.96 50.64
N LEU C 355 2.74 46.96 51.10
CA LEU C 355 3.84 46.71 52.02
C LEU C 355 3.42 46.03 53.34
N LYS C 356 2.22 46.32 53.83
CA LYS C 356 1.75 45.66 55.02
C LYS C 356 1.46 44.18 54.75
N TYR C 357 0.96 43.85 53.54
CA TYR C 357 0.89 42.43 53.17
C TYR C 357 2.27 41.75 53.26
N ARG C 358 3.28 42.47 52.79
CA ARG C 358 4.62 41.92 52.82
C ARG C 358 5.09 41.79 54.26
N HIS C 359 4.66 42.69 55.15
CA HIS C 359 5.00 42.57 56.59
C HIS C 359 4.32 41.38 57.21
N ARG C 360 3.02 41.25 56.93
CA ARG C 360 2.25 40.16 57.50
C ARG C 360 2.74 38.76 57.06
N THR C 361 3.36 38.70 55.90
CA THR C 361 3.86 37.42 55.36
C THR C 361 5.41 37.30 55.53
N LEU C 362 6.01 38.16 56.39
CA LEU C 362 7.47 38.01 56.74
C LEU C 362 7.84 36.57 57.24
N ASP C 363 6.99 35.99 58.07
CA ASP C 363 7.29 34.63 58.57
C ASP C 363 7.47 33.67 57.42
N GLY C 364 6.62 33.81 56.39
CA GLY C 364 6.70 32.92 55.21
C GLY C 364 8.08 33.13 54.58
N ALA C 365 8.50 34.37 54.37
CA ALA C 365 9.87 34.65 53.97
C ALA C 365 11.01 34.12 54.91
N ARG C 366 10.74 34.14 56.23
CA ARG C 366 11.73 33.71 57.23
C ARG C 366 11.88 32.24 57.09
N ARG C 367 10.76 31.55 56.95
CA ARG C 367 10.79 30.11 56.66
C ARG C 367 11.41 29.73 55.31
N LYS C 368 11.24 30.55 54.25
CA LYS C 368 11.82 30.14 52.95
C LYS C 368 13.35 30.26 53.17
N ALA C 369 13.78 31.31 53.83
CA ALA C 369 15.21 31.47 54.02
C ALA C 369 15.83 30.31 54.87
N LYS C 370 15.17 29.89 55.95
CA LYS C 370 15.72 28.86 56.83
C LYS C 370 15.86 27.57 56.07
N ARG C 371 14.75 27.16 55.40
CA ARG C 371 14.73 25.99 54.51
C ARG C 371 15.92 26.00 53.56
N LEU C 372 16.30 27.18 53.04
CA LEU C 372 17.36 27.20 52.04
C LEU C 372 18.75 27.37 52.67
N GLY C 373 18.87 27.45 54.02
CA GLY C 373 20.22 27.55 54.59
C GLY C 373 20.56 29.02 54.83
N TYR C 374 19.61 29.92 54.59
CA TYR C 374 19.92 31.34 54.81
C TYR C 374 19.34 31.83 56.17
N GLU C 375 19.46 33.13 56.44
CA GLU C 375 18.87 33.80 57.56
C GLU C 375 17.99 34.96 57.05
N GLY C 376 17.18 35.54 57.91
CA GLY C 376 16.51 36.76 57.46
C GLY C 376 15.29 36.37 56.64
N ALA C 377 14.90 37.30 55.77
CA ALA C 377 13.71 37.22 54.90
C ALA C 377 14.13 37.08 53.42
N TYR C 378 13.96 35.85 52.92
CA TYR C 378 14.00 35.52 51.53
C TYR C 378 12.53 35.32 51.13
N TYR C 379 11.99 36.41 50.58
CA TYR C 379 10.61 36.43 50.12
C TYR C 379 10.30 35.38 49.05
N ALA C 380 9.10 34.81 49.12
CA ALA C 380 8.64 33.89 48.09
C ALA C 380 8.69 34.57 46.69
N TRP C 381 9.11 33.83 45.67
CA TRP C 381 8.94 34.26 44.29
C TRP C 381 7.42 34.39 43.93
N ILE C 382 6.59 33.51 44.48
CA ILE C 382 5.15 33.45 44.19
C ILE C 382 4.49 33.33 45.58
N SER C 383 3.92 34.43 46.04
CA SER C 383 3.46 34.54 47.41
C SER C 383 1.92 34.62 47.48
N GLY C 384 1.33 33.70 48.22
CA GLY C 384 -0.12 33.73 48.45
C GLY C 384 -0.52 34.20 49.84
N LYS C 385 -1.19 33.34 50.59
CA LYS C 385 -1.75 33.75 51.88
C LYS C 385 -0.71 34.02 52.99
N THR C 386 0.33 33.20 53.10
CA THR C 386 1.17 33.20 54.26
C THR C 386 2.59 33.67 53.95
N GLY C 387 2.95 33.64 52.66
CA GLY C 387 4.30 34.05 52.27
C GLY C 387 5.24 32.88 52.08
N ASP C 388 4.73 31.66 52.33
CA ASP C 388 5.45 30.49 51.98
C ASP C 388 5.45 30.40 50.46
N GLU C 389 6.52 29.79 49.96
CA GLU C 389 6.87 29.78 48.57
C GLU C 389 5.80 28.98 47.87
N LEU C 390 5.14 29.60 46.90
CA LEU C 390 4.17 28.82 46.14
C LEU C 390 4.70 28.34 44.77
N CYS C 391 5.93 28.76 44.43
CA CYS C 391 6.49 28.41 43.14
C CYS C 391 7.12 27.03 43.19
N PRO C 392 6.64 26.06 42.35
CA PRO C 392 7.27 24.70 42.30
C PRO C 392 8.65 24.75 41.73
N ASP C 393 9.43 23.71 42.04
CA ASP C 393 10.77 23.49 41.55
C ASP C 393 10.71 23.22 40.03
N PHE C 394 9.62 22.60 39.61
CA PHE C 394 9.43 22.20 38.20
C PHE C 394 8.27 23.00 37.67
N PHE C 395 8.57 24.14 37.09
CA PHE C 395 7.59 25.10 36.64
C PHE C 395 7.25 24.68 35.24
N PHE C 396 8.28 24.32 34.44
CA PHE C 396 8.08 23.95 33.03
C PHE C 396 8.43 22.49 32.68
N LYS C 397 8.21 22.13 31.43
CA LYS C 397 8.69 20.88 30.89
C LYS C 397 9.63 21.12 29.74
N ASP C 398 10.47 20.13 29.45
CA ASP C 398 11.16 20.10 28.16
C ASP C 398 10.15 19.57 27.15
N VAL C 399 9.67 20.42 26.23
CA VAL C 399 8.67 19.89 25.30
C VAL C 399 9.24 18.93 24.24
N LEU C 400 10.55 18.88 24.10
CA LEU C 400 11.20 17.92 23.24
C LEU C 400 11.12 16.50 23.83
N SER C 401 11.61 16.31 25.06
CA SER C 401 11.47 15.03 25.74
C SER C 401 10.14 14.73 26.47
N GLY C 402 9.38 15.69 26.93
CA GLY C 402 8.29 15.36 27.87
C GLY C 402 8.76 15.40 29.34
N ARG C 403 10.05 15.62 29.59
CA ARG C 403 10.51 15.61 30.99
C ARG C 403 10.37 16.93 31.71
N ASP C 404 10.18 16.85 33.03
CA ASP C 404 10.31 18.09 33.82
C ASP C 404 11.69 18.69 33.62
N ILE C 405 11.75 20.02 33.72
CA ILE C 405 13.02 20.74 33.86
C ILE C 405 12.97 21.49 35.18
N ARG C 406 14.13 21.73 35.78
CA ARG C 406 14.17 22.37 37.06
C ARG C 406 14.63 23.82 36.80
N ASN C 407 13.82 24.78 37.17
CA ASN C 407 14.23 26.18 37.05
C ASN C 407 14.36 26.75 38.46
N HIS C 408 15.22 27.73 38.63
CA HIS C 408 15.45 28.29 39.96
C HIS C 408 14.77 29.61 40.29
N PHE C 409 13.64 29.89 39.65
CA PHE C 409 12.80 31.03 40.06
C PHE C 409 12.65 31.02 41.58
N ASN C 410 12.41 29.85 42.19
CA ASN C 410 12.00 29.87 43.58
C ASN C 410 13.20 29.97 44.59
N ASP C 411 14.46 29.84 44.14
CA ASP C 411 15.58 29.84 45.12
C ASP C 411 16.87 30.43 44.69
N TRP C 412 16.99 30.84 43.43
CA TRP C 412 18.15 31.65 43.02
C TRP C 412 17.79 33.04 42.65
N GLN C 413 16.51 33.30 42.36
CA GLN C 413 16.15 34.65 41.96
C GLN C 413 15.88 35.49 43.23
N ILE C 414 16.98 35.90 43.83
CA ILE C 414 16.98 36.54 45.14
C ILE C 414 16.54 38.02 45.19
N HIS C 415 16.48 38.71 44.04
CA HIS C 415 16.25 40.17 44.04
C HIS C 415 14.88 40.59 44.53
N ILE C 416 13.97 39.63 44.59
CA ILE C 416 12.64 39.85 45.20
C ILE C 416 12.75 40.48 46.59
N SER C 417 13.69 40.00 47.42
CA SER C 417 13.82 40.52 48.79
C SER C 417 14.27 41.98 48.74
N PRO C 418 15.46 42.27 48.19
CA PRO C 418 15.81 43.69 48.14
C PRO C 418 14.80 44.56 47.33
N ASP C 419 14.02 43.98 46.38
CA ASP C 419 13.01 44.74 45.63
C ASP C 419 11.96 45.26 46.62
N ILE C 420 11.55 44.43 47.59
CA ILE C 420 10.59 44.83 48.60
C ILE C 420 11.20 45.91 49.54
N ALA C 421 12.47 45.75 49.94
CA ALA C 421 13.16 46.72 50.78
C ALA C 421 13.16 48.03 49.98
N TYR C 422 13.45 47.95 48.67
CA TYR C 422 13.45 49.18 47.85
C TYR C 422 12.08 49.84 47.89
N ALA C 423 11.02 49.05 47.81
CA ALA C 423 9.68 49.60 47.76
C ALA C 423 9.34 50.27 49.15
N VAL C 424 9.82 49.70 50.26
CA VAL C 424 9.57 50.24 51.61
C VAL C 424 10.18 51.59 51.67
N LYS C 425 11.42 51.70 51.21
CA LYS C 425 12.14 52.98 51.26
C LYS C 425 11.54 54.04 50.29
N LYS C 426 11.11 53.62 49.12
CA LYS C 426 10.52 54.55 48.16
C LYS C 426 9.19 55.03 48.72
N TYR C 427 8.43 54.11 49.32
CA TYR C 427 7.17 54.44 49.95
C TYR C 427 7.41 55.57 51.00
N HIS C 428 8.43 55.36 51.84
CA HIS C 428 8.82 56.34 52.88
C HIS C 428 9.28 57.67 52.30
N GLN C 429 10.10 57.66 51.24
CA GLN C 429 10.62 58.88 50.66
C GLN C 429 9.44 59.66 50.05
N VAL C 430 8.51 58.97 49.39
CA VAL C 430 7.40 59.66 48.71
C VAL C 430 6.34 60.18 49.68
N THR C 431 5.96 59.41 50.69
CA THR C 431 4.92 59.84 51.61
C THR C 431 5.37 60.57 52.86
N GLY C 432 6.58 60.32 53.38
CA GLY C 432 7.03 60.86 54.73
C GLY C 432 6.41 60.08 55.91
N ASP C 433 5.91 58.89 55.64
CA ASP C 433 5.18 58.18 56.65
C ASP C 433 6.19 57.43 57.58
N ASP C 434 6.81 58.19 58.49
CA ASP C 434 7.74 57.68 59.54
C ASP C 434 7.15 56.57 60.37
N ALA C 435 5.84 56.66 60.56
CA ALA C 435 5.11 55.71 61.37
C ALA C 435 5.20 54.31 60.77
N PHE C 436 5.01 54.20 59.45
CA PHE C 436 5.04 52.89 58.80
C PHE C 436 6.48 52.29 58.95
N ILE C 437 7.51 53.11 58.82
CA ILE C 437 8.89 52.68 59.06
C ILE C 437 9.10 52.16 60.43
N ARG C 438 8.59 52.90 61.43
CA ARG C 438 8.71 52.50 62.83
C ARG C 438 8.02 51.19 63.07
N ASP C 439 6.82 51.05 62.57
CA ASP C 439 6.01 49.91 62.92
C ASP C 439 6.25 48.65 62.10
N TYR C 440 6.64 48.82 60.82
CA TYR C 440 6.70 47.66 59.90
C TYR C 440 7.99 47.63 59.07
N GLY C 441 8.40 48.80 58.57
CA GLY C 441 9.37 49.03 57.56
C GLY C 441 10.78 48.64 57.93
N ALA C 442 11.23 49.10 59.10
CA ALA C 442 12.55 48.88 59.59
C ALA C 442 12.76 47.41 59.81
N GLU C 443 11.75 46.73 60.34
CA GLU C 443 11.85 45.27 60.59
C GLU C 443 12.01 44.54 59.21
N MET C 444 11.25 44.97 58.20
CA MET C 444 11.31 44.36 56.85
C MET C 444 12.71 44.58 56.29
N ILE C 445 13.16 45.84 56.26
CA ILE C 445 14.43 46.16 55.71
C ILE C 445 15.59 45.39 56.42
N PHE C 446 15.55 45.34 57.76
CA PHE C 446 16.62 44.64 58.55
C PHE C 446 16.60 43.16 58.22
N GLU C 447 15.42 42.55 58.19
CA GLU C 447 15.32 41.13 57.85
C GLU C 447 15.82 40.90 56.41
N ILE C 448 15.59 41.83 55.48
CA ILE C 448 16.09 41.65 54.07
C ILE C 448 17.60 41.84 53.99
N ALA C 449 18.15 42.86 54.69
CA ALA C 449 19.62 43.05 54.79
C ALA C 449 20.35 41.79 55.39
N ARG C 450 19.78 41.25 56.43
CA ARG C 450 20.21 39.98 57.02
C ARG C 450 20.23 38.81 56.02
N PHE C 451 19.12 38.63 55.27
CA PHE C 451 19.12 37.63 54.25
C PHE C 451 20.28 37.87 53.25
N LEU C 452 20.45 39.10 52.81
CA LEU C 452 21.54 39.39 51.84
C LEU C 452 22.96 39.05 52.40
N ALA C 453 23.16 39.40 53.67
CA ALA C 453 24.41 39.14 54.41
C ALA C 453 24.60 37.64 54.47
N SER C 454 23.55 36.86 54.64
CA SER C 454 23.74 35.45 54.71
C SER C 454 23.88 34.85 53.29
N HIS C 455 23.51 35.58 52.24
CA HIS C 455 23.60 35.00 50.88
C HIS C 455 24.98 35.28 50.36
N ALA C 456 25.44 36.52 50.51
CA ALA C 456 26.75 36.92 50.02
C ALA C 456 27.93 35.98 50.38
N VAL C 457 28.99 36.04 49.57
CA VAL C 457 30.19 35.25 49.79
C VAL C 457 31.28 36.29 49.87
N TYR C 458 32.25 36.07 50.75
CA TYR C 458 33.40 36.93 50.80
C TYR C 458 34.53 36.22 50.09
N LYS C 459 35.24 36.97 49.26
CA LYS C 459 36.39 36.41 48.49
C LYS C 459 37.70 37.05 49.01
N PRO C 460 38.39 36.37 49.94
CA PRO C 460 39.56 36.93 50.64
C PRO C 460 40.64 37.43 49.67
N MET C 461 40.86 36.76 48.54
CA MET C 461 41.89 37.28 47.62
C MET C 461 41.47 38.41 46.74
N ARG C 462 40.18 38.65 46.64
CA ARG C 462 39.75 39.82 45.89
C ARG C 462 39.50 40.94 46.89
N GLY C 463 39.53 40.62 48.21
CA GLY C 463 39.16 41.59 49.27
C GLY C 463 37.76 42.18 49.06
N ARG C 464 36.80 41.38 48.60
CA ARG C 464 35.44 41.94 48.38
C ARG C 464 34.32 40.92 48.58
N TYR C 465 33.11 41.40 48.82
CA TYR C 465 31.94 40.53 48.86
C TYR C 465 31.38 40.46 47.45
N GLU C 466 30.74 39.31 47.14
CA GLU C 466 29.98 39.07 45.86
C GLU C 466 28.70 38.33 46.12
N PHE C 467 27.85 38.32 45.10
CA PHE C 467 26.57 37.58 45.11
C PHE C 467 26.54 36.62 43.96
N MET C 468 26.70 35.34 44.34
CA MET C 468 26.92 34.27 43.37
C MET C 468 25.70 33.46 43.10
N ARG C 469 25.67 32.89 41.89
CA ARG C 469 24.67 31.91 41.64
C ARG C 469 23.27 32.48 41.85
N VAL C 470 22.96 33.52 41.09
CA VAL C 470 21.58 34.04 41.18
C VAL C 470 20.87 33.95 39.84
N GLN C 471 19.65 34.47 39.79
CA GLN C 471 18.96 34.68 38.55
C GLN C 471 18.46 36.14 38.58
N GLY C 472 18.81 36.93 37.58
CA GLY C 472 18.28 38.30 37.56
C GLY C 472 16.94 38.46 36.86
N PRO C 473 16.50 39.73 36.69
CA PRO C 473 15.19 39.98 35.99
C PRO C 473 15.11 39.34 34.61
N ASP C 474 16.23 39.25 33.88
CA ASP C 474 16.26 38.43 32.65
C ASP C 474 16.11 36.95 33.01
N GLN C 475 14.93 36.39 32.93
CA GLN C 475 14.71 35.05 33.45
C GLN C 475 15.52 33.94 32.80
N TYR C 476 15.96 34.18 31.56
CA TYR C 476 16.56 33.11 30.72
C TYR C 476 17.92 32.65 31.20
N HIS C 477 18.63 33.51 31.96
CA HIS C 477 20.00 33.14 32.44
C HIS C 477 20.04 32.88 33.92
N GLU C 478 20.24 31.62 34.26
CA GLU C 478 20.27 31.17 35.63
C GLU C 478 21.69 30.80 36.02
N ASN C 479 22.01 30.79 37.35
CA ASN C 479 23.39 30.46 37.83
C ASN C 479 24.39 31.49 37.32
N VAL C 480 24.12 32.77 37.55
CA VAL C 480 25.03 33.86 37.12
C VAL C 480 25.54 34.58 38.37
N ASP C 481 26.69 35.21 38.29
CA ASP C 481 27.25 35.85 39.47
C ASP C 481 27.22 37.34 39.26
N ASN C 482 26.99 38.10 40.33
CA ASN C 482 27.03 39.55 40.25
C ASN C 482 26.12 40.11 39.09
N ASN C 483 24.89 39.60 39.03
CA ASN C 483 23.88 40.25 38.19
C ASN C 483 23.90 41.71 38.64
N ALA C 484 24.18 42.66 37.76
CA ALA C 484 24.22 44.05 38.20
C ALA C 484 22.99 44.61 38.93
N PHE C 485 21.82 44.24 38.44
CA PHE C 485 20.59 44.70 39.06
C PHE C 485 20.58 44.25 40.54
N THR C 486 20.84 42.96 40.78
CA THR C 486 20.69 42.35 42.09
C THR C 486 21.72 43.06 42.96
N ASN C 487 22.93 43.29 42.41
CA ASN C 487 24.03 43.82 43.29
C ASN C 487 23.78 45.25 43.73
N HIS C 488 23.19 46.05 42.83
CA HIS C 488 22.77 47.39 43.11
C HIS C 488 21.64 47.41 44.15
N GLN C 489 20.65 46.54 43.99
CA GLN C 489 19.52 46.48 44.91
C GLN C 489 19.99 46.04 46.31
N ALA C 490 20.91 45.06 46.40
CA ALA C 490 21.48 44.65 47.67
C ALA C 490 22.16 45.86 48.33
N MET C 491 22.91 46.62 47.56
CA MET C 491 23.62 47.76 48.15
C MET C 491 22.65 48.83 48.67
N PHE C 492 21.55 48.97 47.94
CA PHE C 492 20.56 49.93 48.29
C PHE C 492 19.81 49.50 49.55
N THR C 493 19.48 48.22 49.68
CA THR C 493 18.91 47.71 50.92
C THR C 493 19.90 48.02 52.11
N LEU C 494 21.18 47.65 51.99
CA LEU C 494 22.10 47.84 53.13
C LEU C 494 22.28 49.32 53.44
N GLN C 495 22.32 50.15 52.39
CA GLN C 495 22.31 51.61 52.57
C GLN C 495 21.07 52.04 53.36
N ALA C 496 19.90 51.44 53.06
CA ALA C 496 18.72 51.88 53.71
C ALA C 496 18.75 51.41 55.21
N ALA C 497 19.25 50.19 55.44
CA ALA C 497 19.39 49.61 56.77
C ALA C 497 20.30 50.54 57.58
N ASP C 498 21.45 50.89 57.00
CA ASP C 498 22.38 51.75 57.66
C ASP C 498 21.79 53.13 58.04
N GLU C 499 21.00 53.70 57.14
CA GLU C 499 20.29 54.96 57.41
C GLU C 499 19.33 54.81 58.58
N LEU C 500 18.54 53.75 58.59
CA LEU C 500 17.61 53.51 59.69
C LEU C 500 18.38 53.41 61.02
N LEU C 501 19.47 52.62 61.05
CA LEU C 501 20.20 52.44 62.29
C LEU C 501 20.77 53.76 62.87
N GLN C 502 21.11 54.71 62.01
CA GLN C 502 21.68 55.97 62.43
C GLN C 502 20.57 57.04 62.64
N THR C 503 19.33 56.69 62.32
CA THR C 503 18.32 57.68 62.11
C THR C 503 17.09 57.55 63.02
N LEU C 504 16.68 56.34 63.33
CA LEU C 504 15.49 56.11 64.12
C LEU C 504 15.75 56.45 65.58
N ASP C 505 14.69 56.76 66.32
CA ASP C 505 14.83 57.01 67.76
C ASP C 505 15.27 55.73 68.45
N GLU C 506 15.97 55.85 69.59
CA GLU C 506 16.56 54.66 70.20
C GLU C 506 15.55 53.68 70.72
N LYS C 507 14.39 54.21 71.12
CA LYS C 507 13.31 53.37 71.57
C LYS C 507 12.75 52.51 70.40
N THR C 508 12.63 53.05 69.19
CA THR C 508 12.13 52.19 68.14
C THR C 508 13.20 51.16 67.76
N LEU C 509 14.43 51.61 67.74
CA LEU C 509 15.54 50.77 67.40
C LEU C 509 15.70 49.56 68.34
N SER C 510 15.66 49.77 69.66
CA SER C 510 15.86 48.65 70.64
C SER C 510 14.82 47.65 70.40
N ALA C 511 13.59 48.15 70.22
CA ALA C 511 12.45 47.28 70.11
C ALA C 511 12.59 46.44 68.81
N VAL C 512 12.96 47.07 67.68
CA VAL C 512 13.01 46.24 66.44
C VAL C 512 14.13 45.26 66.57
N LYS C 513 15.28 45.74 67.08
CA LYS C 513 16.48 44.89 67.23
C LYS C 513 16.20 43.74 68.13
N GLU C 514 15.43 44.02 69.15
CA GLU C 514 15.15 43.04 70.15
C GLU C 514 14.25 41.98 69.50
N LYS C 515 13.23 42.45 68.80
CA LYS C 515 12.27 41.60 68.13
C LYS C 515 12.94 40.62 67.16
N ILE C 516 13.97 41.06 66.44
CA ILE C 516 14.56 40.12 65.47
C ILE C 516 15.97 39.57 65.90
N GLY C 517 16.43 39.90 67.13
CA GLY C 517 17.76 39.43 67.56
C GLY C 517 18.91 39.98 66.77
N LEU C 518 18.78 41.20 66.22
CA LEU C 518 19.82 41.85 65.46
C LEU C 518 21.04 42.17 66.33
N SER C 519 22.20 41.54 66.08
CA SER C 519 23.37 41.71 66.96
C SER C 519 24.24 42.82 66.40
N ASP C 520 25.18 43.32 67.20
CA ASP C 520 26.09 44.33 66.66
C ASP C 520 26.98 43.68 65.60
N ASP C 521 27.26 42.39 65.72
CA ASP C 521 28.10 41.77 64.73
C ASP C 521 27.50 41.73 63.32
N GLU C 522 26.20 41.56 63.24
CA GLU C 522 25.49 41.59 61.92
C GLU C 522 25.58 42.99 61.40
N ILE C 523 25.49 44.00 62.31
CA ILE C 523 25.57 45.37 61.87
C ILE C 523 26.95 45.73 61.26
N SER C 524 28.02 45.28 61.90
CA SER C 524 29.36 45.52 61.36
C SER C 524 29.57 44.79 60.05
N LEU C 525 29.11 43.54 59.97
CA LEU C 525 29.05 42.85 58.67
C LEU C 525 28.43 43.73 57.56
N TRP C 526 27.24 44.27 57.83
CA TRP C 526 26.56 45.14 56.87
C TRP C 526 27.41 46.32 56.44
N ARG C 527 28.03 46.96 57.40
CA ARG C 527 28.81 48.13 57.09
C ARG C 527 30.06 47.78 56.32
N ASP C 528 30.63 46.63 56.61
CA ASP C 528 31.80 46.17 55.93
C ASP C 528 31.36 45.79 54.48
N MET C 529 30.15 45.25 54.33
CA MET C 529 29.61 45.00 53.00
C MET C 529 29.37 46.30 52.26
N LEU C 530 28.93 47.33 52.96
CA LEU C 530 28.73 48.65 52.30
C LEU C 530 29.99 49.22 51.68
N ALA C 531 31.11 49.02 52.35
CA ALA C 531 32.33 49.56 51.86
C ALA C 531 33.00 48.59 50.85
N ASN C 532 32.67 47.30 50.85
CA ASN C 532 33.53 46.34 50.15
C ASN C 532 32.78 45.32 49.22
N THR C 533 31.58 45.61 48.78
CA THR C 533 30.90 44.64 47.93
C THR C 533 31.21 45.01 46.47
N TYR C 534 31.50 44.02 45.64
CA TYR C 534 31.65 44.27 44.20
C TYR C 534 30.30 44.69 43.60
N VAL C 535 30.27 45.88 43.03
CA VAL C 535 29.11 46.33 42.30
C VAL C 535 29.52 46.60 40.83
N PRO C 536 29.03 45.79 39.88
CA PRO C 536 29.34 46.04 38.46
C PRO C 536 29.00 47.49 38.04
N LYS C 537 29.95 48.13 37.37
CA LYS C 537 29.83 49.57 37.14
C LYS C 537 30.19 49.80 35.68
N PRO C 538 29.94 51.00 35.15
CA PRO C 538 30.21 51.15 33.71
C PRO C 538 31.63 50.91 33.35
N ASP C 539 31.83 50.11 32.29
CA ASP C 539 33.16 49.74 31.88
C ASP C 539 33.78 50.82 31.00
N LYS C 540 34.89 50.51 30.32
CA LYS C 540 35.50 51.61 29.58
C LYS C 540 34.63 52.06 28.42
N HIS C 541 33.66 51.27 28.00
CA HIS C 541 32.74 51.76 26.98
C HIS C 541 31.46 52.35 27.56
N GLY C 542 31.33 52.44 28.90
CA GLY C 542 30.07 52.94 29.48
C GLY C 542 29.04 51.85 29.81
N ILE C 543 29.35 50.60 29.45
CA ILE C 543 28.44 49.49 29.59
C ILE C 543 28.56 48.81 30.96
N ILE C 544 27.39 48.49 31.53
CA ILE C 544 27.31 47.72 32.79
C ILE C 544 27.08 46.30 32.36
N GLU C 545 28.05 45.44 32.66
CA GLU C 545 27.89 44.03 32.34
C GLU C 545 26.76 43.41 33.10
N GLN C 546 25.82 42.77 32.39
CA GLN C 546 24.58 42.32 33.03
C GLN C 546 24.83 41.34 34.21
N PHE C 547 25.84 40.49 34.05
CA PHE C 547 26.32 39.52 35.07
C PHE C 547 27.71 39.07 34.63
N ASP C 548 28.50 38.40 35.54
CA ASP C 548 29.90 38.00 35.22
C ASP C 548 29.90 37.07 34.01
N GLY C 549 30.66 37.44 33.00
CA GLY C 549 30.79 36.56 31.82
C GLY C 549 29.72 36.77 30.76
N TYR C 550 28.80 37.75 30.96
CA TYR C 550 27.71 37.97 30.02
C TYR C 550 28.39 38.35 28.69
N TYR C 551 29.46 39.13 28.72
CA TYR C 551 30.20 39.51 27.50
C TYR C 551 30.78 38.37 26.72
N ASP C 552 30.94 37.21 27.35
CA ASP C 552 31.53 36.09 26.65
C ASP C 552 30.52 35.26 25.97
N LEU C 553 29.24 35.59 26.11
CA LEU C 553 28.16 34.81 25.47
C LEU C 553 27.94 35.27 24.02
N GLU C 554 27.25 34.45 23.24
CA GLU C 554 27.15 34.70 21.81
C GLU C 554 26.28 35.95 21.57
N THR C 555 26.83 36.92 20.89
CA THR C 555 26.10 38.12 20.48
C THR C 555 25.16 37.82 19.31
N ILE C 556 23.85 38.04 19.48
CA ILE C 556 22.87 37.83 18.41
C ILE C 556 22.02 39.08 18.29
N ILE C 557 22.30 39.90 17.25
CA ILE C 557 21.54 41.11 17.00
C ILE C 557 20.89 41.12 15.60
N PRO C 558 19.57 41.30 15.51
CA PRO C 558 18.63 41.50 16.61
C PRO C 558 18.38 40.19 17.33
N ALA C 559 17.99 40.24 18.61
CA ALA C 559 17.92 39.08 19.42
C ALA C 559 16.96 38.03 18.84
N LYS C 560 15.92 38.51 18.17
CA LYS C 560 14.85 37.66 17.63
C LYS C 560 15.35 36.55 16.69
N LYS C 561 16.48 36.79 16.03
CA LYS C 561 17.14 35.76 15.20
C LYS C 561 17.35 34.46 15.90
N VAL C 562 17.45 34.45 17.24
CA VAL C 562 17.74 33.21 17.96
C VAL C 562 16.58 32.24 17.82
N THR C 563 15.39 32.73 17.43
CA THR C 563 14.24 31.82 17.36
C THR C 563 14.32 30.84 16.13
N GLU C 564 15.17 31.16 15.15
CA GLU C 564 15.58 30.20 14.11
C GLU C 564 16.08 28.86 14.63
N ARG C 565 16.58 28.80 15.88
CA ARG C 565 17.17 27.54 16.43
C ARG C 565 16.10 26.71 17.13
N LEU C 566 14.86 27.21 17.19
CA LEU C 566 13.79 26.46 17.87
C LEU C 566 13.40 25.18 17.15
N ILE C 567 13.01 24.14 17.90
CA ILE C 567 12.49 22.92 17.29
C ILE C 567 10.97 22.86 17.39
N LYS C 568 10.43 23.22 18.55
CA LYS C 568 9.00 23.41 18.71
C LYS C 568 8.84 24.87 19.12
N GLU C 569 7.78 25.55 18.66
CA GLU C 569 7.64 26.97 19.07
C GLU C 569 7.37 27.11 20.57
N ASP C 570 6.83 26.09 21.22
CA ASP C 570 6.43 26.22 22.59
C ASP C 570 7.53 25.76 23.58
N GLU C 571 8.74 25.49 23.12
CA GLU C 571 9.91 25.35 24.03
C GLU C 571 10.04 26.55 24.94
N TYR C 572 10.30 26.25 26.20
CA TYR C 572 10.90 27.23 27.11
C TYR C 572 12.26 27.64 26.53
N TYR C 573 12.53 28.94 26.52
CA TYR C 573 13.66 29.46 25.83
C TYR C 573 14.86 29.62 26.73
N GLY C 574 14.66 29.53 28.06
CA GLY C 574 15.85 29.70 28.91
C GLY C 574 16.41 28.40 29.47
N TYR C 575 16.82 28.50 30.71
CA TYR C 575 17.54 27.41 31.36
C TYR C 575 16.65 26.15 31.44
N PRO C 576 17.26 24.94 31.39
CA PRO C 576 18.71 24.65 31.36
C PRO C 576 19.35 24.68 30.01
N ASN C 577 18.63 24.31 28.94
CA ASN C 577 19.31 24.20 27.65
C ASN C 577 18.54 24.90 26.49
N GLY C 578 17.73 25.91 26.77
CA GLY C 578 16.97 26.57 25.73
C GLY C 578 17.88 27.38 24.82
N VAL C 579 17.37 27.84 23.67
CA VAL C 579 18.21 28.51 22.66
C VAL C 579 18.88 29.82 23.10
N THR C 580 18.35 30.48 24.12
CA THR C 580 19.01 31.74 24.58
C THR C 580 20.19 31.52 25.61
N VAL C 581 20.26 30.33 26.15
CA VAL C 581 21.12 30.13 27.35
C VAL C 581 22.57 30.56 27.12
N ARG C 582 23.14 30.19 25.99
CA ARG C 582 24.52 30.51 25.74
C ARG C 582 24.70 31.73 24.84
N THR C 583 23.63 32.54 24.79
CA THR C 583 23.64 33.80 24.07
C THR C 583 23.39 34.97 25.03
N GLN C 584 23.66 36.15 24.49
CA GLN C 584 23.32 37.47 25.04
C GLN C 584 21.86 37.93 24.84
N CYS C 585 20.97 37.08 24.34
CA CYS C 585 19.55 37.39 24.21
C CYS C 585 18.95 37.31 25.60
N ILE C 586 18.28 38.39 25.99
CA ILE C 586 17.66 38.46 27.31
C ILE C 586 16.16 38.62 27.15
N LYS C 587 15.45 38.21 28.16
CA LYS C 587 14.04 38.11 28.01
C LYS C 587 13.36 39.51 28.12
N GLN C 588 13.96 40.39 28.92
CA GLN C 588 13.30 41.62 29.42
C GLN C 588 14.34 42.52 30.05
N ALA C 589 13.95 43.72 30.44
CA ALA C 589 14.89 44.63 31.08
C ALA C 589 15.57 44.03 32.33
N ASP C 590 16.87 44.26 32.39
CA ASP C 590 17.72 43.77 33.52
C ASP C 590 18.63 44.93 33.88
N VAL C 591 19.67 45.21 33.10
CA VAL C 591 20.38 46.45 33.35
C VAL C 591 19.49 47.67 33.20
N ILE C 592 18.60 47.65 32.19
CA ILE C 592 17.68 48.77 32.01
C ILE C 592 16.65 48.91 33.20
N GLN C 593 16.25 47.78 33.81
CA GLN C 593 15.40 47.83 35.02
C GLN C 593 16.08 48.60 36.13
N LEU C 594 17.37 48.40 36.26
CA LEU C 594 18.15 49.13 37.21
C LEU C 594 17.91 50.63 37.14
N PHE C 595 18.05 51.18 35.92
CA PHE C 595 17.83 52.61 35.65
C PHE C 595 16.38 53.02 35.87
N VAL C 596 15.40 52.13 35.59
CA VAL C 596 13.99 52.44 36.00
C VAL C 596 13.86 52.73 37.54
N LEU C 597 14.56 51.94 38.38
CA LEU C 597 14.42 51.99 39.81
C LEU C 597 15.30 53.11 40.42
N HIS C 598 16.37 53.46 39.70
CA HIS C 598 17.45 54.37 40.21
C HIS C 598 17.77 55.38 39.16
N PRO C 599 16.76 56.21 38.80
CA PRO C 599 16.94 57.11 37.66
C PRO C 599 18.01 58.16 37.83
N HIS C 600 18.39 58.51 39.04
CA HIS C 600 19.46 59.54 39.17
C HIS C 600 20.81 58.97 39.50
N LEU C 601 20.95 57.63 39.53
CA LEU C 601 22.25 57.06 39.86
C LEU C 601 23.29 57.21 38.73
N TYR C 602 22.96 56.97 37.45
CA TYR C 602 24.03 57.19 36.43
C TYR C 602 23.68 58.40 35.57
N ASP C 603 24.69 59.02 34.99
CA ASP C 603 24.45 60.19 34.17
C ASP C 603 23.66 59.73 32.88
N ARG C 604 23.08 60.67 32.15
CA ARG C 604 22.18 60.42 31.01
C ARG C 604 22.97 59.69 29.92
N LYS C 605 24.20 60.07 29.72
CA LYS C 605 25.04 59.45 28.72
C LYS C 605 25.29 57.91 28.95
N THR C 606 25.68 57.51 30.15
CA THR C 606 25.81 56.09 30.48
C THR C 606 24.49 55.34 30.22
N VAL C 607 23.38 55.96 30.63
CA VAL C 607 22.13 55.24 30.55
C VAL C 607 21.82 54.99 29.05
N GLU C 608 22.12 55.98 28.22
CA GLU C 608 21.87 55.94 26.82
C GLU C 608 22.69 54.83 26.16
N LEU C 609 23.97 54.75 26.51
CA LEU C 609 24.89 53.73 25.97
C LEU C 609 24.44 52.32 26.35
N ASN C 610 24.04 52.13 27.63
CA ASN C 610 23.49 50.85 28.02
C ASN C 610 22.20 50.52 27.30
N TYR C 611 21.36 51.54 27.08
CA TYR C 611 20.05 51.31 26.41
C TYR C 611 20.34 50.74 24.98
N GLU C 612 21.28 51.38 24.33
CA GLU C 612 21.66 51.08 22.94
C GLU C 612 22.31 49.77 22.81
N PHE C 613 23.10 49.42 23.83
CA PHE C 613 23.76 48.12 23.88
C PHE C 613 22.75 47.01 24.15
N TYR C 614 21.83 47.21 25.10
CA TYR C 614 20.95 46.13 25.55
C TYR C 614 19.64 45.97 24.72
N GLU C 615 19.06 47.10 24.32
CA GLU C 615 17.73 46.97 23.61
C GLU C 615 17.77 45.96 22.44
N PRO C 616 18.77 46.02 21.52
CA PRO C 616 18.78 45.01 20.38
C PRO C 616 19.14 43.57 20.79
N ARG C 617 19.66 43.40 22.01
CA ARG C 617 19.85 42.09 22.61
C ARG C 617 18.62 41.63 23.34
N THR C 618 17.55 42.43 23.36
CA THR C 618 16.39 42.08 24.18
C THR C 618 15.25 41.51 23.34
N LEU C 619 14.80 40.30 23.63
CA LEU C 619 13.62 39.68 23.01
C LEU C 619 12.31 40.40 23.32
N HIS C 620 12.17 40.96 24.51
CA HIS C 620 10.90 41.47 24.97
C HIS C 620 9.89 40.37 24.96
N PHE C 621 10.28 39.16 25.42
CA PHE C 621 9.31 38.10 25.52
C PHE C 621 8.63 38.06 26.91
N SER C 622 8.77 39.09 27.75
CA SER C 622 7.93 39.14 28.92
C SER C 622 7.09 40.37 28.72
N SER C 623 5.81 40.30 29.11
CA SER C 623 4.97 41.50 29.20
C SER C 623 5.51 42.62 30.10
N LEU C 624 6.45 42.31 30.99
CA LEU C 624 7.13 43.35 31.76
C LEU C 624 8.08 44.17 30.97
N SER C 625 8.58 43.69 29.85
CA SER C 625 9.75 44.37 29.19
C SER C 625 9.51 45.72 28.46
N PRO C 626 8.52 45.78 27.56
CA PRO C 626 8.40 47.11 26.86
C PRO C 626 8.18 48.39 27.72
N SER C 627 7.34 48.36 28.76
CA SER C 627 7.20 49.53 29.64
C SER C 627 8.57 49.93 30.27
N SER C 628 9.40 48.98 30.68
CA SER C 628 10.69 49.38 31.28
C SER C 628 11.52 50.10 30.30
N TYR C 629 11.57 49.59 29.07
CA TYR C 629 12.37 50.25 28.01
C TYR C 629 11.74 51.59 27.68
N ALA C 630 10.39 51.70 27.74
CA ALA C 630 9.77 53.00 27.34
C ALA C 630 10.10 54.03 28.36
N ILE C 631 10.07 53.55 29.61
CA ILE C 631 10.34 54.45 30.72
C ILE C 631 11.72 54.99 30.57
N VAL C 632 12.72 54.13 30.31
CA VAL C 632 14.06 54.67 30.20
C VAL C 632 14.20 55.54 28.94
N ALA C 633 13.68 55.06 27.80
CA ALA C 633 13.83 55.72 26.45
C ALA C 633 13.31 57.16 26.43
N ALA C 634 12.19 57.39 27.15
CA ALA C 634 11.55 58.70 27.24
C ALA C 634 12.51 59.70 27.82
N GLN C 635 13.39 59.25 28.70
CA GLN C 635 14.24 60.26 29.41
C GLN C 635 15.66 60.36 28.89
N ILE C 636 15.99 59.67 27.79
CA ILE C 636 17.29 59.85 27.13
C ILE C 636 17.14 60.28 25.68
N ASP C 637 16.13 61.12 25.43
CA ASP C 637 15.76 61.61 24.12
C ASP C 637 15.54 60.56 22.99
N LYS C 638 14.80 59.53 23.36
CA LYS C 638 14.31 58.55 22.41
C LYS C 638 12.80 58.47 22.68
N VAL C 639 12.15 59.61 22.53
CA VAL C 639 10.74 59.76 22.90
C VAL C 639 9.86 58.95 21.94
N GLU C 640 10.14 58.97 20.62
CA GLU C 640 9.34 58.18 19.63
C GLU C 640 9.50 56.66 19.82
N GLU C 641 10.74 56.22 19.97
CA GLU C 641 10.99 54.84 20.45
C GLU C 641 10.28 54.49 21.76
N ALA C 642 10.23 55.44 22.71
CA ALA C 642 9.49 55.24 23.96
C ALA C 642 8.02 55.06 23.65
N TYR C 643 7.49 55.93 22.76
CA TYR C 643 6.07 55.85 22.40
C TYR C 643 5.73 54.48 21.78
N ARG C 644 6.60 54.02 20.89
CA ARG C 644 6.41 52.68 20.28
C ARG C 644 6.37 51.55 21.32
N ASN C 645 7.18 51.65 22.36
CA ASN C 645 7.12 50.64 23.40
C ASN C 645 5.87 50.85 24.21
N PHE C 646 5.50 52.10 24.37
CA PHE C 646 4.22 52.38 25.03
C PHE C 646 3.11 51.66 24.29
N ARG C 647 3.09 51.77 22.94
CA ARG C 647 2.03 51.02 22.18
C ARG C 647 2.09 49.50 22.35
N LYS C 648 3.28 48.88 22.29
CA LYS C 648 3.42 47.46 22.57
C LYS C 648 2.82 47.15 23.94
N SER C 649 3.17 47.93 24.99
CA SER C 649 2.76 47.56 26.35
C SER C 649 1.25 47.68 26.58
N VAL C 650 0.62 48.78 26.18
CA VAL C 650 -0.83 48.98 26.44
C VAL C 650 -1.69 48.08 25.56
N MET C 651 -1.14 47.57 24.44
CA MET C 651 -1.97 46.69 23.57
C MET C 651 -1.79 45.18 23.82
N ILE C 652 -0.95 44.80 24.78
CA ILE C 652 -0.67 43.38 24.97
C ILE C 652 -1.97 42.56 25.14
N ASP C 653 -2.85 42.96 26.05
CA ASP C 653 -4.08 42.19 26.18
C ASP C 653 -5.13 42.51 25.07
N LEU C 654 -5.34 43.79 24.74
CA LEU C 654 -6.39 44.22 23.79
C LEU C 654 -6.24 43.58 22.43
N LEU C 655 -5.02 43.63 21.89
CA LEU C 655 -4.67 43.12 20.55
C LEU C 655 -4.09 41.70 20.62
N ASN C 656 -4.14 41.09 21.83
CA ASN C 656 -3.83 39.68 22.07
C ASN C 656 -2.46 39.24 21.54
N THR C 657 -1.42 39.96 21.98
CA THR C 657 -0.13 39.84 21.33
C THR C 657 0.79 38.82 21.97
N ASN C 658 0.42 38.29 23.15
CA ASN C 658 1.24 37.30 23.88
C ASN C 658 0.65 35.87 23.89
N GLU C 659 1.49 34.85 24.11
CA GLU C 659 1.26 33.46 23.61
C GLU C 659 0.33 32.49 24.35
N ALA C 660 0.27 32.63 25.67
CA ALA C 660 -0.58 31.80 26.53
C ALA C 660 0.07 30.51 27.09
N VAL C 661 0.88 29.85 26.30
CA VAL C 661 1.45 28.59 26.71
C VAL C 661 2.95 28.59 26.47
N SER C 662 3.68 28.07 27.45
CA SER C 662 5.11 27.91 27.29
C SER C 662 5.57 26.69 28.06
N GLY C 663 6.46 25.89 27.46
CA GLY C 663 7.04 24.74 28.17
C GLY C 663 5.95 23.91 28.86
N GLY C 664 4.80 23.75 28.22
CA GLY C 664 3.77 22.92 28.77
C GLY C 664 2.99 23.63 29.87
N THR C 665 3.26 24.91 30.17
CA THR C 665 2.56 25.57 31.30
C THR C 665 1.72 26.76 30.80
N PHE C 666 0.55 26.96 31.36
CA PHE C 666 -0.31 28.05 30.92
C PHE C 666 0.04 29.35 31.65
N ILE C 667 0.36 30.40 30.89
CA ILE C 667 0.82 31.64 31.50
C ILE C 667 0.05 32.82 30.94
N GLY C 668 -1.10 32.52 30.37
CA GLY C 668 -1.98 33.59 29.85
C GLY C 668 -2.87 34.20 30.91
N GLY C 669 -3.91 34.87 30.43
CA GLY C 669 -4.75 35.78 31.22
C GLY C 669 -4.30 37.24 31.07
N ILE C 670 -4.85 38.11 31.93
CA ILE C 670 -4.60 39.55 31.84
C ILE C 670 -3.22 39.81 32.48
N HIS C 671 -2.47 40.70 31.84
CA HIS C 671 -1.09 41.01 32.21
C HIS C 671 -1.03 42.14 33.21
N THR C 672 -1.22 41.80 34.48
CA THR C 672 -1.39 42.78 35.55
C THR C 672 -0.24 43.78 35.72
N ALA C 673 1.01 43.29 35.71
CA ALA C 673 2.18 44.17 35.75
C ALA C 673 2.18 45.18 34.57
N ALA C 674 2.02 44.66 33.35
CA ALA C 674 1.89 45.57 32.21
C ALA C 674 0.68 46.48 32.46
N ASN C 675 -0.44 45.96 33.00
CA ASN C 675 -1.60 46.84 33.24
C ASN C 675 -1.18 48.01 34.13
N GLY C 676 -0.44 47.67 35.22
CA GLY C 676 -0.11 48.74 36.19
C GLY C 676 0.94 49.69 35.59
N ALA C 677 1.78 49.18 34.71
CA ALA C 677 2.87 50.02 34.20
C ALA C 677 2.38 51.01 33.13
N SER C 678 1.16 50.81 32.59
CA SER C 678 0.60 51.77 31.67
C SER C 678 0.67 53.13 32.34
N TRP C 679 0.25 53.19 33.61
CA TRP C 679 0.27 54.42 34.32
C TRP C 679 1.64 55.00 34.44
N GLN C 680 2.64 54.18 34.82
CA GLN C 680 4.01 54.64 35.06
C GLN C 680 4.58 55.15 33.80
N MET C 681 4.24 54.49 32.68
CA MET C 681 4.80 55.01 31.40
C MET C 681 4.49 56.48 31.17
N VAL C 682 3.25 56.89 31.46
CA VAL C 682 2.81 58.27 31.17
C VAL C 682 3.50 59.17 32.20
N VAL C 683 3.32 58.80 33.48
CA VAL C 683 3.68 59.61 34.65
C VAL C 683 5.19 59.63 34.94
N ASN C 684 5.77 58.44 35.18
CA ASN C 684 7.22 58.35 35.46
C ASN C 684 8.06 58.44 34.20
N GLY C 685 7.60 57.77 33.15
CA GLY C 685 8.27 57.79 31.86
C GLY C 685 8.27 59.08 31.11
N PHE C 686 7.18 59.38 30.43
CA PHE C 686 7.15 60.64 29.69
C PHE C 686 7.21 61.84 30.63
N GLY C 687 6.41 61.81 31.71
CA GLY C 687 6.48 62.88 32.68
C GLY C 687 7.79 63.00 33.47
N GLY C 688 8.53 61.90 33.60
CA GLY C 688 9.79 61.85 34.36
C GLY C 688 9.62 62.21 35.82
N LEU C 689 8.46 61.92 36.39
CA LEU C 689 8.26 62.19 37.80
C LEU C 689 9.09 61.20 38.62
N SER C 690 9.90 61.72 39.53
CA SER C 690 10.52 60.87 40.53
C SER C 690 10.91 61.69 41.76
N VAL C 691 11.29 61.00 42.81
CA VAL C 691 11.69 61.62 44.08
C VAL C 691 13.10 61.10 44.48
N HIS C 692 14.04 62.02 44.69
CA HIS C 692 15.44 61.72 45.06
C HIS C 692 15.79 62.50 46.33
N GLY C 693 15.74 61.82 47.47
CA GLY C 693 15.88 62.44 48.81
C GLY C 693 15.06 63.68 49.10
N ASP C 694 13.76 63.53 49.22
CA ASP C 694 12.86 64.72 49.09
C ASP C 694 13.18 65.89 48.10
N ASP C 695 14.11 65.72 47.16
CA ASP C 695 13.96 66.41 45.86
C ASP C 695 12.83 65.76 44.96
N ILE C 696 11.87 66.57 44.51
CA ILE C 696 10.85 66.14 43.52
C ILE C 696 11.32 66.50 42.10
N HIS C 697 11.33 65.54 41.19
CA HIS C 697 11.74 65.79 39.80
C HIS C 697 10.62 65.57 38.86
N LEU C 698 10.53 66.43 37.86
CA LEU C 698 9.73 66.17 36.65
C LEU C 698 10.63 66.52 35.48
N SER C 699 10.39 65.90 34.32
CA SER C 699 11.25 66.12 33.18
C SER C 699 10.39 65.77 31.95
N PRO C 700 9.35 66.56 31.69
CA PRO C 700 8.27 66.00 30.86
C PRO C 700 8.53 66.00 29.35
N ARG C 701 8.31 64.85 28.72
CA ARG C 701 8.50 64.66 27.26
C ARG C 701 7.14 64.42 26.66
N LEU C 702 7.04 64.59 25.34
CA LEU C 702 5.77 64.44 24.65
C LEU C 702 5.98 63.71 23.33
N PRO C 703 5.37 62.55 23.15
CA PRO C 703 5.47 61.92 21.80
C PRO C 703 4.61 62.67 20.77
N ASP C 704 5.02 62.73 19.50
CA ASP C 704 4.18 63.38 18.41
C ASP C 704 2.77 62.89 18.33
N ALA C 705 2.50 61.64 18.72
CA ALA C 705 1.12 61.14 18.75
C ALA C 705 0.10 61.81 19.70
N TRP C 706 0.55 62.74 20.54
CA TRP C 706 -0.32 63.31 21.60
C TRP C 706 -0.19 64.79 21.60
N ASP C 707 -1.28 65.48 21.89
CA ASP C 707 -1.17 66.92 22.11
C ASP C 707 -0.84 67.27 23.56
N GLY C 708 -0.98 66.32 24.48
CA GLY C 708 -0.63 66.62 25.85
C GLY C 708 -1.09 65.44 26.66
N TYR C 709 -0.88 65.55 27.98
CA TYR C 709 -1.40 64.61 28.95
C TYR C 709 -1.45 65.32 30.27
N THR C 710 -2.27 64.78 31.18
CA THR C 710 -2.42 65.36 32.50
C THR C 710 -2.67 64.34 33.63
N PHE C 711 -1.97 64.53 34.75
CA PHE C 711 -2.12 63.52 35.80
C PHE C 711 -2.04 64.15 37.19
N LYS C 712 -2.47 63.40 38.19
CA LYS C 712 -2.29 63.86 39.52
C LYS C 712 -1.28 62.97 40.22
N ALA C 713 -0.43 63.56 41.04
CA ALA C 713 0.53 62.80 41.82
C ALA C 713 0.70 63.40 43.21
N ILE C 714 0.63 62.56 44.21
CA ILE C 714 0.66 63.03 45.58
C ILE C 714 2.09 62.79 46.10
N VAL C 715 2.76 63.86 46.53
CA VAL C 715 4.05 63.79 47.15
C VAL C 715 4.02 64.47 48.53
N LYS C 716 4.32 63.67 49.55
CA LYS C 716 4.28 64.11 50.95
C LYS C 716 2.94 64.71 51.37
N GLY C 717 1.86 64.05 51.00
CA GLY C 717 0.49 64.49 51.29
C GLY C 717 0.00 65.67 50.45
N GLN C 718 0.87 66.22 49.64
CA GLN C 718 0.54 67.29 48.75
C GLN C 718 0.11 66.75 47.33
N THR C 719 -1.13 67.02 46.93
CA THR C 719 -1.67 66.64 45.58
C THR C 719 -1.25 67.64 44.46
N LEU C 720 -0.49 67.13 43.49
CA LEU C 720 0.03 67.92 42.42
C LEU C 720 -0.64 67.46 41.13
N GLU C 721 -1.14 68.41 40.38
CA GLU C 721 -1.77 68.14 39.09
C GLU C 721 -0.83 68.70 38.05
N VAL C 722 -0.37 67.83 37.15
CA VAL C 722 0.69 68.15 36.20
C VAL C 722 0.05 68.08 34.82
N ASP C 723 0.17 69.19 34.11
CA ASP C 723 -0.47 69.25 32.84
C ASP C 723 0.58 69.50 31.78
N VAL C 724 0.67 68.62 30.78
CA VAL C 724 1.81 68.78 29.86
C VAL C 724 1.26 68.99 28.46
N THR C 725 1.80 69.96 27.75
CA THR C 725 1.40 70.22 26.35
C THR C 725 2.62 70.43 25.52
N LYS C 726 2.41 70.76 24.26
CA LYS C 726 3.56 70.79 23.36
C LYS C 726 4.58 71.79 23.83
N GLU C 727 4.14 72.89 24.41
CA GLU C 727 5.10 74.00 24.65
C GLU C 727 5.32 74.25 26.13
N GLN C 728 4.56 73.59 26.98
CA GLN C 728 4.65 73.94 28.37
C GLN C 728 4.33 72.82 29.33
N ILE C 729 4.72 73.05 30.57
CA ILE C 729 4.23 72.24 31.66
C ILE C 729 3.68 73.17 32.73
N THR C 730 2.61 72.70 33.37
CA THR C 730 1.91 73.45 34.39
C THR C 730 1.72 72.48 35.54
N ILE C 731 2.12 72.91 36.74
CA ILE C 731 1.96 72.11 37.90
C ILE C 731 1.05 72.89 38.83
N THR C 732 -0.04 72.28 39.28
CA THR C 732 -0.92 72.97 40.17
C THR C 732 -0.99 72.22 41.47
N ASN C 733 -0.72 72.91 42.57
CA ASN C 733 -0.98 72.26 43.84
C ASN C 733 -2.45 72.27 44.21
N LYS C 734 -3.08 71.09 44.34
CA LYS C 734 -4.51 70.99 44.64
C LYS C 734 -4.79 70.64 46.10
N SER C 735 -3.81 70.61 46.98
CA SER C 735 -4.11 70.07 48.32
C SER C 735 -5.07 71.01 49.05
N GLU C 736 -5.86 70.49 49.98
CA GLU C 736 -6.65 71.34 50.88
C GLU C 736 -5.75 72.29 51.67
N ASP C 737 -4.59 71.85 52.13
CA ASP C 737 -3.64 72.73 52.82
C ASP C 737 -2.24 72.71 52.17
N ARG C 738 -1.91 73.76 51.43
CA ARG C 738 -0.79 73.73 50.54
C ARG C 738 0.38 74.07 51.37
N LYS C 739 1.56 73.59 50.96
CA LYS C 739 2.81 73.87 51.60
C LYS C 739 3.68 74.23 50.45
N PRO C 740 4.73 75.03 50.67
CA PRO C 740 5.63 75.32 49.56
C PRO C 740 6.49 74.10 49.29
N LEU C 741 6.97 73.94 48.07
CA LEU C 741 7.66 72.72 47.66
C LEU C 741 8.67 73.11 46.64
N THR C 742 9.83 72.48 46.71
CA THR C 742 10.82 72.68 45.65
C THR C 742 10.61 71.62 44.57
N LEU C 743 10.55 72.06 43.31
CA LEU C 743 10.52 71.11 42.22
C LEU C 743 11.80 71.22 41.42
N HIS C 744 12.31 70.11 40.90
CA HIS C 744 13.35 70.20 39.86
C HIS C 744 12.71 69.78 38.57
N ILE C 745 12.74 70.70 37.60
CA ILE C 745 12.12 70.54 36.31
C ILE C 745 13.21 70.60 35.29
N PHE C 746 13.41 69.51 34.54
CA PHE C 746 14.65 69.33 33.74
C PHE C 746 15.91 69.71 34.55
N GLY C 747 15.95 69.30 35.81
CA GLY C 747 17.11 69.69 36.65
C GLY C 747 17.17 71.13 37.17
N GLU C 748 16.38 72.05 36.62
CA GLU C 748 16.32 73.39 37.18
C GLU C 748 15.41 73.49 38.41
N LYS C 749 15.92 74.05 39.52
CA LYS C 749 15.15 74.30 40.73
C LYS C 749 14.06 75.38 40.52
N SER C 750 12.82 75.10 40.89
CA SER C 750 11.74 76.08 40.78
C SER C 750 10.90 75.91 42.03
N VAL C 751 10.51 77.01 42.66
CA VAL C 751 9.75 76.90 43.90
C VAL C 751 8.25 77.01 43.60
N LEU C 752 7.50 76.01 44.07
CA LEU C 752 6.07 76.04 43.95
C LEU C 752 5.50 76.51 45.30
N ASP C 753 5.21 77.80 45.41
CA ASP C 753 4.65 78.34 46.64
C ASP C 753 3.46 79.28 46.35
N SER C 754 3.02 79.34 45.09
CA SER C 754 1.96 80.27 44.64
C SER C 754 0.85 79.51 43.91
N GLU C 755 0.58 78.32 44.46
CA GLU C 755 -0.45 77.42 43.95
C GLU C 755 -0.11 76.76 42.60
N ARG C 756 0.44 77.53 41.66
CA ARG C 756 0.56 77.02 40.31
C ARG C 756 1.84 77.54 39.66
N ILE C 757 2.48 76.76 38.80
CA ILE C 757 3.61 77.30 38.02
C ILE C 757 3.47 76.75 36.64
N THR C 758 3.97 77.50 35.68
CA THR C 758 3.97 77.10 34.31
C THR C 758 5.40 77.30 33.82
N LYS C 759 5.98 76.37 33.09
CA LYS C 759 7.34 76.62 32.55
C LYS C 759 7.27 76.16 31.11
N SER C 760 8.17 76.71 30.29
CA SER C 760 8.41 76.19 28.91
C SER C 760 9.12 74.84 28.83
N ARG C 761 8.86 74.10 27.75
CA ARG C 761 9.60 72.85 27.51
C ARG C 761 10.68 72.92 26.42
N MET D 1 44.36 -23.31 25.46
CA MET D 1 43.20 -24.12 25.88
C MET D 1 42.32 -23.35 26.86
N HIS D 2 42.91 -22.51 27.71
CA HIS D 2 42.16 -21.80 28.79
C HIS D 2 41.26 -20.71 28.34
N GLU D 3 40.00 -20.80 28.74
CA GLU D 3 38.97 -20.06 28.06
C GLU D 3 38.77 -18.76 28.82
N ILE D 4 38.93 -17.63 28.11
CA ILE D 4 38.75 -16.31 28.70
C ILE D 4 37.29 -15.84 28.56
N GLY D 5 36.71 -16.03 27.39
CA GLY D 5 35.33 -15.68 27.15
C GLY D 5 35.05 -15.86 25.69
N GLU D 6 35.15 -14.75 24.98
CA GLU D 6 34.48 -14.57 23.68
C GLU D 6 35.26 -15.24 22.57
N HIS D 7 35.35 -16.57 22.56
CA HIS D 7 36.34 -17.24 21.67
C HIS D 7 37.79 -16.79 21.96
N LEU D 8 38.03 -16.21 23.13
CA LEU D 8 39.36 -15.84 23.57
C LEU D 8 39.91 -16.87 24.51
N THR D 9 41.19 -17.20 24.31
CA THR D 9 41.94 -18.05 25.24
C THR D 9 43.34 -17.52 25.53
N THR D 10 43.94 -18.11 26.55
CA THR D 10 45.36 -17.99 26.78
C THR D 10 45.94 -19.40 26.84
N ASN D 11 47.17 -19.53 26.37
CA ASN D 11 47.85 -20.83 26.44
C ASN D 11 48.91 -20.81 27.50
N THR D 12 49.54 -19.66 27.71
CA THR D 12 50.68 -19.56 28.60
C THR D 12 50.49 -18.56 29.77
N GLY D 13 49.37 -17.84 29.76
CA GLY D 13 49.32 -16.69 30.66
C GLY D 13 50.12 -15.48 30.20
N TRP D 14 50.71 -15.55 29.00
CA TRP D 14 51.35 -14.39 28.44
C TRP D 14 50.73 -13.96 27.10
N ASP D 15 49.66 -14.63 26.67
CA ASP D 15 49.12 -14.42 25.35
C ASP D 15 47.58 -14.34 25.37
N ILE D 16 47.02 -13.58 24.42
CA ILE D 16 45.57 -13.56 24.20
C ILE D 16 45.41 -14.01 22.76
N ILE D 17 44.63 -15.07 22.60
CA ILE D 17 44.34 -15.73 21.35
C ILE D 17 42.83 -15.65 21.06
N LYS D 18 42.50 -15.16 19.87
CA LYS D 18 41.15 -15.24 19.37
C LYS D 18 41.10 -16.12 18.14
N ASN D 19 40.26 -17.15 18.15
CA ASN D 19 40.29 -18.12 17.05
C ASN D 19 39.10 -17.97 16.14
N ARG D 20 38.51 -16.79 16.13
CA ARG D 20 37.37 -16.60 15.23
C ARG D 20 37.40 -15.18 14.75
N TYR D 21 37.29 -15.00 13.46
CA TYR D 21 37.28 -13.68 12.90
C TYR D 21 35.87 -13.14 12.84
N GLU D 22 35.64 -11.98 13.41
CA GLU D 22 34.35 -11.37 13.25
C GLU D 22 34.43 -9.88 13.01
N ALA D 23 33.98 -9.47 11.82
CA ALA D 23 34.07 -8.11 11.32
C ALA D 23 33.46 -7.06 12.23
N ALA D 24 32.39 -7.44 12.93
CA ALA D 24 31.67 -6.46 13.73
C ALA D 24 32.42 -6.15 15.02
N GLN D 25 33.51 -6.83 15.27
CA GLN D 25 34.25 -6.54 16.50
C GLN D 25 35.43 -5.57 16.26
N ALA D 26 35.61 -5.18 15.00
CA ALA D 26 36.75 -4.35 14.52
C ALA D 26 37.24 -3.30 15.53
N ILE D 27 36.33 -2.61 16.20
CA ILE D 27 36.73 -1.46 17.01
C ILE D 27 37.49 -1.93 18.29
N THR D 28 36.84 -2.87 18.98
CA THR D 28 37.32 -3.56 20.18
C THR D 28 38.63 -4.37 19.98
N GLU D 29 38.61 -5.24 19.00
CA GLU D 29 39.78 -6.00 18.56
C GLU D 29 40.95 -5.17 18.10
N GLY D 30 40.67 -4.10 17.33
CA GLY D 30 41.70 -3.11 16.98
C GLY D 30 42.39 -2.50 18.22
N SER D 31 41.58 -2.19 19.22
CA SER D 31 42.13 -1.65 20.47
C SER D 31 42.88 -2.73 21.29
N ASN D 32 42.23 -3.85 21.50
CA ASN D 32 42.72 -4.85 22.44
C ASN D 32 44.01 -5.48 21.95
N PHE D 33 44.09 -5.73 20.63
CA PHE D 33 45.24 -6.36 20.02
C PHE D 33 46.26 -5.38 19.48
N MET D 34 46.13 -4.09 19.79
CA MET D 34 47.11 -3.12 19.32
C MET D 34 48.52 -3.31 19.93
N ILE D 35 49.47 -2.53 19.38
CA ILE D 35 50.86 -2.50 19.76
C ILE D 35 51.26 -1.05 19.97
N GLY D 36 52.39 -0.81 20.65
CA GLY D 36 52.81 0.54 20.95
C GLY D 36 53.98 0.57 21.90
N ASN D 37 54.45 1.80 22.17
CA ASN D 37 55.70 2.04 22.85
C ASN D 37 55.76 3.42 23.49
N GLY D 38 54.60 3.98 23.84
CA GLY D 38 54.54 5.32 24.48
C GLY D 38 54.77 6.45 23.47
N PHE D 39 55.37 6.16 22.32
CA PHE D 39 55.52 7.19 21.27
C PHE D 39 54.33 7.16 20.25
N MET D 40 53.86 5.97 19.89
CA MET D 40 52.73 5.77 18.96
C MET D 40 51.94 4.62 19.48
N GLY D 41 50.71 4.52 19.03
CA GLY D 41 50.00 3.24 19.15
C GLY D 41 49.60 2.84 17.71
N TYR D 42 49.58 1.54 17.41
CA TYR D 42 49.25 1.05 16.11
C TYR D 42 48.20 0.00 16.33
N ARG D 43 46.99 0.25 15.79
CA ARG D 43 45.85 -0.61 16.14
C ARG D 43 46.03 -1.97 15.60
N GLY D 44 45.50 -2.98 16.30
CA GLY D 44 45.74 -4.39 15.88
C GLY D 44 44.92 -4.75 14.60
N THR D 45 45.05 -4.01 13.51
CA THR D 45 44.33 -4.42 12.30
C THR D 45 45.24 -5.32 11.44
N PHE D 46 44.72 -5.85 10.32
CA PHE D 46 45.59 -6.62 9.46
C PHE D 46 46.19 -5.81 8.31
N ALA D 47 47.18 -6.37 7.63
CA ALA D 47 47.90 -5.59 6.65
C ALA D 47 47.01 -5.04 5.51
N GLU D 48 45.93 -5.71 5.16
CA GLU D 48 45.10 -5.17 4.05
C GLU D 48 44.05 -4.16 4.53
N ASP D 49 43.90 -3.98 5.84
CA ASP D 49 42.97 -3.04 6.42
C ASP D 49 43.23 -1.54 6.16
N GLY D 50 42.13 -0.84 5.97
CA GLY D 50 42.10 0.59 5.70
C GLY D 50 41.16 1.24 6.71
N LYS D 51 40.72 2.44 6.37
CA LYS D 51 39.90 3.21 7.30
C LYS D 51 38.58 2.55 7.70
N ASP D 52 38.00 1.76 6.82
CA ASP D 52 36.74 1.08 7.10
C ASP D 52 36.89 0.00 8.14
N ALA D 53 38.11 -0.44 8.38
CA ALA D 53 38.31 -1.44 9.43
C ALA D 53 38.93 -0.74 10.65
N TYR D 54 38.89 0.60 10.70
CA TYR D 54 39.47 1.37 11.86
C TYR D 54 40.98 1.17 12.06
N ALA D 55 41.74 0.96 10.95
CA ALA D 55 43.21 0.93 10.99
C ALA D 55 43.64 2.33 11.39
N ALA D 56 44.69 2.45 12.18
CA ALA D 56 45.19 3.73 12.60
C ALA D 56 46.52 3.59 13.30
N CYS D 57 47.33 4.62 13.11
CA CYS D 57 48.53 4.76 13.91
C CYS D 57 48.42 6.12 14.49
N ILE D 58 48.31 6.16 15.81
CA ILE D 58 48.13 7.37 16.56
C ILE D 58 49.50 7.81 17.07
N VAL D 59 49.88 9.05 16.80
CA VAL D 59 51.23 9.50 17.11
C VAL D 59 51.29 10.64 18.16
N THR D 60 52.10 10.41 19.19
CA THR D 60 52.22 11.46 20.26
C THR D 60 52.74 12.79 19.70
N ASP D 61 52.33 13.87 20.41
CA ASP D 61 52.80 15.20 20.10
C ASP D 61 52.47 15.61 18.65
N THR D 62 51.28 15.25 18.17
CA THR D 62 50.85 15.73 16.84
C THR D 62 49.50 16.39 16.97
N TRP D 63 49.30 17.10 18.08
CA TRP D 63 48.00 17.66 18.34
C TRP D 63 47.52 18.63 17.27
N ASP D 64 46.21 18.58 17.01
CA ASP D 64 45.66 19.32 15.90
C ASP D 64 44.19 19.57 16.15
N LYS D 65 43.74 20.75 15.76
CA LYS D 65 42.35 21.17 16.04
C LYS D 65 41.61 21.55 14.74
N ALA D 66 41.69 20.64 13.76
CA ALA D 66 41.18 20.90 12.41
C ALA D 66 39.72 21.30 12.34
N ASP D 67 38.89 20.64 13.12
CA ASP D 67 37.46 20.94 13.12
C ASP D 67 37.07 22.17 13.98
N GLY D 68 38.05 22.93 14.48
CA GLY D 68 37.78 24.09 15.29
C GLY D 68 37.24 23.80 16.71
N LYS D 69 37.18 22.53 17.15
CA LYS D 69 36.64 22.26 18.50
C LYS D 69 37.51 21.26 19.31
N TRP D 70 37.82 20.12 18.69
CA TRP D 70 38.46 19.02 19.34
C TRP D 70 39.95 18.95 19.01
N GLU D 71 40.83 19.35 19.94
CA GLU D 71 42.26 19.23 19.69
C GLU D 71 42.66 17.77 20.05
N GLU D 72 43.10 16.98 19.05
CA GLU D 72 43.38 15.56 19.27
C GLU D 72 44.71 15.19 18.59
N LEU D 73 45.22 13.99 18.84
CA LEU D 73 46.47 13.59 18.21
C LEU D 73 46.15 13.25 16.73
N SER D 74 47.15 13.35 15.86
CA SER D 74 46.90 12.94 14.47
C SER D 74 47.08 11.45 14.26
N THR D 75 46.22 10.86 13.46
CA THR D 75 46.54 9.56 12.84
C THR D 75 47.32 9.86 11.58
N VAL D 76 48.28 9.01 11.26
CA VAL D 76 49.27 9.32 10.23
C VAL D 76 49.19 8.30 9.09
N PRO D 77 49.71 8.66 7.93
CA PRO D 77 49.70 7.65 6.83
C PRO D 77 50.23 6.26 7.25
N ASN D 78 49.54 5.23 6.75
CA ASN D 78 49.80 3.88 7.18
C ASN D 78 50.81 3.24 6.19
N ALA D 79 52.07 3.04 6.61
CA ALA D 79 53.07 2.47 5.67
C ALA D 79 53.17 0.92 5.71
N LEU D 80 52.18 0.23 6.26
CA LEU D 80 52.21 -1.24 6.35
C LEU D 80 51.16 -1.85 5.40
N LEU D 81 50.36 -0.99 4.78
CA LEU D 81 49.23 -1.46 3.93
C LEU D 81 49.77 -2.43 2.88
N THR D 82 49.20 -3.62 2.87
CA THR D 82 49.61 -4.68 2.02
C THR D 82 48.40 -5.51 1.58
N LEU D 83 48.25 -5.67 0.27
CA LEU D 83 47.10 -6.39 -0.29
C LEU D 83 47.63 -7.50 -1.19
N LEU D 84 47.09 -8.70 -1.07
CA LEU D 84 47.47 -9.78 -1.93
C LEU D 84 46.37 -10.01 -2.97
N HIS D 85 46.77 -10.29 -4.21
CA HIS D 85 45.90 -10.81 -5.25
C HIS D 85 46.43 -12.12 -5.68
N VAL D 86 45.53 -13.08 -5.87
CA VAL D 86 45.90 -14.39 -6.34
C VAL D 86 45.15 -14.66 -7.62
N ASP D 87 45.95 -14.69 -8.68
CA ASP D 87 45.46 -14.72 -10.05
C ASP D 87 44.40 -13.65 -10.26
N GLY D 88 44.77 -12.43 -9.91
CA GLY D 88 43.88 -11.32 -10.04
C GLY D 88 42.75 -11.26 -9.03
N GLU D 89 42.57 -12.25 -8.16
CA GLU D 89 41.51 -12.15 -7.14
C GLU D 89 42.07 -11.63 -5.78
N PRO D 90 41.44 -10.59 -5.21
CA PRO D 90 42.05 -10.03 -3.98
C PRO D 90 41.82 -10.99 -2.82
N PHE D 91 42.70 -10.97 -1.82
CA PHE D 91 42.48 -11.79 -0.64
C PHE D 91 41.75 -10.96 0.40
N ILE D 92 40.54 -11.36 0.71
CA ILE D 92 39.77 -10.64 1.67
C ILE D 92 39.24 -11.69 2.60
N MET D 93 39.55 -11.57 3.89
CA MET D 93 39.11 -12.53 4.87
C MET D 93 37.58 -12.62 4.88
N SER D 94 37.06 -13.84 4.85
CA SER D 94 35.64 -14.03 5.14
C SER D 94 35.48 -14.85 6.44
N GLU D 95 34.34 -14.65 7.09
CA GLU D 95 34.02 -15.37 8.33
C GLU D 95 33.77 -16.88 8.14
N GLU D 96 33.52 -17.31 6.90
CA GLU D 96 33.71 -18.71 6.52
C GLU D 96 35.16 -19.05 6.03
N ALA D 97 36.21 -18.48 6.65
CA ALA D 97 37.61 -18.71 6.23
C ALA D 97 38.13 -19.96 6.83
N ALA D 98 38.51 -20.89 5.95
CA ALA D 98 39.01 -22.25 6.31
C ALA D 98 39.79 -22.34 7.64
N SER D 99 40.29 -21.20 8.14
CA SER D 99 41.10 -21.24 9.34
C SER D 99 41.75 -19.87 9.71
N PHE D 100 41.40 -19.36 10.89
CA PHE D 100 41.86 -18.07 11.39
C PHE D 100 42.25 -18.11 12.86
N GLU D 101 43.29 -17.38 13.20
CA GLU D 101 43.72 -17.24 14.55
C GLU D 101 44.46 -15.91 14.67
N ARG D 102 44.21 -15.20 15.74
CA ARG D 102 45.03 -14.03 16.01
C ARG D 102 45.51 -14.06 17.46
N THR D 103 46.63 -13.41 17.72
CA THR D 103 47.33 -13.58 18.99
C THR D 103 47.98 -12.25 19.36
N LEU D 104 47.74 -11.80 20.60
CA LEU D 104 48.53 -10.71 21.18
C LEU D 104 49.53 -11.37 22.15
N ASP D 105 50.80 -11.22 21.88
CA ASP D 105 51.77 -11.81 22.79
C ASP D 105 52.21 -10.73 23.80
N LEU D 106 51.72 -10.77 25.05
CA LEU D 106 51.96 -9.65 26.01
C LEU D 106 53.42 -9.59 26.51
N SER D 107 54.16 -10.68 26.34
CA SER D 107 55.51 -10.68 26.87
C SER D 107 56.34 -9.77 26.05
N GLN D 108 55.94 -9.48 24.81
CA GLN D 108 56.87 -8.63 23.96
C GLN D 108 56.13 -7.63 23.03
N GLY D 109 54.84 -7.42 23.24
CA GLY D 109 54.14 -6.44 22.37
C GLY D 109 54.12 -6.83 20.88
N VAL D 110 53.96 -8.13 20.58
CA VAL D 110 53.91 -8.62 19.17
C VAL D 110 52.52 -9.14 18.93
N THR D 111 51.89 -8.57 17.91
CA THR D 111 50.53 -8.90 17.55
C THR D 111 50.54 -9.62 16.15
N SER D 112 49.82 -10.72 16.02
CA SER D 112 49.99 -11.59 14.87
C SER D 112 48.65 -12.12 14.37
N ARG D 113 48.65 -12.66 13.17
CA ARG D 113 47.45 -13.31 12.57
C ARG D 113 48.03 -14.50 11.80
N LYS D 114 47.32 -15.62 11.78
CA LYS D 114 47.60 -16.66 10.80
C LYS D 114 46.27 -17.07 10.27
N VAL D 115 46.09 -16.97 8.95
CA VAL D 115 44.80 -17.32 8.31
C VAL D 115 45.09 -18.14 7.02
N SER D 116 44.30 -19.18 6.79
CA SER D 116 44.29 -19.94 5.51
C SER D 116 42.96 -19.78 4.86
N GLN D 117 42.96 -19.56 3.55
CA GLN D 117 41.67 -19.43 2.83
C GLN D 117 41.84 -19.89 1.38
N ARG D 118 40.85 -20.61 0.88
CA ARG D 118 40.89 -21.17 -0.48
C ARG D 118 40.44 -20.09 -1.44
N MET D 119 41.18 -19.80 -2.53
CA MET D 119 40.77 -18.76 -3.55
C MET D 119 39.93 -19.35 -4.72
N LYS D 120 39.43 -18.49 -5.60
CA LYS D 120 38.63 -18.96 -6.74
C LYS D 120 39.38 -19.90 -7.68
N ASN D 121 40.68 -19.67 -7.94
CA ASN D 121 41.49 -20.57 -8.78
C ASN D 121 41.81 -21.95 -8.14
N GLY D 122 41.27 -22.21 -6.94
CA GLY D 122 41.51 -23.47 -6.16
C GLY D 122 42.69 -23.45 -5.16
N ALA D 123 43.59 -22.47 -5.25
CA ALA D 123 44.73 -22.36 -4.35
C ALA D 123 44.29 -22.03 -2.89
N THR D 124 44.88 -22.77 -1.95
CA THR D 124 44.69 -22.43 -0.52
C THR D 124 45.83 -21.56 -0.15
N ILE D 125 45.54 -20.31 0.16
CA ILE D 125 46.58 -19.32 0.55
C ILE D 125 46.72 -19.21 2.08
N THR D 126 47.93 -19.24 2.58
CA THR D 126 48.08 -19.05 4.03
C THR D 126 48.91 -17.80 4.25
N ILE D 127 48.42 -16.91 5.10
CA ILE D 127 49.16 -15.71 5.43
C ILE D 127 49.56 -15.74 6.87
N HIS D 128 50.84 -15.55 7.15
CA HIS D 128 51.27 -15.36 8.57
C HIS D 128 51.78 -13.94 8.70
N GLU D 129 51.28 -13.19 9.68
CA GLU D 129 51.65 -11.79 9.83
C GLU D 129 51.91 -11.45 11.31
N GLU D 130 52.94 -10.67 11.60
CA GLU D 130 53.14 -10.19 12.97
C GLU D 130 53.74 -8.81 12.87
N LYS D 131 53.46 -7.98 13.87
CA LYS D 131 53.92 -6.59 13.94
C LYS D 131 54.26 -6.27 15.40
N PHE D 132 55.13 -5.31 15.60
CA PHE D 132 55.42 -4.77 16.97
C PHE D 132 55.92 -3.35 16.75
N ALA D 133 55.58 -2.45 17.68
CA ALA D 133 56.13 -1.11 17.74
C ALA D 133 57.39 -1.17 18.59
N SER D 134 58.53 -0.78 18.05
CA SER D 134 59.77 -1.10 18.76
C SER D 134 59.91 -0.29 20.05
N TYR D 135 60.18 -0.98 21.15
CA TYR D 135 60.57 -0.25 22.36
C TYR D 135 62.01 0.20 22.37
N ARG D 136 62.84 -0.33 21.46
CA ARG D 136 64.23 0.09 21.36
C ARG D 136 64.24 1.31 20.45
N LYS D 137 63.56 1.22 19.31
CA LYS D 137 63.52 2.36 18.38
C LYS D 137 62.09 2.91 18.31
N LYS D 138 61.83 3.89 19.15
CA LYS D 138 60.46 4.22 19.51
C LYS D 138 59.75 4.75 18.25
N HIS D 139 60.50 5.21 17.26
CA HIS D 139 59.88 5.80 16.08
C HIS D 139 59.53 4.81 15.02
N ALA D 140 59.72 3.51 15.31
CA ALA D 140 59.50 2.45 14.27
C ALA D 140 58.46 1.39 14.65
N VAL D 141 57.55 1.09 13.73
CA VAL D 141 56.67 -0.08 13.86
C VAL D 141 57.05 -1.02 12.71
N LEU D 142 57.09 -2.33 13.01
CA LEU D 142 57.64 -3.29 12.09
C LEU D 142 56.62 -4.34 11.76
N MET D 143 56.72 -4.85 10.52
CA MET D 143 55.89 -5.98 10.12
C MET D 143 56.70 -7.06 9.42
N LYS D 144 56.39 -8.33 9.71
CA LYS D 144 56.81 -9.40 8.87
C LYS D 144 55.59 -10.06 8.34
N TYR D 145 55.53 -10.29 7.03
CA TYR D 145 54.30 -10.76 6.42
C TYR D 145 54.65 -11.91 5.46
N THR D 146 54.09 -13.06 5.69
CA THR D 146 54.51 -14.23 4.96
C THR D 146 53.34 -14.80 4.22
N VAL D 147 53.50 -15.07 2.92
CA VAL D 147 52.40 -15.77 2.24
C VAL D 147 52.84 -17.05 1.54
N GLU D 148 51.93 -18.01 1.53
CA GLU D 148 52.26 -19.28 0.95
C GLU D 148 51.03 -19.83 0.23
N SER D 149 51.22 -20.46 -0.89
CA SER D 149 50.11 -21.11 -1.57
C SER D 149 50.38 -22.62 -1.52
N ASP D 150 49.33 -23.43 -1.51
CA ASP D 150 49.51 -24.86 -1.67
C ASP D 150 49.46 -25.22 -3.15
N GLN D 151 49.50 -24.24 -4.04
CA GLN D 151 49.42 -24.53 -5.48
C GLN D 151 50.19 -23.47 -6.23
N ASP D 152 51.00 -23.87 -7.22
CA ASP D 152 51.67 -22.89 -8.09
C ASP D 152 50.66 -21.91 -8.55
N THR D 153 50.99 -20.61 -8.57
CA THR D 153 49.99 -19.59 -8.97
C THR D 153 50.64 -18.22 -9.19
N ASP D 154 50.06 -17.42 -10.12
CA ASP D 154 50.33 -15.99 -10.26
C ASP D 154 49.79 -15.28 -9.01
N ALA D 155 50.48 -14.21 -8.59
CA ALA D 155 50.03 -13.41 -7.44
C ALA D 155 50.58 -12.02 -7.61
N VAL D 156 49.93 -11.04 -6.95
CA VAL D 156 50.49 -9.69 -6.86
C VAL D 156 50.49 -9.28 -5.38
N LEU D 157 51.62 -8.84 -4.89
CA LEU D 157 51.65 -8.32 -3.54
C LEU D 157 51.80 -6.82 -3.73
N ASP D 158 50.80 -6.08 -3.25
CA ASP D 158 50.72 -4.61 -3.41
C ASP D 158 50.95 -4.01 -2.02
N THR D 159 52.00 -3.24 -1.91
CA THR D 159 52.33 -2.68 -0.63
C THR D 159 52.70 -1.22 -0.74
N GLY D 160 52.37 -0.46 0.29
CA GLY D 160 52.91 0.87 0.35
C GLY D 160 52.43 1.70 1.53
N ILE D 161 52.18 2.98 1.23
CA ILE D 161 51.72 3.94 2.16
C ILE D 161 50.32 4.44 1.81
N ASP D 162 49.38 4.23 2.72
CA ASP D 162 47.98 4.68 2.58
C ASP D 162 47.79 6.01 3.25
N TYR D 163 47.45 7.04 2.47
CA TYR D 163 47.18 8.35 3.05
C TYR D 163 45.82 8.51 3.61
N ASP D 164 44.90 7.68 3.19
CA ASP D 164 43.50 7.94 3.51
C ASP D 164 43.07 7.26 4.81
N VAL D 165 43.42 7.85 5.95
CA VAL D 165 43.28 7.10 7.20
C VAL D 165 42.10 7.54 8.00
N TRP D 166 41.57 6.66 8.84
CA TRP D 166 40.58 7.00 9.82
C TRP D 166 41.04 8.12 10.71
N SER D 167 40.23 9.15 10.79
CA SER D 167 40.47 10.23 11.75
C SER D 167 39.12 10.64 12.33
N ILE D 168 39.01 10.64 13.67
CA ILE D 168 37.76 10.97 14.33
C ILE D 168 37.28 12.40 14.09
N ASN D 169 38.07 13.44 14.37
CA ASN D 169 37.46 14.75 14.23
C ASN D 169 38.12 15.59 13.10
N GLY D 170 38.18 14.99 11.92
CA GLY D 170 38.55 15.72 10.71
C GLY D 170 39.94 15.24 10.35
N ASP D 171 40.37 15.58 9.15
CA ASP D 171 41.70 15.23 8.66
C ASP D 171 42.68 16.24 9.25
N HIS D 172 43.76 15.76 9.86
CA HIS D 172 44.71 16.60 10.58
C HIS D 172 45.98 16.92 9.82
N LEU D 173 46.21 16.21 8.72
CA LEU D 173 47.40 16.42 7.90
C LEU D 173 47.01 16.96 6.54
N GLN D 174 47.84 17.76 5.89
CA GLN D 174 47.51 18.36 4.54
C GLN D 174 48.79 18.51 3.74
N GLY D 175 48.67 18.59 2.42
CA GLY D 175 49.86 18.99 1.62
C GLY D 175 50.78 17.78 1.49
N HIS D 176 50.26 16.55 1.59
CA HIS D 176 51.12 15.33 1.49
C HIS D 176 52.08 15.42 0.32
N HIS D 177 53.34 15.11 0.54
CA HIS D 177 54.35 15.32 -0.49
C HIS D 177 55.05 14.02 -0.61
N TYR D 178 54.95 13.37 -1.80
CA TYR D 178 55.58 12.09 -2.01
C TYR D 178 57.08 12.22 -2.11
N PHE D 179 57.83 11.24 -1.60
CA PHE D 179 59.27 11.13 -1.94
C PHE D 179 59.71 9.67 -1.92
N SER D 180 60.87 9.39 -2.52
CA SER D 180 61.35 8.03 -2.58
C SER D 180 62.74 7.98 -2.06
N HIS D 181 63.16 6.79 -1.62
CA HIS D 181 64.53 6.62 -1.10
C HIS D 181 64.89 5.18 -1.41
N PRO D 182 66.11 4.75 -1.09
CA PRO D 182 66.53 3.45 -1.61
C PRO D 182 65.65 2.21 -1.28
N THR D 183 64.98 2.19 -0.13
CA THR D 183 64.26 0.98 0.28
C THR D 183 62.76 1.24 0.36
N GLY D 184 62.25 2.28 -0.29
CA GLY D 184 60.79 2.45 -0.30
C GLY D 184 60.35 3.88 -0.48
N ASP D 185 59.14 4.20 -0.01
CA ASP D 185 58.59 5.56 -0.12
C ASP D 185 58.60 6.31 1.20
N GLY D 186 58.20 7.57 1.08
CA GLY D 186 57.96 8.47 2.14
C GLY D 186 56.86 9.40 1.76
N VAL D 187 56.25 9.96 2.80
CA VAL D 187 55.37 11.08 2.62
C VAL D 187 55.62 12.08 3.76
N THR D 188 55.73 13.38 3.40
CA THR D 188 55.82 14.44 4.40
C THR D 188 54.61 15.34 4.22
N ALA D 189 53.91 15.60 5.34
CA ALA D 189 52.71 16.44 5.38
C ALA D 189 52.84 17.51 6.46
N LYS D 190 51.82 18.37 6.57
CA LYS D 190 51.78 19.40 7.61
C LYS D 190 50.43 19.30 8.30
N THR D 191 50.42 19.62 9.61
CA THR D 191 49.18 19.56 10.34
C THR D 191 48.43 20.84 10.02
N VAL D 192 47.12 20.78 10.15
CA VAL D 192 46.23 21.89 9.86
C VAL D 192 46.32 23.09 10.82
N SER D 193 46.17 22.88 12.14
CA SER D 193 46.19 23.97 13.11
C SER D 193 47.49 24.63 13.23
N TYR D 194 48.48 23.87 13.67
CA TYR D 194 49.77 24.44 14.05
C TYR D 194 50.83 24.30 13.00
N GLU D 195 50.56 23.61 11.89
CA GLU D 195 51.53 23.53 10.83
C GLU D 195 52.83 22.83 11.20
N ASP D 196 52.75 21.80 12.04
CA ASP D 196 53.93 21.04 12.31
C ASP D 196 54.09 20.09 11.18
N THR D 197 55.34 19.71 10.93
CA THR D 197 55.70 18.80 9.84
C THR D 197 55.72 17.42 10.42
N VAL D 198 55.05 16.51 9.70
CA VAL D 198 55.02 15.07 10.02
C VAL D 198 55.54 14.29 8.81
N THR D 199 56.49 13.39 9.06
CA THR D 199 57.01 12.49 8.04
C THR D 199 56.77 11.04 8.38
N VAL D 200 56.29 10.27 7.38
CA VAL D 200 56.24 8.82 7.46
C VAL D 200 57.14 8.26 6.36
N VAL D 201 58.09 7.44 6.79
CA VAL D 201 59.00 6.70 5.90
C VAL D 201 58.64 5.19 5.97
N GLU D 202 58.58 4.55 4.81
CA GLU D 202 58.34 3.14 4.64
C GLU D 202 59.64 2.50 4.15
N THR D 203 60.04 1.38 4.78
CA THR D 203 61.11 0.57 4.22
C THR D 203 60.49 -0.74 3.89
N CYS D 204 61.05 -1.44 2.94
CA CYS D 204 60.31 -2.58 2.37
C CYS D 204 61.36 -3.56 1.87
N SER D 205 61.27 -4.84 2.20
CA SER D 205 62.13 -5.79 1.50
C SER D 205 61.43 -7.15 1.26
N LEU D 206 61.70 -7.81 0.14
CA LEU D 206 60.92 -9.00 -0.23
C LEU D 206 61.93 -10.10 -0.47
N ASP D 207 61.75 -11.32 0.05
CA ASP D 207 62.81 -12.33 -0.13
C ASP D 207 62.67 -13.15 -1.48
N ALA D 208 61.85 -12.69 -2.40
CA ALA D 208 61.59 -13.42 -3.62
C ALA D 208 61.85 -12.53 -4.85
N ASP D 209 62.16 -13.17 -5.96
CA ASP D 209 62.20 -12.50 -7.28
C ASP D 209 60.82 -11.99 -7.69
N ALA D 210 60.74 -10.77 -8.17
CA ALA D 210 59.42 -10.37 -8.56
C ALA D 210 59.58 -9.25 -9.54
N SER D 211 58.57 -9.03 -10.36
CA SER D 211 58.56 -7.89 -11.22
C SER D 211 57.95 -6.66 -10.49
N GLU D 212 58.75 -5.62 -10.33
CA GLU D 212 58.40 -4.54 -9.45
C GLU D 212 57.82 -3.29 -10.19
N GLU D 213 56.68 -2.76 -9.75
CA GLU D 213 56.14 -1.54 -10.39
C GLU D 213 55.57 -0.53 -9.35
N ASP D 214 56.08 0.68 -9.35
CA ASP D 214 55.67 1.76 -8.43
C ASP D 214 54.49 2.58 -9.00
N TYR D 215 53.77 3.25 -8.10
CA TYR D 215 52.66 4.14 -8.36
C TYR D 215 52.62 5.14 -7.22
N GLN D 216 52.30 6.40 -7.57
CA GLN D 216 52.04 7.52 -6.69
C GLN D 216 50.69 8.16 -7.09
N ASN D 217 49.75 8.21 -6.16
CA ASN D 217 48.50 8.87 -6.41
C ASN D 217 48.07 9.78 -5.27
N PRO D 218 46.99 10.54 -5.43
CA PRO D 218 46.60 11.47 -4.32
C PRO D 218 46.31 10.75 -2.96
N ASP D 219 45.84 9.52 -2.97
CA ASP D 219 45.57 8.79 -1.73
C ASP D 219 46.73 7.93 -1.12
N GLY D 220 47.95 7.99 -1.66
CA GLY D 220 48.93 7.01 -1.29
C GLY D 220 49.92 6.63 -2.39
N SER D 221 50.94 5.89 -1.97
CA SER D 221 51.97 5.43 -2.86
C SER D 221 52.25 3.99 -2.52
N GLY D 222 53.02 3.36 -3.40
CA GLY D 222 53.29 1.95 -3.25
C GLY D 222 53.96 1.34 -4.47
N ARG D 223 53.89 0.01 -4.54
CA ARG D 223 54.49 -0.74 -5.61
C ARG D 223 53.83 -2.06 -5.58
N THR D 224 53.73 -2.67 -6.78
CA THR D 224 53.18 -4.04 -6.94
C THR D 224 54.39 -4.94 -7.20
N PHE D 225 54.39 -6.13 -6.58
CA PHE D 225 55.37 -7.15 -6.81
C PHE D 225 54.57 -8.29 -7.43
N SER D 226 54.80 -8.51 -8.73
CA SER D 226 54.16 -9.63 -9.47
C SER D 226 55.06 -10.82 -9.37
N LEU D 227 54.48 -11.90 -8.86
CA LEU D 227 55.21 -13.13 -8.49
C LEU D 227 54.57 -14.32 -9.13
N SER D 228 55.30 -15.42 -9.33
CA SER D 228 54.67 -16.74 -9.33
C SER D 228 55.07 -17.49 -8.10
N LEU D 229 54.12 -17.74 -7.22
CA LEU D 229 54.29 -18.54 -6.01
C LEU D 229 54.56 -20.02 -6.37
N GLU D 230 55.52 -20.68 -5.71
CA GLU D 230 55.62 -22.15 -5.83
C GLU D 230 54.90 -22.78 -4.67
N ALA D 231 54.15 -23.84 -4.97
CA ALA D 231 53.42 -24.63 -3.99
C ALA D 231 54.34 -24.91 -2.80
N GLY D 232 53.89 -24.61 -1.58
CA GLY D 232 54.65 -24.87 -0.36
C GLY D 232 55.90 -24.02 -0.12
N LYS D 233 56.11 -23.00 -0.93
CA LYS D 233 57.31 -22.17 -0.76
C LYS D 233 56.90 -20.75 -0.32
N PRO D 234 57.15 -20.40 0.96
CA PRO D 234 56.65 -19.13 1.54
C PRO D 234 57.40 -17.91 1.00
N VAL D 235 56.73 -16.78 0.85
CA VAL D 235 57.37 -15.53 0.41
C VAL D 235 57.18 -14.51 1.53
N THR D 236 58.25 -13.83 1.93
CA THR D 236 58.20 -12.93 3.10
C THR D 236 58.53 -11.51 2.72
N LEU D 237 57.62 -10.65 3.12
CA LEU D 237 57.76 -9.20 3.01
C LEU D 237 58.02 -8.69 4.44
N GLU D 238 59.06 -7.88 4.59
CA GLU D 238 59.38 -7.20 5.86
C GLU D 238 59.28 -5.73 5.66
N LYS D 239 58.70 -5.02 6.63
CA LYS D 239 58.58 -3.57 6.45
C LYS D 239 58.81 -2.92 7.81
N ALA D 240 59.23 -1.67 7.73
CA ALA D 240 59.25 -0.73 8.85
C ALA D 240 58.51 0.53 8.41
N MET D 241 57.72 1.05 9.34
CA MET D 241 57.09 2.36 9.25
C MET D 241 57.69 3.21 10.40
N ILE D 242 58.24 4.35 10.02
CA ILE D 242 58.99 5.25 10.87
C ILE D 242 58.29 6.61 10.81
N ILE D 243 58.00 7.19 11.99
CA ILE D 243 57.39 8.49 12.05
C ILE D 243 58.15 9.48 12.95
N TYR D 244 58.30 10.73 12.47
CA TYR D 244 58.86 11.89 13.22
C TYR D 244 58.04 13.09 12.87
N SER D 245 57.83 13.95 13.86
CA SER D 245 57.19 15.25 13.65
C SER D 245 58.23 16.29 14.02
N SER D 246 58.00 17.54 13.59
CA SER D 246 58.85 18.71 13.99
C SER D 246 58.62 19.06 15.47
N ASN D 247 57.70 18.38 16.16
CA ASN D 247 57.72 18.45 17.61
C ASN D 247 58.74 17.54 18.25
N ASP D 248 59.23 16.57 17.48
CA ASP D 248 60.26 15.64 18.00
C ASP D 248 61.66 16.13 17.69
N VAL D 249 61.89 16.62 16.46
CA VAL D 249 63.25 16.97 15.97
C VAL D 249 63.16 18.14 15.01
N ASP D 250 64.27 18.80 14.71
CA ASP D 250 64.17 19.92 13.69
C ASP D 250 63.93 19.45 12.26
N ASN D 251 64.39 18.27 11.88
CA ASN D 251 64.20 17.85 10.50
C ASN D 251 63.65 16.44 10.46
N PRO D 252 62.29 16.33 10.57
CA PRO D 252 61.61 15.07 10.71
C PRO D 252 61.81 14.21 9.47
N GLN D 253 61.82 14.83 8.29
CA GLN D 253 62.09 14.05 7.07
C GLN D 253 63.47 13.43 7.06
N ASP D 254 64.45 14.24 7.35
CA ASP D 254 65.83 13.78 7.35
C ASP D 254 66.03 12.73 8.47
N GLU D 255 65.46 13.00 9.65
CA GLU D 255 65.57 12.05 10.79
C GLU D 255 64.90 10.70 10.50
N ALA D 256 63.69 10.75 9.90
CA ALA D 256 63.02 9.52 9.48
C ALA D 256 63.89 8.68 8.54
N LEU D 257 64.56 9.38 7.61
CA LEU D 257 65.47 8.69 6.66
C LEU D 257 66.68 8.16 7.36
N LEU D 258 67.17 8.89 8.34
CA LEU D 258 68.32 8.42 9.12
C LEU D 258 67.91 7.14 9.80
N GLU D 259 66.68 7.13 10.32
CA GLU D 259 66.23 5.98 11.05
C GLU D 259 66.09 4.84 10.02
N ALA D 260 65.56 5.15 8.84
CA ALA D 260 65.35 4.08 7.80
C ALA D 260 66.70 3.49 7.51
N LYS D 261 67.71 4.34 7.39
CA LYS D 261 68.98 3.75 7.03
C LYS D 261 69.55 2.66 7.98
N HIS D 262 69.30 2.78 9.28
CA HIS D 262 69.92 1.89 10.23
C HIS D 262 69.05 0.77 10.66
N MET D 263 67.90 0.61 10.02
CA MET D 263 66.98 -0.45 10.40
C MET D 263 67.58 -1.81 10.10
N GLN D 264 67.53 -2.72 11.05
CA GLN D 264 68.06 -4.04 10.80
C GLN D 264 66.91 -4.94 10.30
N SER D 265 67.14 -6.23 10.20
CA SER D 265 66.14 -7.10 9.62
C SER D 265 65.02 -7.16 10.66
N TYR D 266 63.83 -7.60 10.25
CA TYR D 266 62.75 -7.70 11.18
C TYR D 266 63.15 -8.54 12.46
N GLU D 267 63.86 -9.67 12.28
CA GLU D 267 64.18 -10.55 13.41
C GLU D 267 65.17 -9.92 14.39
N GLU D 268 66.05 -9.07 13.87
CA GLU D 268 67.04 -8.49 14.71
C GLU D 268 66.42 -7.37 15.56
N GLU D 269 65.56 -6.55 14.96
CA GLU D 269 64.81 -5.55 15.69
C GLU D 269 63.86 -6.11 16.78
N LYS D 270 63.24 -7.21 16.44
CA LYS D 270 62.34 -7.96 17.29
C LYS D 270 63.11 -8.50 18.50
N ALA D 271 64.31 -9.01 18.28
CA ALA D 271 65.20 -9.42 19.40
C ALA D 271 65.56 -8.20 20.29
N ALA D 272 65.95 -7.06 19.71
CA ALA D 272 66.23 -5.88 20.53
C ALA D 272 64.98 -5.45 21.39
N ASN D 273 63.77 -5.55 20.78
CA ASN D 273 62.52 -5.16 21.40
C ASN D 273 62.17 -6.14 22.53
N ARG D 274 62.32 -7.44 22.26
CA ARG D 274 62.25 -8.46 23.33
C ARG D 274 63.07 -8.08 24.55
N LEU D 275 64.31 -7.64 24.34
CA LEU D 275 65.19 -7.26 25.46
C LEU D 275 64.64 -6.10 26.28
N GLU D 276 64.08 -5.11 25.62
CA GLU D 276 63.41 -4.03 26.31
C GLU D 276 62.23 -4.54 27.15
N TRP D 277 61.47 -5.47 26.57
CA TRP D 277 60.31 -6.01 27.21
C TRP D 277 60.61 -6.94 28.41
N ASP D 278 61.72 -7.69 28.35
CA ASP D 278 62.28 -8.43 29.55
C ASP D 278 62.44 -7.46 30.71
N ASN D 279 63.04 -6.32 30.43
CA ASN D 279 63.28 -5.30 31.42
C ASN D 279 62.00 -4.62 31.97
N LEU D 280 61.08 -4.29 31.06
CA LEU D 280 59.79 -3.83 31.46
C LEU D 280 59.06 -4.79 32.39
N TRP D 281 58.89 -6.04 31.99
CA TRP D 281 58.17 -6.99 32.83
C TRP D 281 58.86 -7.34 34.16
N SER D 282 60.17 -7.25 34.19
CA SER D 282 60.86 -7.50 35.41
C SER D 282 60.69 -6.28 36.35
N HIS D 283 60.28 -5.12 35.85
CA HIS D 283 59.77 -4.07 36.78
C HIS D 283 58.31 -4.24 37.18
N TYR D 284 57.45 -4.64 36.26
CA TYR D 284 56.01 -4.50 36.52
C TYR D 284 55.26 -5.83 36.74
N ASP D 285 55.79 -6.95 36.30
CA ASP D 285 54.95 -8.17 36.39
C ASP D 285 54.49 -8.39 37.86
N VAL D 286 53.28 -8.94 38.01
CA VAL D 286 52.69 -9.32 39.27
C VAL D 286 52.09 -10.69 39.03
N THR D 287 52.49 -11.70 39.82
CA THR D 287 52.04 -13.06 39.51
C THR D 287 50.84 -13.41 40.37
N ILE D 288 49.92 -14.17 39.79
CA ILE D 288 48.78 -14.70 40.49
C ILE D 288 48.93 -16.22 40.42
N GLN D 289 49.04 -16.85 41.58
CA GLN D 289 49.29 -18.29 41.63
C GLN D 289 47.99 -19.07 41.39
N ASN D 290 48.00 -20.00 40.43
CA ASN D 290 46.87 -20.89 40.11
C ASN D 290 45.55 -20.25 39.67
N ASN D 291 45.65 -19.25 38.82
CA ASN D 291 44.46 -18.70 38.15
C ASN D 291 44.99 -17.94 36.95
N ILE D 292 45.15 -18.68 35.87
CA ILE D 292 45.82 -18.20 34.69
C ILE D 292 44.94 -17.17 33.88
N ILE D 293 43.61 -17.27 33.98
CA ILE D 293 42.75 -16.23 33.48
C ILE D 293 43.03 -14.87 34.14
N ASP D 294 42.97 -14.83 35.49
CA ASP D 294 43.28 -13.60 36.21
C ASP D 294 44.68 -13.13 35.91
N GLN D 295 45.57 -14.09 35.77
CA GLN D 295 46.93 -13.75 35.56
C GLN D 295 47.12 -13.16 34.13
N VAL D 296 46.49 -13.71 33.11
CA VAL D 296 46.66 -13.16 31.81
C VAL D 296 45.95 -11.79 31.73
N ALA D 297 44.80 -11.68 32.39
CA ALA D 297 44.00 -10.45 32.27
C ALA D 297 44.77 -9.31 32.89
N LEU D 298 45.36 -9.64 34.02
CA LEU D 298 46.19 -8.65 34.76
C LEU D 298 47.35 -8.15 33.89
N ARG D 299 48.04 -9.09 33.24
CA ARG D 299 49.16 -8.70 32.40
C ARG D 299 48.63 -7.92 31.18
N PHE D 300 47.45 -8.26 30.69
CA PHE D 300 46.83 -7.56 29.55
C PHE D 300 46.64 -6.08 29.89
N ASN D 301 46.16 -5.84 31.10
CA ASN D 301 46.01 -4.47 31.57
C ASN D 301 47.29 -3.72 31.76
N ILE D 302 48.28 -4.35 32.42
CA ILE D 302 49.56 -3.66 32.67
C ILE D 302 50.21 -3.40 31.27
N TYR D 303 50.15 -4.37 30.37
CA TYR D 303 50.75 -4.17 29.02
C TYR D 303 50.16 -2.90 28.35
N HIS D 304 48.84 -2.76 28.45
CA HIS D 304 48.20 -1.57 27.91
C HIS D 304 48.61 -0.27 28.57
N ALA D 305 48.82 -0.30 29.88
CA ALA D 305 49.20 0.91 30.61
C ALA D 305 50.58 1.27 30.13
N ILE D 306 51.42 0.25 30.03
CA ILE D 306 52.79 0.53 29.64
C ILE D 306 52.82 1.12 28.21
N ILE D 307 52.08 0.53 27.25
CA ILE D 307 52.18 1.09 25.84
C ILE D 307 51.56 2.47 25.68
N ALA D 308 50.68 2.82 26.62
CA ALA D 308 50.06 4.15 26.66
C ALA D 308 51.00 5.22 27.23
N THR D 309 52.13 4.80 27.80
CA THR D 309 52.96 5.75 28.62
C THR D 309 54.18 6.30 27.89
N PRO D 310 54.21 7.60 27.54
CA PRO D 310 55.38 8.14 26.85
C PRO D 310 56.54 8.18 27.79
N VAL D 311 57.71 7.68 27.37
CA VAL D 311 58.89 7.83 28.21
C VAL D 311 60.00 8.47 27.37
N HIS D 312 59.75 8.79 26.10
CA HIS D 312 60.82 9.40 25.25
C HIS D 312 60.81 10.90 25.42
N LYS D 313 59.76 11.44 26.04
CA LYS D 313 59.60 12.92 26.14
C LYS D 313 58.64 13.27 27.24
N SER D 314 58.69 14.50 27.73
CA SER D 314 57.72 14.98 28.75
C SER D 314 56.26 15.14 28.18
N LEU D 315 55.45 14.09 28.25
CA LEU D 315 54.16 14.08 27.60
C LEU D 315 53.16 13.28 28.45
N PRO D 316 51.83 13.51 28.26
CA PRO D 316 50.81 12.88 29.10
C PRO D 316 50.55 11.43 28.75
N ILE D 317 50.10 10.62 29.72
CA ILE D 317 49.49 9.32 29.45
C ILE D 317 48.04 9.59 29.05
N GLY D 318 47.62 9.21 27.83
CA GLY D 318 46.19 9.48 27.47
C GLY D 318 45.15 8.66 28.27
N ALA D 319 43.94 9.21 28.46
CA ALA D 319 42.89 8.46 29.17
C ALA D 319 42.33 7.34 28.30
N ARG D 320 42.74 7.32 27.02
CA ARG D 320 42.53 6.12 26.18
C ARG D 320 43.85 5.84 25.51
N GLY D 321 44.96 6.33 26.08
CA GLY D 321 46.25 5.95 25.57
C GLY D 321 46.33 6.43 24.12
N LEU D 322 46.98 5.60 23.33
CA LEU D 322 47.12 5.85 21.94
C LEU D 322 46.35 4.81 21.15
N SER D 323 45.30 4.23 21.73
CA SER D 323 44.50 3.18 21.03
C SER D 323 43.63 3.69 19.85
N CYS D 324 43.36 4.99 19.84
CA CYS D 324 42.51 5.71 18.90
C CYS D 324 42.54 7.14 19.37
N GLN D 325 41.78 8.05 18.75
CA GLN D 325 41.97 9.44 19.11
C GLN D 325 41.08 9.86 20.28
N ALA D 326 40.28 8.95 20.79
CA ALA D 326 39.33 9.32 21.84
C ALA D 326 40.10 9.78 23.11
N TYR D 327 39.57 10.79 23.81
CA TYR D 327 40.14 11.41 25.02
C TYR D 327 41.40 12.19 24.75
N GLN D 328 41.66 12.41 23.45
CA GLN D 328 42.63 13.44 22.92
C GLN D 328 44.11 13.16 23.17
N GLY D 329 44.38 11.93 23.52
CA GLY D 329 45.74 11.55 23.87
C GLY D 329 46.23 12.34 25.05
N ALA D 330 45.35 12.77 25.98
CA ALA D 330 45.68 13.83 26.91
C ALA D 330 45.61 13.30 28.37
N ALA D 331 46.33 13.95 29.31
CA ALA D 331 46.26 13.56 30.74
C ALA D 331 44.95 14.04 31.29
N PHE D 332 44.23 13.16 31.98
CA PHE D 332 43.19 13.58 32.93
C PHE D 332 43.77 13.36 34.39
N TRP D 333 42.94 13.54 35.41
CA TRP D 333 43.26 13.14 36.79
C TRP D 333 43.58 11.68 36.93
N ASP D 334 43.05 10.87 35.98
CA ASP D 334 43.45 9.45 35.74
C ASP D 334 44.95 9.24 35.86
N GLN D 335 45.72 10.10 35.22
CA GLN D 335 47.13 9.91 35.10
C GLN D 335 47.76 9.80 36.49
N GLU D 336 47.52 10.78 37.37
CA GLU D 336 48.11 10.71 38.71
C GLU D 336 47.44 9.70 39.61
N ILE D 337 46.11 9.58 39.55
CA ILE D 337 45.40 8.76 40.55
C ILE D 337 45.28 7.30 40.13
N TYR D 338 45.28 7.06 38.84
CA TYR D 338 45.06 5.69 38.35
C TYR D 338 46.31 5.10 37.73
N ASN D 339 47.09 5.88 36.96
CA ASN D 339 48.26 5.27 36.28
C ASN D 339 49.61 5.40 37.07
N MET D 340 49.79 6.47 37.81
CA MET D 340 51.02 6.75 38.49
C MET D 340 51.36 5.71 39.61
N PRO D 341 50.39 5.23 40.38
CA PRO D 341 50.81 4.26 41.48
C PRO D 341 51.73 3.12 41.07
N MET D 342 51.39 2.42 39.97
CA MET D 342 52.25 1.34 39.48
C MET D 342 53.72 1.77 39.29
N TYR D 343 53.90 2.92 38.65
CA TYR D 343 55.19 3.51 38.48
C TYR D 343 55.77 3.97 39.83
N LEU D 344 54.92 4.52 40.69
CA LEU D 344 55.44 5.06 41.96
C LEU D 344 56.25 3.95 42.64
N TYR D 345 55.66 2.76 42.65
CA TYR D 345 56.20 1.68 43.40
C TYR D 345 57.10 0.72 42.61
N SER D 346 57.07 0.75 41.25
CA SER D 346 57.86 -0.22 40.50
C SER D 346 59.05 0.45 39.78
N ASN D 347 58.94 1.75 39.52
CA ASN D 347 59.94 2.47 38.70
C ASN D 347 59.81 3.98 38.97
N PRO D 348 60.19 4.43 40.21
CA PRO D 348 59.80 5.78 40.69
C PRO D 348 60.14 6.95 39.75
N GLU D 349 61.18 6.79 38.98
CA GLU D 349 61.64 7.83 38.10
C GLU D 349 60.59 8.16 37.06
N ILE D 350 59.81 7.15 36.63
CA ILE D 350 58.60 7.42 35.79
C ILE D 350 57.53 8.30 36.53
N ALA D 351 57.25 7.95 37.79
CA ALA D 351 56.29 8.75 38.59
C ALA D 351 56.84 10.18 38.73
N ARG D 352 58.16 10.34 38.84
CA ARG D 352 58.72 11.69 38.97
C ARG D 352 58.57 12.52 37.65
N ASN D 353 58.71 11.81 36.53
CA ASN D 353 58.56 12.40 35.22
C ASN D 353 57.09 12.80 34.95
N ILE D 354 56.14 11.98 35.38
CA ILE D 354 54.71 12.35 35.32
C ILE D 354 54.56 13.72 36.04
N LEU D 355 55.10 13.85 37.25
CA LEU D 355 54.98 15.11 38.00
C LEU D 355 55.78 16.28 37.36
N LYS D 356 56.89 15.96 36.70
CA LYS D 356 57.64 17.01 36.00
C LYS D 356 56.84 17.51 34.81
N TYR D 357 56.05 16.63 34.22
CA TYR D 357 55.22 16.99 33.10
C TYR D 357 54.17 17.98 33.64
N ARG D 358 53.59 17.66 34.81
CA ARG D 358 52.67 18.61 35.46
C ARG D 358 53.35 19.96 35.79
N HIS D 359 54.63 19.88 36.16
CA HIS D 359 55.39 21.10 36.44
C HIS D 359 55.65 21.87 35.20
N ARG D 360 56.06 21.16 34.15
CA ARG D 360 56.44 21.81 32.88
C ARG D 360 55.17 22.56 32.32
N THR D 361 53.99 22.02 32.59
CA THR D 361 52.70 22.57 32.11
C THR D 361 52.06 23.47 33.18
N LEU D 362 52.77 23.73 34.31
CA LEU D 362 52.22 24.72 35.27
C LEU D 362 51.71 26.03 34.65
N ASP D 363 52.40 26.59 33.66
CA ASP D 363 51.90 27.84 33.02
C ASP D 363 50.55 27.75 32.37
N GLY D 364 50.27 26.56 31.81
CA GLY D 364 48.94 26.23 31.29
C GLY D 364 47.88 26.27 32.38
N ALA D 365 48.19 25.68 33.53
CA ALA D 365 47.32 25.71 34.70
C ALA D 365 47.12 27.16 35.23
N ARG D 366 48.18 27.93 35.18
CA ARG D 366 48.13 29.36 35.54
C ARG D 366 47.24 30.20 34.59
N ARG D 367 47.34 29.98 33.28
CA ARG D 367 46.48 30.65 32.28
C ARG D 367 45.06 30.18 32.45
N LYS D 368 44.86 28.90 32.82
CA LYS D 368 43.49 28.48 32.95
C LYS D 368 42.86 29.22 34.15
N ALA D 369 43.61 29.28 35.28
CA ALA D 369 43.05 29.90 36.48
C ALA D 369 42.69 31.36 36.14
N LYS D 370 43.65 32.04 35.56
CA LYS D 370 43.54 33.47 35.20
C LYS D 370 42.36 33.70 34.25
N ARG D 371 42.19 32.88 33.22
CA ARG D 371 41.02 33.03 32.34
C ARG D 371 39.68 32.84 33.12
N LEU D 372 39.67 32.06 34.18
CA LEU D 372 38.42 31.85 34.89
C LEU D 372 38.28 32.81 36.08
N GLY D 373 39.15 33.80 36.21
CA GLY D 373 39.06 34.75 37.35
C GLY D 373 39.76 34.25 38.62
N TYR D 374 40.54 33.19 38.53
CA TYR D 374 41.16 32.61 39.77
C TYR D 374 42.60 33.00 39.78
N GLU D 375 43.36 32.53 40.78
CA GLU D 375 44.80 32.79 40.88
C GLU D 375 45.42 31.45 40.98
N GLY D 376 46.73 31.35 40.83
CA GLY D 376 47.41 30.07 41.10
C GLY D 376 47.27 29.06 39.95
N ALA D 377 47.26 27.78 40.29
CA ALA D 377 47.16 26.72 39.29
C ALA D 377 45.85 25.93 39.30
N TYR D 378 44.98 26.23 38.33
CA TYR D 378 43.80 25.35 38.08
C TYR D 378 44.18 24.44 36.89
N TYR D 379 44.60 23.21 37.16
CA TYR D 379 45.00 22.32 36.07
C TYR D 379 43.91 22.03 35.00
N ALA D 380 44.30 21.86 33.75
CA ALA D 380 43.29 21.45 32.70
C ALA D 380 42.63 20.18 33.13
N TRP D 381 41.32 20.06 32.89
CA TRP D 381 40.66 18.77 32.94
C TRP D 381 41.27 17.81 31.91
N ILE D 382 41.57 18.32 30.72
CA ILE D 382 42.15 17.51 29.63
C ILE D 382 43.44 18.18 29.14
N SER D 383 44.58 17.60 29.46
CA SER D 383 45.84 18.33 29.32
C SER D 383 46.73 17.74 28.24
N GLY D 384 47.21 18.63 27.35
CA GLY D 384 47.98 18.24 26.13
C GLY D 384 49.47 18.62 26.19
N LYS D 385 49.95 19.34 25.18
CA LYS D 385 51.31 19.78 25.12
C LYS D 385 51.70 20.81 26.23
N THR D 386 50.85 21.80 26.47
CA THR D 386 51.22 23.04 27.19
C THR D 386 50.52 23.11 28.58
N GLY D 387 49.47 22.32 28.77
CA GLY D 387 48.68 22.42 30.01
C GLY D 387 47.51 23.37 29.80
N ASP D 388 47.45 24.12 28.71
CA ASP D 388 46.17 24.79 28.44
C ASP D 388 45.04 23.82 28.28
N GLU D 389 43.82 24.24 28.65
CA GLU D 389 42.64 23.41 28.63
C GLU D 389 42.22 22.91 27.23
N LEU D 390 42.14 21.59 27.05
CA LEU D 390 41.67 21.05 25.77
C LEU D 390 40.24 20.56 25.89
N CYS D 391 39.65 20.54 27.10
CA CYS D 391 38.21 20.05 27.17
C CYS D 391 37.28 21.14 26.65
N PRO D 392 36.40 20.83 25.69
CA PRO D 392 35.46 21.90 25.20
C PRO D 392 34.41 22.20 26.29
N ASP D 393 33.83 23.39 26.26
CA ASP D 393 32.60 23.65 26.99
C ASP D 393 31.49 22.74 26.56
N PHE D 394 31.42 22.39 25.25
CA PHE D 394 30.34 21.51 24.81
C PHE D 394 30.87 20.14 24.49
N PHE D 395 30.73 19.21 25.42
CA PHE D 395 31.47 17.96 25.29
C PHE D 395 30.51 16.98 24.66
N PHE D 396 29.21 17.10 25.04
CA PHE D 396 28.17 16.14 24.72
C PHE D 396 27.02 16.86 23.99
N LYS D 397 26.10 16.10 23.39
CA LYS D 397 24.82 16.55 22.82
C LYS D 397 23.66 16.00 23.61
N ASP D 398 22.53 16.68 23.53
CA ASP D 398 21.25 16.12 23.92
C ASP D 398 20.77 15.34 22.69
N VAL D 399 20.75 14.01 22.74
CA VAL D 399 20.47 13.18 21.57
C VAL D 399 18.97 13.18 21.27
N LEU D 400 18.17 13.68 22.19
CA LEU D 400 16.75 13.72 22.00
C LEU D 400 16.49 14.90 21.09
N SER D 401 17.34 15.94 21.14
CA SER D 401 17.16 17.10 20.24
C SER D 401 18.23 17.34 19.17
N GLY D 402 19.43 16.81 19.34
CA GLY D 402 20.52 17.20 18.47
C GLY D 402 21.30 18.40 19.00
N ARG D 403 20.79 19.13 19.98
CA ARG D 403 21.58 20.31 20.48
C ARG D 403 22.77 19.98 21.38
N ASP D 404 23.81 20.80 21.31
CA ASP D 404 24.83 20.79 22.35
C ASP D 404 24.19 20.87 23.75
N ILE D 405 24.79 20.18 24.72
CA ILE D 405 24.59 20.55 26.12
C ILE D 405 25.89 21.09 26.72
N ARG D 406 25.77 21.92 27.75
CA ARG D 406 26.98 22.45 28.37
C ARG D 406 27.31 21.59 29.62
N ASN D 407 28.53 21.05 29.72
CA ASN D 407 28.91 20.34 30.99
C ASN D 407 30.14 21.06 31.47
N HIS D 408 30.25 21.12 32.77
CA HIS D 408 31.32 21.93 33.38
C HIS D 408 32.59 21.12 33.77
N PHE D 409 32.82 20.02 33.06
CA PHE D 409 34.05 19.24 33.31
C PHE D 409 35.23 20.16 33.38
N ASN D 410 35.23 21.16 32.48
CA ASN D 410 36.44 21.95 32.30
C ASN D 410 36.57 23.14 33.23
N ASP D 411 35.52 23.51 33.95
CA ASP D 411 35.63 24.67 34.82
C ASP D 411 35.01 24.60 36.22
N TRP D 412 34.25 23.57 36.55
CA TRP D 412 33.81 23.37 37.90
C TRP D 412 34.46 22.09 38.52
N GLN D 413 35.05 21.20 37.72
CA GLN D 413 35.66 19.97 38.33
C GLN D 413 37.08 20.35 38.81
N ILE D 414 37.11 21.06 39.95
CA ILE D 414 38.34 21.68 40.43
C ILE D 414 39.25 20.64 41.10
N HIS D 415 38.74 19.41 41.42
CA HIS D 415 39.61 18.44 42.18
C HIS D 415 40.87 17.98 41.48
N ILE D 416 40.89 18.08 40.14
CA ILE D 416 42.13 17.85 39.36
C ILE D 416 43.39 18.49 40.01
N SER D 417 43.26 19.75 40.39
CA SER D 417 44.35 20.53 40.96
C SER D 417 44.86 19.98 42.35
N PRO D 418 44.00 19.85 43.37
CA PRO D 418 44.51 19.13 44.59
C PRO D 418 44.92 17.66 44.42
N ASP D 419 44.31 16.98 43.43
CA ASP D 419 44.71 15.64 43.03
C ASP D 419 46.23 15.54 42.71
N ILE D 420 46.71 16.52 41.97
CA ILE D 420 48.05 16.56 41.55
C ILE D 420 48.96 16.91 42.75
N ALA D 421 48.49 17.80 43.64
CA ALA D 421 49.24 18.19 44.83
C ALA D 421 49.37 16.94 45.72
N TYR D 422 48.25 16.21 45.87
CA TYR D 422 48.25 14.95 46.53
C TYR D 422 49.30 14.04 45.95
N ALA D 423 49.31 13.86 44.61
CA ALA D 423 50.28 13.02 43.98
C ALA D 423 51.69 13.44 44.33
N VAL D 424 51.97 14.72 44.20
CA VAL D 424 53.27 15.27 44.55
C VAL D 424 53.70 14.81 45.94
N LYS D 425 52.81 15.01 46.93
CA LYS D 425 53.11 14.66 48.32
C LYS D 425 53.22 13.13 48.50
N LYS D 426 52.37 12.35 47.87
CA LYS D 426 52.55 10.91 48.02
C LYS D 426 53.87 10.45 47.38
N TYR D 427 54.29 11.08 46.28
CA TYR D 427 55.52 10.76 45.65
C TYR D 427 56.69 11.02 46.64
N HIS D 428 56.65 12.16 47.31
CA HIS D 428 57.63 12.51 48.32
C HIS D 428 57.66 11.51 49.45
N GLN D 429 56.51 11.22 50.05
CA GLN D 429 56.45 10.27 51.18
C GLN D 429 57.00 8.92 50.72
N VAL D 430 56.60 8.43 49.54
CA VAL D 430 57.03 7.09 49.14
C VAL D 430 58.55 7.00 48.84
N THR D 431 59.13 8.03 48.25
CA THR D 431 60.47 7.90 47.74
C THR D 431 61.55 8.63 48.57
N GLY D 432 61.14 9.55 49.45
CA GLY D 432 62.07 10.45 50.15
C GLY D 432 62.85 11.36 49.22
N ASP D 433 62.36 11.60 48.01
CA ASP D 433 63.09 12.45 47.08
C ASP D 433 62.88 13.94 47.35
N ASP D 434 63.60 14.43 48.34
CA ASP D 434 63.56 15.83 48.75
C ASP D 434 63.90 16.79 47.65
N ALA D 435 64.85 16.42 46.81
CA ALA D 435 65.30 17.34 45.83
C ALA D 435 64.16 17.70 44.85
N PHE D 436 63.33 16.72 44.53
CA PHE D 436 62.24 16.97 43.58
C PHE D 436 61.30 18.05 44.16
N ILE D 437 61.04 17.91 45.46
CA ILE D 437 60.22 18.86 46.18
C ILE D 437 60.79 20.24 46.15
N ARG D 438 62.10 20.34 46.35
CA ARG D 438 62.77 21.63 46.36
C ARG D 438 62.71 22.26 44.98
N ASP D 439 62.94 21.43 43.94
CA ASP D 439 63.07 21.94 42.58
C ASP D 439 61.74 22.17 41.90
N TYR D 440 60.75 21.33 42.20
CA TYR D 440 59.50 21.34 41.44
C TYR D 440 58.25 21.29 42.31
N GLY D 441 58.22 20.34 43.23
CA GLY D 441 57.03 19.97 43.98
C GLY D 441 56.49 21.08 44.88
N ALA D 442 57.37 21.77 45.59
CA ALA D 442 56.92 22.83 46.53
C ALA D 442 56.23 23.92 45.68
N GLU D 443 56.84 24.31 44.55
CA GLU D 443 56.23 25.31 43.70
C GLU D 443 54.80 24.90 43.26
N MET D 444 54.66 23.64 42.80
CA MET D 444 53.34 23.06 42.38
C MET D 444 52.34 23.08 43.53
N ILE D 445 52.75 22.57 44.68
CA ILE D 445 51.88 22.57 45.88
C ILE D 445 51.40 23.98 46.23
N PHE D 446 52.32 24.94 46.31
CA PHE D 446 51.92 26.30 46.63
C PHE D 446 50.91 26.95 45.60
N GLU D 447 51.21 26.82 44.31
CA GLU D 447 50.34 27.30 43.24
C GLU D 447 48.94 26.64 43.27
N ILE D 448 48.88 25.40 43.72
CA ILE D 448 47.63 24.68 43.87
C ILE D 448 46.92 25.19 45.14
N ALA D 449 47.66 25.31 46.25
CA ALA D 449 47.08 25.93 47.49
C ALA D 449 46.50 27.33 47.17
N ARG D 450 47.24 28.15 46.44
CA ARG D 450 46.77 29.48 46.06
C ARG D 450 45.45 29.39 45.21
N PHE D 451 45.41 28.48 44.19
CA PHE D 451 44.18 28.32 43.38
C PHE D 451 43.03 28.02 44.32
N LEU D 452 43.18 27.03 45.20
CA LEU D 452 42.14 26.68 46.13
C LEU D 452 41.66 27.85 47.04
N ALA D 453 42.62 28.64 47.54
CA ALA D 453 42.28 29.85 48.30
C ALA D 453 41.49 30.89 47.46
N SER D 454 41.77 30.96 46.18
CA SER D 454 41.04 31.94 45.35
C SER D 454 39.69 31.33 44.99
N HIS D 455 39.54 30.02 45.13
CA HIS D 455 38.27 29.42 44.73
C HIS D 455 37.27 29.45 45.89
N ALA D 456 37.75 29.02 47.05
CA ALA D 456 36.96 29.00 48.28
C ALA D 456 36.12 30.27 48.48
N VAL D 457 34.96 30.13 49.12
CA VAL D 457 34.28 31.31 49.57
C VAL D 457 34.31 31.36 51.10
N TYR D 458 34.36 32.58 51.68
CA TYR D 458 34.18 32.71 53.10
C TYR D 458 32.75 33.20 53.42
N LYS D 459 32.05 32.45 54.26
CA LYS D 459 30.64 32.77 54.62
C LYS D 459 30.59 33.41 56.04
N PRO D 460 30.47 34.73 56.13
CA PRO D 460 30.76 35.38 57.42
C PRO D 460 29.82 34.99 58.50
N MET D 461 28.54 34.81 58.15
CA MET D 461 27.59 34.38 59.15
C MET D 461 27.70 32.91 59.57
N ARG D 462 28.48 32.10 58.86
CA ARG D 462 28.59 30.73 59.32
C ARG D 462 29.93 30.53 59.99
N GLY D 463 30.78 31.56 59.92
CA GLY D 463 32.15 31.48 60.42
C GLY D 463 33.10 30.49 59.75
N ARG D 464 32.94 30.25 58.43
CA ARG D 464 33.62 29.12 57.78
C ARG D 464 33.86 29.34 56.25
N TYR D 465 34.89 28.66 55.74
CA TYR D 465 35.14 28.59 54.28
C TYR D 465 34.40 27.43 53.73
N GLU D 466 33.96 27.59 52.46
CA GLU D 466 33.29 26.52 51.69
C GLU D 466 33.77 26.40 50.24
N PHE D 467 33.51 25.25 49.60
CA PHE D 467 33.85 25.12 48.15
C PHE D 467 32.54 24.86 47.41
N MET D 468 32.06 25.89 46.75
CA MET D 468 30.73 25.88 46.12
C MET D 468 30.86 25.58 44.65
N ARG D 469 29.78 25.05 44.11
CA ARG D 469 29.53 24.98 42.67
C ARG D 469 30.73 24.26 42.02
N VAL D 470 30.90 23.01 42.42
CA VAL D 470 31.95 22.17 41.82
C VAL D 470 31.28 20.94 41.19
N GLN D 471 32.12 20.05 40.68
CA GLN D 471 31.69 18.76 40.25
C GLN D 471 32.72 17.82 40.85
N GLY D 472 32.26 16.75 41.51
CA GLY D 472 33.26 15.82 42.14
C GLY D 472 33.56 14.64 41.22
N PRO D 473 34.18 13.60 41.74
CA PRO D 473 34.39 12.44 40.86
C PRO D 473 33.13 11.78 40.24
N ASP D 474 31.99 11.76 40.96
CA ASP D 474 30.68 11.35 40.36
C ASP D 474 30.29 12.44 39.31
N GLN D 475 30.55 12.15 38.04
CA GLN D 475 30.56 13.20 37.00
C GLN D 475 29.12 13.67 36.79
N TYR D 476 28.17 12.84 37.20
CA TYR D 476 26.80 13.14 36.88
C TYR D 476 26.20 14.32 37.63
N HIS D 477 26.72 14.62 38.84
CA HIS D 477 26.15 15.72 39.57
C HIS D 477 27.02 16.89 39.44
N GLU D 478 26.52 17.98 38.85
CA GLU D 478 27.30 19.19 38.64
C GLU D 478 26.70 20.30 39.49
N ASN D 479 27.45 21.38 39.77
CA ASN D 479 26.96 22.51 40.57
C ASN D 479 26.58 22.03 41.98
N VAL D 480 27.48 21.25 42.58
CA VAL D 480 27.30 20.78 43.95
C VAL D 480 28.22 21.53 44.91
N ASP D 481 27.82 21.64 46.18
CA ASP D 481 28.64 22.45 47.16
C ASP D 481 29.25 21.46 48.15
N ASN D 482 30.50 21.70 48.50
CA ASN D 482 31.17 20.89 49.50
C ASN D 482 31.08 19.44 49.19
N ASN D 483 31.51 19.08 47.99
CA ASN D 483 31.72 17.69 47.70
C ASN D 483 32.82 17.22 48.69
N ALA D 484 32.50 16.19 49.44
CA ALA D 484 33.40 15.61 50.49
C ALA D 484 34.80 15.32 49.95
N PHE D 485 34.86 14.63 48.82
CA PHE D 485 36.16 14.31 48.22
C PHE D 485 36.97 15.59 48.03
N THR D 486 36.34 16.59 47.43
CA THR D 486 37.05 17.83 47.07
C THR D 486 37.50 18.58 48.28
N ASN D 487 36.63 18.81 49.25
CA ASN D 487 37.05 19.53 50.48
C ASN D 487 38.18 18.77 51.23
N HIS D 488 38.12 17.45 51.26
CA HIS D 488 39.20 16.68 51.85
C HIS D 488 40.48 16.88 51.08
N GLN D 489 40.46 16.71 49.73
CA GLN D 489 41.68 16.98 48.94
C GLN D 489 42.14 18.39 49.12
N ALA D 490 41.21 19.32 49.29
CA ALA D 490 41.69 20.68 49.45
C ALA D 490 42.42 20.79 50.82
N MET D 491 41.87 20.18 51.87
CA MET D 491 42.52 20.32 53.18
C MET D 491 43.91 19.66 53.17
N PHE D 492 43.98 18.49 52.55
CA PHE D 492 45.26 17.77 52.29
C PHE D 492 46.28 18.65 51.60
N THR D 493 45.84 19.44 50.60
CA THR D 493 46.79 20.28 49.87
C THR D 493 47.28 21.41 50.76
N LEU D 494 46.37 22.02 51.51
CA LEU D 494 46.78 23.07 52.45
C LEU D 494 47.72 22.57 53.61
N GLN D 495 47.43 21.42 54.22
CA GLN D 495 48.32 20.72 55.16
C GLN D 495 49.71 20.55 54.53
N ALA D 496 49.77 19.93 53.35
CA ALA D 496 51.06 19.74 52.69
C ALA D 496 51.79 21.07 52.50
N ALA D 497 51.08 22.12 52.10
CA ALA D 497 51.75 23.40 51.88
C ALA D 497 52.27 23.96 53.23
N ASP D 498 51.47 23.79 54.28
CA ASP D 498 51.84 24.30 55.58
C ASP D 498 53.12 23.55 56.07
N GLU D 499 53.12 22.22 55.95
CA GLU D 499 54.24 21.40 56.33
C GLU D 499 55.49 21.86 55.61
N LEU D 500 55.39 22.08 54.30
CA LEU D 500 56.48 22.64 53.54
C LEU D 500 56.95 23.99 54.10
N LEU D 501 55.99 24.80 54.57
CA LEU D 501 56.38 26.12 55.08
C LEU D 501 57.25 25.97 56.34
N GLN D 502 56.96 24.98 57.14
CA GLN D 502 57.62 24.74 58.40
C GLN D 502 58.86 23.86 58.38
N THR D 503 59.33 23.51 57.18
CA THR D 503 60.15 22.32 56.96
C THR D 503 61.28 22.58 55.99
N LEU D 504 61.00 23.26 54.88
CA LEU D 504 62.02 23.55 53.87
C LEU D 504 63.07 24.44 54.45
N ASP D 505 64.26 24.37 53.87
CA ASP D 505 65.34 25.23 54.32
C ASP D 505 64.98 26.61 53.79
N GLU D 506 65.47 27.67 54.43
CA GLU D 506 65.11 29.04 54.06
C GLU D 506 65.66 29.45 52.72
N LYS D 507 66.69 28.79 52.27
CA LYS D 507 67.19 29.17 50.94
C LYS D 507 66.19 28.73 49.83
N THR D 508 65.69 27.50 49.90
CA THR D 508 64.74 27.02 48.91
C THR D 508 63.41 27.77 49.05
N LEU D 509 63.00 27.92 50.30
CA LEU D 509 61.78 28.61 50.64
C LEU D 509 61.77 30.03 50.08
N SER D 510 62.84 30.81 50.24
CA SER D 510 62.94 32.16 49.62
C SER D 510 62.80 32.10 48.15
N ALA D 511 63.57 31.22 47.52
CA ALA D 511 63.58 31.25 46.04
C ALA D 511 62.21 30.81 45.50
N VAL D 512 61.54 29.86 46.15
CA VAL D 512 60.20 29.43 45.69
C VAL D 512 59.15 30.56 45.86
N LYS D 513 59.08 31.10 47.08
CA LYS D 513 58.22 32.23 47.35
C LYS D 513 58.45 33.39 46.41
N GLU D 514 59.72 33.69 46.12
CA GLU D 514 60.07 34.78 45.20
C GLU D 514 59.67 34.45 43.76
N LYS D 515 59.86 33.20 43.37
CA LYS D 515 59.55 32.85 42.04
C LYS D 515 58.02 33.02 41.81
N ILE D 516 57.18 32.73 42.81
CA ILE D 516 55.75 32.82 42.59
C ILE D 516 55.05 34.01 43.22
N GLY D 517 55.81 34.90 43.86
CA GLY D 517 55.28 36.05 44.61
C GLY D 517 54.41 35.64 45.77
N LEU D 518 54.77 34.60 46.50
CA LEU D 518 53.96 34.16 47.63
C LEU D 518 54.07 35.08 48.86
N SER D 519 52.99 35.76 49.25
CA SER D 519 53.03 36.72 50.36
C SER D 519 52.56 36.10 51.65
N ASP D 520 52.89 36.79 52.73
CA ASP D 520 52.54 36.37 54.07
C ASP D 520 51.05 36.39 54.27
N ASP D 521 50.35 37.33 53.63
CA ASP D 521 48.85 37.39 53.68
C ASP D 521 48.19 36.10 53.11
N GLU D 522 48.78 35.51 52.08
CA GLU D 522 48.26 34.25 51.51
C GLU D 522 48.47 33.12 52.45
N ILE D 523 49.69 33.07 53.02
CA ILE D 523 50.03 32.05 54.03
C ILE D 523 49.05 32.10 55.22
N SER D 524 48.67 33.29 55.72
CA SER D 524 47.73 33.28 56.89
C SER D 524 46.37 32.83 56.41
N LEU D 525 45.99 33.29 55.21
CA LEU D 525 44.71 32.81 54.59
C LEU D 525 44.68 31.31 54.56
N TRP D 526 45.75 30.69 54.09
CA TRP D 526 45.81 29.19 54.12
C TRP D 526 45.73 28.63 55.52
N ARG D 527 46.38 29.27 56.50
CA ARG D 527 46.27 28.69 57.88
C ARG D 527 44.84 28.99 58.40
N ASP D 528 44.29 30.14 58.06
CA ASP D 528 42.91 30.35 58.44
C ASP D 528 41.96 29.30 57.83
N MET D 529 42.20 28.93 56.58
CA MET D 529 41.35 27.91 55.94
C MET D 529 41.56 26.53 56.55
N LEU D 530 42.79 26.26 56.95
CA LEU D 530 43.06 24.98 57.66
C LEU D 530 42.25 24.90 58.93
N ALA D 531 42.15 25.99 59.66
CA ALA D 531 41.34 25.92 60.86
C ALA D 531 39.79 25.95 60.61
N ASN D 532 39.33 26.64 59.56
CA ASN D 532 37.89 27.08 59.48
C ASN D 532 37.14 26.72 58.20
N THR D 533 37.55 25.66 57.51
CA THR D 533 36.85 25.26 56.30
C THR D 533 35.97 24.19 56.73
N TYR D 534 34.74 24.23 56.22
CA TYR D 534 33.87 23.15 56.41
C TYR D 534 34.29 21.93 55.58
N VAL D 535 34.24 20.78 56.24
CA VAL D 535 34.61 19.52 55.70
C VAL D 535 33.54 18.51 56.07
N PRO D 536 32.87 17.90 55.09
CA PRO D 536 31.81 16.99 55.46
C PRO D 536 32.42 15.81 56.19
N LYS D 537 31.77 15.40 57.28
CA LYS D 537 32.38 14.35 58.15
C LYS D 537 31.34 13.29 58.41
N PRO D 538 31.74 12.12 58.93
CA PRO D 538 30.67 11.14 59.19
C PRO D 538 29.58 11.70 60.12
N ASP D 539 28.30 11.48 59.77
CA ASP D 539 27.12 11.84 60.55
C ASP D 539 26.72 10.82 61.66
N LYS D 540 25.52 10.95 62.22
CA LYS D 540 25.13 10.02 63.30
C LYS D 540 25.15 8.56 62.86
N HIS D 541 24.79 8.29 61.60
CA HIS D 541 24.85 6.93 61.07
C HIS D 541 26.23 6.52 60.55
N GLY D 542 27.26 7.33 60.78
CA GLY D 542 28.59 7.09 60.17
C GLY D 542 28.77 7.49 58.67
N ILE D 543 27.73 8.06 58.03
CA ILE D 543 27.73 8.32 56.54
C ILE D 543 28.36 9.67 56.29
N ILE D 544 29.29 9.72 55.33
CA ILE D 544 29.83 11.03 54.86
C ILE D 544 28.97 11.46 53.67
N GLU D 545 28.38 12.64 53.73
CA GLU D 545 27.43 13.04 52.67
C GLU D 545 28.22 13.44 51.39
N GLN D 546 27.87 12.91 50.23
CA GLN D 546 28.70 13.15 49.05
C GLN D 546 28.92 14.65 48.73
N PHE D 547 27.86 15.44 48.87
CA PHE D 547 27.91 16.89 48.69
C PHE D 547 26.65 17.40 49.38
N ASP D 548 26.55 18.71 49.57
CA ASP D 548 25.45 19.30 50.39
C ASP D 548 24.14 19.03 49.67
N GLY D 549 23.15 18.49 50.37
CA GLY D 549 21.83 18.28 49.72
C GLY D 549 21.72 16.90 49.04
N TYR D 550 22.83 16.15 49.00
CA TYR D 550 22.80 14.82 48.42
C TYR D 550 21.72 13.93 49.14
N TYR D 551 21.54 14.12 50.45
CA TYR D 551 20.59 13.25 51.17
C TYR D 551 19.14 13.58 50.73
N ASP D 552 18.92 14.73 50.10
CA ASP D 552 17.58 15.14 49.65
C ASP D 552 17.20 14.67 48.29
N LEU D 553 18.16 14.26 47.47
CA LEU D 553 17.85 13.71 46.15
C LEU D 553 17.15 12.34 46.25
N GLU D 554 16.47 11.93 45.20
CA GLU D 554 15.74 10.68 45.19
C GLU D 554 16.62 9.40 45.36
N THR D 555 16.24 8.56 46.30
CA THR D 555 16.94 7.31 46.57
C THR D 555 16.45 6.27 45.60
N ILE D 556 17.34 5.68 44.78
CA ILE D 556 16.97 4.59 43.82
C ILE D 556 18.02 3.49 44.04
N ILE D 557 17.57 2.38 44.62
CA ILE D 557 18.43 1.30 44.99
C ILE D 557 17.74 0.08 44.43
N PRO D 558 18.39 -0.68 43.57
CA PRO D 558 19.76 -0.48 43.07
C PRO D 558 19.78 0.65 42.02
N ALA D 559 20.89 1.36 41.90
CA ALA D 559 20.91 2.61 41.11
C ALA D 559 20.43 2.36 39.70
N LYS D 560 20.76 1.20 39.17
CA LYS D 560 20.48 0.85 37.81
C LYS D 560 18.99 0.89 37.42
N LYS D 561 18.09 0.90 38.41
CA LYS D 561 16.64 1.00 38.08
C LYS D 561 16.41 2.31 37.32
N VAL D 562 17.27 3.32 37.57
CA VAL D 562 17.10 4.65 36.99
C VAL D 562 17.04 4.59 35.46
N THR D 563 17.69 3.59 34.85
CA THR D 563 17.80 3.52 33.38
C THR D 563 16.44 3.28 32.70
N GLU D 564 15.46 2.84 33.49
CA GLU D 564 14.06 2.70 33.06
C GLU D 564 13.47 4.03 32.59
N ARG D 565 13.98 5.14 33.10
CA ARG D 565 13.52 6.48 32.74
C ARG D 565 14.06 6.97 31.42
N LEU D 566 14.90 6.18 30.79
CA LEU D 566 15.57 6.64 29.57
C LEU D 566 14.65 6.63 28.34
N ILE D 567 14.80 7.61 27.46
CA ILE D 567 14.04 7.60 26.22
C ILE D 567 14.94 7.05 25.12
N LYS D 568 16.18 7.48 25.05
CA LYS D 568 17.17 6.80 24.24
C LYS D 568 18.34 6.24 25.05
N GLU D 569 18.80 5.08 24.62
CA GLU D 569 19.91 4.32 25.22
C GLU D 569 21.16 5.14 25.32
N ASP D 570 21.42 5.98 24.31
CA ASP D 570 22.65 6.76 24.30
C ASP D 570 22.58 8.22 24.93
N GLU D 571 21.55 8.53 25.74
CA GLU D 571 21.47 9.81 26.43
C GLU D 571 22.67 9.91 27.35
N TYR D 572 23.23 11.09 27.47
CA TYR D 572 24.08 11.45 28.59
C TYR D 572 23.23 11.38 29.88
N TYR D 573 23.67 10.65 30.90
CA TYR D 573 22.82 10.41 32.11
C TYR D 573 22.85 11.55 33.15
N GLY D 574 23.77 12.51 32.96
CA GLY D 574 23.95 13.58 33.94
C GLY D 574 23.43 14.96 33.55
N TYR D 575 24.13 15.94 34.05
CA TYR D 575 23.72 17.33 33.90
C TYR D 575 23.61 17.70 32.40
N PRO D 576 22.69 18.61 32.05
CA PRO D 576 21.72 19.33 32.87
C PRO D 576 20.44 18.60 33.23
N ASN D 577 19.95 17.66 32.42
CA ASN D 577 18.60 17.11 32.73
C ASN D 577 18.45 15.60 32.55
N GLY D 578 19.58 14.91 32.73
CA GLY D 578 19.61 13.50 32.49
C GLY D 578 18.91 12.82 33.63
N VAL D 579 18.73 11.51 33.51
CA VAL D 579 17.86 10.84 34.43
C VAL D 579 18.48 10.72 35.85
N THR D 580 19.78 10.97 36.02
CA THR D 580 20.38 10.80 37.34
C THR D 580 20.43 12.09 38.17
N VAL D 581 20.19 13.22 37.50
CA VAL D 581 20.50 14.49 38.08
C VAL D 581 19.91 14.81 39.44
N ARG D 582 18.63 14.46 39.60
CA ARG D 582 17.88 14.71 40.84
C ARG D 582 17.77 13.44 41.72
N THR D 583 18.68 12.52 41.54
CA THR D 583 18.64 11.25 42.26
C THR D 583 19.97 11.01 42.94
N GLN D 584 20.03 10.00 43.81
CA GLN D 584 21.32 9.65 44.46
C GLN D 584 22.23 8.73 43.63
N CYS D 585 21.76 8.35 42.43
CA CYS D 585 22.54 7.48 41.52
C CYS D 585 23.83 8.20 41.19
N ILE D 586 24.95 7.53 41.40
CA ILE D 586 26.24 8.16 41.09
C ILE D 586 26.97 7.30 40.06
N LYS D 587 27.84 7.94 39.26
CA LYS D 587 28.45 7.24 38.14
C LYS D 587 29.57 6.31 38.63
N GLN D 588 30.29 6.72 39.69
CA GLN D 588 31.51 6.05 40.06
C GLN D 588 31.85 6.48 41.53
N ALA D 589 32.91 5.92 42.12
CA ALA D 589 33.30 6.18 43.49
C ALA D 589 33.57 7.65 43.66
N ASP D 590 33.06 8.21 44.76
CA ASP D 590 33.27 9.61 45.08
C ASP D 590 33.67 9.68 46.56
N VAL D 591 32.75 9.44 47.49
CA VAL D 591 33.18 9.25 48.87
C VAL D 591 34.04 7.98 48.95
N ILE D 592 33.70 6.93 48.20
CA ILE D 592 34.55 5.72 48.21
C ILE D 592 35.97 6.03 47.69
N GLN D 593 36.04 6.93 46.69
CA GLN D 593 37.32 7.39 46.17
C GLN D 593 38.16 8.07 47.26
N LEU D 594 37.49 8.76 48.19
CA LEU D 594 38.19 9.46 49.25
C LEU D 594 39.01 8.44 50.11
N PHE D 595 38.43 7.25 50.35
CA PHE D 595 39.07 6.17 51.12
C PHE D 595 40.23 5.53 50.35
N VAL D 596 40.11 5.47 49.02
CA VAL D 596 41.17 4.87 48.24
C VAL D 596 42.41 5.68 48.50
N LEU D 597 42.29 7.00 48.46
CA LEU D 597 43.43 7.87 48.52
C LEU D 597 43.95 8.10 49.96
N HIS D 598 43.03 8.03 50.93
CA HIS D 598 43.34 8.36 52.35
C HIS D 598 42.93 7.18 53.22
N PRO D 599 43.62 6.06 53.01
CA PRO D 599 43.12 4.84 53.64
C PRO D 599 43.32 4.87 55.19
N HIS D 600 44.08 5.83 55.73
CA HIS D 600 44.24 5.83 57.23
C HIS D 600 43.40 6.87 57.92
N LEU D 601 42.56 7.54 57.15
CA LEU D 601 41.82 8.67 57.66
C LEU D 601 40.65 8.30 58.58
N TYR D 602 39.77 7.45 58.10
CA TYR D 602 38.62 7.05 58.88
C TYR D 602 38.87 5.65 59.39
N ASP D 603 38.17 5.23 60.44
CA ASP D 603 38.29 3.84 60.89
C ASP D 603 37.54 2.87 59.99
N ARG D 604 37.90 1.61 60.11
CA ARG D 604 37.32 0.55 59.34
C ARG D 604 35.78 0.60 59.32
N LYS D 605 35.17 0.87 60.45
CA LYS D 605 33.73 0.69 60.50
C LYS D 605 32.96 1.79 59.74
N THR D 606 33.42 3.04 59.90
CA THR D 606 33.00 4.15 59.08
C THR D 606 33.18 3.88 57.59
N VAL D 607 34.30 3.24 57.21
CA VAL D 607 34.55 2.92 55.81
C VAL D 607 33.49 1.90 55.33
N GLU D 608 33.27 0.88 56.15
CA GLU D 608 32.36 -0.18 55.78
C GLU D 608 30.96 0.35 55.60
N LEU D 609 30.56 1.24 56.52
CA LEU D 609 29.23 1.70 56.54
C LEU D 609 29.01 2.59 55.28
N ASN D 610 29.98 3.45 54.94
CA ASN D 610 29.90 4.25 53.72
C ASN D 610 29.88 3.41 52.44
N TYR D 611 30.64 2.33 52.47
CA TYR D 611 30.71 1.40 51.35
C TYR D 611 29.32 0.81 51.12
N GLU D 612 28.66 0.38 52.20
CA GLU D 612 27.31 -0.24 52.10
C GLU D 612 26.19 0.71 51.69
N PHE D 613 26.36 1.94 52.09
CA PHE D 613 25.46 3.03 51.74
C PHE D 613 25.62 3.35 50.25
N TYR D 614 26.85 3.64 49.80
CA TYR D 614 27.05 4.15 48.40
C TYR D 614 27.11 3.14 47.31
N GLU D 615 27.53 1.90 47.62
CA GLU D 615 27.78 0.92 46.56
C GLU D 615 26.48 0.67 45.75
N PRO D 616 25.38 0.45 46.46
CA PRO D 616 24.11 0.15 45.75
C PRO D 616 23.46 1.39 45.08
N ARG D 617 24.00 2.57 45.37
CA ARG D 617 23.65 3.81 44.68
C ARG D 617 24.63 4.11 43.51
N THR D 618 25.61 3.24 43.35
CA THR D 618 26.61 3.45 42.34
C THR D 618 26.31 2.64 41.06
N LEU D 619 26.20 3.33 39.94
CA LEU D 619 25.96 2.63 38.66
C LEU D 619 27.24 1.92 38.19
N HIS D 620 28.41 2.44 38.55
CA HIS D 620 29.65 1.95 37.95
C HIS D 620 29.61 2.05 36.44
N PHE D 621 29.12 3.18 35.92
CA PHE D 621 29.13 3.40 34.48
C PHE D 621 30.40 4.13 34.04
N SER D 622 31.41 4.14 34.90
CA SER D 622 32.72 4.61 34.55
C SER D 622 33.66 3.44 34.74
N SER D 623 34.58 3.32 33.79
CA SER D 623 35.60 2.36 33.85
C SER D 623 36.46 2.58 35.09
N LEU D 624 36.43 3.77 35.68
CA LEU D 624 37.18 4.04 36.91
C LEU D 624 36.52 3.41 38.14
N SER D 625 35.26 3.07 38.06
CA SER D 625 34.55 2.74 39.28
C SER D 625 34.87 1.39 39.95
N PRO D 626 34.86 0.28 39.22
CA PRO D 626 35.02 -1.01 39.90
C PRO D 626 36.36 -1.17 40.70
N SER D 627 37.46 -0.68 40.15
CA SER D 627 38.72 -0.84 40.86
C SER D 627 38.74 -0.12 42.22
N SER D 628 38.17 1.10 42.27
CA SER D 628 38.06 1.86 43.50
C SER D 628 37.24 1.16 44.59
N TYR D 629 36.12 0.58 44.18
CA TYR D 629 35.33 -0.27 45.06
C TYR D 629 36.08 -1.53 45.52
N ALA D 630 36.80 -2.14 44.61
CA ALA D 630 37.58 -3.34 44.89
C ALA D 630 38.64 -3.06 45.97
N ILE D 631 39.32 -1.95 45.84
CA ILE D 631 40.43 -1.64 46.70
C ILE D 631 39.91 -1.44 48.12
N VAL D 632 38.79 -0.72 48.26
CA VAL D 632 38.19 -0.48 49.58
C VAL D 632 37.64 -1.76 50.21
N ALA D 633 36.90 -2.52 49.43
CA ALA D 633 36.26 -3.73 49.89
C ALA D 633 37.34 -4.72 50.43
N ALA D 634 38.47 -4.84 49.73
CA ALA D 634 39.46 -5.86 50.09
C ALA D 634 39.89 -5.66 51.52
N GLN D 635 39.95 -4.41 51.93
CA GLN D 635 40.38 -4.01 53.24
C GLN D 635 39.25 -3.83 54.32
N ILE D 636 37.99 -4.16 54.03
CA ILE D 636 36.96 -4.09 55.06
C ILE D 636 36.22 -5.41 55.20
N ASP D 637 36.94 -6.49 54.91
CA ASP D 637 36.43 -7.85 55.12
C ASP D 637 35.38 -8.21 54.08
N LYS D 638 35.55 -7.66 52.89
CA LYS D 638 34.64 -7.98 51.79
C LYS D 638 35.50 -8.43 50.60
N VAL D 639 36.28 -9.45 50.89
CA VAL D 639 37.31 -9.90 50.00
C VAL D 639 36.66 -10.43 48.72
N GLU D 640 35.54 -11.11 48.85
CA GLU D 640 34.96 -11.76 47.70
C GLU D 640 34.24 -10.74 46.82
N GLU D 641 33.76 -9.70 47.48
CA GLU D 641 33.10 -8.63 46.74
C GLU D 641 34.15 -7.84 45.99
N ALA D 642 35.32 -7.65 46.64
CA ALA D 642 36.46 -7.07 46.01
C ALA D 642 36.82 -7.87 44.78
N TYR D 643 36.88 -9.19 44.94
CA TYR D 643 37.28 -10.06 43.87
C TYR D 643 36.36 -9.88 42.64
N ARG D 644 35.08 -9.69 42.93
CA ARG D 644 34.07 -9.58 41.88
C ARG D 644 34.27 -8.23 41.09
N ASN D 645 34.50 -7.11 41.78
CA ASN D 645 34.97 -5.85 41.14
C ASN D 645 36.32 -5.96 40.41
N PHE D 646 37.29 -6.67 41.00
CA PHE D 646 38.51 -7.01 40.29
C PHE D 646 38.20 -7.66 38.94
N ARG D 647 37.40 -8.75 38.90
CA ARG D 647 37.03 -9.37 37.62
C ARG D 647 36.37 -8.36 36.64
N LYS D 648 35.41 -7.59 37.12
CA LYS D 648 34.73 -6.62 36.29
C LYS D 648 35.74 -5.66 35.66
N SER D 649 36.65 -5.21 36.51
CA SER D 649 37.61 -4.17 36.12
C SER D 649 38.59 -4.67 35.06
N VAL D 650 39.15 -5.88 35.27
CA VAL D 650 40.22 -6.37 34.40
C VAL D 650 39.70 -6.87 33.07
N MET D 651 38.38 -7.08 32.95
CA MET D 651 37.76 -7.56 31.69
C MET D 651 37.10 -6.46 30.86
N ILE D 652 37.19 -5.23 31.33
CA ILE D 652 36.45 -4.13 30.65
C ILE D 652 36.72 -4.14 29.10
N ASP D 653 37.99 -4.26 28.72
CA ASP D 653 38.39 -4.19 27.37
C ASP D 653 38.27 -5.55 26.74
N LEU D 654 38.86 -6.59 27.38
CA LEU D 654 38.90 -7.90 26.77
C LEU D 654 37.53 -8.44 26.46
N LEU D 655 36.58 -8.25 27.37
CA LEU D 655 35.22 -8.76 27.15
C LEU D 655 34.26 -7.66 26.73
N ASN D 656 34.80 -6.48 26.39
CA ASN D 656 34.04 -5.37 25.76
C ASN D 656 32.73 -5.08 26.42
N THR D 657 32.82 -4.86 27.72
CA THR D 657 31.67 -4.73 28.60
C THR D 657 31.12 -3.28 28.59
N ASN D 658 31.95 -2.30 28.19
CA ASN D 658 31.56 -0.84 28.15
C ASN D 658 31.07 -0.32 26.76
N GLU D 659 30.10 0.59 26.75
CA GLU D 659 29.60 1.22 25.49
C GLU D 659 30.59 2.23 24.83
N ALA D 660 30.58 2.33 23.49
CA ALA D 660 31.56 3.16 22.80
C ALA D 660 31.17 4.69 22.61
N VAL D 661 29.87 5.00 22.66
CA VAL D 661 29.34 6.34 22.37
C VAL D 661 28.45 6.75 23.53
N SER D 662 28.35 8.04 23.76
CA SER D 662 27.42 8.49 24.75
C SER D 662 27.23 9.95 24.40
N GLY D 663 25.97 10.36 24.48
CA GLY D 663 25.58 11.73 24.14
C GLY D 663 26.21 12.28 22.88
N GLY D 664 26.26 11.44 21.85
CA GLY D 664 26.77 11.83 20.54
C GLY D 664 28.30 11.86 20.51
N THR D 665 28.99 11.39 21.53
CA THR D 665 30.45 11.59 21.54
C THR D 665 31.12 10.21 21.63
N PHE D 666 32.21 10.01 20.88
CA PHE D 666 32.97 8.75 20.95
C PHE D 666 33.90 8.73 22.17
N ILE D 667 33.77 7.69 22.95
CA ILE D 667 34.26 7.61 24.29
C ILE D 667 35.00 6.27 24.41
N GLY D 668 34.99 5.48 23.30
CA GLY D 668 35.60 4.14 23.22
C GLY D 668 37.12 4.11 23.22
N GLY D 669 37.68 2.98 22.91
CA GLY D 669 39.13 2.83 22.93
C GLY D 669 39.56 2.07 24.21
N ILE D 670 40.86 1.92 24.41
CA ILE D 670 41.38 1.11 25.53
C ILE D 670 41.25 1.89 26.85
N HIS D 671 40.77 1.25 27.93
CA HIS D 671 40.54 2.04 29.17
C HIS D 671 41.75 2.18 30.09
N THR D 672 42.50 3.24 29.84
CA THR D 672 43.81 3.40 30.39
C THR D 672 43.86 3.46 31.92
N ALA D 673 42.98 4.26 32.53
CA ALA D 673 42.91 4.30 33.99
C ALA D 673 42.59 2.90 34.52
N ALA D 674 41.54 2.23 34.00
CA ALA D 674 41.30 0.84 34.45
C ALA D 674 42.54 -0.01 34.31
N ASN D 675 43.31 0.20 33.23
CA ASN D 675 44.49 -0.62 32.99
C ASN D 675 45.47 -0.44 34.11
N GLY D 676 45.69 0.82 34.45
CA GLY D 676 46.61 1.19 35.53
C GLY D 676 46.17 0.64 36.89
N ALA D 677 44.87 0.75 37.15
CA ALA D 677 44.24 0.26 38.36
C ALA D 677 44.40 -1.27 38.55
N SER D 678 44.58 -2.04 37.47
CA SER D 678 44.56 -3.48 37.60
C SER D 678 45.66 -3.89 38.64
N TRP D 679 46.80 -3.21 38.53
CA TRP D 679 47.96 -3.38 39.38
C TRP D 679 47.66 -2.90 40.79
N GLN D 680 46.86 -1.86 40.93
CA GLN D 680 46.54 -1.29 42.28
C GLN D 680 45.64 -2.20 43.03
N MET D 681 44.66 -2.80 42.34
CA MET D 681 43.74 -3.72 43.03
C MET D 681 44.53 -4.84 43.74
N VAL D 682 45.55 -5.39 43.03
CA VAL D 682 46.34 -6.49 43.55
C VAL D 682 47.21 -5.97 44.69
N VAL D 683 47.94 -4.90 44.45
CA VAL D 683 49.00 -4.50 45.36
C VAL D 683 48.57 -3.57 46.54
N ASN D 684 47.82 -2.52 46.22
CA ASN D 684 47.21 -1.66 47.17
C ASN D 684 45.91 -2.18 47.72
N GLY D 685 45.17 -2.97 46.95
CA GLY D 685 43.85 -3.46 47.38
C GLY D 685 43.98 -4.73 48.20
N PHE D 686 44.14 -5.87 47.52
CA PHE D 686 44.37 -7.14 48.22
C PHE D 686 45.61 -7.12 49.13
N GLY D 687 46.73 -6.61 48.65
CA GLY D 687 47.95 -6.57 49.42
C GLY D 687 47.91 -5.58 50.59
N GLY D 688 47.10 -4.53 50.48
CA GLY D 688 47.05 -3.48 51.51
C GLY D 688 48.21 -2.56 51.47
N LEU D 689 48.94 -2.48 50.37
CA LEU D 689 50.14 -1.65 50.47
C LEU D 689 49.73 -0.15 50.59
N SER D 690 50.25 0.56 51.60
CA SER D 690 50.15 2.04 51.69
C SER D 690 51.34 2.55 52.46
N VAL D 691 51.58 3.85 52.31
CA VAL D 691 52.60 4.51 53.06
C VAL D 691 51.88 5.68 53.72
N HIS D 692 52.06 5.75 55.05
CA HIS D 692 51.48 6.75 55.95
C HIS D 692 52.58 7.30 56.81
N GLY D 693 52.87 8.58 56.62
CA GLY D 693 54.01 9.20 57.26
C GLY D 693 55.26 8.56 56.72
N ASP D 694 56.07 8.03 57.64
CA ASP D 694 57.29 7.31 57.36
C ASP D 694 56.99 5.82 57.55
N ASP D 695 55.75 5.51 57.89
CA ASP D 695 55.29 4.15 58.15
C ASP D 695 54.82 3.43 56.89
N ILE D 696 55.31 2.21 56.72
CA ILE D 696 54.89 1.40 55.61
C ILE D 696 53.86 0.36 56.05
N HIS D 697 52.73 0.25 55.33
CA HIS D 697 51.63 -0.68 55.66
C HIS D 697 51.40 -1.73 54.63
N LEU D 698 51.11 -2.94 55.12
CA LEU D 698 50.58 -4.08 54.34
C LEU D 698 49.46 -4.75 55.11
N SER D 699 48.58 -5.45 54.42
CA SER D 699 47.53 -6.28 55.05
C SER D 699 46.96 -7.24 54.03
N PRO D 700 47.70 -8.32 53.73
CA PRO D 700 47.35 -9.07 52.56
C PRO D 700 46.14 -9.95 52.69
N ARG D 701 45.16 -9.72 51.84
CA ARG D 701 44.00 -10.58 51.77
C ARG D 701 44.24 -11.43 50.58
N LEU D 702 43.44 -12.48 50.50
CA LEU D 702 43.55 -13.46 49.45
C LEU D 702 42.16 -13.89 49.03
N PRO D 703 41.80 -13.64 47.75
CA PRO D 703 40.53 -14.16 47.34
C PRO D 703 40.60 -15.69 47.25
N ASP D 704 39.45 -16.33 47.29
CA ASP D 704 39.34 -17.78 47.16
C ASP D 704 39.77 -18.22 45.80
N ALA D 705 39.68 -17.31 44.83
CA ALA D 705 39.99 -17.66 43.43
C ALA D 705 41.48 -17.93 43.21
N TRP D 706 42.33 -17.46 44.10
CA TRP D 706 43.78 -17.61 43.98
C TRP D 706 44.46 -18.36 45.11
N ASP D 707 45.60 -18.98 44.83
CA ASP D 707 46.44 -19.58 45.87
C ASP D 707 47.57 -18.67 46.34
N GLY D 708 47.81 -17.58 45.62
CA GLY D 708 48.72 -16.55 46.16
C GLY D 708 48.93 -15.48 45.11
N TYR D 709 49.85 -14.58 45.38
CA TYR D 709 50.16 -13.59 44.39
C TYR D 709 51.44 -13.07 44.86
N THR D 710 52.21 -12.47 43.95
CA THR D 710 53.36 -11.80 44.40
C THR D 710 53.79 -10.58 43.59
N PHE D 711 54.36 -9.60 44.30
CA PHE D 711 54.63 -8.28 43.73
C PHE D 711 55.86 -7.69 44.33
N LYS D 712 56.38 -6.70 43.61
CA LYS D 712 57.46 -5.92 44.08
C LYS D 712 56.94 -4.55 44.37
N ALA D 713 57.57 -3.89 45.33
CA ALA D 713 57.26 -2.52 45.67
C ALA D 713 58.49 -1.90 46.24
N ILE D 714 58.86 -0.73 45.71
CA ILE D 714 60.01 0.05 46.13
C ILE D 714 59.50 1.21 47.01
N VAL D 715 60.03 1.26 48.23
CA VAL D 715 59.65 2.26 49.24
C VAL D 715 60.94 2.77 49.81
N LYS D 716 61.10 4.09 49.80
CA LYS D 716 62.32 4.78 50.25
C LYS D 716 63.62 4.29 49.63
N GLY D 717 63.62 3.99 48.32
CA GLY D 717 64.82 3.44 47.69
C GLY D 717 65.00 1.92 47.91
N GLN D 718 64.19 1.30 48.78
CA GLN D 718 64.29 -0.11 49.04
C GLN D 718 63.30 -0.96 48.24
N THR D 719 63.85 -1.91 47.47
CA THR D 719 63.03 -2.83 46.72
C THR D 719 62.65 -3.99 47.59
N LEU D 720 61.36 -4.08 47.86
CA LEU D 720 60.75 -5.17 48.61
C LEU D 720 59.99 -6.15 47.68
N GLU D 721 60.00 -7.42 48.05
CA GLU D 721 59.17 -8.37 47.35
C GLU D 721 58.23 -9.01 48.32
N VAL D 722 56.94 -9.00 48.02
CA VAL D 722 55.92 -9.53 48.93
C VAL D 722 55.31 -10.76 48.31
N ASP D 723 55.33 -11.91 49.00
CA ASP D 723 54.69 -13.14 48.48
C ASP D 723 53.57 -13.52 49.47
N VAL D 724 52.42 -13.90 48.96
CA VAL D 724 51.24 -14.06 49.79
C VAL D 724 50.73 -15.38 49.33
N THR D 725 50.45 -16.26 50.31
CA THR D 725 49.85 -17.59 50.09
C THR D 725 48.78 -17.70 51.16
N LYS D 726 48.04 -18.81 51.17
CA LYS D 726 46.92 -18.92 52.12
C LYS D 726 47.32 -18.70 53.58
N GLU D 727 48.48 -19.23 53.95
CA GLU D 727 48.88 -19.32 55.36
C GLU D 727 49.94 -18.28 55.72
N GLN D 728 50.73 -17.85 54.75
CA GLN D 728 51.76 -16.91 55.11
C GLN D 728 51.99 -15.77 54.14
N ILE D 729 52.86 -14.89 54.59
CA ILE D 729 53.24 -13.71 53.92
C ILE D 729 54.74 -13.60 54.14
N THR D 730 55.52 -13.52 53.03
CA THR D 730 56.98 -13.27 53.05
C THR D 730 57.31 -11.98 52.33
N ILE D 731 58.20 -11.20 52.94
CA ILE D 731 58.66 -9.91 52.45
C ILE D 731 60.18 -10.00 52.43
N THR D 732 60.78 -9.91 51.24
CA THR D 732 62.23 -10.02 51.08
C THR D 732 62.67 -8.66 50.65
N ASN D 733 63.67 -8.11 51.31
CA ASN D 733 64.29 -6.91 50.85
C ASN D 733 65.42 -7.15 49.89
N LYS D 734 65.17 -6.92 48.59
CA LYS D 734 66.13 -7.26 47.54
C LYS D 734 67.00 -6.10 47.17
N SER D 735 67.12 -5.09 48.04
CA SER D 735 67.95 -3.93 47.65
C SER D 735 69.47 -4.26 47.63
N GLU D 736 70.21 -3.61 46.72
CA GLU D 736 71.66 -3.75 46.59
C GLU D 736 72.33 -3.38 47.93
N ASP D 737 71.73 -2.47 48.69
CA ASP D 737 72.00 -2.43 50.14
C ASP D 737 70.90 -1.97 51.08
N ARG D 738 70.46 -2.94 51.88
CA ARG D 738 69.45 -2.78 52.89
C ARG D 738 69.61 -1.58 53.82
N LYS D 739 68.48 -1.01 54.23
CA LYS D 739 68.34 -0.07 55.34
C LYS D 739 67.16 -0.65 56.13
N PRO D 740 67.22 -0.56 57.47
CA PRO D 740 66.06 -1.02 58.25
C PRO D 740 64.82 -0.23 57.85
N LEU D 741 63.63 -0.81 58.05
CA LEU D 741 62.43 -0.11 57.57
C LEU D 741 61.33 0.13 58.59
N THR D 742 60.83 -0.94 59.17
CA THR D 742 59.63 -0.80 60.03
C THR D 742 58.30 -0.73 59.21
N LEU D 743 57.62 -1.87 59.25
CA LEU D 743 56.46 -2.22 58.47
C LEU D 743 55.34 -2.51 59.41
N HIS D 744 54.15 -2.01 59.15
CA HIS D 744 53.03 -2.51 59.89
C HIS D 744 52.37 -3.58 59.11
N ILE D 745 52.20 -4.75 59.72
CA ILE D 745 51.52 -5.83 59.07
C ILE D 745 50.22 -6.10 59.81
N PHE D 746 49.10 -6.01 59.08
CA PHE D 746 47.76 -6.03 59.69
C PHE D 746 47.72 -5.13 60.94
N GLY D 747 48.29 -3.92 60.89
CA GLY D 747 48.25 -3.02 62.05
C GLY D 747 49.42 -3.10 63.04
N GLU D 748 50.05 -4.27 63.16
CA GLU D 748 51.14 -4.47 64.15
C GLU D 748 52.54 -4.24 63.55
N LYS D 749 53.30 -3.39 64.22
CA LYS D 749 54.51 -2.85 63.63
C LYS D 749 55.74 -3.68 63.98
N SER D 750 56.38 -4.21 62.93
CA SER D 750 57.71 -4.84 62.93
C SER D 750 58.77 -3.86 62.37
N VAL D 751 60.05 -4.08 62.69
CA VAL D 751 61.15 -3.49 61.93
C VAL D 751 61.56 -4.52 60.89
N LEU D 752 61.79 -4.11 59.64
CA LEU D 752 62.36 -5.09 58.71
C LEU D 752 63.88 -5.04 58.83
N ASP D 753 64.42 -6.08 59.47
CA ASP D 753 65.77 -6.17 60.05
C ASP D 753 66.79 -6.60 59.00
N SER D 754 66.43 -7.61 58.25
CA SER D 754 67.39 -8.42 57.53
C SER D 754 66.92 -8.64 56.07
N GLU D 755 67.56 -9.60 55.38
CA GLU D 755 67.19 -10.09 54.03
C GLU D 755 65.67 -10.37 53.97
N ARG D 756 65.14 -11.03 54.97
CA ARG D 756 63.79 -11.47 54.88
C ARG D 756 63.04 -11.40 56.22
N ILE D 757 61.76 -11.76 56.19
CA ILE D 757 60.86 -11.72 57.31
C ILE D 757 59.75 -12.67 56.87
N THR D 758 58.96 -13.15 57.80
CA THR D 758 57.85 -14.03 57.47
C THR D 758 56.87 -13.97 58.59
N LYS D 759 55.83 -13.17 58.41
CA LYS D 759 54.75 -13.11 59.37
C LYS D 759 53.64 -14.07 58.88
N SER D 760 52.63 -14.33 59.70
CA SER D 760 51.69 -15.43 59.45
C SER D 760 50.28 -14.99 58.99
N ARG D 761 49.70 -15.83 58.13
CA ARG D 761 48.24 -15.94 57.92
C ARG D 761 47.44 -14.65 57.86
N MET E 1 4.19 -63.94 -6.25
CA MET E 1 3.02 -64.67 -5.62
C MET E 1 2.23 -63.79 -4.66
N HIS E 2 2.42 -62.48 -4.77
CA HIS E 2 2.08 -61.56 -3.68
C HIS E 2 1.84 -60.15 -4.16
N GLU E 3 2.82 -59.52 -4.84
CA GLU E 3 2.71 -58.09 -5.08
C GLU E 3 1.93 -57.67 -6.36
N ILE E 4 0.87 -56.90 -6.12
CA ILE E 4 0.01 -56.36 -7.17
C ILE E 4 0.50 -54.98 -7.63
N GLY E 5 0.71 -54.09 -6.68
CA GLY E 5 1.13 -52.70 -6.95
C GLY E 5 1.16 -52.01 -5.60
N GLU E 6 0.98 -50.69 -5.57
CA GLU E 6 0.76 -49.94 -4.31
C GLU E 6 1.38 -50.65 -3.12
N HIS E 7 0.56 -50.92 -2.11
CA HIS E 7 0.93 -51.81 -1.02
C HIS E 7 -0.08 -52.93 -1.03
N LEU E 8 -0.32 -53.48 -2.23
CA LEU E 8 -1.37 -54.44 -2.46
C LEU E 8 -0.83 -55.82 -2.74
N THR E 9 -1.38 -56.81 -2.03
CA THR E 9 -0.97 -58.21 -2.20
C THR E 9 -2.15 -59.19 -2.27
N THR E 10 -1.89 -60.40 -2.76
CA THR E 10 -2.72 -61.60 -2.52
C THR E 10 -1.94 -62.78 -1.87
N ASN E 11 -2.58 -63.49 -0.92
CA ASN E 11 -2.05 -64.80 -0.41
C ASN E 11 -2.53 -66.11 -1.11
N THR E 12 -3.79 -66.09 -1.55
CA THR E 12 -4.53 -67.27 -1.98
C THR E 12 -4.96 -67.22 -3.45
N GLY E 13 -4.91 -66.05 -4.08
CA GLY E 13 -5.64 -65.81 -5.33
C GLY E 13 -7.14 -65.46 -5.17
N TRP E 14 -7.65 -65.41 -3.93
CA TRP E 14 -9.05 -65.10 -3.67
C TRP E 14 -9.20 -63.85 -2.84
N ASP E 15 -8.09 -63.22 -2.49
CA ASP E 15 -8.16 -62.10 -1.56
C ASP E 15 -7.23 -61.02 -2.02
N ILE E 16 -7.63 -59.79 -1.80
CA ILE E 16 -6.72 -58.71 -2.00
C ILE E 16 -6.51 -57.99 -0.63
N ILE E 17 -5.25 -57.68 -0.33
CA ILE E 17 -4.82 -57.10 0.95
C ILE E 17 -4.08 -55.79 0.72
N LYS E 18 -4.52 -54.74 1.42
CA LYS E 18 -3.75 -53.48 1.53
C LYS E 18 -3.26 -53.40 2.99
N ASN E 19 -1.94 -53.29 3.14
CA ASN E 19 -1.33 -53.41 4.47
C ASN E 19 -0.99 -52.06 5.08
N ARG E 20 -1.07 -51.00 4.28
CA ARG E 20 -0.88 -49.66 4.76
C ARG E 20 -2.13 -48.81 4.50
N TYR E 21 -2.38 -47.84 5.37
CA TYR E 21 -3.58 -46.98 5.37
C TYR E 21 -3.30 -45.60 4.79
N GLU E 22 -3.89 -45.27 3.65
CA GLU E 22 -3.69 -43.96 3.03
C GLU E 22 -5.01 -43.23 2.92
N ALA E 23 -5.32 -42.42 3.93
CA ALA E 23 -6.57 -41.66 3.98
C ALA E 23 -6.82 -40.79 2.73
N ALA E 24 -5.75 -40.34 2.08
CA ALA E 24 -5.85 -39.64 0.79
C ALA E 24 -6.46 -40.54 -0.29
N GLN E 25 -6.52 -41.83 -0.01
CA GLN E 25 -6.95 -42.76 -1.03
C GLN E 25 -8.40 -43.18 -0.85
N ALA E 26 -9.06 -42.59 0.16
CA ALA E 26 -10.49 -42.76 0.49
C ALA E 26 -11.41 -43.23 -0.66
N ILE E 27 -11.63 -42.39 -1.67
CA ILE E 27 -12.45 -42.75 -2.83
C ILE E 27 -12.17 -44.14 -3.44
N THR E 28 -10.92 -44.34 -3.87
CA THR E 28 -10.48 -45.56 -4.55
C THR E 28 -10.60 -46.79 -3.66
N GLU E 29 -10.25 -46.62 -2.39
CA GLU E 29 -10.34 -47.71 -1.46
C GLU E 29 -11.80 -48.04 -1.18
N GLY E 30 -12.60 -47.03 -0.94
CA GLY E 30 -13.98 -47.25 -0.55
C GLY E 30 -14.64 -48.06 -1.66
N SER E 31 -14.35 -47.72 -2.92
CA SER E 31 -14.85 -48.45 -4.11
C SER E 31 -14.28 -49.88 -4.18
N ASN E 32 -12.96 -50.00 -4.24
CA ASN E 32 -12.35 -51.27 -4.46
C ASN E 32 -12.66 -52.34 -3.44
N PHE E 33 -12.83 -51.95 -2.18
CA PHE E 33 -13.09 -52.91 -1.07
C PHE E 33 -14.57 -53.06 -0.72
N MET E 34 -15.45 -52.56 -1.58
CA MET E 34 -16.87 -52.49 -1.26
C MET E 34 -17.51 -53.86 -1.19
N ILE E 35 -18.70 -53.91 -0.61
CA ILE E 35 -19.49 -55.11 -0.63
C ILE E 35 -20.84 -54.79 -1.27
N GLY E 36 -21.58 -55.82 -1.65
CA GLY E 36 -22.74 -55.59 -2.50
C GLY E 36 -23.38 -56.86 -2.98
N ASN E 37 -24.58 -56.71 -3.55
CA ASN E 37 -25.36 -57.87 -3.94
C ASN E 37 -26.38 -57.53 -5.03
N GLY E 38 -26.11 -56.47 -5.79
CA GLY E 38 -27.01 -56.13 -6.88
C GLY E 38 -28.26 -55.45 -6.40
N PHE E 39 -28.62 -55.63 -5.12
CA PHE E 39 -29.61 -54.73 -4.49
C PHE E 39 -29.00 -53.40 -3.92
N MET E 40 -27.85 -53.52 -3.23
CA MET E 40 -27.21 -52.31 -2.69
C MET E 40 -25.72 -52.36 -2.95
N GLY E 41 -25.07 -51.21 -2.91
CA GLY E 41 -23.62 -51.13 -2.71
C GLY E 41 -23.38 -50.56 -1.34
N TYR E 42 -22.39 -51.13 -0.65
CA TYR E 42 -21.91 -50.61 0.63
C TYR E 42 -20.39 -50.46 0.54
N ARG E 43 -19.93 -49.21 0.53
CA ARG E 43 -18.51 -48.89 0.27
C ARG E 43 -17.63 -49.46 1.37
N GLY E 44 -16.38 -49.82 1.03
CA GLY E 44 -15.49 -50.53 1.94
C GLY E 44 -14.88 -49.58 2.94
N THR E 45 -15.71 -49.00 3.82
CA THR E 45 -15.23 -48.08 4.83
C THR E 45 -15.17 -48.75 6.17
N PHE E 46 -14.78 -47.98 7.17
CA PHE E 46 -14.66 -48.59 8.51
C PHE E 46 -15.80 -48.09 9.35
N ALA E 47 -16.12 -48.84 10.41
CA ALA E 47 -17.30 -48.55 11.26
C ALA E 47 -17.44 -47.10 11.61
N GLU E 48 -16.30 -46.48 11.89
CA GLU E 48 -16.28 -45.12 12.40
C GLU E 48 -16.41 -44.03 11.33
N ASP E 49 -16.42 -44.41 10.05
CA ASP E 49 -16.39 -43.43 8.95
C ASP E 49 -17.76 -42.85 8.63
N GLY E 50 -17.77 -41.62 8.12
CA GLY E 50 -18.99 -40.93 7.67
C GLY E 50 -18.76 -40.11 6.42
N LYS E 51 -19.50 -39.03 6.32
CA LYS E 51 -19.50 -38.14 5.16
C LYS E 51 -18.07 -37.85 4.63
N ASP E 52 -17.10 -37.71 5.54
CA ASP E 52 -15.74 -37.25 5.19
C ASP E 52 -14.82 -38.36 4.73
N ALA E 53 -15.09 -39.60 5.12
CA ALA E 53 -14.37 -40.70 4.54
C ALA E 53 -15.13 -41.32 3.31
N TYR E 54 -16.15 -40.62 2.83
CA TYR E 54 -17.02 -41.04 1.71
C TYR E 54 -17.79 -42.34 2.01
N ALA E 55 -18.16 -42.54 3.28
CA ALA E 55 -19.02 -43.69 3.62
C ALA E 55 -20.25 -43.62 2.71
N ALA E 56 -20.77 -44.76 2.29
CA ALA E 56 -22.08 -44.73 1.60
C ALA E 56 -22.63 -46.10 1.29
N CYS E 57 -23.94 -46.21 1.49
CA CYS E 57 -24.76 -47.31 1.05
C CYS E 57 -25.67 -46.81 -0.06
N ILE E 58 -25.40 -47.26 -1.27
CA ILE E 58 -26.15 -46.89 -2.46
C ILE E 58 -27.25 -47.97 -2.70
N VAL E 59 -28.51 -47.56 -2.76
CA VAL E 59 -29.62 -48.53 -2.90
C VAL E 59 -30.35 -48.44 -4.27
N THR E 60 -30.48 -49.59 -4.93
CA THR E 60 -31.20 -49.70 -6.24
C THR E 60 -32.61 -49.19 -6.12
N ASP E 61 -33.14 -48.61 -7.21
CA ASP E 61 -34.57 -48.26 -7.33
C ASP E 61 -35.00 -47.22 -6.29
N THR E 62 -34.18 -46.18 -6.18
CA THR E 62 -34.40 -45.10 -5.23
C THR E 62 -33.95 -43.86 -5.96
N TRP E 63 -34.17 -43.85 -7.29
CA TRP E 63 -33.85 -42.68 -8.15
C TRP E 63 -34.47 -41.40 -7.68
N ASP E 64 -33.71 -40.32 -7.76
CA ASP E 64 -34.15 -39.01 -7.25
C ASP E 64 -33.43 -37.86 -7.95
N LYS E 65 -34.16 -36.80 -8.24
CA LYS E 65 -33.65 -35.67 -9.00
C LYS E 65 -33.71 -34.37 -8.16
N ALA E 66 -33.25 -34.43 -6.90
CA ALA E 66 -33.30 -33.32 -5.98
C ALA E 66 -32.69 -32.01 -6.50
N ASP E 67 -31.61 -32.08 -7.27
CA ASP E 67 -30.99 -30.85 -7.76
C ASP E 67 -31.61 -30.30 -9.02
N GLY E 68 -32.64 -30.93 -9.56
CA GLY E 68 -33.26 -30.33 -10.78
C GLY E 68 -32.55 -30.76 -12.04
N LYS E 69 -31.48 -31.54 -11.91
CA LYS E 69 -30.68 -31.94 -13.07
C LYS E 69 -30.24 -33.42 -13.08
N TRP E 70 -29.65 -33.88 -11.99
CA TRP E 70 -29.04 -35.20 -11.97
C TRP E 70 -29.90 -36.18 -11.27
N GLU E 71 -30.55 -37.04 -12.03
CA GLU E 71 -31.32 -38.12 -11.42
C GLU E 71 -30.38 -39.29 -11.19
N GLU E 72 -30.32 -39.72 -9.93
CA GLU E 72 -29.33 -40.65 -9.50
C GLU E 72 -29.91 -41.51 -8.35
N LEU E 73 -29.28 -42.62 -8.01
CA LEU E 73 -29.72 -43.35 -6.80
C LEU E 73 -29.48 -42.58 -5.49
N SER E 74 -30.20 -42.98 -4.44
CA SER E 74 -30.07 -42.41 -3.10
C SER E 74 -29.01 -43.16 -2.32
N THR E 75 -28.25 -42.40 -1.57
CA THR E 75 -27.51 -42.95 -0.44
C THR E 75 -28.45 -42.89 0.75
N VAL E 76 -28.37 -43.87 1.62
CA VAL E 76 -29.36 -43.95 2.68
C VAL E 76 -28.67 -43.94 4.02
N PRO E 77 -29.39 -43.53 5.07
CA PRO E 77 -28.89 -43.61 6.44
C PRO E 77 -28.10 -44.92 6.76
N ASN E 78 -26.94 -44.75 7.40
CA ASN E 78 -25.95 -45.80 7.55
C ASN E 78 -26.00 -46.46 8.95
N ALA E 79 -26.74 -47.57 9.04
CA ALA E 79 -27.03 -48.27 10.32
C ALA E 79 -25.82 -48.96 10.92
N LEU E 80 -24.63 -48.62 10.45
CA LEU E 80 -23.44 -49.32 10.90
C LEU E 80 -22.44 -48.42 11.63
N LEU E 81 -22.65 -47.11 11.64
CA LEU E 81 -21.72 -46.21 12.29
C LEU E 81 -21.45 -46.69 13.74
N THR E 82 -20.19 -46.98 14.05
CA THR E 82 -19.74 -47.44 15.38
C THR E 82 -18.37 -46.82 15.74
N LEU E 83 -18.37 -45.99 16.80
CA LEU E 83 -17.21 -45.21 17.24
C LEU E 83 -16.68 -45.72 18.57
N LEU E 84 -15.35 -45.77 18.68
CA LEU E 84 -14.71 -46.32 19.88
C LEU E 84 -14.00 -45.25 20.72
N HIS E 85 -14.28 -45.30 22.01
CA HIS E 85 -13.55 -44.47 22.96
C HIS E 85 -12.83 -45.29 23.97
N VAL E 86 -11.59 -44.87 24.23
CA VAL E 86 -10.85 -45.30 25.41
C VAL E 86 -10.59 -44.07 26.31
N ASP E 87 -10.93 -44.22 27.60
CA ASP E 87 -10.89 -43.13 28.60
C ASP E 87 -11.39 -41.78 28.07
N GLY E 88 -12.28 -41.81 27.09
CA GLY E 88 -12.80 -40.59 26.48
C GLY E 88 -11.93 -40.08 25.34
N GLU E 89 -11.02 -40.93 24.86
CA GLU E 89 -10.23 -40.62 23.66
C GLU E 89 -10.72 -41.43 22.46
N PRO E 90 -11.18 -40.72 21.41
CA PRO E 90 -11.74 -41.31 20.18
C PRO E 90 -10.74 -42.13 19.37
N PHE E 91 -11.17 -43.30 18.90
CA PHE E 91 -10.34 -44.07 17.96
C PHE E 91 -10.36 -43.45 16.55
N ILE E 92 -9.25 -42.86 16.14
CA ILE E 92 -9.09 -42.37 14.79
C ILE E 92 -7.87 -43.03 14.18
N MET E 93 -7.97 -43.34 12.88
CA MET E 93 -6.87 -43.94 12.10
C MET E 93 -5.75 -42.93 11.84
N SER E 94 -4.60 -43.09 12.51
CA SER E 94 -3.38 -42.37 12.13
C SER E 94 -2.65 -43.19 11.06
N GLU E 95 -2.05 -42.51 10.08
CA GLU E 95 -1.19 -43.17 9.07
C GLU E 95 -0.06 -43.98 9.72
N GLU E 96 0.58 -43.42 10.77
CA GLU E 96 1.56 -44.12 11.64
C GLU E 96 0.83 -44.99 12.71
N ALA E 97 0.03 -45.96 12.23
CA ALA E 97 -0.75 -46.88 13.08
C ALA E 97 -0.01 -48.21 13.26
N ALA E 98 0.35 -48.51 14.51
CA ALA E 98 1.25 -49.63 14.85
C ALA E 98 1.05 -50.94 14.07
N SER E 99 -0.16 -51.14 13.54
CA SER E 99 -0.50 -52.38 12.87
C SER E 99 -1.78 -52.15 12.05
N PHE E 100 -1.75 -52.46 10.76
CA PHE E 100 -2.90 -52.26 9.86
C PHE E 100 -2.93 -53.26 8.71
N GLU E 101 -4.09 -53.85 8.49
CA GLU E 101 -4.37 -54.58 7.23
C GLU E 101 -5.87 -54.61 6.88
N ARG E 102 -6.14 -54.39 5.60
CA ARG E 102 -7.49 -54.51 5.07
C ARG E 102 -7.54 -55.57 3.99
N THR E 103 -8.61 -56.36 4.04
CA THR E 103 -8.75 -57.53 3.20
C THR E 103 -10.12 -57.55 2.55
N LEU E 104 -10.15 -57.79 1.23
CA LEU E 104 -11.40 -58.11 0.53
C LEU E 104 -11.27 -59.53 0.20
N ASP E 105 -12.22 -60.27 0.73
CA ASP E 105 -12.35 -61.68 0.37
C ASP E 105 -13.29 -61.94 -0.85
N LEU E 106 -12.71 -62.26 -2.00
CA LEU E 106 -13.42 -62.32 -3.27
C LEU E 106 -14.28 -63.60 -3.35
N SER E 107 -13.84 -64.65 -2.66
CA SER E 107 -14.59 -65.96 -2.64
C SER E 107 -15.98 -65.86 -1.99
N GLN E 108 -16.24 -64.82 -1.21
CA GLN E 108 -17.53 -64.70 -0.51
C GLN E 108 -17.97 -63.26 -0.24
N GLY E 109 -17.21 -62.31 -0.79
CA GLY E 109 -17.63 -60.92 -0.71
C GLY E 109 -17.63 -60.39 0.72
N VAL E 110 -16.66 -60.84 1.52
CA VAL E 110 -16.51 -60.25 2.87
C VAL E 110 -15.37 -59.28 2.87
N THR E 111 -15.65 -58.07 3.36
CA THR E 111 -14.61 -57.03 3.43
C THR E 111 -14.21 -56.72 4.89
N SER E 112 -12.91 -56.49 5.11
CA SER E 112 -12.42 -56.45 6.51
C SER E 112 -11.33 -55.44 6.88
N ARG E 113 -11.16 -55.29 8.20
CA ARG E 113 -10.05 -54.53 8.78
C ARG E 113 -9.47 -55.22 10.03
N LYS E 114 -8.14 -55.13 10.19
CA LYS E 114 -7.45 -55.51 11.46
C LYS E 114 -6.47 -54.38 11.84
N VAL E 115 -6.73 -53.70 12.94
CA VAL E 115 -5.95 -52.49 13.25
C VAL E 115 -5.55 -52.44 14.72
N SER E 116 -4.47 -51.70 15.00
CA SER E 116 -3.92 -51.50 16.36
C SER E 116 -3.31 -50.10 16.47
N GLN E 117 -3.59 -49.42 17.56
CA GLN E 117 -3.05 -48.06 17.76
C GLN E 117 -2.70 -47.69 19.21
N ARG E 118 -1.83 -46.69 19.32
CA ARG E 118 -1.41 -46.07 20.58
C ARG E 118 -2.47 -45.05 21.01
N MET E 119 -2.93 -45.13 22.25
CA MET E 119 -3.83 -44.09 22.80
C MET E 119 -3.03 -42.99 23.52
N LYS E 120 -3.65 -41.82 23.72
CA LYS E 120 -3.11 -40.71 24.55
C LYS E 120 -2.83 -41.22 25.97
N ASN E 121 -3.70 -42.12 26.44
CA ASN E 121 -3.54 -42.82 27.71
C ASN E 121 -2.66 -44.07 27.56
N GLY E 122 -2.04 -44.21 26.40
CA GLY E 122 -1.03 -45.24 26.18
C GLY E 122 -1.53 -46.65 25.90
N ALA E 123 -2.85 -46.83 25.83
CA ALA E 123 -3.44 -48.15 25.56
C ALA E 123 -3.27 -48.57 24.08
N THR E 124 -3.24 -49.89 23.85
CA THR E 124 -3.18 -50.43 22.48
C THR E 124 -4.40 -51.28 22.10
N ILE E 125 -5.20 -50.70 21.20
CA ILE E 125 -6.50 -51.28 20.82
C ILE E 125 -6.43 -52.12 19.54
N THR E 126 -6.89 -53.37 19.65
CA THR E 126 -7.04 -54.32 18.55
C THR E 126 -8.51 -54.42 18.05
N ILE E 127 -8.76 -53.97 16.82
CA ILE E 127 -10.09 -54.02 16.19
C ILE E 127 -10.12 -54.96 14.95
N HIS E 128 -10.85 -56.07 15.05
CA HIS E 128 -11.06 -57.02 13.94
C HIS E 128 -12.48 -56.82 13.43
N GLU E 129 -12.64 -56.22 12.25
CA GLU E 129 -13.96 -55.84 11.75
C GLU E 129 -14.27 -56.38 10.33
N GLU E 130 -15.29 -57.22 10.21
CA GLU E 130 -15.74 -57.70 8.88
C GLU E 130 -17.21 -57.39 8.51
N LYS E 131 -17.45 -57.02 7.25
CA LYS E 131 -18.78 -56.76 6.72
C LYS E 131 -19.00 -57.53 5.41
N PHE E 132 -20.27 -57.85 5.15
CA PHE E 132 -20.75 -58.36 3.85
C PHE E 132 -22.21 -57.96 3.59
N ALA E 133 -22.58 -57.83 2.31
CA ALA E 133 -23.99 -57.67 1.87
C ALA E 133 -24.46 -59.06 1.49
N SER E 134 -25.42 -59.60 2.23
CA SER E 134 -25.85 -60.99 2.08
C SER E 134 -26.42 -61.19 0.70
N TYR E 135 -25.91 -62.20 -0.02
CA TYR E 135 -26.47 -62.56 -1.32
C TYR E 135 -27.78 -63.33 -1.16
N ARG E 136 -27.99 -63.84 0.04
CA ARG E 136 -29.19 -64.59 0.38
C ARG E 136 -30.34 -63.67 0.83
N LYS E 137 -30.04 -62.66 1.65
CA LYS E 137 -31.00 -61.67 2.04
C LYS E 137 -30.65 -60.28 1.50
N LYS E 138 -30.92 -60.09 0.20
CA LYS E 138 -30.42 -58.95 -0.59
C LYS E 138 -30.60 -57.59 0.10
N HIS E 139 -31.59 -57.47 0.98
CA HIS E 139 -31.80 -56.25 1.83
C HIS E 139 -30.97 -56.12 3.10
N ALA E 140 -30.12 -57.10 3.36
CA ALA E 140 -29.33 -57.05 4.59
C ALA E 140 -27.83 -56.88 4.36
N VAL E 141 -27.26 -55.82 4.94
CA VAL E 141 -25.80 -55.71 5.11
C VAL E 141 -25.44 -55.83 6.59
N LEU E 142 -24.42 -56.63 6.87
CA LEU E 142 -24.11 -57.07 8.22
C LEU E 142 -22.66 -56.80 8.63
N MET E 143 -22.47 -56.51 9.92
CA MET E 143 -21.13 -56.26 10.45
C MET E 143 -20.81 -57.05 11.71
N LYS E 144 -19.58 -57.59 11.77
CA LYS E 144 -18.97 -58.10 12.99
C LYS E 144 -17.78 -57.23 13.37
N TYR E 145 -17.98 -56.46 14.42
CA TYR E 145 -16.95 -55.59 14.97
C TYR E 145 -16.44 -56.12 16.36
N THR E 146 -15.26 -56.76 16.38
CA THR E 146 -14.55 -57.15 17.62
C THR E 146 -13.55 -56.05 18.08
N VAL E 147 -13.46 -55.85 19.40
CA VAL E 147 -12.58 -54.82 20.01
C VAL E 147 -11.70 -55.51 21.09
N GLU E 148 -10.57 -54.90 21.45
CA GLU E 148 -9.66 -55.51 22.45
C GLU E 148 -8.55 -54.61 22.99
N SER E 149 -8.04 -54.92 24.17
CA SER E 149 -6.85 -54.22 24.67
C SER E 149 -5.83 -55.12 25.38
N ASP E 150 -4.60 -54.62 25.50
CA ASP E 150 -3.59 -55.21 26.39
C ASP E 150 -3.38 -54.26 27.58
N GLN E 151 -4.45 -53.56 27.94
CA GLN E 151 -4.48 -52.50 28.93
C GLN E 151 -5.95 -52.27 29.33
N ASP E 152 -6.33 -52.59 30.57
CA ASP E 152 -7.72 -52.48 31.04
C ASP E 152 -8.26 -51.03 31.07
N THR E 153 -9.37 -50.74 30.39
CA THR E 153 -9.81 -49.33 30.31
C THR E 153 -11.33 -49.03 30.19
N ASP E 154 -11.70 -47.82 30.63
CA ASP E 154 -13.05 -47.25 30.49
C ASP E 154 -13.23 -46.94 29.01
N ALA E 155 -14.22 -47.57 28.37
CA ALA E 155 -14.41 -47.49 26.91
C ALA E 155 -15.87 -47.36 26.51
N VAL E 156 -16.22 -46.24 25.87
CA VAL E 156 -17.58 -46.03 25.35
C VAL E 156 -17.76 -46.41 23.85
N LEU E 157 -18.40 -47.56 23.61
CA LEU E 157 -18.85 -48.01 22.26
C LEU E 157 -20.13 -47.28 21.84
N ASP E 158 -20.01 -46.36 20.89
CA ASP E 158 -21.13 -45.55 20.44
C ASP E 158 -21.56 -46.00 19.03
N THR E 159 -22.72 -46.67 18.94
CA THR E 159 -23.23 -47.16 17.64
C THR E 159 -24.66 -46.73 17.33
N GLY E 160 -24.99 -46.70 16.03
CA GLY E 160 -26.30 -46.22 15.60
C GLY E 160 -26.53 -46.10 14.10
N ILE E 161 -27.42 -45.19 13.75
CA ILE E 161 -27.74 -44.82 12.38
C ILE E 161 -27.44 -43.34 12.16
N ASP E 162 -26.56 -43.07 11.18
CA ASP E 162 -26.09 -41.74 10.75
C ASP E 162 -26.94 -41.23 9.57
N TYR E 163 -27.60 -40.08 9.73
CA TYR E 163 -28.40 -39.54 8.61
C TYR E 163 -27.56 -38.67 7.66
N ASP E 164 -26.41 -38.17 8.11
CA ASP E 164 -25.70 -37.14 7.35
C ASP E 164 -24.69 -37.81 6.44
N VAL E 165 -25.24 -38.50 5.44
CA VAL E 165 -24.49 -39.26 4.45
C VAL E 165 -23.97 -38.42 3.26
N TRP E 166 -22.82 -38.78 2.75
CA TRP E 166 -22.40 -38.30 1.44
C TRP E 166 -23.44 -38.58 0.40
N SER E 167 -23.74 -37.58 -0.41
CA SER E 167 -24.57 -37.80 -1.58
C SER E 167 -24.10 -36.81 -2.64
N ILE E 168 -23.83 -37.26 -3.86
CA ILE E 168 -23.14 -36.37 -4.83
C ILE E 168 -23.94 -35.14 -5.28
N ASN E 169 -25.21 -35.29 -5.59
CA ASN E 169 -25.91 -34.17 -6.22
C ASN E 169 -27.12 -33.79 -5.41
N GLY E 170 -26.90 -33.53 -4.11
CA GLY E 170 -27.93 -33.04 -3.23
C GLY E 170 -28.46 -34.18 -2.37
N ASP E 171 -29.20 -33.83 -1.33
CA ASP E 171 -29.84 -34.84 -0.52
C ASP E 171 -31.09 -35.29 -1.23
N HIS E 172 -31.35 -36.59 -1.18
CA HIS E 172 -32.47 -37.18 -1.88
C HIS E 172 -33.58 -37.55 -0.91
N LEU E 173 -33.20 -37.88 0.33
CA LEU E 173 -34.12 -38.25 1.43
C LEU E 173 -34.49 -37.05 2.30
N GLN E 174 -35.78 -36.85 2.51
CA GLN E 174 -36.31 -35.82 3.43
C GLN E 174 -37.23 -36.42 4.55
N GLY E 175 -37.51 -35.60 5.58
CA GLY E 175 -38.51 -35.94 6.57
C GLY E 175 -38.16 -37.13 7.47
N HIS E 176 -36.88 -37.35 7.75
CA HIS E 176 -36.47 -38.55 8.51
C HIS E 176 -37.31 -38.75 9.77
N HIS E 177 -37.80 -39.97 10.00
CA HIS E 177 -38.73 -40.17 11.11
C HIS E 177 -38.26 -41.31 11.90
N TYR E 178 -37.78 -40.99 13.11
CA TYR E 178 -37.18 -41.95 14.00
C TYR E 178 -38.22 -42.98 14.50
N PHE E 179 -37.80 -44.24 14.68
CA PHE E 179 -38.57 -45.22 15.48
C PHE E 179 -37.65 -46.29 16.02
N SER E 180 -38.14 -47.03 16.99
CA SER E 180 -37.38 -48.17 17.45
C SER E 180 -38.23 -49.44 17.57
N HIS E 181 -37.58 -50.51 18.03
CA HIS E 181 -38.09 -51.87 17.93
C HIS E 181 -37.16 -52.69 18.83
N PRO E 182 -37.57 -53.91 19.21
CA PRO E 182 -36.81 -54.76 20.17
C PRO E 182 -35.26 -54.86 20.14
N THR E 183 -34.59 -54.50 19.03
CA THR E 183 -33.13 -54.78 18.89
C THR E 183 -32.28 -53.66 18.28
N GLY E 184 -32.91 -52.52 18.04
CA GLY E 184 -32.19 -51.39 17.51
C GLY E 184 -33.11 -50.24 17.10
N ASP E 185 -32.58 -49.35 16.27
CA ASP E 185 -33.31 -48.19 15.82
C ASP E 185 -33.81 -48.37 14.37
N GLY E 186 -34.61 -47.40 13.92
CA GLY E 186 -35.12 -47.43 12.58
C GLY E 186 -35.33 -46.01 12.10
N VAL E 187 -35.31 -45.82 10.78
CA VAL E 187 -35.64 -44.51 10.24
C VAL E 187 -36.36 -44.64 8.89
N THR E 188 -37.48 -43.95 8.78
CA THR E 188 -38.17 -43.83 7.51
C THR E 188 -38.14 -42.37 7.06
N ALA E 189 -37.66 -42.15 5.82
CA ALA E 189 -37.72 -40.83 5.16
C ALA E 189 -38.49 -40.93 3.83
N LYS E 190 -38.56 -39.85 3.07
CA LYS E 190 -39.20 -39.92 1.76
C LYS E 190 -38.31 -39.23 0.77
N THR E 191 -38.35 -39.75 -0.45
CA THR E 191 -37.65 -39.18 -1.60
C THR E 191 -38.12 -37.76 -1.86
N VAL E 192 -37.23 -36.90 -2.38
CA VAL E 192 -37.60 -35.51 -2.73
C VAL E 192 -38.56 -35.46 -3.93
N SER E 193 -38.15 -35.94 -5.10
CA SER E 193 -38.92 -35.72 -6.34
C SER E 193 -40.16 -36.59 -6.37
N TYR E 194 -39.97 -37.90 -6.19
CA TYR E 194 -41.06 -38.84 -6.37
C TYR E 194 -41.65 -39.33 -5.07
N GLU E 195 -41.10 -38.88 -3.94
CA GLU E 195 -41.72 -39.10 -2.61
C GLU E 195 -42.00 -40.56 -2.36
N ASP E 196 -41.05 -41.41 -2.71
CA ASP E 196 -41.07 -42.81 -2.41
C ASP E 196 -40.50 -43.00 -1.00
N THR E 197 -40.91 -44.07 -0.33
CA THR E 197 -40.59 -44.27 1.07
C THR E 197 -39.35 -45.11 1.15
N VAL E 198 -38.40 -44.68 1.97
CA VAL E 198 -37.23 -45.50 2.23
C VAL E 198 -37.10 -45.76 3.75
N THR E 199 -36.91 -47.03 4.12
CA THR E 199 -36.77 -47.44 5.51
C THR E 199 -35.45 -48.17 5.74
N VAL E 200 -34.65 -47.60 6.64
CA VAL E 200 -33.43 -48.25 7.08
C VAL E 200 -33.72 -48.70 8.50
N VAL E 201 -33.47 -49.98 8.79
CA VAL E 201 -33.64 -50.58 10.11
C VAL E 201 -32.33 -51.13 10.63
N GLU E 202 -31.97 -50.71 11.85
CA GLU E 202 -30.75 -51.17 12.54
C GLU E 202 -30.94 -52.34 13.53
N THR E 203 -30.06 -53.33 13.44
CA THR E 203 -30.02 -54.47 14.37
C THR E 203 -28.68 -54.52 15.18
N CYS E 204 -28.80 -54.50 16.50
CA CYS E 204 -27.65 -54.27 17.39
C CYS E 204 -27.39 -55.49 18.27
N SER E 205 -26.18 -55.67 18.80
CA SER E 205 -25.92 -56.86 19.65
C SER E 205 -24.52 -57.15 20.24
N LEU E 206 -24.37 -56.79 21.52
CA LEU E 206 -23.11 -56.99 22.24
C LEU E 206 -23.11 -58.33 22.97
N ASP E 207 -21.94 -58.94 23.05
CA ASP E 207 -21.76 -60.21 23.78
C ASP E 207 -21.26 -59.94 25.21
N ALA E 208 -21.39 -58.69 25.65
CA ALA E 208 -20.71 -58.21 26.85
C ALA E 208 -21.61 -57.66 27.96
N ASP E 209 -22.76 -57.07 27.60
CA ASP E 209 -23.67 -56.47 28.58
C ASP E 209 -23.05 -55.26 29.28
N ALA E 210 -23.76 -54.13 29.20
CA ALA E 210 -23.18 -52.86 29.57
C ALA E 210 -24.32 -51.91 29.93
N SER E 211 -23.97 -50.70 30.36
CA SER E 211 -24.98 -49.65 30.54
C SER E 211 -25.13 -48.90 29.21
N GLU E 212 -26.38 -48.77 28.80
CA GLU E 212 -26.73 -48.40 27.44
C GLU E 212 -27.43 -47.07 27.56
N GLU E 213 -27.18 -46.16 26.63
CA GLU E 213 -27.86 -44.87 26.67
C GLU E 213 -28.13 -44.41 25.26
N ASP E 214 -29.40 -44.16 24.99
CA ASP E 214 -29.89 -43.86 23.67
C ASP E 214 -30.04 -42.36 23.50
N TYR E 215 -29.93 -41.87 22.26
CA TYR E 215 -30.19 -40.47 21.91
C TYR E 215 -30.80 -40.38 20.49
N GLN E 216 -31.40 -39.25 20.17
CA GLN E 216 -31.99 -39.04 18.86
C GLN E 216 -31.94 -37.55 18.54
N ASN E 217 -31.31 -37.16 17.42
CA ASN E 217 -31.30 -35.76 16.93
C ASN E 217 -31.59 -35.68 15.45
N PRO E 218 -31.58 -34.47 14.87
CA PRO E 218 -31.79 -34.36 13.42
C PRO E 218 -30.69 -34.98 12.53
N ASP E 219 -29.53 -35.26 13.11
CA ASP E 219 -28.41 -35.78 12.36
C ASP E 219 -28.35 -37.33 12.34
N GLY E 220 -29.07 -37.97 13.26
CA GLY E 220 -28.96 -39.41 13.40
C GLY E 220 -29.60 -39.86 14.70
N SER E 221 -29.59 -41.16 14.94
CA SER E 221 -30.05 -41.66 16.22
C SER E 221 -28.99 -42.63 16.62
N GLY E 222 -28.89 -42.93 17.92
CA GLY E 222 -27.96 -43.97 18.35
C GLY E 222 -28.04 -44.38 19.81
N ARG E 223 -27.01 -45.10 20.23
CA ARG E 223 -26.82 -45.41 21.64
C ARG E 223 -25.34 -45.55 22.01
N THR E 224 -24.98 -45.06 23.20
CA THR E 224 -23.65 -45.30 23.78
C THR E 224 -23.75 -46.51 24.72
N PHE E 225 -22.95 -47.55 24.48
CA PHE E 225 -22.82 -48.65 25.42
C PHE E 225 -21.60 -48.31 26.24
N SER E 226 -21.66 -48.55 27.53
CA SER E 226 -20.55 -48.24 28.44
C SER E 226 -20.01 -49.52 29.07
N LEU E 227 -18.68 -49.64 29.09
CA LEU E 227 -18.02 -50.81 29.71
C LEU E 227 -16.51 -50.64 29.94
N SER E 228 -16.08 -51.01 31.15
CA SER E 228 -14.66 -51.19 31.44
C SER E 228 -14.27 -52.52 30.83
N LEU E 229 -13.30 -52.45 29.94
CA LEU E 229 -12.79 -53.66 29.31
C LEU E 229 -11.48 -54.05 29.98
N GLU E 230 -11.35 -55.35 30.27
CA GLU E 230 -10.09 -55.95 30.69
C GLU E 230 -9.26 -56.34 29.46
N ALA E 231 -7.94 -56.36 29.62
CA ALA E 231 -7.02 -56.79 28.56
C ALA E 231 -7.29 -58.25 28.15
N GLY E 232 -7.15 -58.54 26.86
CA GLY E 232 -7.26 -59.91 26.31
C GLY E 232 -8.62 -60.59 26.38
N LYS E 233 -9.62 -59.84 26.83
CA LYS E 233 -11.01 -60.28 26.76
C LYS E 233 -11.60 -59.61 25.51
N PRO E 234 -12.08 -60.43 24.55
CA PRO E 234 -12.60 -59.89 23.30
C PRO E 234 -14.09 -59.55 23.39
N VAL E 235 -14.43 -58.30 23.08
CA VAL E 235 -15.83 -57.88 23.03
C VAL E 235 -16.33 -57.64 21.60
N THR E 236 -17.31 -58.45 21.20
CA THR E 236 -17.89 -58.47 19.85
C THR E 236 -19.28 -57.81 19.74
N LEU E 237 -19.40 -56.82 18.84
CA LEU E 237 -20.65 -56.18 18.47
C LEU E 237 -21.10 -56.58 17.06
N GLU E 238 -22.26 -57.23 16.95
CA GLU E 238 -22.83 -57.71 15.66
C GLU E 238 -24.03 -56.90 15.19
N LYS E 239 -23.93 -56.29 14.01
CA LYS E 239 -25.01 -55.50 13.42
C LYS E 239 -25.51 -55.99 12.05
N ALA E 240 -26.77 -55.67 11.76
CA ALA E 240 -27.34 -55.84 10.45
C ALA E 240 -28.00 -54.53 10.03
N MET E 241 -27.83 -54.17 8.78
CA MET E 241 -28.46 -52.96 8.26
C MET E 241 -29.41 -53.40 7.14
N ILE E 242 -30.62 -52.85 7.16
CA ILE E 242 -31.71 -53.34 6.33
C ILE E 242 -32.45 -52.21 5.64
N ILE E 243 -32.59 -52.29 4.31
CA ILE E 243 -33.27 -51.22 3.57
C ILE E 243 -34.36 -51.77 2.64
N TYR E 244 -35.49 -51.06 2.62
CA TYR E 244 -36.60 -51.34 1.71
C TYR E 244 -37.12 -50.02 1.31
N SER E 245 -37.53 -49.91 0.06
CA SER E 245 -38.32 -48.75 -0.39
C SER E 245 -39.76 -49.18 -0.76
N SER E 246 -40.65 -48.19 -0.96
CA SER E 246 -41.97 -48.44 -1.49
C SER E 246 -41.92 -49.04 -2.90
N ASN E 247 -40.83 -48.78 -3.65
CA ASN E 247 -40.65 -49.40 -4.99
C ASN E 247 -40.33 -50.90 -4.93
N ASP E 248 -39.93 -51.38 -3.75
CA ASP E 248 -39.71 -52.82 -3.55
C ASP E 248 -40.93 -53.61 -3.07
N VAL E 249 -41.74 -53.02 -2.20
CA VAL E 249 -42.86 -53.69 -1.51
C VAL E 249 -43.80 -52.55 -1.15
N ASP E 250 -45.06 -52.85 -0.84
CA ASP E 250 -46.03 -51.77 -0.50
C ASP E 250 -45.79 -51.15 0.86
N ASN E 251 -45.20 -51.91 1.80
CA ASN E 251 -45.00 -51.39 3.16
C ASN E 251 -43.58 -51.64 3.60
N PRO E 252 -42.68 -50.74 3.15
CA PRO E 252 -41.25 -50.90 3.39
C PRO E 252 -40.89 -50.93 4.89
N GLN E 253 -41.55 -50.09 5.68
CA GLN E 253 -41.26 -50.09 7.11
C GLN E 253 -41.54 -51.45 7.78
N ASP E 254 -42.68 -52.08 7.44
CA ASP E 254 -42.97 -53.41 8.01
C ASP E 254 -42.00 -54.50 7.55
N GLU E 255 -41.64 -54.46 6.27
CA GLU E 255 -40.82 -55.50 5.68
C GLU E 255 -39.43 -55.52 6.33
N ALA E 256 -38.88 -54.34 6.59
CA ALA E 256 -37.57 -54.22 7.23
C ALA E 256 -37.60 -54.79 8.64
N LEU E 257 -38.65 -54.39 9.35
CA LEU E 257 -38.94 -54.90 10.71
C LEU E 257 -39.05 -56.41 10.67
N LEU E 258 -39.87 -56.91 9.76
CA LEU E 258 -40.10 -58.36 9.67
C LEU E 258 -38.78 -59.08 9.44
N GLU E 259 -37.89 -58.41 8.71
CA GLU E 259 -36.61 -58.99 8.32
C GLU E 259 -35.61 -58.82 9.47
N ALA E 260 -35.71 -57.72 10.21
CA ALA E 260 -34.96 -57.55 11.46
C ALA E 260 -35.24 -58.74 12.34
N LYS E 261 -36.53 -59.01 12.52
CA LYS E 261 -37.01 -60.12 13.31
C LYS E 261 -36.42 -61.45 12.84
N HIS E 262 -36.36 -61.67 11.52
CA HIS E 262 -35.86 -62.93 10.96
C HIS E 262 -34.34 -63.08 10.95
N MET E 263 -33.60 -62.04 11.31
CA MET E 263 -32.14 -62.12 11.27
C MET E 263 -31.52 -63.18 12.21
N GLN E 264 -30.99 -64.25 11.64
CA GLN E 264 -30.18 -65.19 12.39
C GLN E 264 -28.81 -64.56 12.76
N SER E 265 -27.96 -65.27 13.50
CA SER E 265 -26.66 -64.75 13.94
C SER E 265 -25.72 -64.27 12.81
N TYR E 266 -24.85 -63.31 13.10
CA TYR E 266 -23.86 -62.88 12.12
C TYR E 266 -23.19 -64.05 11.39
N GLU E 267 -22.68 -65.03 12.15
CA GLU E 267 -21.94 -66.16 11.55
C GLU E 267 -22.84 -67.15 10.78
N GLU E 268 -24.13 -67.22 11.11
CA GLU E 268 -25.13 -68.06 10.40
C GLU E 268 -25.47 -67.44 9.04
N GLU E 269 -25.76 -66.14 9.08
CA GLU E 269 -26.08 -65.37 7.89
C GLU E 269 -24.89 -65.45 6.93
N LYS E 270 -23.69 -65.39 7.51
CA LYS E 270 -22.42 -65.40 6.80
C LYS E 270 -22.31 -66.71 6.01
N ALA E 271 -22.90 -67.77 6.55
CA ALA E 271 -22.74 -69.08 5.96
C ALA E 271 -23.71 -69.24 4.79
N ALA E 272 -24.91 -68.67 4.93
CA ALA E 272 -25.91 -68.63 3.87
C ALA E 272 -25.26 -67.92 2.64
N ASN E 273 -24.57 -66.82 2.91
CA ASN E 273 -23.80 -66.06 1.92
C ASN E 273 -22.70 -66.85 1.22
N ARG E 274 -21.84 -67.50 2.03
CA ARG E 274 -20.76 -68.37 1.52
C ARG E 274 -21.32 -69.37 0.48
N LEU E 275 -22.55 -69.81 0.68
CA LEU E 275 -23.13 -70.82 -0.19
C LEU E 275 -23.62 -70.16 -1.50
N GLU E 276 -24.21 -68.97 -1.39
CA GLU E 276 -24.58 -68.20 -2.60
C GLU E 276 -23.36 -67.93 -3.46
N TRP E 277 -22.30 -67.48 -2.79
CA TRP E 277 -21.05 -67.14 -3.45
C TRP E 277 -20.39 -68.36 -4.07
N ASP E 278 -20.58 -69.50 -3.40
CA ASP E 278 -20.08 -70.76 -3.94
C ASP E 278 -20.79 -71.21 -5.24
N ASN E 279 -22.11 -71.05 -5.25
CA ASN E 279 -22.92 -71.20 -6.46
C ASN E 279 -22.46 -70.20 -7.60
N LEU E 280 -22.47 -68.91 -7.27
CA LEU E 280 -21.90 -67.84 -8.12
C LEU E 280 -20.52 -68.15 -8.80
N TRP E 281 -19.50 -68.45 -8.00
CA TRP E 281 -18.18 -68.78 -8.56
C TRP E 281 -18.12 -70.06 -9.38
N SER E 282 -18.95 -71.06 -9.05
CA SER E 282 -18.96 -72.23 -9.96
C SER E 282 -19.58 -71.91 -11.33
N HIS E 283 -20.41 -70.86 -11.41
CA HIS E 283 -20.77 -70.26 -12.72
C HIS E 283 -19.72 -69.41 -13.37
N TYR E 284 -19.08 -68.52 -12.61
CA TYR E 284 -18.26 -67.44 -13.24
C TYR E 284 -16.75 -67.49 -13.11
N ASP E 285 -16.22 -68.30 -12.20
CA ASP E 285 -14.79 -68.35 -12.01
C ASP E 285 -14.06 -68.69 -13.28
N VAL E 286 -12.98 -67.97 -13.57
CA VAL E 286 -12.03 -68.40 -14.60
C VAL E 286 -10.65 -68.68 -13.98
N THR E 287 -10.01 -69.76 -14.41
CA THR E 287 -8.73 -70.15 -13.83
C THR E 287 -7.56 -69.73 -14.69
N ILE E 288 -6.54 -69.14 -14.03
CA ILE E 288 -5.27 -68.81 -14.67
C ILE E 288 -4.15 -69.56 -13.96
N GLN E 289 -3.38 -70.33 -14.73
CA GLN E 289 -2.41 -71.29 -14.17
C GLN E 289 -1.01 -70.67 -14.08
N ASN E 290 -0.51 -70.57 -12.85
CA ASN E 290 0.82 -70.04 -12.50
C ASN E 290 0.99 -68.57 -12.77
N ASN E 291 0.01 -67.81 -12.34
CA ASN E 291 0.12 -66.37 -12.32
C ASN E 291 -0.92 -65.79 -11.38
N ILE E 292 -0.62 -65.88 -10.10
CA ILE E 292 -1.59 -65.57 -9.07
C ILE E 292 -2.02 -64.09 -9.06
N ILE E 293 -1.18 -63.17 -9.51
CA ILE E 293 -1.58 -61.74 -9.69
C ILE E 293 -2.72 -61.58 -10.75
N ASP E 294 -2.52 -62.15 -11.95
CA ASP E 294 -3.54 -62.15 -13.02
C ASP E 294 -4.80 -62.87 -12.57
N GLN E 295 -4.60 -64.03 -11.96
CA GLN E 295 -5.69 -64.78 -11.32
C GLN E 295 -6.54 -63.90 -10.42
N VAL E 296 -5.95 -63.34 -9.34
CA VAL E 296 -6.75 -62.55 -8.38
C VAL E 296 -7.32 -61.29 -9.05
N ALA E 297 -6.62 -60.76 -10.05
CA ALA E 297 -7.07 -59.47 -10.67
C ALA E 297 -8.33 -59.75 -11.46
N LEU E 298 -8.33 -60.91 -12.12
CA LEU E 298 -9.48 -61.38 -12.92
C LEU E 298 -10.71 -61.48 -12.02
N ARG E 299 -10.62 -62.31 -11.00
CA ARG E 299 -11.72 -62.49 -10.02
C ARG E 299 -12.19 -61.20 -9.36
N PHE E 300 -11.26 -60.24 -9.21
CA PHE E 300 -11.61 -58.93 -8.65
C PHE E 300 -12.68 -58.26 -9.51
N ASN E 301 -12.39 -58.24 -10.83
CA ASN E 301 -13.23 -57.64 -11.86
C ASN E 301 -14.53 -58.40 -11.97
N ILE E 302 -14.44 -59.75 -11.95
CA ILE E 302 -15.62 -60.60 -12.02
C ILE E 302 -16.47 -60.39 -10.77
N TYR E 303 -15.85 -60.37 -9.59
CA TYR E 303 -16.59 -60.03 -8.34
C TYR E 303 -17.37 -58.76 -8.44
N HIS E 304 -16.75 -57.71 -9.00
CA HIS E 304 -17.35 -56.39 -9.02
C HIS E 304 -18.51 -56.29 -9.97
N ALA E 305 -18.37 -56.97 -11.11
CA ALA E 305 -19.45 -57.05 -12.09
C ALA E 305 -20.66 -57.82 -11.46
N ILE E 306 -20.39 -58.90 -10.71
CA ILE E 306 -21.47 -59.65 -10.07
C ILE E 306 -22.25 -58.75 -9.14
N ILE E 307 -21.54 -58.04 -8.26
CA ILE E 307 -22.22 -57.25 -7.24
C ILE E 307 -22.94 -56.05 -7.81
N ALA E 308 -22.55 -55.63 -9.02
CA ALA E 308 -23.20 -54.47 -9.65
C ALA E 308 -24.56 -54.87 -10.31
N THR E 309 -24.82 -56.17 -10.44
CA THR E 309 -25.93 -56.65 -11.29
C THR E 309 -27.18 -56.99 -10.48
N PRO E 310 -28.25 -56.19 -10.58
CA PRO E 310 -29.50 -56.64 -9.92
C PRO E 310 -30.08 -57.93 -10.53
N VAL E 311 -30.31 -58.89 -9.65
CA VAL E 311 -30.98 -60.11 -10.05
C VAL E 311 -32.29 -60.24 -9.30
N HIS E 312 -32.72 -59.21 -8.60
CA HIS E 312 -33.90 -59.33 -7.74
C HIS E 312 -35.04 -58.57 -8.30
N LYS E 313 -34.85 -57.91 -9.43
CA LYS E 313 -35.92 -57.15 -10.05
C LYS E 313 -35.36 -56.64 -11.38
N SER E 314 -36.26 -56.22 -12.26
CA SER E 314 -35.88 -55.81 -13.58
C SER E 314 -35.30 -54.36 -13.55
N LEU E 315 -33.98 -54.27 -13.50
CA LEU E 315 -33.22 -53.04 -13.21
C LEU E 315 -31.89 -53.07 -13.95
N PRO E 316 -31.35 -51.88 -14.27
CA PRO E 316 -30.11 -51.77 -15.00
C PRO E 316 -28.85 -52.12 -14.18
N ILE E 317 -27.81 -52.55 -14.91
CA ILE E 317 -26.45 -52.63 -14.41
C ILE E 317 -25.74 -51.25 -14.59
N GLY E 318 -25.46 -50.58 -13.45
CA GLY E 318 -24.78 -49.27 -13.37
C GLY E 318 -23.46 -49.25 -14.11
N ALA E 319 -23.20 -48.19 -14.87
CA ALA E 319 -21.90 -48.01 -15.45
C ALA E 319 -20.75 -47.83 -14.37
N ARG E 320 -21.12 -47.40 -13.16
CA ARG E 320 -20.19 -47.44 -12.04
C ARG E 320 -20.81 -48.30 -10.99
N GLY E 321 -21.66 -49.24 -11.42
CA GLY E 321 -22.38 -50.13 -10.49
C GLY E 321 -23.09 -49.40 -9.37
N LEU E 322 -23.05 -49.97 -8.18
CA LEU E 322 -23.58 -49.33 -6.92
C LEU E 322 -22.46 -48.88 -6.00
N SER E 323 -21.31 -48.51 -6.58
CA SER E 323 -20.09 -48.18 -5.80
C SER E 323 -20.13 -46.75 -5.27
N CYS E 324 -20.97 -45.92 -5.90
CA CYS E 324 -21.24 -44.56 -5.50
C CYS E 324 -22.32 -44.12 -6.46
N GLN E 325 -22.64 -42.84 -6.48
CA GLN E 325 -23.73 -42.39 -7.31
C GLN E 325 -23.31 -42.04 -8.72
N ALA E 326 -22.01 -42.05 -8.99
CA ALA E 326 -21.49 -41.66 -10.29
C ALA E 326 -22.18 -42.55 -11.35
N TYR E 327 -22.56 -41.94 -12.47
CA TYR E 327 -23.14 -42.64 -13.64
C TYR E 327 -24.54 -43.18 -13.33
N GLN E 328 -25.14 -42.61 -12.29
CA GLN E 328 -26.54 -42.66 -12.01
C GLN E 328 -27.18 -44.04 -11.70
N GLY E 329 -26.37 -45.02 -11.34
CA GLY E 329 -26.87 -46.36 -11.13
C GLY E 329 -27.58 -46.93 -12.38
N ALA E 330 -27.17 -46.47 -13.58
CA ALA E 330 -28.01 -46.60 -14.77
C ALA E 330 -27.32 -47.34 -15.91
N ALA E 331 -28.10 -47.98 -16.79
CA ALA E 331 -27.48 -48.73 -17.89
C ALA E 331 -26.97 -47.81 -18.96
N PHE E 332 -25.82 -48.17 -19.50
CA PHE E 332 -25.29 -47.58 -20.70
C PHE E 332 -25.22 -48.72 -21.73
N TRP E 333 -24.70 -48.48 -22.93
CA TRP E 333 -24.42 -49.55 -23.88
C TRP E 333 -23.42 -50.54 -23.29
N ASP E 334 -22.63 -50.09 -22.30
CA ASP E 334 -21.80 -50.96 -21.48
C ASP E 334 -22.52 -52.25 -21.08
N GLN E 335 -23.73 -52.09 -20.56
CA GLN E 335 -24.52 -53.21 -20.10
C GLN E 335 -24.47 -54.40 -21.06
N GLU E 336 -24.93 -54.17 -22.28
CA GLU E 336 -25.06 -55.23 -23.25
C GLU E 336 -23.71 -55.53 -23.86
N ILE E 337 -22.91 -54.52 -24.16
CA ILE E 337 -21.63 -54.78 -24.88
C ILE E 337 -20.51 -55.33 -23.99
N TYR E 338 -20.41 -54.83 -22.76
CA TYR E 338 -19.33 -55.15 -21.85
C TYR E 338 -19.80 -56.12 -20.75
N ASN E 339 -20.96 -55.88 -20.16
CA ASN E 339 -21.37 -56.78 -19.09
C ASN E 339 -22.07 -58.09 -19.43
N MET E 340 -22.91 -58.10 -20.48
CA MET E 340 -23.77 -59.29 -20.82
C MET E 340 -23.01 -60.55 -21.26
N PRO E 341 -21.94 -60.36 -22.04
CA PRO E 341 -21.27 -61.59 -22.50
C PRO E 341 -20.90 -62.63 -21.41
N MET E 342 -20.50 -62.21 -20.21
CA MET E 342 -20.16 -63.22 -19.21
C MET E 342 -21.43 -64.03 -18.86
N TYR E 343 -22.54 -63.33 -18.65
CA TYR E 343 -23.78 -63.96 -18.31
C TYR E 343 -24.32 -64.76 -19.53
N LEU E 344 -24.28 -64.15 -20.72
CA LEU E 344 -24.68 -64.86 -21.92
C LEU E 344 -24.08 -66.26 -21.96
N TYR E 345 -22.79 -66.40 -21.69
CA TYR E 345 -22.15 -67.71 -21.81
C TYR E 345 -22.10 -68.51 -20.50
N SER E 346 -22.36 -67.88 -19.35
CA SER E 346 -22.11 -68.54 -18.07
C SER E 346 -23.42 -68.77 -17.34
N ASN E 347 -24.45 -68.00 -17.68
CA ASN E 347 -25.74 -68.07 -16.95
C ASN E 347 -26.84 -67.32 -17.73
N PRO E 348 -27.18 -67.83 -18.95
CA PRO E 348 -27.91 -67.11 -20.00
C PRO E 348 -29.21 -66.53 -19.53
N GLU E 349 -29.78 -67.12 -18.49
CA GLU E 349 -30.97 -66.54 -17.84
C GLU E 349 -30.77 -65.02 -17.53
N ILE E 350 -29.63 -64.62 -16.96
CA ILE E 350 -29.45 -63.17 -16.61
C ILE E 350 -29.37 -62.31 -17.86
N ALA E 351 -28.71 -62.84 -18.89
CA ALA E 351 -28.57 -62.16 -20.16
C ALA E 351 -29.96 -61.96 -20.75
N ARG E 352 -30.76 -63.02 -20.69
CA ARG E 352 -32.13 -62.90 -21.11
C ARG E 352 -32.82 -61.83 -20.26
N ASN E 353 -32.54 -61.79 -18.96
CA ASN E 353 -33.17 -60.76 -18.15
C ASN E 353 -32.70 -59.31 -18.41
N ILE E 354 -31.47 -59.16 -18.89
CA ILE E 354 -30.92 -57.86 -19.19
C ILE E 354 -31.74 -57.38 -20.36
N LEU E 355 -31.89 -58.26 -21.37
CA LEU E 355 -32.63 -57.92 -22.57
C LEU E 355 -34.15 -57.73 -22.29
N LYS E 356 -34.69 -58.43 -21.31
CA LYS E 356 -36.07 -58.12 -20.84
C LYS E 356 -36.21 -56.74 -20.21
N TYR E 357 -35.21 -56.34 -19.42
CA TYR E 357 -35.16 -54.94 -18.96
C TYR E 357 -35.25 -53.92 -20.14
N ARG E 358 -34.50 -54.18 -21.23
CA ARG E 358 -34.57 -53.30 -22.41
C ARG E 358 -35.95 -53.38 -23.10
N HIS E 359 -36.60 -54.55 -23.10
CA HIS E 359 -37.97 -54.62 -23.63
C HIS E 359 -38.93 -53.93 -22.71
N ARG E 360 -38.72 -54.07 -21.40
CA ARG E 360 -39.62 -53.44 -20.45
C ARG E 360 -39.58 -51.91 -20.57
N THR E 361 -38.42 -51.39 -20.98
CA THR E 361 -38.20 -49.94 -21.01
C THR E 361 -38.39 -49.37 -22.43
N LEU E 362 -38.79 -50.20 -23.40
CA LEU E 362 -39.11 -49.71 -24.77
C LEU E 362 -39.92 -48.44 -24.82
N ASP E 363 -40.86 -48.31 -23.88
CA ASP E 363 -41.72 -47.08 -23.92
C ASP E 363 -40.86 -45.85 -23.70
N GLY E 364 -39.81 -46.02 -22.87
CA GLY E 364 -38.86 -44.94 -22.59
C GLY E 364 -38.17 -44.62 -23.91
N ALA E 365 -37.73 -45.66 -24.61
CA ALA E 365 -36.98 -45.48 -25.85
C ALA E 365 -37.83 -44.82 -26.92
N ARG E 366 -39.11 -45.22 -26.91
CA ARG E 366 -40.14 -44.65 -27.83
C ARG E 366 -40.39 -43.20 -27.47
N ARG E 367 -40.38 -42.87 -26.18
CA ARG E 367 -40.60 -41.46 -25.80
C ARG E 367 -39.40 -40.58 -26.16
N LYS E 368 -38.17 -41.10 -26.00
CA LYS E 368 -37.01 -40.37 -26.43
C LYS E 368 -37.04 -40.08 -27.96
N ALA E 369 -37.31 -41.11 -28.77
CA ALA E 369 -37.29 -40.95 -30.21
C ALA E 369 -38.27 -39.83 -30.61
N LYS E 370 -39.44 -39.86 -29.98
CA LYS E 370 -40.53 -38.96 -30.32
C LYS E 370 -40.23 -37.56 -29.84
N ARG E 371 -39.73 -37.45 -28.61
CA ARG E 371 -39.24 -36.15 -28.15
C ARG E 371 -38.19 -35.56 -29.14
N LEU E 372 -37.38 -36.38 -29.81
CA LEU E 372 -36.37 -35.87 -30.73
C LEU E 372 -36.83 -35.80 -32.16
N GLY E 373 -38.12 -36.08 -32.41
CA GLY E 373 -38.65 -36.03 -33.78
C GLY E 373 -38.42 -37.28 -34.59
N TYR E 374 -37.96 -38.33 -33.93
CA TYR E 374 -37.73 -39.63 -34.61
C TYR E 374 -38.95 -40.53 -34.42
N GLU E 375 -38.93 -41.72 -35.01
CA GLU E 375 -39.93 -42.78 -34.83
C GLU E 375 -39.23 -43.95 -34.16
N GLY E 376 -39.95 -44.91 -33.60
CA GLY E 376 -39.25 -46.16 -33.25
C GLY E 376 -38.66 -46.09 -31.85
N ALA E 377 -37.55 -46.82 -31.64
CA ALA E 377 -36.97 -46.97 -30.29
C ALA E 377 -35.59 -46.35 -30.33
N TYR E 378 -35.47 -45.14 -29.78
CA TYR E 378 -34.15 -44.57 -29.61
C TYR E 378 -33.84 -44.73 -28.14
N TYR E 379 -33.03 -45.72 -27.80
CA TYR E 379 -32.82 -46.04 -26.40
C TYR E 379 -32.06 -44.93 -25.69
N ALA E 380 -32.25 -44.83 -24.37
CA ALA E 380 -31.59 -43.77 -23.61
C ALA E 380 -30.11 -44.03 -23.57
N TRP E 381 -29.32 -42.96 -23.55
CA TRP E 381 -27.89 -43.08 -23.38
C TRP E 381 -27.61 -43.56 -21.93
N ILE E 382 -28.44 -43.07 -21.02
CA ILE E 382 -28.35 -43.39 -19.60
C ILE E 382 -29.73 -43.75 -19.11
N SER E 383 -29.96 -45.03 -18.84
CA SER E 383 -31.33 -45.50 -18.62
C SER E 383 -31.57 -45.92 -17.18
N GLY E 384 -32.61 -45.42 -16.53
CA GLY E 384 -32.87 -45.88 -15.15
C GLY E 384 -34.04 -46.84 -15.00
N LYS E 385 -35.06 -46.37 -14.29
CA LYS E 385 -36.28 -47.15 -14.06
C LYS E 385 -37.11 -47.42 -15.34
N THR E 386 -37.36 -46.37 -16.10
CA THR E 386 -38.36 -46.43 -17.16
C THR E 386 -37.82 -46.36 -18.57
N GLY E 387 -36.55 -45.95 -18.75
CA GLY E 387 -35.94 -45.87 -20.07
C GLY E 387 -36.00 -44.52 -20.73
N ASP E 388 -36.57 -43.55 -20.02
CA ASP E 388 -36.53 -42.13 -20.38
C ASP E 388 -35.13 -41.61 -20.18
N GLU E 389 -34.72 -40.64 -21.02
CA GLU E 389 -33.34 -40.19 -20.98
C GLU E 389 -32.95 -39.67 -19.59
N LEU E 390 -31.82 -40.10 -19.03
CA LEU E 390 -31.44 -39.50 -17.72
C LEU E 390 -30.20 -38.61 -17.88
N CYS E 391 -29.62 -38.68 -19.09
CA CYS E 391 -28.43 -37.93 -19.43
C CYS E 391 -28.82 -36.50 -19.73
N PRO E 392 -28.33 -35.55 -18.91
CA PRO E 392 -28.59 -34.12 -19.17
C PRO E 392 -27.90 -33.72 -20.47
N ASP E 393 -28.44 -32.69 -21.14
CA ASP E 393 -27.80 -32.01 -22.25
C ASP E 393 -26.43 -31.47 -21.82
N PHE E 394 -26.36 -31.01 -20.56
CA PHE E 394 -25.16 -30.37 -20.01
C PHE E 394 -24.50 -31.28 -18.99
N PHE E 395 -23.61 -32.11 -19.49
CA PHE E 395 -22.95 -33.14 -18.72
C PHE E 395 -21.68 -32.58 -18.09
N PHE E 396 -20.95 -31.77 -18.88
CA PHE E 396 -19.62 -31.25 -18.53
C PHE E 396 -19.60 -29.73 -18.47
N LYS E 397 -18.60 -29.17 -17.78
CA LYS E 397 -18.30 -27.72 -17.85
C LYS E 397 -17.00 -27.44 -18.60
N ASP E 398 -16.95 -26.25 -19.18
CA ASP E 398 -15.68 -25.71 -19.66
C ASP E 398 -14.86 -25.31 -18.39
N VAL E 399 -13.81 -26.03 -17.98
CA VAL E 399 -13.15 -25.66 -16.70
C VAL E 399 -12.25 -24.43 -16.89
N LEU E 400 -12.08 -23.97 -18.13
CA LEU E 400 -11.33 -22.79 -18.42
C LEU E 400 -12.16 -21.58 -18.09
N SER E 401 -13.47 -21.72 -18.18
CA SER E 401 -14.38 -20.62 -17.89
C SER E 401 -15.35 -20.86 -16.76
N GLY E 402 -15.60 -22.13 -16.40
CA GLY E 402 -16.69 -22.45 -15.46
C GLY E 402 -18.11 -22.51 -16.06
N ARG E 403 -18.26 -22.21 -17.34
CA ARG E 403 -19.56 -22.35 -18.02
C ARG E 403 -19.87 -23.81 -18.39
N ASP E 404 -21.17 -24.16 -18.39
CA ASP E 404 -21.69 -25.40 -19.03
C ASP E 404 -21.23 -25.53 -20.51
N ILE E 405 -20.76 -26.72 -20.89
CA ILE E 405 -20.74 -27.08 -22.30
C ILE E 405 -21.86 -28.06 -22.70
N ARG E 406 -22.25 -28.04 -23.97
CA ARG E 406 -23.21 -29.02 -24.52
C ARG E 406 -22.50 -30.19 -25.17
N ASN E 407 -22.76 -31.39 -24.70
CA ASN E 407 -22.29 -32.58 -25.40
C ASN E 407 -23.51 -33.36 -25.89
N HIS E 408 -23.39 -34.02 -27.03
CA HIS E 408 -24.58 -34.70 -27.58
C HIS E 408 -24.66 -36.18 -27.28
N PHE E 409 -24.09 -36.59 -26.14
CA PHE E 409 -24.22 -37.96 -25.67
C PHE E 409 -25.67 -38.45 -25.83
N ASN E 410 -26.62 -37.57 -25.54
CA ASN E 410 -27.95 -38.02 -25.30
C ASN E 410 -28.86 -37.92 -26.56
N ASP E 411 -28.34 -37.39 -27.66
CA ASP E 411 -29.17 -37.30 -28.87
C ASP E 411 -28.45 -37.44 -30.19
N TRP E 412 -27.13 -37.61 -30.16
CA TRP E 412 -26.38 -37.92 -31.41
C TRP E 412 -25.74 -39.25 -31.36
N GLN E 413 -25.56 -39.80 -30.16
CA GLN E 413 -24.85 -41.05 -30.02
C GLN E 413 -25.87 -42.20 -30.26
N ILE E 414 -26.16 -42.46 -31.55
CA ILE E 414 -27.37 -43.21 -31.82
C ILE E 414 -27.11 -44.68 -31.73
N HIS E 415 -25.83 -45.07 -31.64
CA HIS E 415 -25.49 -46.51 -31.69
C HIS E 415 -26.02 -47.38 -30.57
N ILE E 416 -26.33 -46.79 -29.42
CA ILE E 416 -26.98 -47.51 -28.31
C ILE E 416 -28.13 -48.42 -28.84
N SER E 417 -28.98 -47.88 -29.74
CA SER E 417 -30.14 -48.61 -30.24
C SER E 417 -29.75 -49.91 -31.00
N PRO E 418 -29.01 -49.79 -32.11
CA PRO E 418 -28.60 -51.04 -32.75
C PRO E 418 -27.62 -51.92 -31.91
N ASP E 419 -26.95 -51.35 -30.92
CA ASP E 419 -26.13 -52.17 -29.98
C ASP E 419 -27.08 -53.14 -29.23
N ILE E 420 -28.26 -52.63 -28.88
CA ILE E 420 -29.28 -53.42 -28.22
C ILE E 420 -29.80 -54.48 -29.19
N ALA E 421 -30.05 -54.08 -30.44
CA ALA E 421 -30.51 -55.01 -31.47
C ALA E 421 -29.47 -56.07 -31.66
N TYR E 422 -28.20 -55.67 -31.75
CA TYR E 422 -27.13 -56.64 -31.96
C TYR E 422 -27.13 -57.65 -30.78
N ALA E 423 -27.40 -57.17 -29.57
CA ALA E 423 -27.35 -58.06 -28.43
C ALA E 423 -28.51 -59.06 -28.42
N VAL E 424 -29.70 -58.62 -28.88
CA VAL E 424 -30.85 -59.49 -28.95
C VAL E 424 -30.48 -60.61 -29.90
N LYS E 425 -30.09 -60.22 -31.10
CA LYS E 425 -29.67 -61.17 -32.06
C LYS E 425 -28.60 -62.15 -31.56
N LYS E 426 -27.58 -61.62 -30.89
CA LYS E 426 -26.46 -62.46 -30.43
C LYS E 426 -26.92 -63.38 -29.31
N TYR E 427 -27.81 -62.88 -28.45
CA TYR E 427 -28.38 -63.76 -27.45
C TYR E 427 -29.10 -64.96 -28.13
N HIS E 428 -29.88 -64.68 -29.16
CA HIS E 428 -30.56 -65.72 -29.95
C HIS E 428 -29.59 -66.70 -30.55
N GLN E 429 -28.51 -66.20 -31.15
CA GLN E 429 -27.56 -67.13 -31.78
C GLN E 429 -26.91 -68.06 -30.75
N VAL E 430 -26.68 -67.56 -29.53
CA VAL E 430 -25.86 -68.32 -28.62
C VAL E 430 -26.74 -69.39 -27.95
N THR E 431 -27.92 -69.00 -27.46
CA THR E 431 -28.84 -69.87 -26.69
C THR E 431 -29.88 -70.67 -27.50
N GLY E 432 -30.14 -70.30 -28.76
CA GLY E 432 -31.26 -70.85 -29.56
C GLY E 432 -32.63 -70.64 -28.92
N ASP E 433 -32.74 -69.70 -28.00
CA ASP E 433 -34.02 -69.33 -27.35
C ASP E 433 -34.98 -68.59 -28.32
N ASP E 434 -35.69 -69.35 -29.16
CA ASP E 434 -36.68 -68.77 -30.10
C ASP E 434 -37.79 -68.10 -29.38
N ALA E 435 -38.20 -68.63 -28.22
CA ALA E 435 -39.32 -68.00 -27.50
C ALA E 435 -39.02 -66.58 -27.15
N PHE E 436 -37.78 -66.32 -26.70
CA PHE E 436 -37.39 -64.91 -26.41
C PHE E 436 -37.56 -63.96 -27.64
N ILE E 437 -37.10 -64.38 -28.81
CA ILE E 437 -37.25 -63.58 -30.04
C ILE E 437 -38.71 -63.30 -30.36
N ARG E 438 -39.56 -64.34 -30.33
CA ARG E 438 -41.03 -64.15 -30.56
C ARG E 438 -41.68 -63.18 -29.59
N ASP E 439 -41.34 -63.29 -28.33
CA ASP E 439 -42.13 -62.64 -27.29
C ASP E 439 -41.64 -61.23 -27.02
N TYR E 440 -40.34 -60.99 -27.24
CA TYR E 440 -39.76 -59.68 -26.88
C TYR E 440 -38.80 -59.14 -27.94
N GLY E 441 -37.86 -59.98 -28.38
CA GLY E 441 -36.84 -59.62 -29.30
C GLY E 441 -37.24 -58.98 -30.60
N ALA E 442 -38.07 -59.68 -31.36
CA ALA E 442 -38.55 -59.17 -32.65
C ALA E 442 -39.09 -57.78 -32.51
N GLU E 443 -39.91 -57.58 -31.48
CA GLU E 443 -40.51 -56.28 -31.25
C GLU E 443 -39.40 -55.21 -31.07
N MET E 444 -38.37 -55.56 -30.27
CA MET E 444 -37.24 -54.64 -30.03
C MET E 444 -36.47 -54.32 -31.33
N ILE E 445 -36.13 -55.37 -32.07
CA ILE E 445 -35.41 -55.27 -33.34
C ILE E 445 -36.17 -54.42 -34.37
N PHE E 446 -37.49 -54.66 -34.46
CA PHE E 446 -38.34 -53.89 -35.38
C PHE E 446 -38.37 -52.40 -34.99
N GLU E 447 -38.57 -52.14 -33.70
CA GLU E 447 -38.62 -50.78 -33.19
C GLU E 447 -37.27 -50.05 -33.36
N ILE E 448 -36.15 -50.74 -33.14
CA ILE E 448 -34.84 -50.21 -33.43
C ILE E 448 -34.57 -50.00 -34.96
N ALA E 449 -34.99 -50.94 -35.81
CA ALA E 449 -34.89 -50.76 -37.29
C ALA E 449 -35.65 -49.52 -37.68
N ARG E 450 -36.84 -49.36 -37.07
CA ARG E 450 -37.69 -48.22 -37.35
C ARG E 450 -36.99 -46.90 -36.98
N PHE E 451 -36.37 -46.89 -35.79
CA PHE E 451 -35.65 -45.69 -35.37
C PHE E 451 -34.56 -45.36 -36.40
N LEU E 452 -33.79 -46.37 -36.79
CA LEU E 452 -32.71 -46.17 -37.73
C LEU E 452 -33.19 -45.60 -39.05
N ALA E 453 -34.30 -46.16 -39.57
CA ALA E 453 -35.01 -45.66 -40.77
C ALA E 453 -35.43 -44.22 -40.64
N SER E 454 -35.86 -43.82 -39.43
CA SER E 454 -36.28 -42.43 -39.30
C SER E 454 -35.04 -41.48 -39.17
N HIS E 455 -33.90 -42.04 -38.74
CA HIS E 455 -32.69 -41.24 -38.52
C HIS E 455 -31.99 -40.99 -39.84
N ALA E 456 -31.86 -42.04 -40.62
CA ALA E 456 -31.17 -41.97 -41.87
C ALA E 456 -31.57 -40.81 -42.75
N VAL E 457 -30.62 -40.39 -43.59
CA VAL E 457 -30.95 -39.46 -44.66
C VAL E 457 -30.71 -40.14 -45.98
N TYR E 458 -31.50 -39.78 -46.97
CA TYR E 458 -31.29 -40.30 -48.31
C TYR E 458 -30.80 -39.16 -49.15
N LYS E 459 -29.73 -39.44 -49.93
CA LYS E 459 -29.03 -38.46 -50.75
C LYS E 459 -29.24 -38.76 -52.24
N PRO E 460 -30.26 -38.14 -52.84
CA PRO E 460 -30.72 -38.53 -54.16
C PRO E 460 -29.62 -38.48 -55.21
N MET E 461 -28.82 -37.42 -55.20
CA MET E 461 -27.73 -37.32 -56.15
C MET E 461 -26.61 -38.28 -55.87
N ARG E 462 -26.46 -38.77 -54.64
CA ARG E 462 -25.48 -39.86 -54.43
C ARG E 462 -26.08 -41.22 -54.54
N GLY E 463 -27.41 -41.29 -54.72
CA GLY E 463 -28.12 -42.55 -54.86
C GLY E 463 -28.04 -43.40 -53.61
N ARG E 464 -27.99 -42.81 -52.41
CA ARG E 464 -27.70 -43.66 -51.25
C ARG E 464 -28.15 -43.09 -49.90
N TYR E 465 -28.34 -43.96 -48.91
CA TYR E 465 -28.69 -43.47 -47.58
C TYR E 465 -27.41 -43.27 -46.76
N GLU E 466 -27.48 -42.41 -45.73
CA GLU E 466 -26.31 -42.15 -44.88
C GLU E 466 -26.79 -41.87 -43.46
N PHE E 467 -25.88 -41.97 -42.49
CA PHE E 467 -26.26 -41.64 -41.10
C PHE E 467 -25.46 -40.44 -40.66
N MET E 468 -26.13 -39.31 -40.54
CA MET E 468 -25.41 -38.05 -40.32
C MET E 468 -25.48 -37.49 -38.92
N ARG E 469 -24.54 -36.59 -38.58
CA ARG E 469 -24.52 -35.90 -37.30
C ARG E 469 -24.64 -36.89 -36.12
N VAL E 470 -23.73 -37.85 -36.05
CA VAL E 470 -23.80 -38.83 -34.96
C VAL E 470 -22.58 -38.67 -34.05
N GLN E 471 -22.46 -39.52 -33.03
CA GLN E 471 -21.24 -39.61 -32.22
C GLN E 471 -21.03 -41.10 -32.05
N GLY E 472 -19.82 -41.56 -32.34
CA GLY E 472 -19.44 -42.98 -32.24
C GLY E 472 -18.82 -43.35 -30.91
N PRO E 473 -18.40 -44.63 -30.75
CA PRO E 473 -17.76 -45.06 -29.47
C PRO E 473 -16.62 -44.11 -29.02
N ASP E 474 -15.81 -43.64 -29.98
CA ASP E 474 -14.92 -42.49 -29.72
C ASP E 474 -15.73 -41.24 -29.35
N GLN E 475 -15.95 -41.08 -28.07
CA GLN E 475 -16.78 -40.00 -27.56
C GLN E 475 -16.27 -38.64 -27.98
N TYR E 476 -14.96 -38.49 -28.27
CA TYR E 476 -14.37 -37.15 -28.47
C TYR E 476 -14.78 -36.46 -29.78
N HIS E 477 -15.16 -37.22 -30.79
CA HIS E 477 -15.62 -36.61 -32.05
C HIS E 477 -17.12 -36.63 -32.21
N GLU E 478 -17.75 -35.52 -31.86
CA GLU E 478 -19.19 -35.32 -32.05
C GLU E 478 -19.46 -34.67 -33.42
N ASN E 479 -20.70 -34.75 -33.88
CA ASN E 479 -21.12 -34.21 -35.20
C ASN E 479 -20.37 -34.79 -36.36
N VAL E 480 -20.28 -36.11 -36.41
CA VAL E 480 -19.58 -36.81 -37.50
C VAL E 480 -20.62 -37.59 -38.34
N ASP E 481 -20.26 -37.93 -39.56
CA ASP E 481 -21.16 -38.58 -40.49
C ASP E 481 -20.62 -39.92 -40.81
N ASN E 482 -21.52 -40.90 -40.93
CA ASN E 482 -21.10 -42.24 -41.31
C ASN E 482 -19.91 -42.76 -40.42
N ASN E 483 -20.06 -42.62 -39.12
CA ASN E 483 -19.20 -43.38 -38.24
C ASN E 483 -19.31 -44.81 -38.73
N ALA E 484 -18.18 -45.45 -38.98
CA ALA E 484 -18.19 -46.79 -39.54
C ALA E 484 -18.79 -47.84 -38.61
N PHE E 485 -18.56 -47.69 -37.33
CA PHE E 485 -19.14 -48.61 -36.37
C PHE E 485 -20.69 -48.47 -36.39
N THR E 486 -21.18 -47.25 -36.25
CA THR E 486 -22.59 -46.94 -36.39
C THR E 486 -23.28 -47.59 -37.64
N ASN E 487 -22.75 -47.35 -38.83
CA ASN E 487 -23.35 -47.78 -40.07
C ASN E 487 -23.36 -49.31 -40.17
N HIS E 488 -22.31 -49.93 -39.71
CA HIS E 488 -22.26 -51.37 -39.69
C HIS E 488 -23.30 -51.87 -38.76
N GLN E 489 -23.35 -51.33 -37.52
CA GLN E 489 -24.36 -51.74 -36.56
C GLN E 489 -25.83 -51.55 -37.11
N ALA E 490 -26.04 -50.49 -37.90
CA ALA E 490 -27.33 -50.23 -38.50
C ALA E 490 -27.66 -51.29 -39.56
N MET E 491 -26.72 -51.61 -40.41
CA MET E 491 -26.95 -52.63 -41.38
C MET E 491 -27.19 -53.97 -40.72
N PHE E 492 -26.52 -54.21 -39.60
CA PHE E 492 -26.76 -55.40 -38.88
C PHE E 492 -28.19 -55.56 -38.36
N THR E 493 -28.74 -54.46 -37.83
CA THR E 493 -30.06 -54.48 -37.27
C THR E 493 -31.08 -54.67 -38.41
N LEU E 494 -30.87 -54.04 -39.56
CA LEU E 494 -31.85 -54.17 -40.66
C LEU E 494 -31.84 -55.61 -41.26
N GLN E 495 -30.68 -56.23 -41.31
CA GLN E 495 -30.50 -57.63 -41.69
C GLN E 495 -31.21 -58.54 -40.73
N ALA E 496 -30.93 -58.38 -39.42
CA ALA E 496 -31.63 -59.14 -38.40
C ALA E 496 -33.16 -58.97 -38.56
N ALA E 497 -33.62 -57.74 -38.81
CA ALA E 497 -35.05 -57.46 -38.97
C ALA E 497 -35.59 -58.20 -40.19
N ASP E 498 -34.87 -58.08 -41.31
CA ASP E 498 -35.23 -58.76 -42.53
C ASP E 498 -35.33 -60.31 -42.37
N GLU E 499 -34.33 -60.92 -41.75
CA GLU E 499 -34.40 -62.32 -41.35
C GLU E 499 -35.66 -62.66 -40.53
N LEU E 500 -35.93 -61.90 -39.49
CA LEU E 500 -37.15 -62.09 -38.73
C LEU E 500 -38.41 -62.10 -39.59
N LEU E 501 -38.51 -61.15 -40.53
CA LEU E 501 -39.71 -61.03 -41.31
C LEU E 501 -39.87 -62.30 -42.20
N GLN E 502 -38.78 -62.99 -42.51
CA GLN E 502 -38.88 -64.10 -43.47
C GLN E 502 -38.91 -65.45 -42.79
N THR E 503 -38.97 -65.47 -41.46
CA THR E 503 -38.48 -66.59 -40.65
C THR E 503 -39.42 -66.84 -39.48
N LEU E 504 -40.06 -65.79 -38.99
CA LEU E 504 -41.00 -65.94 -37.89
C LEU E 504 -42.28 -66.55 -38.42
N ASP E 505 -43.00 -67.22 -37.54
CA ASP E 505 -44.25 -67.81 -37.93
C ASP E 505 -45.25 -66.70 -38.05
N GLU E 506 -46.36 -67.02 -38.69
CA GLU E 506 -47.29 -66.03 -39.15
C GLU E 506 -47.99 -65.47 -37.96
N LYS E 507 -48.16 -66.27 -36.91
CA LYS E 507 -48.85 -65.75 -35.78
C LYS E 507 -48.05 -64.68 -35.06
N THR E 508 -46.79 -64.98 -34.77
CA THR E 508 -45.93 -64.03 -34.04
C THR E 508 -45.85 -62.69 -34.87
N LEU E 509 -45.58 -62.83 -36.16
CA LEU E 509 -45.44 -61.73 -37.10
C LEU E 509 -46.64 -60.83 -37.11
N SER E 510 -47.87 -61.37 -37.26
CA SER E 510 -49.02 -60.46 -37.30
C SER E 510 -49.28 -59.88 -35.95
N ALA E 511 -49.09 -60.67 -34.89
CA ALA E 511 -49.28 -60.05 -33.56
C ALA E 511 -48.29 -58.86 -33.35
N VAL E 512 -47.00 -59.05 -33.71
CA VAL E 512 -45.98 -57.98 -33.57
C VAL E 512 -46.19 -56.79 -34.53
N LYS E 513 -46.42 -57.11 -35.80
CA LYS E 513 -46.70 -56.05 -36.79
C LYS E 513 -47.86 -55.24 -36.32
N GLU E 514 -48.84 -55.89 -35.72
CA GLU E 514 -50.02 -55.15 -35.34
C GLU E 514 -49.84 -54.35 -34.05
N LYS E 515 -49.10 -54.93 -33.10
CA LYS E 515 -48.89 -54.28 -31.84
C LYS E 515 -48.08 -52.98 -32.07
N ILE E 516 -47.17 -52.95 -33.04
CA ILE E 516 -46.39 -51.73 -33.31
C ILE E 516 -46.72 -50.98 -34.62
N GLY E 517 -47.72 -51.44 -35.39
CA GLY E 517 -48.17 -50.76 -36.63
C GLY E 517 -47.13 -50.84 -37.74
N LEU E 518 -46.43 -51.95 -37.89
CA LEU E 518 -45.42 -52.01 -38.92
C LEU E 518 -46.09 -52.22 -40.29
N SER E 519 -45.79 -51.38 -41.27
CA SER E 519 -46.49 -51.39 -42.57
C SER E 519 -45.55 -51.90 -43.68
N ASP E 520 -46.10 -52.25 -44.86
CA ASP E 520 -45.32 -52.66 -46.03
C ASP E 520 -44.32 -51.60 -46.50
N ASP E 521 -44.74 -50.33 -46.53
CA ASP E 521 -43.85 -49.23 -46.88
C ASP E 521 -42.60 -49.17 -45.99
N GLU E 522 -42.78 -49.28 -44.68
CA GLU E 522 -41.63 -49.40 -43.74
C GLU E 522 -40.70 -50.52 -44.21
N ILE E 523 -41.33 -51.68 -44.45
CA ILE E 523 -40.58 -52.89 -44.81
C ILE E 523 -39.84 -52.69 -46.13
N SER E 524 -40.49 -52.02 -47.07
CA SER E 524 -39.77 -51.69 -48.33
C SER E 524 -38.61 -50.75 -48.05
N LEU E 525 -38.83 -49.75 -47.18
CA LEU E 525 -37.75 -48.80 -46.92
C LEU E 525 -36.53 -49.59 -46.31
N TRP E 526 -36.79 -50.43 -45.28
CA TRP E 526 -35.72 -51.25 -44.73
C TRP E 526 -34.93 -51.96 -45.74
N ARG E 527 -35.63 -52.61 -46.69
CA ARG E 527 -34.99 -53.41 -47.73
C ARG E 527 -34.26 -52.54 -48.75
N ASP E 528 -34.78 -51.38 -49.07
CA ASP E 528 -34.05 -50.44 -49.91
C ASP E 528 -32.77 -49.91 -49.19
N MET E 529 -32.89 -49.63 -47.89
CA MET E 529 -31.71 -49.20 -47.10
C MET E 529 -30.67 -50.32 -47.05
N LEU E 530 -31.11 -51.59 -47.00
CA LEU E 530 -30.14 -52.72 -47.03
C LEU E 530 -29.37 -52.83 -48.35
N ALA E 531 -29.97 -52.38 -49.43
CA ALA E 531 -29.27 -52.45 -50.72
C ALA E 531 -28.48 -51.16 -50.98
N ASN E 532 -28.82 -50.05 -50.30
CA ASN E 532 -28.35 -48.75 -50.74
C ASN E 532 -27.80 -47.83 -49.67
N THR E 533 -27.43 -48.38 -48.52
CA THR E 533 -26.82 -47.56 -47.45
C THR E 533 -25.32 -47.48 -47.61
N TYR E 534 -24.75 -46.27 -47.52
CA TYR E 534 -23.29 -46.15 -47.47
C TYR E 534 -22.68 -46.80 -46.20
N VAL E 535 -21.81 -47.76 -46.42
CA VAL E 535 -21.04 -48.35 -45.34
C VAL E 535 -19.55 -48.23 -45.67
N PRO E 536 -18.81 -47.49 -44.84
CA PRO E 536 -17.39 -47.36 -45.01
C PRO E 536 -16.74 -48.74 -44.94
N LYS E 537 -15.82 -48.99 -45.85
CA LYS E 537 -15.18 -50.28 -46.01
C LYS E 537 -13.66 -50.08 -46.20
N PRO E 538 -12.84 -51.14 -46.06
CA PRO E 538 -11.39 -50.91 -46.24
C PRO E 538 -11.03 -50.16 -47.57
N ASP E 539 -10.18 -49.11 -47.47
CA ASP E 539 -9.73 -48.35 -48.65
C ASP E 539 -8.59 -49.17 -49.26
N LYS E 540 -7.84 -48.61 -50.22
CA LYS E 540 -6.70 -49.33 -50.85
C LYS E 540 -5.60 -49.72 -49.89
N HIS E 541 -5.45 -49.00 -48.78
CA HIS E 541 -4.48 -49.42 -47.75
C HIS E 541 -5.09 -50.43 -46.81
N GLY E 542 -6.33 -50.83 -47.09
CA GLY E 542 -7.11 -51.67 -46.17
C GLY E 542 -7.67 -50.96 -44.94
N ILE E 543 -7.60 -49.62 -44.88
CA ILE E 543 -8.03 -48.93 -43.67
C ILE E 543 -9.48 -48.51 -43.83
N ILE E 544 -10.24 -48.71 -42.74
CA ILE E 544 -11.63 -48.26 -42.69
C ILE E 544 -11.65 -46.94 -42.00
N GLU E 545 -12.09 -45.88 -42.69
CA GLU E 545 -12.09 -44.54 -42.11
C GLU E 545 -13.12 -44.43 -40.98
N GLN E 546 -12.69 -43.95 -39.80
CA GLN E 546 -13.57 -43.95 -38.63
C GLN E 546 -14.91 -43.23 -38.89
N PHE E 547 -14.87 -42.12 -39.62
CA PHE E 547 -16.06 -41.35 -40.05
C PHE E 547 -15.65 -40.48 -41.24
N ASP E 548 -16.58 -39.85 -41.94
CA ASP E 548 -16.18 -39.03 -43.08
C ASP E 548 -15.20 -37.92 -42.61
N GLY E 549 -14.06 -37.78 -43.28
CA GLY E 549 -13.14 -36.67 -43.07
C GLY E 549 -12.13 -36.93 -41.94
N TYR E 550 -12.16 -38.14 -41.36
CA TYR E 550 -11.29 -38.49 -40.26
C TYR E 550 -9.87 -38.41 -40.76
N TYR E 551 -9.65 -38.83 -42.01
CA TYR E 551 -8.34 -38.84 -42.63
C TYR E 551 -7.76 -37.45 -42.77
N ASP E 552 -8.61 -36.43 -42.68
CA ASP E 552 -8.22 -35.03 -42.87
C ASP E 552 -7.97 -34.32 -41.55
N LEU E 553 -8.17 -34.97 -40.42
CA LEU E 553 -7.91 -34.31 -39.17
C LEU E 553 -6.41 -34.52 -38.84
N GLU E 554 -5.84 -33.77 -37.92
CA GLU E 554 -4.40 -33.78 -37.76
C GLU E 554 -3.93 -35.14 -37.18
N THR E 555 -3.02 -35.84 -37.87
CA THR E 555 -2.38 -37.05 -37.32
C THR E 555 -1.40 -36.72 -36.16
N ILE E 556 -1.66 -37.19 -34.95
CA ILE E 556 -0.73 -37.10 -33.83
C ILE E 556 -0.38 -38.50 -33.32
N ILE E 557 0.85 -38.94 -33.59
CA ILE E 557 1.32 -40.22 -33.19
C ILE E 557 2.65 -40.07 -32.43
N PRO E 558 2.72 -40.61 -31.18
CA PRO E 558 1.59 -41.28 -30.51
C PRO E 558 0.57 -40.24 -30.06
N ALA E 559 -0.67 -40.63 -29.82
CA ALA E 559 -1.74 -39.69 -29.58
C ALA E 559 -1.59 -38.92 -28.25
N LYS E 560 -0.90 -39.49 -27.27
CA LYS E 560 -0.68 -38.85 -25.92
C LYS E 560 0.03 -37.47 -25.97
N LYS E 561 0.78 -37.24 -27.05
CA LYS E 561 1.39 -35.96 -27.32
C LYS E 561 0.40 -34.80 -27.24
N VAL E 562 -0.87 -35.04 -27.62
CA VAL E 562 -1.86 -33.92 -27.72
C VAL E 562 -2.12 -33.33 -26.33
N THR E 563 -1.78 -34.08 -25.27
CA THR E 563 -1.97 -33.58 -23.89
C THR E 563 -1.04 -32.37 -23.64
N GLU E 564 0.09 -32.30 -24.34
CA GLU E 564 0.93 -31.12 -24.28
C GLU E 564 0.09 -29.88 -24.46
N ARG E 565 -1.08 -29.97 -25.12
CA ARG E 565 -1.83 -28.71 -25.49
C ARG E 565 -2.81 -28.19 -24.45
N LEU E 566 -3.00 -28.96 -23.39
CA LEU E 566 -3.96 -28.60 -22.32
C LEU E 566 -3.52 -27.38 -21.51
N ILE E 567 -4.50 -26.64 -21.06
CA ILE E 567 -4.26 -25.53 -20.17
C ILE E 567 -4.47 -25.96 -18.72
N LYS E 568 -5.57 -26.68 -18.44
CA LYS E 568 -5.80 -27.31 -17.14
C LYS E 568 -5.82 -28.82 -17.35
N GLU E 569 -5.52 -29.58 -16.31
CA GLU E 569 -5.42 -31.03 -16.45
C GLU E 569 -6.78 -31.72 -16.48
N ASP E 570 -7.79 -31.04 -15.98
CA ASP E 570 -9.11 -31.60 -15.90
C ASP E 570 -10.08 -31.05 -16.96
N GLU E 571 -9.58 -30.40 -17.99
CA GLU E 571 -10.45 -30.04 -19.14
C GLU E 571 -10.99 -31.31 -19.76
N TYR E 572 -12.26 -31.28 -20.16
CA TYR E 572 -12.80 -32.26 -21.11
C TYR E 572 -11.97 -32.24 -22.42
N TYR E 573 -11.48 -33.39 -22.88
CA TYR E 573 -10.65 -33.45 -24.07
C TYR E 573 -11.39 -33.34 -25.40
N GLY E 574 -12.72 -33.36 -25.37
CA GLY E 574 -13.51 -33.50 -26.59
C GLY E 574 -14.36 -32.32 -26.99
N TYR E 575 -15.52 -32.62 -27.55
CA TYR E 575 -16.36 -31.57 -28.14
C TYR E 575 -16.76 -30.64 -27.03
N PRO E 576 -16.88 -29.33 -27.32
CA PRO E 576 -16.82 -28.68 -28.66
C PRO E 576 -15.47 -28.13 -29.12
N ASN E 577 -14.60 -27.77 -28.20
CA ASN E 577 -13.31 -27.20 -28.58
C ASN E 577 -12.14 -27.70 -27.70
N GLY E 578 -12.20 -28.99 -27.35
CA GLY E 578 -11.19 -29.66 -26.58
C GLY E 578 -10.05 -29.98 -27.48
N VAL E 579 -8.92 -30.31 -26.87
CA VAL E 579 -7.68 -30.44 -27.62
C VAL E 579 -7.69 -31.55 -28.66
N THR E 580 -8.59 -32.55 -28.55
CA THR E 580 -8.56 -33.69 -29.50
C THR E 580 -9.40 -33.44 -30.75
N VAL E 581 -10.27 -32.44 -30.64
CA VAL E 581 -11.36 -32.26 -31.63
C VAL E 581 -10.97 -32.21 -33.10
N ARG E 582 -9.87 -31.58 -33.39
CA ARG E 582 -9.46 -31.48 -34.80
C ARG E 582 -8.26 -32.37 -35.09
N THR E 583 -8.16 -33.43 -34.29
CA THR E 583 -7.14 -34.40 -34.43
C THR E 583 -7.69 -35.78 -34.68
N GLN E 584 -6.81 -36.67 -35.06
CA GLN E 584 -7.13 -38.07 -35.20
C GLN E 584 -7.05 -38.83 -33.88
N CYS E 585 -6.87 -38.09 -32.79
CA CYS E 585 -6.70 -38.71 -31.47
C CYS E 585 -8.09 -39.19 -31.02
N ILE E 586 -8.20 -40.48 -30.66
CA ILE E 586 -9.52 -41.02 -30.33
C ILE E 586 -9.54 -41.49 -28.89
N LYS E 587 -10.69 -41.44 -28.23
CA LYS E 587 -10.73 -41.82 -26.80
C LYS E 587 -10.54 -43.33 -26.51
N GLN E 588 -11.04 -44.18 -27.41
CA GLN E 588 -11.23 -45.63 -27.16
C GLN E 588 -11.46 -46.36 -28.49
N ALA E 589 -11.63 -47.70 -28.44
CA ALA E 589 -11.96 -48.46 -29.68
C ALA E 589 -13.25 -47.98 -30.42
N ASP E 590 -13.14 -47.82 -31.73
CA ASP E 590 -14.27 -47.36 -32.51
C ASP E 590 -14.27 -48.29 -33.71
N VAL E 591 -13.45 -48.00 -34.71
CA VAL E 591 -13.28 -49.01 -35.75
C VAL E 591 -12.90 -50.38 -35.16
N ILE E 592 -12.12 -50.40 -34.08
CA ILE E 592 -11.67 -51.67 -33.51
C ILE E 592 -12.82 -52.34 -32.74
N GLN E 593 -13.72 -51.54 -32.17
CA GLN E 593 -14.95 -52.04 -31.54
C GLN E 593 -15.81 -52.90 -32.52
N LEU E 594 -15.86 -52.45 -33.76
CA LEU E 594 -16.52 -53.18 -34.83
C LEU E 594 -16.00 -54.60 -34.97
N PHE E 595 -14.68 -54.75 -34.96
CA PHE E 595 -14.10 -56.09 -35.03
C PHE E 595 -14.42 -56.94 -33.81
N VAL E 596 -14.45 -56.34 -32.61
CA VAL E 596 -14.88 -57.07 -31.42
C VAL E 596 -16.27 -57.68 -31.65
N LEU E 597 -17.24 -56.89 -32.12
CA LEU E 597 -18.61 -57.31 -32.23
C LEU E 597 -18.85 -58.24 -33.43
N HIS E 598 -18.06 -58.08 -34.50
CA HIS E 598 -18.16 -58.89 -35.71
C HIS E 598 -16.83 -59.52 -36.07
N PRO E 599 -16.39 -60.53 -35.28
CA PRO E 599 -15.05 -61.08 -35.48
C PRO E 599 -14.80 -61.77 -36.81
N HIS E 600 -15.86 -62.08 -37.53
CA HIS E 600 -15.77 -62.79 -38.81
C HIS E 600 -16.08 -61.88 -39.97
N LEU E 601 -16.28 -60.59 -39.74
CA LEU E 601 -16.66 -59.80 -40.90
C LEU E 601 -15.51 -59.67 -41.88
N TYR E 602 -14.36 -59.26 -41.36
CA TYR E 602 -13.25 -58.86 -42.24
C TYR E 602 -12.11 -59.84 -42.10
N ASP E 603 -11.33 -59.96 -43.14
CA ASP E 603 -10.19 -60.87 -43.11
C ASP E 603 -9.11 -60.44 -42.04
N ARG E 604 -8.39 -61.43 -41.53
CA ARG E 604 -7.28 -61.26 -40.58
C ARG E 604 -6.34 -60.07 -40.91
N LYS E 605 -5.92 -59.98 -42.17
CA LYS E 605 -4.94 -58.96 -42.63
C LYS E 605 -5.56 -57.57 -42.49
N THR E 606 -6.86 -57.46 -42.75
CA THR E 606 -7.54 -56.17 -42.71
C THR E 606 -7.69 -55.66 -41.30
N VAL E 607 -8.02 -56.56 -40.38
CA VAL E 607 -8.18 -56.22 -39.00
C VAL E 607 -6.80 -55.76 -38.47
N GLU E 608 -5.76 -56.45 -38.93
CA GLU E 608 -4.39 -56.17 -38.48
C GLU E 608 -3.93 -54.80 -38.94
N LEU E 609 -4.13 -54.48 -40.22
CA LEU E 609 -3.84 -53.12 -40.72
C LEU E 609 -4.62 -52.08 -39.98
N ASN E 610 -5.92 -52.31 -39.78
CA ASN E 610 -6.68 -51.36 -38.96
C ASN E 610 -6.18 -51.24 -37.51
N TYR E 611 -5.78 -52.37 -36.93
CA TYR E 611 -5.28 -52.35 -35.55
C TYR E 611 -4.05 -51.45 -35.46
N GLU E 612 -3.20 -51.55 -36.49
CA GLU E 612 -1.87 -50.95 -36.48
C GLU E 612 -1.95 -49.46 -36.83
N PHE E 613 -2.97 -49.08 -37.64
CA PHE E 613 -3.24 -47.69 -37.97
C PHE E 613 -3.84 -47.01 -36.76
N TYR E 614 -4.78 -47.67 -36.05
CA TYR E 614 -5.59 -46.96 -35.02
C TYR E 614 -5.03 -46.96 -33.61
N GLU E 615 -4.34 -48.04 -33.25
CA GLU E 615 -3.91 -48.21 -31.86
C GLU E 615 -3.03 -47.00 -31.45
N PRO E 616 -2.01 -46.65 -32.27
CA PRO E 616 -1.16 -45.51 -31.85
C PRO E 616 -1.86 -44.13 -31.84
N ARG E 617 -3.03 -44.02 -32.51
CA ARG E 617 -3.92 -42.80 -32.49
C ARG E 617 -4.94 -42.84 -31.34
N THR E 618 -4.92 -43.93 -30.57
CA THR E 618 -5.91 -44.14 -29.51
C THR E 618 -5.34 -43.77 -28.16
N LEU E 619 -6.06 -42.93 -27.44
CA LEU E 619 -5.54 -42.46 -26.17
C LEU E 619 -5.72 -43.46 -25.06
N HIS E 620 -6.75 -44.28 -25.17
CA HIS E 620 -7.20 -45.21 -24.12
C HIS E 620 -7.51 -44.46 -22.88
N PHE E 621 -8.18 -43.34 -23.04
CA PHE E 621 -8.67 -42.57 -21.88
C PHE E 621 -10.06 -42.97 -21.49
N SER E 622 -10.51 -44.09 -22.02
CA SER E 622 -11.70 -44.72 -21.52
C SER E 622 -11.30 -46.07 -20.98
N SER E 623 -11.83 -46.40 -19.81
CA SER E 623 -11.77 -47.78 -19.28
C SER E 623 -12.39 -48.87 -20.16
N LEU E 624 -13.20 -48.46 -21.12
CA LEU E 624 -13.71 -49.40 -22.13
C LEU E 624 -12.63 -49.80 -23.11
N SER E 625 -11.56 -49.02 -23.21
CA SER E 625 -10.66 -49.14 -24.38
C SER E 625 -9.70 -50.32 -24.33
N PRO E 626 -8.91 -50.48 -23.23
CA PRO E 626 -7.85 -51.51 -23.32
C PRO E 626 -8.40 -52.92 -23.68
N SER E 627 -9.54 -53.30 -23.07
CA SER E 627 -10.13 -54.64 -23.32
C SER E 627 -10.44 -54.92 -24.82
N SER E 628 -11.01 -53.95 -25.53
CA SER E 628 -11.38 -54.12 -26.96
C SER E 628 -10.14 -54.32 -27.79
N TYR E 629 -9.12 -53.53 -27.52
CA TYR E 629 -7.84 -53.73 -28.24
C TYR E 629 -7.25 -55.09 -27.86
N ALA E 630 -7.44 -55.50 -26.62
CA ALA E 630 -6.83 -56.78 -26.23
C ALA E 630 -7.49 -57.88 -27.02
N ILE E 631 -8.80 -57.77 -27.17
CA ILE E 631 -9.52 -58.86 -27.72
C ILE E 631 -9.13 -59.04 -29.17
N VAL E 632 -8.99 -57.91 -29.85
CA VAL E 632 -8.71 -57.98 -31.28
C VAL E 632 -7.24 -58.40 -31.40
N ALA E 633 -6.38 -57.84 -30.54
CA ALA E 633 -4.93 -58.17 -30.58
C ALA E 633 -4.69 -59.65 -30.42
N ALA E 634 -5.47 -60.29 -29.55
CA ALA E 634 -5.36 -61.75 -29.31
C ALA E 634 -5.54 -62.60 -30.59
N GLN E 635 -6.50 -62.22 -31.42
CA GLN E 635 -6.84 -62.97 -32.62
C GLN E 635 -6.12 -62.53 -33.92
N ILE E 636 -5.23 -61.56 -33.82
CA ILE E 636 -4.38 -61.30 -34.97
C ILE E 636 -2.92 -61.59 -34.66
N ASP E 637 -2.70 -62.54 -33.74
CA ASP E 637 -1.37 -62.97 -33.29
C ASP E 637 -0.45 -61.84 -32.79
N LYS E 638 -0.98 -61.01 -31.90
CA LYS E 638 -0.21 -59.99 -31.18
C LYS E 638 -0.58 -60.24 -29.72
N VAL E 639 -0.30 -61.47 -29.31
CA VAL E 639 -0.71 -62.01 -28.03
C VAL E 639 -0.08 -61.26 -26.89
N GLU E 640 1.18 -60.89 -27.08
CA GLU E 640 1.95 -60.22 -26.05
C GLU E 640 1.45 -58.79 -25.82
N GLU E 641 1.09 -58.09 -26.90
CA GLU E 641 0.38 -56.79 -26.80
C GLU E 641 -1.03 -56.96 -26.22
N ALA E 642 -1.75 -57.98 -26.70
CA ALA E 642 -3.05 -58.29 -26.11
C ALA E 642 -2.87 -58.41 -24.59
N TYR E 643 -1.88 -59.21 -24.18
CA TYR E 643 -1.55 -59.31 -22.75
C TYR E 643 -1.29 -57.95 -22.01
N ARG E 644 -0.53 -57.04 -22.61
CA ARG E 644 -0.28 -55.73 -21.95
C ARG E 644 -1.60 -54.95 -21.77
N ASN E 645 -2.47 -55.01 -22.80
CA ASN E 645 -3.85 -54.44 -22.77
C ASN E 645 -4.72 -55.07 -21.67
N PHE E 646 -4.70 -56.39 -21.64
CA PHE E 646 -5.30 -57.12 -20.54
C PHE E 646 -4.80 -56.60 -19.22
N ARG E 647 -3.47 -56.47 -19.04
CA ARG E 647 -2.94 -55.91 -17.76
C ARG E 647 -3.46 -54.50 -17.49
N LYS E 648 -3.35 -53.63 -18.48
CA LYS E 648 -3.94 -52.30 -18.37
C LYS E 648 -5.43 -52.39 -17.89
N SER E 649 -6.23 -53.27 -18.49
CA SER E 649 -7.66 -53.32 -18.17
C SER E 649 -7.97 -53.85 -16.76
N VAL E 650 -7.36 -54.98 -16.37
CA VAL E 650 -7.76 -55.60 -15.08
C VAL E 650 -7.36 -54.77 -13.88
N MET E 651 -6.43 -53.84 -14.12
CA MET E 651 -5.79 -53.06 -13.03
C MET E 651 -6.36 -51.68 -12.91
N ILE E 652 -7.23 -51.32 -13.86
CA ILE E 652 -7.81 -49.96 -13.82
C ILE E 652 -8.31 -49.49 -12.42
N ASP E 653 -8.88 -50.40 -11.62
CA ASP E 653 -9.41 -49.97 -10.32
C ASP E 653 -8.39 -50.33 -9.25
N LEU E 654 -7.83 -51.54 -9.34
CA LEU E 654 -6.88 -51.96 -8.33
C LEU E 654 -5.75 -50.95 -8.15
N LEU E 655 -5.16 -50.49 -9.26
CA LEU E 655 -4.00 -49.62 -9.25
C LEU E 655 -4.35 -48.14 -9.47
N ASN E 656 -5.64 -47.81 -9.40
CA ASN E 656 -6.12 -46.43 -9.48
C ASN E 656 -5.52 -45.64 -10.65
N THR E 657 -5.59 -46.24 -11.83
CA THR E 657 -5.03 -45.66 -13.05
C THR E 657 -5.95 -44.56 -13.62
N ASN E 658 -7.16 -44.44 -13.06
CA ASN E 658 -8.19 -43.49 -13.52
C ASN E 658 -8.40 -42.21 -12.66
N GLU E 659 -9.26 -41.32 -13.16
CA GLU E 659 -9.20 -39.88 -12.91
C GLU E 659 -10.04 -39.32 -11.70
N ALA E 660 -11.29 -39.74 -11.60
CA ALA E 660 -12.24 -39.26 -10.56
C ALA E 660 -13.14 -38.15 -11.07
N VAL E 661 -12.55 -37.10 -11.64
CA VAL E 661 -13.34 -35.93 -12.01
C VAL E 661 -12.76 -35.41 -13.30
N SER E 662 -13.62 -35.06 -14.25
CA SER E 662 -13.22 -34.49 -15.55
C SER E 662 -14.26 -33.47 -15.92
N GLY E 663 -13.82 -32.33 -16.45
CA GLY E 663 -14.76 -31.31 -16.85
C GLY E 663 -15.78 -30.93 -15.81
N GLY E 664 -15.37 -30.89 -14.54
CA GLY E 664 -16.25 -30.39 -13.47
C GLY E 664 -17.25 -31.46 -12.99
N THR E 665 -17.14 -32.67 -13.52
CA THR E 665 -18.14 -33.70 -13.27
C THR E 665 -17.49 -34.95 -12.73
N PHE E 666 -18.07 -35.53 -11.68
CA PHE E 666 -17.53 -36.72 -11.03
C PHE E 666 -17.90 -38.00 -11.82
N ILE E 667 -16.88 -38.69 -12.32
CA ILE E 667 -16.95 -39.87 -13.15
C ILE E 667 -16.20 -41.09 -12.54
N GLY E 668 -15.68 -40.95 -11.32
CA GLY E 668 -15.07 -42.09 -10.66
C GLY E 668 -16.02 -43.21 -10.19
N GLY E 669 -15.45 -44.16 -9.50
CA GLY E 669 -16.09 -45.29 -8.86
C GLY E 669 -15.52 -46.49 -9.57
N ILE E 670 -16.09 -47.65 -9.26
CA ILE E 670 -15.69 -48.88 -9.86
C ILE E 670 -16.10 -48.92 -11.33
N HIS E 671 -15.21 -49.43 -12.16
CA HIS E 671 -15.36 -49.40 -13.63
C HIS E 671 -16.06 -50.65 -14.14
N THR E 672 -17.39 -50.67 -14.03
CA THR E 672 -18.20 -51.85 -14.26
C THR E 672 -18.06 -52.48 -15.64
N ALA E 673 -18.04 -51.69 -16.72
CA ALA E 673 -17.78 -52.24 -18.06
C ALA E 673 -16.41 -52.92 -18.08
N ALA E 674 -15.39 -52.19 -17.60
CA ALA E 674 -14.06 -52.81 -17.59
C ALA E 674 -14.11 -54.12 -16.79
N ASN E 675 -14.84 -54.12 -15.67
CA ASN E 675 -14.98 -55.35 -14.83
C ASN E 675 -15.57 -56.54 -15.56
N GLY E 676 -16.62 -56.28 -16.34
CA GLY E 676 -17.25 -57.33 -17.12
C GLY E 676 -16.29 -57.79 -18.21
N ALA E 677 -15.58 -56.86 -18.82
CA ALA E 677 -14.68 -57.19 -19.92
C ALA E 677 -13.53 -58.11 -19.53
N SER E 678 -13.16 -58.12 -18.24
CA SER E 678 -12.11 -59.03 -17.76
C SER E 678 -12.36 -60.45 -18.23
N TRP E 679 -13.59 -60.89 -17.95
CA TRP E 679 -14.08 -62.19 -18.40
C TRP E 679 -13.93 -62.38 -19.90
N GLN E 680 -14.35 -61.41 -20.69
CA GLN E 680 -14.29 -61.51 -22.16
C GLN E 680 -12.88 -61.60 -22.73
N MET E 681 -11.95 -60.84 -22.15
CA MET E 681 -10.55 -60.79 -22.67
C MET E 681 -9.95 -62.19 -22.60
N VAL E 682 -10.21 -62.87 -21.50
CA VAL E 682 -9.80 -64.28 -21.36
C VAL E 682 -10.55 -65.23 -22.31
N VAL E 683 -11.88 -65.14 -22.30
CA VAL E 683 -12.70 -66.14 -23.00
C VAL E 683 -12.85 -65.84 -24.48
N ASN E 684 -13.37 -64.67 -24.81
CA ASN E 684 -13.49 -64.34 -26.22
C ASN E 684 -12.16 -63.93 -26.85
N GLY E 685 -11.29 -63.36 -26.02
CA GLY E 685 -10.02 -62.80 -26.50
C GLY E 685 -8.96 -63.87 -26.72
N PHE E 686 -8.20 -64.17 -25.66
CA PHE E 686 -7.25 -65.28 -25.72
C PHE E 686 -7.89 -66.61 -26.20
N GLY E 687 -9.04 -66.95 -25.60
CA GLY E 687 -9.74 -68.21 -25.94
C GLY E 687 -10.25 -68.30 -27.39
N GLY E 688 -10.53 -67.13 -27.96
CA GLY E 688 -11.07 -67.04 -29.31
C GLY E 688 -12.50 -67.54 -29.40
N LEU E 689 -13.22 -67.61 -28.26
CA LEU E 689 -14.61 -68.08 -28.28
C LEU E 689 -15.58 -67.18 -29.08
N SER E 690 -16.19 -67.75 -30.11
CA SER E 690 -17.28 -67.09 -30.80
C SER E 690 -18.28 -68.08 -31.43
N VAL E 691 -19.47 -67.56 -31.69
CA VAL E 691 -20.53 -68.29 -32.38
C VAL E 691 -20.86 -67.51 -33.64
N HIS E 692 -20.74 -68.22 -34.76
CA HIS E 692 -20.88 -67.66 -36.09
C HIS E 692 -22.05 -68.26 -36.85
N GLY E 693 -21.89 -69.43 -37.48
CA GLY E 693 -22.95 -69.93 -38.40
C GLY E 693 -23.76 -71.12 -37.89
N ASP E 694 -24.21 -71.00 -36.63
CA ASP E 694 -24.46 -72.18 -35.77
C ASP E 694 -23.14 -72.88 -35.57
N ASP E 695 -22.08 -72.29 -36.13
CA ASP E 695 -20.71 -72.75 -35.97
C ASP E 695 -20.13 -72.23 -34.64
N ILE E 696 -19.72 -73.11 -33.75
CA ILE E 696 -19.10 -72.58 -32.56
C ILE E 696 -17.58 -72.60 -32.75
N HIS E 697 -16.93 -71.44 -32.58
CA HIS E 697 -15.49 -71.25 -32.75
C HIS E 697 -14.69 -71.18 -31.47
N LEU E 698 -13.43 -71.64 -31.54
CA LEU E 698 -12.38 -71.49 -30.52
C LEU E 698 -11.03 -71.28 -31.21
N SER E 699 -10.16 -70.48 -30.57
CA SER E 699 -8.83 -70.19 -31.11
C SER E 699 -7.81 -69.90 -30.00
N PRO E 700 -7.55 -70.88 -29.12
CA PRO E 700 -6.80 -70.60 -27.89
C PRO E 700 -5.35 -70.12 -28.07
N ARG E 701 -5.13 -68.84 -27.71
CA ARG E 701 -3.83 -68.20 -27.64
C ARG E 701 -3.40 -68.14 -26.16
N LEU E 702 -2.10 -68.22 -25.90
CA LEU E 702 -1.59 -68.24 -24.53
C LEU E 702 -0.47 -67.22 -24.40
N PRO E 703 -0.71 -66.19 -23.58
CA PRO E 703 0.42 -65.27 -23.34
C PRO E 703 1.51 -66.00 -22.53
N ASP E 704 2.75 -65.55 -22.75
CA ASP E 704 3.96 -66.05 -22.05
C ASP E 704 3.84 -66.00 -20.52
N ALA E 705 3.10 -65.02 -20.00
CA ALA E 705 2.88 -64.84 -18.56
C ALA E 705 2.08 -65.95 -17.92
N TRP E 706 1.40 -66.78 -18.72
CA TRP E 706 0.62 -67.88 -18.13
C TRP E 706 1.03 -69.24 -18.64
N ASP E 707 0.78 -70.26 -17.82
CA ASP E 707 0.98 -71.65 -18.23
C ASP E 707 -0.31 -72.25 -18.77
N GLY E 708 -1.43 -71.68 -18.33
CA GLY E 708 -2.74 -72.06 -18.87
C GLY E 708 -3.93 -71.31 -18.26
N TYR E 709 -5.11 -71.59 -18.79
CA TYR E 709 -6.35 -71.04 -18.25
C TYR E 709 -7.46 -71.97 -18.58
N THR E 710 -8.47 -71.91 -17.75
CA THR E 710 -9.59 -72.75 -17.95
C THR E 710 -10.88 -71.98 -17.66
N PHE E 711 -11.92 -72.21 -18.47
CA PHE E 711 -13.19 -71.48 -18.34
C PHE E 711 -14.37 -72.34 -18.81
N LYS E 712 -15.56 -72.05 -18.31
CA LYS E 712 -16.81 -72.66 -18.71
C LYS E 712 -17.49 -71.72 -19.70
N ALA E 713 -18.06 -72.26 -20.79
CA ALA E 713 -18.97 -71.51 -21.67
C ALA E 713 -20.18 -72.40 -22.02
N ILE E 714 -21.40 -71.91 -21.80
CA ILE E 714 -22.65 -72.60 -22.23
C ILE E 714 -22.99 -72.17 -23.64
N VAL E 715 -23.19 -73.12 -24.56
CA VAL E 715 -23.61 -72.81 -25.94
C VAL E 715 -24.78 -73.67 -26.44
N LYS E 716 -25.93 -73.04 -26.72
CA LYS E 716 -27.19 -73.76 -27.04
C LYS E 716 -27.60 -74.80 -25.98
N GLY E 717 -27.41 -74.51 -24.69
CA GLY E 717 -27.76 -75.43 -23.60
C GLY E 717 -26.69 -76.39 -23.11
N GLN E 718 -25.59 -76.54 -23.86
CA GLN E 718 -24.46 -77.39 -23.53
C GLN E 718 -23.34 -76.63 -22.77
N THR E 719 -23.08 -77.04 -21.52
CA THR E 719 -21.96 -76.53 -20.76
C THR E 719 -20.65 -77.12 -21.27
N LEU E 720 -19.75 -76.28 -21.76
CA LEU E 720 -18.40 -76.76 -22.13
C LEU E 720 -17.42 -76.25 -21.09
N GLU E 721 -16.39 -77.05 -20.84
CA GLU E 721 -15.22 -76.60 -20.10
C GLU E 721 -14.02 -76.73 -21.05
N VAL E 722 -13.35 -75.60 -21.24
CA VAL E 722 -12.19 -75.51 -22.11
C VAL E 722 -10.92 -75.31 -21.24
N ASP E 723 -9.93 -76.16 -21.46
CA ASP E 723 -8.67 -76.06 -20.69
C ASP E 723 -7.58 -75.84 -21.70
N VAL E 724 -6.80 -74.80 -21.46
CA VAL E 724 -5.70 -74.47 -22.38
C VAL E 724 -4.40 -74.59 -21.60
N THR E 725 -3.42 -75.28 -22.19
CA THR E 725 -2.05 -75.28 -21.66
C THR E 725 -1.12 -74.96 -22.82
N LYS E 726 0.19 -75.02 -22.55
CA LYS E 726 1.18 -74.67 -23.58
C LYS E 726 0.96 -75.53 -24.83
N GLU E 727 0.84 -76.84 -24.62
CA GLU E 727 0.83 -77.82 -25.71
C GLU E 727 -0.58 -78.24 -26.17
N GLN E 728 -1.56 -78.24 -25.29
CA GLN E 728 -2.89 -78.78 -25.65
C GLN E 728 -4.12 -77.91 -25.34
N ILE E 729 -5.23 -78.25 -26.01
CA ILE E 729 -6.59 -77.76 -25.70
C ILE E 729 -7.47 -78.97 -25.41
N THR E 730 -8.12 -78.97 -24.26
CA THR E 730 -9.03 -80.03 -23.86
C THR E 730 -10.40 -79.42 -23.69
N ILE E 731 -11.39 -79.85 -24.48
CA ILE E 731 -12.78 -79.39 -24.31
C ILE E 731 -13.61 -80.54 -23.73
N THR E 732 -14.25 -80.31 -22.59
CA THR E 732 -15.16 -81.29 -22.06
C THR E 732 -16.59 -80.77 -21.92
N ASN E 733 -17.54 -81.56 -22.43
CA ASN E 733 -18.96 -81.32 -22.28
C ASN E 733 -19.51 -81.75 -20.90
N LYS E 734 -19.68 -80.79 -19.99
CA LYS E 734 -20.22 -81.06 -18.66
C LYS E 734 -21.77 -81.04 -18.63
N SER E 735 -22.45 -81.16 -19.78
CA SER E 735 -23.89 -80.85 -19.85
C SER E 735 -24.87 -81.56 -18.91
N GLU E 736 -24.88 -82.89 -18.91
CA GLU E 736 -25.88 -83.65 -18.14
C GLU E 736 -26.75 -84.51 -19.04
N ASP E 737 -27.31 -83.91 -20.09
CA ASP E 737 -27.70 -84.68 -21.28
C ASP E 737 -28.07 -83.82 -22.48
N ARG E 738 -27.14 -83.47 -23.38
CA ARG E 738 -25.74 -83.96 -23.51
C ARG E 738 -25.41 -84.26 -25.00
N LYS E 739 -25.90 -83.42 -25.89
CA LYS E 739 -25.79 -83.57 -27.35
C LYS E 739 -24.38 -83.50 -27.97
N PRO E 740 -24.25 -83.99 -29.22
CA PRO E 740 -23.05 -83.80 -30.03
C PRO E 740 -23.00 -82.37 -30.59
N LEU E 741 -21.83 -81.91 -31.04
CA LEU E 741 -21.66 -80.49 -31.34
C LEU E 741 -20.55 -80.39 -32.38
N THR E 742 -20.67 -79.51 -33.36
CA THR E 742 -19.64 -79.54 -34.41
C THR E 742 -18.28 -78.96 -34.00
N LEU E 743 -18.21 -77.67 -33.62
CA LEU E 743 -16.96 -77.11 -33.05
C LEU E 743 -15.77 -76.86 -34.00
N HIS E 744 -15.48 -75.59 -34.30
CA HIS E 744 -14.22 -75.24 -35.00
C HIS E 744 -13.12 -74.73 -34.10
N ILE E 745 -11.89 -75.20 -34.33
CA ILE E 745 -10.75 -74.93 -33.47
C ILE E 745 -9.63 -74.53 -34.40
N PHE E 746 -9.29 -73.24 -34.39
CA PHE E 746 -8.51 -72.59 -35.44
C PHE E 746 -8.99 -73.01 -36.83
N GLY E 747 -10.23 -73.49 -36.96
CA GLY E 747 -10.70 -74.13 -38.23
C GLY E 747 -10.57 -75.67 -38.36
N GLU E 748 -11.15 -76.43 -37.45
CA GLU E 748 -11.12 -77.88 -37.50
C GLU E 748 -12.39 -78.40 -36.82
N LYS E 749 -12.48 -79.69 -36.45
CA LYS E 749 -13.78 -80.24 -35.97
C LYS E 749 -13.79 -81.16 -34.70
N SER E 750 -14.96 -81.76 -34.36
CA SER E 750 -15.10 -83.08 -33.58
C SER E 750 -16.26 -83.37 -32.55
N VAL E 751 -15.96 -83.31 -31.25
CA VAL E 751 -16.73 -83.91 -30.07
C VAL E 751 -17.31 -85.33 -30.10
N LEU E 752 -18.41 -85.52 -30.84
CA LEU E 752 -19.37 -86.62 -30.63
C LEU E 752 -20.22 -86.25 -29.41
N ASP E 753 -21.19 -87.11 -29.08
CA ASP E 753 -21.91 -87.04 -27.79
C ASP E 753 -20.93 -87.31 -26.63
N SER E 754 -19.72 -87.71 -27.03
CA SER E 754 -18.57 -87.95 -26.15
C SER E 754 -18.30 -86.79 -25.20
N GLU E 755 -17.65 -87.07 -24.07
CA GLU E 755 -17.50 -86.10 -22.98
C GLU E 755 -16.25 -85.24 -23.00
N ARG E 756 -15.13 -85.74 -23.49
CA ARG E 756 -13.88 -84.98 -23.57
C ARG E 756 -13.39 -85.00 -25.01
N ILE E 757 -12.38 -84.19 -25.28
CA ILE E 757 -11.71 -84.14 -26.57
C ILE E 757 -10.43 -83.33 -26.32
N THR E 758 -9.28 -83.94 -26.55
CA THR E 758 -8.03 -83.23 -26.44
C THR E 758 -7.52 -83.01 -27.82
N LYS E 759 -6.97 -81.82 -28.06
CA LYS E 759 -6.36 -81.49 -29.34
C LYS E 759 -5.01 -80.84 -29.09
N SER E 760 -4.13 -81.00 -30.07
CA SER E 760 -2.85 -80.32 -30.09
C SER E 760 -3.12 -78.85 -30.40
N ARG E 761 -2.41 -77.96 -29.71
CA ARG E 761 -2.68 -76.52 -29.83
C ARG E 761 -2.03 -75.79 -31.03
N MET F 1 -29.72 23.39 -39.73
CA MET F 1 -28.44 23.17 -40.41
C MET F 1 -27.32 23.07 -39.38
N HIS F 2 -27.28 21.99 -38.60
CA HIS F 2 -26.13 21.86 -37.67
C HIS F 2 -25.82 20.52 -37.06
N GLU F 3 -26.28 20.29 -35.84
CA GLU F 3 -25.59 19.38 -34.96
C GLU F 3 -26.00 17.92 -35.21
N ILE F 4 -25.02 17.03 -35.36
CA ILE F 4 -25.27 15.61 -35.58
C ILE F 4 -24.86 14.92 -34.28
N GLY F 5 -23.72 15.35 -33.72
CA GLY F 5 -23.08 14.63 -32.62
C GLY F 5 -22.34 15.60 -31.74
N GLU F 6 -21.51 15.09 -30.83
CA GLU F 6 -20.84 15.94 -29.87
C GLU F 6 -19.97 17.01 -30.53
N HIS F 7 -19.37 16.72 -31.68
CA HIS F 7 -18.60 17.76 -32.37
C HIS F 7 -18.72 17.72 -33.88
N LEU F 8 -19.73 16.99 -34.34
CA LEU F 8 -20.03 16.78 -35.75
C LEU F 8 -21.24 17.60 -36.24
N THR F 9 -21.06 18.38 -37.29
CA THR F 9 -22.12 19.23 -37.83
C THR F 9 -22.21 19.11 -39.34
N THR F 10 -23.27 19.65 -39.95
CA THR F 10 -23.30 19.87 -41.36
C THR F 10 -23.78 21.29 -41.57
N ASN F 11 -23.34 21.90 -42.67
CA ASN F 11 -23.66 23.30 -42.96
C ASN F 11 -24.67 23.38 -44.10
N THR F 12 -24.53 22.49 -45.09
CA THR F 12 -25.35 22.47 -46.29
C THR F 12 -26.13 21.18 -46.43
N GLY F 13 -25.88 20.21 -45.55
CA GLY F 13 -26.45 18.89 -45.76
C GLY F 13 -25.70 18.09 -46.81
N TRP F 14 -24.70 18.74 -47.44
CA TRP F 14 -23.72 18.07 -48.30
C TRP F 14 -22.36 17.82 -47.64
N ASP F 15 -22.20 18.13 -46.35
CA ASP F 15 -20.86 18.18 -45.75
C ASP F 15 -20.89 17.67 -44.34
N ILE F 16 -19.83 17.01 -43.91
CA ILE F 16 -19.75 16.61 -42.52
C ILE F 16 -18.54 17.35 -42.00
N ILE F 17 -18.69 18.00 -40.85
CA ILE F 17 -17.68 18.85 -40.30
C ILE F 17 -17.46 18.45 -38.88
N LYS F 18 -16.20 18.27 -38.53
CA LYS F 18 -15.83 17.97 -37.16
C LYS F 18 -14.92 19.09 -36.68
N ASN F 19 -15.22 19.69 -35.53
CA ASN F 19 -14.54 20.94 -35.15
C ASN F 19 -13.66 20.79 -33.92
N ARG F 20 -13.34 19.55 -33.59
CA ARG F 20 -12.53 19.25 -32.47
C ARG F 20 -11.70 18.02 -32.91
N TYR F 21 -10.41 18.02 -32.57
CA TYR F 21 -9.50 16.94 -32.91
C TYR F 21 -9.31 16.04 -31.71
N GLU F 22 -9.69 14.78 -31.87
CA GLU F 22 -9.53 13.77 -30.84
C GLU F 22 -8.73 12.62 -31.39
N ALA F 23 -7.50 12.52 -30.89
CA ALA F 23 -6.57 11.51 -31.33
C ALA F 23 -7.11 10.10 -31.13
N ALA F 24 -7.98 9.90 -30.15
CA ALA F 24 -8.37 8.53 -29.77
C ALA F 24 -9.46 8.03 -30.72
N GLN F 25 -9.97 8.91 -31.58
CA GLN F 25 -11.05 8.58 -32.51
C GLN F 25 -10.52 8.48 -33.96
N ALA F 26 -9.24 8.75 -34.14
CA ALA F 26 -8.67 8.80 -35.48
C ALA F 26 -8.34 7.36 -35.77
N ILE F 27 -9.06 6.81 -36.74
CA ILE F 27 -9.47 5.36 -36.81
C ILE F 27 -10.95 5.22 -37.25
N THR F 28 -11.91 5.50 -36.37
CA THR F 28 -13.27 5.85 -36.81
C THR F 28 -13.20 7.11 -37.70
N GLU F 29 -12.45 8.12 -37.31
CA GLU F 29 -12.37 9.32 -38.12
C GLU F 29 -11.70 9.08 -39.50
N GLY F 30 -10.63 8.30 -39.53
CA GLY F 30 -10.01 8.00 -40.80
C GLY F 30 -10.90 7.17 -41.76
N SER F 31 -11.75 6.27 -41.22
CA SER F 31 -12.78 5.57 -42.00
C SER F 31 -13.85 6.57 -42.45
N ASN F 32 -14.40 7.33 -41.49
CA ASN F 32 -15.52 8.19 -41.81
C ASN F 32 -15.14 9.25 -42.80
N PHE F 33 -13.93 9.80 -42.65
CA PHE F 33 -13.53 10.92 -43.51
C PHE F 33 -12.71 10.51 -44.75
N MET F 34 -12.71 9.23 -45.09
CA MET F 34 -11.88 8.76 -46.23
C MET F 34 -12.43 9.20 -47.55
N ILE F 35 -11.63 8.96 -48.59
CA ILE F 35 -11.95 9.24 -49.97
C ILE F 35 -11.69 7.98 -50.76
N GLY F 36 -12.23 7.92 -51.99
CA GLY F 36 -12.14 6.69 -52.76
C GLY F 36 -12.89 6.80 -54.05
N ASN F 37 -12.87 5.73 -54.85
CA ASN F 37 -13.40 5.83 -56.22
C ASN F 37 -13.66 4.43 -56.73
N GLY F 38 -13.81 3.46 -55.82
CA GLY F 38 -13.94 2.05 -56.22
C GLY F 38 -12.67 1.33 -56.66
N PHE F 39 -11.62 2.08 -56.97
CA PHE F 39 -10.29 1.48 -57.18
C PHE F 39 -9.42 1.44 -55.87
N MET F 40 -9.48 2.51 -55.08
CA MET F 40 -8.74 2.56 -53.79
C MET F 40 -9.64 3.25 -52.78
N GLY F 41 -9.31 3.06 -51.49
CA GLY F 41 -9.79 3.83 -50.40
C GLY F 41 -8.53 4.48 -49.83
N TYR F 42 -8.59 5.76 -49.50
CA TYR F 42 -7.46 6.41 -48.86
C TYR F 42 -8.00 7.00 -47.55
N ARG F 43 -7.56 6.50 -46.42
CA ARG F 43 -8.20 6.92 -45.18
C ARG F 43 -8.06 8.45 -44.93
N GLY F 44 -9.03 9.04 -44.22
CA GLY F 44 -9.07 10.49 -43.93
C GLY F 44 -8.03 10.89 -42.88
N THR F 45 -6.77 10.54 -43.14
CA THR F 45 -5.71 11.02 -42.28
C THR F 45 -5.17 12.38 -42.76
N PHE F 46 -4.24 12.95 -41.98
CA PHE F 46 -3.61 14.24 -42.39
C PHE F 46 -2.21 13.93 -42.94
N ALA F 47 -1.65 14.87 -43.66
CA ALA F 47 -0.50 14.62 -44.48
C ALA F 47 0.62 14.10 -43.63
N GLU F 48 0.76 14.57 -42.39
CA GLU F 48 1.89 14.11 -41.57
C GLU F 48 1.68 12.72 -40.93
N ASP F 49 0.51 12.09 -41.14
CA ASP F 49 0.22 10.86 -40.36
C ASP F 49 0.86 9.66 -40.99
N GLY F 50 1.29 8.71 -40.16
CA GLY F 50 1.71 7.40 -40.66
C GLY F 50 1.02 6.28 -39.93
N LYS F 51 1.70 5.16 -39.68
CA LYS F 51 0.99 3.96 -39.23
C LYS F 51 0.40 4.09 -37.81
N ASP F 52 0.99 4.92 -36.95
CA ASP F 52 0.39 5.13 -35.64
C ASP F 52 -0.98 5.79 -35.68
N ALA F 53 -1.25 6.55 -36.75
CA ALA F 53 -2.54 7.22 -36.90
C ALA F 53 -3.50 6.39 -37.82
N TYR F 54 -3.03 5.24 -38.28
CA TYR F 54 -3.75 4.36 -39.22
C TYR F 54 -3.92 4.95 -40.62
N ALA F 55 -2.95 5.70 -41.11
CA ALA F 55 -2.96 6.09 -42.50
C ALA F 55 -2.99 4.79 -43.25
N ALA F 56 -3.73 4.73 -44.38
CA ALA F 56 -3.63 3.56 -45.27
C ALA F 56 -4.19 3.92 -46.58
N CYS F 57 -3.60 3.41 -47.66
CA CYS F 57 -4.27 3.47 -48.93
C CYS F 57 -4.48 2.00 -49.31
N ILE F 58 -5.75 1.57 -49.42
CA ILE F 58 -6.10 0.17 -49.62
C ILE F 58 -6.40 0.04 -51.10
N VAL F 59 -5.77 -0.89 -51.80
CA VAL F 59 -5.97 -0.90 -53.26
C VAL F 59 -6.63 -2.20 -53.74
N THR F 60 -7.59 -2.09 -54.65
CA THR F 60 -8.31 -3.27 -55.13
C THR F 60 -7.34 -4.15 -55.89
N ASP F 61 -7.60 -5.46 -55.88
CA ASP F 61 -6.90 -6.41 -56.71
C ASP F 61 -5.43 -6.53 -56.32
N THR F 62 -5.18 -6.53 -55.02
CA THR F 62 -3.83 -6.73 -54.54
C THR F 62 -3.92 -7.75 -53.42
N TRP F 63 -4.85 -8.70 -53.55
CA TRP F 63 -4.96 -9.76 -52.54
C TRP F 63 -3.68 -10.47 -52.25
N ASP F 64 -3.49 -10.75 -50.97
CA ASP F 64 -2.26 -11.32 -50.49
C ASP F 64 -2.51 -12.01 -49.15
N LYS F 65 -1.81 -13.12 -48.97
CA LYS F 65 -1.93 -13.99 -47.81
C LYS F 65 -0.59 -14.23 -47.02
N ALA F 66 0.22 -13.18 -46.89
CA ALA F 66 1.50 -13.20 -46.15
C ALA F 66 1.48 -13.97 -44.83
N ASP F 67 0.45 -13.75 -44.02
CA ASP F 67 0.41 -14.46 -42.73
C ASP F 67 0.02 -15.97 -42.83
N GLY F 68 -0.24 -16.49 -44.01
CA GLY F 68 -0.72 -17.84 -44.12
C GLY F 68 -2.19 -18.10 -43.78
N LYS F 69 -2.93 -17.15 -43.23
CA LYS F 69 -4.37 -17.43 -42.96
C LYS F 69 -5.34 -16.43 -43.67
N TRP F 70 -5.08 -15.14 -43.52
CA TRP F 70 -5.97 -14.08 -43.94
C TRP F 70 -5.59 -13.53 -45.28
N GLU F 71 -6.37 -13.84 -46.30
CA GLU F 71 -6.09 -13.22 -47.57
C GLU F 71 -6.91 -11.92 -47.67
N GLU F 72 -6.20 -10.79 -47.77
CA GLU F 72 -6.76 -9.44 -47.69
C GLU F 72 -6.07 -8.57 -48.72
N LEU F 73 -6.63 -7.40 -48.98
CA LEU F 73 -5.98 -6.45 -49.91
C LEU F 73 -4.73 -5.84 -49.28
N SER F 74 -3.81 -5.38 -50.12
CA SER F 74 -2.57 -4.73 -49.61
C SER F 74 -2.82 -3.27 -49.35
N THR F 75 -2.21 -2.75 -48.28
CA THR F 75 -2.08 -1.29 -48.10
C THR F 75 -0.78 -0.94 -48.82
N VAL F 76 -0.72 0.18 -49.54
CA VAL F 76 0.45 0.51 -50.36
C VAL F 76 1.22 1.75 -49.82
N PRO F 77 2.49 1.94 -50.24
CA PRO F 77 3.22 3.15 -49.87
C PRO F 77 2.45 4.46 -50.10
N ASN F 78 2.41 5.27 -49.04
CA ASN F 78 1.76 6.52 -49.00
C ASN F 78 2.65 7.62 -49.58
N ALA F 79 2.31 8.02 -50.79
CA ALA F 79 3.01 9.07 -51.55
C ALA F 79 2.52 10.48 -51.18
N LEU F 80 1.68 10.59 -50.16
CA LEU F 80 1.21 11.91 -49.79
C LEU F 80 1.89 12.43 -48.53
N LEU F 81 2.74 11.58 -47.92
CA LEU F 81 3.36 11.93 -46.64
C LEU F 81 4.04 13.27 -46.74
N THR F 82 3.69 14.17 -45.82
CA THR F 82 4.32 15.50 -45.82
C THR F 82 4.38 16.00 -44.40
N LEU F 83 5.57 16.22 -43.87
CA LEU F 83 5.79 16.67 -42.51
C LEU F 83 6.29 18.08 -42.57
N LEU F 84 5.80 18.93 -41.67
CA LEU F 84 6.30 20.30 -41.54
C LEU F 84 7.12 20.48 -40.24
N HIS F 85 8.21 21.24 -40.36
CA HIS F 85 8.97 21.75 -39.22
C HIS F 85 9.08 23.23 -39.30
N VAL F 86 8.94 23.88 -38.15
CA VAL F 86 9.12 25.33 -38.02
C VAL F 86 10.28 25.56 -37.03
N ASP F 87 11.32 26.21 -37.52
CA ASP F 87 12.60 26.31 -36.83
C ASP F 87 12.95 25.05 -36.07
N GLY F 88 12.82 23.91 -36.73
CA GLY F 88 13.25 22.64 -36.18
C GLY F 88 12.22 21.92 -35.35
N GLU F 89 11.10 22.58 -35.07
CA GLU F 89 10.08 21.95 -34.24
C GLU F 89 9.04 21.33 -35.15
N PRO F 90 8.69 20.06 -34.91
CA PRO F 90 7.74 19.43 -35.81
C PRO F 90 6.33 19.98 -35.56
N PHE F 91 5.57 20.14 -36.62
CA PHE F 91 4.16 20.48 -36.47
C PHE F 91 3.31 19.25 -36.20
N ILE F 92 2.81 19.14 -34.97
CA ILE F 92 1.97 18.03 -34.59
C ILE F 92 0.71 18.58 -33.91
N MET F 93 -0.46 18.24 -34.46
CA MET F 93 -1.80 18.49 -33.84
C MET F 93 -1.83 18.29 -32.33
N SER F 94 -2.19 19.28 -31.54
CA SER F 94 -2.58 19.01 -30.12
C SER F 94 -4.09 19.05 -29.99
N GLU F 95 -4.62 18.35 -28.99
CA GLU F 95 -6.06 18.33 -28.74
C GLU F 95 -6.58 19.72 -28.40
N GLU F 96 -5.73 20.54 -27.76
CA GLU F 96 -5.95 22.00 -27.65
C GLU F 96 -5.28 22.82 -28.76
N ALA F 97 -5.41 22.38 -30.03
CA ALA F 97 -4.94 23.15 -31.18
C ALA F 97 -5.72 24.43 -31.20
N ALA F 98 -5.02 25.55 -30.98
CA ALA F 98 -5.61 26.91 -31.13
C ALA F 98 -6.64 27.11 -32.29
N SER F 99 -7.10 26.03 -32.92
CA SER F 99 -8.13 26.12 -33.94
C SER F 99 -8.08 25.01 -35.02
N PHE F 100 -9.12 24.18 -35.03
CA PHE F 100 -9.17 22.99 -35.85
C PHE F 100 -10.50 22.72 -36.54
N GLU F 101 -10.42 22.27 -37.77
CA GLU F 101 -11.62 21.94 -38.47
C GLU F 101 -11.34 20.94 -39.61
N ARG F 102 -12.17 19.92 -39.65
CA ARG F 102 -12.14 18.85 -40.61
C ARG F 102 -13.47 18.83 -41.39
N THR F 103 -13.36 18.59 -42.69
CA THR F 103 -14.53 18.48 -43.50
C THR F 103 -14.47 17.30 -44.52
N LEU F 104 -15.57 16.56 -44.61
CA LEU F 104 -15.86 15.66 -45.73
C LEU F 104 -16.98 16.28 -46.57
N ASP F 105 -16.59 16.70 -47.76
CA ASP F 105 -17.52 17.21 -48.73
C ASP F 105 -18.04 16.06 -49.55
N LEU F 106 -19.19 15.55 -49.14
CA LEU F 106 -19.86 14.43 -49.79
C LEU F 106 -20.26 14.76 -51.21
N SER F 107 -20.36 16.04 -51.56
CA SER F 107 -20.79 16.37 -52.99
C SER F 107 -19.76 16.00 -54.05
N GLN F 108 -18.50 15.86 -53.68
CA GLN F 108 -17.41 15.60 -54.64
C GLN F 108 -16.27 14.71 -54.07
N GLY F 109 -16.51 14.15 -52.88
CA GLY F 109 -15.53 13.28 -52.24
C GLY F 109 -14.20 14.02 -52.04
N VAL F 110 -14.24 15.18 -51.40
CA VAL F 110 -13.06 15.94 -51.10
C VAL F 110 -13.00 15.95 -49.59
N THR F 111 -11.86 15.56 -49.03
CA THR F 111 -11.74 15.55 -47.59
C THR F 111 -10.65 16.56 -47.26
N SER F 112 -10.87 17.30 -46.17
CA SER F 112 -10.02 18.44 -45.88
C SER F 112 -9.78 18.69 -44.40
N ARG F 113 -8.76 19.47 -44.11
CA ARG F 113 -8.48 19.98 -42.75
C ARG F 113 -8.07 21.49 -42.87
N LYS F 114 -8.40 22.30 -41.85
CA LYS F 114 -7.85 23.65 -41.71
C LYS F 114 -7.50 23.72 -40.26
N VAL F 115 -6.23 24.05 -39.97
CA VAL F 115 -5.68 24.01 -38.62
C VAL F 115 -4.68 25.15 -38.42
N SER F 116 -4.81 25.81 -37.26
CA SER F 116 -3.92 26.87 -36.78
C SER F 116 -3.38 26.51 -35.40
N GLN F 117 -2.11 26.63 -35.23
CA GLN F 117 -1.54 26.23 -33.97
C GLN F 117 -0.29 27.07 -33.79
N ARG F 118 -0.08 27.63 -32.59
CA ARG F 118 1.17 28.36 -32.25
C ARG F 118 2.42 27.48 -32.02
N MET F 119 3.56 27.88 -32.55
CA MET F 119 4.80 27.11 -32.41
C MET F 119 5.67 27.75 -31.33
N LYS F 120 6.68 27.00 -30.87
CA LYS F 120 7.55 27.46 -29.77
C LYS F 120 8.32 28.72 -30.08
N ASN F 121 8.57 29.02 -31.36
CA ASN F 121 9.18 30.34 -31.70
C ASN F 121 8.16 31.44 -31.74
N GLY F 122 6.94 31.15 -31.30
CA GLY F 122 5.84 32.14 -31.40
C GLY F 122 5.07 32.30 -32.73
N ALA F 123 5.58 31.68 -33.80
CA ALA F 123 4.88 31.75 -35.06
C ALA F 123 3.61 30.91 -34.97
N THR F 124 2.50 31.50 -35.44
CA THR F 124 1.24 30.79 -35.66
C THR F 124 1.17 30.28 -37.10
N ILE F 125 1.14 28.97 -37.20
CA ILE F 125 1.13 28.29 -38.50
C ILE F 125 -0.28 27.85 -38.77
N THR F 126 -0.73 28.16 -39.98
CA THR F 126 -1.98 27.63 -40.51
C THR F 126 -1.69 26.67 -41.67
N ILE F 127 -2.29 25.48 -41.58
CA ILE F 127 -2.29 24.53 -42.66
C ILE F 127 -3.71 24.35 -43.22
N HIS F 128 -3.85 24.49 -44.55
CA HIS F 128 -5.09 24.11 -45.31
C HIS F 128 -4.70 22.95 -46.19
N GLU F 129 -5.38 21.84 -46.06
CA GLU F 129 -5.05 20.61 -46.73
C GLU F 129 -6.35 20.01 -47.29
N GLU F 130 -6.33 19.59 -48.56
CA GLU F 130 -7.47 18.84 -49.08
C GLU F 130 -7.02 17.72 -50.01
N LYS F 131 -7.80 16.65 -50.07
CA LYS F 131 -7.49 15.55 -50.95
C LYS F 131 -8.76 15.02 -51.58
N PHE F 132 -8.62 14.38 -52.74
CA PHE F 132 -9.68 13.50 -53.24
C PHE F 132 -9.07 12.37 -54.07
N ALA F 133 -9.71 11.22 -54.15
CA ALA F 133 -9.30 10.20 -55.13
C ALA F 133 -10.07 10.43 -56.44
N SER F 134 -9.38 10.57 -57.56
CA SER F 134 -10.09 11.04 -58.75
C SER F 134 -11.12 10.00 -59.16
N TYR F 135 -12.37 10.45 -59.38
CA TYR F 135 -13.32 9.52 -59.99
C TYR F 135 -13.08 9.43 -61.49
N ARG F 136 -12.25 10.33 -62.01
CA ARG F 136 -12.10 10.43 -63.46
C ARG F 136 -10.90 9.63 -63.82
N LYS F 137 -9.82 9.79 -63.06
CA LYS F 137 -8.61 9.02 -63.20
C LYS F 137 -8.43 8.16 -61.92
N LYS F 138 -9.07 6.99 -61.92
CA LYS F 138 -9.19 6.10 -60.79
C LYS F 138 -7.87 5.74 -60.13
N HIS F 139 -6.77 5.73 -60.86
CA HIS F 139 -5.47 5.36 -60.30
C HIS F 139 -4.74 6.43 -59.54
N ALA F 140 -5.37 7.60 -59.36
CA ALA F 140 -4.73 8.81 -58.81
C ALA F 140 -5.55 9.37 -57.65
N VAL F 141 -4.86 9.74 -56.60
CA VAL F 141 -5.48 10.45 -55.51
C VAL F 141 -4.59 11.72 -55.34
N LEU F 142 -5.19 12.89 -55.14
CA LEU F 142 -4.47 14.18 -55.25
C LEU F 142 -4.56 14.95 -53.93
N MET F 143 -3.56 15.78 -53.61
CA MET F 143 -3.56 16.64 -52.43
C MET F 143 -3.09 18.04 -52.79
N LYS F 144 -3.76 19.03 -52.22
CA LYS F 144 -3.21 20.36 -52.17
C LYS F 144 -3.05 20.68 -50.72
N TYR F 145 -1.85 21.15 -50.39
CA TYR F 145 -1.47 21.39 -49.03
C TYR F 145 -0.84 22.80 -48.96
N THR F 146 -1.40 23.63 -48.11
CA THR F 146 -1.04 25.04 -48.06
C THR F 146 -0.62 25.35 -46.65
N VAL F 147 0.52 26.01 -46.53
CA VAL F 147 0.99 26.40 -45.21
C VAL F 147 1.29 27.90 -45.16
N GLU F 148 0.89 28.54 -44.09
CA GLU F 148 1.21 29.95 -43.92
C GLU F 148 1.65 30.23 -42.48
N SER F 149 2.57 31.14 -42.33
CA SER F 149 2.97 31.55 -41.00
C SER F 149 2.59 33.01 -40.77
N ASP F 150 2.30 33.39 -39.54
CA ASP F 150 1.99 34.81 -39.30
C ASP F 150 3.28 35.54 -38.96
N GLN F 151 4.40 34.85 -39.09
CA GLN F 151 5.65 35.41 -38.67
C GLN F 151 6.72 34.78 -39.50
N ASP F 152 7.60 35.58 -40.11
CA ASP F 152 8.76 35.06 -40.85
C ASP F 152 9.45 33.99 -40.04
N THR F 153 9.80 32.91 -40.69
CA THR F 153 10.41 31.81 -39.97
C THR F 153 11.04 30.81 -40.92
N ASP F 154 12.14 30.20 -40.46
CA ASP F 154 12.73 29.02 -41.13
C ASP F 154 11.69 27.92 -41.04
N ALA F 155 11.63 27.10 -42.07
CA ALA F 155 10.73 25.96 -42.03
C ALA F 155 11.26 24.89 -42.92
N VAL F 156 10.84 23.64 -42.68
CA VAL F 156 11.18 22.60 -43.60
C VAL F 156 9.94 21.85 -43.96
N LEU F 157 9.78 21.60 -45.26
CA LEU F 157 8.71 20.78 -45.76
C LEU F 157 9.32 19.50 -46.29
N ASP F 158 9.05 18.43 -45.56
CA ASP F 158 9.53 17.10 -45.88
C ASP F 158 8.37 16.30 -46.51
N THR F 159 8.52 15.96 -47.78
CA THR F 159 7.46 15.27 -48.49
C THR F 159 8.01 14.07 -49.25
N GLY F 160 7.27 12.97 -49.28
CA GLY F 160 7.62 11.86 -50.17
C GLY F 160 6.71 10.66 -50.03
N ILE F 161 7.33 9.50 -50.02
CA ILE F 161 6.64 8.22 -50.02
C ILE F 161 7.02 7.49 -48.74
N ASP F 162 6.01 7.17 -47.92
CA ASP F 162 6.20 6.36 -46.71
C ASP F 162 5.94 4.86 -47.08
N TYR F 163 6.95 4.00 -46.86
CA TYR F 163 6.83 2.55 -47.17
C TYR F 163 6.28 1.78 -45.98
N ASP F 164 6.36 2.38 -44.82
CA ASP F 164 6.12 1.72 -43.55
C ASP F 164 4.63 1.90 -43.08
N VAL F 165 3.73 1.38 -43.91
CA VAL F 165 2.31 1.51 -43.73
C VAL F 165 1.66 0.47 -42.84
N TRP F 166 0.55 0.90 -42.27
CA TRP F 166 -0.33 0.06 -41.49
C TRP F 166 -0.83 -1.10 -42.32
N SER F 167 -0.60 -2.33 -41.84
CA SER F 167 -1.22 -3.54 -42.44
C SER F 167 -1.73 -4.40 -41.29
N ILE F 168 -2.94 -4.94 -41.43
CA ILE F 168 -3.54 -5.71 -40.32
C ILE F 168 -2.93 -7.12 -40.20
N ASN F 169 -2.83 -7.84 -41.31
CA ASN F 169 -2.37 -9.23 -41.21
C ASN F 169 -1.02 -9.44 -41.87
N GLY F 170 -0.11 -8.55 -41.51
CA GLY F 170 1.27 -8.64 -41.93
C GLY F 170 1.51 -7.83 -43.16
N ASP F 171 2.79 -7.73 -43.48
CA ASP F 171 3.31 -6.99 -44.62
C ASP F 171 2.99 -7.73 -45.89
N HIS F 172 2.42 -7.04 -46.86
CA HIS F 172 2.02 -7.68 -48.07
C HIS F 172 2.93 -7.38 -49.20
N LEU F 173 3.72 -6.32 -49.09
CA LEU F 173 4.67 -5.97 -50.14
C LEU F 173 6.10 -6.20 -49.67
N GLN F 174 6.95 -6.63 -50.57
CA GLN F 174 8.39 -6.85 -50.23
C GLN F 174 9.22 -6.39 -51.41
N GLY F 175 10.53 -6.21 -51.22
CA GLY F 175 11.42 -5.90 -52.38
C GLY F 175 11.31 -4.49 -52.97
N HIS F 176 10.93 -3.54 -52.12
CA HIS F 176 10.69 -2.12 -52.48
C HIS F 176 11.86 -1.60 -53.28
N HIS F 177 11.63 -1.15 -54.51
CA HIS F 177 12.69 -0.67 -55.38
C HIS F 177 12.50 0.82 -55.62
N TYR F 178 13.36 1.64 -55.04
CA TYR F 178 13.34 3.09 -55.29
C TYR F 178 13.61 3.46 -56.73
N PHE F 179 12.98 4.54 -57.19
CA PHE F 179 13.30 5.13 -58.47
C PHE F 179 12.84 6.60 -58.52
N SER F 180 13.34 7.32 -59.52
CA SER F 180 13.06 8.75 -59.60
C SER F 180 12.62 9.07 -60.96
N HIS F 181 11.99 10.21 -61.06
CA HIS F 181 11.43 10.54 -62.32
C HIS F 181 11.31 12.04 -62.34
N PRO F 182 10.90 12.61 -63.47
CA PRO F 182 10.99 14.09 -63.57
C PRO F 182 10.23 14.93 -62.51
N THR F 183 9.13 14.45 -61.92
CA THR F 183 8.42 15.28 -60.94
C THR F 183 8.34 14.66 -59.55
N GLY F 184 9.22 13.71 -59.24
CA GLY F 184 9.18 13.10 -57.90
C GLY F 184 9.70 11.69 -57.80
N ASP F 185 9.15 10.92 -56.86
CA ASP F 185 9.70 9.57 -56.58
C ASP F 185 8.69 8.50 -57.07
N GLY F 186 9.15 7.25 -57.12
CA GLY F 186 8.34 6.09 -57.44
C GLY F 186 8.84 5.01 -56.48
N VAL F 187 8.01 4.01 -56.22
CA VAL F 187 8.50 2.79 -55.59
C VAL F 187 7.76 1.67 -56.24
N THR F 188 8.47 0.58 -56.53
CA THR F 188 7.89 -0.64 -57.05
C THR F 188 8.29 -1.78 -56.13
N ALA F 189 7.32 -2.63 -55.85
CA ALA F 189 7.46 -3.77 -54.98
C ALA F 189 6.59 -4.86 -55.54
N LYS F 190 6.63 -6.00 -54.84
CA LYS F 190 6.01 -7.24 -55.27
C LYS F 190 5.27 -7.78 -54.08
N THR F 191 4.15 -8.42 -54.38
CA THR F 191 3.37 -8.95 -53.25
C THR F 191 4.04 -10.24 -52.75
N VAL F 192 3.78 -10.59 -51.49
CA VAL F 192 4.32 -11.76 -50.83
C VAL F 192 3.73 -13.09 -51.32
N SER F 193 2.43 -13.22 -51.58
CA SER F 193 1.84 -14.55 -51.97
C SER F 193 1.90 -14.81 -53.47
N TYR F 194 1.60 -13.83 -54.29
CA TYR F 194 1.40 -14.09 -55.69
C TYR F 194 2.45 -13.42 -56.49
N GLU F 195 3.23 -12.58 -55.82
CA GLU F 195 4.33 -11.87 -56.49
C GLU F 195 3.82 -10.99 -57.63
N ASP F 196 2.72 -10.30 -57.36
CA ASP F 196 2.21 -9.29 -58.30
C ASP F 196 3.02 -8.03 -58.11
N THR F 197 3.12 -7.23 -59.15
CA THR F 197 3.90 -6.00 -59.09
C THR F 197 2.97 -4.86 -58.72
N VAL F 198 3.38 -4.07 -57.72
CA VAL F 198 2.66 -2.86 -57.34
C VAL F 198 3.62 -1.66 -57.43
N THR F 199 3.19 -0.61 -58.07
CA THR F 199 4.02 0.57 -58.30
C THR F 199 3.18 1.72 -57.76
N VAL F 200 3.77 2.47 -56.83
CA VAL F 200 3.27 3.74 -56.44
C VAL F 200 4.14 4.87 -57.00
N VAL F 201 3.52 5.80 -57.73
CA VAL F 201 4.31 6.96 -58.23
C VAL F 201 3.85 8.26 -57.56
N GLU F 202 4.81 9.07 -57.11
CA GLU F 202 4.55 10.35 -56.46
C GLU F 202 4.85 11.54 -57.42
N THR F 203 3.91 12.46 -57.59
CA THR F 203 4.28 13.73 -58.26
C THR F 203 4.30 14.90 -57.24
N CYS F 204 5.07 15.93 -57.48
CA CYS F 204 5.27 16.90 -56.45
C CYS F 204 5.54 18.28 -57.09
N SER F 205 4.77 19.29 -56.70
CA SER F 205 5.03 20.65 -57.14
C SER F 205 5.04 21.60 -55.95
N LEU F 206 6.02 22.49 -55.90
CA LEU F 206 6.06 23.48 -54.81
C LEU F 206 6.11 24.88 -55.44
N ASP F 207 5.29 25.81 -54.98
CA ASP F 207 5.10 27.10 -55.69
C ASP F 207 6.01 28.18 -55.05
N ALA F 208 7.08 27.76 -54.37
CA ALA F 208 8.03 28.71 -53.69
C ALA F 208 9.45 28.26 -53.89
N ASP F 209 10.36 29.19 -53.85
CA ASP F 209 11.75 28.85 -53.89
C ASP F 209 12.15 28.15 -52.60
N ALA F 210 12.87 27.05 -52.71
CA ALA F 210 13.25 26.32 -51.52
C ALA F 210 14.57 25.66 -51.82
N SER F 211 15.41 25.47 -50.81
CA SER F 211 16.53 24.59 -51.03
C SER F 211 16.07 23.13 -50.86
N GLU F 212 16.15 22.40 -51.97
CA GLU F 212 15.62 21.03 -52.11
C GLU F 212 16.69 19.96 -51.92
N GLU F 213 16.46 18.95 -51.07
CA GLU F 213 17.48 17.92 -50.81
C GLU F 213 16.81 16.53 -50.72
N ASP F 214 17.11 15.62 -51.64
CA ASP F 214 16.47 14.28 -51.71
C ASP F 214 17.05 13.26 -50.68
N TYR F 215 16.31 12.17 -50.44
CA TYR F 215 16.76 11.08 -49.52
C TYR F 215 16.02 9.82 -49.87
N GLN F 216 16.72 8.70 -49.70
CA GLN F 216 16.17 7.37 -49.89
C GLN F 216 16.64 6.50 -48.74
N ASN F 217 15.72 5.85 -48.04
CA ASN F 217 16.10 4.95 -46.99
C ASN F 217 15.23 3.71 -46.96
N PRO F 218 15.51 2.77 -46.04
CA PRO F 218 14.73 1.54 -46.03
C PRO F 218 13.20 1.75 -46.00
N ASP F 219 12.74 2.79 -45.30
CA ASP F 219 11.33 2.96 -44.97
C ASP F 219 10.63 4.02 -45.80
N GLY F 220 11.26 4.44 -46.88
CA GLY F 220 10.71 5.58 -47.61
C GLY F 220 11.71 6.49 -48.31
N SER F 221 11.20 7.40 -49.12
CA SER F 221 12.05 8.29 -49.87
C SER F 221 11.34 9.61 -49.93
N GLY F 222 12.10 10.63 -50.19
CA GLY F 222 11.45 11.89 -50.43
C GLY F 222 12.43 13.02 -50.52
N ARG F 223 12.00 14.17 -50.09
CA ARG F 223 12.83 15.36 -50.23
C ARG F 223 12.43 16.36 -49.15
N THR F 224 13.38 17.18 -48.83
CA THR F 224 13.23 18.08 -47.75
C THR F 224 13.23 19.43 -48.53
N PHE F 225 12.25 20.29 -48.28
CA PHE F 225 12.30 21.67 -48.89
C PHE F 225 12.58 22.66 -47.76
N SER F 226 13.82 23.17 -47.71
CA SER F 226 14.22 24.23 -46.74
C SER F 226 13.83 25.64 -47.23
N LEU F 227 13.04 26.32 -46.41
CA LEU F 227 12.29 27.54 -46.78
C LEU F 227 12.47 28.66 -45.74
N SER F 228 12.48 29.95 -46.13
CA SER F 228 12.04 31.01 -45.20
C SER F 228 10.64 31.40 -45.52
N LEU F 229 9.75 31.11 -44.61
CA LEU F 229 8.38 31.58 -44.75
C LEU F 229 8.33 33.09 -44.48
N GLU F 230 7.55 33.80 -45.29
CA GLU F 230 7.26 35.22 -45.03
C GLU F 230 5.90 35.36 -44.37
N ALA F 231 5.83 36.12 -43.29
CA ALA F 231 4.53 36.38 -42.61
C ALA F 231 3.41 36.66 -43.66
N GLY F 232 2.28 35.97 -43.56
CA GLY F 232 1.12 36.16 -44.45
C GLY F 232 1.27 35.69 -45.91
N LYS F 233 2.36 35.00 -46.23
CA LYS F 233 2.59 34.54 -47.59
C LYS F 233 2.51 32.99 -47.65
N PRO F 234 1.35 32.43 -48.10
CA PRO F 234 1.12 30.96 -48.17
C PRO F 234 2.11 30.28 -49.11
N VAL F 235 2.43 29.04 -48.79
CA VAL F 235 3.22 28.22 -49.71
C VAL F 235 2.34 26.98 -49.96
N THR F 236 2.23 26.59 -51.23
CA THR F 236 1.34 25.50 -51.60
C THR F 236 2.16 24.41 -52.23
N LEU F 237 1.90 23.19 -51.75
CA LEU F 237 2.43 21.96 -52.30
C LEU F 237 1.27 21.21 -53.02
N GLU F 238 1.45 20.80 -54.25
CA GLU F 238 0.42 19.92 -54.87
C GLU F 238 1.05 18.60 -55.18
N LYS F 239 0.28 17.52 -54.96
CA LYS F 239 0.77 16.12 -55.13
C LYS F 239 -0.25 15.23 -55.77
N ALA F 240 0.20 14.35 -56.66
CA ALA F 240 -0.59 13.14 -57.02
C ALA F 240 0.13 11.86 -56.53
N MET F 241 -0.66 10.86 -56.19
CA MET F 241 -0.19 9.56 -55.78
C MET F 241 -0.90 8.58 -56.71
N ILE F 242 -0.12 7.80 -57.45
CA ILE F 242 -0.68 6.99 -58.52
C ILE F 242 -0.33 5.56 -58.28
N ILE F 243 -1.33 4.68 -58.35
CA ILE F 243 -1.06 3.25 -58.13
C ILE F 243 -1.54 2.36 -59.27
N TYR F 244 -0.70 1.41 -59.68
CA TYR F 244 -1.07 0.33 -60.60
C TYR F 244 -0.42 -0.96 -60.09
N SER F 245 -1.11 -2.09 -60.29
CA SER F 245 -0.47 -3.40 -60.13
C SER F 245 -0.44 -4.15 -61.46
N SER F 246 0.30 -5.27 -61.46
CA SER F 246 0.31 -6.21 -62.60
C SER F 246 -1.07 -6.83 -62.82
N ASN F 247 -1.94 -6.79 -61.80
CA ASN F 247 -3.33 -7.25 -61.95
C ASN F 247 -4.15 -6.26 -62.74
N ASP F 248 -3.75 -5.01 -62.78
CA ASP F 248 -4.48 -4.01 -63.55
C ASP F 248 -4.03 -3.90 -64.99
N VAL F 249 -2.71 -4.01 -65.23
CA VAL F 249 -2.09 -3.78 -66.53
C VAL F 249 -0.80 -4.56 -66.60
N ASP F 250 -0.25 -4.66 -67.80
CA ASP F 250 0.95 -5.44 -67.99
C ASP F 250 2.16 -4.83 -67.32
N ASN F 251 2.36 -3.50 -67.49
CA ASN F 251 3.52 -2.79 -66.96
C ASN F 251 3.02 -1.67 -66.04
N PRO F 252 2.83 -2.02 -64.76
CA PRO F 252 2.34 -1.06 -63.78
C PRO F 252 3.29 0.16 -63.63
N GLN F 253 4.58 -0.09 -63.46
CA GLN F 253 5.60 0.97 -63.49
C GLN F 253 5.44 1.92 -64.70
N ASP F 254 5.34 1.37 -65.90
CA ASP F 254 5.16 2.19 -67.09
C ASP F 254 3.93 3.06 -66.98
N GLU F 255 2.84 2.40 -66.63
CA GLU F 255 1.53 2.98 -66.72
C GLU F 255 1.39 4.05 -65.65
N ALA F 256 2.04 3.83 -64.53
CA ALA F 256 2.02 4.80 -63.43
C ALA F 256 2.81 6.10 -63.81
N LEU F 257 3.95 5.92 -64.50
CA LEU F 257 4.78 7.00 -65.05
C LEU F 257 4.02 7.71 -66.15
N LEU F 258 3.31 6.96 -66.98
CA LEU F 258 2.44 7.55 -68.01
C LEU F 258 1.29 8.38 -67.44
N GLU F 259 0.59 7.81 -66.45
CA GLU F 259 -0.43 8.60 -65.78
C GLU F 259 0.16 9.93 -65.19
N ALA F 260 1.30 9.88 -64.53
CA ALA F 260 1.96 11.08 -64.02
C ALA F 260 2.18 12.13 -65.11
N LYS F 261 2.75 11.68 -66.25
CA LYS F 261 3.20 12.56 -67.34
C LYS F 261 2.03 13.39 -67.84
N HIS F 262 0.81 12.86 -67.75
CA HIS F 262 -0.37 13.59 -68.21
C HIS F 262 -1.28 14.15 -67.11
N MET F 263 -0.90 14.07 -65.84
CA MET F 263 -1.65 14.73 -64.77
C MET F 263 -1.76 16.24 -65.06
N GLN F 264 -2.96 16.76 -65.07
CA GLN F 264 -3.14 18.22 -65.01
C GLN F 264 -2.90 18.80 -63.58
N SER F 265 -3.05 20.10 -63.43
CA SER F 265 -2.93 20.71 -62.14
C SER F 265 -4.02 20.20 -61.16
N TYR F 266 -3.72 20.29 -59.87
CA TYR F 266 -4.70 19.97 -58.83
C TYR F 266 -6.09 20.50 -59.19
N GLU F 267 -6.18 21.76 -59.55
CA GLU F 267 -7.50 22.39 -59.72
C GLU F 267 -8.22 21.83 -60.92
N GLU F 268 -7.47 21.55 -61.98
CA GLU F 268 -8.01 20.90 -63.18
C GLU F 268 -8.55 19.46 -62.92
N GLU F 269 -7.74 18.61 -62.31
CA GLU F 269 -8.16 17.27 -61.94
C GLU F 269 -9.33 17.34 -60.98
N LYS F 270 -9.39 18.37 -60.10
CA LYS F 270 -10.51 18.46 -59.15
C LYS F 270 -11.85 18.79 -59.88
N ALA F 271 -11.79 19.66 -60.89
CA ALA F 271 -12.94 20.00 -61.71
C ALA F 271 -13.41 18.75 -62.44
N ALA F 272 -12.49 18.02 -63.04
CA ALA F 272 -12.86 16.74 -63.70
C ALA F 272 -13.55 15.80 -62.72
N ASN F 273 -13.01 15.63 -61.52
CA ASN F 273 -13.66 14.85 -60.45
C ASN F 273 -15.01 15.39 -60.06
N ARG F 274 -15.14 16.72 -60.00
CA ARG F 274 -16.46 17.33 -59.69
C ARG F 274 -17.57 16.92 -60.68
N LEU F 275 -17.21 16.88 -61.97
CA LEU F 275 -18.12 16.48 -63.05
C LEU F 275 -18.57 15.04 -62.87
N GLU F 276 -17.61 14.15 -62.59
CA GLU F 276 -17.96 12.73 -62.32
C GLU F 276 -18.93 12.66 -61.15
N TRP F 277 -18.73 13.51 -60.12
CA TRP F 277 -19.64 13.48 -58.98
C TRP F 277 -21.03 14.03 -59.25
N ASP F 278 -21.12 15.04 -60.13
CA ASP F 278 -22.39 15.66 -60.53
C ASP F 278 -23.21 14.57 -61.10
N ASN F 279 -22.60 13.86 -62.05
CA ASN F 279 -23.20 12.69 -62.66
C ASN F 279 -23.59 11.56 -61.62
N LEU F 280 -22.71 11.18 -60.68
CA LEU F 280 -23.09 10.18 -59.65
C LEU F 280 -24.30 10.56 -58.79
N TRP F 281 -24.35 11.82 -58.32
CA TRP F 281 -25.46 12.19 -57.44
C TRP F 281 -26.74 12.36 -58.19
N SER F 282 -26.62 12.59 -59.50
CA SER F 282 -27.80 12.72 -60.33
C SER F 282 -28.45 11.34 -60.43
N HIS F 283 -27.65 10.28 -60.47
CA HIS F 283 -28.23 8.93 -60.27
C HIS F 283 -28.69 8.53 -58.90
N TYR F 284 -28.05 8.96 -57.81
CA TYR F 284 -28.33 8.27 -56.51
C TYR F 284 -28.87 9.13 -55.41
N ASP F 285 -28.74 10.44 -55.57
CA ASP F 285 -29.21 11.35 -54.53
C ASP F 285 -30.68 11.04 -54.13
N VAL F 286 -31.01 11.09 -52.86
CA VAL F 286 -32.36 10.91 -52.41
C VAL F 286 -32.57 12.08 -51.45
N THR F 287 -33.57 12.90 -51.71
CA THR F 287 -33.75 14.09 -50.87
C THR F 287 -34.70 13.80 -49.73
N ILE F 288 -34.42 14.36 -48.56
CA ILE F 288 -35.34 14.34 -47.41
C ILE F 288 -35.61 15.78 -47.00
N GLN F 289 -36.89 16.18 -46.90
CA GLN F 289 -37.29 17.58 -46.63
C GLN F 289 -37.40 17.92 -45.15
N ASN F 290 -36.70 18.97 -44.73
CA ASN F 290 -36.79 19.46 -43.35
C ASN F 290 -36.27 18.53 -42.30
N ASN F 291 -35.27 17.73 -42.64
CA ASN F 291 -34.44 17.09 -41.62
C ASN F 291 -32.99 16.99 -42.14
N ILE F 292 -32.28 18.11 -42.09
CA ILE F 292 -30.96 18.26 -42.68
C ILE F 292 -30.00 17.17 -42.14
N ILE F 293 -30.04 16.92 -40.84
CA ILE F 293 -29.37 15.79 -40.20
C ILE F 293 -29.63 14.44 -40.89
N ASP F 294 -30.90 14.11 -41.17
CA ASP F 294 -31.23 12.81 -41.80
C ASP F 294 -30.79 12.81 -43.23
N GLN F 295 -30.90 13.96 -43.87
CA GLN F 295 -30.59 14.04 -45.28
C GLN F 295 -29.06 13.95 -45.48
N VAL F 296 -28.29 14.37 -44.45
CA VAL F 296 -26.86 14.37 -44.54
C VAL F 296 -26.35 12.99 -44.13
N ALA F 297 -26.97 12.36 -43.15
CA ALA F 297 -26.59 11.00 -42.82
C ALA F 297 -26.85 10.04 -43.99
N LEU F 298 -27.95 10.24 -44.72
CA LEU F 298 -28.27 9.43 -45.89
C LEU F 298 -27.21 9.57 -46.95
N ARG F 299 -26.82 10.82 -47.19
CA ARG F 299 -25.82 11.11 -48.22
C ARG F 299 -24.43 10.52 -47.86
N PHE F 300 -24.07 10.60 -46.59
CA PHE F 300 -22.88 10.01 -46.06
C PHE F 300 -22.84 8.50 -46.35
N ASN F 301 -23.92 7.79 -46.02
CA ASN F 301 -24.06 6.37 -46.36
C ASN F 301 -23.94 6.05 -47.86
N ILE F 302 -24.66 6.79 -48.70
CA ILE F 302 -24.65 6.55 -50.13
C ILE F 302 -23.28 6.81 -50.72
N TYR F 303 -22.65 7.91 -50.28
CA TYR F 303 -21.24 8.22 -50.53
C TYR F 303 -20.32 7.03 -50.21
N HIS F 304 -20.42 6.53 -48.99
CA HIS F 304 -19.60 5.38 -48.67
C HIS F 304 -19.84 4.19 -49.59
N ALA F 305 -21.12 3.89 -49.91
CA ALA F 305 -21.43 2.76 -50.85
C ALA F 305 -20.74 2.95 -52.17
N ILE F 306 -20.86 4.15 -52.70
CA ILE F 306 -20.35 4.46 -54.02
C ILE F 306 -18.82 4.27 -54.07
N ILE F 307 -18.09 4.81 -53.10
CA ILE F 307 -16.60 4.75 -53.20
C ILE F 307 -16.07 3.32 -52.90
N ALA F 308 -16.91 2.49 -52.32
CA ALA F 308 -16.58 1.07 -52.01
C ALA F 308 -16.80 0.18 -53.26
N THR F 309 -17.42 0.76 -54.27
CA THR F 309 -17.89 -0.05 -55.39
C THR F 309 -16.96 0.04 -56.59
N PRO F 310 -16.27 -1.05 -56.90
CA PRO F 310 -15.47 -1.04 -58.12
C PRO F 310 -16.35 -0.99 -59.37
N VAL F 311 -16.03 -0.07 -60.27
CA VAL F 311 -16.70 0.00 -61.57
C VAL F 311 -15.70 -0.01 -62.69
N HIS F 312 -14.42 -0.25 -62.39
CA HIS F 312 -13.36 -0.20 -63.41
C HIS F 312 -12.93 -1.56 -63.90
N LYS F 313 -13.41 -2.64 -63.27
CA LYS F 313 -12.97 -4.02 -63.52
C LYS F 313 -13.94 -4.84 -62.70
N SER F 314 -14.05 -6.13 -63.00
CA SER F 314 -15.06 -6.99 -62.37
C SER F 314 -14.56 -7.45 -60.99
N LEU F 315 -14.93 -6.68 -59.99
CA LEU F 315 -14.39 -6.86 -58.63
C LEU F 315 -15.48 -6.85 -57.56
N PRO F 316 -15.24 -7.48 -56.40
CA PRO F 316 -16.33 -7.43 -55.42
C PRO F 316 -16.44 -6.05 -54.74
N ILE F 317 -17.62 -5.76 -54.17
CA ILE F 317 -17.80 -4.70 -53.17
C ILE F 317 -17.40 -5.27 -51.78
N GLY F 318 -16.38 -4.73 -51.13
CA GLY F 318 -15.94 -5.32 -49.86
C GLY F 318 -17.02 -5.04 -48.81
N ALA F 319 -17.15 -5.90 -47.82
CA ALA F 319 -18.09 -5.68 -46.72
C ALA F 319 -17.64 -4.57 -45.71
N ARG F 320 -16.41 -4.11 -45.88
CA ARG F 320 -15.97 -2.84 -45.29
C ARG F 320 -15.36 -1.98 -46.33
N GLY F 321 -15.79 -2.17 -47.59
CA GLY F 321 -15.31 -1.38 -48.73
C GLY F 321 -13.80 -1.49 -48.73
N LEU F 322 -13.19 -0.34 -49.02
CA LEU F 322 -11.75 -0.11 -49.05
C LEU F 322 -11.38 0.83 -47.92
N SER F 323 -12.19 0.87 -46.85
CA SER F 323 -11.89 1.73 -45.70
C SER F 323 -10.68 1.26 -44.85
N CYS F 324 -10.47 -0.07 -44.83
CA CYS F 324 -9.27 -0.69 -44.27
C CYS F 324 -9.30 -2.14 -44.77
N GLN F 325 -8.47 -2.98 -44.19
CA GLN F 325 -8.32 -4.32 -44.69
C GLN F 325 -9.37 -5.27 -44.15
N ALA F 326 -10.05 -4.85 -43.10
CA ALA F 326 -11.17 -5.65 -42.53
C ALA F 326 -12.14 -6.16 -43.56
N TYR F 327 -12.56 -7.41 -43.36
CA TYR F 327 -13.43 -8.13 -44.33
C TYR F 327 -12.84 -8.35 -45.72
N GLN F 328 -11.52 -8.13 -45.83
CA GLN F 328 -10.72 -8.74 -46.91
C GLN F 328 -11.04 -8.18 -48.27
N GLY F 329 -11.68 -7.01 -48.28
CA GLY F 329 -12.03 -6.33 -49.52
C GLY F 329 -12.95 -7.17 -50.33
N ALA F 330 -13.58 -8.15 -49.66
CA ALA F 330 -14.23 -9.24 -50.38
C ALA F 330 -15.79 -9.12 -50.36
N ALA F 331 -16.45 -9.75 -51.36
CA ALA F 331 -17.92 -9.88 -51.40
C ALA F 331 -18.45 -10.94 -50.43
N PHE F 332 -19.51 -10.56 -49.72
CA PHE F 332 -20.30 -11.41 -48.89
C PHE F 332 -21.72 -11.33 -49.48
N TRP F 333 -22.67 -12.04 -48.87
CA TRP F 333 -24.08 -11.87 -49.22
C TRP F 333 -24.55 -10.43 -49.14
N ASP F 334 -23.94 -9.62 -48.25
CA ASP F 334 -24.10 -8.18 -48.20
C ASP F 334 -24.15 -7.54 -49.58
N GLN F 335 -23.29 -8.02 -50.46
CA GLN F 335 -23.15 -7.38 -51.73
C GLN F 335 -24.47 -7.37 -52.51
N GLU F 336 -25.09 -8.55 -52.64
CA GLU F 336 -26.37 -8.68 -53.38
C GLU F 336 -27.59 -8.21 -52.61
N ILE F 337 -27.66 -8.60 -51.35
CA ILE F 337 -28.82 -8.28 -50.56
C ILE F 337 -28.81 -6.84 -50.02
N TYR F 338 -27.65 -6.30 -49.62
CA TYR F 338 -27.62 -4.94 -49.09
C TYR F 338 -27.11 -3.85 -50.05
N ASN F 339 -26.16 -4.14 -50.92
CA ASN F 339 -25.64 -3.06 -51.75
C ASN F 339 -26.21 -2.99 -53.17
N MET F 340 -26.64 -4.14 -53.68
CA MET F 340 -27.15 -4.21 -55.05
C MET F 340 -28.42 -3.35 -55.35
N PRO F 341 -29.43 -3.34 -54.45
CA PRO F 341 -30.71 -2.66 -54.71
C PRO F 341 -30.56 -1.24 -55.15
N MET F 342 -29.85 -0.43 -54.41
CA MET F 342 -29.63 0.94 -54.87
C MET F 342 -29.23 0.95 -56.34
N TYR F 343 -28.29 0.09 -56.75
CA TYR F 343 -27.84 0.13 -58.14
C TYR F 343 -28.91 -0.50 -59.03
N LEU F 344 -29.68 -1.48 -58.49
CA LEU F 344 -30.69 -2.15 -59.28
C LEU F 344 -31.62 -1.08 -59.85
N TYR F 345 -32.08 -0.21 -58.97
CA TYR F 345 -33.08 0.77 -59.27
C TYR F 345 -32.57 2.11 -59.74
N SER F 346 -31.26 2.42 -59.59
CA SER F 346 -30.77 3.78 -59.96
C SER F 346 -29.83 3.76 -61.12
N ASN F 347 -29.25 2.58 -61.36
CA ASN F 347 -28.30 2.41 -62.46
C ASN F 347 -28.14 0.91 -62.81
N PRO F 348 -29.19 0.30 -63.39
CA PRO F 348 -29.26 -1.14 -63.59
C PRO F 348 -27.95 -1.77 -64.02
N GLU F 349 -27.17 -1.09 -64.86
CA GLU F 349 -25.93 -1.70 -65.35
C GLU F 349 -24.85 -2.14 -64.27
N ILE F 350 -24.84 -1.46 -63.14
CA ILE F 350 -23.96 -1.79 -62.07
C ILE F 350 -24.46 -3.08 -61.33
N ALA F 351 -25.76 -3.15 -61.08
CA ALA F 351 -26.42 -4.37 -60.75
C ALA F 351 -26.02 -5.55 -61.70
N ARG F 352 -26.15 -5.37 -63.03
CA ARG F 352 -25.78 -6.44 -63.94
C ARG F 352 -24.34 -6.85 -63.68
N ASN F 353 -23.47 -5.87 -63.52
CA ASN F 353 -22.05 -6.12 -63.36
C ASN F 353 -21.78 -6.82 -62.05
N ILE F 354 -22.54 -6.51 -61.00
CA ILE F 354 -22.45 -7.28 -59.79
C ILE F 354 -22.71 -8.76 -60.05
N LEU F 355 -23.76 -9.07 -60.80
CA LEU F 355 -24.08 -10.45 -61.13
C LEU F 355 -23.03 -11.15 -62.03
N LYS F 356 -22.48 -10.39 -62.99
CA LYS F 356 -21.43 -10.91 -63.85
C LYS F 356 -20.18 -11.23 -63.06
N TYR F 357 -19.97 -10.56 -61.91
CA TYR F 357 -18.81 -10.86 -61.05
C TYR F 357 -19.11 -12.25 -60.44
N ARG F 358 -20.36 -12.49 -60.12
CA ARG F 358 -20.77 -13.77 -59.61
C ARG F 358 -20.70 -14.82 -60.71
N HIS F 359 -21.06 -14.48 -61.95
CA HIS F 359 -20.90 -15.48 -63.06
C HIS F 359 -19.46 -15.77 -63.26
N ARG F 360 -18.65 -14.71 -63.32
CA ARG F 360 -17.19 -14.81 -63.58
C ARG F 360 -16.50 -15.71 -62.54
N THR F 361 -17.06 -15.76 -61.32
CA THR F 361 -16.47 -16.53 -60.25
C THR F 361 -17.18 -17.83 -59.94
N LEU F 362 -18.06 -18.28 -60.85
CA LEU F 362 -18.77 -19.59 -60.74
C LEU F 362 -17.84 -20.77 -60.43
N ASP F 363 -16.68 -20.80 -61.09
CA ASP F 363 -15.77 -21.91 -60.90
C ASP F 363 -15.22 -21.95 -59.49
N GLY F 364 -15.05 -20.79 -58.87
CA GLY F 364 -14.70 -20.76 -57.45
C GLY F 364 -15.79 -21.44 -56.63
N ALA F 365 -17.05 -21.19 -57.01
CA ALA F 365 -18.19 -21.74 -56.29
C ALA F 365 -18.36 -23.23 -56.59
N ARG F 366 -17.98 -23.65 -57.78
CA ARG F 366 -17.97 -25.08 -58.14
C ARG F 366 -16.91 -25.85 -57.38
N ARG F 367 -15.76 -25.21 -57.21
CA ARG F 367 -14.69 -25.84 -56.44
C ARG F 367 -15.07 -25.91 -54.99
N LYS F 368 -15.74 -24.88 -54.45
CA LYS F 368 -16.08 -24.98 -53.03
C LYS F 368 -17.13 -26.14 -52.79
N ALA F 369 -18.06 -26.32 -53.72
CA ALA F 369 -19.03 -27.39 -53.53
C ALA F 369 -18.33 -28.76 -53.56
N LYS F 370 -17.45 -28.95 -54.56
CA LYS F 370 -16.74 -30.22 -54.79
C LYS F 370 -15.89 -30.52 -53.58
N ARG F 371 -15.13 -29.54 -53.10
CA ARG F 371 -14.32 -29.80 -51.92
C ARG F 371 -15.17 -30.26 -50.73
N LEU F 372 -16.42 -29.80 -50.64
CA LEU F 372 -17.22 -30.06 -49.47
C LEU F 372 -18.13 -31.30 -49.68
N GLY F 373 -18.05 -31.95 -50.82
CA GLY F 373 -18.80 -33.17 -51.09
C GLY F 373 -20.10 -32.87 -51.84
N TYR F 374 -20.26 -31.65 -52.33
CA TYR F 374 -21.50 -31.21 -52.99
C TYR F 374 -21.32 -31.14 -54.48
N GLU F 375 -22.36 -30.69 -55.18
CA GLU F 375 -22.36 -30.54 -56.61
C GLU F 375 -22.79 -29.10 -56.89
N GLY F 376 -22.65 -28.58 -58.12
CA GLY F 376 -23.21 -27.28 -58.35
C GLY F 376 -22.38 -26.13 -57.85
N ALA F 377 -23.04 -25.02 -57.62
CA ALA F 377 -22.33 -23.84 -57.12
C ALA F 377 -22.57 -23.58 -55.63
N TYR F 378 -21.60 -23.86 -54.78
CA TYR F 378 -21.68 -23.35 -53.41
C TYR F 378 -20.84 -22.07 -53.23
N TYR F 379 -21.45 -20.90 -53.32
CA TYR F 379 -20.66 -19.67 -53.32
C TYR F 379 -19.85 -19.46 -52.05
N ALA F 380 -18.76 -18.69 -52.17
CA ALA F 380 -17.90 -18.43 -51.00
C ALA F 380 -18.63 -17.53 -50.03
N TRP F 381 -18.43 -17.77 -48.75
CA TRP F 381 -18.86 -16.82 -47.77
C TRP F 381 -18.17 -15.48 -47.97
N ILE F 382 -16.87 -15.52 -48.30
CA ILE F 382 -16.03 -14.34 -48.48
C ILE F 382 -15.32 -14.48 -49.82
N SER F 383 -15.72 -13.69 -50.82
CA SER F 383 -15.23 -13.89 -52.17
C SER F 383 -14.33 -12.75 -52.68
N GLY F 384 -13.16 -13.10 -53.23
CA GLY F 384 -12.18 -12.15 -53.76
C GLY F 384 -12.01 -12.18 -55.27
N LYS F 385 -10.83 -12.51 -55.74
CA LYS F 385 -10.59 -12.49 -57.19
C LYS F 385 -11.30 -13.64 -57.94
N THR F 386 -11.18 -14.89 -57.43
CA THR F 386 -11.55 -16.10 -58.19
C THR F 386 -12.86 -16.74 -57.76
N GLY F 387 -13.37 -16.36 -56.59
CA GLY F 387 -14.55 -17.03 -56.09
C GLY F 387 -14.20 -18.22 -55.20
N ASP F 388 -12.91 -18.59 -55.09
CA ASP F 388 -12.54 -19.59 -54.06
C ASP F 388 -12.76 -18.98 -52.70
N GLU F 389 -13.00 -19.82 -51.70
CA GLU F 389 -13.35 -19.38 -50.36
C GLU F 389 -12.17 -18.69 -49.66
N LEU F 390 -12.37 -17.48 -49.14
CA LEU F 390 -11.30 -16.76 -48.41
C LEU F 390 -11.54 -16.78 -46.91
N CYS F 391 -12.71 -17.26 -46.55
CA CYS F 391 -13.08 -17.28 -45.15
C CYS F 391 -12.37 -18.46 -44.41
N PRO F 392 -11.45 -18.17 -43.46
CA PRO F 392 -10.84 -19.29 -42.69
C PRO F 392 -11.88 -20.09 -41.94
N ASP F 393 -11.55 -21.34 -41.63
CA ASP F 393 -12.28 -22.16 -40.67
C ASP F 393 -12.23 -21.60 -39.27
N PHE F 394 -11.10 -20.95 -38.94
CA PHE F 394 -10.91 -20.35 -37.60
C PHE F 394 -10.92 -18.86 -37.72
N PHE F 395 -12.11 -18.31 -37.58
CA PHE F 395 -12.33 -16.90 -37.84
C PHE F 395 -12.03 -16.11 -36.56
N PHE F 396 -12.38 -16.75 -35.44
CA PHE F 396 -12.34 -16.17 -34.12
C PHE F 396 -11.52 -17.03 -33.14
N LYS F 397 -11.30 -16.48 -31.96
CA LYS F 397 -10.52 -17.10 -30.90
C LYS F 397 -11.48 -17.16 -29.72
N ASP F 398 -11.30 -18.18 -28.88
CA ASP F 398 -11.95 -18.20 -27.57
C ASP F 398 -11.09 -17.29 -26.68
N VAL F 399 -11.57 -16.10 -26.34
CA VAL F 399 -10.69 -15.13 -25.69
C VAL F 399 -10.49 -15.47 -24.24
N LEU F 400 -11.28 -16.41 -23.73
CA LEU F 400 -11.08 -16.90 -22.38
C LEU F 400 -9.88 -17.83 -22.27
N SER F 401 -9.59 -18.61 -23.32
CA SER F 401 -8.56 -19.61 -23.23
C SER F 401 -7.37 -19.29 -24.12
N GLY F 402 -7.61 -18.46 -25.14
CA GLY F 402 -6.63 -18.22 -26.20
C GLY F 402 -6.73 -19.18 -27.37
N ARG F 403 -7.59 -20.19 -27.33
CA ARG F 403 -7.60 -21.13 -28.44
C ARG F 403 -8.44 -20.62 -29.62
N ASP F 404 -8.07 -21.11 -30.80
CA ASP F 404 -8.94 -21.07 -31.98
C ASP F 404 -10.33 -21.68 -31.74
N ILE F 405 -11.37 -20.98 -32.18
CA ILE F 405 -12.65 -21.69 -32.35
C ILE F 405 -13.00 -21.83 -33.81
N ARG F 406 -13.69 -22.93 -34.11
CA ARG F 406 -14.12 -23.25 -35.46
C ARG F 406 -15.53 -22.71 -35.64
N ASN F 407 -15.72 -21.80 -36.58
CA ASN F 407 -17.08 -21.40 -36.92
C ASN F 407 -17.27 -21.85 -38.35
N HIS F 408 -18.52 -22.10 -38.69
CA HIS F 408 -18.83 -22.64 -40.00
C HIS F 408 -19.38 -21.58 -40.93
N PHE F 409 -19.00 -20.31 -40.77
CA PHE F 409 -19.45 -19.31 -41.77
C PHE F 409 -19.18 -19.87 -43.18
N ASN F 410 -18.06 -20.59 -43.32
CA ASN F 410 -17.57 -20.94 -44.67
C ASN F 410 -18.09 -22.26 -45.26
N ASP F 411 -18.75 -23.08 -44.43
CA ASP F 411 -19.25 -24.32 -45.02
C ASP F 411 -20.63 -24.74 -44.60
N TRP F 412 -21.26 -24.07 -43.62
CA TRP F 412 -22.67 -24.33 -43.33
C TRP F 412 -23.62 -23.20 -43.60
N GLN F 413 -23.14 -21.98 -43.72
CA GLN F 413 -24.03 -20.87 -43.97
C GLN F 413 -24.35 -20.83 -45.47
N ILE F 414 -25.14 -21.80 -45.88
CA ILE F 414 -25.34 -22.08 -47.32
C ILE F 414 -26.27 -21.09 -48.05
N HIS F 415 -27.05 -20.29 -47.30
CA HIS F 415 -27.94 -19.35 -47.99
C HIS F 415 -27.24 -18.44 -48.99
N ILE F 416 -25.92 -18.21 -48.87
CA ILE F 416 -25.25 -17.26 -49.81
C ILE F 416 -25.64 -17.64 -51.24
N SER F 417 -25.80 -18.96 -51.47
CA SER F 417 -26.00 -19.45 -52.83
C SER F 417 -27.39 -19.07 -53.40
N PRO F 418 -28.49 -19.44 -52.69
CA PRO F 418 -29.81 -19.00 -53.19
C PRO F 418 -29.99 -17.49 -53.17
N ASP F 419 -29.29 -16.80 -52.25
CA ASP F 419 -29.32 -15.33 -52.17
C ASP F 419 -28.85 -14.77 -53.51
N ILE F 420 -27.78 -15.34 -54.06
CA ILE F 420 -27.36 -14.94 -55.38
C ILE F 420 -28.45 -15.24 -56.45
N ALA F 421 -29.06 -16.43 -56.42
CA ALA F 421 -30.08 -16.81 -57.41
C ALA F 421 -31.22 -15.83 -57.32
N TYR F 422 -31.59 -15.54 -56.08
CA TYR F 422 -32.58 -14.57 -55.82
C TYR F 422 -32.23 -13.26 -56.51
N ALA F 423 -30.99 -12.82 -56.39
CA ALA F 423 -30.66 -11.47 -56.86
C ALA F 423 -30.73 -11.53 -58.36
N VAL F 424 -30.38 -12.69 -58.92
CA VAL F 424 -30.40 -12.82 -60.37
C VAL F 424 -31.84 -12.70 -60.85
N LYS F 425 -32.76 -13.36 -60.16
CA LYS F 425 -34.11 -13.28 -60.59
C LYS F 425 -34.67 -11.88 -60.41
N LYS F 426 -34.44 -11.24 -59.24
CA LYS F 426 -34.99 -9.89 -58.98
C LYS F 426 -34.44 -8.87 -59.97
N TYR F 427 -33.18 -9.02 -60.38
CA TYR F 427 -32.66 -8.15 -61.40
C TYR F 427 -33.42 -8.29 -62.71
N HIS F 428 -33.73 -9.54 -63.06
CA HIS F 428 -34.43 -9.87 -64.33
C HIS F 428 -35.86 -9.34 -64.36
N GLN F 429 -36.58 -9.53 -63.26
CA GLN F 429 -37.90 -8.97 -63.03
C GLN F 429 -37.93 -7.44 -63.10
N VAL F 430 -37.01 -6.80 -62.38
CA VAL F 430 -36.99 -5.37 -62.26
C VAL F 430 -36.63 -4.76 -63.61
N THR F 431 -35.64 -5.31 -64.33
CA THR F 431 -35.13 -4.71 -65.57
C THR F 431 -35.65 -5.25 -66.93
N GLY F 432 -36.02 -6.52 -67.05
CA GLY F 432 -36.37 -7.11 -68.37
C GLY F 432 -35.17 -7.49 -69.24
N ASP F 433 -33.98 -7.50 -68.67
CA ASP F 433 -32.77 -7.86 -69.44
C ASP F 433 -32.68 -9.39 -69.68
N ASP F 434 -33.47 -9.91 -70.63
CA ASP F 434 -33.53 -11.35 -70.99
C ASP F 434 -32.19 -11.89 -71.44
N ALA F 435 -31.45 -11.02 -72.11
CA ALA F 435 -30.14 -11.35 -72.63
C ALA F 435 -29.16 -11.72 -71.50
N PHE F 436 -29.25 -11.02 -70.37
CA PHE F 436 -28.36 -11.36 -69.29
C PHE F 436 -28.65 -12.79 -68.78
N ILE F 437 -29.93 -13.10 -68.64
CA ILE F 437 -30.38 -14.42 -68.22
C ILE F 437 -29.84 -15.54 -69.14
N ARG F 438 -29.75 -15.26 -70.43
CA ARG F 438 -29.37 -16.30 -71.38
C ARG F 438 -27.89 -16.46 -71.35
N ASP F 439 -27.16 -15.36 -71.24
CA ASP F 439 -25.71 -15.45 -71.37
C ASP F 439 -25.02 -15.86 -70.08
N TYR F 440 -25.70 -15.66 -68.95
CA TYR F 440 -25.05 -15.74 -67.66
C TYR F 440 -25.99 -16.26 -66.55
N GLY F 441 -27.20 -15.69 -66.48
CA GLY F 441 -28.16 -15.94 -65.41
C GLY F 441 -28.63 -17.36 -65.19
N ALA F 442 -29.11 -17.99 -66.25
CA ALA F 442 -29.61 -19.35 -66.22
C ALA F 442 -28.54 -20.29 -65.69
N GLU F 443 -27.34 -20.21 -66.26
CA GLU F 443 -26.20 -20.96 -65.78
C GLU F 443 -26.09 -20.90 -64.25
N MET F 444 -26.16 -19.69 -63.70
CA MET F 444 -25.97 -19.47 -62.28
C MET F 444 -27.09 -20.13 -61.46
N ILE F 445 -28.33 -19.80 -61.83
CA ILE F 445 -29.54 -20.32 -61.18
C ILE F 445 -29.58 -21.86 -61.21
N PHE F 446 -29.16 -22.44 -62.33
CA PHE F 446 -29.13 -23.87 -62.51
C PHE F 446 -28.06 -24.50 -61.61
N GLU F 447 -26.88 -23.89 -61.56
CA GLU F 447 -25.79 -24.42 -60.79
C GLU F 447 -26.07 -24.26 -59.28
N ILE F 448 -26.83 -23.23 -58.95
CA ILE F 448 -27.24 -23.02 -57.57
C ILE F 448 -28.38 -23.95 -57.19
N ALA F 449 -29.32 -24.16 -58.11
CA ALA F 449 -30.34 -25.23 -57.92
C ALA F 449 -29.73 -26.64 -57.69
N ARG F 450 -28.81 -27.02 -58.57
CA ARG F 450 -28.01 -28.23 -58.39
C ARG F 450 -27.31 -28.32 -57.02
N PHE F 451 -26.69 -27.23 -56.57
CA PHE F 451 -26.03 -27.28 -55.26
C PHE F 451 -27.08 -27.57 -54.21
N LEU F 452 -28.16 -26.78 -54.19
CA LEU F 452 -29.27 -27.05 -53.26
C LEU F 452 -29.77 -28.49 -53.28
N ALA F 453 -29.90 -29.06 -54.49
CA ALA F 453 -30.39 -30.41 -54.66
C ALA F 453 -29.41 -31.37 -54.04
N SER F 454 -28.11 -31.09 -54.17
CA SER F 454 -27.09 -31.97 -53.61
C SER F 454 -26.93 -31.83 -52.06
N HIS F 455 -27.44 -30.76 -51.46
CA HIS F 455 -27.30 -30.51 -50.01
C HIS F 455 -28.49 -31.07 -49.27
N ALA F 456 -29.69 -30.96 -49.88
CA ALA F 456 -30.95 -31.43 -49.24
C ALA F 456 -30.84 -32.88 -48.82
N VAL F 457 -31.39 -33.21 -47.67
CA VAL F 457 -31.58 -34.61 -47.32
C VAL F 457 -33.06 -35.03 -47.58
N TYR F 458 -33.29 -36.20 -48.17
CA TYR F 458 -34.64 -36.71 -48.25
C TYR F 458 -34.91 -37.58 -47.02
N LYS F 459 -36.02 -37.31 -46.34
CA LYS F 459 -36.44 -38.03 -45.12
C LYS F 459 -37.63 -38.96 -45.53
N PRO F 460 -37.35 -40.27 -45.80
CA PRO F 460 -38.41 -41.10 -46.42
C PRO F 460 -39.55 -41.37 -45.48
N MET F 461 -39.33 -41.34 -44.17
CA MET F 461 -40.42 -41.58 -43.27
C MET F 461 -41.27 -40.35 -43.02
N ARG F 462 -40.82 -39.19 -43.45
CA ARG F 462 -41.63 -38.00 -43.39
C ARG F 462 -42.08 -37.62 -44.80
N GLY F 463 -41.66 -38.37 -45.81
CA GLY F 463 -42.00 -38.04 -47.20
C GLY F 463 -41.63 -36.61 -47.66
N ARG F 464 -40.59 -36.05 -47.04
CA ARG F 464 -40.12 -34.72 -47.41
C ARG F 464 -38.56 -34.54 -47.52
N TYR F 465 -38.17 -33.48 -48.23
CA TYR F 465 -36.80 -32.95 -48.20
C TYR F 465 -36.67 -31.92 -47.11
N GLU F 466 -35.52 -31.91 -46.47
CA GLU F 466 -35.20 -30.87 -45.49
C GLU F 466 -33.77 -30.38 -45.80
N PHE F 467 -33.39 -29.26 -45.16
CA PHE F 467 -32.04 -28.67 -45.23
C PHE F 467 -31.44 -28.64 -43.82
N MET F 468 -30.58 -29.60 -43.56
CA MET F 468 -30.00 -29.80 -42.21
C MET F 468 -28.63 -29.12 -42.09
N ARG F 469 -28.36 -28.72 -40.86
CA ARG F 469 -27.00 -28.43 -40.37
C ARG F 469 -26.51 -27.24 -41.20
N VAL F 470 -27.21 -26.13 -41.04
CA VAL F 470 -26.86 -24.91 -41.67
C VAL F 470 -26.68 -23.86 -40.60
N GLN F 471 -26.41 -22.67 -41.08
CA GLN F 471 -26.37 -21.49 -40.27
C GLN F 471 -27.16 -20.46 -41.06
N GLY F 472 -28.10 -19.78 -40.40
CA GLY F 472 -28.86 -18.69 -41.04
C GLY F 472 -28.26 -17.28 -40.82
N PRO F 473 -28.90 -16.24 -41.38
CA PRO F 473 -28.53 -14.86 -41.15
C PRO F 473 -28.22 -14.57 -39.68
N ASP F 474 -28.97 -15.12 -38.75
CA ASP F 474 -28.59 -15.02 -37.34
C ASP F 474 -27.36 -15.90 -37.13
N GLN F 475 -26.19 -15.28 -37.26
CA GLN F 475 -24.91 -15.97 -37.17
C GLN F 475 -24.71 -16.73 -35.90
N TYR F 476 -25.34 -16.32 -34.79
CA TYR F 476 -25.04 -16.92 -33.47
C TYR F 476 -25.38 -18.41 -33.33
N HIS F 477 -26.33 -18.90 -34.12
CA HIS F 477 -26.71 -20.30 -33.99
C HIS F 477 -26.27 -21.11 -35.16
N GLU F 478 -25.39 -22.07 -34.88
CA GLU F 478 -24.86 -22.93 -35.92
C GLU F 478 -25.37 -24.34 -35.76
N ASN F 479 -25.37 -25.14 -36.84
CA ASN F 479 -25.84 -26.52 -36.83
C ASN F 479 -27.34 -26.56 -36.51
N VAL F 480 -28.12 -25.80 -37.26
CA VAL F 480 -29.55 -25.64 -37.05
C VAL F 480 -30.18 -26.27 -38.27
N ASP F 481 -31.38 -26.81 -38.13
CA ASP F 481 -32.06 -27.46 -39.29
C ASP F 481 -33.24 -26.67 -39.71
N ASN F 482 -33.47 -26.68 -41.00
CA ASN F 482 -34.62 -25.96 -41.56
C ASN F 482 -34.78 -24.53 -41.06
N ASN F 483 -33.68 -23.78 -41.20
CA ASN F 483 -33.72 -22.33 -41.02
C ASN F 483 -34.75 -21.80 -42.04
N ALA F 484 -35.73 -21.07 -41.55
CA ALA F 484 -36.89 -20.70 -42.39
C ALA F 484 -36.46 -19.85 -43.59
N PHE F 485 -35.59 -18.89 -43.31
CA PHE F 485 -35.02 -18.08 -44.35
C PHE F 485 -34.40 -18.96 -45.42
N THR F 486 -33.53 -19.88 -45.00
CA THR F 486 -32.84 -20.67 -46.02
C THR F 486 -33.82 -21.57 -46.79
N ASN F 487 -34.71 -22.29 -46.11
CA ASN F 487 -35.64 -23.16 -46.88
C ASN F 487 -36.48 -22.38 -47.89
N HIS F 488 -36.92 -21.20 -47.46
CA HIS F 488 -37.60 -20.29 -48.37
C HIS F 488 -36.73 -19.90 -49.58
N GLN F 489 -35.49 -19.46 -49.34
CA GLN F 489 -34.62 -19.06 -50.41
C GLN F 489 -34.39 -20.21 -51.40
N ALA F 490 -34.26 -21.42 -50.88
CA ALA F 490 -34.08 -22.62 -51.70
C ALA F 490 -35.24 -22.86 -52.70
N MET F 491 -36.48 -22.80 -52.20
CA MET F 491 -37.72 -22.95 -53.00
C MET F 491 -37.81 -21.88 -54.01
N PHE F 492 -37.51 -20.66 -53.59
CA PHE F 492 -37.51 -19.55 -54.53
C PHE F 492 -36.54 -19.80 -55.69
N THR F 493 -35.37 -20.38 -55.42
CA THR F 493 -34.42 -20.73 -56.45
C THR F 493 -34.91 -21.87 -57.37
N LEU F 494 -35.58 -22.85 -56.78
CA LEU F 494 -35.96 -24.00 -57.59
C LEU F 494 -37.09 -23.58 -58.53
N GLN F 495 -38.07 -22.88 -57.95
CA GLN F 495 -39.10 -22.13 -58.67
C GLN F 495 -38.48 -21.42 -59.89
N ALA F 496 -37.45 -20.57 -59.65
CA ALA F 496 -36.91 -19.77 -60.74
C ALA F 496 -36.28 -20.66 -61.75
N ALA F 497 -35.74 -21.80 -61.29
CA ALA F 497 -35.03 -22.64 -62.21
C ALA F 497 -36.01 -23.35 -63.17
N ASP F 498 -37.18 -23.66 -62.63
CA ASP F 498 -38.25 -24.35 -63.30
C ASP F 498 -38.95 -23.39 -64.28
N GLU F 499 -39.22 -22.16 -63.84
CA GLU F 499 -39.57 -21.08 -64.76
C GLU F 499 -38.66 -21.12 -65.98
N LEU F 500 -37.35 -21.00 -65.75
CA LEU F 500 -36.41 -20.90 -66.87
C LEU F 500 -36.39 -22.10 -67.85
N LEU F 501 -36.49 -23.34 -67.34
CA LEU F 501 -36.57 -24.58 -68.17
C LEU F 501 -37.75 -24.62 -69.18
N GLN F 502 -38.89 -24.09 -68.77
CA GLN F 502 -40.05 -23.88 -69.58
C GLN F 502 -39.94 -22.74 -70.60
N THR F 503 -39.23 -21.68 -70.21
CA THR F 503 -39.33 -20.44 -70.93
C THR F 503 -38.21 -20.13 -71.89
N LEU F 504 -37.01 -20.60 -71.64
CA LEU F 504 -35.95 -20.28 -72.59
C LEU F 504 -36.12 -20.93 -73.96
N ASP F 505 -35.44 -20.38 -74.95
CA ASP F 505 -35.41 -20.91 -76.30
C ASP F 505 -34.45 -22.11 -76.32
N GLU F 506 -34.87 -23.18 -77.01
CA GLU F 506 -34.12 -24.43 -77.01
C GLU F 506 -32.64 -24.23 -77.41
N LYS F 507 -32.36 -23.25 -78.25
CA LYS F 507 -30.98 -22.95 -78.66
C LYS F 507 -30.11 -22.53 -77.45
N THR F 508 -30.67 -21.72 -76.56
CA THR F 508 -29.99 -21.29 -75.31
C THR F 508 -30.07 -22.41 -74.25
N LEU F 509 -31.30 -22.74 -73.85
CA LEU F 509 -31.55 -23.89 -72.99
C LEU F 509 -30.59 -25.07 -73.27
N SER F 510 -30.33 -25.30 -74.56
CA SER F 510 -29.51 -26.40 -75.00
C SER F 510 -28.06 -26.16 -74.66
N ALA F 511 -27.53 -24.98 -75.04
CA ALA F 511 -26.10 -24.69 -74.81
C ALA F 511 -25.76 -24.74 -73.33
N VAL F 512 -26.68 -24.21 -72.53
CA VAL F 512 -26.56 -24.21 -71.06
C VAL F 512 -26.58 -25.63 -70.42
N LYS F 513 -27.61 -26.43 -70.72
CA LYS F 513 -27.66 -27.85 -70.35
C LYS F 513 -26.38 -28.58 -70.76
N GLU F 514 -25.91 -28.38 -71.98
CA GLU F 514 -24.65 -29.01 -72.36
C GLU F 514 -23.42 -28.42 -71.63
N LYS F 515 -23.43 -27.14 -71.32
CA LYS F 515 -22.25 -26.50 -70.70
C LYS F 515 -22.05 -27.14 -69.34
N ILE F 516 -23.16 -27.33 -68.63
CA ILE F 516 -23.10 -27.76 -67.22
C ILE F 516 -23.51 -29.24 -67.00
N GLY F 517 -23.79 -29.94 -68.11
CA GLY F 517 -24.20 -31.36 -68.09
C GLY F 517 -25.47 -31.58 -67.26
N LEU F 518 -26.48 -30.75 -67.46
CA LEU F 518 -27.74 -30.89 -66.73
C LEU F 518 -28.59 -32.02 -67.30
N SER F 519 -28.80 -33.07 -66.51
CA SER F 519 -29.58 -34.26 -66.91
C SER F 519 -31.09 -34.19 -66.59
N ASP F 520 -31.88 -34.97 -67.32
CA ASP F 520 -33.33 -35.10 -67.04
C ASP F 520 -33.63 -35.57 -65.60
N ASP F 521 -32.76 -36.40 -65.04
CA ASP F 521 -32.94 -36.91 -63.65
C ASP F 521 -32.82 -35.83 -62.59
N GLU F 522 -31.88 -34.91 -62.81
CA GLU F 522 -31.77 -33.70 -61.97
C GLU F 522 -33.02 -32.85 -62.14
N ILE F 523 -33.45 -32.69 -63.39
CA ILE F 523 -34.62 -31.83 -63.60
C ILE F 523 -35.76 -32.42 -62.78
N SER F 524 -35.98 -33.74 -62.82
CA SER F 524 -37.08 -34.37 -62.00
C SER F 524 -36.93 -34.20 -60.50
N LEU F 525 -35.68 -34.35 -60.04
CA LEU F 525 -35.38 -34.15 -58.61
C LEU F 525 -35.84 -32.76 -58.21
N TRP F 526 -35.47 -31.78 -59.04
CA TRP F 526 -35.86 -30.41 -58.65
C TRP F 526 -37.36 -30.27 -58.54
N ARG F 527 -38.05 -30.78 -59.56
CA ARG F 527 -39.53 -30.77 -59.56
C ARG F 527 -40.07 -31.50 -58.30
N ASP F 528 -39.50 -32.65 -57.99
CA ASP F 528 -39.90 -33.38 -56.77
C ASP F 528 -39.67 -32.56 -55.50
N MET F 529 -38.53 -31.86 -55.40
CA MET F 529 -38.25 -30.98 -54.23
C MET F 529 -39.23 -29.81 -54.15
N LEU F 530 -39.58 -29.29 -55.32
CA LEU F 530 -40.59 -28.24 -55.37
C LEU F 530 -41.89 -28.71 -54.75
N ALA F 531 -42.24 -29.99 -54.87
CA ALA F 531 -43.51 -30.42 -54.26
C ALA F 531 -43.36 -30.86 -52.81
N ASN F 532 -42.17 -31.29 -52.41
CA ASN F 532 -42.04 -32.10 -51.21
C ASN F 532 -40.96 -31.61 -50.21
N THR F 533 -40.51 -30.36 -50.39
CA THR F 533 -39.59 -29.78 -49.44
C THR F 533 -40.36 -29.16 -48.30
N TYR F 534 -39.99 -29.54 -47.08
CA TYR F 534 -40.53 -28.90 -45.89
C TYR F 534 -40.11 -27.43 -45.84
N VAL F 535 -41.09 -26.58 -45.61
CA VAL F 535 -40.87 -25.15 -45.50
C VAL F 535 -41.59 -24.66 -44.24
N PRO F 536 -40.86 -24.03 -43.29
CA PRO F 536 -41.54 -23.57 -42.05
C PRO F 536 -42.53 -22.44 -42.37
N LYS F 537 -43.76 -22.61 -41.89
CA LYS F 537 -44.90 -21.70 -42.16
C LYS F 537 -45.41 -21.21 -40.81
N PRO F 538 -46.21 -20.14 -40.80
CA PRO F 538 -46.74 -19.68 -39.50
C PRO F 538 -47.39 -20.81 -38.67
N ASP F 539 -47.00 -20.94 -37.38
CA ASP F 539 -47.59 -21.91 -36.45
C ASP F 539 -49.02 -21.53 -36.06
N LYS F 540 -49.56 -22.24 -35.06
CA LYS F 540 -50.93 -22.00 -34.60
C LYS F 540 -51.10 -20.54 -34.20
N HIS F 541 -50.06 -19.96 -33.58
CA HIS F 541 -50.01 -18.54 -33.24
C HIS F 541 -49.60 -17.60 -34.37
N GLY F 542 -49.47 -18.12 -35.59
CA GLY F 542 -49.04 -17.26 -36.70
C GLY F 542 -47.52 -16.98 -36.82
N ILE F 543 -46.73 -17.51 -35.87
CA ILE F 543 -45.28 -17.29 -35.87
C ILE F 543 -44.54 -18.32 -36.72
N ILE F 544 -43.56 -17.86 -37.52
CA ILE F 544 -42.67 -18.79 -38.21
C ILE F 544 -41.46 -19.10 -37.34
N GLU F 545 -41.23 -20.38 -37.06
CA GLU F 545 -40.08 -20.80 -36.27
C GLU F 545 -38.77 -20.60 -37.07
N GLN F 546 -37.76 -19.97 -36.42
CA GLN F 546 -36.51 -19.55 -37.05
C GLN F 546 -35.76 -20.74 -37.60
N PHE F 547 -35.64 -21.78 -36.76
CA PHE F 547 -35.13 -23.07 -37.19
C PHE F 547 -35.79 -24.15 -36.32
N ASP F 548 -35.67 -25.42 -36.70
CA ASP F 548 -36.17 -26.48 -35.84
C ASP F 548 -35.58 -26.42 -34.42
N GLY F 549 -36.41 -26.29 -33.39
CA GLY F 549 -35.98 -26.35 -31.99
C GLY F 549 -35.80 -24.96 -31.39
N TYR F 550 -35.91 -23.92 -32.22
CA TYR F 550 -35.65 -22.57 -31.75
C TYR F 550 -36.54 -22.28 -30.53
N TYR F 551 -37.81 -22.71 -30.58
CA TYR F 551 -38.77 -22.49 -29.49
C TYR F 551 -38.32 -23.13 -28.18
N ASP F 552 -37.51 -24.18 -28.27
CA ASP F 552 -37.07 -24.88 -27.05
C ASP F 552 -36.02 -24.11 -26.28
N LEU F 553 -35.49 -23.07 -26.91
CA LEU F 553 -34.30 -22.43 -26.38
C LEU F 553 -34.72 -21.35 -25.40
N GLU F 554 -33.82 -21.01 -24.49
CA GLU F 554 -34.14 -20.04 -23.44
C GLU F 554 -34.55 -18.66 -23.93
N THR F 555 -35.70 -18.19 -23.47
CA THR F 555 -36.22 -16.87 -23.80
C THR F 555 -35.63 -15.83 -22.83
N ILE F 556 -34.97 -14.80 -23.39
CA ILE F 556 -34.39 -13.72 -22.60
C ILE F 556 -34.87 -12.47 -23.27
N ILE F 557 -35.61 -11.64 -22.53
CA ILE F 557 -36.14 -10.38 -23.05
C ILE F 557 -36.03 -9.27 -21.97
N PRO F 558 -35.56 -8.05 -22.36
CA PRO F 558 -35.01 -7.74 -23.67
C PRO F 558 -33.78 -8.59 -23.85
N ALA F 559 -33.46 -8.91 -25.11
CA ALA F 559 -32.37 -9.82 -25.46
C ALA F 559 -31.05 -9.43 -24.79
N LYS F 560 -30.84 -8.11 -24.70
CA LYS F 560 -29.56 -7.56 -24.24
C LYS F 560 -29.08 -8.06 -22.89
N LYS F 561 -30.01 -8.55 -22.07
CA LYS F 561 -29.71 -9.02 -20.73
C LYS F 561 -28.74 -10.19 -20.68
N VAL F 562 -28.58 -10.87 -21.82
CA VAL F 562 -27.66 -11.97 -21.90
C VAL F 562 -26.23 -11.47 -21.81
N THR F 563 -26.01 -10.20 -22.14
CA THR F 563 -24.67 -9.64 -22.00
C THR F 563 -24.23 -9.71 -20.54
N GLU F 564 -25.18 -9.72 -19.60
CA GLU F 564 -24.85 -9.89 -18.18
C GLU F 564 -24.02 -11.15 -17.94
N ARG F 565 -23.99 -12.08 -18.89
CA ARG F 565 -23.29 -13.37 -18.63
C ARG F 565 -21.86 -13.45 -19.11
N LEU F 566 -21.35 -12.39 -19.73
CA LEU F 566 -19.99 -12.43 -20.27
C LEU F 566 -18.95 -12.51 -19.17
N ILE F 567 -17.75 -12.97 -19.52
CA ILE F 567 -16.65 -13.00 -18.59
C ILE F 567 -15.67 -11.94 -19.02
N LYS F 568 -15.30 -11.91 -20.30
CA LYS F 568 -14.66 -10.74 -20.92
C LYS F 568 -15.66 -10.09 -21.91
N GLU F 569 -15.54 -8.79 -22.16
CA GLU F 569 -16.52 -8.12 -23.05
C GLU F 569 -16.29 -8.34 -24.56
N ASP F 570 -15.10 -8.80 -24.95
CA ASP F 570 -14.78 -9.04 -26.36
C ASP F 570 -14.93 -10.53 -26.80
N GLU F 571 -15.52 -11.39 -25.93
CA GLU F 571 -15.86 -12.80 -26.31
C GLU F 571 -16.71 -12.81 -27.57
N TYR F 572 -16.49 -13.80 -28.44
CA TYR F 572 -17.51 -14.06 -29.44
C TYR F 572 -18.79 -14.54 -28.77
N TYR F 573 -19.92 -13.95 -29.15
CA TYR F 573 -21.21 -14.19 -28.49
C TYR F 573 -21.90 -15.52 -28.89
N GLY F 574 -21.37 -16.16 -29.94
CA GLY F 574 -22.05 -17.27 -30.58
C GLY F 574 -21.33 -18.56 -30.39
N TYR F 575 -21.49 -19.42 -31.41
CA TYR F 575 -20.98 -20.80 -31.46
C TYR F 575 -19.44 -20.82 -31.35
N PRO F 576 -18.87 -21.82 -30.64
CA PRO F 576 -19.61 -22.98 -30.18
C PRO F 576 -20.20 -22.86 -28.79
N ASN F 577 -19.65 -22.01 -27.94
CA ASN F 577 -20.14 -21.97 -26.57
C ASN F 577 -20.40 -20.56 -26.01
N GLY F 578 -20.66 -19.61 -26.90
CA GLY F 578 -21.00 -18.25 -26.53
C GLY F 578 -22.27 -18.22 -25.73
N VAL F 579 -22.56 -17.05 -25.15
CA VAL F 579 -23.67 -16.90 -24.23
C VAL F 579 -25.01 -16.83 -24.92
N THR F 580 -25.05 -16.64 -26.22
CA THR F 580 -26.38 -16.55 -26.86
C THR F 580 -26.88 -17.94 -27.32
N VAL F 581 -25.97 -18.92 -27.38
CA VAL F 581 -26.18 -20.17 -28.13
C VAL F 581 -27.36 -20.99 -27.65
N ARG F 582 -27.44 -21.18 -26.34
CA ARG F 582 -28.48 -21.99 -25.69
C ARG F 582 -29.76 -21.18 -25.57
N THR F 583 -29.81 -20.02 -26.25
CA THR F 583 -30.93 -19.09 -26.08
C THR F 583 -31.55 -18.61 -27.38
N GLN F 584 -32.62 -17.84 -27.26
CA GLN F 584 -33.38 -17.22 -28.34
C GLN F 584 -32.89 -15.81 -28.73
N CYS F 585 -31.80 -15.35 -28.15
CA CYS F 585 -31.20 -14.09 -28.59
C CYS F 585 -30.57 -14.36 -29.94
N ILE F 586 -30.86 -13.51 -30.92
CA ILE F 586 -30.34 -13.68 -32.24
C ILE F 586 -29.55 -12.42 -32.64
N LYS F 587 -28.57 -12.59 -33.51
CA LYS F 587 -27.71 -11.49 -33.87
C LYS F 587 -28.42 -10.39 -34.65
N GLN F 588 -29.35 -10.76 -35.50
CA GLN F 588 -29.83 -9.83 -36.56
C GLN F 588 -31.06 -10.48 -37.21
N ALA F 589 -31.72 -9.76 -38.11
CA ALA F 589 -32.93 -10.24 -38.73
C ALA F 589 -32.63 -11.59 -39.32
N ASP F 590 -33.54 -12.54 -39.12
CA ASP F 590 -33.42 -13.84 -39.73
C ASP F 590 -34.82 -14.19 -40.33
N VAL F 591 -35.82 -14.47 -39.49
CA VAL F 591 -37.19 -14.61 -40.00
C VAL F 591 -37.60 -13.25 -40.61
N ILE F 592 -37.22 -12.14 -39.96
CA ILE F 592 -37.59 -10.83 -40.54
C ILE F 592 -36.86 -10.53 -41.84
N GLN F 593 -35.62 -11.09 -41.97
CA GLN F 593 -34.92 -11.03 -43.26
C GLN F 593 -35.70 -11.65 -44.39
N LEU F 594 -36.40 -12.75 -44.12
CA LEU F 594 -37.30 -13.36 -45.12
C LEU F 594 -38.40 -12.37 -45.68
N PHE F 595 -38.98 -11.55 -44.79
CA PHE F 595 -40.01 -10.57 -45.23
C PHE F 595 -39.35 -9.52 -46.10
N VAL F 596 -38.11 -9.12 -45.73
CA VAL F 596 -37.45 -8.07 -46.49
C VAL F 596 -37.34 -8.47 -47.95
N LEU F 597 -37.06 -9.74 -48.17
CA LEU F 597 -36.76 -10.17 -49.52
C LEU F 597 -38.01 -10.57 -50.32
N HIS F 598 -39.02 -11.05 -49.62
CA HIS F 598 -40.25 -11.51 -50.23
C HIS F 598 -41.38 -10.79 -49.53
N PRO F 599 -41.52 -9.49 -49.79
CA PRO F 599 -42.51 -8.71 -49.00
C PRO F 599 -43.98 -9.08 -49.34
N HIS F 600 -44.22 -9.74 -50.46
CA HIS F 600 -45.60 -10.09 -50.81
C HIS F 600 -46.08 -11.48 -50.57
N LEU F 601 -45.47 -12.18 -49.62
CA LEU F 601 -45.55 -13.63 -49.59
C LEU F 601 -46.51 -14.06 -48.51
N TYR F 602 -46.35 -13.47 -47.35
CA TYR F 602 -47.25 -13.64 -46.26
C TYR F 602 -47.97 -12.32 -46.12
N ASP F 603 -49.00 -12.30 -45.29
CA ASP F 603 -49.80 -11.09 -45.12
C ASP F 603 -49.41 -10.31 -43.87
N ARG F 604 -49.87 -9.08 -43.87
CA ARG F 604 -49.58 -8.08 -42.87
C ARG F 604 -49.56 -8.55 -41.41
N LYS F 605 -50.58 -9.29 -41.00
CA LYS F 605 -50.75 -9.65 -39.58
C LYS F 605 -49.74 -10.73 -39.16
N THR F 606 -49.36 -11.53 -40.16
CA THR F 606 -48.34 -12.55 -39.98
C THR F 606 -46.98 -11.84 -39.84
N VAL F 607 -46.70 -10.96 -40.79
CA VAL F 607 -45.55 -10.08 -40.71
C VAL F 607 -45.52 -9.34 -39.33
N GLU F 608 -46.64 -8.73 -38.93
CA GLU F 608 -46.70 -8.02 -37.67
C GLU F 608 -46.41 -8.94 -36.48
N LEU F 609 -47.00 -10.13 -36.48
CA LEU F 609 -46.85 -10.99 -35.33
C LEU F 609 -45.43 -11.54 -35.22
N ASN F 610 -44.80 -11.79 -36.38
CA ASN F 610 -43.40 -12.24 -36.35
C ASN F 610 -42.47 -11.07 -35.93
N TYR F 611 -42.72 -9.89 -36.51
CA TYR F 611 -41.99 -8.72 -36.08
C TYR F 611 -42.06 -8.58 -34.57
N GLU F 612 -43.28 -8.58 -34.03
CA GLU F 612 -43.47 -8.37 -32.59
C GLU F 612 -42.87 -9.48 -31.76
N PHE F 613 -42.90 -10.70 -32.29
CA PHE F 613 -42.24 -11.83 -31.63
C PHE F 613 -40.67 -11.75 -31.63
N TYR F 614 -40.07 -11.39 -32.78
CA TYR F 614 -38.60 -11.50 -32.97
C TYR F 614 -37.77 -10.30 -32.50
N GLU F 615 -38.24 -9.11 -32.87
CA GLU F 615 -37.58 -7.87 -32.50
C GLU F 615 -37.06 -7.88 -31.06
N PRO F 616 -37.90 -8.23 -30.05
CA PRO F 616 -37.39 -8.17 -28.67
C PRO F 616 -36.31 -9.20 -28.36
N ARG F 617 -36.26 -10.25 -29.17
CA ARG F 617 -35.20 -11.29 -29.12
C ARG F 617 -33.97 -10.97 -30.01
N THR F 618 -34.06 -9.89 -30.79
CA THR F 618 -32.94 -9.40 -31.59
C THR F 618 -31.91 -8.50 -30.80
N LEU F 619 -30.64 -8.92 -30.68
CA LEU F 619 -29.59 -8.11 -30.07
C LEU F 619 -29.18 -6.94 -30.94
N HIS F 620 -29.42 -7.04 -32.25
CA HIS F 620 -28.90 -6.08 -33.25
C HIS F 620 -27.41 -5.88 -33.16
N PHE F 621 -26.66 -6.90 -32.77
CA PHE F 621 -25.20 -6.82 -32.80
C PHE F 621 -24.58 -7.03 -34.18
N SER F 622 -25.35 -6.88 -35.25
CA SER F 622 -24.77 -6.73 -36.60
C SER F 622 -25.28 -5.43 -37.18
N SER F 623 -24.44 -4.79 -37.97
CA SER F 623 -24.83 -3.56 -38.66
C SER F 623 -25.80 -3.81 -39.82
N LEU F 624 -26.07 -5.09 -40.11
CA LEU F 624 -27.04 -5.48 -41.16
C LEU F 624 -28.47 -5.44 -40.59
N SER F 625 -28.56 -5.43 -39.26
CA SER F 625 -29.79 -5.73 -38.55
C SER F 625 -30.89 -4.66 -38.49
N PRO F 626 -30.56 -3.40 -38.05
CA PRO F 626 -31.60 -2.34 -37.99
C PRO F 626 -32.26 -1.96 -39.30
N SER F 627 -31.52 -1.92 -40.40
CA SER F 627 -32.16 -1.58 -41.66
C SER F 627 -33.26 -2.60 -41.98
N SER F 628 -33.00 -3.87 -41.74
CA SER F 628 -33.96 -4.92 -42.08
C SER F 628 -35.29 -4.77 -41.29
N TYR F 629 -35.18 -4.58 -39.99
CA TYR F 629 -36.32 -4.38 -39.15
C TYR F 629 -37.05 -3.09 -39.46
N ALA F 630 -36.31 -2.11 -39.97
CA ALA F 630 -36.90 -0.84 -40.32
C ALA F 630 -37.73 -0.91 -41.59
N ILE F 631 -37.29 -1.74 -42.51
CA ILE F 631 -37.95 -1.91 -43.77
C ILE F 631 -39.23 -2.68 -43.58
N VAL F 632 -39.22 -3.60 -42.63
CA VAL F 632 -40.40 -4.38 -42.36
C VAL F 632 -41.39 -3.55 -41.56
N ALA F 633 -40.93 -3.03 -40.42
CA ALA F 633 -41.73 -2.12 -39.60
C ALA F 633 -42.46 -1.09 -40.45
N ALA F 634 -41.80 -0.60 -41.51
CA ALA F 634 -42.39 0.42 -42.35
C ALA F 634 -43.61 -0.10 -43.09
N GLN F 635 -43.51 -1.28 -43.68
CA GLN F 635 -44.57 -1.73 -44.57
C GLN F 635 -45.83 -2.26 -43.89
N ILE F 636 -45.75 -2.36 -42.58
CA ILE F 636 -46.83 -2.80 -41.74
C ILE F 636 -47.17 -1.65 -40.79
N ASP F 637 -46.98 -0.43 -41.30
CA ASP F 637 -47.36 0.80 -40.60
C ASP F 637 -46.96 0.92 -39.11
N LYS F 638 -45.74 0.49 -38.79
CA LYS F 638 -45.14 0.88 -37.52
C LYS F 638 -44.07 1.95 -37.82
N VAL F 639 -44.52 2.99 -38.55
CA VAL F 639 -43.69 4.02 -39.13
C VAL F 639 -42.68 4.62 -38.19
N GLU F 640 -43.03 4.72 -36.93
CA GLU F 640 -42.12 5.32 -35.97
C GLU F 640 -41.08 4.34 -35.41
N GLU F 641 -41.47 3.08 -35.17
CA GLU F 641 -40.46 2.08 -34.87
C GLU F 641 -39.50 1.88 -36.07
N ALA F 642 -40.02 2.02 -37.28
CA ALA F 642 -39.18 2.03 -38.44
C ALA F 642 -38.12 3.12 -38.27
N TYR F 643 -38.58 4.31 -37.89
CA TYR F 643 -37.71 5.46 -37.79
C TYR F 643 -36.64 5.25 -36.72
N ARG F 644 -37.01 4.59 -35.62
CA ARG F 644 -36.09 4.34 -34.52
C ARG F 644 -34.89 3.54 -35.06
N ASN F 645 -35.20 2.56 -35.91
CA ASN F 645 -34.20 1.68 -36.49
C ASN F 645 -33.46 2.32 -37.64
N PHE F 646 -34.16 3.18 -38.38
CA PHE F 646 -33.50 3.94 -39.42
C PHE F 646 -32.35 4.79 -38.81
N ARG F 647 -32.60 5.39 -37.65
CA ARG F 647 -31.62 6.28 -37.03
C ARG F 647 -30.48 5.45 -36.44
N LYS F 648 -30.79 4.24 -36.03
CA LYS F 648 -29.79 3.38 -35.46
C LYS F 648 -28.84 3.02 -36.63
N SER F 649 -29.43 2.74 -37.79
CA SER F 649 -28.74 2.34 -39.00
C SER F 649 -27.91 3.45 -39.69
N VAL F 650 -28.52 4.61 -39.96
CA VAL F 650 -27.76 5.65 -40.68
C VAL F 650 -26.66 6.33 -39.85
N MET F 651 -26.61 6.09 -38.54
CA MET F 651 -25.60 6.74 -37.67
C MET F 651 -24.47 5.80 -37.14
N ILE F 652 -24.53 4.54 -37.61
CA ILE F 652 -23.65 3.50 -37.13
C ILE F 652 -22.19 3.90 -37.27
N ASP F 653 -21.79 4.49 -38.41
CA ASP F 653 -20.40 4.95 -38.56
C ASP F 653 -20.20 6.32 -37.92
N LEU F 654 -21.05 7.27 -38.28
CA LEU F 654 -20.88 8.69 -37.86
C LEU F 654 -20.82 8.88 -36.38
N LEU F 655 -21.65 8.15 -35.63
CA LEU F 655 -21.60 8.22 -34.17
C LEU F 655 -20.88 7.05 -33.62
N ASN F 656 -20.13 6.34 -34.46
CA ASN F 656 -19.27 5.28 -33.98
C ASN F 656 -19.99 4.45 -32.89
N THR F 657 -21.19 3.95 -33.23
CA THR F 657 -22.05 3.26 -32.23
C THR F 657 -21.60 1.83 -31.95
N ASN F 658 -20.85 1.22 -32.88
CA ASN F 658 -20.47 -0.22 -32.80
C ASN F 658 -19.03 -0.47 -32.25
N GLU F 659 -18.75 -1.73 -31.88
CA GLU F 659 -17.42 -2.20 -31.43
C GLU F 659 -16.50 -2.44 -32.61
N ALA F 660 -15.22 -2.61 -32.33
CA ALA F 660 -14.21 -2.79 -33.37
C ALA F 660 -13.54 -4.22 -33.39
N VAL F 661 -13.48 -4.87 -32.21
CA VAL F 661 -12.81 -6.17 -32.10
C VAL F 661 -13.73 -7.15 -31.44
N SER F 662 -13.70 -8.37 -31.94
CA SER F 662 -14.51 -9.42 -31.37
C SER F 662 -13.72 -10.68 -31.52
N GLY F 663 -13.72 -11.51 -30.48
CA GLY F 663 -13.01 -12.78 -30.49
C GLY F 663 -11.60 -12.77 -31.05
N GLY F 664 -10.87 -11.68 -30.76
CA GLY F 664 -9.49 -11.51 -31.24
C GLY F 664 -9.37 -10.98 -32.65
N THR F 665 -10.48 -10.66 -33.31
CA THR F 665 -10.42 -10.40 -34.76
C THR F 665 -10.92 -8.98 -35.04
N PHE F 666 -10.22 -8.25 -35.92
CA PHE F 666 -10.60 -6.87 -36.17
C PHE F 666 -11.82 -6.81 -37.10
N ILE F 667 -12.85 -6.10 -36.68
CA ILE F 667 -14.10 -6.14 -37.42
C ILE F 667 -14.62 -4.76 -37.78
N GLY F 668 -13.78 -3.76 -37.58
CA GLY F 668 -14.17 -2.37 -37.79
C GLY F 668 -14.03 -1.92 -39.24
N GLY F 669 -14.04 -0.61 -39.46
CA GLY F 669 -14.02 -0.05 -40.81
C GLY F 669 -15.39 0.52 -41.07
N ILE F 670 -15.57 1.08 -42.24
CA ILE F 670 -16.91 1.57 -42.65
C ILE F 670 -17.84 0.37 -42.91
N HIS F 671 -19.11 0.46 -42.51
CA HIS F 671 -20.05 -0.65 -42.63
C HIS F 671 -20.87 -0.52 -43.90
N THR F 672 -20.35 -1.13 -44.95
CA THR F 672 -20.78 -1.02 -46.34
C THR F 672 -22.21 -1.50 -46.58
N ALA F 673 -22.58 -2.64 -45.96
CA ALA F 673 -23.95 -3.16 -46.13
C ALA F 673 -24.94 -2.11 -45.59
N ALA F 674 -24.67 -1.65 -44.37
CA ALA F 674 -25.48 -0.62 -43.76
C ALA F 674 -25.41 0.63 -44.62
N ASN F 675 -24.27 0.89 -45.26
CA ASN F 675 -24.23 2.09 -46.06
C ASN F 675 -25.24 1.97 -47.19
N GLY F 676 -25.35 0.79 -47.76
CA GLY F 676 -26.14 0.61 -48.96
C GLY F 676 -27.59 0.54 -48.54
N ALA F 677 -27.83 -0.11 -47.40
CA ALA F 677 -29.13 -0.23 -46.83
C ALA F 677 -29.81 1.12 -46.49
N SER F 678 -29.02 2.17 -46.31
CA SER F 678 -29.55 3.49 -46.04
C SER F 678 -30.56 3.90 -47.13
N TRP F 679 -30.19 3.69 -48.37
CA TRP F 679 -31.02 3.98 -49.50
C TRP F 679 -32.24 3.08 -49.51
N GLN F 680 -32.04 1.77 -49.28
CA GLN F 680 -33.18 0.83 -49.29
C GLN F 680 -34.26 1.22 -48.31
N MET F 681 -33.82 1.76 -47.16
CA MET F 681 -34.70 2.10 -46.05
C MET F 681 -35.68 3.21 -46.48
N VAL F 682 -35.22 4.09 -47.37
CA VAL F 682 -36.07 5.18 -47.81
C VAL F 682 -36.97 4.75 -48.97
N VAL F 683 -36.42 4.02 -49.91
CA VAL F 683 -37.10 3.70 -51.13
C VAL F 683 -37.97 2.41 -51.02
N ASN F 684 -37.43 1.38 -50.38
CA ASN F 684 -38.11 0.10 -50.28
C ASN F 684 -38.85 0.02 -48.96
N GLY F 685 -38.33 0.71 -47.95
CA GLY F 685 -38.90 0.67 -46.61
C GLY F 685 -40.04 1.67 -46.60
N PHE F 686 -39.69 2.94 -46.36
CA PHE F 686 -40.65 4.01 -46.25
C PHE F 686 -41.42 4.19 -47.57
N GLY F 687 -40.75 4.15 -48.70
CA GLY F 687 -41.45 4.29 -49.98
C GLY F 687 -42.19 3.04 -50.45
N GLY F 688 -41.85 1.88 -49.85
CA GLY F 688 -42.48 0.60 -50.22
C GLY F 688 -42.30 0.12 -51.67
N LEU F 689 -41.28 0.59 -52.34
CA LEU F 689 -41.04 0.16 -53.72
C LEU F 689 -40.70 -1.35 -53.72
N SER F 690 -40.95 -2.03 -54.84
CA SER F 690 -40.87 -3.50 -54.95
C SER F 690 -41.57 -3.98 -56.20
N VAL F 691 -41.08 -5.10 -56.70
CA VAL F 691 -41.63 -5.66 -57.88
C VAL F 691 -42.01 -7.07 -57.48
N HIS F 692 -43.32 -7.33 -57.54
CA HIS F 692 -43.89 -8.65 -57.30
C HIS F 692 -44.04 -9.34 -58.66
N GLY F 693 -45.16 -9.14 -59.34
CA GLY F 693 -45.36 -9.83 -60.60
C GLY F 693 -44.64 -9.07 -61.69
N ASP F 694 -45.42 -8.61 -62.67
CA ASP F 694 -45.04 -7.48 -63.48
C ASP F 694 -45.48 -6.27 -62.71
N ASP F 695 -46.06 -6.54 -61.54
CA ASP F 695 -46.59 -5.53 -60.62
C ASP F 695 -45.49 -4.73 -59.92
N ILE F 696 -45.64 -3.41 -59.99
CA ILE F 696 -44.71 -2.46 -59.45
C ILE F 696 -45.41 -1.76 -58.30
N HIS F 697 -45.01 -2.10 -57.09
CA HIS F 697 -45.67 -1.59 -55.88
C HIS F 697 -45.05 -0.35 -55.33
N LEU F 698 -45.84 0.39 -54.55
CA LEU F 698 -45.45 1.57 -53.77
C LEU F 698 -46.38 1.69 -52.55
N SER F 699 -45.85 2.12 -51.43
CA SER F 699 -46.67 2.31 -50.24
C SER F 699 -46.09 3.42 -49.40
N PRO F 700 -45.95 4.61 -50.03
CA PRO F 700 -45.32 5.81 -49.47
C PRO F 700 -45.80 6.19 -48.08
N ARG F 701 -45.13 5.68 -47.04
CA ARG F 701 -45.35 6.15 -45.66
C ARG F 701 -44.37 7.28 -45.34
N LEU F 702 -44.66 8.04 -44.28
CA LEU F 702 -43.86 9.20 -43.88
C LEU F 702 -43.68 9.20 -42.38
N PRO F 703 -42.43 9.28 -41.90
CA PRO F 703 -42.41 9.46 -40.43
C PRO F 703 -42.57 10.94 -40.14
N ASP F 704 -42.83 11.27 -38.88
CA ASP F 704 -43.17 12.66 -38.52
C ASP F 704 -41.94 13.55 -38.59
N ALA F 705 -40.82 13.02 -38.08
CA ALA F 705 -39.51 13.67 -38.18
C ALA F 705 -39.13 14.11 -39.59
N TRP F 706 -39.81 13.70 -40.65
CA TRP F 706 -39.66 14.43 -41.94
C TRP F 706 -40.96 14.96 -42.41
N ASP F 707 -40.91 15.94 -43.30
CA ASP F 707 -42.09 16.54 -43.93
C ASP F 707 -42.06 16.15 -45.39
N GLY F 708 -41.26 15.14 -45.70
CA GLY F 708 -41.17 14.70 -47.09
C GLY F 708 -39.86 14.03 -47.45
N TYR F 709 -39.85 13.45 -48.66
CA TYR F 709 -38.68 12.90 -49.31
C TYR F 709 -39.02 12.64 -50.75
N THR F 710 -38.01 12.60 -51.62
CA THR F 710 -38.19 12.22 -53.00
C THR F 710 -37.05 11.32 -53.58
N PHE F 711 -37.41 10.40 -54.50
CA PHE F 711 -36.45 9.49 -55.19
C PHE F 711 -36.71 9.22 -56.67
N LYS F 712 -35.65 8.87 -57.42
CA LYS F 712 -35.76 8.19 -58.71
C LYS F 712 -35.76 6.62 -58.54
N ALA F 713 -36.41 5.91 -59.47
CA ALA F 713 -36.39 4.43 -59.52
C ALA F 713 -36.71 3.97 -60.93
N ILE F 714 -35.74 3.36 -61.59
CA ILE F 714 -35.86 2.75 -62.90
C ILE F 714 -36.47 1.34 -62.75
N VAL F 715 -37.56 1.12 -63.50
CA VAL F 715 -38.22 -0.19 -63.69
C VAL F 715 -38.53 -0.35 -65.20
N LYS F 716 -38.17 -1.50 -65.77
CA LYS F 716 -38.36 -1.77 -67.21
C LYS F 716 -37.63 -0.83 -68.18
N GLY F 717 -36.80 0.02 -67.64
CA GLY F 717 -36.02 0.91 -68.51
C GLY F 717 -36.72 2.25 -68.58
N GLN F 718 -37.78 2.39 -67.78
CA GLN F 718 -38.52 3.61 -67.62
C GLN F 718 -38.09 4.29 -66.32
N THR F 719 -37.57 5.53 -66.41
CA THR F 719 -37.15 6.23 -65.20
C THR F 719 -38.26 6.96 -64.49
N LEU F 720 -38.61 6.51 -63.29
CA LEU F 720 -39.66 7.13 -62.50
C LEU F 720 -39.14 8.20 -61.53
N GLU F 721 -40.06 8.88 -60.84
CA GLU F 721 -39.73 9.84 -59.78
C GLU F 721 -40.83 10.02 -58.74
N VAL F 722 -40.61 9.47 -57.56
CA VAL F 722 -41.61 9.50 -56.51
C VAL F 722 -41.28 10.64 -55.55
N ASP F 723 -42.33 11.21 -54.96
CA ASP F 723 -42.23 12.41 -54.19
C ASP F 723 -43.27 12.22 -53.12
N VAL F 724 -42.92 12.50 -51.88
CA VAL F 724 -43.80 12.19 -50.78
C VAL F 724 -43.79 13.42 -49.88
N THR F 725 -44.87 14.18 -50.00
CA THR F 725 -45.12 15.31 -49.14
C THR F 725 -46.04 14.77 -48.07
N LYS F 726 -46.42 15.59 -47.09
CA LYS F 726 -47.35 15.11 -46.07
C LYS F 726 -48.72 14.91 -46.74
N GLU F 727 -49.03 15.80 -47.68
CA GLU F 727 -50.30 15.78 -48.39
C GLU F 727 -50.44 14.62 -49.41
N GLN F 728 -49.42 14.37 -50.24
CA GLN F 728 -49.62 13.50 -51.42
C GLN F 728 -48.37 12.82 -52.01
N ILE F 729 -48.59 11.99 -53.04
CA ILE F 729 -47.55 11.29 -53.76
C ILE F 729 -47.65 11.64 -55.23
N THR F 730 -46.62 12.26 -55.81
CA THR F 730 -46.56 12.40 -57.27
C THR F 730 -45.66 11.33 -57.81
N ILE F 731 -45.91 10.92 -59.05
CA ILE F 731 -45.06 9.99 -59.77
C ILE F 731 -45.00 10.46 -61.21
N THR F 732 -43.82 10.86 -61.62
CA THR F 732 -43.59 11.46 -62.91
C THR F 732 -42.73 10.52 -63.73
N ASN F 733 -42.78 10.60 -65.05
CA ASN F 733 -42.04 9.68 -65.87
C ASN F 733 -41.18 10.35 -66.95
N LYS F 734 -39.87 10.11 -66.89
CA LYS F 734 -38.98 10.55 -67.95
C LYS F 734 -38.46 9.42 -68.89
N SER F 735 -37.43 9.79 -69.64
CA SER F 735 -36.84 9.01 -70.72
C SER F 735 -37.53 9.38 -72.01
N GLU F 736 -36.71 9.62 -73.05
CA GLU F 736 -37.09 10.24 -74.33
C GLU F 736 -38.47 9.81 -74.87
N ASP F 737 -38.81 8.54 -74.70
CA ASP F 737 -40.21 8.15 -74.75
C ASP F 737 -40.63 7.34 -73.52
N ARG F 738 -41.72 7.79 -72.90
CA ARG F 738 -42.37 7.08 -71.81
C ARG F 738 -42.86 5.73 -72.31
N LYS F 739 -43.76 5.14 -71.53
CA LYS F 739 -44.48 3.90 -71.86
C LYS F 739 -45.51 3.63 -70.78
N PRO F 740 -46.67 3.02 -71.15
CA PRO F 740 -47.62 2.80 -70.08
C PRO F 740 -46.93 1.84 -69.16
N LEU F 741 -47.42 1.67 -67.95
CA LEU F 741 -46.67 0.82 -67.06
C LEU F 741 -47.57 0.04 -66.15
N THR F 742 -48.52 0.73 -65.54
CA THR F 742 -49.49 0.10 -64.64
C THR F 742 -48.74 -0.16 -63.33
N LEU F 743 -49.23 0.43 -62.25
CA LEU F 743 -48.46 0.48 -61.03
C LEU F 743 -49.00 -0.47 -59.99
N HIS F 744 -49.87 0.05 -59.14
CA HIS F 744 -50.20 -0.54 -57.84
C HIS F 744 -49.61 0.46 -56.92
N ILE F 745 -50.46 1.15 -56.18
CA ILE F 745 -50.02 2.28 -55.41
C ILE F 745 -50.70 2.26 -54.06
N PHE F 746 -50.80 1.06 -53.52
CA PHE F 746 -51.31 0.76 -52.17
C PHE F 746 -52.22 -0.47 -52.30
N GLY F 747 -51.79 -1.41 -53.15
CA GLY F 747 -52.63 -2.51 -53.62
C GLY F 747 -53.80 -2.05 -54.48
N GLU F 748 -53.55 -1.23 -55.50
CA GLU F 748 -54.60 -0.44 -56.15
C GLU F 748 -54.13 0.02 -57.53
N LYS F 749 -54.68 -0.56 -58.59
CA LYS F 749 -53.98 -0.58 -59.89
C LYS F 749 -54.12 0.65 -60.83
N SER F 750 -53.28 1.64 -60.62
CA SER F 750 -53.33 2.81 -61.49
C SER F 750 -52.24 2.74 -62.55
N VAL F 751 -52.59 3.13 -63.76
CA VAL F 751 -51.72 2.97 -64.92
C VAL F 751 -51.04 4.30 -65.23
N LEU F 752 -50.05 4.26 -66.10
CA LEU F 752 -49.28 5.44 -66.40
C LEU F 752 -49.32 5.87 -67.89
N ASP F 753 -50.04 6.97 -68.18
CA ASP F 753 -49.92 7.67 -69.47
C ASP F 753 -49.19 9.01 -69.29
N SER F 754 -47.96 9.07 -69.78
CA SER F 754 -47.17 10.32 -69.92
C SER F 754 -47.19 11.30 -68.75
N GLU F 755 -46.19 11.19 -67.86
CA GLU F 755 -45.98 12.12 -66.75
C GLU F 755 -47.09 12.13 -65.70
N ARG F 756 -48.33 12.29 -66.16
CA ARG F 756 -49.53 12.34 -65.32
C ARG F 756 -49.50 11.33 -64.17
N ILE F 757 -50.00 11.76 -62.99
CA ILE F 757 -50.41 10.86 -61.88
C ILE F 757 -50.25 11.52 -60.50
N THR F 758 -51.21 11.27 -59.59
CA THR F 758 -51.15 11.78 -58.20
C THR F 758 -52.36 11.34 -57.41
N LYS F 759 -52.20 10.38 -56.50
CA LYS F 759 -53.21 10.25 -55.44
C LYS F 759 -52.63 10.64 -54.07
N SER F 760 -52.87 9.85 -53.03
CA SER F 760 -52.55 10.26 -51.66
C SER F 760 -53.39 9.48 -50.65
N ARG F 761 -53.16 9.77 -49.37
CA ARG F 761 -53.80 9.08 -48.24
C ARG F 761 -53.73 7.54 -48.32
N MET G 1 -52.68 38.12 3.44
CA MET G 1 -53.51 38.40 2.20
C MET G 1 -53.72 37.17 1.27
N HIS G 2 -52.76 36.23 1.33
CA HIS G 2 -52.22 35.55 0.15
C HIS G 2 -51.14 34.53 0.46
N GLU G 3 -50.11 34.89 1.23
CA GLU G 3 -48.92 34.00 1.37
C GLU G 3 -49.05 32.97 2.53
N ILE G 4 -48.87 31.68 2.23
CA ILE G 4 -49.06 30.63 3.25
C ILE G 4 -47.71 30.17 3.78
N GLY G 5 -46.77 30.00 2.86
CA GLY G 5 -45.48 29.53 3.17
C GLY G 5 -44.67 29.88 1.98
N GLU G 6 -43.42 29.42 1.98
CA GLU G 6 -42.40 29.94 1.07
C GLU G 6 -42.93 30.17 -0.37
N HIS G 7 -43.61 29.16 -0.94
CA HIS G 7 -44.14 29.28 -2.34
C HIS G 7 -45.65 29.06 -2.53
N LEU G 8 -46.37 28.87 -1.42
CA LEU G 8 -47.77 28.60 -1.41
C LEU G 8 -48.56 29.85 -1.17
N THR G 9 -49.58 30.04 -2.03
CA THR G 9 -50.55 31.08 -1.86
C THR G 9 -51.99 30.56 -1.92
N THR G 10 -52.93 31.37 -1.44
CA THR G 10 -54.36 31.25 -1.74
C THR G 10 -54.89 32.56 -2.31
N ASN G 11 -55.78 32.46 -3.29
CA ASN G 11 -56.45 33.63 -3.90
C ASN G 11 -57.84 33.88 -3.36
N THR G 12 -58.51 32.82 -2.90
CA THR G 12 -59.90 32.95 -2.56
C THR G 12 -60.26 32.36 -1.22
N GLY G 13 -59.31 31.67 -0.61
CA GLY G 13 -59.65 30.86 0.61
C GLY G 13 -60.19 29.47 0.27
N TRP G 14 -60.23 29.11 -1.01
CA TRP G 14 -60.64 27.78 -1.46
C TRP G 14 -59.56 27.07 -2.26
N ASP G 15 -58.46 27.75 -2.52
CA ASP G 15 -57.45 27.17 -3.38
C ASP G 15 -56.07 27.24 -2.71
N ILE G 16 -55.23 26.28 -3.02
CA ILE G 16 -53.86 26.50 -2.69
C ILE G 16 -53.02 26.37 -3.96
N ILE G 17 -52.16 27.35 -4.11
CA ILE G 17 -51.35 27.55 -5.29
C ILE G 17 -49.87 27.49 -4.83
N LYS G 18 -49.12 26.63 -5.51
CA LYS G 18 -47.67 26.62 -5.40
C LYS G 18 -47.20 27.02 -6.79
N ASN G 19 -46.41 28.09 -6.85
CA ASN G 19 -45.99 28.62 -8.13
C ASN G 19 -44.50 28.38 -8.42
N ARG G 20 -43.89 27.45 -7.68
CA ARG G 20 -42.56 26.95 -8.02
C ARG G 20 -42.55 25.42 -8.09
N TYR G 21 -41.94 24.92 -9.14
CA TYR G 21 -41.68 23.50 -9.17
C TYR G 21 -40.52 23.18 -8.23
N GLU G 22 -40.62 22.07 -7.52
CA GLU G 22 -39.55 21.59 -6.65
C GLU G 22 -39.54 20.08 -6.68
N ALA G 23 -38.57 19.48 -7.38
CA ALA G 23 -38.59 18.03 -7.58
C ALA G 23 -38.38 17.30 -6.26
N ALA G 24 -37.56 17.88 -5.40
CA ALA G 24 -37.22 17.31 -4.08
C ALA G 24 -38.42 17.16 -3.13
N GLN G 25 -39.51 17.87 -3.39
CA GLN G 25 -40.70 17.85 -2.52
C GLN G 25 -41.81 16.89 -3.06
N ALA G 26 -41.45 16.07 -4.04
CA ALA G 26 -42.35 15.13 -4.69
C ALA G 26 -43.31 14.36 -3.74
N ILE G 27 -42.77 13.62 -2.75
CA ILE G 27 -43.54 12.91 -1.68
C ILE G 27 -44.63 13.82 -1.06
N THR G 28 -44.21 15.00 -0.60
CA THR G 28 -45.05 15.96 0.09
C THR G 28 -46.12 16.53 -0.84
N GLU G 29 -45.70 16.91 -2.05
CA GLU G 29 -46.63 17.55 -2.98
C GLU G 29 -47.64 16.56 -3.53
N GLY G 30 -47.21 15.35 -3.86
CA GLY G 30 -48.14 14.30 -4.31
C GLY G 30 -49.20 14.02 -3.24
N SER G 31 -48.81 14.14 -1.98
CA SER G 31 -49.75 14.05 -0.87
C SER G 31 -50.65 15.27 -0.76
N ASN G 32 -50.07 16.44 -0.64
CA ASN G 32 -50.82 17.66 -0.46
C ASN G 32 -51.84 17.95 -1.53
N PHE G 33 -51.46 17.68 -2.78
CA PHE G 33 -52.32 18.01 -3.91
C PHE G 33 -53.12 16.84 -4.46
N MET G 34 -53.12 15.72 -3.72
CA MET G 34 -53.91 14.54 -4.12
C MET G 34 -55.42 14.80 -4.28
N ILE G 35 -56.07 13.89 -4.98
CA ILE G 35 -57.53 13.87 -5.17
C ILE G 35 -58.09 12.53 -4.67
N GLY G 36 -59.37 12.50 -4.35
CA GLY G 36 -59.96 11.28 -3.82
C GLY G 36 -61.44 11.46 -3.55
N ASN G 37 -62.05 10.41 -3.04
CA ASN G 37 -63.50 10.38 -2.92
C ASN G 37 -63.91 9.24 -2.01
N GLY G 38 -63.03 8.80 -1.11
CA GLY G 38 -63.32 7.70 -0.18
C GLY G 38 -63.23 6.29 -0.76
N PHE G 39 -63.27 6.17 -2.08
CA PHE G 39 -63.10 4.85 -2.70
C PHE G 39 -61.62 4.62 -3.05
N MET G 40 -60.97 5.68 -3.56
CA MET G 40 -59.57 5.67 -4.02
C MET G 40 -58.86 6.96 -3.60
N GLY G 41 -57.53 6.92 -3.56
CA GLY G 41 -56.72 8.13 -3.56
C GLY G 41 -55.82 8.15 -4.80
N TYR G 42 -55.76 9.30 -5.47
CA TYR G 42 -54.89 9.50 -6.65
C TYR G 42 -54.00 10.67 -6.30
N ARG G 43 -52.71 10.38 -6.08
CA ARG G 43 -51.71 11.34 -5.68
C ARG G 43 -51.58 12.40 -6.72
N GLY G 44 -51.16 13.58 -6.26
CA GLY G 44 -51.18 14.80 -7.09
C GLY G 44 -49.96 14.99 -7.96
N THR G 45 -49.62 13.97 -8.75
CA THR G 45 -48.49 14.04 -9.67
C THR G 45 -48.94 14.55 -11.06
N PHE G 46 -48.00 14.66 -12.01
CA PHE G 46 -48.34 15.19 -13.36
C PHE G 46 -48.49 14.03 -14.31
N ALA G 47 -49.11 14.28 -15.46
CA ALA G 47 -49.47 13.15 -16.28
C ALA G 47 -48.22 12.40 -16.79
N GLU G 48 -47.08 13.07 -16.83
CA GLU G 48 -45.89 12.35 -17.31
C GLU G 48 -45.28 11.51 -16.18
N ASP G 49 -45.79 11.67 -14.96
CA ASP G 49 -45.16 11.06 -13.77
C ASP G 49 -45.25 9.54 -13.59
N GLY G 50 -44.19 8.94 -13.03
CA GLY G 50 -44.23 7.54 -12.74
C GLY G 50 -43.82 7.21 -11.34
N LYS G 51 -43.54 5.93 -11.15
CA LYS G 51 -42.99 5.37 -9.93
C LYS G 51 -41.84 6.21 -9.31
N ASP G 52 -41.01 6.82 -10.16
CA ASP G 52 -39.83 7.58 -9.70
C ASP G 52 -40.27 8.87 -9.06
N ALA G 53 -41.44 9.35 -9.49
CA ALA G 53 -42.08 10.54 -8.99
C ALA G 53 -43.14 10.17 -7.92
N TYR G 54 -43.22 8.91 -7.54
CA TYR G 54 -44.14 8.45 -6.48
C TYR G 54 -45.62 8.61 -6.86
N ALA G 55 -45.90 8.41 -8.14
CA ALA G 55 -47.25 8.31 -8.65
C ALA G 55 -47.89 7.09 -7.99
N ALA G 56 -49.14 7.21 -7.57
CA ALA G 56 -49.90 6.07 -7.06
C ALA G 56 -51.37 6.41 -7.13
N CYS G 57 -52.16 5.38 -7.39
CA CYS G 57 -53.59 5.41 -7.15
C CYS G 57 -53.82 4.26 -6.16
N ILE G 58 -54.16 4.63 -4.93
CA ILE G 58 -54.42 3.68 -3.82
C ILE G 58 -55.90 3.40 -3.78
N VAL G 59 -56.26 2.12 -3.84
CA VAL G 59 -57.70 1.77 -3.93
C VAL G 59 -58.22 1.06 -2.68
N THR G 60 -59.36 1.49 -2.15
CA THR G 60 -59.97 0.83 -0.97
C THR G 60 -60.29 -0.68 -1.22
N ASP G 61 -60.23 -1.45 -0.13
CA ASP G 61 -60.61 -2.87 -0.14
C ASP G 61 -59.78 -3.71 -1.12
N THR G 62 -58.49 -3.40 -1.21
CA THR G 62 -57.59 -4.25 -2.00
C THR G 62 -56.42 -4.70 -1.13
N TRP G 63 -56.68 -4.89 0.15
CA TRP G 63 -55.63 -5.31 1.04
C TRP G 63 -54.88 -6.51 0.55
N ASP G 64 -53.57 -6.45 0.69
CA ASP G 64 -52.66 -7.51 0.27
C ASP G 64 -51.42 -7.57 1.16
N LYS G 65 -50.87 -8.77 1.28
CA LYS G 65 -49.78 -8.97 2.20
C LYS G 65 -48.62 -9.71 1.50
N ALA G 66 -48.28 -9.24 0.30
CA ALA G 66 -47.25 -9.86 -0.56
C ALA G 66 -45.92 -10.10 0.13
N ASP G 67 -45.44 -9.17 0.94
CA ASP G 67 -44.16 -9.39 1.59
C ASP G 67 -44.24 -10.24 2.88
N GLY G 68 -45.39 -10.82 3.19
CA GLY G 68 -45.54 -11.67 4.38
C GLY G 68 -45.62 -11.00 5.76
N LYS G 69 -45.45 -9.67 5.82
CA LYS G 69 -45.47 -8.91 7.07
C LYS G 69 -46.50 -7.73 7.11
N TRP G 70 -46.56 -6.93 6.05
CA TRP G 70 -47.33 -5.72 6.02
C TRP G 70 -48.54 -5.84 5.15
N GLU G 71 -49.71 -5.95 5.77
CA GLU G 71 -50.95 -5.98 5.00
C GLU G 71 -51.46 -4.54 4.67
N GLU G 72 -51.41 -4.16 3.40
CA GLU G 72 -51.70 -2.76 2.98
C GLU G 72 -52.60 -2.74 1.74
N LEU G 73 -53.13 -1.58 1.40
CA LEU G 73 -53.85 -1.46 0.13
C LEU G 73 -52.89 -1.58 -1.08
N SER G 74 -53.41 -2.10 -2.18
CA SER G 74 -52.72 -2.07 -3.46
C SER G 74 -52.71 -0.69 -4.14
N THR G 75 -51.60 -0.39 -4.78
CA THR G 75 -51.52 0.69 -5.72
C THR G 75 -51.81 0.02 -7.05
N VAL G 76 -52.61 0.64 -7.90
CA VAL G 76 -53.07 -0.03 -9.11
C VAL G 76 -52.51 0.66 -10.34
N PRO G 77 -52.57 -0.01 -11.51
CA PRO G 77 -52.08 0.58 -12.77
C PRO G 77 -52.67 1.93 -13.09
N ASN G 78 -51.79 2.86 -13.45
CA ASN G 78 -52.09 4.26 -13.72
C ASN G 78 -52.58 4.47 -15.17
N ALA G 79 -53.90 4.58 -15.38
CA ALA G 79 -54.48 4.80 -16.73
C ALA G 79 -54.35 6.24 -17.25
N LEU G 80 -53.62 7.09 -16.53
CA LEU G 80 -53.54 8.49 -16.92
C LEU G 80 -52.17 8.89 -17.47
N LEU G 81 -51.19 7.98 -17.44
CA LEU G 81 -49.84 8.30 -17.91
C LEU G 81 -49.87 8.91 -19.33
N THR G 82 -49.39 10.16 -19.46
CA THR G 82 -49.32 10.83 -20.75
C THR G 82 -48.03 11.61 -20.95
N LEU G 83 -47.34 11.35 -22.08
CA LEU G 83 -46.08 12.05 -22.41
C LEU G 83 -46.21 12.90 -23.65
N LEU G 84 -45.59 14.05 -23.66
CA LEU G 84 -45.57 14.90 -24.85
C LEU G 84 -44.14 14.99 -25.41
N HIS G 85 -44.02 14.72 -26.71
CA HIS G 85 -42.79 14.94 -27.47
C HIS G 85 -43.04 16.02 -28.48
N VAL G 86 -42.17 17.02 -28.47
CA VAL G 86 -42.32 18.16 -29.34
C VAL G 86 -41.15 18.08 -30.29
N ASP G 87 -41.43 17.71 -31.54
CA ASP G 87 -40.42 17.72 -32.59
C ASP G 87 -39.22 16.86 -32.17
N GLY G 88 -39.50 15.66 -31.69
CA GLY G 88 -38.47 14.79 -31.14
C GLY G 88 -38.11 15.00 -29.66
N GLU G 89 -38.25 16.22 -29.14
CA GLU G 89 -37.89 16.52 -27.74
C GLU G 89 -38.99 16.22 -26.67
N PRO G 90 -38.64 15.45 -25.62
CA PRO G 90 -39.61 15.09 -24.56
C PRO G 90 -39.92 16.24 -23.58
N PHE G 91 -41.21 16.51 -23.32
CA PHE G 91 -41.60 17.62 -22.41
C PHE G 91 -41.49 17.24 -20.93
N ILE G 92 -40.54 17.86 -20.24
CA ILE G 92 -40.21 17.43 -18.89
C ILE G 92 -39.94 18.65 -17.99
N MET G 93 -40.50 18.62 -16.79
CA MET G 93 -40.39 19.75 -15.86
C MET G 93 -38.95 20.19 -15.57
N SER G 94 -38.58 21.40 -15.99
CA SER G 94 -37.30 22.00 -15.59
C SER G 94 -37.46 23.13 -14.55
N GLU G 95 -36.72 23.05 -13.45
CA GLU G 95 -36.88 23.98 -12.33
C GLU G 95 -36.60 25.43 -12.67
N GLU G 96 -36.05 25.69 -13.85
CA GLU G 96 -36.01 27.04 -14.41
C GLU G 96 -36.83 27.06 -15.71
N ALA G 97 -38.14 26.91 -15.51
CA ALA G 97 -39.17 26.66 -16.55
C ALA G 97 -40.12 27.85 -16.71
N ALA G 98 -39.99 28.58 -17.82
CA ALA G 98 -40.63 29.90 -18.01
C ALA G 98 -41.78 30.20 -17.03
N SER G 99 -42.81 29.35 -17.03
CA SER G 99 -43.96 29.52 -16.13
C SER G 99 -44.37 28.18 -15.50
N PHE G 100 -44.60 28.19 -14.20
CA PHE G 100 -45.18 27.04 -13.53
C PHE G 100 -46.14 27.45 -12.42
N GLU G 101 -47.25 26.74 -12.37
CA GLU G 101 -48.21 26.95 -11.32
C GLU G 101 -48.90 25.65 -11.08
N ARG G 102 -49.15 25.35 -9.81
CA ARG G 102 -50.02 24.22 -9.44
C ARG G 102 -51.15 24.69 -8.49
N THR G 103 -52.29 24.06 -8.63
CA THR G 103 -53.46 24.48 -7.90
C THR G 103 -54.25 23.29 -7.42
N LEU G 104 -54.61 23.34 -6.15
CA LEU G 104 -55.60 22.41 -5.65
C LEU G 104 -56.84 23.20 -5.33
N ASP G 105 -57.95 22.82 -5.94
CA ASP G 105 -59.21 23.55 -5.75
C ASP G 105 -60.03 22.74 -4.74
N LEU G 106 -60.04 23.17 -3.50
CA LEU G 106 -60.70 22.44 -2.40
C LEU G 106 -62.25 22.49 -2.50
N SER G 107 -62.76 23.46 -3.24
CA SER G 107 -64.22 23.56 -3.31
C SER G 107 -64.78 22.32 -4.02
N GLN G 108 -63.98 21.67 -4.88
CA GLN G 108 -64.51 20.59 -5.70
C GLN G 108 -63.53 19.47 -5.97
N GLY G 109 -62.39 19.49 -5.26
CA GLY G 109 -61.40 18.40 -5.30
C GLY G 109 -60.79 18.25 -6.69
N VAL G 110 -60.40 19.37 -7.27
CA VAL G 110 -59.78 19.41 -8.57
C VAL G 110 -58.36 19.89 -8.42
N THR G 111 -57.41 19.08 -8.86
CA THR G 111 -55.99 19.37 -8.74
C THR G 111 -55.49 19.61 -10.15
N SER G 112 -54.66 20.64 -10.28
CA SER G 112 -54.24 21.07 -11.62
C SER G 112 -52.80 21.62 -11.74
N ARG G 113 -52.31 21.68 -12.97
CA ARG G 113 -51.00 22.25 -13.25
C ARG G 113 -51.04 23.07 -14.55
N LYS G 114 -50.42 24.24 -14.54
CA LYS G 114 -50.23 24.98 -15.81
C LYS G 114 -48.77 25.35 -15.94
N VAL G 115 -48.14 24.76 -16.96
CA VAL G 115 -46.73 24.94 -17.25
C VAL G 115 -46.53 25.38 -18.73
N SER G 116 -45.53 26.27 -18.87
CA SER G 116 -45.01 26.77 -20.16
C SER G 116 -43.49 26.60 -20.17
N GLN G 117 -42.97 26.04 -21.26
CA GLN G 117 -41.51 25.84 -21.39
C GLN G 117 -41.04 26.03 -22.83
N ARG G 118 -40.01 26.86 -23.01
CA ARG G 118 -39.38 27.02 -24.33
C ARG G 118 -38.68 25.70 -24.75
N MET G 119 -39.09 25.15 -25.90
CA MET G 119 -38.52 23.91 -26.47
C MET G 119 -37.26 24.14 -27.36
N LYS G 120 -36.60 23.07 -27.79
CA LYS G 120 -35.38 23.21 -28.59
C LYS G 120 -35.64 23.86 -29.96
N ASN G 121 -36.71 23.47 -30.65
CA ASN G 121 -37.10 24.12 -31.89
C ASN G 121 -37.58 25.58 -31.72
N GLY G 122 -37.49 26.10 -30.50
CA GLY G 122 -37.93 27.47 -30.18
C GLY G 122 -39.39 27.65 -29.77
N ALA G 123 -40.27 26.69 -30.09
CA ALA G 123 -41.69 26.77 -29.69
C ALA G 123 -41.81 26.78 -28.17
N THR G 124 -42.64 27.69 -27.63
CA THR G 124 -43.00 27.71 -26.21
C THR G 124 -44.27 26.89 -26.06
N ILE G 125 -44.20 25.81 -25.29
CA ILE G 125 -45.34 24.93 -25.06
C ILE G 125 -46.02 25.24 -23.70
N THR G 126 -47.35 25.32 -23.72
CA THR G 126 -48.13 25.40 -22.49
C THR G 126 -48.96 24.15 -22.33
N ILE G 127 -48.86 23.54 -21.16
CA ILE G 127 -49.75 22.44 -20.83
C ILE G 127 -50.61 22.86 -19.66
N HIS G 128 -51.93 22.74 -19.83
CA HIS G 128 -52.85 22.84 -18.70
C HIS G 128 -53.45 21.48 -18.47
N GLU G 129 -53.39 21.03 -17.24
CA GLU G 129 -53.89 19.71 -16.90
C GLU G 129 -54.65 19.79 -15.58
N GLU G 130 -55.82 19.15 -15.56
CA GLU G 130 -56.58 19.00 -14.34
C GLU G 130 -57.13 17.59 -14.19
N LYS G 131 -57.35 17.19 -12.94
CA LYS G 131 -57.78 15.85 -12.56
C LYS G 131 -58.69 15.93 -11.32
N PHE G 132 -59.77 15.15 -11.31
CA PHE G 132 -60.51 14.90 -10.07
C PHE G 132 -60.91 13.44 -9.93
N ALA G 133 -61.18 13.01 -8.71
CA ALA G 133 -61.75 11.74 -8.40
C ALA G 133 -63.23 12.01 -8.21
N SER G 134 -64.08 11.36 -9.01
CA SER G 134 -65.49 11.71 -9.03
C SER G 134 -66.15 11.31 -7.70
N TYR G 135 -66.79 12.26 -7.04
CA TYR G 135 -67.60 11.92 -5.88
C TYR G 135 -68.99 11.31 -6.27
N ARG G 136 -69.43 11.60 -7.49
CA ARG G 136 -70.63 11.04 -8.07
C ARG G 136 -70.41 9.59 -8.44
N LYS G 137 -69.37 9.33 -9.24
CA LYS G 137 -69.01 7.98 -9.69
C LYS G 137 -67.70 7.61 -9.02
N LYS G 138 -67.83 7.01 -7.85
CA LYS G 138 -66.71 6.78 -6.93
C LYS G 138 -65.56 6.00 -7.60
N HIS G 139 -65.86 5.19 -8.62
CA HIS G 139 -64.87 4.32 -9.29
C HIS G 139 -64.11 5.02 -10.38
N ALA G 140 -64.48 6.27 -10.72
CA ALA G 140 -63.77 6.96 -11.81
C ALA G 140 -62.86 8.10 -11.32
N VAL G 141 -61.64 8.17 -11.87
CA VAL G 141 -60.88 9.39 -11.75
C VAL G 141 -60.64 9.89 -13.17
N LEU G 142 -60.85 11.19 -13.38
CA LEU G 142 -60.81 11.80 -14.70
C LEU G 142 -59.73 12.88 -14.86
N MET G 143 -59.29 13.08 -16.11
CA MET G 143 -58.25 14.03 -16.45
C MET G 143 -58.62 14.83 -17.70
N LYS G 144 -58.26 16.11 -17.68
CA LYS G 144 -58.34 16.98 -18.85
C LYS G 144 -56.96 17.55 -19.12
N TYR G 145 -56.47 17.32 -20.33
CA TYR G 145 -55.05 17.60 -20.66
C TYR G 145 -54.99 18.37 -21.99
N THR G 146 -54.61 19.62 -21.86
CA THR G 146 -54.55 20.57 -22.92
C THR G 146 -53.11 21.05 -23.20
N VAL G 147 -52.76 20.97 -24.48
CA VAL G 147 -51.49 21.53 -24.93
C VAL G 147 -51.71 22.57 -26.04
N GLU G 148 -50.95 23.66 -25.93
CA GLU G 148 -50.99 24.74 -26.90
C GLU G 148 -49.58 25.18 -27.26
N SER G 149 -49.34 25.51 -28.52
CA SER G 149 -48.07 26.13 -28.88
C SER G 149 -48.21 27.62 -29.29
N ASP G 150 -47.11 28.36 -29.18
CA ASP G 150 -47.08 29.72 -29.75
C ASP G 150 -46.55 29.71 -31.21
N GLN G 151 -46.31 28.51 -31.74
CA GLN G 151 -45.65 28.38 -33.03
C GLN G 151 -46.05 27.05 -33.66
N ASP G 152 -46.44 27.07 -34.94
CA ASP G 152 -46.71 25.85 -35.72
C ASP G 152 -45.62 24.80 -35.45
N THR G 153 -46.01 23.55 -35.22
CA THR G 153 -45.02 22.54 -34.84
C THR G 153 -45.57 21.10 -34.85
N ASP G 154 -44.68 20.14 -35.12
CA ASP G 154 -45.00 18.73 -34.97
C ASP G 154 -44.89 18.41 -33.49
N ALA G 155 -45.78 17.55 -33.01
CA ALA G 155 -45.63 17.00 -31.66
C ALA G 155 -46.24 15.63 -31.60
N VAL G 156 -45.86 14.89 -30.56
CA VAL G 156 -46.30 13.53 -30.37
C VAL G 156 -46.79 13.30 -28.93
N LEU G 157 -47.99 12.74 -28.82
CA LEU G 157 -48.64 12.56 -27.54
C LEU G 157 -48.76 11.08 -27.27
N ASP G 158 -48.18 10.67 -26.16
CA ASP G 158 -48.00 9.27 -25.86
C ASP G 158 -48.69 8.97 -24.53
N THR G 159 -49.79 8.22 -24.60
CA THR G 159 -50.64 8.02 -23.43
C THR G 159 -51.09 6.57 -23.26
N GLY G 160 -51.33 6.16 -22.00
CA GLY G 160 -51.88 4.83 -21.70
C GLY G 160 -51.87 4.40 -20.22
N ILE G 161 -51.65 3.10 -20.02
CA ILE G 161 -51.65 2.47 -18.68
C ILE G 161 -50.25 2.07 -18.18
N ASP G 162 -49.86 2.60 -17.05
CA ASP G 162 -48.55 2.29 -16.53
C ASP G 162 -48.68 1.20 -15.45
N TYR G 163 -48.23 -0.02 -15.76
CA TYR G 163 -48.27 -1.14 -14.82
C TYR G 163 -47.19 -1.05 -13.75
N ASP G 164 -46.19 -0.23 -13.99
CA ASP G 164 -45.01 -0.28 -13.15
C ASP G 164 -45.04 0.78 -12.04
N VAL G 165 -45.92 0.54 -11.06
CA VAL G 165 -46.29 1.55 -10.09
C VAL G 165 -45.64 1.38 -8.76
N TRP G 166 -45.34 2.52 -8.14
CA TRP G 166 -44.90 2.53 -6.76
C TRP G 166 -45.78 1.71 -5.85
N SER G 167 -45.15 0.79 -5.12
CA SER G 167 -45.78 0.04 -4.04
C SER G 167 -44.73 -0.07 -2.91
N ILE G 168 -45.13 0.28 -1.69
CA ILE G 168 -44.16 0.41 -0.59
C ILE G 168 -43.66 -0.97 -0.10
N ASN G 169 -44.56 -1.96 0.02
CA ASN G 169 -44.16 -3.27 0.57
C ASN G 169 -44.39 -4.45 -0.37
N GLY G 170 -43.92 -4.30 -1.62
CA GLY G 170 -43.99 -5.36 -2.63
C GLY G 170 -45.11 -5.08 -3.60
N ASP G 171 -45.05 -5.67 -4.79
CA ASP G 171 -46.10 -5.59 -5.78
C ASP G 171 -47.27 -6.38 -5.24
N HIS G 172 -48.47 -5.88 -5.44
CA HIS G 172 -49.62 -6.53 -4.85
C HIS G 172 -50.45 -7.22 -5.89
N LEU G 173 -50.20 -6.88 -7.15
CA LEU G 173 -50.95 -7.48 -8.29
C LEU G 173 -50.05 -8.32 -9.20
N GLN G 174 -50.58 -9.38 -9.76
CA GLN G 174 -49.78 -10.21 -10.64
C GLN G 174 -50.70 -10.65 -11.75
N GLY G 175 -50.08 -11.24 -12.79
CA GLY G 175 -50.82 -11.85 -13.90
C GLY G 175 -51.55 -10.82 -14.73
N HIS G 176 -51.03 -9.60 -14.82
CA HIS G 176 -51.76 -8.52 -15.51
C HIS G 176 -52.16 -8.99 -16.88
N HIS G 177 -53.42 -8.82 -17.22
CA HIS G 177 -53.98 -9.28 -18.51
C HIS G 177 -54.52 -8.12 -19.31
N TYR G 178 -53.86 -7.86 -20.43
CA TYR G 178 -54.26 -6.80 -21.36
C TYR G 178 -55.59 -7.12 -22.09
N PHE G 179 -56.40 -6.08 -22.29
CA PHE G 179 -57.55 -6.14 -23.21
C PHE G 179 -57.79 -4.75 -23.77
N SER G 180 -58.63 -4.66 -24.80
CA SER G 180 -59.03 -3.36 -25.32
C SER G 180 -60.52 -3.31 -25.49
N HIS G 181 -61.03 -2.10 -25.67
CA HIS G 181 -62.45 -1.90 -25.75
C HIS G 181 -62.55 -0.75 -26.72
N PRO G 182 -63.76 -0.25 -27.00
CA PRO G 182 -63.87 0.77 -28.05
C PRO G 182 -63.12 2.09 -27.79
N THR G 183 -63.06 2.56 -26.56
CA THR G 183 -62.42 3.86 -26.33
C THR G 183 -61.08 3.81 -25.60
N GLY G 184 -60.37 2.69 -25.67
CA GLY G 184 -59.04 2.60 -25.02
C GLY G 184 -58.66 1.21 -24.47
N ASP G 185 -57.66 1.16 -23.57
CA ASP G 185 -57.21 -0.11 -22.98
C ASP G 185 -57.76 -0.47 -21.62
N GLY G 186 -57.40 -1.67 -21.21
CA GLY G 186 -57.85 -2.23 -19.95
C GLY G 186 -56.73 -3.09 -19.46
N VAL G 187 -56.75 -3.34 -18.15
CA VAL G 187 -55.86 -4.31 -17.57
C VAL G 187 -56.55 -4.94 -16.36
N THR G 188 -56.57 -6.26 -16.35
CA THR G 188 -57.07 -7.03 -15.23
C THR G 188 -55.97 -7.89 -14.61
N ALA G 189 -55.80 -7.75 -13.29
CA ALA G 189 -54.78 -8.48 -12.54
C ALA G 189 -55.37 -9.14 -11.31
N LYS G 190 -54.54 -9.85 -10.56
CA LYS G 190 -54.96 -10.50 -9.31
C LYS G 190 -54.05 -10.17 -8.12
N THR G 191 -54.68 -10.04 -6.99
CA THR G 191 -54.02 -9.77 -5.73
C THR G 191 -53.16 -10.98 -5.30
N VAL G 192 -51.94 -10.73 -4.86
CA VAL G 192 -51.05 -11.81 -4.40
C VAL G 192 -51.62 -12.66 -3.25
N SER G 193 -51.97 -12.05 -2.12
CA SER G 193 -52.36 -12.88 -0.96
C SER G 193 -53.74 -13.53 -1.08
N TYR G 194 -54.76 -12.77 -1.50
CA TYR G 194 -56.16 -13.25 -1.46
C TYR G 194 -56.77 -13.51 -2.84
N GLU G 195 -56.04 -13.16 -3.91
CA GLU G 195 -56.45 -13.54 -5.27
C GLU G 195 -57.78 -12.87 -5.70
N ASP G 196 -57.93 -11.62 -5.32
CA ASP G 196 -59.10 -10.85 -5.76
C ASP G 196 -58.74 -10.19 -7.08
N THR G 197 -59.73 -10.06 -7.93
CA THR G 197 -59.51 -9.47 -9.22
C THR G 197 -59.62 -7.95 -9.08
N VAL G 198 -58.69 -7.23 -9.66
CA VAL G 198 -58.76 -5.76 -9.69
C VAL G 198 -58.71 -5.38 -11.17
N THR G 199 -59.65 -4.57 -11.64
CA THR G 199 -59.59 -4.15 -13.03
C THR G 199 -59.40 -2.64 -13.20
N VAL G 200 -58.45 -2.25 -14.06
CA VAL G 200 -58.35 -0.85 -14.41
C VAL G 200 -58.73 -0.68 -15.89
N VAL G 201 -59.78 0.12 -16.16
CA VAL G 201 -60.17 0.45 -17.54
C VAL G 201 -59.79 1.89 -17.89
N GLU G 202 -59.21 2.11 -19.06
CA GLU G 202 -58.81 3.46 -19.49
C GLU G 202 -59.70 3.91 -20.65
N THR G 203 -60.32 5.08 -20.53
CA THR G 203 -60.96 5.69 -21.69
C THR G 203 -60.11 6.86 -22.13
N CYS G 204 -60.26 7.21 -23.40
CA CYS G 204 -59.34 8.09 -24.09
C CYS G 204 -60.05 8.81 -25.24
N SER G 205 -59.72 10.09 -25.41
CA SER G 205 -60.41 10.92 -26.35
C SER G 205 -59.63 12.20 -26.62
N LEU G 206 -59.10 12.33 -27.84
CA LEU G 206 -58.39 13.53 -28.34
C LEU G 206 -59.32 14.36 -29.24
N ASP G 207 -59.15 15.68 -29.29
CA ASP G 207 -59.98 16.49 -30.22
C ASP G 207 -59.28 17.06 -31.49
N ALA G 208 -58.11 16.52 -31.86
CA ALA G 208 -57.38 16.94 -33.06
C ALA G 208 -57.03 15.70 -33.88
N ASP G 209 -56.69 15.94 -35.16
CA ASP G 209 -56.60 14.92 -36.21
C ASP G 209 -56.78 13.43 -35.83
N ALA G 210 -55.71 12.67 -36.00
CA ALA G 210 -55.67 11.24 -35.71
C ALA G 210 -54.19 10.89 -35.87
N SER G 211 -53.90 9.73 -36.45
CA SER G 211 -52.55 9.15 -36.56
C SER G 211 -52.05 8.56 -35.24
N GLU G 212 -51.90 7.24 -35.21
CA GLU G 212 -51.51 6.50 -34.03
C GLU G 212 -50.85 5.16 -34.32
N GLU G 213 -49.93 4.79 -33.46
CA GLU G 213 -49.40 3.43 -33.40
C GLU G 213 -49.92 2.96 -32.07
N ASP G 214 -50.04 1.65 -31.87
CA ASP G 214 -50.46 1.15 -30.57
C ASP G 214 -49.50 0.10 -30.05
N TYR G 215 -49.32 0.05 -28.74
CA TYR G 215 -48.34 -0.84 -28.15
C TYR G 215 -48.84 -1.46 -26.86
N GLN G 216 -48.28 -2.63 -26.56
CA GLN G 216 -48.62 -3.39 -25.38
C GLN G 216 -47.31 -4.06 -24.99
N ASN G 217 -46.83 -3.82 -23.78
CA ASN G 217 -45.58 -4.39 -23.25
C ASN G 217 -45.94 -4.97 -21.88
N PRO G 218 -45.04 -5.76 -21.25
CA PRO G 218 -45.48 -6.23 -19.92
C PRO G 218 -45.35 -5.11 -18.83
N ASP G 219 -44.81 -3.96 -19.23
CA ASP G 219 -44.76 -2.79 -18.38
C ASP G 219 -46.03 -1.86 -18.57
N GLY G 220 -46.91 -2.21 -19.48
CA GLY G 220 -48.09 -1.38 -19.76
C GLY G 220 -48.54 -1.35 -21.21
N SER G 221 -49.57 -0.58 -21.50
CA SER G 221 -50.05 -0.47 -22.85
C SER G 221 -50.29 0.99 -23.18
N GLY G 222 -50.78 1.25 -24.39
CA GLY G 222 -50.91 2.62 -24.88
C GLY G 222 -50.81 2.80 -26.38
N ARG G 223 -50.75 4.07 -26.78
CA ARG G 223 -50.80 4.48 -28.16
C ARG G 223 -50.17 5.88 -28.31
N THR G 224 -49.67 6.22 -29.49
CA THR G 224 -49.13 7.56 -29.68
C THR G 224 -50.02 8.30 -30.64
N PHE G 225 -49.94 9.62 -30.61
CA PHE G 225 -50.68 10.47 -31.51
C PHE G 225 -49.72 11.43 -32.17
N SER G 226 -49.71 11.42 -33.50
CA SER G 226 -48.94 12.39 -34.26
C SER G 226 -49.91 13.51 -34.53
N LEU G 227 -49.52 14.71 -34.13
CA LEU G 227 -50.36 15.86 -34.34
C LEU G 227 -49.49 16.96 -34.86
N SER G 228 -50.02 17.71 -35.80
CA SER G 228 -49.51 19.04 -36.08
C SER G 228 -50.25 20.09 -35.22
N LEU G 229 -49.50 20.92 -34.52
CA LEU G 229 -50.08 21.97 -33.68
C LEU G 229 -50.09 23.33 -34.40
N GLU G 230 -51.25 23.97 -34.55
CA GLU G 230 -51.30 25.36 -35.05
C GLU G 230 -51.14 26.42 -33.92
N ALA G 231 -50.21 27.34 -34.10
CA ALA G 231 -49.95 28.38 -33.10
C ALA G 231 -51.23 28.98 -32.52
N GLY G 232 -51.31 29.03 -31.19
CA GLY G 232 -52.47 29.56 -30.45
C GLY G 232 -53.71 28.69 -30.50
N LYS G 233 -53.58 27.45 -31.00
CA LYS G 233 -54.70 26.55 -31.19
C LYS G 233 -54.62 25.33 -30.26
N PRO G 234 -55.34 25.39 -29.13
CA PRO G 234 -55.12 24.37 -28.10
C PRO G 234 -55.74 23.05 -28.54
N VAL G 235 -55.16 21.96 -28.06
CA VAL G 235 -55.67 20.61 -28.32
C VAL G 235 -55.94 19.95 -26.97
N THR G 236 -57.07 19.26 -26.85
CA THR G 236 -57.47 18.62 -25.60
C THR G 236 -57.66 17.11 -25.66
N LEU G 237 -57.00 16.46 -24.69
CA LEU G 237 -57.13 15.05 -24.44
C LEU G 237 -57.87 14.89 -23.11
N GLU G 238 -58.92 14.09 -23.14
CA GLU G 238 -59.69 13.75 -21.94
C GLU G 238 -59.50 12.27 -21.67
N LYS G 239 -59.46 11.90 -20.40
CA LYS G 239 -59.29 10.50 -20.06
C LYS G 239 -60.09 10.21 -18.82
N ALA G 240 -60.55 8.97 -18.72
CA ALA G 240 -61.08 8.45 -17.46
C ALA G 240 -60.29 7.22 -17.01
N MET G 241 -60.21 7.03 -15.69
CA MET G 241 -59.52 5.89 -15.10
C MET G 241 -60.48 5.25 -14.14
N ILE G 242 -60.85 4.00 -14.45
CA ILE G 242 -61.93 3.31 -13.77
C ILE G 242 -61.46 2.03 -13.08
N ILE G 243 -61.64 1.95 -11.77
CA ILE G 243 -61.21 0.76 -11.00
C ILE G 243 -62.34 0.05 -10.28
N TYR G 244 -62.32 -1.27 -10.42
CA TYR G 244 -63.25 -2.14 -9.73
C TYR G 244 -62.48 -3.33 -9.24
N SER G 245 -62.76 -3.78 -8.04
CA SER G 245 -62.20 -5.05 -7.63
C SER G 245 -63.30 -6.09 -7.44
N SER G 246 -62.92 -7.37 -7.30
CA SER G 246 -63.91 -8.43 -6.93
C SER G 246 -64.41 -8.29 -5.46
N ASN G 247 -63.85 -7.34 -4.71
CA ASN G 247 -64.38 -7.02 -3.38
C ASN G 247 -65.52 -6.01 -3.53
N ASP G 248 -65.58 -5.33 -4.66
CA ASP G 248 -66.70 -4.40 -4.86
C ASP G 248 -67.91 -5.05 -5.48
N VAL G 249 -67.71 -5.91 -6.47
CA VAL G 249 -68.81 -6.42 -7.35
C VAL G 249 -68.48 -7.84 -7.84
N ASP G 250 -69.46 -8.63 -8.25
CA ASP G 250 -69.08 -9.99 -8.74
C ASP G 250 -68.28 -9.95 -10.03
N ASN G 251 -68.62 -9.05 -10.93
CA ASN G 251 -68.00 -9.04 -12.23
C ASN G 251 -67.24 -7.72 -12.47
N PRO G 252 -66.02 -7.60 -11.88
CA PRO G 252 -65.32 -6.32 -11.93
C PRO G 252 -64.92 -5.92 -13.33
N GLN G 253 -64.56 -6.88 -14.17
CA GLN G 253 -64.18 -6.51 -15.50
C GLN G 253 -65.40 -5.94 -16.23
N ASP G 254 -66.57 -6.58 -16.08
CA ASP G 254 -67.80 -6.08 -16.74
C ASP G 254 -68.27 -4.74 -16.21
N GLU G 255 -68.22 -4.58 -14.89
CA GLU G 255 -68.61 -3.31 -14.24
C GLU G 255 -67.79 -2.15 -14.75
N ALA G 256 -66.48 -2.32 -14.70
CA ALA G 256 -65.54 -1.37 -15.19
C ALA G 256 -65.85 -0.87 -16.64
N LEU G 257 -66.28 -1.79 -17.51
CA LEU G 257 -66.64 -1.53 -18.91
C LEU G 257 -68.04 -0.89 -18.99
N LEU G 258 -68.96 -1.36 -18.15
CA LEU G 258 -70.25 -0.74 -18.08
C LEU G 258 -69.99 0.75 -17.70
N GLU G 259 -69.19 0.96 -16.65
CA GLU G 259 -68.92 2.30 -16.19
C GLU G 259 -68.38 3.10 -17.37
N ALA G 260 -67.48 2.47 -18.16
CA ALA G 260 -66.88 3.12 -19.30
C ALA G 260 -67.91 3.46 -20.37
N LYS G 261 -68.86 2.54 -20.60
CA LYS G 261 -69.92 2.75 -21.57
C LYS G 261 -70.67 4.04 -21.27
N HIS G 262 -70.93 4.29 -19.99
CA HIS G 262 -71.69 5.47 -19.59
C HIS G 262 -70.93 6.71 -19.14
N MET G 263 -69.61 6.76 -19.23
CA MET G 263 -68.95 8.01 -18.92
C MET G 263 -69.40 9.13 -19.86
N GLN G 264 -69.66 10.32 -19.31
CA GLN G 264 -69.92 11.48 -20.17
C GLN G 264 -68.58 12.23 -20.41
N SER G 265 -68.57 13.32 -21.20
CA SER G 265 -67.36 14.16 -21.31
C SER G 265 -66.80 14.58 -19.91
N TYR G 266 -65.50 14.86 -19.86
CA TYR G 266 -64.84 15.43 -18.67
C TYR G 266 -65.68 16.49 -17.97
N GLU G 267 -66.10 17.50 -18.74
CA GLU G 267 -66.80 18.68 -18.21
C GLU G 267 -68.18 18.36 -17.59
N GLU G 268 -68.96 17.48 -18.22
CA GLU G 268 -70.23 17.03 -17.62
C GLU G 268 -70.02 16.24 -16.32
N GLU G 269 -69.02 15.37 -16.28
CA GLU G 269 -68.68 14.62 -15.05
C GLU G 269 -68.16 15.58 -13.97
N LYS G 270 -67.42 16.61 -14.38
CA LYS G 270 -66.95 17.68 -13.49
C LYS G 270 -68.09 18.45 -12.82
N ALA G 271 -69.08 18.86 -13.62
CA ALA G 271 -70.29 19.52 -13.12
C ALA G 271 -71.01 18.65 -12.07
N ALA G 272 -71.14 17.37 -12.35
CA ALA G 272 -71.78 16.44 -11.39
C ALA G 272 -70.96 16.31 -10.12
N ASN G 273 -69.65 16.20 -10.31
CA ASN G 273 -68.73 16.12 -9.18
C ASN G 273 -68.85 17.34 -8.29
N ARG G 274 -68.93 18.53 -8.93
CA ARG G 274 -69.03 19.81 -8.18
C ARG G 274 -70.35 19.98 -7.37
N LEU G 275 -71.46 19.46 -7.92
CA LEU G 275 -72.70 19.41 -7.22
C LEU G 275 -72.53 18.61 -5.91
N GLU G 276 -71.94 17.40 -6.02
CA GLU G 276 -71.63 16.59 -4.84
C GLU G 276 -70.87 17.46 -3.80
N TRP G 277 -69.83 18.18 -4.25
CA TRP G 277 -68.96 19.00 -3.40
C TRP G 277 -69.66 20.18 -2.78
N ASP G 278 -70.62 20.80 -3.49
CA ASP G 278 -71.52 21.80 -2.89
C ASP G 278 -72.24 21.18 -1.69
N ASN G 279 -72.83 20.01 -1.88
CA ASN G 279 -73.44 19.29 -0.78
C ASN G 279 -72.48 18.94 0.38
N LEU G 280 -71.26 18.47 0.08
CA LEU G 280 -70.23 18.17 1.12
C LEU G 280 -69.89 19.40 1.99
N TRP G 281 -69.66 20.54 1.33
CA TRP G 281 -69.18 21.76 2.00
C TRP G 281 -70.26 22.41 2.81
N SER G 282 -71.46 22.29 2.30
CA SER G 282 -72.57 22.77 3.02
C SER G 282 -72.80 21.98 4.32
N HIS G 283 -72.36 20.73 4.42
CA HIS G 283 -72.30 20.06 5.74
C HIS G 283 -71.13 20.46 6.62
N TYR G 284 -69.93 20.66 6.04
CA TYR G 284 -68.68 20.68 6.81
C TYR G 284 -67.93 22.02 6.94
N ASP G 285 -68.20 22.94 6.03
CA ASP G 285 -67.47 24.19 6.04
C ASP G 285 -67.51 24.93 7.37
N VAL G 286 -66.39 25.51 7.73
CA VAL G 286 -66.29 26.32 8.90
C VAL G 286 -65.64 27.62 8.40
N THR G 287 -66.29 28.76 8.69
CA THR G 287 -65.83 30.12 8.28
C THR G 287 -64.96 30.78 9.37
N ILE G 288 -63.80 31.31 8.95
CA ILE G 288 -62.91 32.16 9.79
C ILE G 288 -62.88 33.56 9.17
N GLN G 289 -63.25 34.57 9.96
CA GLN G 289 -63.38 35.97 9.47
C GLN G 289 -62.07 36.71 9.46
N ASN G 290 -61.73 37.25 8.29
CA ASN G 290 -60.54 38.11 8.08
C ASN G 290 -59.20 37.45 8.44
N ASN G 291 -59.04 36.22 7.99
CA ASN G 291 -57.79 35.50 8.07
C ASN G 291 -57.84 34.39 7.04
N ILE G 292 -57.55 34.80 5.81
CA ILE G 292 -57.77 33.98 4.71
C ILE G 292 -56.82 32.78 4.74
N ILE G 293 -55.62 32.96 5.28
CA ILE G 293 -54.67 31.87 5.40
C ILE G 293 -55.19 30.82 6.37
N ASP G 294 -55.77 31.24 7.50
CA ASP G 294 -56.26 30.24 8.42
C ASP G 294 -57.51 29.52 7.83
N GLN G 295 -58.36 30.31 7.16
CA GLN G 295 -59.55 29.79 6.46
C GLN G 295 -59.16 28.66 5.55
N VAL G 296 -58.16 28.89 4.70
CA VAL G 296 -57.86 27.97 3.61
C VAL G 296 -57.12 26.75 4.25
N ALA G 297 -56.35 27.00 5.29
CA ALA G 297 -55.69 25.89 5.98
C ALA G 297 -56.73 25.00 6.65
N LEU G 298 -57.79 25.58 7.22
CA LEU G 298 -58.91 24.79 7.76
C LEU G 298 -59.55 23.87 6.69
N ARG G 299 -59.98 24.47 5.59
CA ARG G 299 -60.62 23.75 4.48
C ARG G 299 -59.65 22.76 3.82
N PHE G 300 -58.35 23.05 3.81
CA PHE G 300 -57.38 22.04 3.32
C PHE G 300 -57.39 20.74 4.17
N ASN G 301 -57.41 20.90 5.49
CA ASN G 301 -57.51 19.75 6.37
C ASN G 301 -58.88 19.05 6.32
N ILE G 302 -59.95 19.86 6.26
CA ILE G 302 -61.28 19.28 6.19
C ILE G 302 -61.40 18.53 4.85
N TYR G 303 -60.98 19.16 3.75
CA TYR G 303 -61.02 18.45 2.43
C TYR G 303 -60.31 17.12 2.51
N HIS G 304 -59.13 17.07 3.17
CA HIS G 304 -58.40 15.78 3.27
C HIS G 304 -59.09 14.71 4.06
N ALA G 305 -59.65 15.06 5.20
CA ALA G 305 -60.51 14.13 5.96
C ALA G 305 -61.65 13.59 5.10
N ILE G 306 -62.35 14.47 4.36
CA ILE G 306 -63.44 14.01 3.51
C ILE G 306 -62.99 12.97 2.46
N ILE G 307 -61.93 13.27 1.72
CA ILE G 307 -61.47 12.33 0.71
C ILE G 307 -60.90 11.02 1.32
N ALA G 308 -60.45 11.05 2.58
CA ALA G 308 -59.96 9.79 3.19
C ALA G 308 -61.10 8.89 3.69
N THR G 309 -62.32 9.43 3.68
CA THR G 309 -63.48 8.72 4.28
C THR G 309 -64.29 7.89 3.29
N PRO G 310 -64.22 6.55 3.41
CA PRO G 310 -65.08 5.75 2.52
C PRO G 310 -66.54 5.97 2.88
N VAL G 311 -67.41 6.24 1.90
CA VAL G 311 -68.86 6.32 2.18
C VAL G 311 -69.66 5.31 1.35
N HIS G 312 -68.93 4.56 0.51
CA HIS G 312 -69.54 3.68 -0.49
C HIS G 312 -69.68 2.29 0.05
N LYS G 313 -69.02 1.99 1.17
CA LYS G 313 -69.04 0.64 1.72
C LYS G 313 -68.64 0.79 3.20
N SER G 314 -68.98 -0.17 4.05
CA SER G 314 -68.48 -0.23 5.41
C SER G 314 -66.91 -0.44 5.44
N LEU G 315 -66.14 0.65 5.40
CA LEU G 315 -64.66 0.53 5.42
C LEU G 315 -64.01 1.49 6.42
N PRO G 316 -62.77 1.24 6.88
CA PRO G 316 -62.15 2.24 7.74
C PRO G 316 -61.67 3.51 7.04
N ILE G 317 -61.50 4.57 7.85
CA ILE G 317 -60.75 5.75 7.49
C ILE G 317 -59.28 5.54 7.87
N GLY G 318 -58.40 5.54 6.86
CA GLY G 318 -56.96 5.33 7.08
C GLY G 318 -56.25 6.39 7.90
N ALA G 319 -55.23 6.00 8.67
CA ALA G 319 -54.50 7.01 9.44
C ALA G 319 -53.59 7.88 8.55
N ARG G 320 -53.39 7.44 7.31
CA ARG G 320 -52.89 8.33 6.25
C ARG G 320 -53.89 8.35 5.05
N GLY G 321 -55.16 8.04 5.35
CA GLY G 321 -56.16 8.02 4.32
C GLY G 321 -55.69 7.13 3.19
N LEU G 322 -55.79 7.66 1.97
CA LEU G 322 -55.49 6.94 0.73
C LEU G 322 -54.45 7.76 -0.03
N SER G 323 -53.71 8.60 0.72
CA SER G 323 -52.56 9.40 0.23
C SER G 323 -51.34 8.57 -0.24
N CYS G 324 -51.22 7.37 0.31
CA CYS G 324 -50.16 6.42 -0.05
C CYS G 324 -50.47 5.19 0.79
N GLN G 325 -49.63 4.15 0.74
CA GLN G 325 -49.95 2.91 1.46
C GLN G 325 -49.63 2.98 2.93
N ALA G 326 -48.88 4.01 3.35
CA ALA G 326 -48.49 4.18 4.76
C ALA G 326 -49.68 4.00 5.73
N TYR G 327 -49.43 3.31 6.86
CA TYR G 327 -50.47 3.07 7.89
C TYR G 327 -51.61 2.24 7.34
N GLN G 328 -51.35 1.60 6.18
CA GLN G 328 -52.12 0.43 5.71
C GLN G 328 -53.58 0.66 5.34
N GLY G 329 -54.00 1.93 5.15
CA GLY G 329 -55.40 2.27 4.77
C GLY G 329 -56.42 1.94 5.85
N ALA G 330 -55.95 1.92 7.10
CA ALA G 330 -56.58 1.16 8.17
C ALA G 330 -56.95 2.03 9.37
N ALA G 331 -58.01 1.64 10.05
CA ALA G 331 -58.49 2.47 11.15
C ALA G 331 -57.58 2.32 12.36
N PHE G 332 -57.23 3.46 12.95
CA PHE G 332 -56.67 3.49 14.30
C PHE G 332 -57.71 4.12 15.17
N TRP G 333 -57.37 4.31 16.45
CA TRP G 333 -58.17 5.11 17.35
C TRP G 333 -58.39 6.50 16.86
N ASP G 334 -57.45 7.03 16.07
CA ASP G 334 -57.64 8.23 15.26
C ASP G 334 -59.07 8.33 14.72
N GLN G 335 -59.53 7.26 14.07
CA GLN G 335 -60.84 7.30 13.39
C GLN G 335 -61.93 7.84 14.30
N GLU G 336 -62.10 7.21 15.46
CA GLU G 336 -63.14 7.66 16.44
C GLU G 336 -62.80 8.96 17.17
N ILE G 337 -61.56 9.09 17.63
CA ILE G 337 -61.22 10.25 18.47
C ILE G 337 -60.89 11.50 17.70
N TYR G 338 -60.27 11.37 16.53
CA TYR G 338 -59.85 12.55 15.77
C TYR G 338 -60.75 12.80 14.56
N ASN G 339 -61.22 11.74 13.89
CA ASN G 339 -62.03 11.92 12.66
C ASN G 339 -63.54 11.97 12.82
N MET G 340 -64.06 11.14 13.72
CA MET G 340 -65.51 11.12 13.95
C MET G 340 -66.15 12.42 14.41
N PRO G 341 -65.48 13.17 15.34
CA PRO G 341 -66.27 14.31 15.84
C PRO G 341 -66.82 15.25 14.76
N MET G 342 -66.09 15.48 13.68
CA MET G 342 -66.68 16.36 12.63
C MET G 342 -67.96 15.76 12.05
N TYR G 343 -68.00 14.45 11.87
CA TYR G 343 -69.21 13.81 11.37
C TYR G 343 -70.34 13.76 12.40
N LEU G 344 -69.98 13.50 13.66
CA LEU G 344 -70.93 13.36 14.76
C LEU G 344 -71.88 14.57 14.74
N TYR G 345 -71.30 15.73 14.53
CA TYR G 345 -72.01 16.99 14.64
C TYR G 345 -72.47 17.56 13.28
N SER G 346 -71.89 17.15 12.16
CA SER G 346 -72.16 17.84 10.88
C SER G 346 -72.99 17.04 9.90
N ASN G 347 -72.95 15.71 10.08
CA ASN G 347 -73.60 14.74 9.20
C ASN G 347 -73.61 13.38 9.91
N PRO G 348 -74.44 13.25 10.97
CA PRO G 348 -74.30 12.18 11.95
C PRO G 348 -74.48 10.77 11.41
N GLU G 349 -75.13 10.61 10.25
CA GLU G 349 -75.18 9.25 9.66
C GLU G 349 -73.75 8.67 9.40
N ILE G 350 -72.77 9.52 9.09
CA ILE G 350 -71.45 9.03 8.77
C ILE G 350 -70.86 8.58 10.08
N ALA G 351 -71.09 9.35 11.14
CA ALA G 351 -70.65 8.94 12.50
C ALA G 351 -71.20 7.59 12.89
N ARG G 352 -72.46 7.37 12.54
CA ARG G 352 -73.15 6.10 12.78
C ARG G 352 -72.47 4.98 11.98
N ASN G 353 -72.23 5.25 10.72
CA ASN G 353 -71.58 4.28 9.83
C ASN G 353 -70.16 3.86 10.34
N ILE G 354 -69.41 4.81 10.90
CA ILE G 354 -68.08 4.53 11.49
C ILE G 354 -68.22 3.50 12.61
N LEU G 355 -69.14 3.79 13.52
CA LEU G 355 -69.46 2.82 14.58
C LEU G 355 -70.06 1.48 14.05
N LYS G 356 -70.86 1.53 12.99
CA LYS G 356 -71.32 0.28 12.33
C LYS G 356 -70.13 -0.55 11.82
N TYR G 357 -69.09 0.15 11.35
CA TYR G 357 -67.91 -0.54 10.88
C TYR G 357 -67.30 -1.31 12.05
N ARG G 358 -67.30 -0.69 13.24
CA ARG G 358 -66.71 -1.30 14.43
C ARG G 358 -67.58 -2.42 15.00
N HIS G 359 -68.90 -2.28 14.85
CA HIS G 359 -69.76 -3.41 15.13
C HIS G 359 -69.54 -4.57 14.11
N ARG G 360 -69.50 -4.27 12.82
CA ARG G 360 -69.20 -5.30 11.79
C ARG G 360 -67.83 -6.07 12.03
N THR G 361 -66.83 -5.41 12.62
CA THR G 361 -65.54 -6.05 12.80
C THR G 361 -65.35 -6.51 14.27
N LEU G 362 -66.47 -6.61 15.01
CA LEU G 362 -66.45 -7.07 16.38
C LEU G 362 -65.77 -8.41 16.52
N ASP G 363 -66.04 -9.31 15.58
CA ASP G 363 -65.42 -10.65 15.60
C ASP G 363 -63.88 -10.61 15.55
N GLY G 364 -63.33 -9.63 14.83
CA GLY G 364 -61.87 -9.51 14.76
C GLY G 364 -61.40 -9.07 16.12
N ALA G 365 -62.18 -8.17 16.75
CA ALA G 365 -61.85 -7.77 18.13
C ALA G 365 -61.94 -8.96 19.10
N ARG G 366 -62.90 -9.85 18.87
CA ARG G 366 -63.13 -11.02 19.75
C ARG G 366 -62.01 -12.04 19.58
N ARG G 367 -61.66 -12.33 18.33
CA ARG G 367 -60.44 -13.10 17.99
C ARG G 367 -59.10 -12.58 18.56
N LYS G 368 -58.85 -11.26 18.46
CA LYS G 368 -57.66 -10.64 19.04
C LYS G 368 -57.57 -10.91 20.55
N ALA G 369 -58.67 -10.70 21.26
CA ALA G 369 -58.72 -10.90 22.72
C ALA G 369 -58.49 -12.37 23.07
N LYS G 370 -59.17 -13.26 22.36
CA LYS G 370 -58.99 -14.68 22.60
C LYS G 370 -57.54 -15.03 22.33
N ARG G 371 -57.00 -14.62 21.16
CA ARG G 371 -55.60 -14.90 20.87
C ARG G 371 -54.73 -14.46 22.03
N LEU G 372 -55.03 -13.33 22.63
CA LEU G 372 -54.19 -12.86 23.73
C LEU G 372 -54.55 -13.40 25.13
N GLY G 373 -55.56 -14.27 25.26
CA GLY G 373 -55.95 -14.83 26.58
C GLY G 373 -56.94 -13.95 27.34
N TYR G 374 -57.53 -13.00 26.65
CA TYR G 374 -58.51 -12.12 27.22
C TYR G 374 -59.89 -12.56 26.77
N GLU G 375 -60.94 -11.87 27.24
CA GLU G 375 -62.31 -12.10 26.79
C GLU G 375 -62.82 -10.80 26.22
N GLY G 376 -63.94 -10.85 25.51
CA GLY G 376 -64.63 -9.67 25.08
C GLY G 376 -64.04 -9.19 23.79
N ALA G 377 -64.01 -7.87 23.62
CA ALA G 377 -63.52 -7.20 22.41
C ALA G 377 -62.27 -6.37 22.73
N TYR G 378 -61.10 -6.93 22.37
CA TYR G 378 -59.85 -6.16 22.28
C TYR G 378 -59.66 -5.77 20.82
N TYR G 379 -60.10 -4.57 20.48
CA TYR G 379 -60.06 -4.11 19.10
C TYR G 379 -58.62 -4.04 18.57
N ALA G 380 -58.47 -4.20 17.26
CA ALA G 380 -57.19 -4.06 16.61
C ALA G 380 -56.60 -2.65 16.75
N TRP G 381 -55.29 -2.58 16.99
CA TRP G 381 -54.61 -1.30 16.84
C TRP G 381 -54.72 -0.78 15.42
N ILE G 382 -54.72 -1.70 14.44
CA ILE G 382 -54.70 -1.35 13.03
C ILE G 382 -55.66 -2.31 12.38
N SER G 383 -56.78 -1.77 11.87
CA SER G 383 -57.98 -2.56 11.49
C SER G 383 -58.36 -2.31 10.05
N GLY G 384 -58.39 -3.37 9.25
CA GLY G 384 -58.73 -3.21 7.83
C GLY G 384 -60.10 -3.80 7.60
N LYS G 385 -60.15 -4.86 6.80
CA LYS G 385 -61.41 -5.46 6.36
C LYS G 385 -62.25 -6.11 7.50
N THR G 386 -61.62 -6.95 8.34
CA THR G 386 -62.33 -7.91 9.19
C THR G 386 -62.25 -7.58 10.69
N GLY G 387 -61.36 -6.66 11.04
CA GLY G 387 -61.08 -6.27 12.41
C GLY G 387 -59.94 -7.04 13.00
N ASP G 388 -59.38 -7.96 12.23
CA ASP G 388 -58.23 -8.74 12.72
C ASP G 388 -57.04 -7.80 12.77
N GLU G 389 -56.21 -7.98 13.77
CA GLU G 389 -55.06 -7.09 13.96
C GLU G 389 -54.18 -7.08 12.73
N LEU G 390 -53.86 -5.88 12.27
CA LEU G 390 -52.96 -5.76 11.13
C LEU G 390 -51.58 -5.23 11.51
N CYS G 391 -51.41 -4.85 12.79
CA CYS G 391 -50.16 -4.25 13.27
C CYS G 391 -49.18 -5.35 13.64
N PRO G 392 -48.02 -5.37 12.98
CA PRO G 392 -46.98 -6.36 13.30
C PRO G 392 -46.42 -6.23 14.73
N ASP G 393 -45.93 -7.33 15.32
CA ASP G 393 -45.13 -7.23 16.57
C ASP G 393 -43.92 -6.36 16.35
N PHE G 394 -43.32 -6.48 15.16
CA PHE G 394 -42.08 -5.75 14.82
C PHE G 394 -42.42 -4.66 13.83
N PHE G 395 -42.70 -3.49 14.36
CA PHE G 395 -43.11 -2.33 13.59
C PHE G 395 -41.88 -1.52 13.18
N PHE G 396 -40.97 -1.39 14.12
CA PHE G 396 -39.76 -0.65 13.91
C PHE G 396 -38.51 -1.53 13.89
N LYS G 397 -37.39 -0.87 13.53
CA LYS G 397 -36.00 -1.41 13.63
C LYS G 397 -35.12 -0.51 14.50
N ASP G 398 -34.15 -1.13 15.19
CA ASP G 398 -33.05 -0.42 15.84
C ASP G 398 -32.11 -0.02 14.72
N VAL G 399 -32.14 1.24 14.31
CA VAL G 399 -31.36 1.71 13.15
C VAL G 399 -29.87 1.64 13.43
N LEU G 400 -29.49 1.61 14.70
CA LEU G 400 -28.09 1.42 15.11
C LEU G 400 -27.53 0.07 14.69
N SER G 401 -28.30 -1.00 14.92
CA SER G 401 -27.85 -2.36 14.64
C SER G 401 -28.53 -3.04 13.46
N GLY G 402 -29.51 -2.37 12.84
CA GLY G 402 -30.40 -3.03 11.88
C GLY G 402 -31.28 -4.17 12.42
N ARG G 403 -31.26 -4.44 13.72
CA ARG G 403 -32.19 -5.47 14.28
C ARG G 403 -33.62 -4.95 14.47
N ASP G 404 -34.59 -5.83 14.22
CA ASP G 404 -35.98 -5.58 14.62
C ASP G 404 -36.09 -5.16 16.07
N ILE G 405 -37.05 -4.32 16.38
CA ILE G 405 -37.45 -4.13 17.81
C ILE G 405 -38.89 -4.56 18.00
N ARG G 406 -39.23 -4.95 19.20
CA ARG G 406 -40.58 -5.34 19.46
C ARG G 406 -41.27 -4.15 20.18
N ASN G 407 -42.31 -3.64 19.57
CA ASN G 407 -43.13 -2.66 20.24
C ASN G 407 -44.52 -3.29 20.49
N HIS G 408 -45.19 -2.81 21.51
CA HIS G 408 -46.46 -3.38 21.92
C HIS G 408 -47.71 -2.59 21.53
N PHE G 409 -47.61 -1.80 20.47
CA PHE G 409 -48.78 -1.12 19.90
C PHE G 409 -49.95 -2.12 19.78
N ASN G 410 -49.68 -3.32 19.26
CA ASN G 410 -50.72 -4.29 19.00
C ASN G 410 -51.26 -5.13 20.17
N ASP G 411 -50.67 -5.04 21.37
CA ASP G 411 -51.15 -5.86 22.46
C ASP G 411 -51.11 -5.27 23.88
N TRP G 412 -50.46 -4.13 24.07
CA TRP G 412 -50.51 -3.44 25.38
C TRP G 412 -51.22 -2.13 25.33
N GLN G 413 -51.38 -1.57 24.12
CA GLN G 413 -52.06 -0.30 24.01
C GLN G 413 -53.60 -0.56 23.98
N ILE G 414 -54.13 -0.79 25.17
CA ILE G 414 -55.50 -1.27 25.29
C ILE G 414 -56.54 -0.20 25.14
N HIS G 415 -56.16 1.07 25.25
CA HIS G 415 -57.19 2.09 25.25
C HIS G 415 -58.05 2.12 24.00
N ILE G 416 -57.59 1.55 22.89
CA ILE G 416 -58.40 1.54 21.66
C ILE G 416 -59.85 1.03 21.94
N SER G 417 -59.94 -0.05 22.73
CA SER G 417 -61.22 -0.64 23.16
C SER G 417 -62.17 0.37 23.85
N PRO G 418 -61.78 0.90 25.04
CA PRO G 418 -62.64 1.91 25.68
C PRO G 418 -62.84 3.22 24.84
N ASP G 419 -61.91 3.51 23.95
CA ASP G 419 -61.99 4.66 23.07
C ASP G 419 -63.25 4.49 22.18
N ILE G 420 -63.51 3.26 21.75
CA ILE G 420 -64.62 3.01 20.87
C ILE G 420 -65.92 2.99 21.70
N ALA G 421 -65.85 2.48 22.92
CA ALA G 421 -67.02 2.50 23.81
C ALA G 421 -67.36 3.96 24.07
N TYR G 422 -66.33 4.77 24.32
CA TYR G 422 -66.48 6.20 24.50
C TYR G 422 -67.24 6.82 23.34
N ALA G 423 -66.82 6.50 22.11
CA ALA G 423 -67.45 7.09 20.93
C ALA G 423 -68.92 6.64 20.77
N VAL G 424 -69.22 5.43 21.22
CA VAL G 424 -70.58 4.86 21.08
C VAL G 424 -71.49 5.67 21.97
N LYS G 425 -71.10 5.76 23.24
CA LYS G 425 -71.78 6.62 24.20
C LYS G 425 -71.88 8.07 23.75
N LYS G 426 -70.74 8.65 23.38
CA LYS G 426 -70.78 10.04 22.93
C LYS G 426 -71.76 10.18 21.73
N TYR G 427 -71.80 9.18 20.85
CA TYR G 427 -72.65 9.24 19.66
C TYR G 427 -74.15 9.28 20.09
N HIS G 428 -74.47 8.46 21.10
CA HIS G 428 -75.80 8.42 21.68
C HIS G 428 -76.24 9.72 22.31
N GLN G 429 -75.40 10.26 23.23
CA GLN G 429 -75.68 11.51 23.94
C GLN G 429 -76.02 12.62 22.96
N VAL G 430 -75.20 12.79 21.92
CA VAL G 430 -75.35 13.95 21.06
C VAL G 430 -76.56 13.86 20.10
N THR G 431 -76.90 12.65 19.63
CA THR G 431 -77.90 12.45 18.59
C THR G 431 -79.21 11.90 19.15
N GLY G 432 -79.18 11.24 20.33
CA GLY G 432 -80.40 10.66 20.90
C GLY G 432 -80.83 9.37 20.20
N ASP G 433 -79.98 8.88 19.29
CA ASP G 433 -80.29 7.71 18.44
C ASP G 433 -80.27 6.42 19.24
N ASP G 434 -81.43 6.04 19.80
CA ASP G 434 -81.58 4.82 20.63
C ASP G 434 -81.58 3.52 19.83
N ALA G 435 -82.12 3.57 18.61
CA ALA G 435 -82.14 2.40 17.72
C ALA G 435 -80.70 1.90 17.56
N PHE G 436 -79.77 2.83 17.33
CA PHE G 436 -78.38 2.42 17.17
C PHE G 436 -77.88 1.68 18.40
N ILE G 437 -78.13 2.26 19.58
CA ILE G 437 -77.74 1.61 20.85
C ILE G 437 -78.34 0.22 21.00
N ARG G 438 -79.66 0.13 20.81
CA ARG G 438 -80.37 -1.16 20.85
C ARG G 438 -79.75 -2.21 19.92
N ASP G 439 -79.55 -1.87 18.63
CA ASP G 439 -79.08 -2.84 17.62
C ASP G 439 -77.57 -3.10 17.62
N TYR G 440 -76.75 -2.11 17.97
CA TYR G 440 -75.29 -2.28 17.76
C TYR G 440 -74.45 -1.92 18.95
N GLY G 441 -74.70 -0.71 19.48
CA GLY G 441 -73.91 -0.11 20.52
C GLY G 441 -73.86 -0.82 21.84
N ALA G 442 -75.00 -1.34 22.29
CA ALA G 442 -75.04 -1.99 23.62
C ALA G 442 -74.07 -3.18 23.57
N GLU G 443 -74.23 -4.01 22.54
CA GLU G 443 -73.35 -5.15 22.23
C GLU G 443 -71.84 -4.84 22.33
N MET G 444 -71.45 -3.80 21.58
CA MET G 444 -70.07 -3.26 21.58
C MET G 444 -69.63 -2.87 22.99
N ILE G 445 -70.38 -1.96 23.63
CA ILE G 445 -70.09 -1.53 25.01
C ILE G 445 -69.90 -2.70 25.97
N PHE G 446 -70.81 -3.68 25.90
CA PHE G 446 -70.73 -4.80 26.83
C PHE G 446 -69.46 -5.65 26.58
N GLU G 447 -69.14 -5.86 25.31
CA GLU G 447 -67.97 -6.68 24.95
C GLU G 447 -66.68 -6.00 25.34
N ILE G 448 -66.63 -4.71 25.08
CA ILE G 448 -65.52 -3.89 25.50
C ILE G 448 -65.40 -3.92 27.03
N ALA G 449 -66.52 -3.86 27.75
CA ALA G 449 -66.46 -3.81 29.22
C ALA G 449 -65.93 -5.15 29.69
N ARG G 450 -66.33 -6.20 28.98
CA ARG G 450 -65.92 -7.57 29.34
C ARG G 450 -64.41 -7.69 29.18
N PHE G 451 -63.88 -7.04 28.12
CA PHE G 451 -62.46 -7.15 27.86
C PHE G 451 -61.69 -6.45 28.97
N LEU G 452 -62.16 -5.26 29.38
CA LEU G 452 -61.46 -4.54 30.46
C LEU G 452 -61.46 -5.43 31.68
N ALA G 453 -62.61 -6.08 31.92
CA ALA G 453 -62.77 -6.89 33.11
C ALA G 453 -61.82 -8.10 33.10
N SER G 454 -61.51 -8.63 31.89
CA SER G 454 -60.52 -9.72 31.70
C SER G 454 -59.05 -9.29 31.75
N HIS G 455 -58.81 -8.01 31.51
CA HIS G 455 -57.47 -7.41 31.55
C HIS G 455 -57.06 -6.96 32.93
N ALA G 456 -57.97 -6.31 33.64
CA ALA G 456 -57.69 -5.74 34.96
C ALA G 456 -57.11 -6.82 35.89
N VAL G 457 -56.27 -6.43 36.83
CA VAL G 457 -55.85 -7.36 37.86
C VAL G 457 -56.48 -6.86 39.19
N TYR G 458 -56.80 -7.75 40.11
CA TYR G 458 -57.26 -7.29 41.42
C TYR G 458 -56.10 -7.49 42.40
N LYS G 459 -55.82 -6.48 43.22
CA LYS G 459 -54.70 -6.60 44.18
C LYS G 459 -55.21 -6.71 45.63
N PRO G 460 -55.33 -7.94 46.15
CA PRO G 460 -56.08 -8.14 47.40
C PRO G 460 -55.47 -7.38 48.59
N MET G 461 -54.17 -7.16 48.61
CA MET G 461 -53.63 -6.43 49.73
C MET G 461 -53.83 -4.93 49.63
N ARG G 462 -54.24 -4.42 48.49
CA ARG G 462 -54.52 -2.98 48.35
C ARG G 462 -56.02 -2.73 48.33
N GLY G 463 -56.78 -3.82 48.28
CA GLY G 463 -58.23 -3.82 48.05
C GLY G 463 -58.71 -3.15 46.77
N ARG G 464 -58.01 -3.34 45.66
CA ARG G 464 -58.38 -2.58 44.46
C ARG G 464 -57.99 -3.27 43.18
N TYR G 465 -58.66 -2.87 42.12
CA TYR G 465 -58.30 -3.32 40.80
C TYR G 465 -57.37 -2.30 40.20
N GLU G 466 -56.49 -2.78 39.32
CA GLU G 466 -55.56 -1.96 38.55
C GLU G 466 -55.50 -2.37 37.05
N PHE G 467 -55.06 -1.46 36.18
CA PHE G 467 -54.72 -1.82 34.81
C PHE G 467 -53.20 -1.73 34.57
N MET G 468 -52.57 -2.90 34.63
CA MET G 468 -51.10 -3.05 34.60
C MET G 468 -50.54 -3.30 33.17
N ARG G 469 -49.28 -2.90 32.97
CA ARG G 469 -48.52 -3.23 31.73
C ARG G 469 -49.26 -2.82 30.44
N VAL G 470 -49.47 -1.52 30.27
CA VAL G 470 -50.14 -0.97 29.06
C VAL G 470 -49.28 0.12 28.39
N GLN G 471 -49.83 0.70 27.33
CA GLN G 471 -49.18 1.79 26.66
C GLN G 471 -50.30 2.81 26.43
N GLY G 472 -50.11 4.04 26.89
CA GLY G 472 -51.16 5.07 26.71
C GLY G 472 -50.91 5.81 25.41
N PRO G 473 -51.71 6.86 25.11
CA PRO G 473 -51.42 7.75 23.94
C PRO G 473 -49.96 8.29 23.82
N ASP G 474 -49.28 8.64 24.93
CA ASP G 474 -47.80 8.84 24.82
C ASP G 474 -47.09 7.54 24.41
N GLN G 475 -46.92 7.33 23.11
CA GLN G 475 -46.44 6.04 22.56
C GLN G 475 -45.06 5.64 23.10
N TYR G 476 -44.26 6.61 23.50
CA TYR G 476 -42.87 6.32 23.88
C TYR G 476 -42.74 5.44 25.16
N HIS G 477 -43.74 5.42 26.04
CA HIS G 477 -43.64 4.68 27.27
C HIS G 477 -44.53 3.47 27.30
N GLU G 478 -43.93 2.33 27.02
CA GLU G 478 -44.54 0.99 27.10
C GLU G 478 -44.26 0.31 28.43
N ASN G 479 -45.09 -0.68 28.76
CA ASN G 479 -45.03 -1.40 30.04
C ASN G 479 -45.25 -0.50 31.26
N VAL G 480 -46.23 0.39 31.21
CA VAL G 480 -46.54 1.27 32.35
C VAL G 480 -47.87 0.83 33.06
N ASP G 481 -48.06 1.27 34.30
CA ASP G 481 -49.22 0.88 35.09
C ASP G 481 -50.09 2.06 35.35
N ASN G 482 -51.39 1.83 35.18
CA ASN G 482 -52.37 2.82 35.55
C ASN G 482 -52.11 4.11 34.84
N ASN G 483 -51.93 3.98 33.54
CA ASN G 483 -52.00 5.18 32.72
C ASN G 483 -53.36 5.86 33.01
N ALA G 484 -53.26 7.11 33.44
CA ALA G 484 -54.43 7.90 33.84
C ALA G 484 -55.50 8.00 32.73
N PHE G 485 -55.09 8.13 31.48
CA PHE G 485 -56.05 8.20 30.36
C PHE G 485 -56.82 6.86 30.26
N THR G 486 -56.07 5.79 30.35
CA THR G 486 -56.59 4.45 30.21
C THR G 486 -57.56 4.09 31.33
N ASN G 487 -57.16 4.30 32.58
CA ASN G 487 -58.02 4.00 33.72
C ASN G 487 -59.34 4.78 33.69
N HIS G 488 -59.28 6.06 33.31
CA HIS G 488 -60.41 6.91 33.18
C HIS G 488 -61.33 6.42 32.06
N GLN G 489 -60.76 6.12 30.89
CA GLN G 489 -61.53 5.57 29.76
C GLN G 489 -62.19 4.24 30.13
N ALA G 490 -61.43 3.38 30.83
CA ALA G 490 -61.92 2.13 31.41
C ALA G 490 -63.15 2.36 32.29
N MET G 491 -63.07 3.29 33.25
CA MET G 491 -64.19 3.57 34.13
C MET G 491 -65.34 4.17 33.37
N PHE G 492 -65.05 5.03 32.38
CA PHE G 492 -66.11 5.63 31.65
C PHE G 492 -66.88 4.53 30.91
N THR G 493 -66.18 3.44 30.55
CA THR G 493 -66.79 2.35 29.82
C THR G 493 -67.68 1.49 30.72
N LEU G 494 -67.19 1.16 31.91
CA LEU G 494 -67.96 0.33 32.80
C LEU G 494 -69.22 1.08 33.25
N GLN G 495 -69.07 2.39 33.52
CA GLN G 495 -70.17 3.28 33.82
C GLN G 495 -71.23 3.25 32.73
N ALA G 496 -70.80 3.43 31.47
CA ALA G 496 -71.73 3.49 30.35
C ALA G 496 -72.42 2.14 30.28
N ALA G 497 -71.67 1.08 30.54
CA ALA G 497 -72.24 -0.28 30.53
C ALA G 497 -73.30 -0.46 31.61
N ASP G 498 -73.02 0.10 32.78
CA ASP G 498 -73.86 -0.06 33.95
C ASP G 498 -75.15 0.68 33.67
N GLU G 499 -74.98 1.88 33.14
CA GLU G 499 -76.07 2.70 32.76
C GLU G 499 -76.97 1.95 31.76
N LEU G 500 -76.38 1.32 30.76
CA LEU G 500 -77.17 0.56 29.79
C LEU G 500 -77.92 -0.60 30.42
N LEU G 501 -77.27 -1.26 31.38
CA LEU G 501 -77.89 -2.31 32.20
C LEU G 501 -79.22 -1.88 32.90
N GLN G 502 -79.27 -0.65 33.39
CA GLN G 502 -80.38 -0.14 34.19
C GLN G 502 -81.41 0.62 33.31
N THR G 503 -81.10 0.82 32.04
CA THR G 503 -81.73 1.84 31.21
C THR G 503 -82.39 1.30 29.95
N LEU G 504 -81.89 0.19 29.41
CA LEU G 504 -82.43 -0.35 28.14
C LEU G 504 -83.68 -1.16 28.44
N ASP G 505 -84.68 -1.15 27.54
CA ASP G 505 -85.90 -1.95 27.79
C ASP G 505 -85.51 -3.40 27.94
N GLU G 506 -86.29 -4.19 28.68
CA GLU G 506 -85.93 -5.58 29.01
C GLU G 506 -85.86 -6.53 27.78
N LYS G 507 -86.58 -6.19 26.72
CA LYS G 507 -86.58 -7.03 25.54
C LYS G 507 -85.22 -6.91 24.83
N THR G 508 -84.72 -5.68 24.69
CA THR G 508 -83.46 -5.44 24.01
C THR G 508 -82.35 -6.10 24.83
N LEU G 509 -82.37 -5.81 26.13
CA LEU G 509 -81.48 -6.38 27.13
C LEU G 509 -81.37 -7.89 27.16
N SER G 510 -82.50 -8.62 27.18
CA SER G 510 -82.35 -10.08 27.15
C SER G 510 -81.69 -10.47 25.85
N ALA G 511 -82.02 -9.78 24.75
CA ALA G 511 -81.56 -10.25 23.43
C ALA G 511 -80.01 -10.11 23.31
N VAL G 512 -79.49 -8.98 23.77
CA VAL G 512 -78.07 -8.71 23.79
C VAL G 512 -77.35 -9.57 24.85
N LYS G 513 -77.86 -9.69 26.09
CA LYS G 513 -77.22 -10.55 27.10
C LYS G 513 -77.11 -12.02 26.66
N GLU G 514 -78.14 -12.48 25.95
CA GLU G 514 -78.18 -13.82 25.34
C GLU G 514 -77.33 -13.94 24.08
N LYS G 515 -77.39 -13.00 23.15
CA LYS G 515 -76.43 -13.05 22.04
C LYS G 515 -74.95 -13.23 22.53
N ILE G 516 -74.52 -12.51 23.55
CA ILE G 516 -73.10 -12.49 23.96
C ILE G 516 -72.78 -13.30 25.24
N GLY G 517 -73.79 -14.02 25.76
CA GLY G 517 -73.59 -14.96 26.90
C GLY G 517 -73.28 -14.23 28.21
N LEU G 518 -73.79 -13.01 28.37
CA LEU G 518 -73.42 -12.12 29.48
C LEU G 518 -74.05 -12.57 30.80
N SER G 519 -73.21 -12.89 31.79
CA SER G 519 -73.73 -13.42 33.06
C SER G 519 -73.88 -12.38 34.19
N ASP G 520 -74.64 -12.74 35.23
CA ASP G 520 -74.81 -11.89 36.42
C ASP G 520 -73.48 -11.72 37.15
N ASP G 521 -72.69 -12.80 37.22
CA ASP G 521 -71.37 -12.76 37.84
C ASP G 521 -70.46 -11.71 37.19
N GLU G 522 -70.56 -11.61 35.87
CA GLU G 522 -69.82 -10.60 35.11
C GLU G 522 -70.24 -9.22 35.52
N ILE G 523 -71.56 -8.98 35.49
CA ILE G 523 -72.14 -7.66 35.79
C ILE G 523 -71.75 -7.20 37.22
N SER G 524 -71.76 -8.16 38.13
CA SER G 524 -71.34 -7.97 39.50
C SER G 524 -69.82 -7.67 39.57
N LEU G 525 -69.02 -8.32 38.73
CA LEU G 525 -67.65 -7.87 38.59
C LEU G 525 -67.54 -6.37 38.05
N TRP G 526 -68.36 -5.99 37.07
CA TRP G 526 -68.24 -4.58 36.59
C TRP G 526 -68.49 -3.56 37.64
N ARG G 527 -69.49 -3.84 38.45
CA ARG G 527 -69.92 -2.90 39.48
C ARG G 527 -68.89 -2.93 40.62
N ASP G 528 -68.40 -4.11 40.95
CA ASP G 528 -67.28 -4.14 41.87
C ASP G 528 -66.08 -3.32 41.37
N MET G 529 -65.77 -3.45 40.10
CA MET G 529 -64.68 -2.64 39.52
C MET G 529 -65.07 -1.17 39.52
N LEU G 530 -66.35 -0.85 39.31
CA LEU G 530 -66.75 0.57 39.43
C LEU G 530 -66.53 1.14 40.85
N ALA G 531 -66.61 0.30 41.86
CA ALA G 531 -66.43 0.87 43.18
C ALA G 531 -64.97 0.83 43.61
N ASN G 532 -64.16 -0.02 43.02
CA ASN G 532 -62.86 -0.28 43.62
C ASN G 532 -61.62 -0.27 42.71
N THR G 533 -61.71 0.45 41.58
CA THR G 533 -60.58 0.53 40.66
C THR G 533 -59.70 1.73 40.94
N TYR G 534 -58.38 1.52 41.00
CA TYR G 534 -57.47 2.66 41.15
C TYR G 534 -57.58 3.58 39.91
N VAL G 535 -57.81 4.85 40.16
CA VAL G 535 -57.86 5.83 39.12
C VAL G 535 -56.96 6.98 39.61
N PRO G 536 -55.88 7.29 38.87
CA PRO G 536 -54.97 8.35 39.30
C PRO G 536 -55.67 9.71 39.28
N LYS G 537 -55.56 10.44 40.40
CA LYS G 537 -56.33 11.70 40.60
C LYS G 537 -55.34 12.84 40.83
N PRO G 538 -55.77 14.11 40.65
CA PRO G 538 -54.91 15.23 41.09
C PRO G 538 -54.15 14.99 42.42
N ASP G 539 -52.83 15.17 42.44
CA ASP G 539 -52.03 14.98 43.66
C ASP G 539 -52.11 16.26 44.47
N LYS G 540 -51.29 16.40 45.51
CA LYS G 540 -51.39 17.60 46.34
C LYS G 540 -50.99 18.90 45.58
N HIS G 541 -50.28 18.76 44.45
CA HIS G 541 -50.04 19.89 43.55
C HIS G 541 -51.05 20.06 42.43
N GLY G 542 -52.09 19.21 42.41
CA GLY G 542 -53.11 19.30 41.35
C GLY G 542 -52.78 18.53 40.07
N ILE G 543 -51.65 17.84 40.09
CA ILE G 543 -51.15 17.18 38.92
C ILE G 543 -51.65 15.76 38.87
N ILE G 544 -52.12 15.32 37.69
CA ILE G 544 -52.45 13.90 37.54
C ILE G 544 -51.23 13.18 36.94
N GLU G 545 -50.75 12.14 37.63
CA GLU G 545 -49.57 11.40 37.20
C GLU G 545 -49.84 10.67 35.94
N GLN G 546 -49.02 10.87 34.88
CA GLN G 546 -49.34 10.19 33.61
C GLN G 546 -49.51 8.67 33.74
N PHE G 547 -48.64 8.07 34.55
CA PHE G 547 -48.73 6.61 34.85
C PHE G 547 -47.94 6.29 36.16
N ASP G 548 -47.94 5.05 36.66
CA ASP G 548 -47.19 4.82 37.93
C ASP G 548 -45.69 5.02 37.68
N GLY G 549 -45.03 5.82 38.52
CA GLY G 549 -43.59 6.03 38.41
C GLY G 549 -43.14 7.19 37.50
N TYR G 550 -44.01 7.65 36.61
CA TYR G 550 -43.71 8.77 35.75
C TYR G 550 -42.97 9.90 36.42
N TYR G 551 -43.49 10.37 37.57
CA TYR G 551 -42.81 11.37 38.42
C TYR G 551 -41.33 11.04 38.77
N ASP G 552 -40.98 9.77 38.79
CA ASP G 552 -39.65 9.34 39.07
C ASP G 552 -38.77 9.36 37.85
N LEU G 553 -39.33 9.57 36.66
CA LEU G 553 -38.44 9.55 35.50
C LEU G 553 -37.75 10.90 35.44
N GLU G 554 -36.69 10.97 34.60
CA GLU G 554 -35.90 12.20 34.40
C GLU G 554 -36.70 13.35 33.78
N THR G 555 -36.73 14.51 34.45
CA THR G 555 -37.30 15.72 33.89
C THR G 555 -36.32 16.30 32.84
N ILE G 556 -36.84 16.61 31.66
CA ILE G 556 -36.09 17.38 30.66
C ILE G 556 -37.01 18.44 30.10
N ILE G 557 -36.78 19.70 30.48
CA ILE G 557 -37.58 20.79 30.02
C ILE G 557 -36.64 21.82 29.31
N PRO G 558 -36.85 22.12 28.02
CA PRO G 558 -37.93 21.53 27.26
C PRO G 558 -37.54 20.18 26.80
N ALA G 559 -38.56 19.40 26.53
CA ALA G 559 -38.37 18.02 26.23
C ALA G 559 -37.51 17.84 24.98
N LYS G 560 -37.54 18.76 24.03
CA LYS G 560 -36.64 18.66 22.85
C LYS G 560 -35.13 18.48 23.12
N LYS G 561 -34.61 19.09 24.18
CA LYS G 561 -33.17 18.91 24.55
C LYS G 561 -32.78 17.46 24.46
N VAL G 562 -33.70 16.56 24.80
CA VAL G 562 -33.43 15.11 24.78
C VAL G 562 -32.81 14.60 23.46
N THR G 563 -33.05 15.32 22.37
CA THR G 563 -32.60 14.85 21.04
C THR G 563 -31.07 14.99 20.92
N GLU G 564 -30.50 15.79 21.79
CA GLU G 564 -29.05 15.82 21.99
C GLU G 564 -28.47 14.46 22.36
N ARG G 565 -29.30 13.46 22.63
CA ARG G 565 -28.78 12.14 22.97
C ARG G 565 -28.82 11.15 21.83
N LEU G 566 -29.43 11.53 20.70
CA LEU G 566 -29.44 10.64 19.53
C LEU G 566 -28.05 10.35 18.94
N ILE G 567 -27.94 9.18 18.34
CA ILE G 567 -26.77 8.76 17.60
C ILE G 567 -27.09 8.82 16.09
N LYS G 568 -28.24 8.31 15.69
CA LYS G 568 -28.78 8.53 14.36
C LYS G 568 -30.05 9.37 14.51
N GLU G 569 -30.37 10.09 13.45
CA GLU G 569 -31.51 10.99 13.45
C GLU G 569 -32.85 10.25 13.37
N ASP G 570 -32.90 9.20 12.57
CA ASP G 570 -34.11 8.41 12.40
C ASP G 570 -34.19 7.26 13.41
N GLU G 571 -33.57 7.37 14.60
CA GLU G 571 -33.82 6.33 15.63
C GLU G 571 -35.30 6.39 16.02
N TYR G 572 -35.90 5.24 16.32
CA TYR G 572 -37.09 5.27 17.13
C TYR G 572 -36.78 5.85 18.52
N TYR G 573 -37.53 6.86 18.97
CA TYR G 573 -37.26 7.58 20.25
C TYR G 573 -37.76 6.85 21.50
N GLY G 574 -38.54 5.79 21.26
CA GLY G 574 -39.30 5.11 22.31
C GLY G 574 -38.73 3.76 22.72
N TYR G 575 -39.60 2.92 23.27
CA TYR G 575 -39.29 1.59 23.79
C TYR G 575 -38.67 0.77 22.68
N PRO G 576 -37.73 -0.14 23.01
CA PRO G 576 -37.29 -0.47 24.40
C PRO G 576 -36.19 0.36 25.04
N ASN G 577 -35.33 0.96 24.22
CA ASN G 577 -34.15 1.69 24.76
C ASN G 577 -33.84 3.06 24.13
N GLY G 578 -34.86 3.65 23.50
CA GLY G 578 -34.76 4.96 22.84
C GLY G 578 -34.53 6.05 23.85
N VAL G 579 -34.18 7.22 23.36
CA VAL G 579 -33.74 8.26 24.27
C VAL G 579 -34.79 8.75 25.24
N THR G 580 -36.08 8.48 24.98
CA THR G 580 -37.15 9.06 25.84
C THR G 580 -37.51 8.19 27.01
N VAL G 581 -37.18 6.91 26.88
CA VAL G 581 -37.74 5.84 27.73
C VAL G 581 -37.69 6.10 29.23
N ARG G 582 -36.54 6.56 29.72
CA ARG G 582 -36.41 6.80 31.15
C ARG G 582 -36.53 8.26 31.49
N THR G 583 -37.01 9.07 30.53
CA THR G 583 -37.31 10.47 30.79
C THR G 583 -38.83 10.75 30.96
N GLN G 584 -39.14 11.92 31.49
CA GLN G 584 -40.49 12.46 31.37
C GLN G 584 -40.91 13.04 29.99
N CYS G 585 -40.08 12.88 28.94
CA CYS G 585 -40.41 13.36 27.57
C CYS G 585 -41.53 12.53 26.95
N ILE G 586 -42.64 13.19 26.67
CA ILE G 586 -43.79 12.50 26.07
C ILE G 586 -43.97 12.82 24.56
N LYS G 587 -44.37 11.83 23.78
CA LYS G 587 -44.58 12.05 22.40
C LYS G 587 -45.73 13.04 22.15
N GLN G 588 -46.82 12.94 22.91
CA GLN G 588 -48.09 13.61 22.53
C GLN G 588 -49.00 13.64 23.74
N ALA G 589 -50.12 14.34 23.61
CA ALA G 589 -51.07 14.48 24.70
C ALA G 589 -51.44 13.14 25.34
N ASP G 590 -51.44 13.09 26.64
CA ASP G 590 -51.78 11.85 27.30
C ASP G 590 -52.73 12.28 28.42
N VAL G 591 -52.20 12.86 29.50
CA VAL G 591 -53.09 13.46 30.46
C VAL G 591 -53.91 14.55 29.76
N ILE G 592 -53.31 15.33 28.86
CA ILE G 592 -54.06 16.37 28.21
C ILE G 592 -55.19 15.76 27.31
N GLN G 593 -54.96 14.58 26.73
CA GLN G 593 -55.97 13.88 25.97
C GLN G 593 -57.20 13.54 26.84
N LEU G 594 -56.95 13.11 28.08
CA LEU G 594 -57.99 12.90 29.07
C LEU G 594 -58.92 14.09 29.16
N PHE G 595 -58.39 15.31 29.25
CA PHE G 595 -59.27 16.49 29.32
C PHE G 595 -59.95 16.81 27.98
N VAL G 596 -59.35 16.43 26.85
CA VAL G 596 -60.04 16.62 25.55
C VAL G 596 -61.35 15.78 25.58
N LEU G 597 -61.32 14.57 26.11
CA LEU G 597 -62.48 13.67 26.00
C LEU G 597 -63.57 13.90 27.12
N HIS G 598 -63.13 14.47 28.24
CA HIS G 598 -63.94 14.71 29.43
C HIS G 598 -63.77 16.10 29.93
N PRO G 599 -64.21 17.09 29.12
CA PRO G 599 -63.92 18.49 29.44
C PRO G 599 -64.64 19.00 30.69
N HIS G 600 -65.58 18.24 31.25
CA HIS G 600 -66.24 18.70 32.48
C HIS G 600 -65.86 17.89 33.68
N LEU G 601 -64.78 17.09 33.63
CA LEU G 601 -64.58 16.17 34.79
C LEU G 601 -63.81 16.85 35.89
N TYR G 602 -62.87 17.73 35.48
CA TYR G 602 -61.96 18.46 36.39
C TYR G 602 -62.15 19.96 36.23
N ASP G 603 -62.05 20.67 37.35
CA ASP G 603 -62.15 22.11 37.34
C ASP G 603 -61.02 22.71 36.49
N ARG G 604 -61.24 23.93 36.04
CA ARG G 604 -60.34 24.65 35.14
C ARG G 604 -58.94 24.91 35.77
N LYS G 605 -58.88 25.09 37.08
CA LYS G 605 -57.58 25.31 37.78
C LYS G 605 -56.67 24.06 37.68
N THR G 606 -57.20 22.88 38.05
CA THR G 606 -56.52 21.59 37.81
C THR G 606 -56.11 21.36 36.35
N VAL G 607 -56.97 21.71 35.41
CA VAL G 607 -56.64 21.51 34.00
C VAL G 607 -55.48 22.43 33.67
N GLU G 608 -55.53 23.65 34.18
CA GLU G 608 -54.47 24.63 33.88
C GLU G 608 -53.14 24.18 34.43
N LEU G 609 -53.11 23.73 35.70
CA LEU G 609 -51.90 23.19 36.33
C LEU G 609 -51.38 21.99 35.56
N ASN G 610 -52.28 21.09 35.12
CA ASN G 610 -51.77 19.98 34.31
C ASN G 610 -51.21 20.42 32.91
N TYR G 611 -51.89 21.33 32.22
CA TYR G 611 -51.39 21.88 30.96
C TYR G 611 -49.96 22.47 31.18
N GLU G 612 -49.80 23.26 32.24
CA GLU G 612 -48.53 23.90 32.51
C GLU G 612 -47.41 22.90 32.88
N PHE G 613 -47.75 21.83 33.59
CA PHE G 613 -46.78 20.78 33.88
C PHE G 613 -46.35 19.93 32.66
N TYR G 614 -47.33 19.58 31.80
CA TYR G 614 -47.12 18.63 30.72
C TYR G 614 -46.73 19.23 29.35
N GLU G 615 -47.20 20.43 29.02
CA GLU G 615 -46.82 21.01 27.74
C GLU G 615 -45.25 21.03 27.56
N PRO G 616 -44.49 21.58 28.55
CA PRO G 616 -43.03 21.67 28.40
C PRO G 616 -42.30 20.32 28.38
N ARG G 617 -42.95 19.29 28.88
CA ARG G 617 -42.41 17.96 28.76
C ARG G 617 -42.91 17.21 27.50
N THR G 618 -43.66 17.92 26.62
CA THR G 618 -44.27 17.25 25.48
C THR G 618 -43.47 17.59 24.23
N LEU G 619 -42.99 16.56 23.53
CA LEU G 619 -42.28 16.77 22.26
C LEU G 619 -43.19 17.12 21.09
N HIS G 620 -44.44 16.63 21.11
CA HIS G 620 -45.31 16.83 19.97
C HIS G 620 -44.67 16.21 18.76
N PHE G 621 -44.12 15.00 18.89
CA PHE G 621 -43.55 14.35 17.72
C PHE G 621 -44.58 13.49 16.98
N SER G 622 -45.81 13.54 17.46
CA SER G 622 -46.96 12.97 16.76
C SER G 622 -47.82 14.11 16.19
N SER G 623 -48.28 13.98 14.95
CA SER G 623 -49.26 14.97 14.38
C SER G 623 -50.58 15.06 15.15
N LEU G 624 -50.84 14.07 16.01
CA LEU G 624 -52.03 14.12 16.89
C LEU G 624 -51.87 15.11 18.05
N SER G 625 -50.65 15.52 18.37
CA SER G 625 -50.47 16.28 19.61
C SER G 625 -50.95 17.74 19.63
N PRO G 626 -50.56 18.59 18.62
CA PRO G 626 -50.85 20.00 18.83
C PRO G 626 -52.36 20.30 18.93
N SER G 627 -53.21 19.62 18.14
CA SER G 627 -54.64 19.95 18.25
C SER G 627 -55.21 19.62 19.65
N SER G 628 -54.85 18.47 20.24
CA SER G 628 -55.22 18.20 21.65
C SER G 628 -54.86 19.36 22.58
N TYR G 629 -53.63 19.86 22.48
CA TYR G 629 -53.19 20.93 23.40
C TYR G 629 -53.93 22.23 23.06
N ALA G 630 -54.24 22.43 21.78
CA ALA G 630 -54.98 23.62 21.34
C ALA G 630 -56.38 23.67 21.96
N ILE G 631 -57.06 22.52 21.99
CA ILE G 631 -58.42 22.43 22.49
C ILE G 631 -58.51 22.73 24.02
N VAL G 632 -57.54 22.23 24.76
CA VAL G 632 -57.58 22.42 26.20
C VAL G 632 -57.13 23.84 26.49
N ALA G 633 -56.05 24.30 25.82
CA ALA G 633 -55.53 25.66 25.95
C ALA G 633 -56.66 26.67 25.80
N ALA G 634 -57.41 26.53 24.70
CA ALA G 634 -58.60 27.38 24.39
C ALA G 634 -59.54 27.60 25.57
N GLN G 635 -59.86 26.54 26.29
CA GLN G 635 -60.86 26.57 27.36
C GLN G 635 -60.26 26.80 28.78
N ILE G 636 -58.97 27.11 28.85
CA ILE G 636 -58.37 27.54 30.13
C ILE G 636 -57.73 28.90 29.96
N ASP G 637 -58.23 29.65 28.98
CA ASP G 637 -57.79 31.02 28.73
C ASP G 637 -56.28 31.15 28.48
N LYS G 638 -55.76 30.21 27.70
CA LYS G 638 -54.50 30.38 27.01
C LYS G 638 -54.84 30.41 25.55
N VAL G 639 -55.69 31.38 25.21
CA VAL G 639 -56.20 31.53 23.85
C VAL G 639 -55.13 31.66 22.80
N GLU G 640 -54.13 32.48 23.07
CA GLU G 640 -53.07 32.76 22.07
C GLU G 640 -52.10 31.59 21.87
N GLU G 641 -51.81 30.94 22.98
CA GLU G 641 -51.04 29.70 22.95
C GLU G 641 -51.87 28.64 22.20
N ALA G 642 -53.18 28.58 22.47
CA ALA G 642 -54.11 27.72 21.69
C ALA G 642 -54.03 28.01 20.15
N TYR G 643 -53.94 29.29 19.79
CA TYR G 643 -53.87 29.73 18.43
C TYR G 643 -52.60 29.21 17.84
N ARG G 644 -51.56 29.19 18.67
CA ARG G 644 -50.26 28.75 18.21
C ARG G 644 -50.24 27.21 17.94
N ASN G 645 -50.91 26.42 18.75
CA ASN G 645 -51.00 24.98 18.46
C ASN G 645 -51.86 24.69 17.23
N PHE G 646 -52.93 25.47 17.12
CA PHE G 646 -53.77 25.51 15.93
C PHE G 646 -52.94 25.74 14.67
N ARG G 647 -52.12 26.79 14.64
CA ARG G 647 -51.26 27.01 13.44
C ARG G 647 -50.30 25.83 13.21
N LYS G 648 -49.71 25.29 14.28
CA LYS G 648 -48.82 24.12 14.12
C LYS G 648 -49.57 22.95 13.48
N SER G 649 -50.72 22.63 14.06
CA SER G 649 -51.58 21.53 13.55
C SER G 649 -52.08 21.69 12.12
N VAL G 650 -52.70 22.83 11.81
CA VAL G 650 -53.26 22.99 10.44
C VAL G 650 -52.22 23.06 9.35
N MET G 651 -50.96 23.32 9.74
CA MET G 651 -49.88 23.44 8.74
C MET G 651 -49.03 22.17 8.56
N ILE G 652 -49.25 21.14 9.41
CA ILE G 652 -48.41 19.94 9.37
C ILE G 652 -48.14 19.48 7.92
N ASP G 653 -49.18 19.37 7.10
CA ASP G 653 -48.99 18.84 5.75
C ASP G 653 -48.55 19.91 4.74
N LEU G 654 -49.16 21.08 4.81
CA LEU G 654 -48.85 22.21 3.92
C LEU G 654 -47.42 22.71 4.04
N LEU G 655 -46.96 22.90 5.28
CA LEU G 655 -45.61 23.41 5.48
C LEU G 655 -44.68 22.24 5.75
N ASN G 656 -45.19 21.02 5.55
CA ASN G 656 -44.40 19.81 5.65
C ASN G 656 -43.49 19.78 6.90
N THR G 657 -44.11 19.94 8.07
CA THR G 657 -43.38 20.09 9.32
C THR G 657 -42.80 18.76 9.90
N ASN G 658 -43.35 17.61 9.48
CA ASN G 658 -43.00 16.27 10.04
C ASN G 658 -41.87 15.53 9.23
N GLU G 659 -41.52 14.27 9.54
CA GLU G 659 -40.26 13.67 9.01
C GLU G 659 -40.26 12.64 7.82
N ALA G 660 -41.22 11.70 7.84
CA ALA G 660 -41.47 10.69 6.75
C ALA G 660 -41.05 9.24 7.04
N VAL G 661 -39.82 9.07 7.52
CA VAL G 661 -39.26 7.76 7.81
C VAL G 661 -38.87 7.79 9.27
N SER G 662 -38.89 6.63 9.92
CA SER G 662 -38.49 6.55 11.34
C SER G 662 -38.21 5.10 11.76
N GLY G 663 -37.08 4.85 12.43
CA GLY G 663 -36.78 3.49 12.84
C GLY G 663 -36.96 2.53 11.67
N GLY G 664 -36.72 3.03 10.46
CA GLY G 664 -36.69 2.18 9.22
C GLY G 664 -38.06 1.94 8.59
N THR G 665 -39.08 2.60 9.12
CA THR G 665 -40.43 2.38 8.63
C THR G 665 -40.96 3.70 8.07
N PHE G 666 -41.64 3.60 6.95
CA PHE G 666 -42.21 4.79 6.31
C PHE G 666 -43.57 5.15 6.97
N ILE G 667 -43.68 6.36 7.51
CA ILE G 667 -44.84 6.80 8.27
C ILE G 667 -45.39 8.14 7.72
N GLY G 668 -44.92 8.54 6.54
CA GLY G 668 -45.33 9.77 5.92
C GLY G 668 -46.67 9.62 5.24
N GLY G 669 -47.01 10.64 4.46
CA GLY G 669 -48.30 10.78 3.78
C GLY G 669 -49.10 11.86 4.48
N ILE G 670 -50.34 12.04 4.06
CA ILE G 670 -51.21 13.06 4.65
C ILE G 670 -51.63 12.66 6.09
N HIS G 671 -51.70 13.64 6.98
CA HIS G 671 -52.01 13.39 8.41
C HIS G 671 -53.49 13.46 8.80
N THR G 672 -54.18 12.34 8.63
CA THR G 672 -55.64 12.28 8.63
C THR G 672 -56.27 12.69 9.95
N ALA G 673 -55.73 12.22 11.04
CA ALA G 673 -56.25 12.55 12.39
C ALA G 673 -56.10 14.03 12.56
N ALA G 674 -54.89 14.51 12.30
CA ALA G 674 -54.68 15.98 12.26
C ALA G 674 -55.69 16.66 11.31
N ASN G 675 -56.01 16.04 10.16
CA ASN G 675 -56.94 16.69 9.18
C ASN G 675 -58.33 16.90 9.82
N GLY G 676 -58.73 15.88 10.56
CA GLY G 676 -59.99 15.86 11.30
C GLY G 676 -60.09 16.84 12.44
N ALA G 677 -59.01 16.97 13.21
CA ALA G 677 -58.98 17.78 14.41
C ALA G 677 -59.07 19.25 14.11
N SER G 678 -58.76 19.63 12.85
CA SER G 678 -58.71 21.05 12.49
C SER G 678 -60.11 21.59 12.79
N TRP G 679 -61.11 20.83 12.34
CA TRP G 679 -62.50 21.09 12.63
C TRP G 679 -62.74 21.23 14.13
N GLN G 680 -62.32 20.22 14.89
CA GLN G 680 -62.49 20.16 16.36
C GLN G 680 -61.87 21.32 17.08
N MET G 681 -60.75 21.79 16.53
CA MET G 681 -60.04 22.90 17.14
C MET G 681 -60.90 24.17 17.09
N VAL G 682 -61.58 24.38 15.94
CA VAL G 682 -62.40 25.55 15.82
C VAL G 682 -63.69 25.40 16.67
N VAL G 683 -64.36 24.26 16.54
CA VAL G 683 -65.68 24.09 17.11
C VAL G 683 -65.65 23.62 18.58
N ASN G 684 -65.00 22.50 18.86
CA ASN G 684 -64.94 22.04 20.24
C ASN G 684 -63.97 22.90 21.02
N GLY G 685 -62.90 23.39 20.38
CA GLY G 685 -61.82 24.08 21.12
C GLY G 685 -62.13 25.54 21.39
N PHE G 686 -61.89 26.40 20.38
CA PHE G 686 -62.26 27.80 20.49
C PHE G 686 -63.76 28.05 20.82
N GLY G 687 -64.69 27.36 20.13
CA GLY G 687 -66.13 27.58 20.31
C GLY G 687 -66.67 26.95 21.59
N GLY G 688 -65.92 25.99 22.11
CA GLY G 688 -66.24 25.32 23.34
C GLY G 688 -67.45 24.42 23.31
N LEU G 689 -67.79 23.90 22.15
CA LEU G 689 -68.93 22.98 22.04
C LEU G 689 -68.67 21.62 22.71
N SER G 690 -69.50 21.32 23.70
CA SER G 690 -69.50 19.99 24.30
C SER G 690 -70.95 19.66 24.64
N VAL G 691 -71.20 18.41 25.02
CA VAL G 691 -72.51 17.97 25.42
C VAL G 691 -72.24 17.11 26.62
N HIS G 692 -72.69 17.66 27.78
CA HIS G 692 -72.52 17.06 29.14
C HIS G 692 -73.85 16.56 29.70
N GLY G 693 -73.99 15.24 29.81
CA GLY G 693 -75.25 14.60 30.12
C GLY G 693 -76.26 15.01 29.04
N ASP G 694 -77.44 15.42 29.48
CA ASP G 694 -78.43 15.99 28.56
C ASP G 694 -78.25 17.51 28.32
N ASP G 695 -77.13 18.07 28.77
CA ASP G 695 -76.85 19.51 28.56
C ASP G 695 -76.02 19.85 27.33
N ILE G 696 -76.29 20.99 26.72
CA ILE G 696 -75.39 21.50 25.68
C ILE G 696 -74.65 22.83 26.04
N HIS G 697 -73.34 22.88 25.74
CA HIS G 697 -72.45 24.01 26.08
C HIS G 697 -71.76 24.71 24.91
N LEU G 698 -71.48 25.99 25.11
CA LEU G 698 -70.62 26.79 24.24
C LEU G 698 -69.75 27.67 25.14
N SER G 699 -68.54 27.99 24.70
CA SER G 699 -67.71 28.93 25.47
C SER G 699 -66.78 29.63 24.55
N PRO G 700 -67.33 30.39 23.60
CA PRO G 700 -66.57 30.85 22.46
C PRO G 700 -65.52 31.87 22.81
N ARG G 701 -64.26 31.44 22.72
CA ARG G 701 -63.11 32.33 22.74
C ARG G 701 -62.78 32.66 21.30
N LEU G 702 -62.08 33.78 21.11
CA LEU G 702 -61.71 34.24 19.77
C LEU G 702 -60.24 34.62 19.86
N PRO G 703 -59.35 34.05 19.01
CA PRO G 703 -57.99 34.63 19.07
C PRO G 703 -57.89 35.94 18.30
N ASP G 704 -56.85 36.74 18.61
CA ASP G 704 -56.57 38.02 17.99
C ASP G 704 -56.41 37.95 16.48
N ALA G 705 -55.91 36.82 16.00
CA ALA G 705 -55.65 36.65 14.57
C ALA G 705 -56.95 36.60 13.71
N TRP G 706 -58.10 36.52 14.37
CA TRP G 706 -59.42 36.38 13.70
C TRP G 706 -60.38 37.46 14.13
N ASP G 707 -61.19 37.94 13.19
CA ASP G 707 -62.34 38.79 13.55
C ASP G 707 -63.61 37.98 13.83
N GLY G 708 -63.59 36.70 13.52
CA GLY G 708 -64.74 35.88 13.83
C GLY G 708 -64.75 34.53 13.18
N TYR G 709 -65.66 33.69 13.65
CA TYR G 709 -65.83 32.42 13.02
C TYR G 709 -67.29 31.98 13.09
N THR G 710 -67.66 30.99 12.27
CA THR G 710 -69.06 30.54 12.15
C THR G 710 -69.06 29.06 11.78
N PHE G 711 -69.76 28.25 12.56
CA PHE G 711 -69.92 26.85 12.28
C PHE G 711 -71.36 26.38 12.47
N LYS G 712 -71.64 25.17 11.98
CA LYS G 712 -72.87 24.41 12.23
C LYS G 712 -72.60 23.18 13.13
N ALA G 713 -73.47 22.97 14.11
CA ALA G 713 -73.44 21.77 14.94
C ALA G 713 -74.86 21.22 15.07
N ILE G 714 -75.02 19.93 14.80
CA ILE G 714 -76.32 19.28 14.96
C ILE G 714 -76.31 18.60 16.31
N VAL G 715 -77.33 18.87 17.11
CA VAL G 715 -77.44 18.29 18.42
C VAL G 715 -78.87 17.75 18.54
N LYS G 716 -78.98 16.52 19.02
CA LYS G 716 -80.26 15.83 19.12
C LYS G 716 -81.20 16.19 17.95
N GLY G 717 -80.66 16.26 16.75
CA GLY G 717 -81.48 16.46 15.56
C GLY G 717 -81.64 17.92 15.15
N GLN G 718 -81.24 18.86 16.01
CA GLN G 718 -81.41 20.31 15.77
C GLN G 718 -80.13 20.89 15.22
N THR G 719 -80.25 21.59 14.10
CA THR G 719 -79.13 22.26 13.49
C THR G 719 -78.98 23.63 14.09
N LEU G 720 -77.82 23.87 14.71
CA LEU G 720 -77.50 25.17 15.26
C LEU G 720 -76.38 25.79 14.44
N GLU G 721 -76.59 27.04 13.99
CA GLU G 721 -75.55 27.86 13.39
C GLU G 721 -75.03 28.87 14.40
N VAL G 722 -73.74 28.76 14.71
CA VAL G 722 -73.10 29.58 15.74
C VAL G 722 -72.10 30.55 15.11
N ASP G 723 -72.37 31.83 15.32
CA ASP G 723 -71.56 32.92 14.82
C ASP G 723 -70.86 33.66 15.96
N VAL G 724 -69.55 33.80 15.84
CA VAL G 724 -68.76 34.43 16.89
C VAL G 724 -68.03 35.62 16.31
N THR G 725 -68.14 36.73 17.03
CA THR G 725 -67.42 37.97 16.70
C THR G 725 -66.74 38.49 17.98
N LYS G 726 -65.93 39.54 17.84
CA LYS G 726 -65.32 40.23 18.97
C LYS G 726 -66.29 40.41 20.15
N GLU G 727 -67.51 40.85 19.85
CA GLU G 727 -68.42 41.42 20.83
C GLU G 727 -69.65 40.56 21.20
N GLN G 728 -70.13 39.73 20.27
CA GLN G 728 -71.27 38.87 20.57
C GLN G 728 -71.24 37.44 19.98
N ILE G 729 -72.28 36.67 20.30
CA ILE G 729 -72.49 35.31 19.83
C ILE G 729 -73.95 35.17 19.41
N THR G 730 -74.16 34.80 18.15
CA THR G 730 -75.49 34.63 17.58
C THR G 730 -75.73 33.12 17.34
N ILE G 731 -76.67 32.53 18.05
CA ILE G 731 -77.02 31.14 17.81
C ILE G 731 -78.38 31.06 17.09
N THR G 732 -78.35 30.59 15.83
CA THR G 732 -79.56 30.36 15.01
C THR G 732 -80.02 28.87 14.89
N ASN G 733 -81.28 28.59 15.22
CA ASN G 733 -81.84 27.27 14.99
C ASN G 733 -82.44 27.11 13.59
N LYS G 734 -81.71 26.37 12.77
CA LYS G 734 -82.02 26.23 11.37
C LYS G 734 -82.71 24.91 11.07
N SER G 735 -83.23 24.22 12.08
CA SER G 735 -83.82 22.90 11.87
C SER G 735 -85.02 22.98 10.91
N GLU G 736 -85.31 21.86 10.23
CA GLU G 736 -86.52 21.72 9.42
C GLU G 736 -87.69 21.97 10.34
N ASP G 737 -87.49 22.89 11.27
CA ASP G 737 -88.43 23.22 12.34
C ASP G 737 -88.51 22.00 13.28
N ARG G 738 -88.12 22.10 14.56
CA ARG G 738 -87.59 23.24 15.34
C ARG G 738 -88.16 22.97 16.69
N LYS G 739 -87.31 22.54 17.62
CA LYS G 739 -87.72 22.17 18.98
C LYS G 739 -87.09 23.15 19.99
N PRO G 740 -87.79 23.43 21.10
CA PRO G 740 -87.14 24.17 22.16
C PRO G 740 -85.93 23.40 22.75
N LEU G 741 -84.80 24.08 22.98
CA LEU G 741 -83.66 23.49 23.70
C LEU G 741 -82.97 24.58 24.55
N THR G 742 -82.23 24.12 25.54
CA THR G 742 -81.60 25.05 26.48
C THR G 742 -80.07 24.98 26.32
N LEU G 743 -79.48 26.14 26.05
CA LEU G 743 -78.05 26.26 25.85
C LEU G 743 -77.37 26.69 27.14
N HIS G 744 -76.07 26.41 27.23
CA HIS G 744 -75.23 26.93 28.32
C HIS G 744 -74.09 27.68 27.69
N ILE G 745 -74.27 28.98 27.48
CA ILE G 745 -73.17 29.80 26.97
C ILE G 745 -72.40 30.15 28.23
N PHE G 746 -71.09 29.90 28.22
CA PHE G 746 -70.26 29.91 29.43
C PHE G 746 -71.08 29.35 30.59
N GLY G 747 -71.14 30.05 31.71
CA GLY G 747 -72.04 29.60 32.77
C GLY G 747 -73.53 29.50 32.41
N GLU G 748 -74.08 30.59 31.90
CA GLU G 748 -75.52 30.84 31.92
C GLU G 748 -76.44 30.09 30.96
N LYS G 749 -77.47 29.50 31.55
CA LYS G 749 -78.65 29.05 30.79
C LYS G 749 -79.19 30.17 29.90
N SER G 750 -79.47 29.84 28.64
CA SER G 750 -80.19 30.74 27.75
C SER G 750 -81.02 29.85 26.86
N VAL G 751 -82.32 29.75 27.13
CA VAL G 751 -83.24 28.93 26.33
C VAL G 751 -83.30 29.47 24.89
N LEU G 752 -83.42 28.57 23.92
CA LEU G 752 -83.60 28.96 22.52
C LEU G 752 -84.88 28.29 22.03
N ASP G 753 -85.96 29.06 22.03
CA ASP G 753 -87.22 28.71 21.34
C ASP G 753 -87.77 29.87 20.52
N SER G 754 -86.85 30.73 20.10
CA SER G 754 -87.01 31.64 18.98
C SER G 754 -86.11 31.09 17.87
N GLU G 755 -86.15 31.74 16.71
CA GLU G 755 -85.21 31.50 15.63
C GLU G 755 -83.79 31.86 16.05
N ARG G 756 -83.54 33.14 16.32
CA ARG G 756 -82.20 33.55 16.75
C ARG G 756 -82.16 33.92 18.22
N ILE G 757 -80.93 33.97 18.75
CA ILE G 757 -80.61 34.70 19.98
C ILE G 757 -79.24 35.32 19.82
N THR G 758 -78.91 36.30 20.67
CA THR G 758 -77.72 37.12 20.47
C THR G 758 -77.18 37.61 21.79
N LYS G 759 -76.42 36.75 22.48
CA LYS G 759 -75.73 37.16 23.72
C LYS G 759 -74.42 37.91 23.45
N SER G 760 -74.08 38.86 24.33
CA SER G 760 -72.78 39.53 24.32
C SER G 760 -71.71 38.52 24.61
N ARG G 761 -70.52 38.75 24.07
CA ARG G 761 -69.36 37.90 24.33
C ARG G 761 -68.39 38.56 25.33
N LEU G 762 -68.09 37.83 26.40
CA LEU G 762 -67.18 38.28 27.46
C LEU G 762 -66.39 37.08 27.97
N MET H 1 -2.58 -40.01 35.70
CA MET H 1 -2.82 -39.30 36.97
C MET H 1 -2.03 -38.01 37.07
N HIS H 2 -2.36 -37.06 36.19
CA HIS H 2 -1.46 -35.98 35.87
C HIS H 2 -2.20 -35.45 34.71
N GLU H 3 -2.59 -34.20 34.69
CA GLU H 3 -2.94 -33.60 33.35
C GLU H 3 -4.41 -33.36 33.11
N ILE H 4 -4.79 -32.17 33.51
CA ILE H 4 -6.14 -31.76 33.55
C ILE H 4 -6.37 -31.00 32.27
N GLY H 5 -5.36 -30.26 31.81
CA GLY H 5 -5.56 -29.42 30.66
C GLY H 5 -4.33 -28.76 30.09
N GLU H 6 -4.55 -27.53 29.61
CA GLU H 6 -3.50 -26.69 29.08
C GLU H 6 -2.45 -26.47 30.17
N HIS H 7 -1.48 -27.38 30.20
CA HIS H 7 -0.25 -27.28 31.03
C HIS H 7 -0.50 -27.43 32.55
N LEU H 8 -1.65 -28.00 32.88
CA LEU H 8 -2.13 -28.21 34.23
C LEU H 8 -2.10 -29.68 34.66
N THR H 9 -1.48 -29.94 35.80
CA THR H 9 -1.48 -31.33 36.29
C THR H 9 -1.86 -31.44 37.74
N THR H 10 -2.10 -32.68 38.19
CA THR H 10 -2.10 -33.06 39.62
C THR H 10 -1.16 -34.26 39.85
N ASN H 11 -0.42 -34.25 40.94
CA ASN H 11 0.40 -35.39 41.27
C ASN H 11 -0.27 -36.31 42.25
N THR H 12 -1.07 -35.74 43.16
CA THR H 12 -1.57 -36.48 44.34
C THR H 12 -3.07 -36.44 44.53
N GLY H 13 -3.78 -35.73 43.67
CA GLY H 13 -5.21 -35.58 43.88
C GLY H 13 -5.52 -34.40 44.80
N TRP H 14 -4.48 -33.82 45.38
CA TRP H 14 -4.67 -32.62 46.23
C TRP H 14 -4.00 -31.37 45.71
N ASP H 15 -3.21 -31.49 44.66
CA ASP H 15 -2.40 -30.37 44.20
C ASP H 15 -2.80 -30.03 42.80
N ILE H 16 -2.84 -28.73 42.50
CA ILE H 16 -2.98 -28.29 41.12
C ILE H 16 -1.62 -27.66 40.72
N ILE H 17 -0.98 -28.20 39.67
CA ILE H 17 0.33 -27.74 39.13
C ILE H 17 0.20 -27.14 37.73
N LYS H 18 0.75 -25.96 37.57
CA LYS H 18 0.90 -25.38 36.26
C LYS H 18 2.42 -25.22 36.00
N ASN H 19 2.89 -25.74 34.85
CA ASN H 19 4.32 -25.82 34.53
C ASN H 19 4.73 -24.92 33.38
N ARG H 20 3.88 -23.95 33.03
CA ARG H 20 4.23 -22.96 32.01
C ARG H 20 3.70 -21.62 32.50
N TYR H 21 4.53 -20.58 32.44
CA TYR H 21 4.05 -19.24 32.70
C TYR H 21 3.46 -18.62 31.43
N GLU H 22 2.18 -18.24 31.47
CA GLU H 22 1.62 -17.57 30.32
C GLU H 22 0.94 -16.29 30.76
N ALA H 23 1.64 -15.19 30.51
CA ALA H 23 1.25 -13.87 30.98
C ALA H 23 -0.20 -13.49 30.69
N ALA H 24 -0.74 -13.99 29.56
CA ALA H 24 -2.07 -13.64 29.12
C ALA H 24 -3.09 -14.31 30.02
N GLN H 25 -2.70 -15.40 30.67
CA GLN H 25 -3.63 -16.07 31.57
C GLN H 25 -3.63 -15.54 33.03
N ALA H 26 -3.11 -14.32 33.25
CA ALA H 26 -3.31 -13.66 34.55
C ALA H 26 -4.80 -13.51 34.50
N ILE H 27 -5.40 -12.93 35.52
CA ILE H 27 -6.85 -12.93 35.67
C ILE H 27 -7.30 -14.34 36.09
N THR H 28 -7.34 -15.28 35.13
CA THR H 28 -7.68 -16.67 35.43
C THR H 28 -6.80 -17.33 36.50
N GLU H 29 -5.49 -17.25 36.33
CA GLU H 29 -4.58 -17.92 37.24
C GLU H 29 -4.56 -17.29 38.62
N GLY H 30 -4.73 -15.97 38.68
CA GLY H 30 -4.80 -15.21 39.92
C GLY H 30 -6.02 -15.64 40.71
N SER H 31 -7.16 -15.85 39.99
CA SER H 31 -8.37 -16.42 40.55
C SER H 31 -8.17 -17.87 41.02
N ASN H 32 -7.71 -18.75 40.13
CA ASN H 32 -7.70 -20.20 40.45
C ASN H 32 -6.68 -20.57 41.50
N PHE H 33 -5.60 -19.78 41.57
CA PHE H 33 -4.47 -20.08 42.47
C PHE H 33 -4.51 -19.26 43.76
N MET H 34 -5.59 -18.49 43.97
CA MET H 34 -5.71 -17.60 45.15
C MET H 34 -5.74 -18.36 46.48
N ILE H 35 -5.67 -17.63 47.57
CA ILE H 35 -5.79 -18.20 48.87
C ILE H 35 -6.78 -17.32 49.61
N GLY H 36 -7.20 -17.76 50.79
CA GLY H 36 -8.24 -17.05 51.54
C GLY H 36 -8.72 -17.84 52.75
N ASN H 37 -9.67 -17.29 53.49
CA ASN H 37 -10.11 -17.93 54.75
C ASN H 37 -11.46 -17.42 55.15
N GLY H 38 -12.19 -16.89 54.15
CA GLY H 38 -13.50 -16.33 54.41
C GLY H 38 -13.47 -14.90 54.94
N PHE H 39 -12.31 -14.45 55.43
CA PHE H 39 -12.19 -13.06 55.87
C PHE H 39 -11.64 -12.20 54.71
N MET H 40 -10.64 -12.73 54.01
CA MET H 40 -10.04 -12.03 52.88
C MET H 40 -9.86 -13.01 51.71
N GLY H 41 -9.59 -12.46 50.55
CA GLY H 41 -9.11 -13.25 49.42
C GLY H 41 -7.84 -12.55 48.95
N TYR H 42 -6.78 -13.32 48.75
CA TYR H 42 -5.58 -12.77 48.25
C TYR H 42 -5.31 -13.52 46.94
N ARG H 43 -5.28 -12.81 45.81
CA ARG H 43 -5.14 -13.46 44.53
C ARG H 43 -3.80 -14.21 44.37
N GLY H 44 -3.82 -15.26 43.55
CA GLY H 44 -2.60 -16.09 43.32
C GLY H 44 -1.52 -15.48 42.42
N THR H 45 -1.10 -14.26 42.75
CA THR H 45 0.00 -13.61 42.08
C THR H 45 1.35 -13.87 42.74
N PHE H 46 2.42 -13.44 42.07
CA PHE H 46 3.74 -13.60 42.61
C PHE H 46 4.11 -12.32 43.29
N ALA H 47 5.07 -12.43 44.20
CA ALA H 47 5.47 -11.33 45.07
C ALA H 47 5.84 -10.04 44.31
N GLU H 48 6.41 -10.15 43.10
CA GLU H 48 6.79 -8.91 42.38
C GLU H 48 5.55 -8.21 41.71
N ASP H 49 4.41 -8.90 41.63
CA ASP H 49 3.31 -8.42 40.83
C ASP H 49 2.58 -7.29 41.51
N GLY H 50 2.08 -6.38 40.68
CA GLY H 50 1.24 -5.27 41.13
C GLY H 50 -0.07 -5.13 40.33
N LYS H 51 -0.56 -3.92 40.20
CA LYS H 51 -1.87 -3.75 39.60
C LYS H 51 -1.97 -4.26 38.14
N ASP H 52 -0.90 -4.13 37.36
CA ASP H 52 -0.85 -4.74 35.99
C ASP H 52 -1.04 -6.26 35.94
N ALA H 53 -0.60 -6.97 36.98
CA ALA H 53 -0.86 -8.39 36.99
C ALA H 53 -2.13 -8.75 37.80
N TYR H 54 -2.99 -7.75 38.05
CA TYR H 54 -4.20 -7.96 38.86
C TYR H 54 -3.96 -8.59 40.26
N ALA H 55 -2.79 -8.32 40.88
CA ALA H 55 -2.60 -8.56 42.32
C ALA H 55 -3.79 -7.95 43.10
N ALA H 56 -4.28 -8.62 44.12
CA ALA H 56 -5.31 -7.96 44.93
C ALA H 56 -5.55 -8.69 46.21
N CYS H 57 -5.81 -7.95 47.26
CA CYS H 57 -6.35 -8.57 48.47
C CYS H 57 -7.72 -7.98 48.81
N ILE H 58 -8.77 -8.81 48.73
CA ILE H 58 -10.14 -8.35 48.84
C ILE H 58 -10.63 -8.64 50.23
N VAL H 59 -11.18 -7.64 50.92
CA VAL H 59 -11.41 -7.83 52.35
C VAL H 59 -12.92 -7.72 52.68
N THR H 60 -13.44 -8.69 53.46
CA THR H 60 -14.87 -8.70 53.83
C THR H 60 -15.17 -7.44 54.62
N ASP H 61 -16.42 -6.98 54.54
CA ASP H 61 -16.93 -5.86 55.32
C ASP H 61 -16.10 -4.57 55.13
N THR H 62 -15.77 -4.30 53.87
CA THR H 62 -15.16 -3.03 53.52
C THR H 62 -15.91 -2.45 52.32
N TRP H 63 -17.22 -2.75 52.21
CA TRP H 63 -18.06 -2.14 51.18
C TRP H 63 -17.90 -0.64 50.95
N ASP H 64 -17.89 -0.28 49.68
CA ASP H 64 -17.67 1.10 49.30
C ASP H 64 -18.25 1.35 47.95
N LYS H 65 -18.67 2.57 47.71
CA LYS H 65 -19.34 2.96 46.47
C LYS H 65 -18.72 4.27 45.97
N ALA H 66 -17.40 4.34 45.98
CA ALA H 66 -16.62 5.45 45.36
C ALA H 66 -17.20 5.96 44.06
N ASP H 67 -17.60 5.08 43.13
CA ASP H 67 -17.99 5.59 41.81
C ASP H 67 -19.48 6.02 41.72
N GLY H 68 -20.20 6.08 42.85
CA GLY H 68 -21.66 6.33 42.85
C GLY H 68 -22.64 5.28 42.30
N LYS H 69 -22.13 4.16 41.78
CA LYS H 69 -23.01 3.12 41.23
C LYS H 69 -22.77 1.69 41.86
N TRP H 70 -21.53 1.23 41.78
CA TRP H 70 -21.21 -0.11 42.19
C TRP H 70 -20.66 -0.14 43.55
N GLU H 71 -21.43 -0.68 44.50
CA GLU H 71 -20.96 -0.80 45.86
C GLU H 71 -20.31 -2.18 46.00
N GLU H 72 -19.00 -2.20 46.25
CA GLU H 72 -18.22 -3.43 46.20
C GLU H 72 -17.27 -3.45 47.38
N LEU H 73 -16.61 -4.58 47.63
CA LEU H 73 -15.57 -4.66 48.67
C LEU H 73 -14.30 -3.93 48.21
N SER H 74 -13.58 -3.37 49.20
CA SER H 74 -12.30 -2.74 48.93
C SER H 74 -11.21 -3.75 48.63
N THR H 75 -10.33 -3.40 47.69
CA THR H 75 -9.03 -4.00 47.66
C THR H 75 -8.13 -3.16 48.50
N VAL H 76 -7.24 -3.81 49.24
CA VAL H 76 -6.39 -3.09 50.18
C VAL H 76 -4.88 -3.18 49.84
N PRO H 77 -4.09 -2.19 50.32
CA PRO H 77 -2.62 -2.16 50.16
C PRO H 77 -1.99 -3.49 50.43
N ASN H 78 -1.07 -3.85 49.54
CA ASN H 78 -0.51 -5.18 49.48
C ASN H 78 0.82 -5.20 50.19
N ALA H 79 0.82 -5.76 51.38
CA ALA H 79 2.02 -5.71 52.22
C ALA H 79 2.99 -6.84 51.92
N LEU H 80 2.77 -7.56 50.83
CA LEU H 80 3.69 -8.65 50.47
C LEU H 80 4.61 -8.33 49.27
N LEU H 81 4.42 -7.17 48.62
CA LEU H 81 5.20 -6.75 47.44
C LEU H 81 6.68 -6.91 47.65
N THR H 82 7.32 -7.68 46.77
CA THR H 82 8.76 -7.94 46.95
C THR H 82 9.41 -8.04 45.59
N LEU H 83 10.37 -7.16 45.32
CA LEU H 83 11.08 -7.15 44.03
C LEU H 83 12.53 -7.58 44.26
N LEU H 84 13.07 -8.36 43.32
CA LEU H 84 14.47 -8.78 43.35
C LEU H 84 15.17 -8.15 42.19
N HIS H 85 16.33 -7.59 42.49
CA HIS H 85 17.34 -7.21 41.49
C HIS H 85 18.63 -7.94 41.73
N VAL H 86 19.29 -8.30 40.61
CA VAL H 86 20.52 -9.06 40.59
C VAL H 86 21.55 -8.32 39.72
N ASP H 87 22.59 -7.82 40.37
CA ASP H 87 23.52 -6.88 39.76
C ASP H 87 22.75 -5.76 39.00
N GLY H 88 21.74 -5.19 39.65
CA GLY H 88 21.02 -4.14 39.06
C GLY H 88 19.97 -4.55 38.06
N GLU H 89 19.84 -5.84 37.78
CA GLU H 89 18.83 -6.32 36.82
C GLU H 89 17.58 -6.88 37.56
N PRO H 90 16.38 -6.37 37.22
CA PRO H 90 15.16 -6.87 37.88
C PRO H 90 14.86 -8.33 37.53
N PHE H 91 14.41 -9.12 38.50
CA PHE H 91 14.03 -10.47 38.17
C PHE H 91 12.55 -10.38 37.71
N ILE H 92 12.28 -10.65 36.42
CA ILE H 92 10.92 -10.61 35.83
C ILE H 92 10.65 -11.94 35.12
N MET H 93 9.51 -12.56 35.40
CA MET H 93 9.08 -13.83 34.77
C MET H 93 9.16 -13.78 33.25
N SER H 94 9.90 -14.70 32.63
CA SER H 94 9.91 -14.83 31.16
C SER H 94 9.18 -16.09 30.73
N GLU H 95 8.31 -15.97 29.73
CA GLU H 95 7.57 -17.12 29.20
C GLU H 95 8.53 -18.21 28.73
N GLU H 96 9.74 -17.81 28.34
CA GLU H 96 10.81 -18.80 28.16
C GLU H 96 11.79 -18.93 29.36
N ALA H 97 11.26 -18.97 30.61
CA ALA H 97 12.10 -19.09 31.82
C ALA H 97 12.76 -20.44 31.84
N ALA H 98 14.07 -20.43 32.11
CA ALA H 98 14.85 -21.68 32.31
C ALA H 98 14.20 -22.77 33.22
N SER H 99 13.01 -22.51 33.81
CA SER H 99 12.27 -23.49 34.61
C SER H 99 11.17 -22.84 35.46
N PHE H 100 9.93 -23.25 35.27
CA PHE H 100 8.80 -22.67 36.03
C PHE H 100 7.72 -23.67 36.49
N GLU H 101 7.24 -23.45 37.71
CA GLU H 101 6.23 -24.29 38.32
C GLU H 101 5.43 -23.52 39.39
N ARG H 102 4.11 -23.69 39.37
CA ARG H 102 3.21 -22.93 40.23
C ARG H 102 2.33 -24.05 40.76
N THR H 103 1.97 -23.96 42.03
CA THR H 103 1.25 -25.04 42.71
C THR H 103 0.26 -24.41 43.66
N LEU H 104 -0.97 -24.87 43.56
CA LEU H 104 -1.97 -24.64 44.60
C LEU H 104 -2.13 -25.94 45.37
N ASP H 105 -1.82 -25.92 46.67
CA ASP H 105 -1.98 -27.10 47.50
C ASP H 105 -3.35 -27.05 48.25
N LEU H 106 -4.28 -27.90 47.81
CA LEU H 106 -5.68 -27.79 48.22
C LEU H 106 -5.85 -28.31 49.64
N SER H 107 -4.90 -29.14 50.08
CA SER H 107 -5.01 -29.79 51.38
C SER H 107 -4.86 -28.80 52.51
N GLN H 108 -4.35 -27.60 52.20
CA GLN H 108 -4.08 -26.57 53.21
C GLN H 108 -4.09 -25.12 52.69
N GLY H 109 -4.51 -24.92 51.43
CA GLY H 109 -4.69 -23.54 50.92
C GLY H 109 -3.35 -22.77 50.88
N VAL H 110 -2.32 -23.38 50.32
CA VAL H 110 -0.99 -22.78 50.25
C VAL H 110 -0.70 -22.77 48.79
N THR H 111 -0.40 -21.58 48.28
CA THR H 111 -0.18 -21.40 46.87
C THR H 111 1.31 -21.05 46.69
N SER H 112 1.97 -21.60 45.67
CA SER H 112 3.42 -21.47 45.63
C SER H 112 3.93 -21.33 44.21
N ARG H 113 5.19 -20.89 44.13
CA ARG H 113 5.93 -20.78 42.87
C ARG H 113 7.38 -21.25 43.10
N LYS H 114 7.94 -21.96 42.12
CA LYS H 114 9.35 -22.32 42.05
C LYS H 114 9.79 -21.93 40.64
N VAL H 115 10.71 -20.98 40.54
CA VAL H 115 11.21 -20.51 39.25
C VAL H 115 12.75 -20.35 39.26
N SER H 116 13.39 -20.73 38.15
CA SER H 116 14.82 -20.45 37.86
C SER H 116 15.00 -19.71 36.53
N GLN H 117 15.80 -18.65 36.56
CA GLN H 117 16.18 -17.89 35.35
C GLN H 117 17.61 -17.47 35.45
N ARG H 118 18.26 -17.50 34.30
CA ARG H 118 19.59 -16.99 34.16
C ARG H 118 19.51 -15.47 33.91
N MET H 119 20.22 -14.70 34.74
CA MET H 119 20.29 -13.24 34.64
C MET H 119 21.42 -12.90 33.67
N LYS H 120 21.42 -11.63 33.22
CA LYS H 120 22.41 -11.13 32.28
C LYS H 120 23.85 -11.29 32.74
N ASN H 121 24.12 -11.25 34.06
CA ASN H 121 25.50 -11.49 34.57
C ASN H 121 25.93 -12.97 34.58
N GLY H 122 25.09 -13.85 34.02
CA GLY H 122 25.37 -15.29 34.01
C GLY H 122 24.84 -16.11 35.21
N ALA H 123 24.55 -15.46 36.33
CA ALA H 123 23.98 -16.13 37.52
C ALA H 123 22.61 -16.75 37.28
N THR H 124 22.42 -18.00 37.71
CA THR H 124 21.08 -18.61 37.69
C THR H 124 20.47 -18.48 39.09
N ILE H 125 19.31 -17.82 39.12
CA ILE H 125 18.66 -17.37 40.32
C ILE H 125 17.45 -18.23 40.46
N THR H 126 17.23 -18.76 41.65
CA THR H 126 16.03 -19.55 41.93
C THR H 126 15.21 -18.88 43.02
N ILE H 127 13.89 -18.80 42.78
CA ILE H 127 12.95 -18.33 43.77
C ILE H 127 12.01 -19.46 44.14
N HIS H 128 11.83 -19.69 45.43
CA HIS H 128 10.77 -20.57 45.96
C HIS H 128 9.95 -19.62 46.79
N GLU H 129 8.65 -19.62 46.58
CA GLU H 129 7.77 -18.70 47.25
C GLU H 129 6.44 -19.38 47.52
N GLU H 130 5.86 -19.06 48.68
CA GLU H 130 4.65 -19.68 49.13
C GLU H 130 3.93 -18.74 50.03
N LYS H 131 2.60 -18.85 50.01
CA LYS H 131 1.75 -17.97 50.78
C LYS H 131 0.50 -18.72 51.21
N PHE H 132 -0.08 -18.33 52.34
CA PHE H 132 -1.39 -18.90 52.69
C PHE H 132 -2.12 -17.83 53.50
N ALA H 133 -3.44 -17.78 53.40
CA ALA H 133 -4.19 -16.92 54.30
C ALA H 133 -4.50 -17.76 55.53
N SER H 134 -4.16 -17.30 56.74
CA SER H 134 -4.28 -18.22 57.87
C SER H 134 -5.73 -18.45 58.18
N TYR H 135 -6.12 -19.71 58.27
CA TYR H 135 -7.41 -20.02 58.75
C TYR H 135 -7.48 -20.00 60.32
N ARG H 136 -6.32 -20.02 60.99
CA ARG H 136 -6.27 -19.82 62.47
C ARG H 136 -6.35 -18.35 62.86
N LYS H 137 -5.53 -17.52 62.21
CA LYS H 137 -5.58 -16.09 62.44
C LYS H 137 -6.12 -15.37 61.20
N LYS H 138 -7.44 -15.17 61.16
CA LYS H 138 -8.10 -14.84 59.91
C LYS H 138 -7.70 -13.49 59.28
N HIS H 139 -7.16 -12.57 60.10
CA HIS H 139 -6.69 -11.24 59.65
C HIS H 139 -5.29 -11.21 59.07
N ALA H 140 -4.64 -12.37 58.98
CA ALA H 140 -3.25 -12.50 58.54
C ALA H 140 -3.11 -13.38 57.25
N VAL H 141 -2.34 -12.90 56.27
CA VAL H 141 -1.89 -13.70 55.14
C VAL H 141 -0.35 -13.64 55.16
N LEU H 142 0.27 -14.80 54.99
CA LEU H 142 1.72 -14.94 55.24
C LEU H 142 2.46 -15.42 54.00
N MET H 143 3.74 -15.02 53.92
CA MET H 143 4.56 -15.41 52.81
C MET H 143 5.93 -15.85 53.29
N LYS H 144 6.45 -16.87 52.64
CA LYS H 144 7.87 -17.20 52.78
C LYS H 144 8.48 -17.17 51.40
N TYR H 145 9.55 -16.42 51.29
CA TYR H 145 10.21 -16.14 50.01
C TYR H 145 11.74 -16.37 50.11
N THR H 146 12.22 -17.29 49.29
CA THR H 146 13.58 -17.78 49.36
C THR H 146 14.22 -17.60 47.98
N VAL H 147 15.40 -16.97 47.97
CA VAL H 147 16.18 -16.69 46.79
C VAL H 147 17.54 -17.33 46.93
N GLU H 148 18.00 -17.93 45.85
CA GLU H 148 19.34 -18.49 45.82
C GLU H 148 19.98 -18.27 44.47
N SER H 149 21.27 -17.96 44.45
CA SER H 149 22.01 -17.90 43.19
C SER H 149 22.99 -19.06 43.09
N ASP H 150 23.27 -19.50 41.87
CA ASP H 150 24.38 -20.48 41.67
C ASP H 150 25.76 -19.81 41.51
N GLN H 151 25.80 -18.49 41.66
CA GLN H 151 26.99 -17.67 41.45
C GLN H 151 26.98 -16.54 42.48
N ASP H 152 28.13 -16.25 43.09
CA ASP H 152 28.29 -15.00 43.88
C ASP H 152 27.88 -13.78 43.05
N THR H 153 27.08 -12.90 43.63
CA THR H 153 26.53 -11.73 42.97
C THR H 153 25.92 -10.77 43.98
N ASP H 154 26.09 -9.47 43.71
CA ASP H 154 25.24 -8.46 44.35
C ASP H 154 23.77 -8.74 44.04
N ALA H 155 22.92 -8.39 45.01
CA ALA H 155 21.48 -8.41 44.84
C ALA H 155 20.82 -7.38 45.71
N VAL H 156 19.63 -6.98 45.32
CA VAL H 156 18.79 -6.10 46.15
C VAL H 156 17.40 -6.74 46.31
N LEU H 157 16.96 -6.84 47.56
CA LEU H 157 15.63 -7.31 47.80
C LEU H 157 14.91 -6.13 48.35
N ASP H 158 13.86 -5.72 47.63
CA ASP H 158 13.03 -4.59 47.95
C ASP H 158 11.61 -5.09 48.32
N THR H 159 11.14 -4.74 49.50
CA THR H 159 9.89 -5.31 50.00
C THR H 159 9.13 -4.24 50.80
N GLY H 160 7.81 -4.23 50.71
CA GLY H 160 7.06 -3.24 51.46
C GLY H 160 5.56 -3.38 51.24
N ILE H 161 4.87 -2.25 51.24
CA ILE H 161 3.43 -2.16 51.12
C ILE H 161 3.15 -1.28 49.92
N ASP H 162 2.48 -1.87 48.94
CA ASP H 162 2.07 -1.15 47.75
C ASP H 162 0.68 -0.63 48.03
N TYR H 163 0.51 0.70 48.01
CA TYR H 163 -0.79 1.32 48.08
C TYR H 163 -1.49 1.27 46.73
N ASP H 164 -0.72 1.04 45.65
CA ASP H 164 -1.24 1.27 44.30
C ASP H 164 -1.85 0.00 43.72
N VAL H 165 -2.96 -0.40 44.32
CA VAL H 165 -3.53 -1.71 44.05
C VAL H 165 -4.70 -1.64 43.06
N TRP H 166 -5.03 -2.78 42.48
CA TRP H 166 -6.07 -2.88 41.52
C TRP H 166 -7.45 -2.81 42.14
N SER H 167 -8.30 -1.96 41.57
CA SER H 167 -9.66 -1.86 42.02
C SER H 167 -10.51 -1.58 40.82
N ILE H 168 -11.56 -2.40 40.63
CA ILE H 168 -12.35 -2.41 39.39
C ILE H 168 -13.24 -1.17 39.23
N ASN H 169 -13.92 -0.75 40.30
CA ASN H 169 -14.86 0.37 40.21
C ASN H 169 -14.40 1.56 41.02
N GLY H 170 -13.09 1.84 40.93
CA GLY H 170 -12.54 3.08 41.46
C GLY H 170 -11.82 2.85 42.78
N ASP H 171 -11.24 3.90 43.30
CA ASP H 171 -10.43 3.81 44.49
C ASP H 171 -11.30 3.89 45.71
N HIS H 172 -11.22 2.89 46.58
CA HIS H 172 -12.06 2.82 47.77
C HIS H 172 -11.40 3.31 49.01
N LEU H 173 -10.08 3.47 48.98
CA LEU H 173 -9.32 3.98 50.16
C LEU H 173 -8.70 5.31 49.88
N GLN H 174 -8.81 6.22 50.83
CA GLN H 174 -8.24 7.59 50.68
C GLN H 174 -7.49 7.92 51.96
N GLY H 175 -6.67 8.99 51.91
CA GLY H 175 -5.94 9.51 53.07
C GLY H 175 -4.92 8.60 53.76
N HIS H 176 -4.28 7.68 53.02
CA HIS H 176 -3.28 6.72 53.55
C HIS H 176 -2.29 7.28 54.53
N HIS H 177 -2.21 6.73 55.74
CA HIS H 177 -1.31 7.29 56.77
C HIS H 177 -0.20 6.30 57.03
N TYR H 178 1.06 6.68 56.73
CA TYR H 178 2.24 5.81 56.99
C TYR H 178 2.49 5.71 58.49
N PHE H 179 2.84 4.54 59.01
CA PHE H 179 3.53 4.48 60.34
C PHE H 179 4.53 3.37 60.34
N SER H 180 5.24 3.23 61.46
CA SER H 180 6.18 2.13 61.54
C SER H 180 6.14 1.46 62.88
N HIS H 181 6.79 0.31 62.97
CA HIS H 181 6.78 -0.48 64.18
C HIS H 181 7.98 -1.37 64.12
N PRO H 182 8.28 -2.08 65.23
CA PRO H 182 9.57 -2.83 65.33
C PRO H 182 9.88 -3.84 64.20
N THR H 183 8.86 -4.41 63.57
CA THR H 183 9.15 -5.47 62.61
C THR H 183 8.69 -5.07 61.22
N GLY H 184 8.34 -3.80 61.01
CA GLY H 184 7.97 -3.32 59.65
C GLY H 184 7.17 -2.03 59.55
N ASP H 185 6.35 -1.94 58.52
CA ASP H 185 5.57 -0.74 58.27
C ASP H 185 4.09 -1.01 58.50
N GLY H 186 3.31 0.05 58.47
CA GLY H 186 1.89 -0.07 58.52
C GLY H 186 1.29 1.03 57.69
N VAL H 187 0.03 0.86 57.30
CA VAL H 187 -0.71 2.00 56.72
C VAL H 187 -2.16 2.02 57.22
N THR H 188 -2.66 3.16 57.65
CA THR H 188 -4.09 3.31 58.00
C THR H 188 -4.74 4.29 57.03
N ALA H 189 -5.86 3.86 56.48
CA ALA H 189 -6.56 4.66 55.51
C ALA H 189 -8.05 4.61 55.83
N LYS H 190 -8.87 5.29 55.03
CA LYS H 190 -10.31 5.34 55.26
C LYS H 190 -11.07 5.18 53.96
N THR H 191 -12.18 4.44 53.99
CA THR H 191 -12.96 4.18 52.74
C THR H 191 -13.62 5.46 52.24
N VAL H 192 -13.98 5.50 50.96
CA VAL H 192 -14.48 6.74 50.37
C VAL H 192 -15.91 7.03 50.82
N SER H 193 -16.80 6.03 50.75
CA SER H 193 -18.25 6.17 51.10
C SER H 193 -18.59 6.30 52.60
N TYR H 194 -18.19 5.32 53.39
CA TYR H 194 -18.69 5.22 54.77
C TYR H 194 -17.66 5.70 55.80
N GLU H 195 -16.46 6.02 55.29
CA GLU H 195 -15.33 6.49 56.11
C GLU H 195 -14.96 5.52 57.22
N ASP H 196 -14.96 4.24 56.89
CA ASP H 196 -14.47 3.24 57.77
C ASP H 196 -12.95 3.19 57.61
N THR H 197 -12.30 2.85 58.73
CA THR H 197 -10.87 2.83 58.84
C THR H 197 -10.41 1.42 58.56
N VAL H 198 -9.42 1.33 57.67
CA VAL H 198 -8.77 0.08 57.28
C VAL H 198 -7.27 0.22 57.54
N THR H 199 -6.70 -0.74 58.26
CA THR H 199 -5.26 -0.76 58.53
C THR H 199 -4.68 -2.04 57.93
N VAL H 200 -3.50 -1.91 57.33
CA VAL H 200 -2.71 -3.05 56.91
C VAL H 200 -1.37 -2.99 57.66
N VAL H 201 -1.00 -4.03 58.41
CA VAL H 201 0.33 -4.08 58.98
C VAL H 201 1.19 -5.11 58.28
N GLU H 202 2.44 -4.72 58.02
CA GLU H 202 3.41 -5.52 57.36
C GLU H 202 4.40 -5.94 58.42
N THR H 203 4.64 -7.25 58.52
CA THR H 203 5.81 -7.74 59.27
C THR H 203 6.89 -8.25 58.29
N CYS H 204 8.15 -8.08 58.67
CA CYS H 204 9.23 -8.36 57.79
C CYS H 204 10.39 -8.92 58.58
N SER H 205 10.94 -10.02 58.11
CA SER H 205 12.05 -10.70 58.73
C SER H 205 12.98 -11.25 57.64
N LEU H 206 14.28 -11.00 57.73
CA LEU H 206 15.31 -11.52 56.79
C LEU H 206 16.40 -12.30 57.53
N ASP H 207 16.70 -13.51 57.06
CA ASP H 207 17.68 -14.39 57.74
C ASP H 207 19.13 -14.23 57.27
N ALA H 208 19.46 -13.15 56.57
CA ALA H 208 20.84 -12.89 56.09
C ALA H 208 21.27 -11.51 56.55
N ASP H 209 22.56 -11.25 56.65
CA ASP H 209 23.08 -9.89 56.83
C ASP H 209 22.83 -9.05 55.56
N ALA H 210 22.33 -7.83 55.71
CA ALA H 210 22.01 -6.97 54.55
C ALA H 210 22.09 -5.54 54.97
N SER H 211 22.50 -4.68 54.06
CA SER H 211 22.37 -3.26 54.30
C SER H 211 20.91 -2.80 54.05
N GLU H 212 20.29 -2.19 55.07
CA GLU H 212 18.86 -1.93 55.04
C GLU H 212 18.54 -0.47 54.92
N GLU H 213 17.78 -0.12 53.88
CA GLU H 213 17.42 1.27 53.58
C GLU H 213 15.87 1.44 53.37
N ASP H 214 15.18 2.21 54.22
CA ASP H 214 13.75 2.49 54.09
C ASP H 214 13.38 3.66 53.14
N TYR H 215 12.20 3.58 52.54
CA TYR H 215 11.64 4.72 51.79
C TYR H 215 10.15 4.73 52.17
N GLN H 216 9.51 5.90 52.03
CA GLN H 216 8.06 6.05 52.08
C GLN H 216 7.73 7.07 50.99
N ASN H 217 6.74 6.79 50.17
CA ASN H 217 6.29 7.79 49.21
C ASN H 217 4.79 7.69 48.99
N PRO H 218 4.21 8.52 48.10
CA PRO H 218 2.75 8.52 48.10
C PRO H 218 2.11 7.19 47.69
N ASP H 219 2.82 6.33 46.94
CA ASP H 219 2.32 5.03 46.51
C ASP H 219 2.68 3.83 47.36
N GLY H 220 3.39 4.04 48.46
CA GLY H 220 3.78 2.92 49.27
C GLY H 220 5.01 3.13 50.12
N SER H 221 5.35 2.10 50.87
CA SER H 221 6.51 2.17 51.74
C SER H 221 7.21 0.85 51.68
N GLY H 222 8.44 0.85 52.14
CA GLY H 222 9.13 -0.37 52.20
C GLY H 222 10.55 -0.17 52.57
N ARG H 223 11.33 -1.17 52.28
CA ARG H 223 12.75 -1.08 52.54
C ARG H 223 13.53 -1.86 51.51
N THR H 224 14.77 -1.48 51.38
CA THR H 224 15.66 -2.11 50.48
C THR H 224 16.70 -2.87 51.30
N PHE H 225 16.88 -4.16 50.98
CA PHE H 225 18.03 -4.95 51.54
C PHE H 225 19.10 -5.20 50.45
N SER H 226 20.28 -4.61 50.58
CA SER H 226 21.34 -4.95 49.62
C SER H 226 22.24 -6.00 50.23
N LEU H 227 22.59 -7.00 49.41
CA LEU H 227 23.32 -8.22 49.84
C LEU H 227 24.38 -8.64 48.84
N SER H 228 25.36 -9.43 49.29
CA SER H 228 26.16 -10.32 48.39
C SER H 228 25.65 -11.71 48.60
N LEU H 229 24.97 -12.27 47.62
CA LEU H 229 24.64 -13.67 47.63
C LEU H 229 25.89 -14.49 47.41
N GLU H 230 25.98 -15.58 48.16
CA GLU H 230 27.01 -16.58 47.96
C GLU H 230 26.39 -17.66 47.09
N ALA H 231 27.12 -18.13 46.08
CA ALA H 231 26.64 -19.25 45.31
C ALA H 231 26.16 -20.36 46.27
N GLY H 232 25.03 -21.00 45.94
CA GLY H 232 24.41 -22.06 46.74
C GLY H 232 23.92 -21.77 48.17
N LYS H 233 24.12 -20.57 48.74
CA LYS H 233 23.46 -20.23 50.02
C LYS H 233 22.13 -19.45 49.78
N PRO H 234 20.97 -20.10 50.08
CA PRO H 234 19.69 -19.41 49.96
C PRO H 234 19.49 -18.34 51.04
N VAL H 235 18.79 -17.27 50.69
CA VAL H 235 18.42 -16.21 51.61
C VAL H 235 16.87 -16.20 51.70
N THR H 236 16.33 -16.01 52.91
CA THR H 236 14.90 -16.16 53.15
C THR H 236 14.28 -14.98 53.85
N LEU H 237 13.13 -14.57 53.33
CA LEU H 237 12.38 -13.45 53.76
C LEU H 237 11.02 -14.03 54.15
N GLU H 238 10.53 -13.66 55.33
CA GLU H 238 9.18 -14.09 55.76
C GLU H 238 8.38 -12.88 56.13
N LYS H 239 7.11 -12.87 55.75
CA LYS H 239 6.29 -11.69 55.98
C LYS H 239 4.92 -12.10 56.47
N ALA H 240 4.31 -11.24 57.27
CA ALA H 240 2.86 -11.34 57.45
C ALA H 240 2.22 -10.04 56.93
N MET H 241 0.99 -10.16 56.48
CA MET H 241 0.20 -8.98 56.14
C MET H 241 -1.10 -9.09 56.94
N ILE H 242 -1.35 -8.10 57.79
CA ILE H 242 -2.46 -8.15 58.72
C ILE H 242 -3.42 -7.05 58.35
N ILE H 243 -4.71 -7.37 58.28
CA ILE H 243 -5.72 -6.38 57.95
C ILE H 243 -6.83 -6.43 58.99
N TYR H 244 -7.18 -5.25 59.52
CA TYR H 244 -8.40 -4.99 60.28
C TYR H 244 -9.10 -3.66 59.78
N SER H 245 -10.41 -3.58 59.96
CA SER H 245 -11.15 -2.39 59.65
C SER H 245 -12.02 -2.08 60.88
N SER H 246 -12.56 -0.86 60.96
CA SER H 246 -13.52 -0.51 62.05
C SER H 246 -14.84 -1.24 62.00
N ASN H 247 -15.13 -1.95 60.91
CA ASN H 247 -16.26 -2.87 60.93
C ASN H 247 -16.00 -4.17 61.67
N ASP H 248 -14.74 -4.50 61.92
CA ASP H 248 -14.37 -5.71 62.69
C ASP H 248 -14.16 -5.41 64.19
N VAL H 249 -13.53 -4.26 64.47
CA VAL H 249 -13.08 -3.91 65.82
C VAL H 249 -13.10 -2.38 65.89
N ASP H 250 -13.20 -1.88 67.12
CA ASP H 250 -13.23 -0.45 67.37
C ASP H 250 -11.89 0.24 67.08
N ASN H 251 -10.79 -0.48 67.29
CA ASN H 251 -9.45 0.09 67.08
C ASN H 251 -8.60 -0.72 66.09
N PRO H 252 -8.86 -0.57 64.76
CA PRO H 252 -8.21 -1.48 63.79
C PRO H 252 -6.70 -1.45 63.83
N GLN H 253 -6.14 -0.25 64.03
CA GLN H 253 -4.70 -0.09 64.07
C GLN H 253 -4.06 -0.77 65.25
N ASP H 254 -4.60 -0.59 66.45
CA ASP H 254 -4.05 -1.24 67.65
C ASP H 254 -4.19 -2.76 67.59
N GLU H 255 -5.33 -3.22 67.07
CA GLU H 255 -5.62 -4.63 66.84
C GLU H 255 -4.61 -5.27 65.87
N ALA H 256 -4.43 -4.62 64.73
CA ALA H 256 -3.47 -5.00 63.72
C ALA H 256 -2.05 -5.11 64.30
N LEU H 257 -1.62 -4.07 65.08
CA LEU H 257 -0.34 -4.10 65.85
C LEU H 257 -0.28 -5.20 66.95
N LEU H 258 -1.41 -5.46 67.63
CA LEU H 258 -1.48 -6.56 68.61
C LEU H 258 -1.34 -7.90 67.89
N GLU H 259 -2.06 -8.06 66.77
CA GLU H 259 -1.87 -9.26 65.95
C GLU H 259 -0.38 -9.40 65.55
N ALA H 260 0.22 -8.32 65.07
CA ALA H 260 1.67 -8.34 64.70
C ALA H 260 2.55 -8.71 65.89
N LYS H 261 2.26 -8.21 67.08
CA LYS H 261 3.13 -8.56 68.23
C LYS H 261 3.10 -10.05 68.50
N HIS H 262 1.94 -10.71 68.32
CA HIS H 262 1.85 -12.15 68.62
C HIS H 262 2.01 -13.09 67.43
N MET H 263 2.52 -12.62 66.30
CA MET H 263 2.72 -13.54 65.17
C MET H 263 3.90 -14.44 65.51
N GLN H 264 3.77 -15.73 65.22
CA GLN H 264 4.88 -16.67 65.39
C GLN H 264 5.62 -16.71 64.09
N SER H 265 6.59 -17.59 63.95
CA SER H 265 7.32 -17.61 62.70
C SER H 265 6.41 -18.17 61.57
N TYR H 266 6.86 -18.04 60.32
CA TYR H 266 6.12 -18.57 59.17
C TYR H 266 5.79 -20.07 59.36
N GLU H 267 6.77 -20.87 59.74
CA GLU H 267 6.54 -22.33 59.87
C GLU H 267 5.53 -22.69 60.95
N GLU H 268 5.54 -21.96 62.05
CA GLU H 268 4.60 -22.19 63.13
C GLU H 268 3.20 -21.84 62.71
N GLU H 269 3.05 -20.72 62.00
CA GLU H 269 1.73 -20.27 61.59
C GLU H 269 1.16 -21.20 60.51
N LYS H 270 2.04 -21.65 59.62
CA LYS H 270 1.67 -22.64 58.61
C LYS H 270 1.17 -23.96 59.26
N ALA H 271 1.87 -24.43 60.31
CA ALA H 271 1.49 -25.70 60.98
C ALA H 271 0.08 -25.54 61.64
N ALA H 272 -0.18 -24.37 62.21
CA ALA H 272 -1.51 -24.04 62.78
C ALA H 272 -2.60 -24.10 61.68
N ASN H 273 -2.32 -23.39 60.60
CA ASN H 273 -3.21 -23.36 59.45
C ASN H 273 -3.45 -24.79 58.93
N ARG H 274 -2.39 -25.59 58.93
CA ARG H 274 -2.49 -26.97 58.51
C ARG H 274 -3.52 -27.77 59.31
N LEU H 275 -3.48 -27.59 60.63
CA LEU H 275 -4.41 -28.25 61.54
C LEU H 275 -5.80 -27.74 61.26
N GLU H 276 -5.96 -26.46 60.96
CA GLU H 276 -7.33 -25.98 60.60
C GLU H 276 -7.90 -26.68 59.36
N TRP H 277 -7.07 -26.83 58.33
CA TRP H 277 -7.50 -27.44 57.09
C TRP H 277 -7.78 -28.92 57.22
N ASP H 278 -6.97 -29.62 58.02
CA ASP H 278 -7.23 -31.04 58.28
C ASP H 278 -8.64 -31.14 58.88
N ASN H 279 -9.01 -30.19 59.71
CA ASN H 279 -10.34 -30.24 60.26
C ASN H 279 -11.40 -29.94 59.19
N LEU H 280 -11.15 -28.97 58.31
CA LEU H 280 -12.15 -28.61 57.30
C LEU H 280 -12.41 -29.77 56.34
N TRP H 281 -11.32 -30.38 55.84
CA TRP H 281 -11.41 -31.51 54.94
C TRP H 281 -12.11 -32.75 55.51
N SER H 282 -12.08 -32.93 56.84
CA SER H 282 -12.67 -34.09 57.40
C SER H 282 -14.18 -33.82 57.50
N HIS H 283 -14.59 -32.55 57.49
CA HIS H 283 -16.01 -32.25 57.24
C HIS H 283 -16.48 -32.44 55.82
N TYR H 284 -15.71 -31.94 54.85
CA TYR H 284 -16.26 -31.74 53.51
C TYR H 284 -15.74 -32.66 52.46
N ASP H 285 -14.67 -33.39 52.73
CA ASP H 285 -14.00 -34.10 51.67
C ASP H 285 -14.90 -35.15 51.05
N VAL H 286 -14.87 -35.26 49.73
CA VAL H 286 -15.68 -36.25 49.01
C VAL H 286 -14.73 -37.02 48.10
N THR H 287 -14.68 -38.35 48.27
CA THR H 287 -13.59 -39.08 47.56
C THR H 287 -14.10 -39.74 46.25
N ILE H 288 -13.29 -39.76 45.20
CA ILE H 288 -13.67 -40.46 43.98
C ILE H 288 -12.55 -41.41 43.68
N GLN H 289 -12.92 -42.69 43.53
CA GLN H 289 -11.96 -43.76 43.28
C GLN H 289 -11.63 -43.92 41.81
N ASN H 290 -10.34 -43.84 41.54
CA ASN H 290 -9.74 -44.06 40.22
C ASN H 290 -10.10 -43.06 39.16
N ASN H 291 -10.14 -41.81 39.56
CA ASN H 291 -10.24 -40.77 38.57
C ASN H 291 -9.68 -39.54 39.20
N ILE H 292 -8.38 -39.44 39.10
CA ILE H 292 -7.66 -38.47 39.83
C ILE H 292 -7.99 -37.08 39.30
N ILE H 293 -8.20 -36.94 37.98
CA ILE H 293 -8.62 -35.62 37.45
C ILE H 293 -9.95 -35.18 38.08
N ASP H 294 -10.92 -36.08 38.17
CA ASP H 294 -12.19 -35.71 38.84
C ASP H 294 -12.05 -35.35 40.32
N GLN H 295 -11.23 -36.13 41.04
CA GLN H 295 -11.05 -35.99 42.49
C GLN H 295 -10.43 -34.63 42.81
N VAL H 296 -9.36 -34.27 42.08
CA VAL H 296 -8.71 -32.95 42.26
C VAL H 296 -9.63 -31.77 41.85
N ALA H 297 -10.48 -31.97 40.86
CA ALA H 297 -11.32 -30.89 40.38
C ALA H 297 -12.48 -30.67 41.39
N LEU H 298 -13.03 -31.78 41.87
CA LEU H 298 -13.97 -31.76 42.99
C LEU H 298 -13.35 -31.01 44.21
N ARG H 299 -12.13 -31.36 44.61
CA ARG H 299 -11.49 -30.64 45.77
C ARG H 299 -11.19 -29.15 45.48
N PHE H 300 -10.80 -28.86 44.25
CA PHE H 300 -10.61 -27.47 43.81
C PHE H 300 -11.89 -26.67 44.02
N ASN H 301 -13.00 -27.26 43.58
CA ASN H 301 -14.26 -26.53 43.74
C ASN H 301 -14.65 -26.44 45.25
N ILE H 302 -14.48 -27.51 46.01
CA ILE H 302 -14.83 -27.41 47.44
C ILE H 302 -13.93 -26.42 48.20
N TYR H 303 -12.65 -26.40 47.83
CA TYR H 303 -11.69 -25.48 48.44
C TYR H 303 -12.10 -24.04 48.23
N HIS H 304 -12.43 -23.75 46.98
CA HIS H 304 -12.88 -22.42 46.62
C HIS H 304 -14.14 -22.01 47.31
N ALA H 305 -15.08 -22.95 47.49
CA ALA H 305 -16.26 -22.58 48.27
C ALA H 305 -15.95 -22.25 49.75
N ILE H 306 -15.07 -23.03 50.38
CA ILE H 306 -14.70 -22.86 51.79
C ILE H 306 -14.09 -21.49 51.97
N ILE H 307 -13.05 -21.17 51.20
CA ILE H 307 -12.38 -19.85 51.33
C ILE H 307 -13.23 -18.64 50.97
N ALA H 308 -14.30 -18.84 50.21
CA ALA H 308 -15.28 -17.78 49.90
C ALA H 308 -16.28 -17.52 51.07
N THR H 309 -16.39 -18.47 52.04
CA THR H 309 -17.44 -18.43 53.12
C THR H 309 -16.99 -17.74 54.43
N PRO H 310 -17.52 -16.53 54.70
CA PRO H 310 -17.15 -15.93 55.97
C PRO H 310 -17.72 -16.81 57.12
N VAL H 311 -16.86 -17.21 58.05
CA VAL H 311 -17.27 -17.84 59.33
C VAL H 311 -16.83 -17.06 60.62
N HIS H 312 -16.31 -15.83 60.49
CA HIS H 312 -15.81 -15.04 61.61
C HIS H 312 -16.88 -14.04 62.01
N LYS H 313 -17.91 -13.86 61.17
CA LYS H 313 -18.95 -12.83 61.36
C LYS H 313 -20.13 -13.14 60.42
N SER H 314 -21.31 -12.64 60.78
CA SER H 314 -22.50 -12.76 59.96
C SER H 314 -22.37 -12.05 58.59
N LEU H 315 -21.82 -12.73 57.59
CA LEU H 315 -21.66 -12.05 56.31
C LEU H 315 -22.08 -12.98 55.14
N PRO H 316 -22.37 -12.39 53.95
CA PRO H 316 -22.60 -13.16 52.73
C PRO H 316 -21.39 -13.94 52.14
N ILE H 317 -21.73 -15.01 51.43
CA ILE H 317 -20.86 -15.72 50.55
C ILE H 317 -21.09 -15.02 49.19
N GLY H 318 -20.03 -14.35 48.71
CA GLY H 318 -19.99 -13.69 47.40
C GLY H 318 -20.21 -14.67 46.22
N ALA H 319 -20.95 -14.24 45.21
CA ALA H 319 -21.13 -15.01 43.97
C ALA H 319 -19.84 -15.13 43.18
N ARG H 320 -18.83 -14.33 43.52
CA ARG H 320 -17.48 -14.60 43.06
C ARG H 320 -16.51 -14.68 44.23
N GLY H 321 -17.05 -15.03 45.41
CA GLY H 321 -16.24 -15.15 46.64
C GLY H 321 -15.38 -13.89 46.91
N LEU H 322 -14.11 -14.09 47.20
CA LEU H 322 -13.23 -12.97 47.42
C LEU H 322 -12.11 -13.00 46.36
N SER H 323 -12.45 -13.54 45.19
CA SER H 323 -11.46 -13.81 44.14
C SER H 323 -11.05 -12.47 43.52
N CYS H 324 -12.01 -11.56 43.46
CA CYS H 324 -11.85 -10.21 42.94
C CYS H 324 -13.16 -9.52 43.32
N GLN H 325 -13.28 -8.27 42.90
CA GLN H 325 -14.40 -7.43 43.30
C GLN H 325 -15.72 -7.74 42.61
N ALA H 326 -15.67 -8.54 41.54
CA ALA H 326 -16.86 -8.86 40.73
C ALA H 326 -17.91 -9.43 41.62
N TYR H 327 -19.17 -9.05 41.35
CA TYR H 327 -20.33 -9.53 42.07
C TYR H 327 -20.36 -9.06 43.55
N GLN H 328 -19.53 -8.03 43.78
CA GLN H 328 -19.64 -7.16 44.92
C GLN H 328 -19.49 -7.83 46.26
N GLY H 329 -18.89 -9.02 46.28
CA GLY H 329 -18.63 -9.70 47.57
C GLY H 329 -19.92 -10.10 48.27
N ALA H 330 -20.99 -10.24 47.48
CA ALA H 330 -22.35 -10.17 47.98
C ALA H 330 -23.15 -11.45 47.75
N ALA H 331 -24.12 -11.71 48.64
CA ALA H 331 -25.00 -12.91 48.47
C ALA H 331 -26.05 -12.71 47.37
N PHE H 332 -26.13 -13.67 46.44
CA PHE H 332 -27.21 -13.80 45.45
C PHE H 332 -28.00 -15.07 45.89
N TRP H 333 -29.00 -15.46 45.11
CA TRP H 333 -29.75 -16.65 45.44
C TRP H 333 -28.89 -17.89 45.38
N ASP H 334 -27.79 -17.80 44.60
CA ASP H 334 -26.60 -18.73 44.68
C ASP H 334 -26.27 -19.22 46.08
N GLN H 335 -26.24 -18.31 47.05
CA GLN H 335 -25.83 -18.62 48.42
C GLN H 335 -26.65 -19.77 49.05
N GLU H 336 -27.99 -19.61 49.02
CA GLU H 336 -28.87 -20.63 49.64
C GLU H 336 -28.97 -21.81 48.73
N ILE H 337 -29.09 -21.57 47.42
CA ILE H 337 -29.43 -22.67 46.52
C ILE H 337 -28.23 -23.46 46.01
N TYR H 338 -27.04 -22.83 45.95
CA TYR H 338 -25.83 -23.54 45.46
C TYR H 338 -24.77 -23.80 46.57
N ASN H 339 -24.46 -22.82 47.39
CA ASN H 339 -23.46 -23.04 48.41
C ASN H 339 -23.95 -23.73 49.67
N MET H 340 -25.13 -23.35 50.15
CA MET H 340 -25.67 -23.88 51.41
C MET H 340 -25.73 -25.40 51.58
N PRO H 341 -26.22 -26.12 50.54
CA PRO H 341 -26.44 -27.55 50.76
C PRO H 341 -25.23 -28.30 51.30
N MET H 342 -24.02 -28.05 50.74
CA MET H 342 -22.83 -28.76 51.22
C MET H 342 -22.75 -28.60 52.76
N TYR H 343 -23.02 -27.37 53.22
CA TYR H 343 -22.93 -27.07 54.64
C TYR H 343 -24.09 -27.69 55.41
N LEU H 344 -25.28 -27.65 54.82
CA LEU H 344 -26.44 -28.26 55.45
C LEU H 344 -26.19 -29.74 55.85
N TYR H 345 -25.50 -30.48 54.97
CA TYR H 345 -25.29 -31.87 55.19
C TYR H 345 -23.97 -32.20 55.85
N SER H 346 -22.99 -31.31 55.77
CA SER H 346 -21.66 -31.64 56.32
C SER H 346 -21.34 -30.85 57.57
N ASN H 347 -22.07 -29.75 57.79
CA ASN H 347 -21.72 -28.90 58.93
C ASN H 347 -22.81 -27.90 59.17
N PRO H 348 -23.93 -28.39 59.74
CA PRO H 348 -25.24 -27.72 59.75
C PRO H 348 -25.27 -26.32 60.38
N GLU H 349 -24.38 -26.06 61.35
CA GLU H 349 -24.28 -24.71 61.99
C GLU H 349 -24.00 -23.57 60.96
N ILE H 350 -23.15 -23.84 60.00
CA ILE H 350 -22.84 -22.87 58.96
C ILE H 350 -24.13 -22.62 58.17
N ALA H 351 -24.88 -23.68 57.87
CA ALA H 351 -26.23 -23.51 57.23
C ALA H 351 -27.19 -22.67 58.07
N ARG H 352 -27.29 -23.00 59.38
CA ARG H 352 -27.98 -22.11 60.32
C ARG H 352 -27.50 -20.67 60.14
N ASN H 353 -26.19 -20.51 60.14
CA ASN H 353 -25.57 -19.16 60.04
C ASN H 353 -25.86 -18.39 58.74
N ILE H 354 -25.85 -19.11 57.63
CA ILE H 354 -26.29 -18.56 56.36
C ILE H 354 -27.72 -18.03 56.51
N LEU H 355 -28.59 -18.82 57.13
CA LEU H 355 -29.99 -18.39 57.33
C LEU H 355 -30.14 -17.26 58.39
N LYS H 356 -29.29 -17.25 59.44
CA LYS H 356 -29.39 -16.13 60.41
C LYS H 356 -29.02 -14.82 59.73
N TYR H 357 -28.11 -14.89 58.74
CA TYR H 357 -27.67 -13.69 57.98
C TYR H 357 -28.88 -13.13 57.23
N ARG H 358 -29.65 -14.02 56.61
CA ARG H 358 -30.93 -13.61 56.00
C ARG H 358 -31.95 -13.09 57.04
N HIS H 359 -32.00 -13.67 58.24
CA HIS H 359 -32.79 -13.05 59.31
C HIS H 359 -32.26 -11.68 59.61
N ARG H 360 -30.99 -11.60 60.01
CA ARG H 360 -30.35 -10.32 60.37
C ARG H 360 -30.54 -9.25 59.30
N THR H 361 -30.87 -9.64 58.07
CA THR H 361 -30.99 -8.68 56.97
C THR H 361 -32.45 -8.52 56.51
N LEU H 362 -33.37 -9.11 57.30
CA LEU H 362 -34.82 -8.96 57.04
C LEU H 362 -35.20 -7.53 56.73
N ASP H 363 -34.71 -6.62 57.58
CA ASP H 363 -34.96 -5.23 57.39
C ASP H 363 -34.62 -4.73 55.99
N GLY H 364 -33.51 -5.17 55.40
CA GLY H 364 -33.19 -4.63 54.08
C GLY H 364 -34.21 -5.14 53.06
N ALA H 365 -34.61 -6.41 53.20
CA ALA H 365 -35.64 -7.02 52.38
C ALA H 365 -37.00 -6.28 52.49
N ARG H 366 -37.30 -5.79 53.70
CA ARG H 366 -38.55 -5.05 54.00
C ARG H 366 -38.50 -3.68 53.33
N ARG H 367 -37.34 -3.01 53.40
CA ARG H 367 -37.13 -1.71 52.74
C ARG H 367 -37.26 -1.88 51.24
N LYS H 368 -36.64 -2.93 50.68
CA LYS H 368 -36.83 -3.20 49.24
C LYS H 368 -38.31 -3.33 48.85
N ALA H 369 -39.04 -4.27 49.50
CA ALA H 369 -40.50 -4.45 49.32
C ALA H 369 -41.22 -3.09 49.30
N LYS H 370 -41.04 -2.32 50.38
CA LYS H 370 -41.67 -1.03 50.59
C LYS H 370 -41.40 -0.08 49.43
N ARG H 371 -40.10 0.10 49.14
CA ARG H 371 -39.60 0.92 48.03
C ARG H 371 -40.35 0.60 46.73
N LEU H 372 -40.57 -0.68 46.47
CA LEU H 372 -41.26 -1.16 45.25
C LEU H 372 -42.80 -1.24 45.36
N GLY H 373 -43.36 -0.78 46.48
CA GLY H 373 -44.82 -0.74 46.68
C GLY H 373 -45.38 -2.11 47.06
N TYR H 374 -44.54 -2.98 47.63
CA TYR H 374 -44.92 -4.31 48.09
C TYR H 374 -44.96 -4.35 49.62
N GLU H 375 -45.30 -5.50 50.20
CA GLU H 375 -45.27 -5.62 51.65
C GLU H 375 -44.39 -6.80 51.89
N GLY H 376 -44.04 -7.11 53.13
CA GLY H 376 -43.31 -8.32 53.45
C GLY H 376 -41.84 -8.17 53.07
N ALA H 377 -41.20 -9.27 52.72
CA ALA H 377 -39.75 -9.30 52.56
C ALA H 377 -39.43 -9.67 51.13
N TYR H 378 -39.09 -8.67 50.30
CA TYR H 378 -38.48 -8.88 48.96
C TYR H 378 -36.97 -8.79 49.12
N TYR H 379 -36.35 -9.91 49.44
CA TYR H 379 -34.90 -9.90 49.57
C TYR H 379 -34.18 -9.24 48.36
N ALA H 380 -33.01 -8.66 48.64
CA ALA H 380 -32.05 -8.14 47.65
C ALA H 380 -31.63 -9.21 46.64
N TRP H 381 -31.53 -8.79 45.38
CA TRP H 381 -30.91 -9.61 44.35
C TRP H 381 -29.43 -9.84 44.70
N ILE H 382 -28.80 -8.75 45.12
CA ILE H 382 -27.36 -8.67 45.48
C ILE H 382 -27.25 -8.12 46.90
N SER H 383 -26.91 -8.96 47.87
CA SER H 383 -27.04 -8.61 49.28
C SER H 383 -25.71 -8.39 50.02
N GLY H 384 -25.56 -7.22 50.62
CA GLY H 384 -24.30 -6.87 51.24
C GLY H 384 -24.35 -6.98 52.74
N LYS H 385 -23.96 -5.88 53.39
CA LYS H 385 -23.96 -5.74 54.83
C LYS H 385 -25.37 -5.74 55.44
N THR H 386 -26.30 -4.93 54.88
CA THR H 386 -27.61 -4.66 55.47
C THR H 386 -28.76 -5.38 54.79
N GLY H 387 -28.59 -5.74 53.53
CA GLY H 387 -29.63 -6.44 52.85
C GLY H 387 -30.43 -5.49 52.00
N ASP H 388 -30.10 -4.21 52.07
CA ASP H 388 -30.60 -3.28 51.07
C ASP H 388 -30.00 -3.70 49.74
N GLU H 389 -30.79 -3.49 48.69
CA GLU H 389 -30.38 -3.82 47.35
C GLU H 389 -29.03 -3.15 46.87
N LEU H 390 -28.03 -3.96 46.50
CA LEU H 390 -26.79 -3.39 45.88
C LEU H 390 -26.78 -3.53 44.37
N CYS H 391 -27.74 -4.25 43.79
CA CYS H 391 -27.82 -4.43 42.34
C CYS H 391 -28.37 -3.17 41.67
N PRO H 392 -27.54 -2.47 40.84
CA PRO H 392 -28.06 -1.27 40.13
C PRO H 392 -29.17 -1.63 39.14
N ASP H 393 -29.94 -0.62 38.74
CA ASP H 393 -30.94 -0.75 37.65
C ASP H 393 -30.33 -0.99 36.31
N PHE H 394 -29.19 -0.33 36.08
CA PHE H 394 -28.42 -0.46 34.83
C PHE H 394 -27.21 -1.29 35.14
N PHE H 395 -27.31 -2.57 34.80
CA PHE H 395 -26.26 -3.52 35.12
C PHE H 395 -25.30 -3.58 33.95
N PHE H 396 -25.86 -3.50 32.75
CA PHE H 396 -25.14 -3.68 31.49
C PHE H 396 -25.28 -2.48 30.55
N LYS H 397 -24.48 -2.49 29.48
CA LYS H 397 -24.60 -1.52 28.40
C LYS H 397 -25.05 -2.21 27.12
N ASP H 398 -25.76 -1.48 26.26
CA ASP H 398 -25.88 -1.87 24.85
C ASP H 398 -24.53 -1.58 24.16
N VAL H 399 -23.67 -2.59 24.03
CA VAL H 399 -22.38 -2.36 23.40
C VAL H 399 -22.45 -2.01 21.90
N LEU H 400 -23.66 -2.00 21.34
CA LEU H 400 -23.86 -1.61 19.94
C LEU H 400 -24.08 -0.14 19.80
N SER H 401 -24.38 0.53 20.89
CA SER H 401 -24.67 1.94 20.87
C SER H 401 -23.93 2.66 21.96
N GLY H 402 -23.31 1.93 22.89
CA GLY H 402 -22.71 2.55 24.07
C GLY H 402 -23.69 3.03 25.14
N ARG H 403 -24.99 2.80 24.95
CA ARG H 403 -25.95 3.27 25.96
C ARG H 403 -26.11 2.28 27.12
N ASP H 404 -26.42 2.76 28.32
CA ASP H 404 -27.07 1.87 29.33
C ASP H 404 -28.32 1.17 28.83
N ILE H 405 -28.51 -0.08 29.25
CA ILE H 405 -29.81 -0.76 29.15
C ILE H 405 -30.37 -0.99 30.57
N ARG H 406 -31.69 -1.14 30.71
CA ARG H 406 -32.27 -1.45 32.02
C ARG H 406 -32.53 -2.94 32.08
N ASN H 407 -32.05 -3.62 33.11
CA ASN H 407 -32.46 -5.03 33.31
C ASN H 407 -33.12 -5.14 34.64
N HIS H 408 -34.05 -6.07 34.76
CA HIS H 408 -34.86 -6.13 35.98
C HIS H 408 -34.42 -7.17 36.98
N PHE H 409 -33.14 -7.50 36.92
CA PHE H 409 -32.53 -8.30 37.96
C PHE H 409 -32.96 -7.89 39.38
N ASN H 410 -32.96 -6.59 39.65
CA ASN H 410 -33.22 -6.10 41.00
C ASN H 410 -34.70 -5.94 41.47
N ASP H 411 -35.66 -6.06 40.53
CA ASP H 411 -37.05 -5.80 40.84
C ASP H 411 -38.14 -6.64 40.18
N TRP H 412 -37.82 -7.48 39.21
CA TRP H 412 -38.76 -8.51 38.77
C TRP H 412 -38.34 -9.92 39.12
N GLN H 413 -37.07 -10.13 39.46
CA GLN H 413 -36.62 -11.52 39.66
C GLN H 413 -36.99 -11.89 41.10
N ILE H 414 -38.28 -12.17 41.28
CA ILE H 414 -38.83 -12.25 42.64
C ILE H 414 -38.52 -13.56 43.35
N HIS H 415 -38.12 -14.57 42.60
CA HIS H 415 -37.90 -15.85 43.21
C HIS H 415 -36.87 -15.90 44.33
N ILE H 416 -35.95 -14.95 44.39
CA ILE H 416 -34.99 -14.87 45.50
C ILE H 416 -35.72 -15.05 46.87
N SER H 417 -36.83 -14.33 47.06
CA SER H 417 -37.64 -14.40 48.28
C SER H 417 -38.16 -15.81 48.58
N PRO H 418 -39.00 -16.40 47.68
CA PRO H 418 -39.40 -17.77 47.97
C PRO H 418 -38.21 -18.79 48.01
N ASP H 419 -37.10 -18.48 47.34
CA ASP H 419 -35.89 -19.31 47.45
C ASP H 419 -35.34 -19.35 48.88
N ILE H 420 -35.41 -18.22 49.57
CA ILE H 420 -34.94 -18.14 50.96
C ILE H 420 -35.89 -18.93 51.92
N ALA H 421 -37.20 -18.76 51.70
CA ALA H 421 -38.20 -19.54 52.40
C ALA H 421 -37.99 -21.04 52.21
N TYR H 422 -37.70 -21.42 50.95
CA TYR H 422 -37.40 -22.79 50.61
C TYR H 422 -36.23 -23.36 51.45
N ALA H 423 -35.15 -22.57 51.52
CA ALA H 423 -33.92 -22.97 52.21
C ALA H 423 -34.15 -23.09 53.71
N VAL H 424 -34.93 -22.14 54.26
CA VAL H 424 -35.40 -22.21 55.69
C VAL H 424 -36.13 -23.56 56.00
N LYS H 425 -37.06 -23.95 55.12
CA LYS H 425 -37.84 -25.15 55.36
C LYS H 425 -37.01 -26.41 55.22
N LYS H 426 -36.14 -26.43 54.21
CA LYS H 426 -35.29 -27.58 54.00
C LYS H 426 -34.31 -27.75 55.15
N TYR H 427 -33.78 -26.64 55.62
CA TYR H 427 -32.91 -26.63 56.77
C TYR H 427 -33.61 -27.30 57.97
N HIS H 428 -34.85 -26.86 58.20
CA HIS H 428 -35.67 -27.42 59.27
C HIS H 428 -35.89 -28.89 59.04
N GLN H 429 -36.43 -29.26 57.87
CA GLN H 429 -36.57 -30.66 57.50
C GLN H 429 -35.31 -31.48 57.79
N VAL H 430 -34.17 -30.99 57.30
CA VAL H 430 -32.99 -31.81 57.39
C VAL H 430 -32.45 -31.89 58.81
N THR H 431 -32.44 -30.79 59.55
CA THR H 431 -31.74 -30.80 60.84
C THR H 431 -32.68 -31.18 61.98
N GLY H 432 -33.99 -30.95 61.81
CA GLY H 432 -34.96 -30.99 62.92
C GLY H 432 -34.80 -29.85 63.94
N ASP H 433 -34.09 -28.80 63.55
CA ASP H 433 -33.87 -27.64 64.45
C ASP H 433 -35.14 -26.75 64.64
N ASP H 434 -36.00 -27.15 65.58
CA ASP H 434 -37.26 -26.43 65.82
C ASP H 434 -37.03 -25.05 66.43
N ALA H 435 -36.06 -24.95 67.34
CA ALA H 435 -35.65 -23.66 67.94
C ALA H 435 -35.34 -22.61 66.90
N PHE H 436 -34.62 -22.99 65.84
CA PHE H 436 -34.38 -22.02 64.76
C PHE H 436 -35.69 -21.47 64.14
N ILE H 437 -36.63 -22.37 63.88
CA ILE H 437 -37.85 -22.00 63.24
C ILE H 437 -38.57 -21.07 64.16
N ARG H 438 -38.64 -21.46 65.44
CA ARG H 438 -39.35 -20.67 66.44
C ARG H 438 -38.69 -19.30 66.49
N ASP H 439 -37.36 -19.28 66.59
CA ASP H 439 -36.67 -18.01 66.82
C ASP H 439 -36.46 -17.10 65.61
N TYR H 440 -36.41 -17.65 64.39
CA TYR H 440 -36.06 -16.84 63.18
C TYR H 440 -36.86 -17.26 61.97
N GLY H 441 -36.83 -18.57 61.71
CA GLY H 441 -37.42 -19.17 60.53
C GLY H 441 -38.83 -18.75 60.21
N ALA H 442 -39.69 -18.80 61.24
CA ALA H 442 -41.09 -18.61 61.04
C ALA H 442 -41.33 -17.18 60.64
N GLU H 443 -40.58 -16.27 61.25
CA GLU H 443 -40.66 -14.86 60.91
C GLU H 443 -40.30 -14.59 59.47
N MET H 444 -39.29 -15.30 58.96
CA MET H 444 -38.79 -15.07 57.59
C MET H 444 -39.83 -15.59 56.63
N ILE H 445 -40.24 -16.82 56.87
CA ILE H 445 -41.23 -17.47 55.99
C ILE H 445 -42.52 -16.65 55.92
N PHE H 446 -42.95 -16.04 57.05
CA PHE H 446 -44.23 -15.27 57.06
C PHE H 446 -44.07 -13.94 56.29
N GLU H 447 -42.97 -13.22 56.56
CA GLU H 447 -42.68 -12.01 55.79
C GLU H 447 -42.55 -12.25 54.25
N ILE H 448 -41.98 -13.40 53.90
CA ILE H 448 -41.89 -13.76 52.50
C ILE H 448 -43.26 -14.11 51.89
N ALA H 449 -44.05 -14.84 52.65
CA ALA H 449 -45.37 -15.26 52.19
C ALA H 449 -46.23 -14.02 51.90
N ARG H 450 -46.15 -13.04 52.81
CA ARG H 450 -46.74 -11.71 52.68
C ARG H 450 -46.29 -11.02 51.42
N PHE H 451 -44.98 -11.01 51.20
CA PHE H 451 -44.47 -10.35 50.01
C PHE H 451 -45.17 -10.98 48.79
N LEU H 452 -45.15 -12.33 48.76
CA LEU H 452 -45.76 -13.08 47.67
C LEU H 452 -47.22 -12.70 47.48
N ALA H 453 -47.96 -12.61 48.58
CA ALA H 453 -49.37 -12.20 48.52
C ALA H 453 -49.50 -10.78 48.01
N SER H 454 -48.50 -9.92 48.30
CA SER H 454 -48.58 -8.56 47.80
C SER H 454 -48.17 -8.44 46.33
N HIS H 455 -47.55 -9.48 45.76
CA HIS H 455 -47.10 -9.42 44.33
C HIS H 455 -48.17 -9.93 43.45
N ALA H 456 -48.75 -11.05 43.88
CA ALA H 456 -49.77 -11.81 43.18
C ALA H 456 -50.86 -10.95 42.64
N VAL H 457 -51.36 -11.31 41.48
CA VAL H 457 -52.52 -10.60 40.98
C VAL H 457 -53.63 -11.64 41.01
N TYR H 458 -54.84 -11.20 41.35
CA TYR H 458 -56.02 -12.04 41.22
C TYR H 458 -56.74 -11.69 39.92
N LYS H 459 -57.04 -12.72 39.12
CA LYS H 459 -57.69 -12.60 37.81
C LYS H 459 -59.16 -13.05 37.95
N PRO H 460 -60.07 -12.14 38.30
CA PRO H 460 -61.46 -12.53 38.63
C PRO H 460 -62.21 -13.34 37.56
N MET H 461 -62.02 -13.05 36.27
CA MET H 461 -62.67 -13.86 35.24
C MET H 461 -62.01 -15.22 34.99
N ARG H 462 -60.83 -15.47 35.56
CA ARG H 462 -60.25 -16.83 35.51
C ARG H 462 -60.40 -17.55 36.85
N GLY H 463 -60.85 -16.82 37.88
CA GLY H 463 -60.96 -17.34 39.23
C GLY H 463 -59.63 -17.81 39.83
N ARG H 464 -58.51 -17.19 39.47
CA ARG H 464 -57.22 -17.63 40.04
C ARG H 464 -56.24 -16.51 40.32
N TYR H 465 -55.26 -16.83 41.17
CA TYR H 465 -54.12 -15.96 41.39
C TYR H 465 -53.07 -16.29 40.34
N GLU H 466 -52.28 -15.28 39.96
CA GLU H 466 -51.16 -15.44 39.02
C GLU H 466 -49.98 -14.60 39.51
N PHE H 467 -48.78 -14.89 38.98
CA PHE H 467 -47.57 -14.09 39.24
C PHE H 467 -47.03 -13.46 37.93
N MET H 468 -47.29 -12.17 37.75
CA MET H 468 -47.07 -11.57 36.42
C MET H 468 -45.79 -10.73 36.47
N ARG H 469 -45.23 -10.50 35.26
CA ARG H 469 -44.08 -9.60 35.04
C ARG H 469 -42.88 -9.95 35.93
N VAL H 470 -42.33 -11.14 35.76
CA VAL H 470 -41.19 -11.56 36.58
C VAL H 470 -40.06 -11.98 35.66
N GLN H 471 -39.00 -12.51 36.30
CA GLN H 471 -37.85 -13.07 35.62
C GLN H 471 -37.47 -14.35 36.35
N GLY H 472 -37.42 -15.45 35.62
CA GLY H 472 -37.01 -16.72 36.24
C GLY H 472 -35.49 -16.92 36.26
N PRO H 473 -35.03 -18.08 36.79
CA PRO H 473 -33.60 -18.38 36.69
C PRO H 473 -33.04 -18.21 35.26
N ASP H 474 -33.82 -18.51 34.20
CA ASP H 474 -33.42 -18.14 32.86
C ASP H 474 -33.39 -16.62 32.71
N GLN H 475 -32.23 -16.02 32.99
CA GLN H 475 -32.10 -14.56 33.05
C GLN H 475 -32.53 -13.88 31.74
N TYR H 476 -32.38 -14.56 30.62
CA TYR H 476 -32.56 -13.90 29.31
C TYR H 476 -33.98 -13.45 29.02
N HIS H 477 -34.96 -14.01 29.73
CA HIS H 477 -36.34 -13.64 29.44
C HIS H 477 -36.96 -12.88 30.55
N GLU H 478 -37.10 -11.58 30.34
CA GLU H 478 -37.65 -10.68 31.33
C GLU H 478 -39.10 -10.34 30.97
N ASN H 479 -39.89 -9.92 31.98
CA ASN H 479 -41.34 -9.61 31.83
C ASN H 479 -42.10 -10.86 31.35
N VAL H 480 -41.86 -12.00 32.01
CA VAL H 480 -42.62 -13.21 31.73
C VAL H 480 -43.65 -13.45 32.85
N ASP H 481 -44.73 -14.16 32.50
CA ASP H 481 -45.85 -14.45 33.44
C ASP H 481 -45.88 -15.91 33.78
N ASN H 482 -46.18 -16.17 35.05
CA ASN H 482 -46.20 -17.52 35.60
C ASN H 482 -45.01 -18.33 35.15
N ASN H 483 -43.85 -17.76 35.35
CA ASN H 483 -42.67 -18.59 35.33
C ASN H 483 -42.96 -19.84 36.22
N ALA H 484 -42.79 -21.03 35.69
CA ALA H 484 -43.19 -22.21 36.44
C ALA H 484 -42.34 -22.36 37.69
N PHE H 485 -41.03 -22.14 37.58
CA PHE H 485 -40.18 -22.19 38.76
C PHE H 485 -40.72 -21.26 39.88
N THR H 486 -41.08 -20.04 39.53
CA THR H 486 -41.47 -19.03 40.49
C THR H 486 -42.82 -19.36 41.16
N ASN H 487 -43.80 -19.81 40.37
CA ASN H 487 -45.12 -20.19 40.90
C ASN H 487 -44.98 -21.40 41.85
N HIS H 488 -44.20 -22.40 41.48
CA HIS H 488 -44.00 -23.54 42.36
C HIS H 488 -43.34 -23.15 43.65
N GLN H 489 -42.31 -22.33 43.57
CA GLN H 489 -41.65 -21.80 44.75
C GLN H 489 -42.58 -20.98 45.62
N ALA H 490 -43.52 -20.27 45.00
CA ALA H 490 -44.46 -19.42 45.76
C ALA H 490 -45.42 -20.32 46.56
N MET H 491 -45.94 -21.34 45.90
CA MET H 491 -46.76 -22.33 46.54
C MET H 491 -46.02 -22.97 47.71
N PHE H 492 -44.75 -23.35 47.50
CA PHE H 492 -43.99 -24.04 48.54
C PHE H 492 -43.91 -23.16 49.81
N THR H 493 -43.68 -21.87 49.60
CA THR H 493 -43.70 -20.90 50.65
C THR H 493 -45.04 -20.78 51.38
N LEU H 494 -46.13 -20.54 50.63
CA LEU H 494 -47.47 -20.49 51.20
C LEU H 494 -47.75 -21.75 52.01
N GLN H 495 -47.42 -22.90 51.44
CA GLN H 495 -47.66 -24.13 52.16
C GLN H 495 -46.74 -24.38 53.39
N ALA H 496 -45.53 -23.82 53.42
CA ALA H 496 -44.68 -23.85 54.62
C ALA H 496 -45.22 -22.85 55.68
N ALA H 497 -45.75 -21.72 55.22
CA ALA H 497 -46.36 -20.76 56.10
C ALA H 497 -47.59 -21.36 56.86
N ASP H 498 -48.42 -22.07 56.12
CA ASP H 498 -49.63 -22.63 56.60
C ASP H 498 -49.35 -23.78 57.56
N GLU H 499 -48.42 -24.65 57.19
CA GLU H 499 -47.92 -25.68 58.07
C GLU H 499 -47.55 -25.09 59.43
N LEU H 500 -46.82 -23.98 59.44
CA LEU H 500 -46.30 -23.46 60.71
C LEU H 500 -47.44 -22.86 61.47
N LEU H 501 -48.27 -22.05 60.79
CA LEU H 501 -49.53 -21.62 61.37
C LEU H 501 -50.33 -22.77 62.10
N GLN H 502 -50.13 -24.03 61.74
CA GLN H 502 -50.99 -25.11 62.19
C GLN H 502 -50.28 -26.04 63.15
N THR H 503 -49.01 -25.74 63.34
CA THR H 503 -48.05 -26.71 63.76
C THR H 503 -47.26 -26.14 64.91
N LEU H 504 -47.06 -24.82 64.89
CA LEU H 504 -46.27 -24.16 65.92
C LEU H 504 -47.07 -24.02 67.20
N ASP H 505 -46.39 -24.04 68.33
CA ASP H 505 -47.06 -23.82 69.60
C ASP H 505 -47.62 -22.38 69.68
N GLU H 506 -48.73 -22.23 70.42
CA GLU H 506 -49.43 -20.94 70.64
C GLU H 506 -48.58 -19.76 71.15
N LYS H 507 -47.57 -20.03 71.97
CA LYS H 507 -46.69 -19.01 72.56
C LYS H 507 -45.87 -18.33 71.44
N THR H 508 -45.04 -19.12 70.74
CA THR H 508 -44.26 -18.63 69.59
C THR H 508 -45.13 -17.99 68.52
N LEU H 509 -46.14 -18.74 68.09
CA LEU H 509 -47.02 -18.30 67.01
C LEU H 509 -47.62 -16.96 67.35
N SER H 510 -47.78 -16.74 68.64
CA SER H 510 -48.35 -15.52 69.15
C SER H 510 -47.35 -14.37 69.15
N ALA H 511 -46.18 -14.60 69.73
CA ALA H 511 -45.05 -13.66 69.63
C ALA H 511 -44.74 -13.24 68.19
N VAL H 512 -44.62 -14.23 67.28
CA VAL H 512 -44.24 -13.98 65.86
C VAL H 512 -45.24 -13.09 65.10
N LYS H 513 -46.53 -13.45 65.22
CA LYS H 513 -47.68 -12.68 64.68
C LYS H 513 -47.70 -11.22 65.15
N GLU H 514 -47.57 -11.04 66.46
CA GLU H 514 -47.46 -9.71 67.04
C GLU H 514 -46.25 -8.99 66.48
N LYS H 515 -45.08 -9.64 66.50
CA LYS H 515 -43.84 -9.02 66.04
C LYS H 515 -44.02 -8.43 64.62
N ILE H 516 -44.69 -9.16 63.73
CA ILE H 516 -44.86 -8.62 62.40
C ILE H 516 -46.22 -8.05 62.01
N GLY H 517 -47.17 -8.00 62.96
CA GLY H 517 -48.52 -7.51 62.62
C GLY H 517 -49.26 -8.42 61.66
N LEU H 518 -49.03 -9.73 61.74
CA LEU H 518 -49.74 -10.67 60.90
C LEU H 518 -51.23 -10.84 61.29
N SER H 519 -52.09 -10.48 60.34
CA SER H 519 -53.53 -10.40 60.56
C SER H 519 -54.26 -11.65 60.04
N ASP H 520 -55.47 -11.86 60.57
CA ASP H 520 -56.30 -12.99 60.15
C ASP H 520 -56.72 -12.81 58.68
N ASP H 521 -56.97 -11.58 58.28
CA ASP H 521 -57.27 -11.30 56.88
C ASP H 521 -56.11 -11.74 55.94
N GLU H 522 -54.86 -11.51 56.33
CA GLU H 522 -53.75 -12.03 55.54
C GLU H 522 -53.74 -13.57 55.48
N ILE H 523 -53.99 -14.23 56.63
CA ILE H 523 -53.95 -15.71 56.66
C ILE H 523 -55.01 -16.31 55.75
N SER H 524 -56.19 -15.68 55.69
CA SER H 524 -57.25 -16.12 54.76
C SER H 524 -56.84 -15.93 53.30
N LEU H 525 -56.18 -14.79 53.01
CA LEU H 525 -55.60 -14.56 51.66
C LEU H 525 -54.64 -15.67 51.28
N TRP H 526 -53.71 -16.02 52.18
CA TRP H 526 -52.73 -17.06 51.88
C TRP H 526 -53.39 -18.38 51.59
N ARG H 527 -54.47 -18.68 52.29
CA ARG H 527 -55.10 -19.99 52.10
C ARG H 527 -55.97 -20.04 50.85
N ASP H 528 -56.58 -18.92 50.52
CA ASP H 528 -57.30 -18.77 49.26
C ASP H 528 -56.30 -18.94 48.09
N MET H 529 -55.11 -18.33 48.21
CA MET H 529 -54.03 -18.50 47.22
C MET H 529 -53.57 -19.94 47.18
N LEU H 530 -53.44 -20.57 48.34
CA LEU H 530 -53.14 -22.04 48.34
C LEU H 530 -54.14 -22.85 47.52
N ALA H 531 -55.42 -22.45 47.57
CA ALA H 531 -56.49 -23.20 46.94
C ALA H 531 -56.59 -22.81 45.46
N ASN H 532 -56.33 -21.53 45.12
CA ASN H 532 -56.66 -21.01 43.78
C ASN H 532 -55.54 -20.29 43.02
N THR H 533 -54.29 -20.67 43.25
CA THR H 533 -53.20 -20.11 42.46
C THR H 533 -52.87 -20.93 41.22
N TYR H 534 -52.74 -20.25 40.11
CA TYR H 534 -52.26 -20.89 38.90
C TYR H 534 -50.80 -21.39 39.07
N VAL H 535 -50.61 -22.67 38.87
CA VAL H 535 -49.30 -23.27 38.89
C VAL H 535 -49.14 -24.02 37.56
N PRO H 536 -48.22 -23.59 36.70
CA PRO H 536 -48.02 -24.35 35.44
C PRO H 536 -47.72 -25.85 35.68
N LYS H 537 -48.39 -26.72 34.94
CA LYS H 537 -48.28 -28.17 35.17
C LYS H 537 -48.01 -28.82 33.83
N PRO H 538 -47.52 -30.09 33.84
CA PRO H 538 -47.25 -30.80 32.57
C PRO H 538 -48.44 -30.73 31.58
N ASP H 539 -48.15 -30.41 30.32
CA ASP H 539 -49.23 -30.34 29.31
C ASP H 539 -49.54 -31.74 28.73
N LYS H 540 -50.32 -31.83 27.64
CA LYS H 540 -50.66 -33.15 27.10
C LYS H 540 -49.43 -33.97 26.62
N HIS H 541 -48.35 -33.29 26.24
CA HIS H 541 -47.07 -33.97 25.97
C HIS H 541 -46.24 -34.23 27.19
N GLY H 542 -46.69 -33.76 28.36
CA GLY H 542 -45.96 -33.96 29.60
C GLY H 542 -44.97 -32.85 29.94
N ILE H 543 -44.93 -31.82 29.09
CA ILE H 543 -44.02 -30.67 29.20
C ILE H 543 -44.62 -29.56 30.01
N ILE H 544 -43.84 -29.03 30.94
CA ILE H 544 -44.21 -27.86 31.71
C ILE H 544 -43.65 -26.62 31.01
N GLU H 545 -44.54 -25.67 30.66
CA GLU H 545 -44.12 -24.45 30.00
C GLU H 545 -43.33 -23.49 30.93
N GLN H 546 -42.25 -22.93 30.42
CA GLN H 546 -41.35 -22.23 31.32
C GLN H 546 -42.01 -20.97 31.89
N PHE H 547 -42.69 -20.27 31.00
CA PHE H 547 -43.52 -19.17 31.33
C PHE H 547 -44.65 -19.10 30.28
N ASP H 548 -45.69 -18.29 30.52
CA ASP H 548 -46.75 -18.11 29.52
C ASP H 548 -46.19 -17.60 28.20
N GLY H 549 -46.50 -18.32 27.11
CA GLY H 549 -46.15 -17.87 25.77
C GLY H 549 -44.80 -18.38 25.31
N TYR H 550 -44.07 -19.08 26.21
CA TYR H 550 -42.73 -19.64 25.89
C TYR H 550 -42.77 -20.50 24.63
N TYR H 551 -43.76 -21.39 24.53
CA TYR H 551 -43.90 -22.22 23.34
C TYR H 551 -44.13 -21.41 22.04
N ASP H 552 -44.47 -20.14 22.17
CA ASP H 552 -44.71 -19.30 20.99
C ASP H 552 -43.46 -18.56 20.50
N LEU H 553 -42.37 -18.63 21.28
CA LEU H 553 -41.11 -18.05 20.84
C LEU H 553 -40.38 -18.91 19.76
N GLU H 554 -39.40 -18.35 19.08
CA GLU H 554 -38.66 -19.11 18.04
C GLU H 554 -37.82 -20.31 18.55
N THR H 555 -38.10 -21.51 18.02
CA THR H 555 -37.33 -22.70 18.34
C THR H 555 -36.07 -22.75 17.50
N ILE H 556 -34.93 -22.63 18.19
CA ILE H 556 -33.60 -22.81 17.61
C ILE H 556 -32.89 -23.93 18.37
N ILE H 557 -32.53 -24.98 17.65
CA ILE H 557 -31.92 -26.20 18.17
C ILE H 557 -30.89 -26.65 17.13
N PRO H 558 -29.62 -26.84 17.53
CA PRO H 558 -29.05 -26.60 18.88
C PRO H 558 -29.13 -25.14 19.21
N ALA H 559 -29.32 -24.84 20.48
CA ALA H 559 -29.56 -23.49 20.90
C ALA H 559 -28.38 -22.56 20.55
N LYS H 560 -27.19 -23.15 20.46
CA LYS H 560 -26.01 -22.33 20.16
C LYS H 560 -26.04 -21.63 18.76
N LYS H 561 -26.87 -22.12 17.82
CA LYS H 561 -27.00 -21.43 16.50
C LYS H 561 -27.36 -19.97 16.63
N VAL H 562 -27.96 -19.58 17.76
CA VAL H 562 -28.40 -18.17 17.98
C VAL H 562 -27.24 -17.16 17.98
N THR H 563 -26.05 -17.61 18.39
CA THR H 563 -24.86 -16.78 18.41
C THR H 563 -24.43 -16.31 17.01
N GLU H 564 -24.80 -17.07 15.97
CA GLU H 564 -24.67 -16.58 14.56
C GLU H 564 -25.35 -15.24 14.33
N ARG H 565 -26.26 -14.83 15.23
CA ARG H 565 -26.93 -13.53 15.08
C ARG H 565 -26.22 -12.40 15.80
N LEU H 566 -25.14 -12.68 16.49
CA LEU H 566 -24.45 -11.59 17.18
C LEU H 566 -23.79 -10.60 16.20
N ILE H 567 -23.72 -9.33 16.58
CA ILE H 567 -22.92 -8.34 15.84
C ILE H 567 -21.60 -8.09 16.56
N LYS H 568 -21.64 -7.87 17.88
CA LYS H 568 -20.42 -7.87 18.71
C LYS H 568 -20.45 -9.05 19.67
N GLU H 569 -19.28 -9.64 19.95
CA GLU H 569 -19.25 -10.90 20.69
C GLU H 569 -19.58 -10.70 22.16
N ASP H 570 -19.33 -9.49 22.65
CA ASP H 570 -19.58 -9.17 24.05
C ASP H 570 -20.96 -8.48 24.27
N GLU H 571 -21.91 -8.68 23.35
CA GLU H 571 -23.27 -8.19 23.55
C GLU H 571 -23.86 -9.03 24.67
N TYR H 572 -24.62 -8.35 25.52
CA TYR H 572 -25.49 -9.08 26.39
C TYR H 572 -26.52 -9.80 25.52
N TYR H 573 -26.70 -11.09 25.78
CA TYR H 573 -27.60 -11.95 24.99
C TYR H 573 -29.11 -11.78 25.25
N GLY H 574 -29.48 -11.17 26.39
CA GLY H 574 -30.89 -11.12 26.75
C GLY H 574 -31.60 -9.76 26.60
N TYR H 575 -32.58 -9.56 27.45
CA TYR H 575 -33.43 -8.37 27.46
C TYR H 575 -32.61 -7.09 27.42
N PRO H 576 -33.11 -6.03 26.75
CA PRO H 576 -34.40 -5.92 26.02
C PRO H 576 -34.39 -6.41 24.59
N ASN H 577 -33.23 -6.38 23.92
CA ASN H 577 -33.20 -6.78 22.50
C ASN H 577 -32.03 -7.68 22.03
N GLY H 578 -31.39 -8.36 23.00
CA GLY H 578 -30.34 -9.35 22.73
C GLY H 578 -30.93 -10.50 21.93
N VAL H 579 -30.09 -11.31 21.34
CA VAL H 579 -30.55 -12.28 20.36
C VAL H 579 -31.37 -13.40 20.91
N THR H 580 -31.39 -13.58 22.24
CA THR H 580 -32.25 -14.65 22.80
C THR H 580 -33.71 -14.22 22.98
N VAL H 581 -34.00 -12.92 23.01
CA VAL H 581 -35.28 -12.38 23.56
C VAL H 581 -36.51 -13.03 22.94
N ARG H 582 -36.54 -13.15 21.61
CA ARG H 582 -37.72 -13.69 20.95
C ARG H 582 -37.56 -15.14 20.70
N THR H 583 -36.60 -15.80 21.35
CA THR H 583 -36.42 -17.24 21.04
C THR H 583 -36.65 -18.08 22.26
N GLN H 584 -36.72 -19.39 22.03
CA GLN H 584 -36.72 -20.41 23.07
C GLN H 584 -35.36 -20.77 23.72
N CYS H 585 -34.28 -20.08 23.33
CA CYS H 585 -32.93 -20.32 23.87
C CYS H 585 -32.87 -19.76 25.29
N ILE H 586 -32.51 -20.61 26.26
CA ILE H 586 -32.44 -20.22 27.69
C ILE H 586 -30.99 -20.19 28.29
N LYS H 587 -30.67 -19.18 29.10
CA LYS H 587 -29.38 -19.07 29.78
C LYS H 587 -28.99 -20.29 30.63
N GLN H 588 -29.98 -20.93 31.24
CA GLN H 588 -29.67 -21.86 32.33
C GLN H 588 -30.90 -22.61 32.79
N ALA H 589 -30.69 -23.62 33.64
CA ALA H 589 -31.81 -24.41 34.12
C ALA H 589 -32.87 -23.51 34.70
N ASP H 590 -34.13 -23.79 34.36
CA ASP H 590 -35.26 -22.99 34.88
C ASP H 590 -36.29 -24.04 35.29
N VAL H 591 -36.92 -24.67 34.31
CA VAL H 591 -37.84 -25.74 34.60
C VAL H 591 -37.08 -26.91 35.27
N ILE H 592 -35.89 -27.21 34.78
CA ILE H 592 -35.03 -28.25 35.34
C ILE H 592 -34.58 -27.87 36.77
N GLN H 593 -34.43 -26.57 36.99
CA GLN H 593 -34.10 -26.05 38.32
C GLN H 593 -35.16 -26.51 39.34
N LEU H 594 -36.41 -26.47 38.89
CA LEU H 594 -37.56 -26.78 39.66
C LEU H 594 -37.43 -28.17 40.24
N PHE H 595 -37.01 -29.11 39.39
CA PHE H 595 -36.92 -30.53 39.75
C PHE H 595 -35.74 -30.77 40.66
N VAL H 596 -34.70 -29.94 40.59
CA VAL H 596 -33.56 -30.06 41.49
C VAL H 596 -34.03 -29.81 42.91
N LEU H 597 -34.88 -28.79 43.06
CA LEU H 597 -35.35 -28.32 44.34
C LEU H 597 -36.42 -29.23 44.96
N HIS H 598 -37.29 -29.77 44.09
CA HIS H 598 -38.42 -30.59 44.49
C HIS H 598 -38.44 -31.88 43.74
N PRO H 599 -37.50 -32.79 44.03
CA PRO H 599 -37.25 -33.98 43.24
C PRO H 599 -38.37 -35.02 43.32
N HIS H 600 -39.24 -34.89 44.30
CA HIS H 600 -40.31 -35.86 44.44
C HIS H 600 -41.60 -35.34 43.86
N LEU H 601 -41.57 -34.16 43.23
CA LEU H 601 -42.84 -33.56 42.80
C LEU H 601 -43.41 -34.29 41.59
N TYR H 602 -42.63 -34.44 40.53
CA TYR H 602 -43.06 -35.11 39.35
C TYR H 602 -42.43 -36.48 39.19
N ASP H 603 -43.17 -37.37 38.53
CA ASP H 603 -42.65 -38.70 38.19
C ASP H 603 -41.44 -38.65 37.22
N ARG H 604 -40.67 -39.72 37.26
CA ARG H 604 -39.49 -39.91 36.44
C ARG H 604 -39.77 -39.58 34.94
N LYS H 605 -40.87 -40.09 34.40
CA LYS H 605 -41.29 -39.85 33.02
C LYS H 605 -41.43 -38.35 32.68
N THR H 606 -42.28 -37.63 33.42
CA THR H 606 -42.44 -36.20 33.25
C THR H 606 -41.09 -35.46 33.31
N VAL H 607 -40.28 -35.79 34.32
CA VAL H 607 -38.96 -35.18 34.44
C VAL H 607 -38.09 -35.46 33.19
N GLU H 608 -38.06 -36.72 32.73
CA GLU H 608 -37.34 -37.14 31.53
C GLU H 608 -37.79 -36.37 30.29
N LEU H 609 -39.10 -36.40 30.02
CA LEU H 609 -39.70 -35.60 28.94
C LEU H 609 -39.30 -34.09 29.01
N ASN H 610 -39.40 -33.46 30.18
CA ASN H 610 -38.95 -32.09 30.29
C ASN H 610 -37.46 -31.88 30.07
N TYR H 611 -36.65 -32.77 30.64
CA TYR H 611 -35.20 -32.76 30.44
C TYR H 611 -34.97 -32.78 28.94
N GLU H 612 -35.50 -33.79 28.27
CA GLU H 612 -35.28 -33.91 26.81
C GLU H 612 -35.77 -32.69 25.98
N PHE H 613 -36.86 -32.02 26.41
CA PHE H 613 -37.36 -30.85 25.69
C PHE H 613 -36.46 -29.61 25.97
N TYR H 614 -36.03 -29.47 27.21
CA TYR H 614 -35.27 -28.27 27.59
C TYR H 614 -33.77 -28.29 27.37
N GLU H 615 -33.15 -29.43 27.56
CA GLU H 615 -31.70 -29.47 27.47
C GLU H 615 -31.20 -28.91 26.11
N PRO H 616 -31.74 -29.37 24.95
CA PRO H 616 -31.25 -28.84 23.64
C PRO H 616 -31.50 -27.33 23.40
N ARG H 617 -32.34 -26.74 24.23
CA ARG H 617 -32.69 -25.32 24.18
C ARG H 617 -31.85 -24.45 25.11
N THR H 618 -31.04 -25.12 25.93
CA THR H 618 -30.27 -24.43 26.94
C THR H 618 -28.86 -24.13 26.45
N LEU H 619 -28.51 -22.86 26.40
CA LEU H 619 -27.14 -22.44 26.07
C LEU H 619 -26.08 -22.83 27.12
N HIS H 620 -26.51 -23.00 28.37
CA HIS H 620 -25.59 -23.08 29.48
C HIS H 620 -24.60 -21.93 29.50
N PHE H 621 -25.04 -20.70 29.30
CA PHE H 621 -24.12 -19.58 29.43
C PHE H 621 -24.14 -18.97 30.82
N SER H 622 -24.58 -19.71 31.81
CA SER H 622 -24.37 -19.34 33.20
C SER H 622 -23.59 -20.46 33.82
N SER H 623 -22.62 -20.13 34.66
CA SER H 623 -21.91 -21.17 35.43
C SER H 623 -22.83 -22.00 36.35
N LEU H 624 -23.98 -21.41 36.73
CA LEU H 624 -25.10 -22.18 37.38
C LEU H 624 -25.66 -23.36 36.62
N SER H 625 -25.54 -23.36 35.30
CA SER H 625 -26.37 -24.30 34.51
C SER H 625 -26.01 -25.79 34.53
N PRO H 626 -24.78 -26.17 34.12
CA PRO H 626 -24.56 -27.63 33.93
C PRO H 626 -24.82 -28.49 35.19
N SER H 627 -24.54 -27.96 36.37
CA SER H 627 -24.72 -28.75 37.59
C SER H 627 -26.17 -29.07 37.81
N SER H 628 -27.08 -28.16 37.44
CA SER H 628 -28.48 -28.45 37.57
C SER H 628 -28.97 -29.55 36.61
N TYR H 629 -28.50 -29.54 35.34
CA TYR H 629 -28.81 -30.66 34.43
C TYR H 629 -28.17 -31.99 34.83
N ALA H 630 -26.95 -31.93 35.40
CA ALA H 630 -26.28 -33.11 35.87
C ALA H 630 -27.09 -33.71 37.03
N ILE H 631 -27.44 -32.94 38.04
CA ILE H 631 -28.28 -33.48 39.13
C ILE H 631 -29.57 -34.18 38.62
N VAL H 632 -30.25 -33.58 37.64
CA VAL H 632 -31.49 -34.15 37.13
C VAL H 632 -31.18 -35.33 36.22
N ALA H 633 -30.22 -35.18 35.29
CA ALA H 633 -29.80 -36.31 34.45
C ALA H 633 -29.46 -37.55 35.29
N ALA H 634 -28.75 -37.38 36.41
CA ALA H 634 -28.25 -38.53 37.19
C ALA H 634 -29.41 -39.31 37.77
N GLN H 635 -30.46 -38.63 38.20
CA GLN H 635 -31.55 -39.36 38.85
C GLN H 635 -32.64 -39.86 37.90
N ILE H 636 -32.42 -39.74 36.61
CA ILE H 636 -33.37 -40.34 35.67
C ILE H 636 -32.63 -41.29 34.73
N ASP H 637 -31.49 -41.76 35.24
CA ASP H 637 -30.64 -42.72 34.58
C ASP H 637 -30.15 -42.31 33.20
N LYS H 638 -29.75 -41.04 33.10
CA LYS H 638 -28.86 -40.60 32.03
C LYS H 638 -27.51 -40.27 32.71
N VAL H 639 -27.04 -41.24 33.48
CA VAL H 639 -25.75 -41.18 34.16
C VAL H 639 -24.65 -40.55 33.30
N GLU H 640 -24.46 -41.03 32.08
CA GLU H 640 -23.37 -40.54 31.22
C GLU H 640 -23.53 -39.09 30.72
N GLU H 641 -24.77 -38.72 30.47
CA GLU H 641 -25.06 -37.33 30.24
C GLU H 641 -24.84 -36.52 31.55
N ALA H 642 -25.21 -37.10 32.69
CA ALA H 642 -24.99 -36.45 33.98
C ALA H 642 -23.49 -36.17 34.03
N TYR H 643 -22.74 -37.22 33.69
CA TYR H 643 -21.30 -37.15 33.86
C TYR H 643 -20.67 -36.05 32.96
N ARG H 644 -21.13 -35.93 31.71
CA ARG H 644 -20.65 -34.90 30.76
C ARG H 644 -20.93 -33.49 31.29
N ASN H 645 -22.13 -33.29 31.83
CA ASN H 645 -22.43 -32.04 32.55
C ASN H 645 -21.56 -31.83 33.79
N PHE H 646 -21.27 -32.92 34.49
CA PHE H 646 -20.42 -32.87 35.63
C PHE H 646 -19.05 -32.31 35.26
N ARG H 647 -18.49 -32.79 34.14
CA ARG H 647 -17.15 -32.37 33.69
C ARG H 647 -17.20 -30.95 33.20
N LYS H 648 -18.23 -30.58 32.45
CA LYS H 648 -18.44 -29.16 32.16
C LYS H 648 -18.37 -28.32 33.44
N SER H 649 -19.22 -28.66 34.42
CA SER H 649 -19.36 -27.81 35.64
C SER H 649 -18.06 -27.72 36.43
N VAL H 650 -17.44 -28.86 36.73
CA VAL H 650 -16.22 -28.76 37.60
C VAL H 650 -14.99 -28.17 36.93
N MET H 651 -15.04 -27.95 35.61
CA MET H 651 -13.86 -27.47 34.89
C MET H 651 -13.93 -26.00 34.55
N ILE H 652 -15.07 -25.38 34.91
CA ILE H 652 -15.38 -23.99 34.52
C ILE H 652 -14.28 -23.00 34.80
N ASP H 653 -13.74 -23.01 36.00
CA ASP H 653 -12.62 -22.13 36.34
C ASP H 653 -11.29 -22.68 35.88
N LEU H 654 -11.01 -23.94 36.23
CA LEU H 654 -9.70 -24.54 35.94
C LEU H 654 -9.33 -24.47 34.47
N LEU H 655 -10.31 -24.66 33.58
CA LEU H 655 -10.03 -24.67 32.17
C LEU H 655 -10.59 -23.46 31.51
N ASN H 656 -10.78 -22.37 32.27
CA ASN H 656 -11.09 -21.07 31.68
C ASN H 656 -12.17 -21.14 30.57
N THR H 657 -13.23 -21.93 30.82
CA THR H 657 -14.30 -22.21 29.84
C THR H 657 -15.22 -20.99 29.50
N ASN H 658 -15.64 -20.24 30.52
CA ASN H 658 -16.56 -19.07 30.39
C ASN H 658 -15.82 -17.72 30.35
N GLU H 659 -16.35 -16.75 29.58
CA GLU H 659 -15.70 -15.42 29.37
C GLU H 659 -15.68 -14.45 30.59
N ALA H 660 -14.99 -13.31 30.46
CA ALA H 660 -14.74 -12.39 31.59
C ALA H 660 -15.65 -11.14 31.65
N VAL H 661 -16.18 -10.72 30.50
CA VAL H 661 -16.75 -9.40 30.37
C VAL H 661 -17.91 -9.50 29.40
N SER H 662 -19.05 -8.96 29.81
CA SER H 662 -20.26 -8.99 29.00
C SER H 662 -20.96 -7.64 29.12
N GLY H 663 -21.59 -7.15 28.04
CA GLY H 663 -22.33 -5.88 28.12
C GLY H 663 -21.53 -4.75 28.79
N GLY H 664 -20.22 -4.79 28.60
CA GLY H 664 -19.34 -3.78 29.16
C GLY H 664 -19.21 -3.95 30.66
N THR H 665 -19.56 -5.12 31.18
CA THR H 665 -19.48 -5.34 32.63
C THR H 665 -18.59 -6.52 32.97
N PHE H 666 -17.69 -6.31 33.97
CA PHE H 666 -16.78 -7.40 34.40
C PHE H 666 -17.52 -8.45 35.28
N ILE H 667 -17.57 -9.66 34.73
CA ILE H 667 -18.45 -10.76 35.11
C ILE H 667 -17.61 -11.96 35.61
N GLY H 668 -16.28 -11.85 35.55
CA GLY H 668 -15.41 -12.99 35.84
C GLY H 668 -15.09 -13.14 37.31
N GLY H 669 -14.01 -13.88 37.62
CA GLY H 669 -13.67 -14.29 39.00
C GLY H 669 -13.94 -15.76 39.18
N ILE H 670 -13.61 -16.33 40.35
CA ILE H 670 -13.97 -17.74 40.63
C ILE H 670 -15.51 -17.95 40.69
N HIS H 671 -16.02 -19.07 40.17
CA HIS H 671 -17.44 -19.25 40.06
C HIS H 671 -18.00 -19.95 41.29
N THR H 672 -18.37 -19.14 42.27
CA THR H 672 -18.71 -19.61 43.60
C THR H 672 -19.87 -20.60 43.66
N ALA H 673 -20.97 -20.25 42.99
CA ALA H 673 -22.09 -21.17 42.91
C ALA H 673 -21.68 -22.51 42.34
N ALA H 674 -20.97 -22.50 41.21
CA ALA H 674 -20.48 -23.76 40.60
C ALA H 674 -19.57 -24.51 41.56
N ASN H 675 -18.79 -23.76 42.37
CA ASN H 675 -17.88 -24.39 43.33
C ASN H 675 -18.71 -25.21 44.31
N GLY H 676 -19.82 -24.62 44.77
CA GLY H 676 -20.64 -25.24 45.80
C GLY H 676 -21.36 -26.41 45.17
N ALA H 677 -21.83 -26.22 43.93
CA ALA H 677 -22.59 -27.28 43.26
C ALA H 677 -21.79 -28.52 42.93
N SER H 678 -20.46 -28.43 42.91
CA SER H 678 -19.63 -29.62 42.67
C SER H 678 -19.96 -30.71 43.66
N TRP H 679 -20.19 -30.26 44.89
CA TRP H 679 -20.48 -31.15 45.98
C TRP H 679 -21.89 -31.76 45.78
N GLN H 680 -22.87 -30.90 45.45
CA GLN H 680 -24.25 -31.35 45.14
C GLN H 680 -24.29 -32.42 44.08
N MET H 681 -23.47 -32.23 43.03
CA MET H 681 -23.44 -33.18 41.91
C MET H 681 -23.13 -34.60 42.35
N VAL H 682 -22.07 -34.79 43.14
CA VAL H 682 -21.68 -36.11 43.62
C VAL H 682 -22.70 -36.73 44.60
N VAL H 683 -23.18 -35.93 45.55
CA VAL H 683 -23.95 -36.41 46.69
C VAL H 683 -25.46 -36.45 46.44
N ASN H 684 -25.97 -35.29 46.06
CA ASN H 684 -27.38 -35.20 45.71
C ASN H 684 -27.63 -35.81 44.33
N GLY H 685 -26.72 -35.55 43.38
CA GLY H 685 -26.90 -35.95 42.00
C GLY H 685 -26.64 -37.44 41.85
N PHE H 686 -25.38 -37.83 41.71
CA PHE H 686 -25.08 -39.22 41.58
C PHE H 686 -25.64 -40.08 42.73
N GLY H 687 -25.52 -39.59 43.97
CA GLY H 687 -25.81 -40.43 45.10
C GLY H 687 -27.30 -40.40 45.38
N GLY H 688 -27.96 -39.34 44.92
CA GLY H 688 -29.39 -39.26 45.04
C GLY H 688 -29.91 -38.84 46.41
N LEU H 689 -29.05 -38.22 47.24
CA LEU H 689 -29.47 -37.85 48.59
C LEU H 689 -30.52 -36.76 48.55
N SER H 690 -31.61 -36.99 49.27
CA SER H 690 -32.67 -35.99 49.50
C SER H 690 -33.40 -36.36 50.77
N VAL H 691 -34.07 -35.40 51.37
CA VAL H 691 -34.97 -35.67 52.47
C VAL H 691 -36.36 -35.22 51.99
N HIS H 692 -37.26 -36.18 51.82
CA HIS H 692 -38.63 -35.92 51.34
C HIS H 692 -39.55 -35.47 52.46
N GLY H 693 -39.80 -36.32 53.47
CA GLY H 693 -40.62 -35.87 54.60
C GLY H 693 -39.87 -35.91 55.91
N ASP H 694 -40.27 -36.82 56.78
CA ASP H 694 -39.38 -37.28 57.82
C ASP H 694 -38.30 -38.12 57.10
N ASP H 695 -38.62 -38.54 55.87
CA ASP H 695 -37.88 -39.60 55.19
C ASP H 695 -36.66 -39.23 54.32
N ILE H 696 -35.57 -39.97 54.56
CA ILE H 696 -34.26 -39.85 53.88
C ILE H 696 -34.25 -40.72 52.59
N HIS H 697 -33.81 -40.16 51.48
CA HIS H 697 -33.64 -40.96 50.25
C HIS H 697 -32.20 -41.02 49.77
N LEU H 698 -31.80 -42.20 49.28
CA LEU H 698 -30.58 -42.41 48.49
C LEU H 698 -30.92 -43.21 47.24
N SER H 699 -30.26 -42.94 46.12
CA SER H 699 -30.40 -43.78 44.92
C SER H 699 -29.12 -43.70 44.15
N PRO H 700 -28.05 -44.33 44.69
CA PRO H 700 -26.68 -44.19 44.22
C PRO H 700 -26.50 -44.63 42.78
N ARG H 701 -26.07 -43.72 41.91
CA ARG H 701 -25.68 -44.07 40.53
C ARG H 701 -24.16 -43.98 40.44
N LEU H 702 -23.58 -44.51 39.35
CA LEU H 702 -22.13 -44.54 39.19
C LEU H 702 -21.64 -44.33 37.77
N PRO H 703 -21.03 -43.16 37.48
CA PRO H 703 -20.45 -42.87 36.18
C PRO H 703 -19.51 -43.98 35.83
N ASP H 704 -19.45 -44.33 34.56
CA ASP H 704 -18.43 -45.27 34.15
C ASP H 704 -16.98 -44.78 34.41
N ALA H 705 -16.84 -43.46 34.58
CA ALA H 705 -15.53 -42.81 34.75
C ALA H 705 -14.92 -43.07 36.13
N TRP H 706 -15.72 -43.62 37.05
CA TRP H 706 -15.32 -43.88 38.44
C TRP H 706 -15.56 -45.30 38.93
N ASP H 707 -14.66 -45.82 39.77
CA ASP H 707 -14.88 -47.15 40.33
C ASP H 707 -15.63 -47.05 41.64
N GLY H 708 -15.64 -45.87 42.22
CA GLY H 708 -16.52 -45.61 43.37
C GLY H 708 -16.45 -44.15 43.80
N TYR H 709 -17.18 -43.83 44.86
CA TYR H 709 -17.09 -42.51 45.49
C TYR H 709 -17.67 -42.62 46.87
N THR H 710 -17.25 -41.73 47.77
CA THR H 710 -17.64 -41.76 49.20
C THR H 710 -17.86 -40.35 49.68
N PHE H 711 -18.95 -40.17 50.41
CA PHE H 711 -19.27 -38.89 51.00
C PHE H 711 -19.93 -39.10 52.38
N LYS H 712 -19.94 -38.04 53.18
CA LYS H 712 -20.60 -37.97 54.49
C LYS H 712 -21.80 -37.09 54.41
N ALA H 713 -22.82 -37.39 55.21
CA ALA H 713 -24.03 -36.57 55.24
C ALA H 713 -24.72 -36.67 56.61
N ILE H 714 -24.89 -35.51 57.28
CA ILE H 714 -25.55 -35.45 58.56
C ILE H 714 -27.04 -35.20 58.33
N VAL H 715 -27.88 -36.12 58.83
CA VAL H 715 -29.33 -35.94 58.78
C VAL H 715 -29.89 -36.08 60.21
N LYS H 716 -30.65 -35.06 60.62
CA LYS H 716 -31.14 -34.89 61.99
C LYS H 716 -30.12 -35.36 63.03
N GLY H 717 -28.96 -34.69 63.09
CA GLY H 717 -27.91 -34.98 64.10
C GLY H 717 -27.05 -36.21 63.87
N GLN H 718 -27.51 -37.09 62.98
CA GLN H 718 -26.84 -38.35 62.68
C GLN H 718 -25.86 -38.28 61.50
N THR H 719 -24.59 -38.60 61.76
CA THR H 719 -23.55 -38.57 60.73
C THR H 719 -23.46 -39.87 59.92
N LEU H 720 -24.24 -39.92 58.84
CA LEU H 720 -24.16 -41.05 57.90
C LEU H 720 -22.91 -40.95 57.01
N GLU H 721 -22.42 -42.10 56.57
CA GLU H 721 -21.36 -42.20 55.57
C GLU H 721 -21.76 -43.20 54.46
N VAL H 722 -21.72 -42.74 53.22
CA VAL H 722 -22.14 -43.54 52.08
C VAL H 722 -20.93 -43.87 51.23
N ASP H 723 -20.73 -45.15 50.98
CA ASP H 723 -19.65 -45.61 50.08
C ASP H 723 -20.32 -46.39 48.93
N VAL H 724 -20.04 -45.98 47.70
CA VAL H 724 -20.70 -46.49 46.49
C VAL H 724 -19.63 -47.09 45.58
N THR H 725 -19.83 -48.33 45.14
CA THR H 725 -19.06 -48.93 44.04
C THR H 725 -20.01 -49.61 43.04
N LYS H 726 -19.47 -50.07 41.92
CA LYS H 726 -20.25 -50.88 40.97
C LYS H 726 -21.07 -51.91 41.75
N GLU H 727 -20.41 -52.66 42.64
CA GLU H 727 -20.97 -53.87 43.24
C GLU H 727 -21.86 -53.57 44.43
N GLN H 728 -21.62 -52.44 45.07
CA GLN H 728 -22.10 -52.30 46.44
C GLN H 728 -22.27 -50.87 46.93
N ILE H 729 -23.30 -50.67 47.76
CA ILE H 729 -23.51 -49.45 48.54
C ILE H 729 -23.41 -49.76 50.03
N THR H 730 -22.58 -49.01 50.76
CA THR H 730 -22.60 -49.07 52.22
C THR H 730 -22.98 -47.72 52.82
N ILE H 731 -23.97 -47.75 53.71
CA ILE H 731 -24.30 -46.62 54.58
C ILE H 731 -24.00 -46.94 56.03
N THR H 732 -23.09 -46.20 56.64
CA THR H 732 -22.73 -46.38 58.05
C THR H 732 -23.26 -45.20 58.88
N ASN H 733 -23.99 -45.49 59.96
CA ASN H 733 -24.29 -44.48 60.99
C ASN H 733 -23.13 -44.32 61.99
N LYS H 734 -22.32 -43.30 61.75
CA LYS H 734 -21.33 -42.87 62.73
C LYS H 734 -22.05 -41.75 63.43
N SER H 735 -21.61 -41.43 64.63
CA SER H 735 -22.27 -40.45 65.48
C SER H 735 -22.50 -41.23 66.72
N GLU H 736 -22.17 -40.64 67.86
CA GLU H 736 -22.10 -41.38 69.12
C GLU H 736 -23.44 -41.93 69.62
N ASP H 737 -24.50 -41.11 69.65
CA ASP H 737 -25.85 -41.59 70.05
C ASP H 737 -26.78 -41.94 68.86
N ARG H 738 -26.40 -42.99 68.13
CA ARG H 738 -27.20 -43.53 67.02
C ARG H 738 -28.67 -43.69 67.37
N LYS H 739 -29.53 -43.13 66.53
CA LYS H 739 -30.97 -43.34 66.65
C LYS H 739 -31.46 -44.06 65.38
N PRO H 740 -32.62 -44.74 65.45
CA PRO H 740 -33.01 -45.50 64.26
C PRO H 740 -33.37 -44.53 63.14
N LEU H 741 -33.26 -44.94 61.88
CA LEU H 741 -33.45 -43.94 60.81
C LEU H 741 -34.60 -44.18 59.83
N THR H 742 -34.51 -45.24 59.03
CA THR H 742 -35.36 -45.54 57.84
C THR H 742 -34.94 -44.78 56.55
N LEU H 743 -33.99 -45.38 55.86
CA LEU H 743 -33.58 -44.93 54.56
C LEU H 743 -34.58 -45.43 53.53
N HIS H 744 -34.74 -44.67 52.47
CA HIS H 744 -35.28 -45.21 51.23
C HIS H 744 -34.15 -45.34 50.24
N ILE H 745 -33.96 -46.55 49.70
CA ILE H 745 -32.90 -46.84 48.75
C ILE H 745 -33.51 -47.38 47.48
N PHE H 746 -33.51 -46.56 46.43
CA PHE H 746 -34.37 -46.69 45.26
C PHE H 746 -35.83 -46.92 45.68
N GLY H 747 -36.28 -46.19 46.71
CA GLY H 747 -37.68 -46.27 47.13
C GLY H 747 -38.00 -47.30 48.20
N GLU H 748 -37.52 -48.53 47.98
CA GLU H 748 -37.68 -49.63 48.96
C GLU H 748 -37.15 -49.20 50.33
N LYS H 749 -38.07 -48.99 51.28
CA LYS H 749 -37.79 -48.61 52.67
C LYS H 749 -37.08 -49.74 53.42
N SER H 750 -36.38 -49.39 54.50
CA SER H 750 -35.72 -50.35 55.41
C SER H 750 -34.90 -49.55 56.40
N VAL H 751 -35.09 -49.81 57.69
CA VAL H 751 -34.52 -48.99 58.79
C VAL H 751 -33.05 -49.27 59.12
N LEU H 752 -32.20 -48.24 59.07
CA LEU H 752 -30.80 -48.38 59.51
C LEU H 752 -30.79 -48.34 61.02
N ASP H 753 -30.33 -49.43 61.60
CA ASP H 753 -30.57 -49.74 63.01
C ASP H 753 -29.25 -50.02 63.74
N SER H 754 -28.18 -50.17 62.96
CA SER H 754 -26.87 -50.35 63.53
C SER H 754 -25.81 -49.95 62.53
N GLU H 755 -24.53 -50.08 62.92
CA GLU H 755 -23.41 -49.54 62.15
C GLU H 755 -23.67 -49.50 60.65
N ARG H 756 -23.80 -50.66 60.02
CA ARG H 756 -23.93 -50.79 58.56
C ARG H 756 -25.32 -51.25 58.09
N ILE H 757 -25.58 -51.03 56.81
CA ILE H 757 -26.53 -51.81 56.03
C ILE H 757 -25.95 -51.74 54.63
N THR H 758 -25.93 -52.89 53.96
CA THR H 758 -25.36 -53.01 52.61
C THR H 758 -26.42 -53.37 51.56
N LYS H 759 -26.10 -53.22 50.29
CA LYS H 759 -27.08 -53.39 49.22
C LYS H 759 -26.34 -53.60 47.89
N SER H 760 -27.06 -53.64 46.77
CA SER H 760 -26.43 -53.80 45.43
C SER H 760 -26.60 -52.60 44.45
N ARG H 761 -27.44 -52.77 43.43
CA ARG H 761 -27.79 -51.70 42.47
C ARG H 761 -29.29 -51.77 42.08
O4 IFM I . 35.05 28.47 -28.51
C4 IFM I . 33.90 27.71 -28.40
C3 IFM I . 33.82 26.49 -29.34
O3 IFM I . 33.64 26.82 -30.74
C2 IFM I . 32.62 25.65 -28.94
N IFM I . 32.70 25.47 -27.52
C1 IFM I . 32.72 26.62 -26.65
C5 IFM I . 33.97 27.39 -26.96
C6 IFM I . 34.08 28.72 -26.17
O6 IFM I . 32.79 29.31 -26.07
OH2 1PE J . 49.34 17.83 -19.21
C12 1PE J . 48.78 16.52 -19.40
C22 1PE J . 47.29 16.73 -19.67
OH3 1PE J . 47.13 18.02 -20.27
C13 1PE J . 46.11 19.87 -19.27
C23 1PE J . 45.85 18.58 -20.02
OH4 1PE J . 44.96 20.20 -18.52
C14 1PE J . 44.03 19.47 -16.39
C24 1PE J . 45.12 20.32 -17.10
OH5 1PE J . 44.55 18.97 -15.13
C15 1PE J . 45.49 17.17 -13.68
C25 1PE J . 44.67 17.54 -14.95
OH6 1PE J . 46.63 18.04 -13.48
C16 1PE J . 47.61 19.13 -11.46
C26 1PE J . 47.45 17.85 -12.30
OH7 1PE J . 48.64 20.00 -11.96
C1 GOL K . 26.38 28.21 -25.84
O1 GOL K . 27.68 28.07 -26.44
C2 GOL K . 25.86 27.10 -24.96
O2 GOL K . 26.95 26.42 -24.33
C3 GOL K . 24.90 27.68 -23.89
O3 GOL K . 25.44 27.91 -22.56
C1 GOL L . 44.11 44.05 -23.93
O1 GOL L . 42.87 43.99 -23.37
C2 GOL L . 44.45 42.61 -23.73
O2 GOL L . 45.18 42.64 -22.49
C3 GOL L . 43.08 41.90 -23.81
O3 GOL L . 43.29 40.48 -24.09
C1 GOL M . 19.01 30.32 -53.87
O1 GOL M . 17.72 30.57 -53.35
C2 GOL M . 18.99 29.39 -55.06
O2 GOL M . 20.17 28.62 -54.89
C3 GOL M . 17.75 28.48 -55.05
O3 GOL M . 17.32 28.32 -53.69
O1 P6G N . 40.16 40.21 -35.79
C2 P6G N . 39.61 39.68 -37.00
C3 P6G N . 38.95 38.33 -36.76
O4 P6G N . 37.69 38.09 -37.46
C5 P6G N . 37.52 38.71 -38.74
C6 P6G N . 36.09 38.57 -39.12
O7 P6G N . 35.31 39.73 -38.78
C8 P6G N . 34.81 40.33 -39.99
C9 P6G N . 33.75 39.50 -40.69
O10 P6G N . 33.79 39.93 -42.07
C11 P6G N . 32.66 39.57 -42.88
C12 P6G N . 32.27 40.82 -43.70
O13 P6G N . 31.22 40.56 -44.66
C14 P6G N . 31.38 39.44 -45.57
C15 P6G N . 30.40 38.39 -45.18
O16 P6G N . 30.52 37.22 -45.96
C17 P6G N . 29.65 37.10 -47.09
C18 P6G N . 30.32 36.17 -48.09
O19 P6G N . 29.98 36.73 -49.38
C1 GOL O . 5.59 59.33 14.56
O1 GOL O . 6.84 59.47 15.27
C2 GOL O . 5.76 60.39 13.46
O2 GOL O . 6.50 61.52 14.00
C3 GOL O . 6.55 59.71 12.34
O3 GOL O . 7.95 59.74 12.73
C1 GOL P . 26.78 57.19 -21.69
O1 GOL P . 27.40 57.68 -20.49
C2 GOL P . 26.13 58.23 -22.59
O2 GOL P . 27.08 58.58 -23.58
C3 GOL P . 24.92 57.60 -23.26
O3 GOL P . 23.71 58.17 -22.71
C1 GOL Q . 32.82 27.69 4.07
O1 GOL Q . 32.24 27.80 2.74
C2 GOL Q . 34.13 28.51 4.10
O2 GOL Q . 33.93 29.74 4.84
C3 GOL Q . 34.59 28.78 2.66
O3 GOL Q . 35.75 29.60 2.71
C1 GOL R . 34.54 24.42 -15.65
O1 GOL R . 33.60 24.17 -14.59
C2 GOL R . 33.65 24.54 -16.90
O2 GOL R . 32.80 25.69 -16.76
C3 GOL R . 34.40 24.53 -18.21
O3 GOL R . 35.63 25.28 -18.18
C1 GOL S . 16.19 13.35 -44.24
O1 GOL S . 16.74 14.63 -44.16
C2 GOL S . 15.09 13.26 -43.20
O2 GOL S . 15.06 14.29 -42.23
C3 GOL S . 13.74 13.33 -43.84
O3 GOL S . 13.05 12.31 -43.14
C1 PGE T . 28.62 35.05 9.34
O1 PGE T . 27.96 35.30 10.60
C2 PGE T . 29.39 36.32 8.98
O2 PGE T . 28.79 36.98 7.85
C3 PGE T . 29.59 38.07 7.37
C4 PGE T . 28.74 39.27 6.99
O4 PGE T . 24.61 38.90 7.96
C6 PGE T . 25.24 40.18 7.71
C5 PGE T . 26.54 40.14 6.91
O3 PGE T . 27.38 39.04 7.32
CA CA U . 17.37 26.69 -39.94
O1 PG4 V . 29.91 -0.33 -46.77
C1 PG4 V . 30.25 0.36 -45.55
C2 PG4 V . 31.52 -0.31 -45.00
O2 PG4 V . 31.21 -1.62 -44.48
C3 PG4 V . 31.63 -2.68 -45.33
C4 PG4 V . 31.92 -3.89 -44.45
O3 PG4 V . 30.79 -4.32 -43.69
C5 PG4 V . 30.47 -5.70 -43.81
C6 PG4 V . 29.07 -6.05 -43.30
O4 PG4 V . 28.13 -5.08 -43.77
C7 PG4 V . 26.94 -4.94 -42.98
C8 PG4 V . 25.97 -3.99 -43.71
O5 PG4 V . 25.72 -4.38 -45.08
C21 7PE W . 64.34 -16.09 -26.54
C20 7PE W . 62.99 -15.37 -26.61
O19 7PE W . 62.10 -16.29 -27.24
C18 7PE W . 60.77 -15.90 -27.57
C17 7PE W . 59.92 -17.17 -27.69
O16 7PE W . 60.12 -17.86 -28.93
C15 7PE W . 59.88 -19.27 -28.92
C14 7PE W . 60.34 -19.88 -30.26
O13 7PE W . 59.18 -20.27 -31.04
C12 7PE W . 58.68 -19.18 -31.83
C11 7PE W . 57.17 -19.33 -32.00
O10 7PE W . 56.79 -19.87 -33.30
C9 7PE W . 55.39 -20.08 -33.37
C8 7PE W . 54.82 -20.35 -34.74
O7 7PE W . 55.52 -19.56 -35.70
C6 7PE W . 55.08 -18.20 -35.82
C5 7PE W . 53.60 -18.29 -36.16
O4 7PE W . 53.27 -17.92 -37.51
C3 7PE W . 53.88 -18.54 -38.59
C2 7PE W . 52.73 -18.85 -39.55
O1 7PE W . 53.10 -20.12 -40.11
C1 GOL X . 41.47 -24.29 -47.64
O1 GOL X . 42.16 -24.78 -48.76
C2 GOL X . 42.56 -23.88 -46.60
O2 GOL X . 42.21 -22.87 -45.64
C3 GOL X . 42.71 -25.12 -45.76
O3 GOL X . 43.02 -26.07 -46.76
C1 GOL Y . 28.10 -12.51 -35.09
O1 GOL Y . 27.06 -13.41 -34.66
C2 GOL Y . 29.42 -12.83 -34.39
O2 GOL Y . 29.26 -14.17 -33.86
C3 GOL Y . 30.33 -13.15 -35.56
O3 GOL Y . 31.19 -12.10 -35.70
C1 GOL Z . 46.48 -34.83 -46.18
O1 GOL Z . 47.61 -35.71 -46.15
C2 GOL Z . 46.67 -33.55 -47.00
O2 GOL Z . 47.67 -33.70 -48.04
C3 GOL Z . 45.34 -33.08 -47.65
O3 GOL Z . 45.79 -32.29 -48.76
C1 GOL AA . 62.41 -5.00 -36.97
O1 GOL AA . 62.93 -3.72 -37.39
C2 GOL AA . 61.54 -5.65 -38.04
O2 GOL AA . 62.22 -5.79 -39.30
C3 GOL AA . 61.14 -7.06 -37.61
O3 GOL AA . 61.57 -8.06 -38.53
C1 GOL BA . 44.39 6.30 -25.38
O1 GOL BA . 43.41 5.25 -25.35
C2 GOL BA . 45.33 6.31 -26.61
O2 GOL BA . 44.53 6.45 -27.79
C3 GOL BA . 46.33 7.46 -26.68
O3 GOL BA . 47.28 7.50 -25.58
C1 GOL CA . 38.83 -12.11 -32.23
O1 GOL CA . 39.76 -11.10 -31.94
C2 GOL CA . 39.68 -13.13 -32.92
O2 GOL CA . 40.68 -12.57 -33.70
C3 GOL CA . 38.86 -14.12 -33.70
O3 GOL CA . 39.35 -15.23 -32.91
CA CA DA . 49.14 -12.77 -14.31
OH2 1PE EA . 9.63 21.97 49.56
C12 1PE EA . 10.18 22.07 48.25
C22 1PE EA . 10.42 23.55 47.97
OH3 1PE EA . 9.21 24.32 48.18
C13 1PE EA . 7.20 25.03 47.11
C23 1PE EA . 8.69 24.82 46.93
OH4 1PE EA . 6.65 24.41 45.96
C14 1PE EA . 5.20 22.78 45.06
C24 1PE EA . 5.27 24.03 45.96
OH5 1PE EA . 4.83 21.71 45.94
C15 1PE EA . 5.23 19.61 46.97
C25 1PE EA . 5.20 20.37 45.63
OH6 1PE EA . 3.99 19.74 47.65
C16 1PE EA . 2.70 19.77 49.71
C26 1PE EA . 4.05 20.11 49.05
OH7 1PE EA . 2.17 20.83 50.54
C1 GOL FA . 16.39 34.74 61.98
O1 GOL FA . 17.04 34.35 60.76
C2 GOL FA . 14.88 34.60 61.78
O2 GOL FA . 14.56 35.17 60.52
C3 GOL FA . 14.06 35.31 62.87
O3 GOL FA . 14.09 36.73 62.75
C1 GOL GA . 25.81 38.19 13.15
O1 GOL GA . 25.03 38.40 11.97
C2 GOL GA . 25.12 39.15 14.10
O2 GOL GA . 23.73 38.81 14.11
C3 GOL GA . 25.73 39.05 15.47
O3 GOL GA . 24.97 39.98 16.23
C1 GOL HA . 5.16 37.45 36.67
O1 GOL HA . 4.50 38.35 35.75
C2 GOL HA . 6.60 37.60 36.17
O2 GOL HA . 7.47 38.22 37.11
C3 GOL HA . 7.18 36.31 35.63
O3 GOL HA . 8.54 36.58 35.32
O1 PE4 IA . 17.43 58.65 32.93
C1 PE4 IA . 16.83 57.40 33.39
C2 PE4 IA . 15.35 57.37 33.06
O2 PE4 IA . 14.48 57.05 34.18
C3 PE4 IA . 13.15 57.62 34.14
C4 PE4 IA . 12.83 58.52 35.34
O3 PE4 IA . 11.54 58.31 35.99
C5 PE4 IA . 11.48 57.47 37.14
C6 PE4 IA . 11.05 56.01 36.89
O4 PE4 IA . 10.31 55.68 38.06
C7 PE4 IA . 9.30 54.67 37.91
C8 PE4 IA . 8.68 54.58 39.29
O5 PE4 IA . 8.78 53.21 39.66
C9 PE4 IA . 9.87 52.72 40.48
C10 PE4 IA . 9.33 51.39 41.11
O6 PE4 IA . 9.07 51.65 42.53
C11 PE4 IA . 8.18 50.76 43.21
C12 PE4 IA . 7.52 51.50 44.40
O7 PE4 IA . 6.99 52.74 43.92
C13 PE4 IA . 8.10 53.72 43.70
C14 PE4 IA . 7.98 54.79 42.61
O8 PE4 IA . 8.76 55.95 43.05
C15 PE4 IA . 9.71 56.70 42.24
C16 PE4 IA . 10.50 57.78 43.04
C1 GOL JA . -19.11 18.27 52.97
O1 GOL JA . -17.79 18.56 53.48
C2 GOL JA . -19.99 19.53 52.94
O2 GOL JA . -19.40 20.47 52.06
C3 GOL JA . -20.18 20.29 54.26
O3 GOL JA . -20.84 21.56 53.99
C1 PGE KA . -8.66 76.50 33.48
O1 PGE KA . -9.83 76.37 34.28
C2 PGE KA . -7.66 77.31 34.30
O2 PGE KA . -6.47 76.56 34.58
C3 PGE KA . -5.58 76.30 33.52
C4 PGE KA . -4.37 75.48 33.98
O4 PGE KA . -5.82 71.41 33.00
C6 PGE KA . -4.99 71.91 34.06
C5 PGE KA . -4.29 73.14 33.56
O3 PGE KA . -4.63 74.15 34.46
C1 GOL LA . 0.07 27.48 36.84
O1 GOL LA . -0.91 26.83 36.01
C2 GOL LA . 0.74 28.49 35.91
O2 GOL LA . -0.27 29.44 35.56
C3 GOL LA . 1.91 29.24 36.60
O3 GOL LA . 1.51 29.63 37.90
C1 GOL MA . -3.39 46.49 49.13
O1 GOL MA . -4.75 46.42 48.86
C2 GOL MA . -3.08 45.15 49.70
O2 GOL MA . -3.95 44.69 50.76
C3 GOL MA . -3.14 44.39 48.38
O3 GOL MA . -1.78 43.99 48.16
CA CA NA . 14.45 46.32 19.16
O4 IFM OA . 39.02 10.78 34.38
C4 IFM OA . 37.84 10.24 34.00
C3 IFM OA . 36.67 10.91 34.79
O3 IFM OA . 36.55 10.64 36.24
C2 IFM OA . 35.36 10.55 34.08
N IFM OA . 35.59 10.91 32.73
C1 IFM OA . 36.57 10.13 32.03
C5 IFM OA . 37.90 10.60 32.57
C6 IFM OA . 39.01 9.87 31.81
O6 IFM OA . 38.65 8.48 31.91
C1 GOL PA . 34.86 13.80 30.93
O1 GOL PA . 35.24 13.56 32.32
C2 GOL PA . 33.60 12.96 30.72
O2 GOL PA . 33.18 12.49 32.00
C3 GOL PA . 33.99 11.73 29.91
O3 GOL PA . 32.87 11.10 29.26
O1 PG4 QA . 39.73 29.36 26.09
C1 PG4 QA . 38.47 28.85 25.60
C2 PG4 QA . 37.56 28.37 26.72
O2 PG4 QA . 37.44 26.92 26.77
C3 PG4 QA . 38.66 26.21 26.50
C4 PG4 QA . 38.29 24.85 25.92
O3 PG4 QA . 38.85 24.74 24.59
C5 PG4 QA . 38.29 23.70 23.80
C6 PG4 QA . 37.20 24.12 22.79
O4 PG4 QA . 37.72 25.00 21.77
C7 PG4 QA . 36.66 25.44 20.91
C8 PG4 QA . 36.77 26.94 20.65
O5 PG4 QA . 37.93 27.14 19.84
C1 GOL RA . 51.13 32.62 40.00
O1 GOL RA . 52.55 32.81 39.89
C2 GOL RA . 50.35 33.52 39.08
O2 GOL RA . 49.52 32.69 38.29
C3 GOL RA . 49.43 34.42 39.92
O3 GOL RA . 48.24 33.68 40.31
C1 GOL SA . 54.60 -27.30 -7.56
O1 GOL SA . 53.97 -28.55 -7.78
C2 GOL SA . 55.65 -27.13 -8.62
O2 GOL SA . 56.26 -25.85 -8.47
C3 GOL SA . 56.67 -28.25 -8.42
O3 GOL SA . 57.23 -28.39 -9.72
C1 GOL TA . 64.64 -0.79 -4.22
O1 GOL TA . 65.23 -2.08 -4.13
C2 GOL TA . 63.24 -0.95 -4.81
O2 GOL TA . 62.96 -2.35 -5.17
C3 GOL TA . 62.25 -0.25 -3.84
O3 GOL TA . 61.80 -1.14 -2.81
C1 GOL UA . 22.22 9.90 56.56
O1 GOL UA . 23.03 8.90 57.19
C2 GOL UA . 21.02 9.22 55.94
O2 GOL UA . 20.12 8.80 56.97
C3 GOL UA . 20.19 10.16 55.07
O3 GOL UA . 19.49 9.36 54.10
C21 7PE VA . 41.17 0.05 56.36
C20 7PE VA . 40.20 0.73 55.36
O19 7PE VA . 40.83 0.66 54.07
C18 7PE VA . 40.40 1.50 53.00
C17 7PE VA . 40.95 0.92 51.67
O16 7PE VA . 42.37 1.11 51.50
C15 7PE VA . 43.21 0.08 50.95
C14 7PE VA . 44.71 0.48 50.97
O13 7PE VA . 45.29 0.81 49.68
C12 7PE VA . 45.29 2.21 49.32
C11 7PE VA . 45.16 2.49 47.80
O10 7PE VA . 46.22 3.31 47.26
C9 7PE VA . 46.48 3.27 45.86
C8 7PE VA . 47.40 4.43 45.58
O7 7PE VA . 46.50 5.47 45.88
C6 7PE VA . 46.88 6.80 45.67
C5 7PE VA . 46.91 7.23 44.20
O4 7PE VA . 48.14 7.96 44.26
C3 7PE VA . 48.60 8.66 43.13
C2 7PE VA . 50.07 8.91 43.35
O1 7PE VA . 50.79 7.67 43.26
C1 GOL WA . 33.45 29.78 42.03
O1 GOL WA . 32.46 28.86 42.59
C2 GOL WA . 34.18 30.21 43.29
O2 GOL WA . 33.11 30.10 44.25
C3 GOL WA . 34.60 31.67 43.26
O3 GOL WA . 33.41 32.44 43.48
C1 GOL XA . 36.53 13.19 23.86
O1 GOL XA . 37.85 13.70 24.11
C2 GOL XA . 36.92 12.63 22.51
O2 GOL XA . 36.56 11.27 22.39
C3 GOL XA . 36.49 13.53 21.34
O3 GOL XA . 36.32 12.78 20.14
C1 GOL YA . 50.83 32.59 33.31
O1 GOL YA . 49.73 33.52 33.26
C2 GOL YA . 51.88 33.06 32.33
O2 GOL YA . 53.15 32.98 32.94
C3 GOL YA . 51.93 32.21 31.07
O3 GOL YA . 51.60 33.03 29.93
C1 GOL ZA . 57.04 9.77 31.09
O1 GOL ZA . 57.05 8.76 32.03
C2 GOL ZA . 56.30 10.86 31.66
O2 GOL ZA . 56.73 11.97 30.77
C3 GOL ZA . 54.86 10.33 31.65
O3 GOL ZA . 53.92 11.42 31.92
CA CA AB . 57.44 2.92 -12.97
CA CA BB . 26.01 -3.28 43.44
O4 IFM CB . -20.49 -45.95 -22.11
C4 IFM CB . -19.28 -45.32 -21.78
C3 IFM CB . -18.82 -44.41 -22.96
O3 IFM CB . -18.38 -45.09 -24.19
C2 IFM CB . -17.75 -43.42 -22.50
N IFM CB . -18.32 -42.75 -21.36
C1 IFM CB . -18.63 -43.56 -20.21
C5 IFM CB . -19.75 -44.52 -20.60
C6 IFM CB . -20.22 -45.37 -19.43
O6 IFM CB . -19.13 -46.25 -19.10
OH2 1PE DB . -36.44 -33.90 -20.82
C12 1PE DB . -35.70 -32.74 -20.40
C22 1PE DB . -34.46 -32.49 -21.29
OH3 1PE DB . -34.16 -33.58 -22.18
C13 1PE DB . -33.18 -35.26 -20.70
C23 1PE DB . -32.94 -34.28 -21.85
OH4 1PE DB . -32.20 -35.08 -19.68
C14 1PE DB . -31.98 -33.78 -17.62
C24 1PE DB . -32.71 -34.93 -18.33
OH5 1PE DB . -32.89 -33.00 -16.85
C15 1PE DB . -33.96 -30.85 -16.50
C25 1PE DB . -32.65 -31.59 -16.86
OH6 1PE DB . -34.94 -31.74 -15.91
C16 1PE DB . -36.86 -31.46 -14.45
C26 1PE DB . -36.30 -31.23 -15.85
OH7 1PE DB . -37.05 -32.87 -14.18
O1 P6G EB . -9.48 -61.88 -35.78
C2 P6G EB . -10.67 -61.15 -36.12
C3 P6G EB . -11.11 -60.21 -35.01
O4 P6G EB . -10.79 -60.79 -33.73
C5 P6G EB . -11.81 -60.64 -32.74
C6 P6G EB . -11.94 -62.03 -32.14
O7 P6G EB . -12.68 -62.01 -30.92
C8 P6G EB . -13.36 -63.25 -30.71
C9 P6G EB . -14.52 -63.07 -29.75
O10 P6G EB . -14.99 -61.70 -29.61
C11 P6G EB . -16.32 -61.70 -29.05
C12 P6G EB . -16.47 -60.75 -27.88
O13 P6G EB . -17.73 -61.06 -27.26
C14 P6G EB . -18.49 -59.92 -26.79
C15 P6G EB . -19.12 -59.03 -27.88
O16 P6G EB . -20.55 -59.14 -27.95
C17 P6G EB . -21.36 -58.44 -26.96
C18 P6G EB . -22.86 -58.81 -27.02
O19 P6G EB . -23.29 -59.82 -26.09
C1 GOL FB . -44.07 -45.59 -33.21
O1 GOL FB . -42.90 -44.92 -33.68
C2 GOL FB . -43.66 -46.36 -31.97
O2 GOL FB . -43.37 -45.41 -30.95
C3 GOL FB . -44.82 -47.15 -31.41
O3 GOL FB . -44.90 -48.45 -31.99
C1 GOL GB . -12.22 -26.42 -23.20
O1 GOL GB . -11.82 -25.47 -24.21
C2 GOL GB . -13.08 -27.54 -23.81
O2 GOL GB . -13.53 -28.45 -22.81
C3 GOL GB . -14.31 -26.96 -24.52
O3 GOL GB . -14.41 -27.49 -25.85
C1 GOL HB . -23.16 -37.03 -12.29
O1 GOL HB . -22.82 -37.03 -10.94
C2 GOL HB . -22.11 -37.90 -12.94
O2 GOL HB . -21.81 -39.01 -12.05
C3 GOL HB . -22.54 -38.33 -14.36
O3 GOL HB . -23.54 -39.32 -14.27
C1 GOL IB . -30.09 -56.73 -15.04
O1 GOL IB . -30.13 -56.03 -16.26
C2 GOL IB . -31.18 -57.79 -15.05
O2 GOL IB . -30.65 -58.94 -14.41
C3 GOL IB . -32.38 -57.35 -14.24
O3 GOL IB . -33.13 -58.56 -14.16
CA CA JB . -0.13 -47.57 -27.91
O4 IFM KB . -22.62 -10.59 -44.30
C4 IFM KB . -22.44 -10.33 -42.93
C3 IFM KB . -23.08 -11.51 -42.14
O3 IFM KB . -24.48 -11.35 -41.71
C2 IFM KB . -22.19 -11.90 -40.97
N IFM KB . -21.56 -10.71 -40.43
C1 IFM KB . -20.77 -9.84 -41.26
C5 IFM KB . -20.95 -10.18 -42.73
C6 IFM KB . -20.32 -9.07 -43.58
O6 IFM KB . -20.88 -7.80 -43.24
C1 GOL LB . -18.13 -11.77 -39.23
O1 GOL LB . -18.03 -11.47 -37.84
C2 GOL LB . -18.73 -13.14 -39.39
O2 GOL LB . -20.08 -13.05 -38.91
C3 GOL LB . -18.69 -13.48 -40.86
O3 GOL LB . -20.06 -13.69 -41.25
O1 PG4 MB . -8.97 -24.74 -48.61
C1 PG4 MB . -10.04 -25.22 -47.77
C2 PG4 MB . -9.82 -24.74 -46.34
O2 PG4 MB . -10.63 -23.59 -46.04
C3 PG4 MB . -10.90 -22.71 -47.14
C4 PG4 MB . -10.92 -21.27 -46.67
O3 PG4 MB . -9.85 -20.94 -45.78
C5 PG4 MB . -8.79 -20.18 -46.38
C6 PG4 MB . -7.75 -19.80 -45.31
O4 PG4 MB . -6.51 -20.49 -45.57
C7 PG4 MB . -5.96 -20.91 -44.33
C8 PG4 MB . -4.88 -21.93 -44.60
O5 PG4 MB . -4.44 -21.79 -45.95
C1 GOL NB . -18.48 -5.23 -60.71
O1 GOL NB . -18.08 -4.69 -61.96
C2 GOL NB . -19.55 -4.36 -60.06
O2 GOL NB . -19.47 -3.03 -60.57
C3 GOL NB . -19.33 -4.40 -58.53
O3 GOL NB . -19.21 -5.77 -58.06
C1 GOL OB . 22.43 14.00 -50.92
O1 GOL OB . 21.08 13.48 -50.81
C2 GOL OB . 22.52 14.88 -52.17
O2 GOL OB . 21.20 14.99 -52.63
C3 GOL OB . 23.08 16.28 -51.85
O3 GOL OB . 22.78 17.30 -52.82
C1 PGE PB . -35.48 -4.32 -50.27
O1 PGE PB . -36.91 -4.39 -50.38
C2 PGE PB . -34.88 -4.28 -51.66
O2 PGE PB . -35.02 -5.55 -52.29
C3 PGE PB . -34.33 -6.63 -51.62
C4 PGE PB . -33.68 -7.47 -52.73
O4 PGE PB . -31.93 -6.58 -55.74
C6 PGE PB . -31.00 -7.28 -54.88
C5 PGE PB . -31.66 -8.09 -53.79
O3 PGE PB . -32.28 -7.28 -52.79
O4 IFM QB . -52.57 6.57 16.16
C4 IFM QB . -51.32 7.26 16.29
C3 IFM QB . -50.61 7.04 17.66
O3 IFM QB . -51.30 7.60 18.80
C2 IFM QB . -49.19 7.63 17.62
N IFM QB . -48.50 6.88 16.58
C1 IFM QB . -49.00 6.94 15.21
C5 IFM QB . -50.53 6.84 15.06
C6 IFM QB . -50.93 7.74 13.90
O6 IFM QB . -52.21 7.36 13.43
C1 GOL RB . -48.14 3.34 15.79
O1 GOL RB . -48.80 3.65 17.02
C2 GOL RB . -46.76 3.94 15.84
O2 GOL RB . -46.72 5.13 16.64
C3 GOL RB . -46.41 4.32 14.42
O3 GOL RB . -45.14 4.98 14.36
C1 GOL SB . -50.37 29.88 37.16
O1 GOL SB . -51.46 30.80 37.13
C2 GOL SB . -49.27 30.60 36.38
O2 GOL SB . -48.01 30.02 36.69
C3 GOL SB . -49.53 30.44 34.89
O3 GOL SB . -50.94 30.26 34.74
C1 GOL TB . -52.51 -9.80 33.55
O1 GOL TB . -53.29 -10.93 33.12
C2 GOL TB . -52.45 -8.81 32.38
O2 GOL TB . -53.76 -8.37 32.07
C3 GOL TB . -51.64 -7.56 32.72
O3 GOL TB . -51.30 -6.97 31.47
C1 PGE UB . -50.55 -10.54 14.60
O1 PGE UB . -49.62 -11.17 15.51
C2 PGE UB . -49.96 -9.26 14.02
O2 PGE UB . -50.30 -9.10 12.62
C3 PGE UB . -49.20 -9.14 11.69
C4 PGE UB . -48.52 -10.52 11.57
O4 PGE UB . -48.29 -13.45 8.99
C6 PGE UB . -47.50 -13.13 10.17
C5 PGE UB . -46.95 -11.70 10.13
O3 PGE UB . -47.93 -10.66 10.26
CA CA VB . -43.85 24.12 24.33
O4 IFM WB . -27.20 -15.80 40.85
C4 IFM WB . -26.84 -15.95 39.50
C3 IFM WB . -28.07 -15.74 38.58
O3 IFM WB . -28.63 -16.94 37.95
C2 IFM WB . -27.70 -14.66 37.54
N IFM WB . -26.35 -14.85 37.06
C1 IFM WB . -25.22 -14.90 37.97
C5 IFM WB . -25.80 -14.85 39.36
C6 IFM WB . -24.74 -14.98 40.44
O6 IFM WB . -23.87 -16.08 40.20
C1 GOL XB . -27.33 -10.85 37.23
O1 GOL XB . -28.30 -11.88 37.49
C2 GOL XB . -26.23 -11.50 36.39
O2 GOL XB . -26.84 -12.35 35.41
C3 GOL XB . -25.44 -10.48 35.60
O3 GOL XB . -24.39 -11.18 34.90
O1 PG4 YB . -33.10 4.17 43.14
C1 PG4 YB . -33.12 3.18 42.12
C2 PG4 YB . -33.39 1.79 42.72
O2 PG4 YB . -32.14 1.12 42.90
C3 PG4 YB . -32.03 0.31 44.07
C4 PG4 YB . -30.62 0.26 44.66
O3 PG4 YB . -29.60 0.19 43.65
C5 PG4 YB . -28.31 0.61 44.09
C6 PG4 YB . -27.44 1.10 42.92
O4 PG4 YB . -27.01 2.46 43.13
C7 PG4 YB . -26.86 3.14 41.85
C8 PG4 YB . -27.35 4.60 41.93
O5 PG4 YB . -27.05 5.06 43.25
C1 GOL ZB . -18.99 -5.00 39.14
O1 GOL ZB . -18.36 -4.26 38.12
C2 GOL ZB . -19.70 -6.17 38.52
O2 GOL ZB . -19.01 -7.34 38.90
C3 GOL ZB . -21.15 -6.22 39.01
O3 GOL ZB . -21.36 -6.92 40.25
C1 GOL AC . -21.97 -16.75 58.84
O1 GOL AC . -22.57 -15.57 58.35
C2 GOL AC . -21.65 -17.46 57.55
O2 GOL AC . -21.23 -18.77 57.84
C3 GOL AC . -22.84 -17.48 56.64
O3 GOL AC . -22.64 -16.87 55.36
C1 GOL BC . 20.22 5.69 56.26
O1 GOL BC . 21.08 4.69 56.84
C2 GOL BC . 18.74 5.25 56.17
O2 GOL BC . 18.18 4.60 57.34
C3 GOL BC . 17.84 6.44 55.87
O3 GOL BC . 16.63 5.86 55.39
C1 GOL CC . -1.50 5.47 44.16
O1 GOL CC . -2.34 5.11 45.26
C2 GOL CC . -2.11 5.25 42.77
O2 GOL CC . -1.62 6.25 41.86
C3 GOL CC . -3.63 5.21 42.74
O3 GOL CC . -4.03 3.91 42.29
C48 PE5 DC . -35.68 -31.69 48.57
C50 PE5 DC . -34.25 -32.16 48.79
O1 PE5 DC . -33.95 -32.40 50.19
C1 PE5 DC . -32.79 -31.72 50.72
C2 PE5 DC . -31.55 -31.63 49.81
O2 PE5 DC . -31.41 -30.26 49.37
C3 PE5 DC . -30.38 -29.47 49.99
C4 PE5 DC . -30.98 -28.15 50.44
O3 PE5 DC . -29.99 -27.10 50.70
C5 PE5 DC . -30.47 -25.75 50.53
C6 PE5 DC . -31.31 -25.58 49.25
O4 PE5 DC . -30.84 -26.26 48.06
C7 PE5 DC . -31.71 -27.31 47.60
C8 PE5 DC . -31.05 -28.16 46.55
O5 PE5 DC . -30.61 -29.44 47.02
C9 PE5 DC . -31.45 -30.47 46.48
C10 PE5 DC . -30.70 -31.45 45.58
O6 PE5 DC . -31.30 -32.76 45.77
C11 PE5 DC . -31.80 -33.41 44.57
C12 PE5 DC . -31.36 -34.88 44.39
O7 PE5 DC . -32.09 -35.69 43.44
C13 PE5 DC . -32.18 -35.30 42.05
C14 PE5 DC . -33.56 -34.75 41.67
O8 PE5 DC . -34.12 -35.20 40.42
C15 PE5 DC . -35.51 -35.61 40.39
C16 PE5 DC . -35.75 -36.64 39.26
O52 PE5 DC . -36.39 -37.86 39.70
#